data_6CIP
#
_entry.id   6CIP
#
_cell.length_a   342.005
_cell.length_b   108.263
_cell.length_c   240.437
_cell.angle_alpha   90.00
_cell.angle_beta   109.32
_cell.angle_gamma   90.00
#
_symmetry.space_group_name_H-M   'C 1 2 1'
#
loop_
_entity.id
_entity.type
_entity.pdbx_description
1 polymer 'PYRUVATE-FERREDOXIN OXIDOREDUCTASE'
2 non-polymer 'IRON/SULFUR CLUSTER'
3 non-polymer '2-ACETYL-THIAMINE DIPHOSPHATE'
4 non-polymer 'MAGNESIUM ION'
5 non-polymer 'SULFATE ION'
6 water water
#
_entity_poly.entity_id   1
_entity_poly.type   'polypeptide(L)'
_entity_poly.pdbx_seq_one_letter_code
;MPKQTLDGNTAAAHVAYAMSEVATIYPITPSSPMAEIADEWAAHGRKNIFGKTLQVAEMQSEAGAAGAVHGSLAAGALTT
TFTASQGLLLMIPNMYKIAGELLPCVFHVAARALSTHALSIFGDHADVMAARQTGFAMLSSASVQEVMDLALVAHLATLK
ARVPFVHFFDGFRTSHEVQKIDVIEYEDMAKLVDWDAIRAFRQRALNPEHPHQRGTAQNPDIYFQSREAANPYYLATPGI
VAQVMEQVAGLTGRHYHLFDYAGAPDAERVIVSMGSSCEVIEETVNYLVEKGEKVGLIKVRLFRPFSAEHFLKVLPASVK
RIAVLDRTKEPGSLGEPLYEDVQTVLAEHGKNILVVGGRYGLGSKEFNPSMVKAVFDNLAATTPKNKFTVGITDDVTHTS
LEIKEHIDTSPKGTFRCKFFGLGSDGTVGANKNSIKIIGDHTDMYAQGYFVYDSKKSGGVTISHLRFGKQPIQSAYLIDQ
ADLIACHNPSYVGRYNLLEGIKPGGIFLLNSTWSAEEMDSRLPADMKRTIATKKLKFYNIDAVKIAQEIGLGSRINVIMQ
TAFFKIANVIPVDEAIKYIKDSIVKTYGKKGDKILNMNFAAVDRALEALEEIKYPASWADAVDEAAATVTEEPEFIQKVL
RPINALKGDELPVSTFTPDGVFPVGTTKYEKRGIAVNIPQWQPENCIQCNQCSLVCPHAAIRPYLAKPADLAGAPETFVT
KDAIGKEAAGLKFRIQVSPLDCTGCGNCADVCPAKVKALTMVPLEEVTAVEEANYNFAEQLPEVKVNFNPATVKGSQFRQ
PLLEFSGACAGCGETPYVKLVTQLFGDRMIIANATGCSSIWGGSAPACPYTVNRQGHGPAWASSLFEDNAEFGYGMALAV
AKRQDELATAISKALEAPVSAAFKAACEGWLAGKDDADRSREYGDRIKALLPGEISQASGEVKDLLLDIDRQKDYLTKKS
IWIIGGDGWAYDIGYGGLDHVLASGANVNVLVLDTEVYSNTGGQSSKATQTGAVARFAAGGKFTKKKDLGLMAMSYGYVY
VASVAMGASHSQLMKALIEAEKYDGPSLIIAYAPCINHGINMTYSQREAKKAVEAGYWPLYRYNPQLAQEGKNPFILDYK
TPTASFRDFLMGEIRYTSLKKQFPEKAEQLFAKAEADAKARLEQYKKLAEG
;
_entity_poly.pdbx_strand_id   A,B,C,D,E,F
#
# COMPACT_ATOMS: atom_id res chain seq x y z
N PRO A 2 12.00 5.82 20.66
CA PRO A 2 10.98 5.35 19.71
C PRO A 2 9.83 4.70 20.45
N LYS A 3 8.72 4.50 19.76
CA LYS A 3 7.55 3.87 20.34
C LYS A 3 7.51 2.41 19.90
N GLN A 4 7.35 1.51 20.86
CA GLN A 4 7.16 0.10 20.60
C GLN A 4 6.02 -0.41 21.46
N THR A 5 5.43 -1.52 21.06
CA THR A 5 4.39 -2.18 21.84
C THR A 5 5.05 -3.35 22.57
N LEU A 6 5.19 -3.23 23.88
CA LEU A 6 5.80 -4.25 24.71
C LEU A 6 4.89 -4.53 25.89
N ASP A 7 5.26 -5.54 26.67
CA ASP A 7 4.64 -5.77 27.98
C ASP A 7 5.63 -5.41 29.08
N GLY A 8 5.14 -5.46 30.31
CA GLY A 8 5.99 -5.14 31.45
C GLY A 8 7.24 -5.99 31.50
N ASN A 9 7.10 -7.29 31.20
CA ASN A 9 8.27 -8.18 31.20
C ASN A 9 9.34 -7.71 30.22
N THR A 10 8.94 -7.44 28.98
CA THR A 10 9.92 -7.03 27.99
C THR A 10 10.51 -5.66 28.34
N ALA A 11 9.68 -4.75 28.85
CA ALA A 11 10.18 -3.44 29.26
C ALA A 11 11.23 -3.58 30.36
N ALA A 12 11.00 -4.50 31.31
CA ALA A 12 11.96 -4.69 32.38
C ALA A 12 13.24 -5.32 31.85
N ALA A 13 13.12 -6.40 31.07
CA ALA A 13 14.30 -7.06 30.53
C ALA A 13 15.10 -6.15 29.62
N HIS A 14 14.43 -5.22 28.93
CA HIS A 14 15.13 -4.26 28.08
C HIS A 14 16.14 -3.46 28.90
N VAL A 15 15.73 -2.95 30.06
CA VAL A 15 16.63 -2.17 30.89
C VAL A 15 17.64 -3.08 31.59
N ALA A 16 17.16 -4.21 32.12
CA ALA A 16 18.04 -5.12 32.85
C ALA A 16 19.17 -5.64 31.96
N TYR A 17 18.86 -5.93 30.69
CA TYR A 17 19.89 -6.43 29.78
C TYR A 17 20.97 -5.38 29.56
N ALA A 18 20.57 -4.11 29.44
CA ALA A 18 21.54 -3.07 29.13
C ALA A 18 22.53 -2.85 30.28
N MET A 19 22.09 -3.02 31.52
CA MET A 19 22.86 -2.61 32.69
C MET A 19 23.62 -3.74 33.36
N SER A 20 23.55 -4.97 32.84
CA SER A 20 24.07 -6.12 33.56
C SER A 20 25.07 -6.89 32.70
N GLU A 21 26.01 -7.53 33.37
CA GLU A 21 26.96 -8.43 32.73
C GLU A 21 26.56 -9.89 32.86
N VAL A 22 26.04 -10.27 34.02
CA VAL A 22 25.62 -11.63 34.30
C VAL A 22 24.16 -11.60 34.73
N ALA A 23 23.42 -12.63 34.34
CA ALA A 23 22.02 -12.77 34.77
C ALA A 23 21.78 -14.25 35.06
N THR A 24 21.70 -14.59 36.33
CA THR A 24 21.39 -15.96 36.74
C THR A 24 19.89 -16.05 36.96
N ILE A 25 19.25 -17.01 36.29
CA ILE A 25 17.79 -17.04 36.23
C ILE A 25 17.28 -18.44 36.54
N TYR A 26 15.98 -18.50 36.83
CA TYR A 26 15.26 -19.76 37.01
C TYR A 26 13.80 -19.47 36.72
N PRO A 27 13.12 -20.32 35.96
CA PRO A 27 11.79 -19.97 35.46
C PRO A 27 10.70 -20.08 36.50
N ILE A 28 9.81 -19.08 36.52
CA ILE A 28 8.58 -19.13 37.29
C ILE A 28 7.56 -18.13 36.74
N THR A 29 6.35 -18.60 36.48
CA THR A 29 5.29 -17.71 36.03
C THR A 29 4.99 -16.68 37.12
N PRO A 30 4.76 -15.41 36.78
CA PRO A 30 4.78 -14.83 35.44
C PRO A 30 6.07 -14.07 35.13
N SER A 31 7.17 -14.43 35.80
CA SER A 31 8.42 -13.74 35.58
C SER A 31 9.29 -14.37 34.51
N SER A 32 9.00 -15.62 34.13
CA SER A 32 9.85 -16.31 33.16
C SER A 32 9.98 -15.61 31.79
N PRO A 33 8.95 -14.93 31.26
CA PRO A 33 9.18 -14.18 30.01
C PRO A 33 10.33 -13.19 30.10
N MET A 34 10.62 -12.63 31.27
CA MET A 34 11.75 -11.71 31.40
C MET A 34 13.06 -12.41 31.08
N ALA A 35 13.27 -13.61 31.62
CA ALA A 35 14.51 -14.34 31.35
C ALA A 35 14.52 -14.94 29.94
N GLU A 36 13.34 -15.27 29.40
CA GLU A 36 13.29 -15.87 28.07
C GLU A 36 13.79 -14.90 27.02
N ILE A 37 13.29 -13.66 27.05
CA ILE A 37 13.67 -12.68 26.03
C ILE A 37 15.12 -12.22 26.23
N ALA A 38 15.62 -12.24 27.47
CA ALA A 38 17.02 -11.88 27.70
C ALA A 38 17.97 -12.93 27.13
N ASP A 39 17.57 -14.20 27.15
CA ASP A 39 18.42 -15.24 26.58
C ASP A 39 18.47 -15.16 25.06
N GLU A 40 17.34 -14.87 24.42
CA GLU A 40 17.29 -14.76 22.98
C GLU A 40 18.17 -13.61 22.49
N TRP A 41 18.13 -12.47 23.19
CA TRP A 41 18.96 -11.33 22.81
C TRP A 41 20.45 -11.68 22.88
N ALA A 42 20.86 -12.39 23.93
CA ALA A 42 22.24 -12.84 24.02
C ALA A 42 22.58 -13.82 22.90
N ALA A 43 21.62 -14.68 22.53
CA ALA A 43 21.86 -15.62 21.44
C ALA A 43 22.04 -14.89 20.11
N HIS A 44 21.42 -13.73 19.94
CA HIS A 44 21.59 -12.92 18.74
C HIS A 44 22.61 -11.81 18.91
N GLY A 45 23.29 -11.76 20.06
CA GLY A 45 24.43 -10.87 20.23
C GLY A 45 24.11 -9.44 20.59
N ARG A 46 23.01 -9.18 21.26
CA ARG A 46 22.73 -7.83 21.71
C ARG A 46 23.77 -7.42 22.74
N LYS A 47 24.29 -6.21 22.59
CA LYS A 47 25.34 -5.71 23.48
C LYS A 47 24.72 -4.88 24.61
N ASN A 48 25.29 -5.03 25.80
CA ASN A 48 24.91 -4.19 26.93
C ASN A 48 25.71 -2.89 26.86
N ILE A 49 25.62 -2.07 27.91
CA ILE A 49 26.38 -0.82 27.95
C ILE A 49 27.86 -1.09 28.13
N PHE A 50 28.24 -2.34 28.34
CA PHE A 50 29.63 -2.71 28.47
C PHE A 50 30.22 -3.28 27.19
N GLY A 51 29.48 -3.23 26.08
CA GLY A 51 29.99 -3.72 24.82
C GLY A 51 30.03 -5.22 24.68
N LYS A 52 29.47 -5.96 25.64
CA LYS A 52 29.45 -7.41 25.62
C LYS A 52 28.02 -7.91 25.63
N THR A 53 27.85 -9.20 25.34
CA THR A 53 26.55 -9.82 25.48
C THR A 53 26.35 -10.27 26.93
N LEU A 54 25.11 -10.22 27.39
CA LEU A 54 24.80 -10.65 28.74
C LEU A 54 25.01 -12.14 28.87
N GLN A 55 25.65 -12.55 29.96
CA GLN A 55 25.89 -13.95 30.24
C GLN A 55 24.74 -14.48 31.10
N VAL A 56 23.96 -15.39 30.55
CA VAL A 56 22.80 -15.95 31.23
C VAL A 56 23.16 -17.36 31.69
N ALA A 57 23.00 -17.60 32.99
CA ALA A 57 23.26 -18.90 33.60
C ALA A 57 22.00 -19.35 34.30
N GLU A 58 21.50 -20.53 33.95
CA GLU A 58 20.33 -21.09 34.60
C GLU A 58 20.79 -22.03 35.72
N MET A 59 20.18 -21.89 36.90
CA MET A 59 20.53 -22.68 38.06
C MET A 59 19.51 -23.79 38.29
N GLN A 60 19.69 -24.52 39.39
CA GLN A 60 18.79 -25.61 39.75
C GLN A 60 17.58 -25.14 40.55
N SER A 61 17.63 -23.94 41.11
CA SER A 61 16.51 -23.39 41.88
C SER A 61 16.79 -21.91 42.09
N GLU A 62 15.80 -21.21 42.63
CA GLU A 62 15.99 -19.81 42.93
C GLU A 62 16.98 -19.61 44.06
N ALA A 63 17.10 -20.61 44.95
CA ALA A 63 18.14 -20.55 45.97
C ALA A 63 19.53 -20.56 45.33
N GLY A 64 19.75 -21.45 44.37
CA GLY A 64 21.03 -21.47 43.67
C GLY A 64 21.29 -20.20 42.89
N ALA A 65 20.24 -19.64 42.28
CA ALA A 65 20.40 -18.38 41.56
C ALA A 65 20.81 -17.27 42.50
N ALA A 66 20.17 -17.18 43.68
CA ALA A 66 20.50 -16.15 44.63
C ALA A 66 21.95 -16.25 45.09
N GLY A 67 22.41 -17.48 45.37
CA GLY A 67 23.81 -17.65 45.74
C GLY A 67 24.76 -17.23 44.63
N ALA A 68 24.40 -17.53 43.38
CA ALA A 68 25.22 -17.12 42.25
C ALA A 68 25.24 -15.61 42.09
N VAL A 69 24.10 -14.95 42.34
CA VAL A 69 24.08 -13.49 42.32
C VAL A 69 25.06 -12.94 43.36
N HIS A 70 25.00 -13.49 44.56
CA HIS A 70 25.88 -13.03 45.64
C HIS A 70 27.34 -13.22 45.26
N GLY A 71 27.70 -14.41 44.78
CA GLY A 71 29.07 -14.67 44.41
C GLY A 71 29.55 -13.81 43.25
N SER A 72 28.69 -13.63 42.24
CA SER A 72 29.06 -12.80 41.11
C SER A 72 29.27 -11.35 41.53
N LEU A 73 28.44 -10.86 42.44
CA LEU A 73 28.61 -9.50 42.95
C LEU A 73 29.89 -9.38 43.78
N ALA A 74 30.12 -10.34 44.68
CA ALA A 74 31.31 -10.28 45.54
C ALA A 74 32.60 -10.41 44.75
N ALA A 75 32.55 -10.98 43.55
CA ALA A 75 33.74 -11.14 42.73
C ALA A 75 33.90 -10.04 41.69
N GLY A 76 32.93 -9.14 41.54
CA GLY A 76 33.12 -7.94 40.76
C GLY A 76 32.37 -7.84 39.45
N ALA A 77 31.22 -8.50 39.34
CA ALA A 77 30.39 -8.43 38.14
C ALA A 77 29.02 -7.90 38.51
N LEU A 78 28.53 -6.92 37.74
CA LEU A 78 27.17 -6.43 37.93
C LEU A 78 26.19 -7.49 37.45
N THR A 79 25.32 -7.94 38.34
CA THR A 79 24.45 -9.07 38.09
C THR A 79 23.04 -8.76 38.55
N THR A 80 22.07 -9.27 37.79
CA THR A 80 20.66 -9.13 38.10
C THR A 80 20.01 -10.51 38.00
N THR A 81 18.72 -10.57 38.33
CA THR A 81 17.96 -11.80 38.19
C THR A 81 16.48 -11.46 38.15
N PHE A 82 15.67 -12.43 37.71
CA PHE A 82 14.24 -12.26 37.56
C PHE A 82 13.54 -13.45 38.22
N THR A 83 12.55 -13.17 39.06
CA THR A 83 11.86 -14.21 39.81
C THR A 83 10.55 -13.63 40.32
N ALA A 84 9.83 -14.43 41.11
CA ALA A 84 8.54 -14.04 41.64
C ALA A 84 8.06 -15.10 42.62
N SER A 85 7.15 -14.70 43.51
CA SER A 85 6.31 -15.60 44.32
C SER A 85 7.17 -16.61 45.08
N GLN A 86 6.88 -17.92 44.97
CA GLN A 86 7.62 -18.93 45.72
C GLN A 86 9.12 -18.87 45.44
N GLY A 87 9.50 -18.43 44.24
CA GLY A 87 10.91 -18.29 43.91
C GLY A 87 11.59 -17.20 44.71
N LEU A 88 10.89 -16.09 44.95
CA LEU A 88 11.45 -15.03 45.77
C LEU A 88 11.64 -15.48 47.22
N LEU A 89 10.75 -16.34 47.72
CA LEU A 89 10.89 -16.85 49.09
C LEU A 89 12.20 -17.60 49.27
N LEU A 90 12.57 -18.45 48.30
CA LEU A 90 13.82 -19.18 48.40
C LEU A 90 15.06 -18.28 48.33
N MET A 91 14.91 -17.07 47.81
CA MET A 91 16.04 -16.15 47.73
C MET A 91 16.18 -15.29 48.99
N ILE A 92 15.18 -15.31 49.87
CA ILE A 92 15.22 -14.43 51.04
C ILE A 92 16.47 -14.62 51.89
N PRO A 93 16.89 -15.85 52.21
CA PRO A 93 18.16 -15.98 52.97
C PRO A 93 19.36 -15.28 52.32
N ASN A 94 19.52 -15.39 51.00
CA ASN A 94 20.64 -14.71 50.36
C ASN A 94 20.45 -13.21 50.28
N MET A 95 19.20 -12.74 50.24
CA MET A 95 18.95 -11.31 50.16
C MET A 95 19.47 -10.59 51.41
N TYR A 96 19.35 -11.22 52.58
CA TYR A 96 19.92 -10.65 53.79
C TYR A 96 21.42 -10.43 53.64
N LYS A 97 22.11 -11.39 53.01
CA LYS A 97 23.55 -11.26 52.83
C LYS A 97 23.89 -10.17 51.81
N ILE A 98 23.17 -10.16 50.69
CA ILE A 98 23.46 -9.17 49.66
C ILE A 98 23.21 -7.76 50.19
N ALA A 99 22.13 -7.59 50.95
CA ALA A 99 21.88 -6.29 51.57
C ALA A 99 22.88 -6.00 52.67
N GLY A 100 23.23 -7.02 53.48
CA GLY A 100 24.16 -6.79 54.57
C GLY A 100 25.55 -6.40 54.09
N GLU A 101 25.98 -6.94 52.96
CA GLU A 101 27.30 -6.64 52.41
C GLU A 101 27.28 -5.44 51.48
N LEU A 102 26.14 -4.77 51.34
CA LEU A 102 26.02 -3.55 50.53
C LEU A 102 26.49 -3.78 49.09
N LEU A 103 25.86 -4.73 48.43
CA LEU A 103 26.23 -5.00 47.05
C LEU A 103 25.20 -4.42 46.11
N PRO A 104 25.61 -3.62 45.11
CA PRO A 104 24.64 -3.10 44.15
C PRO A 104 24.04 -4.23 43.32
N CYS A 105 22.73 -4.20 43.15
CA CYS A 105 22.02 -5.32 42.56
C CYS A 105 20.57 -4.90 42.30
N VAL A 106 19.95 -5.53 41.31
CA VAL A 106 18.53 -5.30 41.03
C VAL A 106 17.85 -6.64 40.77
N PHE A 107 16.85 -6.97 41.59
CA PHE A 107 15.96 -8.09 41.34
C PHE A 107 14.69 -7.56 40.69
N HIS A 108 14.32 -8.14 39.54
CA HIS A 108 13.08 -7.78 38.87
C HIS A 108 12.03 -8.85 39.18
N VAL A 109 10.92 -8.42 39.78
CA VAL A 109 9.91 -9.32 40.33
C VAL A 109 8.59 -9.01 39.68
N ALA A 110 7.98 -10.02 39.06
CA ALA A 110 6.60 -9.95 38.60
C ALA A 110 5.72 -10.43 39.74
N ALA A 111 5.35 -9.51 40.63
CA ALA A 111 4.72 -9.83 41.90
C ALA A 111 3.53 -10.77 41.73
N ARG A 112 3.57 -11.90 42.43
CA ARG A 112 2.57 -12.96 42.30
C ARG A 112 2.19 -13.47 43.69
N ALA A 113 0.95 -13.96 43.79
CA ALA A 113 0.45 -14.48 45.06
C ALA A 113 1.31 -15.65 45.55
N LEU A 114 1.29 -15.85 46.87
CA LEU A 114 1.95 -16.99 47.49
C LEU A 114 0.98 -18.14 47.69
N SER A 115 1.52 -19.35 47.66
CA SER A 115 0.71 -20.56 47.81
C SER A 115 0.36 -20.69 49.29
N THR A 116 -0.93 -20.58 49.61
CA THR A 116 -1.39 -20.68 50.99
C THR A 116 -2.37 -21.84 51.09
N HIS A 117 -3.66 -21.55 51.23
CA HIS A 117 -4.66 -22.60 51.16
C HIS A 117 -4.72 -23.22 49.76
N ALA A 118 -4.19 -22.51 48.77
CA ALA A 118 -4.19 -22.96 47.39
C ALA A 118 -3.15 -22.18 46.62
N LEU A 119 -2.72 -22.75 45.50
CA LEU A 119 -1.78 -22.08 44.60
C LEU A 119 -2.51 -21.10 43.70
N SER A 120 -1.82 -19.99 43.42
CA SER A 120 -2.31 -19.02 42.44
C SER A 120 -1.09 -18.43 41.74
N ILE A 121 -1.04 -18.58 40.42
CA ILE A 121 0.06 -18.01 39.63
C ILE A 121 -0.16 -16.53 39.32
N PHE A 122 -1.23 -15.94 39.83
CA PHE A 122 -1.63 -14.59 39.46
C PHE A 122 -1.08 -13.57 40.45
N GLY A 123 -1.31 -12.29 40.15
CA GLY A 123 -0.53 -11.24 40.72
C GLY A 123 -1.10 -10.63 41.98
N ASP A 124 -0.24 -10.48 42.98
CA ASP A 124 -0.44 -9.56 44.09
C ASP A 124 0.92 -9.39 44.77
N HIS A 125 0.95 -8.59 45.83
CA HIS A 125 2.20 -8.19 46.45
C HIS A 125 2.63 -9.08 47.59
N ALA A 126 2.03 -10.27 47.73
CA ALA A 126 2.35 -11.14 48.86
C ALA A 126 3.83 -11.50 48.88
N ASP A 127 4.41 -11.79 47.72
CA ASP A 127 5.82 -12.20 47.69
C ASP A 127 6.74 -11.06 48.07
N VAL A 128 6.50 -9.86 47.52
CA VAL A 128 7.38 -8.73 47.82
C VAL A 128 7.29 -8.36 49.29
N MET A 129 6.08 -8.40 49.86
CA MET A 129 5.92 -8.04 51.26
C MET A 129 6.66 -9.00 52.18
N ALA A 130 6.81 -10.26 51.78
CA ALA A 130 7.52 -11.23 52.60
C ALA A 130 9.01 -10.98 52.68
N ALA A 131 9.54 -10.06 51.87
CA ALA A 131 10.96 -9.73 51.88
C ALA A 131 11.22 -8.30 52.32
N ARG A 132 10.20 -7.61 52.85
CA ARG A 132 10.36 -6.20 53.19
C ARG A 132 11.32 -5.96 54.34
N GLN A 133 11.78 -7.01 55.02
CA GLN A 133 12.69 -6.86 56.14
C GLN A 133 14.11 -7.33 55.81
N THR A 134 14.38 -7.66 54.54
CA THR A 134 15.70 -8.15 54.16
C THR A 134 16.73 -7.04 54.04
N GLY A 135 16.30 -5.78 53.96
CA GLY A 135 17.19 -4.68 53.73
C GLY A 135 17.30 -4.24 52.28
N PHE A 136 16.63 -4.94 51.37
CA PHE A 136 16.57 -4.49 49.99
C PHE A 136 15.66 -3.27 49.88
N ALA A 137 16.00 -2.38 48.95
CA ALA A 137 15.07 -1.35 48.56
C ALA A 137 13.97 -1.94 47.69
N MET A 138 12.83 -1.25 47.62
CA MET A 138 11.67 -1.75 46.89
C MET A 138 11.06 -0.62 46.07
N LEU A 139 10.96 -0.83 44.76
CA LEU A 139 10.48 0.16 43.82
C LEU A 139 9.33 -0.43 43.02
N SER A 140 8.21 0.29 42.95
CA SER A 140 6.98 -0.21 42.34
C SER A 140 6.67 0.53 41.05
N SER A 141 6.32 -0.22 40.01
CA SER A 141 5.91 0.32 38.73
C SER A 141 4.43 0.07 38.52
N ALA A 142 3.71 1.09 38.05
CA ALA A 142 2.26 1.02 37.94
C ALA A 142 1.76 0.75 36.53
N SER A 143 2.60 0.93 35.52
CA SER A 143 2.22 0.71 34.13
C SER A 143 3.42 0.17 33.38
N VAL A 144 3.17 -0.29 32.15
CA VAL A 144 4.25 -0.82 31.33
C VAL A 144 5.29 0.25 31.07
N GLN A 145 4.85 1.50 30.88
CA GLN A 145 5.79 2.60 30.71
C GLN A 145 6.62 2.80 31.97
N GLU A 146 6.00 2.64 33.15
CA GLU A 146 6.73 2.84 34.39
C GLU A 146 7.71 1.71 34.65
N VAL A 147 7.42 0.50 34.18
CA VAL A 147 8.38 -0.60 34.26
C VAL A 147 9.66 -0.22 33.53
N MET A 148 9.50 0.32 32.31
CA MET A 148 10.65 0.78 31.54
C MET A 148 11.46 1.80 32.33
N ASP A 149 10.77 2.83 32.85
CA ASP A 149 11.49 3.94 33.47
C ASP A 149 12.08 3.55 34.82
N LEU A 150 11.29 2.93 35.69
CA LEU A 150 11.76 2.71 37.05
C LEU A 150 12.81 1.60 37.12
N ALA A 151 12.78 0.65 36.19
CA ALA A 151 13.87 -0.32 36.12
C ALA A 151 15.20 0.39 35.90
N LEU A 152 15.20 1.42 35.04
CA LEU A 152 16.40 2.23 34.88
C LEU A 152 16.74 2.98 36.16
N VAL A 153 15.73 3.51 36.84
CA VAL A 153 15.97 4.18 38.12
C VAL A 153 16.61 3.23 39.11
N ALA A 154 16.11 1.99 39.18
CA ALA A 154 16.66 1.02 40.12
C ALA A 154 18.11 0.69 39.80
N HIS A 155 18.42 0.42 38.53
CA HIS A 155 19.79 0.05 38.16
C HIS A 155 20.76 1.20 38.37
N LEU A 156 20.31 2.44 38.15
CA LEU A 156 21.18 3.60 38.37
C LEU A 156 21.36 3.89 39.86
N ALA A 157 20.29 3.76 40.64
CA ALA A 157 20.37 4.09 42.06
C ALA A 157 21.19 3.08 42.83
N THR A 158 21.10 1.80 42.46
CA THR A 158 21.79 0.76 43.24
C THR A 158 23.31 0.93 43.19
N LEU A 159 23.85 1.42 42.06
CA LEU A 159 25.28 1.67 41.99
C LEU A 159 25.69 2.83 42.91
N LYS A 160 24.84 3.85 43.00
CA LYS A 160 25.19 5.00 43.83
C LYS A 160 24.98 4.71 45.31
N ALA A 161 23.91 4.00 45.67
CA ALA A 161 23.58 3.82 47.08
C ALA A 161 24.20 2.59 47.71
N ARG A 162 24.70 1.65 46.91
CA ARG A 162 25.20 0.34 47.37
C ARG A 162 24.12 -0.51 48.02
N VAL A 163 22.87 -0.08 47.98
CA VAL A 163 21.75 -0.85 48.55
C VAL A 163 21.08 -1.57 47.40
N PRO A 164 20.94 -2.89 47.44
CA PRO A 164 20.30 -3.59 46.34
C PRO A 164 18.81 -3.28 46.29
N PHE A 165 18.25 -3.36 45.09
CA PHE A 165 16.87 -2.97 44.84
C PHE A 165 16.05 -4.16 44.38
N VAL A 166 14.79 -4.21 44.83
CA VAL A 166 13.78 -5.08 44.26
C VAL A 166 12.85 -4.17 43.47
N HIS A 167 12.88 -4.29 42.16
CA HIS A 167 11.96 -3.58 41.28
C HIS A 167 10.85 -4.56 40.95
N PHE A 168 9.63 -4.28 41.41
CA PHE A 168 8.52 -5.20 41.23
C PHE A 168 7.34 -4.51 40.57
N PHE A 169 6.59 -5.30 39.81
CA PHE A 169 5.38 -4.87 39.14
C PHE A 169 4.35 -5.99 39.21
N ASP A 170 3.08 -5.62 39.07
CA ASP A 170 1.99 -6.56 39.30
C ASP A 170 2.02 -7.67 38.28
N GLY A 171 2.01 -8.91 38.77
CA GLY A 171 2.03 -10.05 37.87
C GLY A 171 0.79 -10.09 36.99
N PHE A 172 1.02 -10.39 35.71
CA PHE A 172 -0.03 -10.42 34.69
C PHE A 172 -0.63 -9.05 34.43
N ARG A 173 -1.19 -8.42 35.47
CA ARG A 173 -1.86 -7.13 35.29
C ARG A 173 -0.92 -6.09 34.67
N THR A 174 0.38 -6.22 34.89
CA THR A 174 1.36 -5.37 34.22
C THR A 174 2.39 -6.16 33.43
N SER A 175 2.83 -7.30 33.93
CA SER A 175 3.88 -8.07 33.26
C SER A 175 3.43 -8.59 31.91
N HIS A 176 2.14 -8.90 31.74
CA HIS A 176 1.63 -9.43 30.49
C HIS A 176 0.70 -8.46 29.77
N GLU A 177 0.55 -7.24 30.25
CA GLU A 177 -0.24 -6.23 29.56
C GLU A 177 0.63 -5.60 28.47
N VAL A 178 0.15 -5.65 27.23
CA VAL A 178 0.87 -5.07 26.10
C VAL A 178 0.46 -3.61 25.93
N GLN A 179 1.45 -2.71 25.87
CA GLN A 179 1.20 -1.29 25.73
C GLN A 179 2.24 -0.66 24.82
N LYS A 180 1.82 0.37 24.09
CA LYS A 180 2.74 1.20 23.33
C LYS A 180 3.38 2.21 24.27
N ILE A 181 4.70 2.14 24.41
CA ILE A 181 5.43 2.96 25.36
C ILE A 181 6.63 3.57 24.65
N ASP A 182 7.21 4.59 25.29
CA ASP A 182 8.47 5.15 24.83
C ASP A 182 9.60 4.30 25.40
N VAL A 183 10.38 3.69 24.52
CA VAL A 183 11.47 2.82 24.92
C VAL A 183 12.75 3.64 24.98
N ILE A 184 13.52 3.48 26.04
CA ILE A 184 14.76 4.25 26.24
C ILE A 184 15.90 3.54 25.53
N GLU A 185 16.66 4.28 24.72
CA GLU A 185 17.79 3.70 24.00
C GLU A 185 18.93 3.40 24.94
N TYR A 186 19.65 2.31 24.66
CA TYR A 186 20.78 1.92 25.50
C TYR A 186 21.82 3.03 25.55
N GLU A 187 22.07 3.70 24.42
CA GLU A 187 23.07 4.75 24.40
C GLU A 187 22.71 5.90 25.33
N ASP A 188 21.42 6.17 25.51
CA ASP A 188 21.00 7.23 26.41
C ASP A 188 21.19 6.82 27.86
N MET A 189 21.00 5.54 28.18
CA MET A 189 21.21 5.07 29.54
C MET A 189 22.67 5.24 29.97
N ALA A 190 23.60 4.80 29.12
CA ALA A 190 25.02 4.84 29.47
C ALA A 190 25.50 6.25 29.76
N LYS A 191 24.83 7.28 29.22
CA LYS A 191 25.18 8.66 29.54
C LYS A 191 24.74 9.06 30.95
N LEU A 192 23.90 8.25 31.60
CA LEU A 192 23.43 8.52 32.95
C LEU A 192 24.09 7.64 34.00
N VAL A 193 24.78 6.58 33.58
CA VAL A 193 25.39 5.67 34.53
C VAL A 193 26.55 6.36 35.24
N ASP A 194 26.64 6.15 36.55
CA ASP A 194 27.78 6.63 37.32
C ASP A 194 28.91 5.61 37.16
N TRP A 195 29.78 5.86 36.18
CA TRP A 195 30.88 4.93 35.90
C TRP A 195 31.89 4.91 37.03
N ASP A 196 32.06 6.03 37.75
CA ASP A 196 32.92 6.02 38.93
C ASP A 196 32.41 5.02 39.97
N ALA A 197 31.09 4.93 40.12
CA ALA A 197 30.54 3.97 41.06
C ALA A 197 30.78 2.54 40.61
N ILE A 198 30.76 2.28 39.29
CA ILE A 198 31.00 0.92 38.82
C ILE A 198 32.43 0.51 39.11
N ARG A 199 33.39 1.39 38.83
CA ARG A 199 34.80 1.07 39.08
C ARG A 199 35.07 0.88 40.58
N ALA A 200 34.39 1.66 41.42
CA ALA A 200 34.54 1.45 42.87
C ALA A 200 34.04 0.08 43.28
N PHE A 201 32.97 -0.40 42.63
CA PHE A 201 32.46 -1.74 42.90
C PHE A 201 33.44 -2.83 42.48
N ARG A 202 34.26 -2.57 41.46
CA ARG A 202 35.24 -3.56 41.03
C ARG A 202 36.36 -3.71 42.05
N GLN A 203 36.72 -2.63 42.74
CA GLN A 203 37.80 -2.69 43.71
C GLN A 203 37.40 -3.46 44.96
N ARG A 204 36.12 -3.50 45.28
CA ARG A 204 35.63 -4.26 46.42
C ARG A 204 35.52 -5.74 46.14
N ALA A 205 35.85 -6.17 44.92
CA ALA A 205 35.71 -7.56 44.53
C ALA A 205 36.76 -8.41 45.22
N LEU A 206 36.42 -9.68 45.43
CA LEU A 206 37.38 -10.64 45.94
C LEU A 206 38.47 -10.84 44.90
N ASN A 207 39.72 -10.61 45.30
CA ASN A 207 40.81 -10.74 44.37
C ASN A 207 42.06 -11.10 45.15
N PRO A 208 42.81 -12.11 44.71
CA PRO A 208 44.00 -12.53 45.47
C PRO A 208 45.10 -11.49 45.53
N GLU A 209 45.10 -10.49 44.65
CA GLU A 209 46.13 -9.47 44.67
C GLU A 209 45.83 -8.31 45.60
N HIS A 210 44.59 -8.22 46.10
CA HIS A 210 44.26 -7.31 47.21
C HIS A 210 43.19 -7.96 48.07
N PRO A 211 43.55 -9.00 48.82
CA PRO A 211 42.55 -9.87 49.43
C PRO A 211 41.91 -9.24 50.65
N HIS A 212 40.73 -9.75 50.98
CA HIS A 212 39.97 -9.33 52.14
C HIS A 212 39.09 -10.49 52.57
N GLN A 213 38.48 -10.34 53.75
CA GLN A 213 37.60 -11.37 54.29
C GLN A 213 36.21 -10.77 54.49
N ARG A 214 35.19 -11.48 54.02
CA ARG A 214 33.82 -11.02 54.16
C ARG A 214 32.95 -12.19 54.57
N GLY A 215 31.85 -11.89 55.26
CA GLY A 215 30.98 -12.95 55.76
C GLY A 215 31.53 -13.68 56.97
N THR A 216 32.16 -12.98 57.90
CA THR A 216 32.72 -13.62 59.08
C THR A 216 31.60 -14.01 60.06
N ALA A 217 31.99 -14.69 61.12
CA ALA A 217 31.09 -15.01 62.23
C ALA A 217 31.46 -14.10 63.40
N GLN A 218 30.45 -13.51 64.03
CA GLN A 218 30.68 -12.48 65.04
C GLN A 218 30.00 -12.83 66.36
N ASN A 219 30.67 -12.49 67.44
CA ASN A 219 30.18 -12.70 68.80
C ASN A 219 29.30 -11.54 69.22
N PRO A 220 28.63 -11.63 70.37
CA PRO A 220 27.75 -10.52 70.79
C PRO A 220 28.45 -9.20 71.01
N ASP A 221 29.78 -9.19 71.14
CA ASP A 221 30.47 -7.96 71.52
C ASP A 221 30.47 -6.94 70.39
N ILE A 222 30.42 -7.38 69.13
CA ILE A 222 30.60 -6.46 68.02
C ILE A 222 29.48 -6.59 67.00
N TYR A 223 28.62 -7.60 67.15
CA TYR A 223 27.61 -7.86 66.13
C TYR A 223 26.59 -6.73 66.04
N PHE A 224 26.11 -6.25 67.20
CA PHE A 224 25.14 -5.17 67.18
C PHE A 224 25.72 -3.93 66.52
N GLN A 225 26.91 -3.51 66.96
CA GLN A 225 27.52 -2.31 66.37
C GLN A 225 27.74 -2.49 64.88
N SER A 226 28.28 -3.64 64.47
CA SER A 226 28.58 -3.87 63.06
C SER A 226 27.33 -3.82 62.20
N ARG A 227 26.19 -4.23 62.76
CA ARG A 227 24.94 -4.15 61.99
C ARG A 227 24.46 -2.72 61.84
N GLU A 228 24.71 -1.86 62.83
CA GLU A 228 24.32 -0.47 62.76
C GLU A 228 25.27 0.36 61.92
N ALA A 229 26.42 -0.19 61.52
CA ALA A 229 27.40 0.56 60.74
C ALA A 229 26.91 0.83 59.32
N ALA A 230 25.89 0.11 58.85
CA ALA A 230 25.32 0.34 57.53
C ALA A 230 24.21 1.37 57.54
N ASN A 231 23.90 1.96 58.69
CA ASN A 231 22.84 2.96 58.77
C ASN A 231 23.00 4.14 57.81
N PRO A 232 24.17 4.76 57.67
CA PRO A 232 24.27 5.91 56.74
C PRO A 232 23.89 5.57 55.32
N TYR A 233 24.18 4.35 54.85
CA TYR A 233 23.84 3.98 53.49
C TYR A 233 22.33 3.96 53.28
N TYR A 234 21.58 3.52 54.29
CA TYR A 234 20.13 3.53 54.16
C TYR A 234 19.54 4.91 54.35
N LEU A 235 20.18 5.76 55.19
CA LEU A 235 19.67 7.11 55.36
C LEU A 235 19.79 7.93 54.09
N ALA A 236 20.81 7.68 53.27
CA ALA A 236 21.03 8.44 52.05
C ALA A 236 20.29 7.90 50.84
N THR A 237 19.80 6.66 50.90
CA THR A 237 19.15 6.06 49.74
C THR A 237 17.93 6.82 49.22
N PRO A 238 17.01 7.31 50.06
CA PRO A 238 15.87 8.06 49.49
C PRO A 238 16.30 9.25 48.65
N GLY A 239 17.25 10.04 49.15
CA GLY A 239 17.74 11.18 48.38
C GLY A 239 18.44 10.78 47.09
N ILE A 240 19.12 9.63 47.11
CA ILE A 240 19.79 9.16 45.89
C ILE A 240 18.76 8.79 44.83
N VAL A 241 17.70 8.09 45.22
CA VAL A 241 16.66 7.73 44.26
C VAL A 241 16.00 8.99 43.70
N ALA A 242 15.80 10.00 44.56
CA ALA A 242 15.19 11.24 44.10
C ALA A 242 16.04 11.91 43.04
N GLN A 243 17.37 11.96 43.25
CA GLN A 243 18.24 12.56 42.25
C GLN A 243 18.30 11.72 41.00
N VAL A 244 18.32 10.39 41.14
CA VAL A 244 18.28 9.51 39.97
C VAL A 244 16.97 9.69 39.20
N MET A 245 15.86 9.85 39.93
CA MET A 245 14.59 10.09 39.25
C MET A 245 14.59 11.39 38.47
N GLU A 246 15.34 12.40 38.94
CA GLU A 246 15.46 13.64 38.19
C GLU A 246 16.30 13.44 36.93
N GLN A 247 17.31 12.57 36.98
CA GLN A 247 18.08 12.26 35.79
C GLN A 247 17.20 11.65 34.71
N VAL A 248 16.39 10.65 35.07
CA VAL A 248 15.49 10.05 34.10
C VAL A 248 14.46 11.06 33.62
N ALA A 249 14.04 11.97 34.50
CA ALA A 249 13.07 13.00 34.11
C ALA A 249 13.63 13.90 33.03
N GLY A 250 14.88 14.33 33.17
CA GLY A 250 15.48 15.17 32.15
C GLY A 250 15.67 14.46 30.82
N LEU A 251 15.84 13.14 30.86
CA LEU A 251 16.03 12.39 29.62
C LEU A 251 14.70 12.11 28.93
N THR A 252 13.68 11.71 29.68
CA THR A 252 12.43 11.28 29.11
C THR A 252 11.33 12.34 29.17
N GLY A 253 11.44 13.30 30.08
CA GLY A 253 10.38 14.26 30.28
C GLY A 253 9.31 13.80 31.24
N ARG A 254 9.36 12.55 31.70
CA ARG A 254 8.37 11.99 32.60
C ARG A 254 8.90 12.06 34.03
N HIS A 255 8.16 12.74 34.90
CA HIS A 255 8.64 13.10 36.23
C HIS A 255 8.12 12.10 37.26
N TYR A 256 9.05 11.43 37.93
CA TYR A 256 8.72 10.56 39.05
C TYR A 256 9.28 11.14 40.34
N HIS A 257 8.61 10.83 41.44
CA HIS A 257 9.06 11.20 42.77
C HIS A 257 8.92 9.99 43.67
N LEU A 258 9.53 10.06 44.86
CA LEU A 258 9.43 8.96 45.80
C LEU A 258 7.96 8.64 46.09
N PHE A 259 7.16 9.68 46.29
CA PHE A 259 5.71 9.57 46.38
C PHE A 259 5.12 10.64 45.47
N ASP A 260 4.19 10.24 44.60
CA ASP A 260 3.54 11.15 43.66
C ASP A 260 2.11 11.39 44.08
N TYR A 261 1.63 12.61 43.87
CA TYR A 261 0.27 12.98 44.20
C TYR A 261 -0.51 13.27 42.93
N ALA A 262 -1.79 12.93 42.94
CA ALA A 262 -2.69 13.24 41.84
C ALA A 262 -4.06 13.49 42.41
N GLY A 263 -4.72 14.53 41.93
CA GLY A 263 -6.07 14.83 42.35
C GLY A 263 -6.22 16.27 42.76
N ALA A 264 -7.33 16.57 43.42
CA ALA A 264 -7.61 17.94 43.81
C ALA A 264 -6.57 18.41 44.84
N PRO A 265 -6.06 19.62 44.68
CA PRO A 265 -5.08 20.13 45.66
C PRO A 265 -5.68 20.38 47.04
N ASP A 266 -7.00 20.56 47.13
CA ASP A 266 -7.67 20.74 48.40
C ASP A 266 -8.46 19.50 48.82
N ALA A 267 -7.96 18.32 48.44
CA ALA A 267 -8.69 17.09 48.69
C ALA A 267 -8.77 16.81 50.18
N GLU A 268 -9.89 16.20 50.58
CA GLU A 268 -10.11 15.76 51.95
C GLU A 268 -10.04 14.26 52.11
N ARG A 269 -10.27 13.50 51.04
CA ARG A 269 -10.19 12.05 51.06
C ARG A 269 -9.12 11.63 50.08
N VAL A 270 -8.11 10.91 50.56
CA VAL A 270 -6.96 10.52 49.74
C VAL A 270 -6.73 9.02 49.91
N ILE A 271 -6.49 8.34 48.80
CA ILE A 271 -6.13 6.92 48.80
C ILE A 271 -4.64 6.81 48.61
N VAL A 272 -3.97 6.03 49.45
CA VAL A 272 -2.57 5.71 49.29
C VAL A 272 -2.48 4.29 48.78
N SER A 273 -1.73 4.10 47.69
CA SER A 273 -1.70 2.79 47.06
C SER A 273 -0.35 2.58 46.38
N MET A 274 -0.22 1.42 45.74
CA MET A 274 1.04 0.98 45.18
C MET A 274 0.74 0.02 44.03
N GLY A 275 1.54 0.11 42.98
CA GLY A 275 1.35 -0.77 41.83
C GLY A 275 0.28 -0.28 40.87
N SER A 276 -0.22 -1.21 40.06
CA SER A 276 -1.12 -0.88 38.97
C SER A 276 -2.44 -0.27 39.44
N SER A 277 -2.80 -0.45 40.72
CA SER A 277 -4.01 0.16 41.23
C SER A 277 -3.96 1.68 41.11
N CYS A 278 -2.76 2.26 41.13
CA CYS A 278 -2.64 3.72 41.04
C CYS A 278 -3.18 4.24 39.72
N GLU A 279 -3.00 3.47 38.64
CA GLU A 279 -3.55 3.86 37.35
C GLU A 279 -5.07 3.91 37.39
N VAL A 280 -5.69 2.87 37.94
CA VAL A 280 -7.15 2.84 38.05
C VAL A 280 -7.63 3.96 38.96
N ILE A 281 -6.88 4.25 40.02
CA ILE A 281 -7.30 5.28 40.96
C ILE A 281 -7.17 6.67 40.34
N GLU A 282 -6.07 6.92 39.61
CA GLU A 282 -5.92 8.21 38.96
C GLU A 282 -6.98 8.42 37.90
N GLU A 283 -7.30 7.38 37.14
CA GLU A 283 -8.39 7.49 36.16
C GLU A 283 -9.70 7.82 36.86
N THR A 284 -9.98 7.19 38.00
CA THR A 284 -11.19 7.49 38.75
C THR A 284 -11.11 8.86 39.38
N VAL A 285 -9.93 9.24 39.87
CA VAL A 285 -9.78 10.56 40.50
C VAL A 285 -10.08 11.66 39.49
N ASN A 286 -9.59 11.53 38.26
CA ASN A 286 -9.91 12.50 37.22
C ASN A 286 -11.43 12.61 37.03
N TYR A 287 -12.13 11.47 37.02
CA TYR A 287 -13.57 11.46 36.82
C TYR A 287 -14.29 12.14 37.98
N LEU A 288 -13.85 11.87 39.21
CA LEU A 288 -14.51 12.43 40.38
C LEU A 288 -14.14 13.90 40.58
N VAL A 289 -12.87 14.27 40.36
CA VAL A 289 -12.48 15.66 40.51
C VAL A 289 -13.22 16.55 39.52
N GLU A 290 -13.36 16.07 38.27
CA GLU A 290 -14.12 16.83 37.29
C GLU A 290 -15.58 16.99 37.72
N LYS A 291 -16.11 16.01 38.44
CA LYS A 291 -17.45 16.10 38.99
C LYS A 291 -17.51 16.91 40.27
N GLY A 292 -16.36 17.42 40.75
CA GLY A 292 -16.31 18.32 41.87
C GLY A 292 -15.90 17.71 43.19
N GLU A 293 -15.74 16.39 43.26
CA GLU A 293 -15.36 15.78 44.51
C GLU A 293 -13.91 16.10 44.84
N LYS A 294 -13.65 16.36 46.12
CA LYS A 294 -12.31 16.74 46.58
C LYS A 294 -11.57 15.50 47.08
N VAL A 295 -11.06 14.74 46.11
CA VAL A 295 -10.35 13.49 46.37
C VAL A 295 -8.97 13.56 45.73
N GLY A 296 -8.08 12.68 46.21
CA GLY A 296 -6.72 12.64 45.72
C GLY A 296 -6.15 11.24 45.88
N LEU A 297 -4.91 11.08 45.41
CA LEU A 297 -4.24 9.80 45.40
C LEU A 297 -2.75 10.03 45.61
N ILE A 298 -2.14 9.21 46.46
CA ILE A 298 -0.69 9.22 46.65
C ILE A 298 -0.17 7.89 46.13
N LYS A 299 0.67 7.93 45.10
CA LYS A 299 1.30 6.74 44.57
C LYS A 299 2.62 6.52 45.30
N VAL A 300 2.80 5.31 45.82
CA VAL A 300 4.06 4.93 46.46
C VAL A 300 4.97 4.29 45.42
N ARG A 301 6.12 4.92 45.18
CA ARG A 301 7.13 4.37 44.28
C ARG A 301 8.24 3.67 45.05
N LEU A 302 8.91 4.38 45.95
CA LEU A 302 9.96 3.81 46.79
C LEU A 302 9.32 3.41 48.12
N PHE A 303 9.02 2.12 48.25
CA PHE A 303 8.39 1.62 49.47
C PHE A 303 9.39 1.43 50.61
N ARG A 304 10.59 0.95 50.30
CA ARG A 304 11.65 0.80 51.29
C ARG A 304 12.92 1.33 50.62
N PRO A 305 13.70 2.18 51.31
CA PRO A 305 13.41 2.76 52.63
C PRO A 305 12.26 3.76 52.57
N PHE A 306 11.41 3.74 53.58
CA PHE A 306 10.25 4.63 53.62
C PHE A 306 10.71 5.99 54.14
N SER A 307 10.65 7.01 53.28
CA SER A 307 11.10 8.35 53.63
C SER A 307 9.90 9.18 54.08
N ALA A 308 9.82 9.44 55.39
CA ALA A 308 8.73 10.24 55.92
C ALA A 308 8.74 11.64 55.30
N GLU A 309 9.93 12.19 55.05
CA GLU A 309 10.05 13.52 54.48
C GLU A 309 9.39 13.58 53.09
N HIS A 310 9.68 12.59 52.25
CA HIS A 310 9.16 12.61 50.89
C HIS A 310 7.67 12.25 50.83
N PHE A 311 7.16 11.55 51.84
CA PHE A 311 5.73 11.24 51.87
C PHE A 311 4.92 12.45 52.33
N LEU A 312 5.33 13.08 53.43
CA LEU A 312 4.61 14.25 53.93
C LEU A 312 4.72 15.44 52.99
N LYS A 313 5.76 15.49 52.15
CA LYS A 313 5.92 16.61 51.23
C LYS A 313 4.79 16.67 50.21
N VAL A 314 4.21 15.53 49.86
CA VAL A 314 3.17 15.46 48.84
C VAL A 314 1.78 15.24 49.44
N LEU A 315 1.64 15.31 50.76
CA LEU A 315 0.33 15.15 51.37
C LEU A 315 -0.29 16.53 51.57
N PRO A 316 -1.38 16.85 50.90
CA PRO A 316 -2.00 18.18 51.08
C PRO A 316 -2.43 18.38 52.53
N ALA A 317 -2.30 19.63 52.99
CA ALA A 317 -2.67 19.93 54.37
C ALA A 317 -4.17 19.80 54.62
N SER A 318 -4.97 19.75 53.55
CA SER A 318 -6.42 19.66 53.71
C SER A 318 -6.90 18.23 53.88
N VAL A 319 -5.99 17.25 53.89
CA VAL A 319 -6.41 15.86 53.98
C VAL A 319 -6.91 15.56 55.39
N LYS A 320 -8.12 15.02 55.48
CA LYS A 320 -8.71 14.62 56.75
C LYS A 320 -8.86 13.11 56.90
N ARG A 321 -9.01 12.38 55.80
CA ARG A 321 -9.24 10.94 55.87
C ARG A 321 -8.47 10.26 54.75
N ILE A 322 -7.84 9.14 55.08
CA ILE A 322 -6.99 8.40 54.16
C ILE A 322 -7.40 6.94 54.18
N ALA A 323 -7.53 6.34 53.01
CA ALA A 323 -7.76 4.90 52.89
C ALA A 323 -6.54 4.29 52.19
N VAL A 324 -5.86 3.36 52.87
CA VAL A 324 -4.67 2.71 52.34
C VAL A 324 -5.06 1.34 51.80
N LEU A 325 -4.64 1.05 50.58
CA LEU A 325 -4.98 -0.20 49.92
C LEU A 325 -3.73 -1.05 49.80
N ASP A 326 -3.80 -2.27 50.32
CA ASP A 326 -2.71 -3.24 50.23
C ASP A 326 -3.13 -4.41 49.36
N ARG A 327 -2.26 -4.81 48.44
CA ARG A 327 -2.50 -5.97 47.57
C ARG A 327 -1.90 -7.23 48.16
N THR A 328 -2.18 -7.47 49.42
CA THR A 328 -1.68 -8.64 50.13
C THR A 328 -2.60 -8.90 51.30
N LYS A 329 -2.36 -10.01 52.00
CA LYS A 329 -3.09 -10.32 53.21
C LYS A 329 -2.13 -10.94 54.20
N GLU A 330 -2.09 -10.39 55.41
CA GLU A 330 -1.33 -10.97 56.52
C GLU A 330 -2.30 -11.40 57.60
N PRO A 331 -2.71 -12.67 57.63
CA PRO A 331 -3.78 -13.08 58.53
C PRO A 331 -3.39 -12.88 59.99
N GLY A 332 -4.34 -12.36 60.77
CA GLY A 332 -4.10 -12.12 62.18
C GLY A 332 -3.34 -10.86 62.49
N SER A 333 -2.69 -10.26 61.49
CA SER A 333 -1.98 -9.02 61.73
C SER A 333 -2.96 -7.89 62.02
N LEU A 334 -2.48 -6.90 62.76
CA LEU A 334 -3.32 -5.74 63.06
C LEU A 334 -3.70 -4.99 61.80
N GLY A 335 -2.78 -4.96 60.83
CA GLY A 335 -3.02 -4.35 59.54
C GLY A 335 -1.98 -4.81 58.55
N GLU A 336 -2.22 -4.46 57.29
CA GLU A 336 -1.31 -4.83 56.23
C GLU A 336 -0.11 -3.88 56.20
N PRO A 337 0.99 -4.25 55.52
CA PRO A 337 2.23 -3.47 55.67
C PRO A 337 2.11 -2.00 55.34
N LEU A 338 1.55 -1.65 54.18
CA LEU A 338 1.48 -0.23 53.80
C LEU A 338 0.58 0.55 54.75
N TYR A 339 -0.51 -0.07 55.20
CA TYR A 339 -1.39 0.58 56.16
C TYR A 339 -0.67 0.88 57.47
N GLU A 340 0.16 -0.06 57.93
CA GLU A 340 0.90 0.17 59.17
C GLU A 340 1.94 1.26 59.02
N ASP A 341 2.53 1.40 57.83
CA ASP A 341 3.51 2.46 57.62
C ASP A 341 2.85 3.83 57.60
N VAL A 342 1.75 3.97 56.88
CA VAL A 342 1.07 5.27 56.80
C VAL A 342 0.59 5.68 58.18
N GLN A 343 -0.01 4.74 58.92
CA GLN A 343 -0.50 5.02 60.27
C GLN A 343 0.63 5.43 61.20
N THR A 344 1.81 4.82 61.03
CA THR A 344 2.94 5.13 61.89
C THR A 344 3.48 6.53 61.63
N VAL A 345 3.76 6.86 60.37
CA VAL A 345 4.39 8.13 60.02
C VAL A 345 3.50 9.31 60.40
N LEU A 346 2.19 9.19 60.17
CA LEU A 346 1.29 10.26 60.55
C LEU A 346 1.23 10.43 62.06
N ALA A 347 1.39 9.34 62.80
CA ALA A 347 1.41 9.43 64.26
C ALA A 347 2.70 10.07 64.76
N GLU A 348 3.82 9.76 64.12
CA GLU A 348 5.10 10.33 64.53
C GLU A 348 5.14 11.85 64.35
N HIS A 349 4.27 12.40 63.52
CA HIS A 349 4.25 13.84 63.27
C HIS A 349 2.97 14.51 63.77
N GLY A 350 2.20 13.81 64.61
CA GLY A 350 1.04 14.41 65.24
C GLY A 350 -0.04 14.87 64.30
N LYS A 351 -0.12 14.29 63.10
CA LYS A 351 -1.19 14.63 62.18
C LYS A 351 -2.49 13.94 62.62
N ASN A 352 -3.55 14.73 62.78
CA ASN A 352 -4.86 14.20 63.16
C ASN A 352 -5.63 13.83 61.90
N ILE A 353 -5.24 12.70 61.32
CA ILE A 353 -5.82 12.21 60.08
C ILE A 353 -6.35 10.80 60.34
N LEU A 354 -7.63 10.60 60.06
CA LEU A 354 -8.22 9.27 60.20
C LEU A 354 -7.71 8.37 59.09
N VAL A 355 -7.06 7.27 59.46
CA VAL A 355 -6.49 6.34 58.50
C VAL A 355 -7.24 5.03 58.56
N VAL A 356 -7.50 4.45 57.39
CA VAL A 356 -8.27 3.22 57.24
C VAL A 356 -7.59 2.39 56.17
N GLY A 357 -7.51 1.08 56.38
CA GLY A 357 -6.82 0.19 55.47
C GLY A 357 -7.77 -0.82 54.85
N GLY A 358 -7.45 -1.26 53.64
CA GLY A 358 -8.24 -2.27 52.97
C GLY A 358 -7.36 -3.19 52.16
N ARG A 359 -7.95 -4.27 51.69
CA ARG A 359 -7.26 -5.24 50.86
C ARG A 359 -8.00 -5.37 49.54
N TYR A 360 -7.25 -5.59 48.46
CA TYR A 360 -7.83 -5.66 47.13
C TYR A 360 -6.98 -6.56 46.26
N GLY A 361 -7.60 -7.06 45.20
CA GLY A 361 -6.88 -7.62 44.06
C GLY A 361 -5.97 -8.80 44.37
N LEU A 362 -6.28 -9.59 45.38
CA LEU A 362 -5.46 -10.77 45.68
C LEU A 362 -5.60 -11.77 44.55
N GLY A 363 -4.48 -12.29 44.09
CA GLY A 363 -4.49 -13.25 43.00
C GLY A 363 -5.13 -12.72 41.73
N SER A 364 -4.82 -11.48 41.37
CA SER A 364 -5.39 -10.83 40.18
C SER A 364 -6.89 -10.62 40.26
N LYS A 365 -7.43 -10.44 41.46
CA LYS A 365 -8.83 -10.06 41.56
C LYS A 365 -9.04 -8.71 40.88
N GLU A 366 -10.16 -8.59 40.17
CA GLU A 366 -10.45 -7.37 39.44
C GLU A 366 -10.52 -6.18 40.40
N PHE A 367 -9.99 -5.04 39.95
CA PHE A 367 -10.04 -3.80 40.73
C PHE A 367 -10.33 -2.68 39.73
N ASN A 368 -11.60 -2.31 39.60
CA ASN A 368 -12.05 -1.36 38.61
C ASN A 368 -12.54 -0.05 39.25
N PRO A 369 -12.76 1.00 38.45
CA PRO A 369 -13.18 2.29 39.02
C PRO A 369 -14.42 2.25 39.89
N SER A 370 -15.38 1.35 39.63
CA SER A 370 -16.53 1.25 40.51
C SER A 370 -16.09 0.92 41.94
N MET A 371 -15.06 0.08 42.07
CA MET A 371 -14.53 -0.23 43.39
C MET A 371 -13.80 0.96 43.98
N VAL A 372 -13.08 1.72 43.16
CA VAL A 372 -12.34 2.87 43.65
C VAL A 372 -13.30 3.88 44.27
N LYS A 373 -14.44 4.11 43.63
CA LYS A 373 -15.42 5.01 44.21
C LYS A 373 -15.96 4.46 45.52
N ALA A 374 -16.11 3.13 45.60
CA ALA A 374 -16.56 2.51 46.84
C ALA A 374 -15.56 2.78 47.98
N VAL A 375 -14.27 2.76 47.68
CA VAL A 375 -13.28 3.12 48.68
C VAL A 375 -13.43 4.58 49.06
N PHE A 376 -13.64 5.45 48.07
CA PHE A 376 -13.84 6.87 48.35
C PHE A 376 -15.14 7.11 49.08
N ASP A 377 -16.20 6.37 48.72
CA ASP A 377 -17.47 6.55 49.42
C ASP A 377 -17.37 6.13 50.88
N ASN A 378 -16.55 5.11 51.17
CA ASN A 378 -16.35 4.68 52.55
C ASN A 378 -15.70 5.76 53.39
N LEU A 379 -14.81 6.55 52.80
CA LEU A 379 -14.23 7.69 53.49
C LEU A 379 -15.25 8.79 53.75
N ALA A 380 -16.32 8.85 52.96
CA ALA A 380 -17.35 9.88 53.12
C ALA A 380 -18.43 9.49 54.12
N ALA A 381 -18.44 8.24 54.59
CA ALA A 381 -19.42 7.82 55.57
C ALA A 381 -19.14 8.47 56.92
N THR A 382 -20.16 8.44 57.80
CA THR A 382 -19.98 9.01 59.13
C THR A 382 -18.90 8.26 59.91
N THR A 383 -18.91 6.94 59.85
CA THR A 383 -17.87 6.10 60.47
C THR A 383 -17.29 5.16 59.43
N PRO A 384 -16.15 5.49 58.83
CA PRO A 384 -15.58 4.62 57.78
C PRO A 384 -15.22 3.24 58.29
N LYS A 385 -15.60 2.23 57.52
CA LYS A 385 -15.25 0.85 57.87
C LYS A 385 -13.76 0.64 57.64
N ASN A 386 -13.10 0.06 58.65
CA ASN A 386 -11.68 -0.22 58.62
C ASN A 386 -11.43 -1.70 58.43
N LYS A 387 -10.21 -2.03 58.00
CA LYS A 387 -9.80 -3.41 57.75
C LYS A 387 -10.77 -4.11 56.79
N PHE A 388 -11.05 -3.43 55.68
CA PHE A 388 -12.09 -3.83 54.75
C PHE A 388 -11.50 -4.60 53.57
N THR A 389 -12.38 -5.10 52.71
CA THR A 389 -11.99 -5.74 51.46
C THR A 389 -12.82 -5.14 50.33
N VAL A 390 -12.27 -5.12 49.12
CA VAL A 390 -12.96 -4.57 47.96
C VAL A 390 -12.80 -5.52 46.78
N GLY A 391 -13.91 -5.84 46.13
CA GLY A 391 -13.90 -6.75 44.99
C GLY A 391 -14.50 -8.10 45.27
N ILE A 392 -14.89 -8.38 46.51
CA ILE A 392 -15.52 -9.64 46.88
C ILE A 392 -16.74 -9.33 47.72
N THR A 393 -17.54 -10.36 47.98
CA THR A 393 -18.70 -10.25 48.87
C THR A 393 -18.39 -11.13 50.08
N ASP A 394 -17.95 -10.50 51.16
CA ASP A 394 -17.59 -11.22 52.38
C ASP A 394 -18.81 -11.21 53.27
N ASP A 395 -19.64 -12.24 53.13
CA ASP A 395 -20.85 -12.40 53.92
C ASP A 395 -20.62 -13.16 55.21
N VAL A 396 -19.36 -13.46 55.55
CA VAL A 396 -19.03 -14.19 56.76
C VAL A 396 -18.53 -13.22 57.82
N THR A 397 -17.49 -12.47 57.50
CA THR A 397 -16.91 -11.50 58.43
C THR A 397 -17.27 -10.06 58.12
N HIS A 398 -18.00 -9.82 57.04
CA HIS A 398 -18.60 -8.52 56.74
C HIS A 398 -17.53 -7.42 56.63
N THR A 399 -16.43 -7.73 55.96
CA THR A 399 -15.39 -6.75 55.70
C THR A 399 -15.48 -6.11 54.32
N SER A 400 -16.27 -6.66 53.42
CA SER A 400 -16.30 -6.15 52.05
C SER A 400 -17.07 -4.85 51.99
N LEU A 401 -16.62 -3.95 51.13
CA LEU A 401 -17.35 -2.73 50.87
C LEU A 401 -18.41 -2.97 49.82
N GLU A 402 -19.52 -2.25 49.94
CA GLU A 402 -20.63 -2.42 49.02
C GLU A 402 -20.36 -1.62 47.76
N ILE A 403 -20.36 -2.30 46.61
CA ILE A 403 -20.22 -1.62 45.32
C ILE A 403 -21.61 -1.09 44.96
N LYS A 404 -21.87 0.17 45.28
CA LYS A 404 -23.21 0.72 45.16
C LYS A 404 -23.63 0.87 43.70
N GLU A 405 -22.88 1.65 42.93
CA GLU A 405 -23.23 1.95 41.56
C GLU A 405 -22.03 1.69 40.65
N HIS A 406 -22.32 1.54 39.37
CA HIS A 406 -21.30 1.33 38.35
C HIS A 406 -21.07 2.62 37.56
N ILE A 407 -19.83 3.08 37.52
CA ILE A 407 -19.46 4.33 36.84
C ILE A 407 -18.50 4.01 35.70
N ASP A 408 -18.52 4.87 34.69
CA ASP A 408 -17.66 4.74 33.51
C ASP A 408 -16.71 5.94 33.49
N THR A 409 -15.47 5.68 33.88
CA THR A 409 -14.43 6.69 33.97
C THR A 409 -13.46 6.65 32.80
N SER A 410 -13.74 5.85 31.78
CA SER A 410 -12.84 5.77 30.65
C SER A 410 -12.82 7.11 29.92
N PRO A 411 -11.63 7.60 29.55
CA PRO A 411 -11.57 8.88 28.83
C PRO A 411 -12.30 8.81 27.50
N LYS A 412 -12.96 9.91 27.15
CA LYS A 412 -13.72 9.97 25.90
C LYS A 412 -12.79 9.80 24.72
N GLY A 413 -13.25 9.05 23.72
CA GLY A 413 -12.44 8.76 22.55
C GLY A 413 -11.66 7.47 22.60
N THR A 414 -11.80 6.69 23.66
CA THR A 414 -11.10 5.42 23.79
C THR A 414 -11.95 4.29 23.22
N PHE A 415 -11.39 3.53 22.29
CA PHE A 415 -12.06 2.38 21.70
C PHE A 415 -11.79 1.14 22.55
N ARG A 416 -12.80 0.28 22.69
CA ARG A 416 -12.69 -0.90 23.55
C ARG A 416 -13.27 -2.12 22.85
N CYS A 417 -12.49 -3.21 22.81
CA CYS A 417 -12.86 -4.42 22.08
C CYS A 417 -12.62 -5.64 22.95
N LYS A 418 -13.51 -6.62 22.85
CA LYS A 418 -13.32 -7.93 23.45
C LYS A 418 -13.36 -9.02 22.38
N PHE A 419 -12.44 -9.99 22.49
CA PHE A 419 -12.33 -11.08 21.52
C PHE A 419 -12.41 -12.42 22.24
N PHE A 420 -13.49 -13.17 22.00
CA PHE A 420 -13.66 -14.52 22.52
C PHE A 420 -13.07 -15.52 21.53
N GLY A 421 -11.98 -16.19 21.93
CA GLY A 421 -11.29 -17.13 21.09
C GLY A 421 -11.20 -18.53 21.69
N LEU A 422 -10.70 -19.46 20.88
CA LEU A 422 -10.42 -20.83 21.28
C LEU A 422 -8.92 -20.99 21.50
N GLY A 423 -8.57 -21.98 22.31
CA GLY A 423 -7.17 -22.27 22.59
C GLY A 423 -6.35 -22.49 21.33
N SER A 424 -5.34 -21.64 21.13
CA SER A 424 -4.37 -21.78 20.04
C SER A 424 -5.01 -21.73 18.65
N ASP A 425 -6.07 -20.95 18.49
CA ASP A 425 -6.68 -20.75 17.18
C ASP A 425 -6.14 -19.50 16.47
N GLY A 426 -5.19 -18.80 17.09
CA GLY A 426 -4.59 -17.62 16.51
C GLY A 426 -5.18 -16.29 16.95
N THR A 427 -6.25 -16.29 17.73
CA THR A 427 -6.91 -15.05 18.11
C THR A 427 -5.99 -14.15 18.92
N VAL A 428 -5.39 -14.68 19.98
CA VAL A 428 -4.52 -13.88 20.83
C VAL A 428 -3.34 -13.34 20.03
N GLY A 429 -2.72 -14.20 19.23
CA GLY A 429 -1.59 -13.77 18.42
C GLY A 429 -1.98 -12.68 17.43
N ALA A 430 -3.17 -12.80 16.84
CA ALA A 430 -3.63 -11.79 15.91
C ALA A 430 -3.85 -10.45 16.61
N ASN A 431 -4.46 -10.47 17.79
CA ASN A 431 -4.69 -9.22 18.51
C ASN A 431 -3.37 -8.55 18.89
N LYS A 432 -2.37 -9.34 19.27
CA LYS A 432 -1.05 -8.78 19.53
C LYS A 432 -0.50 -8.10 18.28
N ASN A 433 -0.71 -8.72 17.11
CA ASN A 433 -0.27 -8.13 15.87
C ASN A 433 -1.07 -6.87 15.54
N SER A 434 -2.36 -6.86 15.86
CA SER A 434 -3.18 -5.68 15.60
C SER A 434 -2.77 -4.50 16.48
N ILE A 435 -2.37 -4.78 17.72
CA ILE A 435 -1.91 -3.71 18.60
C ILE A 435 -0.61 -3.11 18.06
N LYS A 436 0.31 -3.96 17.59
CA LYS A 436 1.56 -3.48 17.02
C LYS A 436 1.30 -2.66 15.77
N ILE A 437 0.31 -3.05 14.97
CA ILE A 437 -0.02 -2.29 13.77
C ILE A 437 -0.46 -0.88 14.12
N ILE A 438 -1.44 -0.76 15.01
CA ILE A 438 -1.98 0.56 15.34
C ILE A 438 -0.94 1.41 16.06
N GLY A 439 -0.17 0.80 16.96
CA GLY A 439 0.78 1.59 17.73
C GLY A 439 1.90 2.14 16.86
N ASP A 440 2.33 1.36 15.86
CA ASP A 440 3.42 1.76 14.99
C ASP A 440 3.00 2.75 13.92
N HIS A 441 1.71 2.80 13.57
CA HIS A 441 1.27 3.60 12.43
C HIS A 441 0.28 4.71 12.77
N THR A 442 -0.12 4.87 14.03
CA THR A 442 -0.99 5.96 14.42
C THR A 442 -0.44 6.66 15.66
N ASP A 443 -1.04 7.81 15.96
CA ASP A 443 -0.72 8.55 17.18
C ASP A 443 -1.45 8.02 18.41
N MET A 444 -2.22 6.95 18.25
CA MET A 444 -3.04 6.44 19.33
C MET A 444 -2.22 5.56 20.25
N TYR A 445 -2.52 5.66 21.55
CA TYR A 445 -2.01 4.68 22.49
C TYR A 445 -2.79 3.38 22.35
N ALA A 446 -2.11 2.27 22.61
CA ALA A 446 -2.72 0.95 22.44
C ALA A 446 -2.41 0.09 23.65
N GLN A 447 -3.40 -0.72 24.04
CA GLN A 447 -3.28 -1.58 25.21
C GLN A 447 -3.89 -2.93 24.91
N GLY A 448 -3.25 -3.99 25.38
CA GLY A 448 -3.78 -5.33 25.22
C GLY A 448 -3.58 -6.18 26.46
N TYR A 449 -4.65 -6.84 26.91
CA TYR A 449 -4.62 -7.73 28.06
C TYR A 449 -5.39 -8.99 27.72
N PHE A 450 -4.89 -10.15 28.14
CA PHE A 450 -5.40 -11.43 27.67
C PHE A 450 -5.73 -12.35 28.84
N VAL A 451 -6.98 -12.82 28.87
CA VAL A 451 -7.49 -13.73 29.90
C VAL A 451 -7.42 -15.16 29.35
N TYR A 452 -6.72 -16.03 30.06
CA TYR A 452 -6.54 -17.41 29.62
C TYR A 452 -7.35 -18.33 30.53
N ASP A 453 -7.42 -19.60 30.13
CA ASP A 453 -8.17 -20.62 30.85
C ASP A 453 -7.22 -21.63 31.48
N SER A 454 -7.72 -22.32 32.51
CA SER A 454 -6.94 -23.38 33.15
C SER A 454 -6.90 -24.62 32.27
N LYS A 455 -7.90 -24.83 31.44
CA LYS A 455 -7.89 -25.94 30.50
C LYS A 455 -6.84 -25.68 29.43
N LYS A 456 -5.97 -26.68 29.20
CA LYS A 456 -4.84 -26.47 28.30
C LYS A 456 -5.22 -26.54 26.83
N SER A 457 -6.27 -27.28 26.48
CA SER A 457 -6.68 -27.42 25.09
C SER A 457 -8.19 -27.21 25.00
N GLY A 458 -8.60 -26.35 24.07
CA GLY A 458 -9.99 -26.04 23.91
C GLY A 458 -10.51 -25.02 24.90
N GLY A 459 -9.61 -24.28 25.57
CA GLY A 459 -10.04 -23.30 26.55
C GLY A 459 -10.51 -22.02 25.91
N VAL A 460 -11.17 -21.20 26.72
CA VAL A 460 -11.70 -19.93 26.25
C VAL A 460 -10.66 -18.85 26.54
N THR A 461 -10.40 -18.00 25.55
CA THR A 461 -9.51 -16.86 25.71
C THR A 461 -10.29 -15.59 25.42
N ILE A 462 -10.12 -14.58 26.27
CA ILE A 462 -10.83 -13.31 26.13
C ILE A 462 -9.79 -12.22 26.06
N SER A 463 -9.69 -11.56 24.91
CA SER A 463 -8.74 -10.48 24.72
C SER A 463 -9.44 -9.15 24.98
N HIS A 464 -8.74 -8.25 25.68
CA HIS A 464 -9.24 -6.92 25.99
C HIS A 464 -8.29 -5.89 25.37
N LEU A 465 -8.76 -5.17 24.35
CA LEU A 465 -7.94 -4.20 23.65
C LEU A 465 -8.54 -2.80 23.79
N ARG A 466 -7.66 -1.81 23.89
CA ARG A 466 -8.06 -0.41 23.99
C ARG A 466 -7.15 0.46 23.14
N PHE A 467 -7.75 1.43 22.44
CA PHE A 467 -7.00 2.45 21.71
C PHE A 467 -7.60 3.82 21.93
N GLY A 468 -6.74 4.83 22.12
CA GLY A 468 -7.22 6.17 22.33
C GLY A 468 -6.16 7.23 22.09
N LYS A 469 -6.62 8.47 21.97
CA LYS A 469 -5.75 9.62 21.79
C LYS A 469 -5.08 10.06 23.09
N GLN A 470 -5.57 9.59 24.23
CA GLN A 470 -5.02 9.91 25.53
C GLN A 470 -4.36 8.67 26.12
N PRO A 471 -3.39 8.85 27.03
CA PRO A 471 -2.76 7.69 27.65
C PRO A 471 -3.79 6.76 28.30
N ILE A 472 -3.56 5.47 28.17
CA ILE A 472 -4.51 4.44 28.64
C ILE A 472 -4.12 4.03 30.05
N GLN A 473 -4.88 4.50 31.04
CA GLN A 473 -4.66 4.13 32.42
C GLN A 473 -5.62 3.06 32.92
N SER A 474 -6.39 2.45 32.02
CA SER A 474 -7.43 1.50 32.40
C SER A 474 -6.80 0.12 32.58
N ALA A 475 -6.18 -0.06 33.74
CA ALA A 475 -5.56 -1.34 34.10
C ALA A 475 -6.59 -2.28 34.72
N TYR A 476 -7.66 -2.52 33.97
CA TYR A 476 -8.74 -3.41 34.39
C TYR A 476 -9.46 -3.93 33.15
N LEU A 477 -10.24 -4.99 33.35
CA LEU A 477 -10.93 -5.61 32.23
C LEU A 477 -11.97 -4.66 31.66
N ILE A 478 -12.31 -4.89 30.39
CA ILE A 478 -13.18 -3.94 29.68
C ILE A 478 -14.60 -4.05 30.23
N ASP A 479 -15.16 -2.91 30.62
CA ASP A 479 -16.51 -2.89 31.16
C ASP A 479 -17.56 -2.63 30.07
N GLN A 480 -17.39 -1.56 29.30
CA GLN A 480 -18.32 -1.20 28.22
C GLN A 480 -17.54 -1.23 26.92
N ALA A 481 -17.83 -2.23 26.08
CA ALA A 481 -17.12 -2.46 24.83
C ALA A 481 -17.82 -1.83 23.64
N ASP A 482 -17.05 -1.17 22.78
CA ASP A 482 -17.56 -0.67 21.52
C ASP A 482 -17.70 -1.77 20.46
N LEU A 483 -16.90 -2.83 20.57
CA LEU A 483 -16.95 -3.93 19.63
C LEU A 483 -16.70 -5.24 20.37
N ILE A 484 -17.46 -6.27 20.03
CA ILE A 484 -17.29 -7.60 20.59
C ILE A 484 -17.22 -8.61 19.45
N ALA A 485 -16.17 -9.42 19.45
CA ALA A 485 -15.96 -10.44 18.41
C ALA A 485 -15.93 -11.81 19.05
N CYS A 486 -16.62 -12.76 18.43
CA CYS A 486 -16.68 -14.16 18.88
C CYS A 486 -16.13 -15.06 17.79
N HIS A 487 -14.94 -15.63 18.01
CA HIS A 487 -14.28 -16.44 17.01
C HIS A 487 -14.66 -17.92 17.09
N ASN A 488 -15.60 -18.28 17.97
CA ASN A 488 -16.03 -19.66 18.07
C ASN A 488 -17.55 -19.67 18.23
N PRO A 489 -18.29 -20.16 17.24
CA PRO A 489 -19.76 -20.15 17.36
C PRO A 489 -20.29 -20.99 18.49
N SER A 490 -19.50 -21.93 19.02
CA SER A 490 -19.96 -22.73 20.16
C SER A 490 -20.18 -21.88 21.40
N TYR A 491 -19.49 -20.75 21.51
CA TYR A 491 -19.70 -19.87 22.66
C TYR A 491 -21.07 -19.20 22.61
N VAL A 492 -21.69 -19.15 21.45
CA VAL A 492 -23.00 -18.52 21.31
C VAL A 492 -24.00 -19.33 22.12
N GLY A 493 -24.63 -18.68 23.10
CA GLY A 493 -25.55 -19.34 24.01
C GLY A 493 -24.90 -19.95 25.23
N ARG A 494 -23.56 -19.94 25.31
CA ARG A 494 -22.83 -20.54 26.43
C ARG A 494 -22.28 -19.49 27.38
N TYR A 495 -21.73 -18.39 26.89
CA TYR A 495 -21.20 -17.33 27.73
C TYR A 495 -21.93 -16.03 27.38
N ASN A 496 -21.95 -15.11 28.34
CA ASN A 496 -22.61 -13.81 28.16
C ASN A 496 -21.69 -12.91 27.34
N LEU A 497 -21.71 -13.13 26.02
CA LEU A 497 -20.78 -12.45 25.13
C LEU A 497 -21.04 -10.95 25.08
N LEU A 498 -22.29 -10.55 24.84
CA LEU A 498 -22.68 -9.16 24.64
C LEU A 498 -22.82 -8.37 25.95
N GLU A 499 -22.17 -8.79 27.03
CA GLU A 499 -22.35 -8.11 28.30
C GLU A 499 -21.70 -6.73 28.27
N GLY A 500 -22.47 -5.72 28.64
CA GLY A 500 -21.96 -4.37 28.78
C GLY A 500 -21.64 -3.68 27.48
N ILE A 501 -22.03 -4.25 26.34
CA ILE A 501 -21.74 -3.63 25.05
C ILE A 501 -22.50 -2.32 24.93
N LYS A 502 -21.85 -1.31 24.35
CA LYS A 502 -22.42 0.01 24.22
C LYS A 502 -23.57 0.01 23.21
N PRO A 503 -24.56 0.88 23.39
CA PRO A 503 -25.62 1.00 22.39
C PRO A 503 -25.05 1.42 21.04
N GLY A 504 -25.48 0.71 19.99
CA GLY A 504 -24.94 0.95 18.66
C GLY A 504 -23.60 0.29 18.40
N GLY A 505 -23.11 -0.52 19.32
CA GLY A 505 -21.83 -1.18 19.14
C GLY A 505 -21.85 -2.23 18.04
N ILE A 506 -20.71 -2.89 17.88
CA ILE A 506 -20.49 -3.87 16.83
C ILE A 506 -20.40 -5.25 17.45
N PHE A 507 -21.05 -6.23 16.82
CA PHE A 507 -20.93 -7.63 17.21
C PHE A 507 -20.51 -8.44 15.99
N LEU A 508 -19.30 -9.00 16.04
CA LEU A 508 -18.74 -9.78 14.95
C LEU A 508 -18.77 -11.25 15.34
N LEU A 509 -19.32 -12.10 14.47
CA LEU A 509 -19.50 -13.52 14.73
C LEU A 509 -18.89 -14.33 13.59
N ASN A 510 -18.23 -15.43 13.95
CA ASN A 510 -17.75 -16.41 12.98
C ASN A 510 -18.70 -17.59 13.04
N SER A 511 -19.44 -17.80 11.96
CA SER A 511 -20.39 -18.90 11.90
C SER A 511 -20.75 -19.18 10.45
N THR A 512 -21.34 -20.34 10.23
CA THR A 512 -21.85 -20.75 8.92
C THR A 512 -23.32 -20.42 8.75
N TRP A 513 -23.92 -19.73 9.72
CA TRP A 513 -25.36 -19.49 9.71
C TRP A 513 -25.71 -18.28 8.85
N SER A 514 -26.77 -18.43 8.06
CA SER A 514 -27.30 -17.36 7.23
C SER A 514 -28.21 -16.44 8.05
N ALA A 515 -28.65 -15.35 7.42
CA ALA A 515 -29.51 -14.38 8.11
C ALA A 515 -30.83 -15.01 8.53
N GLU A 516 -31.33 -15.97 7.77
CA GLU A 516 -32.60 -16.61 8.13
C GLU A 516 -32.41 -17.58 9.29
N GLU A 517 -31.29 -18.31 9.33
CA GLU A 517 -30.99 -19.21 10.43
C GLU A 517 -30.72 -18.44 11.72
N MET A 518 -30.51 -17.11 11.65
CA MET A 518 -30.28 -16.32 12.86
C MET A 518 -31.50 -16.37 13.77
N ASP A 519 -32.70 -16.50 13.21
CA ASP A 519 -33.90 -16.51 14.05
C ASP A 519 -33.92 -17.75 14.94
N SER A 520 -33.46 -18.89 14.42
CA SER A 520 -33.52 -20.16 15.12
C SER A 520 -32.25 -20.49 15.89
N ARG A 521 -31.11 -19.92 15.52
CA ARG A 521 -29.84 -20.25 16.16
C ARG A 521 -29.51 -19.35 17.35
N LEU A 522 -29.80 -18.08 17.24
CA LEU A 522 -29.43 -17.20 18.34
C LEU A 522 -30.48 -17.28 19.44
N PRO A 523 -30.06 -17.30 20.70
CA PRO A 523 -31.02 -17.30 21.81
C PRO A 523 -31.81 -16.00 21.88
N ALA A 524 -32.95 -16.06 22.57
CA ALA A 524 -33.85 -14.92 22.60
C ALA A 524 -33.24 -13.74 23.35
N ASP A 525 -32.57 -14.01 24.48
CA ASP A 525 -31.95 -12.93 25.24
C ASP A 525 -30.88 -12.22 24.42
N MET A 526 -30.14 -12.98 23.60
CA MET A 526 -29.14 -12.37 22.73
C MET A 526 -29.80 -11.55 21.63
N LYS A 527 -30.86 -12.07 21.03
CA LYS A 527 -31.59 -11.32 20.00
C LYS A 527 -32.23 -10.06 20.58
N ARG A 528 -32.69 -10.13 21.84
CA ARG A 528 -33.25 -8.94 22.46
C ARG A 528 -32.20 -7.85 22.63
N THR A 529 -31.01 -8.23 23.09
CA THR A 529 -29.93 -7.26 23.25
C THR A 529 -29.52 -6.66 21.91
N ILE A 530 -29.43 -7.50 20.87
CA ILE A 530 -29.02 -7.00 19.55
C ILE A 530 -30.00 -5.97 19.03
N ALA A 531 -31.30 -6.20 19.22
CA ALA A 531 -32.31 -5.31 18.66
C ALA A 531 -32.49 -4.06 19.52
N THR A 532 -32.61 -4.22 20.84
CA THR A 532 -32.85 -3.07 21.71
C THR A 532 -31.69 -2.09 21.67
N LYS A 533 -30.46 -2.60 21.68
CA LYS A 533 -29.27 -1.76 21.62
C LYS A 533 -28.90 -1.36 20.20
N LYS A 534 -29.64 -1.83 19.19
CA LYS A 534 -29.43 -1.46 17.79
C LYS A 534 -27.99 -1.72 17.34
N LEU A 535 -27.51 -2.92 17.62
CA LEU A 535 -26.14 -3.29 17.28
C LEU A 535 -25.99 -3.58 15.80
N LYS A 536 -24.81 -3.28 15.28
CA LYS A 536 -24.44 -3.62 13.90
C LYS A 536 -23.87 -5.03 13.91
N PHE A 537 -24.67 -6.00 13.47
CA PHE A 537 -24.34 -7.42 13.54
C PHE A 537 -23.73 -7.85 12.21
N TYR A 538 -22.47 -8.29 12.25
CA TYR A 538 -21.77 -8.80 11.09
C TYR A 538 -21.42 -10.27 11.31
N ASN A 539 -21.39 -11.03 10.22
CA ASN A 539 -21.09 -12.46 10.26
C ASN A 539 -20.10 -12.81 9.16
N ILE A 540 -19.34 -13.87 9.38
CA ILE A 540 -18.37 -14.35 8.40
C ILE A 540 -18.14 -15.84 8.62
N ASP A 541 -18.12 -16.60 7.53
CA ASP A 541 -17.81 -18.02 7.57
C ASP A 541 -16.31 -18.19 7.29
N ALA A 542 -15.50 -17.93 8.32
CA ALA A 542 -14.06 -18.04 8.15
C ALA A 542 -13.62 -19.47 7.89
N VAL A 543 -14.31 -20.46 8.47
CA VAL A 543 -13.92 -21.85 8.26
C VAL A 543 -14.13 -22.25 6.80
N LYS A 544 -15.22 -21.81 6.18
CA LYS A 544 -15.46 -22.11 4.78
C LYS A 544 -14.38 -21.47 3.91
N ILE A 545 -13.95 -20.26 4.25
CA ILE A 545 -12.93 -19.58 3.48
C ILE A 545 -11.60 -20.30 3.57
N ALA A 546 -11.21 -20.68 4.79
CA ALA A 546 -9.93 -21.36 4.99
C ALA A 546 -9.90 -22.71 4.30
N GLN A 547 -11.04 -23.40 4.24
CA GLN A 547 -11.11 -24.68 3.52
C GLN A 547 -10.91 -24.48 2.04
N GLU A 548 -11.60 -23.48 1.46
CA GLU A 548 -11.53 -23.26 0.02
C GLU A 548 -10.15 -22.76 -0.41
N ILE A 549 -9.50 -21.95 0.43
CA ILE A 549 -8.16 -21.45 0.09
C ILE A 549 -7.11 -22.53 0.28
N GLY A 550 -7.30 -23.44 1.22
CA GLY A 550 -6.31 -24.44 1.53
C GLY A 550 -5.55 -24.18 2.80
N LEU A 551 -6.01 -23.25 3.63
CA LEU A 551 -5.39 -22.95 4.92
C LEU A 551 -5.87 -23.89 6.01
N GLY A 552 -6.66 -24.90 5.68
CA GLY A 552 -7.20 -25.80 6.68
C GLY A 552 -8.31 -25.15 7.49
N SER A 553 -8.07 -25.02 8.80
CA SER A 553 -9.02 -24.38 9.70
C SER A 553 -8.44 -23.14 10.40
N ARG A 554 -7.24 -22.70 10.00
CA ARG A 554 -6.65 -21.49 10.57
C ARG A 554 -7.47 -20.27 10.15
N ILE A 555 -8.04 -19.58 11.12
CA ILE A 555 -8.88 -18.43 10.85
C ILE A 555 -8.33 -17.14 11.44
N ASN A 556 -7.09 -17.15 11.92
CA ASN A 556 -6.54 -15.97 12.59
C ASN A 556 -6.43 -14.80 11.63
N VAL A 557 -5.87 -15.03 10.45
CA VAL A 557 -5.73 -13.95 9.46
C VAL A 557 -7.11 -13.50 8.98
N ILE A 558 -8.04 -14.45 8.81
CA ILE A 558 -9.36 -14.11 8.28
C ILE A 558 -10.11 -13.22 9.25
N MET A 559 -10.12 -13.58 10.53
CA MET A 559 -10.89 -12.79 11.49
C MET A 559 -10.23 -11.44 11.76
N GLN A 560 -8.90 -11.37 11.69
CA GLN A 560 -8.22 -10.09 11.87
C GLN A 560 -8.60 -9.12 10.78
N THR A 561 -8.70 -9.60 9.54
CA THR A 561 -9.12 -8.74 8.44
C THR A 561 -10.54 -8.23 8.66
N ALA A 562 -11.43 -9.11 9.11
CA ALA A 562 -12.82 -8.71 9.37
C ALA A 562 -12.91 -7.64 10.44
N PHE A 563 -12.00 -7.68 11.43
CA PHE A 563 -12.02 -6.69 12.50
C PHE A 563 -11.73 -5.29 11.98
N PHE A 564 -10.61 -5.12 11.27
CA PHE A 564 -10.25 -3.80 10.77
C PHE A 564 -11.28 -3.26 9.77
N LYS A 565 -11.98 -4.15 9.07
CA LYS A 565 -12.96 -3.71 8.09
C LYS A 565 -14.12 -2.95 8.74
N ILE A 566 -14.49 -3.34 9.96
CA ILE A 566 -15.66 -2.76 10.60
C ILE A 566 -15.34 -1.87 11.80
N ALA A 567 -14.15 -2.00 12.40
CA ALA A 567 -13.86 -1.24 13.61
C ALA A 567 -13.77 0.26 13.37
N ASN A 568 -13.34 0.67 12.18
CA ASN A 568 -13.15 2.09 11.86
C ASN A 568 -12.17 2.76 12.82
N VAL A 569 -11.12 2.02 13.18
CA VAL A 569 -10.07 2.59 14.00
C VAL A 569 -9.05 3.32 13.12
N ILE A 570 -8.74 2.77 11.96
CA ILE A 570 -7.89 3.42 10.98
C ILE A 570 -8.56 3.29 9.61
N PRO A 571 -8.12 4.05 8.60
CA PRO A 571 -8.63 3.84 7.23
C PRO A 571 -8.53 2.39 6.80
N VAL A 572 -9.61 1.87 6.21
CA VAL A 572 -9.66 0.47 5.82
C VAL A 572 -8.56 0.11 4.84
N ASP A 573 -8.26 1.03 3.91
CA ASP A 573 -7.22 0.77 2.93
C ASP A 573 -5.84 0.67 3.56
N GLU A 574 -5.56 1.52 4.56
CA GLU A 574 -4.27 1.43 5.23
C GLU A 574 -4.15 0.13 6.02
N ALA A 575 -5.26 -0.33 6.60
CA ALA A 575 -5.23 -1.56 7.39
C ALA A 575 -4.89 -2.77 6.53
N ILE A 576 -5.45 -2.84 5.33
CA ILE A 576 -5.20 -3.97 4.44
C ILE A 576 -3.72 -4.05 4.08
N LYS A 577 -3.07 -2.89 3.88
CA LYS A 577 -1.64 -2.90 3.56
C LYS A 577 -0.82 -3.42 4.73
N TYR A 578 -1.11 -2.97 5.95
CA TYR A 578 -0.33 -3.41 7.09
C TYR A 578 -0.49 -4.89 7.36
N ILE A 579 -1.68 -5.43 7.08
CA ILE A 579 -1.90 -6.86 7.27
C ILE A 579 -1.04 -7.66 6.29
N LYS A 580 -1.12 -7.33 5.01
CA LYS A 580 -0.33 -8.06 4.02
C LYS A 580 1.16 -7.86 4.25
N ASP A 581 1.55 -6.66 4.68
CA ASP A 581 2.96 -6.42 5.01
C ASP A 581 3.40 -7.29 6.19
N SER A 582 2.52 -7.44 7.19
CA SER A 582 2.82 -8.32 8.31
C SER A 582 2.77 -9.79 7.90
N ILE A 583 1.99 -10.13 6.89
CA ILE A 583 1.96 -11.50 6.39
C ILE A 583 3.30 -11.89 5.82
N VAL A 584 3.95 -10.98 5.09
CA VAL A 584 5.29 -11.25 4.58
C VAL A 584 6.26 -11.46 5.73
N LYS A 585 6.13 -10.68 6.80
CA LYS A 585 7.02 -10.84 7.95
C LYS A 585 6.75 -12.16 8.67
N THR A 586 5.50 -12.64 8.65
CA THR A 586 5.15 -13.87 9.35
C THR A 586 5.32 -15.10 8.48
N TYR A 587 4.88 -15.05 7.23
CA TYR A 587 4.96 -16.19 6.33
C TYR A 587 6.00 -15.99 5.23
N GLY A 588 7.05 -15.22 5.52
CA GLY A 588 8.11 -15.00 4.56
C GLY A 588 9.05 -16.18 4.47
N LYS A 589 9.31 -16.81 5.61
CA LYS A 589 10.12 -18.02 5.62
C LYS A 589 9.35 -19.23 5.13
N LYS A 590 8.03 -19.15 5.05
CA LYS A 590 7.24 -20.23 4.49
C LYS A 590 7.36 -20.25 2.97
N GLY A 591 6.79 -21.28 2.36
CA GLY A 591 6.83 -21.42 0.93
C GLY A 591 6.05 -20.34 0.20
N ASP A 592 6.29 -20.25 -1.11
CA ASP A 592 5.58 -19.26 -1.92
C ASP A 592 4.09 -19.61 -2.04
N LYS A 593 3.76 -20.90 -1.97
CA LYS A 593 2.37 -21.30 -2.01
C LYS A 593 1.64 -20.89 -0.74
N ILE A 594 2.29 -21.03 0.42
CA ILE A 594 1.69 -20.61 1.69
C ILE A 594 1.52 -19.10 1.76
N LEU A 595 2.40 -18.34 1.10
CA LEU A 595 2.30 -16.89 1.18
C LEU A 595 1.04 -16.39 0.46
N ASN A 596 0.80 -16.87 -0.75
CA ASN A 596 -0.36 -16.44 -1.52
C ASN A 596 -1.68 -16.93 -0.93
N MET A 597 -1.64 -18.03 -0.16
CA MET A 597 -2.85 -18.49 0.50
C MET A 597 -3.31 -17.49 1.56
N ASN A 598 -2.38 -16.98 2.37
CA ASN A 598 -2.75 -16.00 3.37
C ASN A 598 -3.13 -14.66 2.74
N PHE A 599 -2.56 -14.33 1.58
CA PHE A 599 -3.03 -13.16 0.85
C PHE A 599 -4.47 -13.35 0.38
N ALA A 600 -4.81 -14.55 -0.10
CA ALA A 600 -6.18 -14.81 -0.53
C ALA A 600 -7.14 -14.77 0.65
N ALA A 601 -6.68 -15.12 1.85
CA ALA A 601 -7.52 -15.02 3.03
C ALA A 601 -7.98 -13.59 3.27
N VAL A 602 -7.07 -12.63 3.14
CA VAL A 602 -7.44 -11.23 3.30
C VAL A 602 -8.45 -10.81 2.23
N ASP A 603 -8.17 -11.16 0.97
CA ASP A 603 -9.04 -10.73 -0.12
C ASP A 603 -10.42 -11.35 -0.04
N ARG A 604 -10.49 -12.68 0.19
CA ARG A 604 -11.79 -13.34 0.26
C ARG A 604 -12.57 -12.92 1.50
N ALA A 605 -11.87 -12.56 2.59
CA ALA A 605 -12.57 -12.19 3.82
C ALA A 605 -13.34 -10.89 3.65
N LEU A 606 -12.75 -9.90 2.96
CA LEU A 606 -13.41 -8.61 2.81
C LEU A 606 -14.72 -8.72 2.06
N GLU A 607 -14.77 -9.57 1.03
CA GLU A 607 -15.99 -9.73 0.25
C GLU A 607 -16.99 -10.67 0.93
N ALA A 608 -16.54 -11.50 1.87
CA ALA A 608 -17.42 -12.46 2.50
C ALA A 608 -18.08 -11.93 3.77
N LEU A 609 -17.55 -10.84 4.34
CA LEU A 609 -18.15 -10.26 5.54
C LEU A 609 -19.50 -9.64 5.20
N GLU A 610 -20.57 -10.17 5.79
CA GLU A 610 -21.94 -9.76 5.48
C GLU A 610 -22.61 -9.23 6.75
N GLU A 611 -23.18 -8.03 6.66
CA GLU A 611 -23.95 -7.47 7.76
C GLU A 611 -25.34 -8.09 7.80
N ILE A 612 -25.78 -8.46 9.01
CA ILE A 612 -27.06 -9.12 9.22
C ILE A 612 -28.09 -8.06 9.58
N LYS A 613 -29.05 -7.83 8.68
CA LYS A 613 -30.16 -6.91 8.93
C LYS A 613 -31.30 -7.69 9.58
N TYR A 614 -31.44 -7.53 10.90
CA TYR A 614 -32.41 -8.26 11.70
C TYR A 614 -33.71 -7.47 11.82
N PRO A 615 -34.85 -8.16 11.92
CA PRO A 615 -36.12 -7.47 12.10
C PRO A 615 -36.19 -6.82 13.48
N ALA A 616 -36.91 -5.71 13.55
CA ALA A 616 -37.07 -5.02 14.83
C ALA A 616 -37.84 -5.87 15.84
N SER A 617 -38.58 -6.88 15.37
CA SER A 617 -39.33 -7.77 16.24
C SER A 617 -38.44 -8.67 17.09
N TRP A 618 -37.13 -8.66 16.86
CA TRP A 618 -36.21 -9.45 17.68
C TRP A 618 -36.18 -8.98 19.13
N ALA A 619 -36.49 -7.69 19.37
CA ALA A 619 -36.49 -7.17 20.73
C ALA A 619 -37.54 -7.82 21.62
N ASP A 620 -38.60 -8.35 21.03
CA ASP A 620 -39.69 -8.97 21.77
C ASP A 620 -39.58 -10.49 21.86
N ALA A 621 -38.52 -11.09 21.35
CA ALA A 621 -38.37 -12.54 21.38
C ALA A 621 -38.38 -13.05 22.81
N VAL A 622 -38.93 -14.26 22.98
CA VAL A 622 -39.17 -14.86 24.29
C VAL A 622 -38.33 -16.11 24.43
N ASP A 623 -37.75 -16.31 25.60
CA ASP A 623 -36.91 -17.48 25.83
C ASP A 623 -37.74 -18.76 25.68
N GLU A 624 -37.07 -19.84 25.29
CA GLU A 624 -37.75 -21.13 25.22
C GLU A 624 -37.82 -21.77 26.60
N ALA A 625 -38.84 -22.61 26.79
CA ALA A 625 -39.05 -23.27 28.07
C ALA A 625 -37.84 -24.11 28.44
N ALA A 626 -37.27 -23.84 29.61
CA ALA A 626 -36.09 -24.59 30.06
C ALA A 626 -36.49 -26.00 30.46
N ALA A 627 -35.62 -26.96 30.14
CA ALA A 627 -35.90 -28.35 30.47
C ALA A 627 -35.82 -28.56 31.99
N THR A 628 -36.34 -29.71 32.43
CA THR A 628 -36.31 -30.08 33.83
C THR A 628 -34.85 -30.33 34.24
N VAL A 629 -34.30 -29.44 35.06
CA VAL A 629 -32.90 -29.55 35.45
C VAL A 629 -32.68 -30.80 36.29
N THR A 630 -31.54 -31.44 36.08
CA THR A 630 -31.21 -32.66 36.82
C THR A 630 -30.70 -32.32 38.21
N GLU A 631 -31.03 -33.17 39.17
CA GLU A 631 -30.60 -32.98 40.55
C GLU A 631 -29.09 -33.27 40.62
N GLU A 632 -28.29 -32.22 40.69
CA GLU A 632 -26.85 -32.32 40.79
C GLU A 632 -26.40 -32.07 42.22
N PRO A 633 -25.22 -32.56 42.61
CA PRO A 633 -24.72 -32.30 43.96
C PRO A 633 -24.61 -30.82 44.25
N GLU A 634 -24.64 -30.48 45.55
CA GLU A 634 -24.60 -29.08 45.93
C GLU A 634 -23.32 -28.40 45.46
N PHE A 635 -22.18 -29.10 45.54
CA PHE A 635 -20.92 -28.53 45.07
C PHE A 635 -20.96 -28.25 43.58
N ILE A 636 -21.43 -29.22 42.80
CA ILE A 636 -21.56 -29.00 41.35
C ILE A 636 -22.54 -27.88 41.06
N GLN A 637 -23.67 -27.86 41.77
CA GLN A 637 -24.71 -26.88 41.50
C GLN A 637 -24.30 -25.48 41.94
N LYS A 638 -23.65 -25.35 43.09
CA LYS A 638 -23.36 -24.04 43.66
C LYS A 638 -21.96 -23.52 43.35
N VAL A 639 -21.02 -24.38 42.95
CA VAL A 639 -19.62 -23.97 42.80
C VAL A 639 -19.10 -24.19 41.38
N LEU A 640 -19.12 -25.44 40.91
CA LEU A 640 -18.47 -25.76 39.63
C LEU A 640 -19.18 -25.09 38.46
N ARG A 641 -20.52 -25.19 38.41
CA ARG A 641 -21.25 -24.58 37.30
C ARG A 641 -21.04 -23.08 37.20
N PRO A 642 -21.20 -22.28 38.26
CA PRO A 642 -20.94 -20.84 38.12
C PRO A 642 -19.50 -20.49 37.74
N ILE A 643 -18.52 -21.27 38.20
CA ILE A 643 -17.13 -20.99 37.85
C ILE A 643 -16.90 -21.24 36.37
N ASN A 644 -17.39 -22.38 35.86
CA ASN A 644 -17.26 -22.69 34.44
C ASN A 644 -18.11 -21.76 33.57
N ALA A 645 -19.16 -21.16 34.13
CA ALA A 645 -19.96 -20.17 33.43
C ALA A 645 -19.34 -18.77 33.48
N LEU A 646 -18.07 -18.67 33.91
CA LEU A 646 -17.35 -17.40 34.00
C LEU A 646 -18.02 -16.42 34.96
N LYS A 647 -18.55 -16.95 36.07
CA LYS A 647 -19.20 -16.13 37.09
C LYS A 647 -18.62 -16.37 38.49
N GLY A 648 -17.38 -16.87 38.57
CA GLY A 648 -16.79 -17.18 39.85
C GLY A 648 -16.60 -15.98 40.75
N ASP A 649 -16.43 -14.79 40.16
CA ASP A 649 -16.25 -13.59 40.96
C ASP A 649 -17.50 -13.25 41.78
N GLU A 650 -18.66 -13.77 41.41
CA GLU A 650 -19.89 -13.51 42.16
C GLU A 650 -20.07 -14.42 43.38
N LEU A 651 -19.26 -15.47 43.52
CA LEU A 651 -19.43 -16.39 44.64
C LEU A 651 -18.92 -15.73 45.92
N PRO A 652 -19.74 -15.67 46.98
CA PRO A 652 -19.31 -15.04 48.23
C PRO A 652 -18.36 -15.93 49.01
N VAL A 653 -17.86 -15.39 50.13
CA VAL A 653 -16.86 -16.09 50.93
C VAL A 653 -17.44 -17.36 51.54
N SER A 654 -18.72 -17.35 51.88
CA SER A 654 -19.39 -18.48 52.51
C SER A 654 -19.46 -19.69 51.58
N THR A 655 -19.02 -19.53 50.34
CA THR A 655 -19.06 -20.64 49.39
C THR A 655 -17.96 -21.65 49.63
N PHE A 656 -16.83 -21.22 50.17
CA PHE A 656 -15.61 -22.02 50.12
C PHE A 656 -15.24 -22.55 51.51
N THR A 657 -14.53 -23.68 51.51
CA THR A 657 -13.99 -24.23 52.75
C THR A 657 -12.86 -23.32 53.25
N PRO A 658 -12.65 -23.26 54.57
CA PRO A 658 -11.60 -22.39 55.10
C PRO A 658 -10.20 -22.92 54.89
N ASP A 659 -10.02 -24.15 54.40
CA ASP A 659 -8.70 -24.74 54.26
C ASP A 659 -8.38 -25.18 52.83
N GLY A 660 -9.19 -24.80 51.85
CA GLY A 660 -8.87 -25.14 50.48
C GLY A 660 -8.97 -26.63 50.16
N VAL A 661 -9.90 -27.33 50.78
CA VAL A 661 -10.13 -28.75 50.53
C VAL A 661 -11.30 -28.89 49.55
N PHE A 662 -11.12 -29.73 48.53
CA PHE A 662 -12.11 -29.91 47.48
C PHE A 662 -12.51 -31.38 47.37
N PRO A 663 -13.72 -31.66 46.90
CA PRO A 663 -14.14 -33.05 46.68
C PRO A 663 -13.46 -33.65 45.47
N VAL A 664 -13.55 -34.97 45.37
CA VAL A 664 -12.93 -35.72 44.28
C VAL A 664 -13.99 -36.12 43.27
N GLY A 665 -13.53 -36.52 42.09
CA GLY A 665 -14.40 -37.00 41.03
C GLY A 665 -15.39 -35.97 40.52
N THR A 666 -14.91 -34.78 40.18
CA THR A 666 -15.77 -33.71 39.70
C THR A 666 -15.59 -33.41 38.22
N THR A 667 -14.53 -33.93 37.58
CA THR A 667 -14.33 -33.69 36.16
C THR A 667 -15.33 -34.46 35.30
N LYS A 668 -15.95 -35.51 35.84
CA LYS A 668 -16.97 -36.24 35.10
C LYS A 668 -18.23 -35.41 34.85
N TYR A 669 -18.36 -34.26 35.52
CA TYR A 669 -19.47 -33.34 35.31
C TYR A 669 -19.17 -32.27 34.27
N GLU A 670 -17.96 -32.24 33.70
CA GLU A 670 -17.60 -31.19 32.76
C GLU A 670 -18.20 -31.45 31.38
N LYS A 671 -17.85 -32.58 30.75
CA LYS A 671 -18.35 -32.97 29.44
C LYS A 671 -18.20 -31.82 28.45
N ARG A 672 -16.95 -31.40 28.24
CA ARG A 672 -16.67 -30.22 27.44
C ARG A 672 -17.03 -30.43 25.97
N GLY A 673 -16.76 -31.63 25.44
CA GLY A 673 -17.08 -31.95 24.05
C GLY A 673 -16.34 -31.08 23.06
N ILE A 674 -15.01 -31.06 23.15
CA ILE A 674 -14.18 -30.20 22.34
C ILE A 674 -13.51 -30.93 21.18
N ALA A 675 -13.77 -32.23 21.03
CA ALA A 675 -13.07 -33.03 20.03
C ALA A 675 -13.62 -32.76 18.64
N VAL A 676 -12.72 -32.72 17.66
CA VAL A 676 -13.15 -32.65 16.27
C VAL A 676 -13.50 -34.03 15.73
N ASN A 677 -12.74 -35.05 16.10
CA ASN A 677 -13.01 -36.43 15.70
C ASN A 677 -13.01 -37.34 16.92
N ILE A 678 -13.83 -38.39 16.86
CA ILE A 678 -13.93 -39.37 17.94
C ILE A 678 -13.76 -40.78 17.36
N PRO A 679 -13.17 -41.72 18.09
CA PRO A 679 -13.01 -43.08 17.55
C PRO A 679 -14.34 -43.81 17.46
N GLN A 680 -14.56 -44.46 16.32
CA GLN A 680 -15.70 -45.35 16.12
C GLN A 680 -15.19 -46.78 16.12
N TRP A 681 -15.81 -47.63 16.94
CA TRP A 681 -15.31 -48.98 17.17
C TRP A 681 -15.91 -49.95 16.15
N GLN A 682 -15.04 -50.77 15.55
CA GLN A 682 -15.46 -51.79 14.59
C GLN A 682 -15.43 -53.13 15.32
N PRO A 683 -16.58 -53.66 15.75
CA PRO A 683 -16.56 -54.86 16.60
C PRO A 683 -15.92 -56.09 15.96
N GLU A 684 -15.96 -56.19 14.63
CA GLU A 684 -15.46 -57.38 13.96
C GLU A 684 -13.93 -57.41 13.84
N ASN A 685 -13.27 -56.26 13.90
CA ASN A 685 -11.81 -56.19 13.80
C ASN A 685 -11.13 -56.19 15.16
N CYS A 686 -11.89 -56.16 16.24
CA CYS A 686 -11.33 -55.97 17.57
C CYS A 686 -10.90 -57.31 18.15
N ILE A 687 -9.66 -57.36 18.64
CA ILE A 687 -9.11 -58.57 19.27
C ILE A 687 -9.25 -58.56 20.78
N GLN A 688 -9.90 -57.54 21.35
CA GLN A 688 -10.13 -57.42 22.79
C GLN A 688 -8.80 -57.39 23.54
N CYS A 689 -7.99 -56.38 23.20
CA CYS A 689 -6.68 -56.20 23.81
C CYS A 689 -6.62 -55.04 24.79
N ASN A 690 -7.59 -54.13 24.77
CA ASN A 690 -7.74 -53.04 25.72
C ASN A 690 -6.59 -52.05 25.70
N GLN A 691 -5.72 -52.11 24.69
CA GLN A 691 -4.62 -51.15 24.60
C GLN A 691 -5.11 -49.73 24.33
N CYS A 692 -6.28 -49.58 23.69
CA CYS A 692 -6.82 -48.25 23.46
C CYS A 692 -7.21 -47.58 24.77
N SER A 693 -7.78 -48.34 25.70
CA SER A 693 -8.06 -47.77 27.02
C SER A 693 -6.78 -47.47 27.77
N LEU A 694 -5.70 -48.19 27.46
CA LEU A 694 -4.43 -48.01 28.14
C LEU A 694 -3.76 -46.69 27.77
N VAL A 695 -3.81 -46.31 26.49
CA VAL A 695 -3.04 -45.17 26.00
C VAL A 695 -3.85 -43.87 25.99
N CYS A 696 -5.12 -43.90 26.35
CA CYS A 696 -5.94 -42.68 26.28
C CYS A 696 -5.50 -41.68 27.35
N PRO A 697 -5.05 -40.48 26.95
CA PRO A 697 -4.63 -39.49 27.96
C PRO A 697 -5.77 -38.88 28.74
N HIS A 698 -7.02 -39.25 28.46
CA HIS A 698 -8.16 -38.68 29.17
C HIS A 698 -9.17 -39.73 29.65
N ALA A 699 -8.85 -41.02 29.52
CA ALA A 699 -9.73 -42.10 29.96
C ALA A 699 -11.11 -42.01 29.32
N ALA A 700 -11.14 -41.57 28.07
CA ALA A 700 -12.39 -41.40 27.36
C ALA A 700 -12.83 -42.66 26.64
N ILE A 701 -11.98 -43.68 26.59
CA ILE A 701 -12.29 -44.94 25.91
C ILE A 701 -11.92 -46.08 26.84
N ARG A 702 -12.89 -46.95 27.12
CA ARG A 702 -12.74 -48.02 28.09
C ARG A 702 -13.48 -49.25 27.59
N PRO A 703 -13.08 -50.44 28.03
CA PRO A 703 -13.87 -51.65 27.74
C PRO A 703 -14.93 -51.89 28.80
N TYR A 704 -16.07 -52.43 28.35
CA TYR A 704 -17.20 -52.70 29.21
C TYR A 704 -17.64 -54.15 29.04
N LEU A 705 -17.76 -54.86 30.16
CA LEU A 705 -18.29 -56.21 30.19
C LEU A 705 -19.68 -56.21 30.82
N ALA A 706 -20.53 -57.11 30.36
CA ALA A 706 -21.89 -57.20 30.89
C ALA A 706 -22.46 -58.56 30.57
N LYS A 707 -23.16 -59.15 31.53
CA LYS A 707 -23.90 -60.37 31.27
C LYS A 707 -24.99 -60.07 30.25
N PRO A 708 -25.36 -61.05 29.42
CA PRO A 708 -26.39 -60.80 28.40
C PRO A 708 -27.73 -60.36 28.97
N ALA A 709 -28.02 -60.70 30.23
CA ALA A 709 -29.27 -60.27 30.84
C ALA A 709 -29.26 -58.76 31.14
N ASP A 710 -28.08 -58.20 31.42
CA ASP A 710 -27.98 -56.78 31.73
C ASP A 710 -28.10 -55.89 30.50
N LEU A 711 -28.11 -56.47 29.29
CA LEU A 711 -28.25 -55.72 28.05
C LEU A 711 -29.70 -55.61 27.59
N ALA A 712 -30.66 -55.62 28.52
CA ALA A 712 -32.06 -55.64 28.15
C ALA A 712 -32.50 -54.35 27.47
N GLY A 713 -32.44 -53.23 28.19
CA GLY A 713 -32.88 -51.96 27.66
C GLY A 713 -31.84 -51.22 26.84
N ALA A 714 -30.88 -51.95 26.29
CA ALA A 714 -29.81 -51.34 25.53
C ALA A 714 -30.34 -50.77 24.22
N PRO A 715 -29.82 -49.63 23.78
CA PRO A 715 -30.20 -49.10 22.47
C PRO A 715 -29.72 -50.04 21.37
N GLU A 716 -30.31 -49.85 20.18
CA GLU A 716 -29.98 -50.72 19.06
C GLU A 716 -28.54 -50.54 18.59
N THR A 717 -27.93 -49.39 18.83
CA THR A 717 -26.57 -49.12 18.38
C THR A 717 -25.49 -49.63 19.33
N PHE A 718 -25.84 -50.20 20.48
CA PHE A 718 -24.87 -50.71 21.45
C PHE A 718 -24.44 -52.13 21.06
N VAL A 719 -23.80 -52.25 19.89
CA VAL A 719 -23.41 -53.56 19.37
C VAL A 719 -22.28 -54.13 20.22
N THR A 720 -22.42 -55.40 20.61
CA THR A 720 -21.47 -56.09 21.46
C THR A 720 -20.93 -57.34 20.77
N LYS A 721 -19.92 -57.95 21.39
CA LYS A 721 -19.34 -59.20 20.92
C LYS A 721 -19.09 -60.09 22.12
N ASP A 722 -19.00 -61.40 21.86
CA ASP A 722 -18.74 -62.37 22.92
C ASP A 722 -17.35 -62.15 23.51
N ALA A 723 -17.25 -62.34 24.82
CA ALA A 723 -16.00 -62.05 25.53
C ALA A 723 -15.02 -63.22 25.38
N ILE A 724 -13.78 -62.91 25.00
CA ILE A 724 -12.73 -63.89 24.84
C ILE A 724 -12.03 -64.11 26.18
N GLY A 725 -11.73 -65.37 26.48
CA GLY A 725 -11.03 -65.70 27.70
C GLY A 725 -11.81 -66.60 28.63
N LYS A 726 -11.13 -67.51 29.32
CA LYS A 726 -11.81 -68.39 30.26
C LYS A 726 -12.35 -67.62 31.46
N GLU A 727 -11.78 -66.46 31.77
CA GLU A 727 -12.26 -65.66 32.89
C GLU A 727 -13.58 -64.98 32.56
N ALA A 728 -13.76 -64.57 31.30
CA ALA A 728 -14.97 -63.87 30.87
C ALA A 728 -15.90 -64.76 30.06
N ALA A 729 -15.95 -66.05 30.37
CA ALA A 729 -16.82 -66.96 29.64
C ALA A 729 -18.28 -66.62 29.91
N GLY A 730 -19.09 -66.63 28.84
CA GLY A 730 -20.50 -66.33 28.97
C GLY A 730 -20.82 -64.86 29.11
N LEU A 731 -19.86 -63.97 28.86
CA LEU A 731 -20.04 -62.54 29.01
C LEU A 731 -19.94 -61.85 27.65
N LYS A 732 -20.44 -60.62 27.60
CA LYS A 732 -20.37 -59.77 26.41
C LYS A 732 -19.26 -58.75 26.57
N PHE A 733 -18.68 -58.35 25.42
CA PHE A 733 -17.56 -57.42 25.40
C PHE A 733 -17.87 -56.28 24.44
N ARG A 734 -17.42 -55.08 24.80
CA ARG A 734 -17.55 -53.92 23.93
C ARG A 734 -16.53 -52.86 24.31
N ILE A 735 -15.90 -52.25 23.31
CA ILE A 735 -15.01 -51.11 23.49
C ILE A 735 -15.84 -49.86 23.23
N GLN A 736 -16.06 -49.07 24.28
CA GLN A 736 -16.90 -47.87 24.20
C GLN A 736 -16.10 -46.60 24.50
N VAL A 737 -16.34 -45.56 23.71
CA VAL A 737 -15.68 -44.27 23.87
C VAL A 737 -16.66 -43.27 24.47
N SER A 738 -16.13 -42.33 25.25
CA SER A 738 -16.92 -41.23 25.79
C SER A 738 -16.82 -40.05 24.84
N PRO A 739 -17.87 -39.72 24.08
CA PRO A 739 -17.73 -38.67 23.06
C PRO A 739 -17.48 -37.30 23.64
N LEU A 740 -18.15 -36.92 24.73
CA LEU A 740 -17.99 -35.59 25.26
C LEU A 740 -16.68 -35.39 26.00
N ASP A 741 -15.99 -36.47 26.37
CA ASP A 741 -14.73 -36.36 27.08
C ASP A 741 -13.51 -36.62 26.19
N CYS A 742 -13.72 -37.20 25.02
CA CYS A 742 -12.63 -37.45 24.10
C CYS A 742 -12.06 -36.12 23.60
N THR A 743 -10.74 -36.13 23.31
CA THR A 743 -10.05 -34.93 22.84
C THR A 743 -9.72 -34.94 21.35
N GLY A 744 -9.94 -36.05 20.66
CA GLY A 744 -9.61 -36.11 19.25
C GLY A 744 -8.13 -36.23 18.96
N CYS A 745 -7.36 -36.71 19.93
CA CYS A 745 -5.91 -36.78 19.78
C CYS A 745 -5.49 -37.82 18.75
N GLY A 746 -6.20 -38.95 18.68
CA GLY A 746 -5.89 -39.99 17.73
C GLY A 746 -4.90 -41.03 18.16
N ASN A 747 -4.54 -41.08 19.45
CA ASN A 747 -3.59 -42.10 19.91
C ASN A 747 -4.20 -43.50 19.85
N CYS A 748 -5.49 -43.63 20.18
CA CYS A 748 -6.10 -44.96 20.22
C CYS A 748 -6.17 -45.59 18.84
N ALA A 749 -6.39 -44.78 17.80
CA ALA A 749 -6.40 -45.31 16.44
C ALA A 749 -5.00 -45.76 16.01
N ASP A 750 -3.96 -45.10 16.52
CA ASP A 750 -2.60 -45.45 16.12
C ASP A 750 -2.11 -46.72 16.80
N VAL A 751 -2.53 -46.96 18.05
CA VAL A 751 -2.04 -48.11 18.79
C VAL A 751 -2.78 -49.40 18.44
N CYS A 752 -3.99 -49.31 17.90
CA CYS A 752 -4.79 -50.48 17.56
C CYS A 752 -3.99 -51.39 16.62
N PRO A 753 -3.57 -52.57 17.09
CA PRO A 753 -2.71 -53.44 16.28
C PRO A 753 -3.44 -54.45 15.41
N ALA A 754 -4.76 -54.35 15.29
CA ALA A 754 -5.52 -55.33 14.52
C ALA A 754 -5.12 -55.26 13.04
N LYS A 755 -5.39 -56.37 12.33
CA LYS A 755 -5.12 -56.43 10.90
C LYS A 755 -5.81 -55.29 10.16
N VAL A 756 -7.13 -55.22 10.30
CA VAL A 756 -7.91 -54.06 9.84
C VAL A 756 -8.14 -53.17 11.05
N LYS A 757 -7.93 -51.87 10.88
CA LYS A 757 -8.05 -50.93 11.98
C LYS A 757 -9.45 -50.98 12.57
N ALA A 758 -9.54 -51.29 13.86
CA ALA A 758 -10.82 -51.33 14.56
C ALA A 758 -11.24 -49.98 15.10
N LEU A 759 -10.42 -48.94 14.93
CA LEU A 759 -10.76 -47.59 15.35
C LEU A 759 -10.46 -46.62 14.21
N THR A 760 -11.47 -45.84 13.83
CA THR A 760 -11.34 -44.84 12.79
C THR A 760 -11.90 -43.52 13.30
N MET A 761 -11.17 -42.43 13.03
CA MET A 761 -11.56 -41.11 13.50
C MET A 761 -12.68 -40.55 12.64
N VAL A 762 -13.85 -40.33 13.24
CA VAL A 762 -15.01 -39.80 12.55
C VAL A 762 -15.38 -38.45 13.18
N PRO A 763 -15.93 -37.51 12.43
CA PRO A 763 -16.30 -36.21 13.01
C PRO A 763 -17.34 -36.34 14.12
N LEU A 764 -17.21 -35.49 15.14
CA LEU A 764 -18.08 -35.60 16.30
C LEU A 764 -19.54 -35.33 15.96
N GLU A 765 -19.81 -34.27 15.18
CA GLU A 765 -21.19 -33.85 14.94
C GLU A 765 -22.01 -34.92 14.24
N GLU A 766 -21.38 -35.78 13.45
CA GLU A 766 -22.12 -36.79 12.71
C GLU A 766 -22.60 -37.93 13.60
N VAL A 767 -21.82 -38.26 14.64
CA VAL A 767 -22.11 -39.40 15.51
C VAL A 767 -22.35 -38.98 16.95
N THR A 768 -22.51 -37.67 17.20
CA THR A 768 -22.65 -37.21 18.59
C THR A 768 -23.95 -37.70 19.22
N ALA A 769 -25.07 -37.64 18.49
CA ALA A 769 -26.33 -38.08 19.06
C ALA A 769 -26.32 -39.58 19.36
N VAL A 770 -25.69 -40.37 18.49
CA VAL A 770 -25.67 -41.82 18.68
C VAL A 770 -24.79 -42.21 19.85
N GLU A 771 -23.54 -41.74 19.85
CA GLU A 771 -22.58 -42.18 20.86
C GLU A 771 -22.92 -41.71 22.27
N GLU A 772 -23.70 -40.63 22.40
CA GLU A 772 -24.11 -40.17 23.73
C GLU A 772 -25.00 -41.20 24.41
N ALA A 773 -26.00 -41.72 23.71
CA ALA A 773 -26.87 -42.74 24.29
C ALA A 773 -26.11 -44.02 24.60
N ASN A 774 -25.09 -44.35 23.79
CA ASN A 774 -24.30 -45.55 24.04
C ASN A 774 -23.49 -45.43 25.33
N TYR A 775 -22.81 -44.30 25.51
CA TYR A 775 -21.99 -44.13 26.72
C TYR A 775 -22.85 -44.04 27.97
N ASN A 776 -24.00 -43.36 27.88
CA ASN A 776 -24.89 -43.25 29.03
C ASN A 776 -25.41 -44.62 29.47
N PHE A 777 -25.54 -45.57 28.53
CA PHE A 777 -25.96 -46.91 28.89
C PHE A 777 -24.81 -47.71 29.49
N ALA A 778 -23.59 -47.56 28.94
CA ALA A 778 -22.45 -48.30 29.47
C ALA A 778 -22.12 -47.86 30.89
N GLU A 779 -22.31 -46.58 31.20
CA GLU A 779 -22.01 -46.08 32.54
C GLU A 779 -22.99 -46.63 33.58
N GLN A 780 -24.22 -46.93 33.18
CA GLN A 780 -25.21 -47.49 34.09
C GLN A 780 -25.13 -49.00 34.21
N LEU A 781 -24.14 -49.63 33.61
CA LEU A 781 -24.00 -51.08 33.72
C LEU A 781 -23.57 -51.45 35.14
N PRO A 782 -24.08 -52.56 35.69
CA PRO A 782 -23.67 -52.97 37.03
C PRO A 782 -22.22 -53.45 37.03
N GLU A 783 -21.65 -53.52 38.23
CA GLU A 783 -20.28 -53.99 38.36
C GLU A 783 -20.18 -55.46 37.95
N VAL A 784 -19.05 -55.82 37.34
CA VAL A 784 -18.84 -57.17 36.83
C VAL A 784 -17.59 -57.74 37.48
N LYS A 785 -17.76 -58.78 38.28
CA LYS A 785 -16.63 -59.46 38.90
C LYS A 785 -15.92 -60.32 37.85
N VAL A 786 -14.64 -60.02 37.62
CA VAL A 786 -13.85 -60.71 36.62
C VAL A 786 -12.53 -61.13 37.26
N ASN A 787 -12.05 -62.31 36.88
CA ASN A 787 -10.83 -62.88 37.46
C ASN A 787 -9.63 -62.74 36.53
N PHE A 788 -9.62 -61.72 35.67
CA PHE A 788 -8.46 -61.47 34.83
C PHE A 788 -7.28 -61.00 35.65
N ASN A 789 -6.10 -61.48 35.29
CA ASN A 789 -4.88 -61.14 36.00
C ASN A 789 -4.59 -59.66 35.80
N PRO A 790 -4.54 -58.84 36.85
CA PRO A 790 -4.22 -57.41 36.66
C PRO A 790 -2.80 -57.15 36.20
N ALA A 791 -1.92 -58.16 36.21
CA ALA A 791 -0.55 -58.00 35.76
C ALA A 791 -0.40 -57.93 34.25
N THR A 792 -1.46 -58.21 33.49
CA THR A 792 -1.44 -58.14 32.04
C THR A 792 -2.03 -56.81 31.57
N VAL A 793 -1.75 -56.47 30.31
CA VAL A 793 -2.29 -55.26 29.74
C VAL A 793 -3.80 -55.36 29.58
N LYS A 794 -4.28 -56.47 29.04
CA LYS A 794 -5.72 -56.64 28.85
C LYS A 794 -6.46 -56.72 30.18
N GLY A 795 -5.91 -57.46 31.14
CA GLY A 795 -6.59 -57.61 32.42
C GLY A 795 -6.62 -56.35 33.25
N SER A 796 -5.60 -55.51 33.14
CA SER A 796 -5.54 -54.30 33.95
C SER A 796 -6.59 -53.27 33.54
N GLN A 797 -6.97 -53.24 32.27
CA GLN A 797 -7.91 -52.23 31.80
C GLN A 797 -9.36 -52.53 32.16
N PHE A 798 -9.66 -53.71 32.69
CA PHE A 798 -11.00 -53.99 33.18
C PHE A 798 -11.27 -53.36 34.54
N ARG A 799 -10.23 -52.91 35.24
CA ARG A 799 -10.42 -52.15 36.46
C ARG A 799 -10.76 -50.70 36.12
N GLN A 800 -11.60 -50.10 36.95
CA GLN A 800 -12.07 -48.74 36.69
C GLN A 800 -10.92 -47.73 36.83
N PRO A 801 -10.72 -46.86 35.84
CA PRO A 801 -9.71 -45.81 35.99
C PRO A 801 -10.19 -44.79 37.01
N LEU A 802 -9.30 -44.41 37.92
CA LEU A 802 -9.60 -43.41 38.94
C LEU A 802 -8.95 -42.06 38.64
N LEU A 803 -8.49 -41.86 37.41
CA LEU A 803 -8.01 -40.57 36.95
C LEU A 803 -8.59 -40.34 35.56
N GLU A 804 -9.53 -39.40 35.45
CA GLU A 804 -10.32 -39.26 34.24
C GLU A 804 -10.59 -37.80 33.92
N PHE A 805 -10.56 -37.49 32.61
CA PHE A 805 -11.11 -36.23 32.07
C PHE A 805 -10.38 -35.00 32.60
N SER A 806 -9.06 -35.09 32.70
CA SER A 806 -8.24 -33.99 33.20
C SER A 806 -8.11 -32.89 32.16
N GLY A 807 -7.46 -31.79 32.55
CA GLY A 807 -7.19 -30.65 31.70
C GLY A 807 -5.88 -30.71 30.94
N ALA A 808 -5.23 -31.87 30.86
CA ALA A 808 -4.01 -32.00 30.09
C ALA A 808 -4.29 -31.83 28.60
N CYS A 809 -3.23 -31.59 27.83
CA CYS A 809 -3.39 -31.40 26.40
C CYS A 809 -3.86 -32.69 25.72
N ALA A 810 -4.34 -32.55 24.49
CA ALA A 810 -4.72 -33.69 23.68
C ALA A 810 -3.49 -34.51 23.33
N GLY A 811 -3.53 -35.79 23.69
CA GLY A 811 -2.39 -36.66 23.43
C GLY A 811 -1.26 -36.54 24.40
N CYS A 812 -1.51 -36.03 25.60
CA CYS A 812 -0.45 -35.84 26.58
C CYS A 812 0.21 -37.16 26.94
N GLY A 813 1.54 -37.13 27.08
CA GLY A 813 2.29 -38.31 27.42
C GLY A 813 2.43 -38.62 28.89
N GLU A 814 1.88 -37.78 29.76
CA GLU A 814 1.98 -37.96 31.21
C GLU A 814 0.80 -38.71 31.80
N THR A 815 -0.43 -38.28 31.48
CA THR A 815 -1.61 -38.87 32.10
C THR A 815 -1.79 -40.36 31.87
N PRO A 816 -1.40 -40.97 30.74
CA PRO A 816 -1.53 -42.42 30.61
C PRO A 816 -0.76 -43.20 31.67
N TYR A 817 0.39 -42.70 32.11
CA TYR A 817 1.11 -43.37 33.19
C TYR A 817 0.33 -43.31 34.49
N VAL A 818 -0.11 -42.12 34.90
CA VAL A 818 -0.78 -41.97 36.19
C VAL A 818 -2.12 -42.71 36.19
N LYS A 819 -2.83 -42.71 35.05
CA LYS A 819 -4.08 -43.44 34.96
C LYS A 819 -3.87 -44.93 35.24
N LEU A 820 -2.75 -45.48 34.74
CA LEU A 820 -2.46 -46.90 34.94
C LEU A 820 -2.22 -47.22 36.42
N VAL A 821 -1.60 -46.30 37.15
CA VAL A 821 -1.35 -46.52 38.57
C VAL A 821 -2.65 -46.60 39.36
N THR A 822 -3.62 -45.74 39.04
CA THR A 822 -4.90 -45.79 39.72
C THR A 822 -5.67 -47.07 39.43
N GLN A 823 -5.44 -47.66 38.25
CA GLN A 823 -6.12 -48.92 37.93
C GLN A 823 -5.51 -50.10 38.68
N LEU A 824 -4.25 -50.00 39.11
CA LEU A 824 -3.60 -51.09 39.83
C LEU A 824 -3.76 -50.94 41.34
N PHE A 825 -3.46 -49.75 41.88
CA PHE A 825 -3.42 -49.53 43.32
C PHE A 825 -4.26 -48.35 43.78
N GLY A 826 -5.11 -47.79 42.90
CA GLY A 826 -5.87 -46.60 43.25
C GLY A 826 -6.80 -46.78 44.44
N ASP A 827 -7.16 -48.03 44.76
CA ASP A 827 -8.04 -48.30 45.89
C ASP A 827 -7.44 -47.87 47.23
N ARG A 828 -6.10 -47.79 47.33
CA ARG A 828 -5.44 -47.63 48.62
C ARG A 828 -4.20 -46.74 48.54
N MET A 829 -4.17 -45.77 47.64
CA MET A 829 -2.97 -44.94 47.47
C MET A 829 -3.22 -43.47 47.81
N ILE A 830 -2.15 -42.82 48.25
CA ILE A 830 -2.12 -41.39 48.54
C ILE A 830 -1.07 -40.76 47.65
N ILE A 831 -1.40 -39.64 47.02
CA ILE A 831 -0.55 -39.00 46.02
C ILE A 831 0.00 -37.70 46.59
N ALA A 832 1.32 -37.56 46.56
CA ALA A 832 1.99 -36.30 46.84
C ALA A 832 2.55 -35.80 45.51
N ASN A 833 1.91 -34.79 44.94
CA ASN A 833 2.17 -34.38 43.57
C ASN A 833 2.92 -33.06 43.56
N ALA A 834 4.06 -33.04 42.87
CA ALA A 834 4.87 -31.83 42.77
C ALA A 834 4.17 -30.80 41.90
N THR A 835 4.51 -29.54 42.12
CA THR A 835 3.97 -28.47 41.30
C THR A 835 4.50 -28.61 39.88
N GLY A 836 3.62 -28.41 38.92
CA GLY A 836 3.94 -28.61 37.52
C GLY A 836 2.68 -28.98 36.77
N CYS A 837 2.87 -29.48 35.55
CA CYS A 837 1.74 -29.89 34.73
C CYS A 837 0.90 -30.94 35.46
N SER A 838 1.55 -31.96 36.03
CA SER A 838 0.82 -33.01 36.73
C SER A 838 -0.03 -32.46 37.87
N SER A 839 0.33 -31.29 38.42
CA SER A 839 -0.52 -30.65 39.41
C SER A 839 -1.55 -29.73 38.78
N ILE A 840 -1.33 -29.28 37.54
CA ILE A 840 -2.27 -28.38 36.88
C ILE A 840 -3.46 -29.15 36.34
N TRP A 841 -3.21 -30.23 35.59
CA TRP A 841 -4.31 -31.07 35.14
C TRP A 841 -4.82 -31.98 36.24
N GLY A 842 -4.03 -32.19 37.28
CA GLY A 842 -4.41 -33.07 38.36
C GLY A 842 -5.11 -32.35 39.49
N GLY A 843 -4.89 -31.05 39.62
CA GLY A 843 -5.47 -30.34 40.74
C GLY A 843 -5.71 -28.86 40.51
N SER A 844 -6.50 -28.51 39.50
CA SER A 844 -6.94 -27.14 39.30
C SER A 844 -8.39 -27.02 39.78
N ALA A 845 -8.61 -26.18 40.78
CA ALA A 845 -9.96 -25.97 41.29
C ALA A 845 -10.84 -25.41 40.16
N PRO A 846 -12.14 -25.72 40.18
CA PRO A 846 -12.85 -26.54 41.16
C PRO A 846 -13.01 -27.99 40.73
N ALA A 847 -12.35 -28.38 39.64
CA ALA A 847 -12.51 -29.70 39.05
C ALA A 847 -11.38 -30.62 39.50
N CYS A 848 -11.73 -31.83 39.94
CA CYS A 848 -10.74 -32.81 40.36
C CYS A 848 -10.83 -34.04 39.47
N PRO A 849 -9.76 -34.38 38.74
CA PRO A 849 -9.82 -35.54 37.84
C PRO A 849 -9.74 -36.88 38.54
N TYR A 850 -9.23 -36.94 39.77
CA TYR A 850 -9.21 -38.19 40.51
C TYR A 850 -10.59 -38.48 41.07
N THR A 851 -11.07 -39.71 40.86
CA THR A 851 -12.42 -40.09 41.21
C THR A 851 -12.38 -41.38 42.03
N VAL A 852 -13.56 -41.87 42.40
CA VAL A 852 -13.70 -43.04 43.25
C VAL A 852 -14.42 -44.14 42.47
N ASN A 853 -14.36 -45.35 43.00
CA ASN A 853 -15.07 -46.48 42.42
C ASN A 853 -16.47 -46.56 43.06
N ARG A 854 -17.14 -47.69 42.87
CA ARG A 854 -18.49 -47.83 43.39
C ARG A 854 -18.51 -47.85 44.91
N GLN A 855 -17.44 -48.30 45.55
CA GLN A 855 -17.37 -48.31 47.01
C GLN A 855 -17.06 -46.94 47.59
N GLY A 856 -16.74 -45.95 46.77
CA GLY A 856 -16.40 -44.63 47.28
C GLY A 856 -14.95 -44.42 47.64
N HIS A 857 -14.07 -45.35 47.30
CA HIS A 857 -12.65 -45.26 47.62
C HIS A 857 -11.86 -44.79 46.39
N GLY A 858 -10.84 -43.98 46.63
CA GLY A 858 -10.02 -43.46 45.57
C GLY A 858 -8.83 -42.71 46.12
N PRO A 859 -7.89 -42.36 45.23
CA PRO A 859 -6.64 -41.72 45.69
C PRO A 859 -6.91 -40.37 46.34
N ALA A 860 -6.25 -40.15 47.48
CA ALA A 860 -6.23 -38.84 48.11
C ALA A 860 -5.04 -38.07 47.55
N TRP A 861 -5.30 -36.84 47.13
CA TRP A 861 -4.34 -36.06 46.34
C TRP A 861 -4.01 -34.77 47.07
N ALA A 862 -2.72 -34.45 47.14
CA ALA A 862 -2.27 -33.24 47.81
C ALA A 862 -1.00 -32.76 47.12
N SER A 863 -0.88 -31.44 46.98
CA SER A 863 0.32 -30.83 46.45
C SER A 863 0.80 -29.76 47.44
N SER A 864 2.06 -29.85 47.83
CA SER A 864 2.62 -28.86 48.73
C SER A 864 3.31 -27.75 47.95
N LEU A 865 4.59 -27.93 47.65
CA LEU A 865 5.37 -26.96 46.92
C LEU A 865 6.15 -27.68 45.81
N PHE A 866 6.94 -26.91 45.05
CA PHE A 866 7.70 -27.46 43.95
C PHE A 866 8.93 -28.23 44.42
N GLU A 867 9.60 -27.74 45.46
CA GLU A 867 10.89 -28.28 45.88
C GLU A 867 10.78 -29.36 46.94
N ASP A 868 9.62 -29.51 47.58
CA ASP A 868 9.49 -30.34 48.77
C ASP A 868 8.63 -31.57 48.55
N ASN A 869 8.38 -31.96 47.30
CA ASN A 869 7.38 -32.99 47.05
C ASN A 869 7.81 -34.34 47.62
N ALA A 870 9.10 -34.67 47.52
CA ALA A 870 9.58 -35.93 48.05
C ALA A 870 9.41 -35.99 49.57
N GLU A 871 9.90 -34.95 50.26
CA GLU A 871 9.73 -34.89 51.71
C GLU A 871 8.27 -34.76 52.12
N PHE A 872 7.44 -34.16 51.26
CA PHE A 872 6.01 -34.09 51.53
C PHE A 872 5.42 -35.49 51.63
N GLY A 873 5.71 -36.34 50.64
CA GLY A 873 5.23 -37.70 50.69
C GLY A 873 5.92 -38.53 51.77
N TYR A 874 7.20 -38.24 52.04
CA TYR A 874 7.90 -38.93 53.12
C TYR A 874 7.23 -38.71 54.46
N GLY A 875 6.82 -37.47 54.75
CA GLY A 875 6.09 -37.21 55.98
C GLY A 875 4.76 -37.92 56.04
N MET A 876 4.09 -38.04 54.90
CA MET A 876 2.83 -38.78 54.85
C MET A 876 3.05 -40.24 55.24
N ALA A 877 4.14 -40.84 54.76
CA ALA A 877 4.42 -42.22 55.09
C ALA A 877 4.64 -42.40 56.59
N LEU A 878 5.35 -41.46 57.23
CA LEU A 878 5.54 -41.54 58.68
C LEU A 878 4.22 -41.45 59.42
N ALA A 879 3.34 -40.55 58.99
CA ALA A 879 2.05 -40.38 59.66
C ALA A 879 1.17 -41.61 59.46
N VAL A 880 1.12 -42.14 58.24
CA VAL A 880 0.32 -43.34 57.97
C VAL A 880 0.81 -44.51 58.80
N ALA A 881 2.13 -44.66 58.93
CA ALA A 881 2.69 -45.69 59.79
C ALA A 881 2.25 -45.48 61.24
N LYS A 882 2.22 -44.21 61.68
CA LYS A 882 1.74 -43.91 63.03
C LYS A 882 0.26 -44.22 63.19
N ARG A 883 -0.54 -43.94 62.15
CA ARG A 883 -1.97 -44.24 62.27
C ARG A 883 -2.25 -45.74 62.27
N GLN A 884 -1.44 -46.52 61.55
CA GLN A 884 -1.58 -47.97 61.62
C GLN A 884 -1.09 -48.50 62.96
N ASP A 885 -0.08 -47.86 63.54
CA ASP A 885 0.43 -48.27 64.84
C ASP A 885 -0.60 -48.04 65.94
N GLU A 886 -1.35 -46.93 65.85
CA GLU A 886 -2.40 -46.66 66.82
C GLU A 886 -3.52 -47.69 66.71
N LEU A 887 -3.84 -48.11 65.48
CA LEU A 887 -4.86 -49.13 65.29
C LEU A 887 -4.41 -50.50 65.79
N ALA A 888 -3.16 -50.87 65.48
CA ALA A 888 -2.65 -52.18 65.91
C ALA A 888 -2.61 -52.30 67.42
N THR A 889 -2.39 -51.19 68.13
CA THR A 889 -2.42 -51.22 69.59
C THR A 889 -3.84 -51.47 70.10
N ALA A 890 -4.84 -50.84 69.49
CA ALA A 890 -6.22 -51.05 69.90
C ALA A 890 -6.72 -52.45 69.54
N ILE A 891 -6.21 -53.03 68.46
CA ILE A 891 -6.61 -54.39 68.09
C ILE A 891 -5.98 -55.42 69.03
N SER A 892 -4.72 -55.22 69.41
CA SER A 892 -4.06 -56.14 70.33
C SER A 892 -4.73 -56.16 71.70
N LYS A 893 -5.26 -55.01 72.15
CA LYS A 893 -6.02 -54.98 73.39
C LYS A 893 -7.33 -55.74 73.26
N ALA A 894 -7.91 -55.78 72.05
CA ALA A 894 -9.16 -56.50 71.84
C ALA A 894 -8.99 -58.01 71.98
N LEU A 895 -7.78 -58.52 71.77
CA LEU A 895 -7.54 -59.95 71.95
C LEU A 895 -7.80 -60.39 73.39
N GLU A 896 -7.54 -59.51 74.35
CA GLU A 896 -7.76 -59.81 75.76
C GLU A 896 -9.18 -59.46 76.22
N ALA A 897 -10.05 -59.01 75.31
CA ALA A 897 -11.41 -58.59 75.58
C ALA A 897 -12.39 -59.71 75.25
N PRO A 898 -13.55 -59.75 75.92
CA PRO A 898 -14.56 -60.78 75.60
C PRO A 898 -15.22 -60.52 74.25
N VAL A 899 -14.60 -60.99 73.18
CA VAL A 899 -15.11 -60.83 71.82
C VAL A 899 -15.24 -62.21 71.16
N SER A 900 -15.90 -62.21 70.00
CA SER A 900 -16.15 -63.46 69.29
C SER A 900 -14.85 -64.11 68.84
N ALA A 901 -14.86 -65.43 68.75
CA ALA A 901 -13.68 -66.16 68.30
C ALA A 901 -13.36 -65.87 66.84
N ALA A 902 -14.41 -65.66 66.02
CA ALA A 902 -14.19 -65.28 64.64
C ALA A 902 -13.57 -63.90 64.52
N PHE A 903 -13.87 -63.00 65.47
CA PHE A 903 -13.26 -61.68 65.47
C PHE A 903 -11.78 -61.78 65.79
N LYS A 904 -11.41 -62.62 66.76
CA LYS A 904 -10.00 -62.80 67.11
C LYS A 904 -9.20 -63.42 65.96
N ALA A 905 -9.82 -64.32 65.20
CA ALA A 905 -9.11 -64.96 64.10
C ALA A 905 -8.72 -63.95 63.03
N ALA A 906 -9.62 -63.03 62.69
CA ALA A 906 -9.31 -62.00 61.70
C ALA A 906 -8.34 -60.97 62.25
N CYS A 907 -8.41 -60.68 63.55
CA CYS A 907 -7.51 -59.69 64.14
C CYS A 907 -6.07 -60.20 64.17
N GLU A 908 -5.87 -61.45 64.62
CA GLU A 908 -4.55 -62.04 64.61
C GLU A 908 -4.02 -62.19 63.19
N GLY A 909 -4.89 -62.52 62.23
CA GLY A 909 -4.47 -62.60 60.85
C GLY A 909 -4.07 -61.24 60.29
N TRP A 910 -4.77 -60.19 60.71
CA TRP A 910 -4.42 -58.85 60.26
C TRP A 910 -3.09 -58.40 60.85
N LEU A 911 -2.88 -58.65 62.15
CA LEU A 911 -1.64 -58.27 62.80
C LEU A 911 -0.43 -58.97 62.18
N ALA A 912 -0.59 -60.19 61.70
CA ALA A 912 0.51 -60.91 61.07
C ALA A 912 0.81 -60.42 59.66
N GLY A 913 -0.19 -59.90 58.96
CA GLY A 913 0.00 -59.48 57.58
C GLY A 913 -0.41 -58.03 57.30
N LYS A 914 -0.30 -57.17 58.32
CA LYS A 914 -0.69 -55.77 58.15
C LYS A 914 0.19 -55.04 57.15
N ASP A 915 1.40 -55.56 56.86
CA ASP A 915 2.33 -54.92 55.95
C ASP A 915 2.28 -55.49 54.54
N ASP A 916 1.33 -56.36 54.25
CA ASP A 916 1.13 -56.90 52.91
C ASP A 916 -0.17 -56.36 52.34
N ALA A 917 -0.12 -55.91 51.09
CA ALA A 917 -1.28 -55.25 50.49
C ALA A 917 -2.49 -56.18 50.42
N ASP A 918 -2.29 -57.39 49.89
CA ASP A 918 -3.42 -58.29 49.70
C ASP A 918 -3.91 -58.88 51.01
N ARG A 919 -2.98 -59.28 51.88
CA ARG A 919 -3.37 -59.90 53.14
C ARG A 919 -4.03 -58.88 54.07
N SER A 920 -3.54 -57.63 54.08
CA SER A 920 -4.15 -56.62 54.92
C SER A 920 -5.56 -56.28 54.44
N ARG A 921 -5.78 -56.28 53.12
CA ARG A 921 -7.13 -56.06 52.63
C ARG A 921 -8.02 -57.26 52.91
N GLU A 922 -7.46 -58.47 52.79
CA GLU A 922 -8.25 -59.67 53.04
C GLU A 922 -8.74 -59.73 54.49
N TYR A 923 -7.80 -59.70 55.44
CA TYR A 923 -8.18 -59.74 56.85
C TYR A 923 -8.81 -58.43 57.30
N GLY A 924 -8.43 -57.31 56.68
CA GLY A 924 -9.06 -56.05 57.02
C GLY A 924 -10.54 -56.04 56.68
N ASP A 925 -10.90 -56.56 55.51
CA ASP A 925 -12.30 -56.64 55.15
C ASP A 925 -13.04 -57.65 56.01
N ARG A 926 -12.34 -58.68 56.51
CA ARG A 926 -12.96 -59.59 57.46
C ARG A 926 -13.32 -58.88 58.76
N ILE A 927 -12.41 -58.03 59.26
CA ILE A 927 -12.68 -57.26 60.45
C ILE A 927 -13.83 -56.28 60.23
N LYS A 928 -13.87 -55.66 59.05
CA LYS A 928 -14.95 -54.71 58.75
C LYS A 928 -16.31 -55.38 58.78
N ALA A 929 -16.40 -56.64 58.35
CA ALA A 929 -17.69 -57.31 58.29
C ALA A 929 -18.20 -57.67 59.67
N LEU A 930 -17.30 -57.98 60.60
CA LEU A 930 -17.68 -58.37 61.95
C LEU A 930 -17.85 -57.17 62.89
N LEU A 931 -17.41 -55.99 62.47
CA LEU A 931 -17.47 -54.81 63.34
C LEU A 931 -18.89 -54.40 63.74
N PRO A 932 -19.85 -54.22 62.82
CA PRO A 932 -21.17 -53.73 63.25
C PRO A 932 -21.88 -54.67 64.23
N GLY A 933 -21.80 -55.98 64.02
CA GLY A 933 -22.42 -56.91 64.95
C GLY A 933 -21.71 -57.03 66.27
N GLU A 934 -20.38 -56.94 66.27
CA GLU A 934 -19.62 -57.08 67.50
C GLU A 934 -19.87 -55.91 68.44
N ILE A 935 -20.03 -54.70 67.88
CA ILE A 935 -20.34 -53.53 68.70
C ILE A 935 -21.72 -53.65 69.32
N SER A 936 -22.67 -54.20 68.57
CA SER A 936 -24.03 -54.37 69.09
C SER A 936 -24.08 -55.34 70.26
N GLN A 937 -23.16 -56.32 70.28
CA GLN A 937 -23.15 -57.33 71.33
C GLN A 937 -22.34 -56.93 72.55
N ALA A 938 -21.79 -55.72 72.57
CA ALA A 938 -20.94 -55.26 73.66
C ALA A 938 -21.58 -54.07 74.37
N SER A 939 -21.07 -53.80 75.57
CA SER A 939 -21.52 -52.66 76.36
C SER A 939 -20.42 -52.32 77.37
N GLY A 940 -20.46 -51.08 77.84
CA GLY A 940 -19.46 -50.66 78.82
C GLY A 940 -18.10 -50.44 78.19
N GLU A 941 -17.06 -50.91 78.89
CA GLU A 941 -15.69 -50.71 78.40
C GLU A 941 -15.41 -51.53 77.15
N VAL A 942 -16.04 -52.69 77.00
CA VAL A 942 -15.82 -53.51 75.81
C VAL A 942 -16.34 -52.80 74.57
N LYS A 943 -17.49 -52.13 74.68
CA LYS A 943 -18.01 -51.37 73.56
C LYS A 943 -17.08 -50.22 73.20
N ASP A 944 -16.49 -49.58 74.20
CA ASP A 944 -15.58 -48.47 73.93
C ASP A 944 -14.31 -48.93 73.23
N LEU A 945 -13.81 -50.12 73.59
CA LEU A 945 -12.64 -50.66 72.89
C LEU A 945 -12.97 -51.00 71.45
N LEU A 946 -14.18 -51.49 71.19
CA LEU A 946 -14.58 -51.78 69.82
C LEU A 946 -14.89 -50.51 69.04
N LEU A 947 -15.45 -49.49 69.71
CA LEU A 947 -15.72 -48.23 69.04
C LEU A 947 -14.44 -47.51 68.63
N ASP A 948 -13.35 -47.71 69.37
CA ASP A 948 -12.08 -47.11 68.98
C ASP A 948 -11.46 -47.81 67.78
N ILE A 949 -11.67 -49.12 67.65
CA ILE A 949 -11.25 -49.83 66.45
C ILE A 949 -12.07 -49.39 65.24
N ASP A 950 -13.38 -49.21 65.44
CA ASP A 950 -14.24 -48.76 64.34
C ASP A 950 -13.87 -47.36 63.89
N ARG A 951 -13.38 -46.53 64.82
CA ARG A 951 -12.96 -45.18 64.45
C ARG A 951 -11.75 -45.20 63.53
N GLN A 952 -10.94 -46.27 63.59
CA GLN A 952 -9.69 -46.35 62.83
C GLN A 952 -9.74 -47.41 61.73
N LYS A 953 -10.93 -47.88 61.35
CA LYS A 953 -11.03 -48.94 60.35
C LYS A 953 -10.50 -48.50 58.99
N ASP A 954 -10.38 -47.19 58.76
CA ASP A 954 -9.85 -46.68 57.49
C ASP A 954 -8.33 -46.83 57.38
N TYR A 955 -7.68 -47.48 58.34
CA TYR A 955 -6.24 -47.76 58.26
C TYR A 955 -5.93 -49.25 58.30
N LEU A 956 -6.95 -50.10 58.23
CA LEU A 956 -6.72 -51.54 58.16
C LEU A 956 -5.99 -51.91 56.87
N THR A 957 -6.50 -51.45 55.73
CA THR A 957 -5.87 -51.72 54.46
C THR A 957 -4.57 -50.94 54.34
N LYS A 958 -3.49 -51.64 53.98
CA LYS A 958 -2.19 -50.99 53.83
C LYS A 958 -2.23 -49.96 52.71
N LYS A 959 -1.63 -48.81 52.96
CA LYS A 959 -1.61 -47.73 51.98
C LYS A 959 -0.35 -47.82 51.12
N SER A 960 -0.41 -47.17 49.96
CA SER A 960 0.69 -47.15 49.00
C SER A 960 0.98 -45.69 48.67
N ILE A 961 2.08 -45.18 49.21
CA ILE A 961 2.43 -43.77 49.02
C ILE A 961 3.09 -43.60 47.67
N TRP A 962 2.56 -42.68 46.86
CA TRP A 962 3.08 -42.38 45.53
C TRP A 962 3.49 -40.92 45.45
N ILE A 963 4.73 -40.69 45.06
CA ILE A 963 5.29 -39.35 44.93
C ILE A 963 5.43 -39.07 43.43
N ILE A 964 4.53 -38.26 42.89
CA ILE A 964 4.47 -38.00 41.46
C ILE A 964 4.93 -36.56 41.21
N GLY A 965 5.78 -36.38 40.20
CA GLY A 965 6.29 -35.07 39.87
C GLY A 965 7.00 -35.11 38.54
N GLY A 966 7.36 -33.92 38.05
CA GLY A 966 7.99 -33.79 36.75
C GLY A 966 9.49 -33.93 36.82
N ASP A 967 10.12 -33.84 35.64
CA ASP A 967 11.57 -33.95 35.56
C ASP A 967 12.26 -32.72 36.14
N GLY A 968 11.65 -31.54 36.00
CA GLY A 968 12.24 -30.35 36.59
C GLY A 968 12.30 -30.43 38.09
N TRP A 969 11.29 -31.02 38.71
CA TRP A 969 11.33 -31.25 40.15
C TRP A 969 12.39 -32.29 40.49
N ALA A 970 12.37 -33.43 39.80
CA ALA A 970 13.21 -34.56 40.18
C ALA A 970 14.68 -34.33 39.84
N TYR A 971 14.96 -33.62 38.74
CA TYR A 971 16.34 -33.43 38.32
C TYR A 971 16.95 -32.14 38.86
N ASP A 972 16.15 -31.16 39.26
CA ASP A 972 16.71 -29.87 39.65
C ASP A 972 16.36 -29.48 41.09
N ILE A 973 15.23 -28.79 41.26
CA ILE A 973 14.97 -28.07 42.50
C ILE A 973 14.72 -29.03 43.66
N GLY A 974 14.04 -30.15 43.40
CA GLY A 974 13.74 -31.12 44.43
C GLY A 974 14.67 -32.31 44.45
N TYR A 975 15.79 -32.26 43.73
CA TYR A 975 16.69 -33.41 43.67
C TYR A 975 17.36 -33.66 45.01
N GLY A 976 17.78 -32.59 45.69
CA GLY A 976 18.37 -32.74 47.01
C GLY A 976 17.41 -33.39 48.00
N GLY A 977 16.13 -33.02 47.94
CA GLY A 977 15.14 -33.67 48.78
C GLY A 977 14.79 -35.06 48.33
N LEU A 978 14.73 -35.27 47.01
CA LEU A 978 14.46 -36.61 46.48
C LEU A 978 15.60 -37.57 46.82
N ASP A 979 16.83 -37.09 46.72
CA ASP A 979 17.99 -37.91 47.07
C ASP A 979 17.87 -38.40 48.51
N HIS A 980 17.44 -37.52 49.42
CA HIS A 980 17.33 -37.88 50.83
C HIS A 980 16.23 -38.91 51.06
N VAL A 981 15.09 -38.76 50.39
CA VAL A 981 13.98 -39.68 50.60
C VAL A 981 14.33 -41.08 50.08
N LEU A 982 15.05 -41.15 48.96
CA LEU A 982 15.46 -42.44 48.43
C LEU A 982 16.46 -43.14 49.34
N ALA A 983 17.42 -42.38 49.89
CA ALA A 983 18.43 -42.97 50.77
C ALA A 983 17.85 -43.45 52.09
N SER A 984 16.69 -42.93 52.51
CA SER A 984 16.14 -43.32 53.79
C SER A 984 15.68 -44.77 53.80
N GLY A 985 15.20 -45.27 52.66
CA GLY A 985 14.71 -46.63 52.60
C GLY A 985 13.24 -46.80 52.89
N ALA A 986 12.50 -45.71 53.06
CA ALA A 986 11.07 -45.80 53.37
C ALA A 986 10.31 -46.44 52.22
N ASN A 987 9.15 -47.02 52.55
CA ASN A 987 8.32 -47.69 51.54
C ASN A 987 7.52 -46.62 50.79
N VAL A 988 8.21 -45.94 49.87
CA VAL A 988 7.60 -44.93 49.01
C VAL A 988 7.86 -45.27 47.55
N ASN A 989 6.99 -44.74 46.69
CA ASN A 989 7.07 -44.96 45.25
C ASN A 989 7.15 -43.62 44.54
N VAL A 990 8.29 -43.34 43.92
CA VAL A 990 8.52 -42.08 43.22
C VAL A 990 8.31 -42.31 41.72
N LEU A 991 7.43 -41.51 41.11
CA LEU A 991 7.13 -41.57 39.69
C LEU A 991 7.53 -40.25 39.05
N VAL A 992 8.57 -40.29 38.22
CA VAL A 992 9.09 -39.10 37.54
C VAL A 992 8.53 -39.09 36.12
N LEU A 993 7.67 -38.12 35.83
CA LEU A 993 7.14 -37.93 34.48
C LEU A 993 8.12 -37.02 33.73
N ASP A 994 9.06 -37.64 33.02
CA ASP A 994 10.17 -36.93 32.37
C ASP A 994 9.72 -36.42 31.00
N THR A 995 9.50 -35.10 30.91
CA THR A 995 9.25 -34.46 29.62
C THR A 995 10.49 -33.75 29.07
N GLU A 996 11.61 -33.80 29.77
CA GLU A 996 12.88 -33.19 29.39
C GLU A 996 12.82 -31.67 29.31
N VAL A 997 11.77 -31.05 29.85
CA VAL A 997 11.62 -29.59 29.90
C VAL A 997 10.72 -29.25 31.08
N TYR A 998 10.63 -27.95 31.37
CA TYR A 998 9.62 -27.44 32.30
C TYR A 998 8.39 -27.20 31.45
N SER A 999 7.52 -28.21 31.37
CA SER A 999 6.45 -28.19 30.39
C SER A 999 5.40 -27.12 30.68
N ASN A 1000 5.01 -26.96 31.94
CA ASN A 1000 3.91 -26.05 32.25
C ASN A 1000 4.26 -24.61 31.91
N THR A 1001 5.46 -24.17 32.27
CA THR A 1001 5.84 -22.78 32.09
C THR A 1001 6.29 -22.46 30.67
N GLY A 1002 6.08 -23.37 29.73
CA GLY A 1002 6.34 -23.11 28.32
C GLY A 1002 7.45 -23.93 27.70
N GLY A 1003 8.21 -24.68 28.49
CA GLY A 1003 9.22 -25.56 27.91
C GLY A 1003 10.63 -25.03 28.04
N GLN A 1004 11.09 -24.83 29.27
CA GLN A 1004 12.42 -24.29 29.53
C GLN A 1004 13.41 -25.41 29.80
N SER A 1005 14.69 -25.06 29.77
CA SER A 1005 15.77 -26.03 29.87
C SER A 1005 15.83 -26.65 31.28
N SER A 1006 16.30 -27.89 31.34
CA SER A 1006 16.42 -28.64 32.59
C SER A 1006 17.67 -29.50 32.52
N LYS A 1007 18.04 -30.10 33.65
CA LYS A 1007 19.12 -31.09 33.63
C LYS A 1007 18.69 -32.37 32.92
N ALA A 1008 17.39 -32.61 32.77
CA ALA A 1008 16.90 -33.75 32.01
C ALA A 1008 16.94 -33.52 30.50
N THR A 1009 17.21 -32.30 30.06
CA THR A 1009 17.33 -32.01 28.65
C THR A 1009 18.59 -32.66 28.08
N GLN A 1010 18.46 -33.27 26.90
CA GLN A 1010 19.57 -33.96 26.28
C GLN A 1010 20.49 -32.96 25.59
N THR A 1011 21.63 -33.46 25.12
CA THR A 1011 22.58 -32.63 24.41
C THR A 1011 21.97 -32.14 23.10
N GLY A 1012 22.17 -30.85 22.80
CA GLY A 1012 21.74 -30.29 21.55
C GLY A 1012 20.28 -29.87 21.47
N ALA A 1013 19.44 -30.28 22.42
CA ALA A 1013 18.04 -29.92 22.37
C ALA A 1013 17.87 -28.43 22.62
N VAL A 1014 17.01 -27.80 21.82
CA VAL A 1014 16.74 -26.37 21.91
C VAL A 1014 15.43 -26.18 22.66
N ALA A 1015 15.50 -25.41 23.75
CA ALA A 1015 14.32 -25.01 24.51
C ALA A 1015 14.57 -23.60 25.05
N ARG A 1016 13.57 -23.05 25.72
CA ARG A 1016 13.74 -21.74 26.34
C ARG A 1016 14.81 -21.81 27.41
N PHE A 1017 15.63 -20.76 27.47
CA PHE A 1017 16.89 -20.68 28.22
C PHE A 1017 18.01 -21.50 27.60
N ALA A 1018 17.80 -22.06 26.40
CA ALA A 1018 18.83 -22.80 25.68
C ALA A 1018 18.65 -22.55 24.19
N ALA A 1019 18.73 -21.28 23.79
CA ALA A 1019 18.49 -20.93 22.39
C ALA A 1019 19.53 -21.55 21.47
N GLY A 1020 20.78 -21.61 21.92
CA GLY A 1020 21.84 -22.23 21.16
C GLY A 1020 22.04 -23.71 21.40
N GLY A 1021 21.14 -24.34 22.15
CA GLY A 1021 21.29 -25.76 22.42
C GLY A 1021 22.12 -26.03 23.66
N LYS A 1022 21.75 -27.10 24.36
CA LYS A 1022 22.44 -27.52 25.57
C LYS A 1022 23.70 -28.29 25.19
N PHE A 1023 24.86 -27.84 25.71
CA PHE A 1023 26.12 -28.52 25.41
C PHE A 1023 26.32 -29.75 26.29
N THR A 1024 26.18 -29.58 27.61
CA THR A 1024 26.38 -30.69 28.53
C THR A 1024 25.31 -31.75 28.34
N LYS A 1025 25.69 -33.00 28.63
CA LYS A 1025 24.80 -34.13 28.40
C LYS A 1025 23.74 -34.21 29.48
N LYS A 1026 22.79 -35.12 29.26
CA LYS A 1026 21.71 -35.32 30.23
C LYS A 1026 22.25 -35.98 31.48
N LYS A 1027 21.88 -35.44 32.64
CA LYS A 1027 22.24 -36.04 33.92
C LYS A 1027 21.53 -37.37 34.08
N ASP A 1028 22.27 -38.40 34.50
CA ASP A 1028 21.71 -39.75 34.63
C ASP A 1028 21.18 -39.92 36.05
N LEU A 1029 19.89 -39.60 36.23
CA LEU A 1029 19.27 -39.73 37.55
C LEU A 1029 19.19 -41.19 37.97
N GLY A 1030 18.86 -42.08 37.04
CA GLY A 1030 18.75 -43.50 37.39
C GLY A 1030 20.07 -44.09 37.85
N LEU A 1031 21.17 -43.64 37.27
CA LEU A 1031 22.48 -44.19 37.64
C LEU A 1031 22.86 -43.77 39.06
N MET A 1032 22.53 -42.54 39.46
CA MET A 1032 22.87 -42.08 40.80
C MET A 1032 22.03 -42.79 41.86
N ALA A 1033 20.77 -43.08 41.56
CA ALA A 1033 19.94 -43.80 42.54
C ALA A 1033 20.39 -45.24 42.69
N MET A 1034 21.02 -45.81 41.65
CA MET A 1034 21.54 -47.17 41.75
C MET A 1034 22.75 -47.25 42.65
N SER A 1035 23.45 -46.13 42.88
CA SER A 1035 24.65 -46.15 43.70
C SER A 1035 24.36 -46.51 45.15
N TYR A 1036 23.12 -46.31 45.61
CA TYR A 1036 22.76 -46.75 46.95
C TYR A 1036 22.64 -48.27 47.02
N GLY A 1037 22.21 -48.91 45.95
CA GLY A 1037 22.08 -50.34 45.89
C GLY A 1037 20.74 -50.88 46.37
N TYR A 1038 20.09 -50.20 47.31
CA TYR A 1038 18.80 -50.63 47.83
C TYR A 1038 17.63 -49.83 47.28
N VAL A 1039 17.84 -49.06 46.21
CA VAL A 1039 16.79 -48.27 45.58
C VAL A 1039 16.41 -48.95 44.28
N TYR A 1040 15.13 -49.29 44.14
CA TYR A 1040 14.63 -49.86 42.89
C TYR A 1040 14.53 -48.74 41.85
N VAL A 1041 15.23 -48.91 40.73
CA VAL A 1041 15.24 -47.94 39.65
C VAL A 1041 14.83 -48.65 38.36
N ALA A 1042 13.95 -48.02 37.59
CA ALA A 1042 13.50 -48.58 36.33
C ALA A 1042 13.24 -47.45 35.36
N SER A 1043 13.56 -47.68 34.10
CA SER A 1043 13.29 -46.73 33.03
C SER A 1043 12.27 -47.37 32.10
N VAL A 1044 11.12 -46.71 31.93
CA VAL A 1044 10.00 -47.28 31.20
C VAL A 1044 9.55 -46.33 30.11
N ALA A 1045 8.79 -46.88 29.17
CA ALA A 1045 8.21 -46.10 28.07
C ALA A 1045 7.01 -46.87 27.56
N MET A 1046 5.81 -46.31 27.78
CA MET A 1046 4.58 -47.04 27.45
C MET A 1046 4.48 -47.30 25.96
N GLY A 1047 4.85 -46.31 25.13
CA GLY A 1047 4.81 -46.48 23.69
C GLY A 1047 5.75 -47.52 23.14
N ALA A 1048 6.82 -47.83 23.88
CA ALA A 1048 7.83 -48.78 23.41
C ALA A 1048 7.48 -50.22 23.76
N SER A 1049 7.09 -50.48 25.01
CA SER A 1049 6.81 -51.84 25.45
C SER A 1049 5.77 -51.79 26.57
N HIS A 1050 4.58 -52.34 26.29
CA HIS A 1050 3.55 -52.40 27.30
C HIS A 1050 3.92 -53.37 28.42
N SER A 1051 4.51 -54.52 28.06
CA SER A 1051 4.84 -55.53 29.06
C SER A 1051 5.97 -55.06 29.98
N GLN A 1052 6.92 -54.28 29.45
CA GLN A 1052 8.02 -53.79 30.27
C GLN A 1052 7.55 -52.79 31.31
N LEU A 1053 6.56 -51.96 30.96
CA LEU A 1053 6.02 -51.01 31.94
C LEU A 1053 5.26 -51.73 33.04
N MET A 1054 4.52 -52.79 32.69
CA MET A 1054 3.77 -53.55 33.69
C MET A 1054 4.68 -54.21 34.71
N LYS A 1055 5.80 -54.80 34.24
CA LYS A 1055 6.69 -55.50 35.15
C LYS A 1055 7.37 -54.56 36.13
N ALA A 1056 7.80 -53.39 35.66
CA ALA A 1056 8.53 -52.47 36.53
C ALA A 1056 7.61 -51.84 37.58
N LEU A 1057 6.38 -51.47 37.20
CA LEU A 1057 5.48 -50.83 38.14
C LEU A 1057 5.06 -51.77 39.26
N ILE A 1058 4.77 -53.03 38.93
CA ILE A 1058 4.34 -53.97 39.95
C ILE A 1058 5.51 -54.34 40.86
N GLU A 1059 6.70 -54.53 40.28
CA GLU A 1059 7.89 -54.82 41.07
C GLU A 1059 8.26 -53.65 41.98
N ALA A 1060 8.07 -52.42 41.50
CA ALA A 1060 8.43 -51.24 42.28
C ALA A 1060 7.50 -51.06 43.47
N GLU A 1061 6.21 -51.34 43.29
CA GLU A 1061 5.24 -51.14 44.36
C GLU A 1061 5.36 -52.20 45.44
N LYS A 1062 5.56 -53.47 45.05
CA LYS A 1062 5.69 -54.55 46.02
C LYS A 1062 7.00 -54.50 46.78
N TYR A 1063 8.02 -53.86 46.23
CA TYR A 1063 9.31 -53.77 46.90
C TYR A 1063 9.17 -52.98 48.18
N ASP A 1064 9.53 -53.60 49.31
CA ASP A 1064 9.45 -52.96 50.61
C ASP A 1064 10.65 -52.03 50.77
N GLY A 1065 10.59 -50.92 50.06
CA GLY A 1065 11.64 -49.94 50.05
C GLY A 1065 11.42 -48.88 49.00
N PRO A 1066 12.43 -48.04 48.78
CA PRO A 1066 12.28 -46.94 47.83
C PRO A 1066 12.31 -47.45 46.39
N SER A 1067 11.40 -46.92 45.58
CA SER A 1067 11.29 -47.24 44.17
C SER A 1067 11.26 -45.96 43.35
N LEU A 1068 11.98 -45.96 42.24
CA LEU A 1068 12.09 -44.79 41.35
C LEU A 1068 11.73 -45.22 39.95
N ILE A 1069 10.65 -44.65 39.40
CA ILE A 1069 10.19 -44.95 38.05
C ILE A 1069 10.34 -43.68 37.22
N ILE A 1070 11.26 -43.70 36.25
CA ILE A 1070 11.47 -42.59 35.33
C ILE A 1070 10.85 -42.98 33.99
N ALA A 1071 9.73 -42.34 33.66
CA ALA A 1071 8.96 -42.64 32.46
C ALA A 1071 9.11 -41.52 31.44
N TYR A 1072 9.40 -41.89 30.18
CA TYR A 1072 9.46 -40.91 29.11
C TYR A 1072 8.06 -40.49 28.71
N ALA A 1073 7.78 -39.19 28.78
CA ALA A 1073 6.46 -38.64 28.49
C ALA A 1073 6.55 -37.65 27.34
N PRO A 1074 6.12 -38.01 26.13
CA PRO A 1074 6.10 -37.04 25.04
C PRO A 1074 5.16 -35.88 25.36
N CYS A 1075 5.54 -34.70 24.86
CA CYS A 1075 4.85 -33.46 25.18
C CYS A 1075 4.77 -32.57 23.95
N ILE A 1076 3.84 -31.62 23.97
CA ILE A 1076 3.68 -30.72 22.84
C ILE A 1076 4.91 -29.83 22.67
N ASN A 1077 5.65 -29.58 23.76
CA ASN A 1077 6.85 -28.74 23.68
C ASN A 1077 7.97 -29.38 22.89
N HIS A 1078 7.88 -30.67 22.53
CA HIS A 1078 8.87 -31.27 21.64
C HIS A 1078 8.70 -30.80 20.20
N GLY A 1079 7.50 -30.38 19.82
CA GLY A 1079 7.24 -29.99 18.45
C GLY A 1079 6.99 -31.20 17.57
N ILE A 1080 5.97 -31.99 17.91
CA ILE A 1080 5.59 -33.17 17.17
C ILE A 1080 4.08 -33.25 17.06
N ASN A 1081 3.62 -34.13 16.17
CA ASN A 1081 2.21 -34.44 16.01
C ASN A 1081 1.76 -35.32 17.17
N MET A 1082 0.86 -34.80 18.02
CA MET A 1082 0.40 -35.58 19.16
C MET A 1082 -0.41 -36.80 18.75
N THR A 1083 -0.86 -36.88 17.49
CA THR A 1083 -1.56 -38.06 17.02
C THR A 1083 -0.68 -39.31 17.14
N TYR A 1084 0.62 -39.16 16.87
CA TYR A 1084 1.57 -40.27 16.95
C TYR A 1084 2.45 -40.16 18.18
N SER A 1085 1.83 -39.85 19.32
CA SER A 1085 2.59 -39.73 20.56
C SER A 1085 3.09 -41.10 21.02
N GLN A 1086 2.24 -42.12 20.93
CA GLN A 1086 2.67 -43.47 21.28
C GLN A 1086 3.75 -43.97 20.33
N ARG A 1087 3.60 -43.69 19.04
CA ARG A 1087 4.61 -44.11 18.08
C ARG A 1087 5.94 -43.41 18.32
N GLU A 1088 5.92 -42.17 18.82
CA GLU A 1088 7.16 -41.45 19.07
C GLU A 1088 7.96 -42.07 20.23
N ALA A 1089 7.27 -42.65 21.21
CA ALA A 1089 7.97 -43.32 22.29
C ALA A 1089 8.56 -44.66 21.83
N LYS A 1090 7.92 -45.33 20.89
CA LYS A 1090 8.47 -46.57 20.36
C LYS A 1090 9.74 -46.30 19.55
N LYS A 1091 9.73 -45.25 18.73
CA LYS A 1091 10.92 -44.89 17.97
C LYS A 1091 12.04 -44.40 18.86
N ALA A 1092 11.72 -43.84 20.02
CA ALA A 1092 12.77 -43.34 20.92
C ALA A 1092 13.59 -44.49 21.51
N VAL A 1093 12.93 -45.56 21.93
CA VAL A 1093 13.65 -46.69 22.51
C VAL A 1093 14.33 -47.52 21.42
N GLU A 1094 13.65 -47.70 20.28
CA GLU A 1094 14.21 -48.51 19.20
C GLU A 1094 15.44 -47.86 18.56
N ALA A 1095 15.61 -46.56 18.71
CA ALA A 1095 16.75 -45.84 18.14
C ALA A 1095 17.87 -45.62 19.15
N GLY A 1096 17.78 -46.21 20.34
CA GLY A 1096 18.79 -46.03 21.36
C GLY A 1096 18.77 -44.70 22.06
N TYR A 1097 17.69 -43.92 21.93
CA TYR A 1097 17.61 -42.60 22.55
C TYR A 1097 17.22 -42.70 24.02
N TRP A 1098 16.36 -43.65 24.37
CA TRP A 1098 15.88 -43.81 25.72
C TRP A 1098 16.04 -45.27 26.13
N PRO A 1099 16.72 -45.55 27.24
CA PRO A 1099 16.95 -46.94 27.64
C PRO A 1099 15.79 -47.50 28.47
N LEU A 1100 15.70 -48.83 28.45
CA LEU A 1100 14.72 -49.57 29.24
C LEU A 1100 15.47 -50.56 30.12
N TYR A 1101 15.45 -50.33 31.43
CA TYR A 1101 16.11 -51.21 32.38
C TYR A 1101 15.29 -51.29 33.67
N ARG A 1102 15.66 -52.26 34.51
CA ARG A 1102 15.05 -52.44 35.82
C ARG A 1102 16.13 -52.89 36.79
N TYR A 1103 16.31 -52.13 37.86
CA TYR A 1103 17.27 -52.45 38.92
C TYR A 1103 16.48 -52.92 40.13
N ASN A 1104 16.51 -54.22 40.39
CA ASN A 1104 15.71 -54.82 41.46
C ASN A 1104 16.63 -55.19 42.63
N PRO A 1105 16.57 -54.46 43.75
CA PRO A 1105 17.41 -54.85 44.90
C PRO A 1105 17.03 -56.21 45.46
N GLN A 1106 15.78 -56.65 45.27
CA GLN A 1106 15.36 -57.95 45.76
C GLN A 1106 16.08 -59.09 45.04
N LEU A 1107 16.49 -58.86 43.79
CA LEU A 1107 17.29 -59.86 43.07
C LEU A 1107 18.68 -60.01 43.68
N ALA A 1108 19.20 -58.95 44.31
CA ALA A 1108 20.49 -59.05 44.98
C ALA A 1108 20.41 -59.93 46.22
N GLN A 1109 19.29 -59.86 46.96
CA GLN A 1109 19.10 -60.72 48.11
C GLN A 1109 18.94 -62.19 47.73
N GLU A 1110 18.49 -62.46 46.49
CA GLU A 1110 18.36 -63.81 45.98
C GLU A 1110 19.62 -64.30 45.29
N GLY A 1111 20.73 -63.57 45.42
CA GLY A 1111 21.98 -63.98 44.82
C GLY A 1111 22.12 -63.70 43.34
N LYS A 1112 21.16 -63.02 42.74
CA LYS A 1112 21.18 -62.73 41.31
C LYS A 1112 21.64 -61.31 41.04
N ASN A 1113 21.83 -61.00 39.77
CA ASN A 1113 22.26 -59.68 39.35
C ASN A 1113 21.07 -58.72 39.42
N PRO A 1114 21.18 -57.60 40.14
CA PRO A 1114 20.03 -56.69 40.22
C PRO A 1114 19.72 -55.97 38.91
N PHE A 1115 20.69 -55.80 38.02
CA PHE A 1115 20.50 -55.02 36.81
C PHE A 1115 20.01 -55.92 35.68
N ILE A 1116 18.86 -55.58 35.12
CA ILE A 1116 18.29 -56.29 33.96
C ILE A 1116 18.07 -55.26 32.87
N LEU A 1117 18.72 -55.46 31.72
CA LEU A 1117 18.53 -54.59 30.56
C LEU A 1117 17.42 -55.18 29.70
N ASP A 1118 16.28 -54.49 29.64
CA ASP A 1118 15.10 -55.02 28.97
C ASP A 1118 15.12 -54.82 27.46
N TYR A 1119 15.98 -53.93 26.95
CA TYR A 1119 16.14 -53.75 25.51
C TYR A 1119 17.63 -53.51 25.25
N LYS A 1120 18.30 -54.52 24.69
CA LYS A 1120 19.75 -54.49 24.56
C LYS A 1120 20.23 -53.95 23.22
N THR A 1121 19.61 -54.38 22.11
CA THR A 1121 20.10 -54.02 20.79
C THR A 1121 19.11 -53.10 20.09
N PRO A 1122 19.44 -51.83 19.87
CA PRO A 1122 18.55 -50.95 19.11
C PRO A 1122 18.65 -51.24 17.63
N THR A 1123 17.52 -51.04 16.93
CA THR A 1123 17.42 -51.37 15.53
C THR A 1123 17.21 -50.16 14.63
N ALA A 1124 16.88 -48.99 15.19
CA ALA A 1124 16.55 -47.82 14.42
C ALA A 1124 17.72 -46.82 14.38
N SER A 1125 17.64 -45.90 13.43
CA SER A 1125 18.66 -44.88 13.24
C SER A 1125 18.49 -43.75 14.25
N PHE A 1126 19.62 -43.32 14.83
CA PHE A 1126 19.57 -42.29 15.87
C PHE A 1126 19.27 -40.92 15.29
N ARG A 1127 19.95 -40.54 14.21
CA ARG A 1127 19.76 -39.20 13.65
C ARG A 1127 18.37 -39.06 13.03
N ASP A 1128 17.80 -40.14 12.53
CA ASP A 1128 16.47 -40.07 11.93
C ASP A 1128 15.40 -39.77 12.96
N PHE A 1129 15.58 -40.23 14.20
CA PHE A 1129 14.60 -39.92 15.24
C PHE A 1129 14.64 -38.46 15.65
N LEU A 1130 15.84 -37.85 15.67
CA LEU A 1130 15.97 -36.46 16.06
C LEU A 1130 15.29 -35.53 15.05
N MET A 1131 15.39 -35.84 13.76
CA MET A 1131 14.82 -34.99 12.72
C MET A 1131 13.30 -35.02 12.68
N GLY A 1132 12.66 -35.93 13.42
CA GLY A 1132 11.22 -35.99 13.51
C GLY A 1132 10.58 -35.12 14.55
N GLU A 1133 11.37 -34.32 15.28
CA GLU A 1133 10.85 -33.44 16.31
C GLU A 1133 11.41 -32.05 16.09
N ILE A 1134 10.54 -31.03 16.23
CA ILE A 1134 10.93 -29.66 15.92
C ILE A 1134 11.98 -29.15 16.89
N ARG A 1135 11.99 -29.65 18.13
CA ARG A 1135 12.92 -29.17 19.16
C ARG A 1135 14.38 -29.39 18.80
N TYR A 1136 14.68 -30.18 17.76
CA TYR A 1136 16.04 -30.35 17.27
C TYR A 1136 16.27 -29.75 15.89
N THR A 1137 15.25 -29.70 15.04
CA THR A 1137 15.41 -29.14 13.69
C THR A 1137 15.52 -27.63 13.72
N SER A 1138 14.95 -26.96 14.72
CA SER A 1138 15.04 -25.51 14.80
C SER A 1138 16.46 -25.01 15.04
N LEU A 1139 17.35 -25.88 15.53
CA LEU A 1139 18.74 -25.47 15.72
C LEU A 1139 19.45 -25.23 14.39
N LYS A 1140 19.12 -26.02 13.37
CA LYS A 1140 19.75 -25.85 12.05
C LYS A 1140 19.23 -24.61 11.30
N GLU A 1145 25.41 -25.90 10.04
CA GLU A 1145 25.61 -25.00 11.16
C GLU A 1145 26.25 -25.74 12.33
N LYS A 1146 25.98 -25.26 13.55
CA LYS A 1146 26.52 -25.85 14.76
C LYS A 1146 25.79 -27.12 15.15
N ALA A 1147 24.65 -27.40 14.48
CA ALA A 1147 23.83 -28.56 14.83
C ALA A 1147 24.56 -29.87 14.57
N GLU A 1148 25.29 -29.97 13.45
CA GLU A 1148 25.99 -31.21 13.14
C GLU A 1148 27.04 -31.56 14.20
N GLN A 1149 27.62 -30.54 14.83
CA GLN A 1149 28.57 -30.82 15.90
C GLN A 1149 27.88 -31.40 17.13
N LEU A 1150 26.67 -30.91 17.45
CA LEU A 1150 25.92 -31.41 18.59
C LEU A 1150 25.28 -32.76 18.33
N PHE A 1151 24.84 -33.02 17.10
CA PHE A 1151 24.25 -34.32 16.79
C PHE A 1151 25.24 -35.46 16.95
N ALA A 1152 26.51 -35.20 16.63
CA ALA A 1152 27.54 -36.24 16.77
C ALA A 1152 27.76 -36.60 18.23
N LYS A 1153 27.71 -35.61 19.12
CA LYS A 1153 27.87 -35.89 20.55
C LYS A 1153 26.70 -36.70 21.09
N ALA A 1154 25.48 -36.43 20.61
CA ALA A 1154 24.31 -37.15 21.09
C ALA A 1154 24.36 -38.62 20.72
N GLU A 1155 24.84 -38.93 19.51
CA GLU A 1155 24.91 -40.33 19.07
C GLU A 1155 26.02 -41.08 19.80
N ALA A 1156 27.14 -40.41 20.08
CA ALA A 1156 28.23 -41.08 20.79
C ALA A 1156 27.85 -41.36 22.24
N ASP A 1157 27.08 -40.48 22.86
CA ASP A 1157 26.66 -40.71 24.24
C ASP A 1157 25.67 -41.87 24.35
N ALA A 1158 24.84 -42.07 23.32
CA ALA A 1158 23.90 -43.19 23.37
C ALA A 1158 24.61 -44.52 23.25
N LYS A 1159 25.70 -44.58 22.47
CA LYS A 1159 26.48 -45.81 22.38
C LYS A 1159 27.28 -46.06 23.66
N ALA A 1160 27.84 -45.00 24.25
CA ALA A 1160 28.56 -45.16 25.50
C ALA A 1160 27.63 -45.49 26.65
N ARG A 1161 26.40 -44.98 26.63
CA ARG A 1161 25.45 -45.32 27.67
C ARG A 1161 24.98 -46.76 27.53
N LEU A 1162 24.78 -47.21 26.30
CA LEU A 1162 24.40 -48.61 26.07
C LEU A 1162 25.55 -49.54 26.42
N GLU A 1163 26.78 -49.16 26.06
CA GLU A 1163 27.95 -49.96 26.42
C GLU A 1163 28.19 -49.97 27.92
N GLN A 1164 27.79 -48.90 28.61
CA GLN A 1164 27.92 -48.87 30.06
C GLN A 1164 26.89 -49.79 30.72
N TYR A 1165 25.69 -49.87 30.14
CA TYR A 1165 24.67 -50.77 30.65
C TYR A 1165 24.97 -52.23 30.30
N LYS A 1166 25.68 -52.47 29.20
CA LYS A 1166 26.07 -53.83 28.87
C LYS A 1166 27.13 -54.36 29.84
N LYS A 1167 28.02 -53.50 30.31
CA LYS A 1167 29.03 -53.93 31.28
C LYS A 1167 28.40 -54.23 32.64
N LEU A 1168 27.41 -53.43 33.03
CA LEU A 1168 26.71 -53.68 34.29
C LEU A 1168 25.85 -54.95 34.22
N ALA A 1169 25.38 -55.31 33.02
CA ALA A 1169 24.53 -56.49 32.88
C ALA A 1169 25.34 -57.77 32.78
N GLU A 1170 26.54 -57.72 32.18
CA GLU A 1170 27.43 -58.87 32.05
C GLU A 1170 27.45 -59.83 33.24
N PRO B 2 6.97 -31.37 90.14
CA PRO B 2 8.22 -31.41 90.90
C PRO B 2 9.15 -30.30 90.46
N LYS B 3 10.19 -30.02 91.24
CA LYS B 3 11.15 -29.00 90.89
C LYS B 3 12.36 -29.68 90.28
N GLN B 4 12.77 -29.19 89.11
CA GLN B 4 13.99 -29.65 88.45
C GLN B 4 14.74 -28.43 87.93
N THR B 5 16.03 -28.60 87.72
CA THR B 5 16.87 -27.56 87.13
C THR B 5 17.05 -27.91 85.66
N LEU B 6 16.43 -27.13 84.79
CA LEU B 6 16.48 -27.33 83.36
C LEU B 6 16.88 -26.04 82.68
N ASP B 7 17.10 -26.12 81.37
CA ASP B 7 17.25 -24.95 80.53
C ASP B 7 16.03 -24.78 79.64
N GLY B 8 16.00 -23.67 78.91
CA GLY B 8 14.89 -23.40 78.03
C GLY B 8 14.66 -24.50 77.01
N ASN B 9 15.74 -25.04 76.44
CA ASN B 9 15.61 -26.11 75.46
C ASN B 9 14.92 -27.33 76.07
N THR B 10 15.40 -27.78 77.23
CA THR B 10 14.82 -28.98 77.85
C THR B 10 13.38 -28.74 78.27
N ALA B 11 13.08 -27.53 78.76
CA ALA B 11 11.71 -27.21 79.12
C ALA B 11 10.78 -27.30 77.92
N ALA B 12 11.23 -26.81 76.76
CA ALA B 12 10.41 -26.88 75.57
C ALA B 12 10.26 -28.32 75.10
N ALA B 13 11.38 -29.03 74.98
CA ALA B 13 11.32 -30.42 74.52
C ALA B 13 10.51 -31.29 75.44
N HIS B 14 10.50 -30.99 76.74
CA HIS B 14 9.68 -31.74 77.68
C HIS B 14 8.21 -31.70 77.27
N VAL B 15 7.70 -30.51 76.97
CA VAL B 15 6.30 -30.39 76.58
C VAL B 15 6.08 -30.91 75.17
N ALA B 16 6.99 -30.57 74.25
CA ALA B 16 6.84 -31.00 72.86
C ALA B 16 6.83 -32.51 72.75
N TYR B 17 7.68 -33.20 73.53
CA TYR B 17 7.70 -34.66 73.48
C TYR B 17 6.36 -35.24 73.92
N ALA B 18 5.75 -34.64 74.95
CA ALA B 18 4.51 -35.18 75.48
C ALA B 18 3.36 -35.03 74.50
N MET B 19 3.36 -33.94 73.73
CA MET B 19 2.19 -33.56 72.94
C MET B 19 2.28 -33.97 71.48
N SER B 20 3.36 -34.63 71.06
CA SER B 20 3.59 -34.88 69.65
C SER B 20 3.81 -36.37 69.40
N GLU B 21 3.43 -36.80 68.20
CA GLU B 21 3.72 -38.15 67.74
C GLU B 21 4.95 -38.20 66.84
N VAL B 22 5.13 -37.20 65.99
CA VAL B 22 6.26 -37.14 65.06
C VAL B 22 7.00 -35.83 65.31
N ALA B 23 8.32 -35.87 65.17
CA ALA B 23 9.16 -34.67 65.27
C ALA B 23 10.27 -34.81 64.23
N THR B 24 10.14 -34.07 63.13
CA THR B 24 11.17 -34.05 62.09
C THR B 24 12.11 -32.89 62.36
N ILE B 25 13.42 -33.18 62.45
CA ILE B 25 14.38 -32.22 62.98
C ILE B 25 15.59 -32.09 62.07
N TYR B 26 16.33 -31.00 62.28
CA TYR B 26 17.59 -30.75 61.61
C TYR B 26 18.37 -29.82 62.51
N PRO B 27 19.66 -30.05 62.72
CA PRO B 27 20.39 -29.33 63.78
C PRO B 27 20.74 -27.90 63.37
N ILE B 28 20.53 -26.98 64.32
CA ILE B 28 21.01 -25.62 64.21
C ILE B 28 21.08 -24.97 65.58
N THR B 29 22.24 -24.42 65.93
CA THR B 29 22.40 -23.72 67.19
C THR B 29 21.44 -22.52 67.21
N PRO B 30 20.81 -22.22 68.35
CA PRO B 30 20.87 -22.96 69.61
C PRO B 30 19.65 -23.85 69.81
N SER B 31 19.00 -24.26 68.72
CA SER B 31 17.81 -25.09 68.83
C SER B 31 18.14 -26.58 68.82
N SER B 32 19.33 -26.96 68.37
CA SER B 32 19.66 -28.38 68.28
C SER B 32 19.60 -29.13 69.62
N PRO B 33 19.94 -28.55 70.78
CA PRO B 33 19.75 -29.28 72.03
C PRO B 33 18.32 -29.77 72.23
N MET B 34 17.31 -29.05 71.73
CA MET B 34 15.94 -29.55 71.83
C MET B 34 15.77 -30.87 71.10
N ALA B 35 16.31 -30.96 69.88
CA ALA B 35 16.19 -32.21 69.14
C ALA B 35 17.12 -33.28 69.69
N GLU B 36 18.25 -32.88 70.29
CA GLU B 36 19.16 -33.87 70.84
C GLU B 36 18.53 -34.62 72.00
N ILE B 37 17.94 -33.87 72.94
CA ILE B 37 17.36 -34.50 74.13
C ILE B 37 16.10 -35.26 73.77
N ALA B 38 15.39 -34.84 72.72
CA ALA B 38 14.22 -35.60 72.25
C ALA B 38 14.65 -36.93 71.65
N ASP B 39 15.82 -36.99 71.04
CA ASP B 39 16.33 -38.26 70.50
C ASP B 39 16.75 -39.20 71.62
N GLU B 40 17.40 -38.67 72.66
CA GLU B 40 17.81 -39.51 73.79
C GLU B 40 16.61 -40.09 74.52
N TRP B 41 15.56 -39.28 74.72
CA TRP B 41 14.36 -39.76 75.40
C TRP B 41 13.70 -40.91 74.64
N ALA B 42 13.61 -40.79 73.32
CA ALA B 42 13.01 -41.87 72.53
C ALA B 42 13.85 -43.14 72.61
N ALA B 43 15.18 -43.01 72.61
CA ALA B 43 16.04 -44.18 72.70
C ALA B 43 15.92 -44.87 74.05
N HIS B 44 15.57 -44.13 75.10
CA HIS B 44 15.38 -44.69 76.42
C HIS B 44 13.92 -45.04 76.70
N GLY B 45 13.05 -44.89 75.71
CA GLY B 45 11.68 -45.37 75.84
C GLY B 45 10.72 -44.47 76.56
N ARG B 46 10.92 -43.15 76.53
CA ARG B 46 9.96 -42.24 77.13
C ARG B 46 8.66 -42.24 76.32
N LYS B 47 7.54 -42.35 77.03
CA LYS B 47 6.22 -42.35 76.41
C LYS B 47 5.61 -40.94 76.44
N ASN B 48 4.91 -40.59 75.36
CA ASN B 48 4.14 -39.37 75.28
C ASN B 48 2.73 -39.60 75.84
N ILE B 49 1.84 -38.61 75.67
CA ILE B 49 0.47 -38.74 76.16
C ILE B 49 -0.34 -39.74 75.36
N PHE B 50 0.21 -40.27 74.27
CA PHE B 50 -0.44 -41.31 73.48
C PHE B 50 0.11 -42.69 73.81
N GLY B 51 0.96 -42.79 74.82
CA GLY B 51 1.52 -44.05 75.27
C GLY B 51 2.61 -44.64 74.42
N LYS B 52 3.09 -43.92 73.41
CA LYS B 52 4.14 -44.42 72.52
C LYS B 52 5.34 -43.49 72.57
N THR B 53 6.45 -43.96 72.00
CA THR B 53 7.63 -43.11 71.89
C THR B 53 7.54 -42.21 70.66
N LEU B 54 8.12 -41.02 70.80
CA LEU B 54 8.15 -40.05 69.70
C LEU B 54 9.04 -40.58 68.59
N GLN B 55 8.56 -40.47 67.35
CA GLN B 55 9.35 -40.87 66.19
C GLN B 55 10.08 -39.64 65.66
N VAL B 56 11.40 -39.68 65.72
CA VAL B 56 12.24 -38.56 65.30
C VAL B 56 12.86 -38.92 63.96
N ALA B 57 12.67 -38.05 62.97
CA ALA B 57 13.21 -38.23 61.63
C ALA B 57 14.06 -37.02 61.27
N GLU B 58 15.31 -37.26 60.92
CA GLU B 58 16.22 -36.19 60.51
C GLU B 58 16.21 -36.06 58.99
N MET B 59 16.10 -34.83 58.51
CA MET B 59 16.06 -34.55 57.09
C MET B 59 17.41 -34.01 56.60
N GLN B 60 17.46 -33.64 55.33
CA GLN B 60 18.69 -33.09 54.75
C GLN B 60 18.82 -31.59 54.98
N SER B 61 17.73 -30.93 55.36
CA SER B 61 17.73 -29.50 55.65
C SER B 61 16.42 -29.17 56.34
N GLU B 62 16.31 -27.94 56.83
CA GLU B 62 15.06 -27.50 57.44
C GLU B 62 13.96 -27.39 56.41
N ALA B 63 14.31 -27.14 55.16
CA ALA B 63 13.31 -27.15 54.10
C ALA B 63 12.68 -28.53 53.96
N GLY B 64 13.51 -29.58 53.99
CA GLY B 64 12.98 -30.93 53.97
C GLY B 64 12.16 -31.23 55.22
N ALA B 65 12.59 -30.71 56.36
CA ALA B 65 11.85 -30.90 57.60
C ALA B 65 10.47 -30.27 57.50
N ALA B 66 10.40 -29.04 56.99
CA ALA B 66 9.13 -28.35 56.89
C ALA B 66 8.17 -29.11 55.98
N GLY B 67 8.66 -29.58 54.84
CA GLY B 67 7.82 -30.38 53.95
C GLY B 67 7.32 -31.64 54.61
N ALA B 68 8.17 -32.29 55.39
CA ALA B 68 7.75 -33.50 56.09
C ALA B 68 6.69 -33.21 57.13
N VAL B 69 6.81 -32.08 57.85
CA VAL B 69 5.78 -31.69 58.80
C VAL B 69 4.44 -31.53 58.09
N HIS B 70 4.44 -30.84 56.95
CA HIS B 70 3.19 -30.64 56.23
C HIS B 70 2.58 -31.98 55.84
N GLY B 71 3.39 -32.89 55.31
CA GLY B 71 2.88 -34.19 54.93
C GLY B 71 2.39 -35.00 56.11
N SER B 72 3.14 -34.97 57.22
CA SER B 72 2.72 -35.72 58.39
C SER B 72 1.43 -35.17 58.97
N LEU B 73 1.29 -33.84 58.99
CA LEU B 73 0.06 -33.24 59.49
C LEU B 73 -1.12 -33.55 58.56
N ALA B 74 -0.93 -33.38 57.25
CA ALA B 74 -2.00 -33.65 56.31
C ALA B 74 -2.41 -35.11 56.30
N ALA B 75 -1.54 -36.00 56.75
CA ALA B 75 -1.85 -37.43 56.78
C ALA B 75 -2.37 -37.90 58.14
N GLY B 76 -2.35 -37.03 59.16
CA GLY B 76 -3.07 -37.32 60.40
C GLY B 76 -2.24 -37.62 61.63
N ALA B 77 -1.01 -37.11 61.69
CA ALA B 77 -0.16 -37.30 62.87
C ALA B 77 0.21 -35.93 63.42
N LEU B 78 0.09 -35.76 64.73
CA LEU B 78 0.51 -34.53 65.39
C LEU B 78 2.03 -34.42 65.35
N THR B 79 2.53 -33.35 64.74
CA THR B 79 3.95 -33.20 64.46
C THR B 79 4.44 -31.84 64.90
N THR B 80 5.67 -31.80 65.40
CA THR B 80 6.34 -30.59 65.80
C THR B 80 7.74 -30.60 65.20
N THR B 81 8.47 -29.50 65.38
CA THR B 81 9.85 -29.42 64.95
C THR B 81 10.56 -28.32 65.72
N PHE B 82 11.88 -28.34 65.66
CA PHE B 82 12.71 -27.40 66.37
C PHE B 82 13.72 -26.82 65.39
N THR B 83 13.81 -25.50 65.37
CA THR B 83 14.66 -24.81 64.41
C THR B 83 14.91 -23.40 64.93
N ALA B 84 15.62 -22.62 64.13
CA ALA B 84 15.98 -21.25 64.47
C ALA B 84 16.68 -20.61 63.29
N SER B 85 16.65 -19.27 63.27
CA SER B 85 17.53 -18.42 62.44
C SER B 85 17.45 -18.86 60.97
N GLN B 86 18.56 -19.12 60.29
CA GLN B 86 18.54 -19.47 58.88
C GLN B 86 17.67 -20.69 58.62
N GLY B 87 17.56 -21.59 59.60
CA GLY B 87 16.69 -22.74 59.43
C GLY B 87 15.22 -22.35 59.35
N LEU B 88 14.80 -21.37 60.16
CA LEU B 88 13.42 -20.94 60.11
C LEU B 88 13.08 -20.30 58.76
N LEU B 89 14.03 -19.59 58.16
CA LEU B 89 13.79 -18.99 56.85
C LEU B 89 13.46 -20.04 55.80
N LEU B 90 14.21 -21.15 55.77
CA LEU B 90 14.00 -22.19 54.78
C LEU B 90 12.65 -22.87 54.95
N MET B 91 12.03 -22.76 56.12
CA MET B 91 10.72 -23.34 56.38
C MET B 91 9.58 -22.39 56.03
N ILE B 92 9.88 -21.11 55.80
CA ILE B 92 8.81 -20.13 55.56
C ILE B 92 7.88 -20.50 54.39
N PRO B 93 8.40 -20.93 53.24
CA PRO B 93 7.46 -21.34 52.17
C PRO B 93 6.44 -22.39 52.59
N ASN B 94 6.86 -23.40 53.35
CA ASN B 94 5.90 -24.40 53.81
C ASN B 94 4.98 -23.86 54.89
N MET B 95 5.45 -22.87 55.65
CA MET B 95 4.63 -22.29 56.71
C MET B 95 3.36 -21.65 56.16
N TYR B 96 3.47 -21.01 54.98
CA TYR B 96 2.28 -20.46 54.34
C TYR B 96 1.25 -21.55 54.06
N LYS B 97 1.71 -22.73 53.63
CA LYS B 97 0.80 -23.81 53.34
C LYS B 97 0.17 -24.35 54.62
N ILE B 98 0.98 -24.54 55.66
CA ILE B 98 0.48 -25.10 56.90
C ILE B 98 -0.55 -24.18 57.54
N ALA B 99 -0.27 -22.87 57.54
CA ALA B 99 -1.24 -21.93 58.09
C ALA B 99 -2.47 -21.81 57.20
N GLY B 100 -2.27 -21.76 55.88
CA GLY B 100 -3.40 -21.64 54.98
C GLY B 100 -4.35 -22.81 55.06
N GLU B 101 -3.82 -24.01 55.31
CA GLU B 101 -4.63 -25.22 55.40
C GLU B 101 -5.15 -25.48 56.81
N LEU B 102 -4.86 -24.59 57.75
CA LEU B 102 -5.36 -24.66 59.12
C LEU B 102 -5.06 -26.00 59.80
N LEU B 103 -3.77 -26.33 59.85
CA LEU B 103 -3.35 -27.58 60.47
C LEU B 103 -2.76 -27.31 61.84
N PRO B 104 -3.21 -28.00 62.89
CA PRO B 104 -2.64 -27.79 64.22
C PRO B 104 -1.18 -28.21 64.27
N CYS B 105 -0.35 -27.36 64.87
CA CYS B 105 1.09 -27.58 64.84
C CYS B 105 1.76 -26.57 65.76
N VAL B 106 2.93 -26.96 66.29
CA VAL B 106 3.73 -26.05 67.09
C VAL B 106 5.18 -26.18 66.67
N PHE B 107 5.77 -25.07 66.21
CA PHE B 107 7.21 -24.96 65.99
C PHE B 107 7.85 -24.33 67.22
N HIS B 108 8.87 -24.98 67.75
CA HIS B 108 9.64 -24.44 68.86
C HIS B 108 10.93 -23.85 68.33
N VAL B 109 11.14 -22.56 68.57
CA VAL B 109 12.23 -21.80 67.96
C VAL B 109 13.08 -21.17 69.06
N ALA B 110 14.38 -21.45 69.03
CA ALA B 110 15.35 -20.74 69.85
C ALA B 110 15.84 -19.54 69.03
N ALA B 111 15.12 -18.43 69.15
CA ALA B 111 15.29 -17.27 68.28
C ALA B 111 16.75 -16.82 68.23
N ARG B 112 17.30 -16.75 67.01
CA ARG B 112 18.70 -16.44 66.78
C ARG B 112 18.82 -15.46 65.63
N ALA B 113 19.88 -14.65 65.66
CA ALA B 113 20.11 -13.62 64.64
C ALA B 113 20.23 -14.24 63.25
N LEU B 114 19.92 -13.42 62.24
CA LEU B 114 20.07 -13.82 60.85
C LEU B 114 21.43 -13.37 60.31
N SER B 115 21.94 -14.13 59.35
CA SER B 115 23.23 -13.83 58.75
C SER B 115 23.04 -12.67 57.77
N THR B 116 23.65 -11.54 58.08
CA THR B 116 23.56 -10.34 57.26
C THR B 116 24.95 -9.92 56.80
N HIS B 117 25.48 -8.87 57.42
CA HIS B 117 26.88 -8.55 57.17
C HIS B 117 27.81 -9.63 57.72
N ALA B 118 27.33 -10.45 58.64
CA ALA B 118 28.11 -11.49 59.27
C ALA B 118 27.16 -12.50 59.91
N LEU B 119 27.69 -13.71 60.12
CA LEU B 119 26.94 -14.75 60.82
C LEU B 119 27.00 -14.51 62.32
N SER B 120 25.90 -14.85 63.00
CA SER B 120 25.86 -14.79 64.45
C SER B 120 24.98 -15.94 64.93
N ILE B 121 25.56 -16.80 65.77
CA ILE B 121 24.82 -17.91 66.35
C ILE B 121 24.01 -17.50 67.57
N PHE B 122 24.02 -16.23 67.93
CA PHE B 122 23.46 -15.76 69.18
C PHE B 122 22.04 -15.24 68.97
N GLY B 123 21.39 -14.85 70.07
CA GLY B 123 19.95 -14.73 70.09
C GLY B 123 19.43 -13.35 69.78
N ASP B 124 18.43 -13.29 68.91
CA ASP B 124 17.52 -12.16 68.81
C ASP B 124 16.29 -12.62 68.03
N HIS B 125 15.36 -11.69 67.81
CA HIS B 125 14.07 -12.01 67.22
C HIS B 125 14.05 -11.85 65.70
N ALA B 126 15.20 -11.74 65.06
CA ALA B 126 15.22 -11.51 63.61
C ALA B 126 14.54 -12.64 62.85
N ASP B 127 14.77 -13.88 63.28
CA ASP B 127 14.19 -15.03 62.57
C ASP B 127 12.67 -15.09 62.74
N VAL B 128 12.17 -14.89 63.95
CA VAL B 128 10.74 -14.99 64.18
C VAL B 128 9.99 -13.89 63.43
N MET B 129 10.55 -12.68 63.43
CA MET B 129 9.88 -11.56 62.74
C MET B 129 9.80 -11.79 61.24
N ALA B 130 10.72 -12.55 60.66
CA ALA B 130 10.70 -12.81 59.23
C ALA B 130 9.55 -13.72 58.82
N ALA B 131 8.84 -14.32 59.78
CA ALA B 131 7.71 -15.19 59.48
C ALA B 131 6.40 -14.63 60.00
N ARG B 132 6.37 -13.37 60.44
CA ARG B 132 5.17 -12.84 61.06
C ARG B 132 4.00 -12.69 60.09
N GLN B 133 4.23 -12.88 58.79
CA GLN B 133 3.17 -12.77 57.80
C GLN B 133 2.73 -14.12 57.24
N THR B 134 3.24 -15.22 57.79
CA THR B 134 2.90 -16.54 57.29
C THR B 134 1.52 -17.00 57.73
N GLY B 135 0.95 -16.36 58.75
CA GLY B 135 -0.32 -16.82 59.30
C GLY B 135 -0.17 -17.74 60.49
N PHE B 136 1.06 -18.08 60.87
CA PHE B 136 1.27 -18.83 62.09
C PHE B 136 1.00 -17.92 63.29
N ALA B 137 0.48 -18.52 64.36
CA ALA B 137 0.46 -17.79 65.62
C ALA B 137 1.86 -17.75 66.21
N MET B 138 2.10 -16.76 67.06
CA MET B 138 3.43 -16.57 67.63
C MET B 138 3.31 -16.28 69.12
N LEU B 139 3.96 -17.11 69.93
CA LEU B 139 3.87 -17.04 71.38
C LEU B 139 5.28 -16.93 71.96
N SER B 140 5.48 -15.93 72.82
CA SER B 140 6.80 -15.62 73.37
C SER B 140 6.84 -15.95 74.85
N SER B 141 7.87 -16.68 75.26
CA SER B 141 8.12 -16.99 76.65
C SER B 141 9.40 -16.29 77.11
N ALA B 142 9.38 -15.72 78.31
CA ALA B 142 10.45 -14.85 78.77
C ALA B 142 11.44 -15.52 79.71
N SER B 143 11.11 -16.66 80.28
CA SER B 143 11.97 -17.35 81.24
C SER B 143 11.84 -18.84 81.04
N VAL B 144 12.74 -19.59 81.68
CA VAL B 144 12.73 -21.04 81.54
C VAL B 144 11.40 -21.61 82.04
N GLN B 145 10.86 -21.03 83.12
CA GLN B 145 9.56 -21.44 83.61
C GLN B 145 8.47 -21.13 82.59
N GLU B 146 8.59 -19.99 81.91
CA GLU B 146 7.58 -19.60 80.93
C GLU B 146 7.66 -20.47 79.67
N VAL B 147 8.87 -20.95 79.34
CA VAL B 147 9.01 -21.88 78.23
C VAL B 147 8.19 -23.14 78.49
N MET B 148 8.30 -23.69 79.72
CA MET B 148 7.53 -24.87 80.09
C MET B 148 6.04 -24.63 79.96
N ASP B 149 5.56 -23.51 80.52
CA ASP B 149 4.12 -23.27 80.58
C ASP B 149 3.55 -22.94 79.20
N LEU B 150 4.19 -22.00 78.50
CA LEU B 150 3.60 -21.52 77.25
C LEU B 150 3.73 -22.53 76.13
N ALA B 151 4.75 -23.40 76.17
CA ALA B 151 4.80 -24.50 75.21
C ALA B 151 3.56 -25.37 75.34
N LEU B 152 3.12 -25.62 76.58
CA LEU B 152 1.85 -26.32 76.77
C LEU B 152 0.69 -25.47 76.25
N VAL B 153 0.72 -24.16 76.49
CA VAL B 153 -0.36 -23.30 76.03
C VAL B 153 -0.52 -23.40 74.52
N ALA B 154 0.61 -23.36 73.79
CA ALA B 154 0.55 -23.45 72.33
C ALA B 154 0.01 -24.80 71.88
N HIS B 155 0.50 -25.89 72.47
CA HIS B 155 0.08 -27.22 72.03
C HIS B 155 -1.41 -27.45 72.31
N LEU B 156 -1.92 -26.89 73.40
CA LEU B 156 -3.35 -27.01 73.67
C LEU B 156 -4.17 -26.10 72.77
N ALA B 157 -3.68 -24.89 72.52
CA ALA B 157 -4.42 -23.92 71.72
C ALA B 157 -4.45 -24.28 70.25
N THR B 158 -3.34 -24.82 69.71
CA THR B 158 -3.30 -25.11 68.29
C THR B 158 -4.30 -26.18 67.89
N LEU B 159 -4.57 -27.14 68.78
CA LEU B 159 -5.59 -28.15 68.49
C LEU B 159 -6.97 -27.52 68.46
N LYS B 160 -7.22 -26.56 69.35
CA LYS B 160 -8.54 -25.93 69.44
C LYS B 160 -8.74 -24.90 68.34
N ALA B 161 -7.71 -24.13 68.00
CA ALA B 161 -7.84 -23.02 67.06
C ALA B 161 -7.59 -23.40 65.61
N ARG B 162 -7.01 -24.57 65.34
CA ARG B 162 -6.59 -25.00 64.02
C ARG B 162 -5.55 -24.07 63.40
N VAL B 163 -5.04 -23.11 64.14
CA VAL B 163 -4.03 -22.18 63.67
C VAL B 163 -2.68 -22.66 64.20
N PRO B 164 -1.71 -22.92 63.34
CA PRO B 164 -0.41 -23.39 63.85
C PRO B 164 0.31 -22.29 64.60
N PHE B 165 1.13 -22.70 65.57
CA PHE B 165 1.79 -21.79 66.48
C PHE B 165 3.29 -21.87 66.31
N VAL B 166 3.96 -20.72 66.42
CA VAL B 166 5.39 -20.66 66.61
C VAL B 166 5.60 -20.23 68.05
N HIS B 167 6.12 -21.15 68.86
CA HIS B 167 6.50 -20.84 70.23
C HIS B 167 8.00 -20.59 70.23
N PHE B 168 8.39 -19.36 70.54
CA PHE B 168 9.80 -18.99 70.45
C PHE B 168 10.28 -18.42 71.78
N PHE B 169 11.57 -18.62 72.04
CA PHE B 169 12.24 -18.08 73.21
C PHE B 169 13.65 -17.65 72.80
N ASP B 170 14.19 -16.71 73.56
CA ASP B 170 15.46 -16.09 73.18
C ASP B 170 16.60 -17.10 73.19
N GLY B 171 17.32 -17.18 72.08
CA GLY B 171 18.43 -18.11 71.99
C GLY B 171 19.54 -17.78 72.96
N PHE B 172 20.10 -18.83 73.57
CA PHE B 172 21.15 -18.72 74.57
C PHE B 172 20.65 -18.04 75.85
N ARG B 173 20.16 -16.81 75.74
CA ARG B 173 19.70 -16.08 76.93
C ARG B 173 18.62 -16.84 77.69
N THR B 174 17.82 -17.65 77.00
CA THR B 174 16.84 -18.52 77.63
C THR B 174 17.05 -19.99 77.29
N SER B 175 17.42 -20.29 76.04
CA SER B 175 17.55 -21.68 75.65
C SER B 175 18.67 -22.39 76.40
N HIS B 176 19.72 -21.67 76.79
CA HIS B 176 20.84 -22.25 77.52
C HIS B 176 20.93 -21.76 78.95
N GLU B 177 19.94 -21.00 79.42
CA GLU B 177 19.90 -20.55 80.80
C GLU B 177 19.34 -21.68 81.66
N VAL B 178 20.11 -22.11 82.67
CA VAL B 178 19.69 -23.15 83.58
C VAL B 178 18.96 -22.53 84.76
N GLN B 179 17.77 -23.03 85.05
CA GLN B 179 16.94 -22.52 86.14
C GLN B 179 16.18 -23.67 86.81
N LYS B 180 15.96 -23.52 88.10
CA LYS B 180 15.08 -24.43 88.83
C LYS B 180 13.65 -24.00 88.57
N ILE B 181 12.85 -24.89 87.97
CA ILE B 181 11.49 -24.57 87.56
C ILE B 181 10.54 -25.66 88.04
N ASP B 182 9.26 -25.33 88.01
CA ASP B 182 8.21 -26.32 88.24
C ASP B 182 7.92 -27.04 86.94
N VAL B 183 8.11 -28.35 86.92
CA VAL B 183 7.89 -29.16 85.73
C VAL B 183 6.47 -29.71 85.75
N ILE B 184 5.78 -29.61 84.62
CA ILE B 184 4.41 -30.07 84.50
C ILE B 184 4.44 -31.55 84.13
N GLU B 185 3.71 -32.36 84.88
CA GLU B 185 3.66 -33.80 84.61
C GLU B 185 2.82 -34.11 83.38
N TYR B 186 3.26 -35.13 82.62
CA TYR B 186 2.55 -35.53 81.42
C TYR B 186 1.09 -35.89 81.73
N GLU B 187 0.85 -36.56 82.86
CA GLU B 187 -0.52 -36.92 83.22
C GLU B 187 -1.39 -35.68 83.41
N ASP B 188 -0.80 -34.59 83.88
CA ASP B 188 -1.58 -33.37 84.07
C ASP B 188 -1.91 -32.69 82.74
N MET B 189 -1.03 -32.80 81.75
CA MET B 189 -1.31 -32.22 80.44
C MET B 189 -2.52 -32.89 79.81
N ALA B 190 -2.55 -34.23 79.81
CA ALA B 190 -3.63 -34.97 79.17
C ALA B 190 -4.99 -34.64 79.76
N LYS B 191 -5.05 -34.14 80.99
CA LYS B 191 -6.32 -33.72 81.58
C LYS B 191 -6.82 -32.40 81.00
N LEU B 192 -5.98 -31.65 80.28
CA LEU B 192 -6.35 -30.39 79.68
C LEU B 192 -6.52 -30.46 78.17
N VAL B 193 -6.10 -31.54 77.53
CA VAL B 193 -6.15 -31.66 76.08
C VAL B 193 -7.60 -31.77 75.62
N ASP B 194 -7.93 -31.07 74.54
CA ASP B 194 -9.23 -31.25 73.89
C ASP B 194 -9.13 -32.46 72.98
N TRP B 195 -9.50 -33.61 73.53
CA TRP B 195 -9.42 -34.85 72.75
C TRP B 195 -10.40 -34.85 71.58
N ASP B 196 -11.52 -34.13 71.72
CA ASP B 196 -12.43 -33.98 70.59
C ASP B 196 -11.73 -33.32 69.42
N ALA B 197 -10.85 -32.35 69.69
CA ALA B 197 -10.11 -31.70 68.62
C ALA B 197 -9.13 -32.65 67.95
N ILE B 198 -8.52 -33.56 68.72
CA ILE B 198 -7.57 -34.49 68.11
C ILE B 198 -8.29 -35.46 67.17
N ARG B 199 -9.43 -36.00 67.60
CA ARG B 199 -10.17 -36.92 66.75
C ARG B 199 -10.71 -36.22 65.50
N ALA B 200 -11.13 -34.96 65.63
CA ALA B 200 -11.56 -34.21 64.46
C ALA B 200 -10.41 -34.00 63.49
N PHE B 201 -9.20 -33.79 64.01
CA PHE B 201 -8.02 -33.65 63.17
C PHE B 201 -7.70 -34.93 62.41
N ARG B 202 -8.02 -36.09 62.99
CA ARG B 202 -7.80 -37.36 62.29
C ARG B 202 -8.75 -37.53 61.12
N GLN B 203 -9.99 -37.02 61.24
CA GLN B 203 -10.98 -37.20 60.18
C GLN B 203 -10.63 -36.40 58.94
N ARG B 204 -9.93 -35.28 59.10
CA ARG B 204 -9.52 -34.44 57.98
C ARG B 204 -8.28 -34.98 57.25
N ALA B 205 -7.72 -36.10 57.70
CA ALA B 205 -6.48 -36.59 57.12
C ALA B 205 -6.71 -37.16 55.71
N LEU B 206 -5.65 -37.11 54.91
CA LEU B 206 -5.65 -37.71 53.58
C LEU B 206 -5.78 -39.23 53.72
N ASN B 207 -6.83 -39.80 53.12
CA ASN B 207 -7.02 -41.23 53.23
C ASN B 207 -7.80 -41.74 52.02
N PRO B 208 -7.34 -42.84 51.40
CA PRO B 208 -8.05 -43.34 50.21
C PRO B 208 -9.46 -43.86 50.47
N GLU B 209 -9.82 -44.14 51.72
CA GLU B 209 -11.16 -44.64 51.99
C GLU B 209 -12.20 -43.53 52.14
N HIS B 210 -11.77 -42.27 52.26
CA HIS B 210 -12.66 -41.12 52.14
C HIS B 210 -11.87 -39.97 51.53
N PRO B 211 -11.59 -40.04 50.23
CA PRO B 211 -10.57 -39.17 49.65
C PRO B 211 -11.06 -37.74 49.46
N HIS B 212 -10.08 -36.85 49.36
CA HIS B 212 -10.33 -35.44 49.11
C HIS B 212 -9.11 -34.86 48.43
N GLN B 213 -9.25 -33.62 47.97
CA GLN B 213 -8.16 -32.92 47.30
C GLN B 213 -7.86 -31.65 48.08
N ARG B 214 -6.59 -31.41 48.34
CA ARG B 214 -6.16 -30.20 49.05
C ARG B 214 -4.94 -29.63 48.34
N GLY B 215 -4.77 -28.33 48.46
CA GLY B 215 -3.68 -27.68 47.76
C GLY B 215 -3.91 -27.51 46.27
N THR B 216 -5.13 -27.16 45.87
CA THR B 216 -5.41 -26.98 44.46
C THR B 216 -4.79 -25.68 43.96
N ALA B 217 -4.90 -25.45 42.65
CA ALA B 217 -4.53 -24.19 42.02
C ALA B 217 -5.80 -23.43 41.65
N GLN B 218 -5.84 -22.14 41.98
CA GLN B 218 -7.07 -21.36 41.86
C GLN B 218 -6.85 -20.13 40.99
N ASN B 219 -7.87 -19.79 40.21
CA ASN B 219 -7.86 -18.62 39.34
C ASN B 219 -8.27 -17.38 40.13
N PRO B 220 -8.19 -16.20 39.51
CA PRO B 220 -8.59 -14.97 40.23
C PRO B 220 -10.04 -14.95 40.67
N ASP B 221 -10.89 -15.82 40.13
CA ASP B 221 -12.31 -15.74 40.41
C ASP B 221 -12.64 -16.15 41.84
N ILE B 222 -11.83 -17.02 42.45
CA ILE B 222 -12.19 -17.59 43.75
C ILE B 222 -11.05 -17.48 44.77
N TYR B 223 -9.87 -17.07 44.32
CA TYR B 223 -8.71 -17.08 45.22
C TYR B 223 -8.88 -16.07 46.35
N PHE B 224 -9.33 -14.86 46.04
CA PHE B 224 -9.50 -13.84 47.07
C PHE B 224 -10.52 -14.29 48.11
N GLN B 225 -11.70 -14.73 47.65
CA GLN B 225 -12.72 -15.17 48.61
C GLN B 225 -12.21 -16.33 49.45
N SER B 226 -11.56 -17.31 48.81
CA SER B 226 -11.09 -18.48 49.55
C SER B 226 -10.06 -18.12 50.59
N ARG B 227 -9.30 -17.05 50.37
CA ARG B 227 -8.32 -16.63 51.37
C ARG B 227 -9.01 -15.99 52.58
N GLU B 228 -10.13 -15.30 52.35
CA GLU B 228 -10.88 -14.66 53.43
C GLU B 228 -11.77 -15.65 54.19
N ALA B 229 -11.90 -16.88 53.68
CA ALA B 229 -12.74 -17.86 54.35
C ALA B 229 -12.15 -18.33 55.67
N ALA B 230 -10.86 -18.06 55.90
CA ALA B 230 -10.20 -18.41 57.15
C ALA B 230 -10.27 -17.29 58.18
N ASN B 231 -10.94 -16.18 57.87
CA ASN B 231 -11.06 -15.07 58.82
C ASN B 231 -11.62 -15.45 60.18
N PRO B 232 -12.70 -16.24 60.29
CA PRO B 232 -13.19 -16.59 61.62
C PRO B 232 -12.17 -17.32 62.48
N TYR B 233 -11.32 -18.16 61.88
CA TYR B 233 -10.33 -18.89 62.67
C TYR B 233 -9.31 -17.98 63.33
N TYR B 234 -8.93 -16.89 62.66
CA TYR B 234 -7.98 -15.97 63.27
C TYR B 234 -8.65 -15.05 64.28
N LEU B 235 -9.91 -14.69 64.05
CA LEU B 235 -10.63 -13.84 65.01
C LEU B 235 -10.85 -14.56 66.33
N ALA B 236 -11.03 -15.87 66.30
CA ALA B 236 -11.29 -16.63 67.51
C ALA B 236 -10.02 -17.07 68.23
N THR B 237 -8.87 -17.02 67.56
CA THR B 237 -7.63 -17.49 68.19
C THR B 237 -7.27 -16.77 69.48
N PRO B 238 -7.36 -15.42 69.57
CA PRO B 238 -7.04 -14.78 70.86
C PRO B 238 -7.89 -15.29 72.02
N GLY B 239 -9.21 -15.41 71.83
CA GLY B 239 -10.04 -15.93 72.90
C GLY B 239 -9.71 -17.36 73.26
N ILE B 240 -9.29 -18.16 72.27
CA ILE B 240 -8.89 -19.53 72.57
C ILE B 240 -7.62 -19.55 73.40
N VAL B 241 -6.63 -18.72 73.04
CA VAL B 241 -5.41 -18.66 73.81
C VAL B 241 -5.69 -18.16 75.23
N ALA B 242 -6.61 -17.21 75.37
CA ALA B 242 -6.95 -16.70 76.69
C ALA B 242 -7.54 -17.79 77.57
N GLN B 243 -8.46 -18.58 77.02
CA GLN B 243 -9.09 -19.65 77.79
C GLN B 243 -8.10 -20.77 78.10
N VAL B 244 -7.21 -21.09 77.16
CA VAL B 244 -6.18 -22.09 77.44
C VAL B 244 -5.25 -21.59 78.54
N MET B 245 -4.93 -20.31 78.54
CA MET B 245 -4.06 -19.78 79.59
C MET B 245 -4.72 -19.88 80.96
N GLU B 246 -6.04 -19.80 81.03
CA GLU B 246 -6.71 -19.98 82.31
C GLU B 246 -6.66 -21.44 82.75
N GLN B 247 -6.70 -22.39 81.80
CA GLN B 247 -6.55 -23.80 82.15
C GLN B 247 -5.20 -24.04 82.81
N VAL B 248 -4.12 -23.53 82.21
CA VAL B 248 -2.80 -23.67 82.81
C VAL B 248 -2.74 -22.95 84.15
N ALA B 249 -3.45 -21.83 84.27
CA ALA B 249 -3.49 -21.10 85.54
C ALA B 249 -4.13 -21.93 86.63
N GLY B 250 -5.25 -22.61 86.33
CA GLY B 250 -5.86 -23.45 87.33
C GLY B 250 -5.00 -24.62 87.74
N LEU B 251 -4.15 -25.09 86.83
CA LEU B 251 -3.30 -26.23 87.15
C LEU B 251 -2.05 -25.83 87.92
N THR B 252 -1.38 -24.75 87.48
CA THR B 252 -0.08 -24.40 88.03
C THR B 252 -0.13 -23.25 89.04
N GLY B 253 -1.18 -22.44 89.00
CA GLY B 253 -1.25 -21.26 89.84
C GLY B 253 -0.62 -20.03 89.25
N ARG B 254 0.05 -20.15 88.10
CA ARG B 254 0.73 -19.05 87.45
C ARG B 254 -0.18 -18.50 86.35
N HIS B 255 -0.50 -17.21 86.43
CA HIS B 255 -1.51 -16.60 85.59
C HIS B 255 -0.85 -15.87 84.44
N TYR B 256 -1.12 -16.33 83.22
CA TYR B 256 -0.67 -15.64 82.02
C TYR B 256 -1.87 -15.06 81.30
N HIS B 257 -1.63 -13.97 80.57
CA HIS B 257 -2.62 -13.34 79.72
C HIS B 257 -1.94 -13.06 78.39
N LEU B 258 -2.74 -12.73 77.38
CA LEU B 258 -2.16 -12.39 76.08
C LEU B 258 -1.19 -11.23 76.20
N PHE B 259 -1.54 -10.22 76.99
CA PHE B 259 -0.63 -9.15 77.36
C PHE B 259 -0.71 -8.98 78.87
N ASP B 260 0.45 -9.00 79.52
CA ASP B 260 0.53 -8.86 80.97
C ASP B 260 1.11 -7.50 81.32
N TYR B 261 0.61 -6.92 82.40
CA TYR B 261 1.09 -5.62 82.86
C TYR B 261 1.82 -5.78 84.18
N ALA B 262 2.86 -4.97 84.37
CA ALA B 262 3.59 -4.94 85.62
C ALA B 262 4.07 -3.51 85.83
N GLY B 263 3.93 -3.03 87.05
CA GLY B 263 4.39 -1.71 87.42
C GLY B 263 3.32 -0.94 88.12
N ALA B 264 3.55 0.37 88.25
CA ALA B 264 2.62 1.21 88.98
C ALA B 264 1.29 1.28 88.23
N PRO B 265 0.17 1.16 88.93
CA PRO B 265 -1.13 1.27 88.26
C PRO B 265 -1.40 2.66 87.73
N ASP B 266 -0.73 3.68 88.24
CA ASP B 266 -0.84 5.04 87.75
C ASP B 266 0.38 5.44 86.92
N ALA B 267 0.98 4.48 86.23
CA ALA B 267 2.22 4.74 85.51
C ALA B 267 1.99 5.71 84.36
N GLU B 268 3.00 6.55 84.11
CA GLU B 268 2.99 7.47 82.98
C GLU B 268 3.95 7.07 81.88
N ARG B 269 4.99 6.31 82.19
CA ARG B 269 5.95 5.82 81.22
C ARG B 269 5.94 4.30 81.26
N VAL B 270 5.64 3.66 80.13
CA VAL B 270 5.52 2.21 80.06
C VAL B 270 6.36 1.71 78.90
N ILE B 271 7.09 0.62 79.13
CA ILE B 271 7.87 -0.05 78.10
C ILE B 271 7.06 -1.26 77.65
N VAL B 272 6.94 -1.43 76.34
CA VAL B 272 6.34 -2.62 75.75
C VAL B 272 7.46 -3.47 75.18
N SER B 273 7.49 -4.75 75.54
CA SER B 273 8.60 -5.59 75.13
C SER B 273 8.12 -7.04 75.02
N MET B 274 9.05 -7.91 74.65
CA MET B 274 8.75 -9.29 74.32
C MET B 274 9.99 -10.13 74.58
N GLY B 275 9.79 -11.35 75.07
CA GLY B 275 10.91 -12.23 75.33
C GLY B 275 11.59 -11.96 76.67
N SER B 276 12.85 -12.41 76.76
CA SER B 276 13.59 -12.38 78.01
C SER B 276 13.80 -10.97 78.56
N SER B 277 13.70 -9.95 77.71
CA SER B 277 13.85 -8.58 78.20
C SER B 277 12.80 -8.24 79.24
N CYS B 278 11.64 -8.90 79.18
CA CYS B 278 10.56 -8.61 80.13
C CYS B 278 10.99 -8.89 81.56
N GLU B 279 11.82 -9.93 81.76
CA GLU B 279 12.33 -10.22 83.10
C GLU B 279 13.22 -9.09 83.59
N VAL B 280 14.17 -8.64 82.75
CA VAL B 280 15.08 -7.57 83.15
C VAL B 280 14.30 -6.29 83.39
N ILE B 281 13.24 -6.06 82.61
CA ILE B 281 12.47 -4.83 82.77
C ILE B 281 11.62 -4.89 84.03
N GLU B 282 10.99 -6.04 84.30
CA GLU B 282 10.20 -6.16 85.52
C GLU B 282 11.08 -6.04 86.76
N GLU B 283 12.26 -6.64 86.73
CA GLU B 283 13.19 -6.47 87.83
C GLU B 283 13.54 -5.00 88.03
N THR B 284 13.74 -4.28 86.93
CA THR B 284 14.03 -2.85 87.01
C THR B 284 12.79 -2.07 87.44
N VAL B 285 11.63 -2.45 86.94
CA VAL B 285 10.40 -1.76 87.31
C VAL B 285 10.15 -1.87 88.81
N ASN B 286 10.36 -3.05 89.38
CA ASN B 286 10.25 -3.20 90.82
C ASN B 286 11.17 -2.23 91.54
N TYR B 287 12.41 -2.09 91.06
CA TYR B 287 13.37 -1.20 91.69
C TYR B 287 12.93 0.26 91.58
N LEU B 288 12.44 0.66 90.40
CA LEU B 288 12.05 2.05 90.18
C LEU B 288 10.74 2.41 90.86
N VAL B 289 9.76 1.50 90.84
CA VAL B 289 8.49 1.77 91.52
C VAL B 289 8.71 1.91 93.01
N GLU B 290 9.56 1.04 93.58
CA GLU B 290 9.89 1.16 94.99
C GLU B 290 10.57 2.49 95.28
N LYS B 291 11.30 3.02 94.30
CA LYS B 291 11.92 4.33 94.43
C LYS B 291 10.96 5.47 94.15
N GLY B 292 9.71 5.16 93.81
CA GLY B 292 8.67 6.15 93.65
C GLY B 292 8.37 6.54 92.21
N GLU B 293 9.15 6.04 91.26
CA GLU B 293 8.92 6.41 89.86
C GLU B 293 7.68 5.70 89.33
N LYS B 294 6.90 6.43 88.54
CA LYS B 294 5.65 5.90 87.99
C LYS B 294 5.93 5.30 86.61
N VAL B 295 6.46 4.08 86.63
CA VAL B 295 6.82 3.36 85.42
C VAL B 295 6.10 2.02 85.41
N GLY B 296 6.02 1.42 84.22
CA GLY B 296 5.34 0.17 84.05
C GLY B 296 5.93 -0.61 82.88
N LEU B 297 5.41 -1.81 82.68
CA LEU B 297 5.90 -2.70 81.63
C LEU B 297 4.75 -3.55 81.14
N ILE B 298 4.63 -3.69 79.82
CA ILE B 298 3.66 -4.57 79.19
C ILE B 298 4.44 -5.69 78.51
N LYS B 299 4.21 -6.92 78.96
CA LYS B 299 4.80 -8.09 78.34
C LYS B 299 3.88 -8.59 77.22
N VAL B 300 4.43 -8.75 76.03
CA VAL B 300 3.70 -9.31 74.90
C VAL B 300 3.91 -10.82 74.90
N ARG B 301 2.84 -11.58 75.09
CA ARG B 301 2.88 -13.03 75.02
C ARG B 301 2.42 -13.55 73.67
N LEU B 302 1.18 -13.23 73.28
CA LEU B 302 0.64 -13.61 71.98
C LEU B 302 0.85 -12.44 71.04
N PHE B 303 1.91 -12.53 70.23
CA PHE B 303 2.24 -11.48 69.27
C PHE B 303 1.37 -11.54 68.02
N ARG B 304 1.10 -12.76 67.53
CA ARG B 304 0.24 -12.95 66.38
C ARG B 304 -0.70 -14.11 66.68
N PRO B 305 -2.01 -13.97 66.43
CA PRO B 305 -2.66 -12.72 66.01
C PRO B 305 -2.69 -11.67 67.11
N PHE B 306 -2.50 -10.42 66.71
CA PHE B 306 -2.42 -9.30 67.65
C PHE B 306 -3.84 -8.87 68.03
N SER B 307 -4.23 -9.07 69.29
CA SER B 307 -5.57 -8.72 69.75
C SER B 307 -5.52 -7.33 70.38
N ALA B 308 -6.08 -6.34 69.66
CA ALA B 308 -6.13 -4.98 70.19
C ALA B 308 -6.93 -4.91 71.48
N GLU B 309 -7.99 -5.71 71.58
CA GLU B 309 -8.84 -5.69 72.77
C GLU B 309 -8.04 -6.09 74.00
N HIS B 310 -7.26 -7.16 73.91
CA HIS B 310 -6.51 -7.65 75.06
C HIS B 310 -5.30 -6.78 75.40
N PHE B 311 -4.79 -6.01 74.44
CA PHE B 311 -3.69 -5.11 74.73
C PHE B 311 -4.16 -3.86 75.47
N LEU B 312 -5.23 -3.23 74.97
CA LEU B 312 -5.73 -2.03 75.61
C LEU B 312 -6.33 -2.30 76.98
N LYS B 313 -6.75 -3.53 77.26
CA LYS B 313 -7.34 -3.83 78.56
C LYS B 313 -6.32 -3.66 79.69
N VAL B 314 -5.05 -3.91 79.41
CA VAL B 314 -4.00 -3.86 80.43
C VAL B 314 -3.16 -2.60 80.32
N LEU B 315 -3.55 -1.65 79.48
CA LEU B 315 -2.82 -0.39 79.37
C LEU B 315 -3.43 0.63 80.31
N PRO B 316 -2.73 1.09 81.33
CA PRO B 316 -3.31 2.05 82.26
C PRO B 316 -3.72 3.34 81.55
N ALA B 317 -4.82 3.92 82.04
CA ALA B 317 -5.32 5.17 81.46
C ALA B 317 -4.40 6.34 81.73
N SER B 318 -3.48 6.22 82.69
CA SER B 318 -2.57 7.29 83.04
C SER B 318 -1.34 7.32 82.16
N VAL B 319 -1.21 6.37 81.22
CA VAL B 319 -0.02 6.29 80.39
C VAL B 319 0.01 7.46 79.42
N LYS B 320 1.13 8.20 79.43
CA LYS B 320 1.34 9.31 78.50
C LYS B 320 2.41 9.02 77.48
N ARG B 321 3.40 8.18 77.81
CA ARG B 321 4.51 7.92 76.91
C ARG B 321 4.87 6.45 76.98
N ILE B 322 5.13 5.85 75.81
CA ILE B 322 5.41 4.43 75.67
C ILE B 322 6.69 4.28 74.87
N ALA B 323 7.58 3.42 75.32
CA ALA B 323 8.78 3.06 74.58
C ALA B 323 8.67 1.60 74.19
N VAL B 324 8.71 1.30 72.89
CA VAL B 324 8.63 -0.07 72.40
C VAL B 324 10.03 -0.55 72.03
N LEU B 325 10.40 -1.73 72.52
CA LEU B 325 11.71 -2.29 72.29
C LEU B 325 11.57 -3.53 71.41
N ASP B 326 12.28 -3.54 70.29
CA ASP B 326 12.31 -4.68 69.38
C ASP B 326 13.71 -5.28 69.38
N ARG B 327 13.78 -6.60 69.49
CA ARG B 327 15.05 -7.32 69.44
C ARG B 327 15.36 -7.77 68.02
N THR B 328 15.25 -6.82 67.09
CA THR B 328 15.50 -7.09 65.69
C THR B 328 15.84 -5.77 65.02
N LYS B 329 16.23 -5.84 63.75
CA LYS B 329 16.50 -4.64 62.96
C LYS B 329 16.00 -4.89 61.55
N GLU B 330 15.15 -3.99 61.05
CA GLU B 330 14.69 -4.04 59.67
C GLU B 330 15.23 -2.81 58.96
N PRO B 331 16.36 -2.92 58.25
CA PRO B 331 17.03 -1.71 57.73
C PRO B 331 16.12 -0.97 56.75
N GLY B 332 16.10 0.35 56.89
CA GLY B 332 15.30 1.17 56.01
C GLY B 332 13.83 1.23 56.35
N SER B 333 13.34 0.34 57.20
CA SER B 333 11.94 0.38 57.58
C SER B 333 11.66 1.63 58.42
N LEU B 334 10.41 2.08 58.40
CA LEU B 334 10.03 3.23 59.20
C LEU B 334 10.18 2.94 60.69
N GLY B 335 9.94 1.69 61.09
CA GLY B 335 10.13 1.24 62.45
C GLY B 335 10.16 -0.27 62.48
N GLU B 336 10.48 -0.81 63.65
CA GLU B 336 10.53 -2.25 63.85
C GLU B 336 9.13 -2.81 64.06
N PRO B 337 8.96 -4.15 63.93
CA PRO B 337 7.58 -4.70 63.89
C PRO B 337 6.72 -4.36 65.09
N LEU B 338 7.21 -4.57 66.31
CA LEU B 338 6.38 -4.33 67.47
C LEU B 338 6.05 -2.85 67.62
N TYR B 339 7.00 -1.97 67.29
CA TYR B 339 6.76 -0.54 67.34
C TYR B 339 5.65 -0.13 66.38
N GLU B 340 5.64 -0.72 65.19
CA GLU B 340 4.59 -0.38 64.22
C GLU B 340 3.24 -0.88 64.67
N ASP B 341 3.19 -2.02 65.36
CA ASP B 341 1.92 -2.53 65.87
C ASP B 341 1.39 -1.64 66.99
N VAL B 342 2.24 -1.30 67.95
CA VAL B 342 1.81 -0.47 69.07
C VAL B 342 1.36 0.89 68.58
N GLN B 343 2.13 1.49 67.66
CA GLN B 343 1.76 2.79 67.11
C GLN B 343 0.42 2.74 66.40
N THR B 344 0.12 1.61 65.72
CA THR B 344 -1.12 1.49 64.96
C THR B 344 -2.33 1.41 65.88
N VAL B 345 -2.30 0.49 66.86
CA VAL B 345 -3.47 0.22 67.70
C VAL B 345 -3.84 1.45 68.52
N LEU B 346 -2.83 2.16 69.02
CA LEU B 346 -3.11 3.39 69.77
C LEU B 346 -3.67 4.47 68.86
N ALA B 347 -3.27 4.47 67.58
CA ALA B 347 -3.81 5.43 66.63
C ALA B 347 -5.25 5.08 66.25
N GLU B 348 -5.55 3.79 66.08
CA GLU B 348 -6.90 3.37 65.72
C GLU B 348 -7.92 3.69 66.81
N HIS B 349 -7.47 3.90 68.04
CA HIS B 349 -8.36 4.20 69.16
C HIS B 349 -8.20 5.62 69.67
N GLY B 350 -7.54 6.49 68.91
CA GLY B 350 -7.45 7.89 69.26
C GLY B 350 -6.76 8.20 70.55
N LYS B 351 -5.89 7.31 71.02
CA LYS B 351 -5.13 7.56 72.23
C LYS B 351 -4.02 8.57 71.95
N ASN B 352 -3.98 9.64 72.74
CA ASN B 352 -2.95 10.66 72.61
C ASN B 352 -1.76 10.24 73.47
N ILE B 353 -1.03 9.25 72.98
CA ILE B 353 0.10 8.67 73.69
C ILE B 353 1.32 8.79 72.79
N LEU B 354 2.37 9.43 73.30
CA LEU B 354 3.62 9.54 72.55
C LEU B 354 4.34 8.19 72.56
N VAL B 355 4.56 7.62 71.39
CA VAL B 355 5.18 6.31 71.26
C VAL B 355 6.55 6.46 70.61
N VAL B 356 7.52 5.72 71.12
CA VAL B 356 8.89 5.78 70.67
C VAL B 356 9.43 4.36 70.61
N GLY B 357 10.19 4.04 69.57
CA GLY B 357 10.69 2.69 69.37
C GLY B 357 12.21 2.64 69.44
N GLY B 358 12.73 1.49 69.89
CA GLY B 358 14.16 1.30 69.98
C GLY B 358 14.51 -0.14 69.67
N ARG B 359 15.81 -0.38 69.53
CA ARG B 359 16.35 -1.71 69.27
C ARG B 359 17.33 -2.09 70.37
N TYR B 360 17.38 -3.38 70.68
CA TYR B 360 18.25 -3.86 71.76
C TYR B 360 18.66 -5.29 71.47
N GLY B 361 19.79 -5.67 72.08
CA GLY B 361 20.14 -7.08 72.22
C GLY B 361 20.31 -7.88 70.94
N LEU B 362 20.74 -7.24 69.86
CA LEU B 362 20.97 -7.99 68.63
C LEU B 362 22.17 -8.91 68.79
N GLY B 363 21.99 -10.17 68.41
CA GLY B 363 23.05 -11.17 68.57
C GLY B 363 23.47 -11.36 70.00
N SER B 364 22.52 -11.42 70.93
CA SER B 364 22.78 -11.62 72.36
C SER B 364 23.56 -10.46 72.98
N LYS B 365 23.40 -9.25 72.46
CA LYS B 365 23.99 -8.09 73.11
C LYS B 365 23.39 -7.95 74.51
N GLU B 366 24.24 -7.59 75.47
CA GLU B 366 23.78 -7.47 76.84
C GLU B 366 22.66 -6.45 76.97
N PHE B 367 21.68 -6.77 77.81
CA PHE B 367 20.57 -5.87 78.10
C PHE B 367 20.30 -5.99 79.60
N ASN B 368 20.86 -5.07 80.38
CA ASN B 368 20.82 -5.10 81.83
C ASN B 368 19.97 -3.96 82.40
N PRO B 369 19.66 -3.99 83.69
CA PRO B 369 18.79 -2.94 84.26
C PRO B 369 19.28 -1.51 84.07
N SER B 370 20.60 -1.29 84.05
CA SER B 370 21.10 0.05 83.81
C SER B 370 20.62 0.58 82.46
N MET B 371 20.56 -0.29 81.46
CA MET B 371 20.02 0.11 80.16
C MET B 371 18.53 0.35 80.23
N VAL B 372 17.81 -0.46 81.00
CA VAL B 372 16.37 -0.29 81.13
C VAL B 372 16.05 1.08 81.72
N LYS B 373 16.83 1.52 82.71
CA LYS B 373 16.59 2.85 83.27
C LYS B 373 16.84 3.92 82.21
N ALA B 374 17.83 3.71 81.35
CA ALA B 374 18.10 4.66 80.27
C ALA B 374 16.90 4.76 79.33
N VAL B 375 16.23 3.63 79.06
CA VAL B 375 15.03 3.67 78.24
C VAL B 375 13.94 4.47 78.94
N PHE B 376 13.78 4.24 80.25
CA PHE B 376 12.81 5.02 81.02
C PHE B 376 13.23 6.47 81.10
N ASP B 377 14.54 6.74 81.24
CA ASP B 377 15.02 8.11 81.29
C ASP B 377 14.78 8.85 79.99
N ASN B 378 14.87 8.15 78.86
CA ASN B 378 14.58 8.79 77.58
C ASN B 378 13.11 9.18 77.48
N LEU B 379 12.21 8.38 78.04
CA LEU B 379 10.80 8.73 78.07
C LEU B 379 10.53 9.94 78.95
N ALA B 380 11.38 10.19 79.93
CA ALA B 380 11.19 11.31 80.84
C ALA B 380 11.82 12.59 80.33
N ALA B 381 12.57 12.54 79.24
CA ALA B 381 13.19 13.73 78.69
C ALA B 381 12.13 14.63 78.06
N THR B 382 12.52 15.90 77.85
CA THR B 382 11.61 16.87 77.25
C THR B 382 11.23 16.44 75.83
N THR B 383 12.21 16.00 75.04
CA THR B 383 11.95 15.45 73.72
C THR B 383 12.59 14.08 73.64
N PRO B 384 11.83 13.01 73.84
CA PRO B 384 12.41 11.66 73.81
C PRO B 384 12.93 11.29 72.43
N LYS B 385 14.13 10.73 72.41
CA LYS B 385 14.75 10.27 71.16
C LYS B 385 14.03 9.03 70.65
N ASN B 386 13.66 9.04 69.37
CA ASN B 386 12.98 7.95 68.71
C ASN B 386 13.93 7.20 67.77
N LYS B 387 13.55 5.98 67.43
CA LYS B 387 14.34 5.09 66.57
C LYS B 387 15.75 4.91 67.11
N PHE B 388 15.83 4.60 68.40
CA PHE B 388 17.09 4.60 69.13
C PHE B 388 17.66 3.19 69.25
N THR B 389 18.84 3.10 69.84
CA THR B 389 19.48 1.84 70.18
C THR B 389 19.95 1.89 71.64
N VAL B 390 19.98 0.74 72.29
CA VAL B 390 20.41 0.64 73.68
C VAL B 390 21.37 -0.54 73.82
N GLY B 391 22.51 -0.29 74.45
CA GLY B 391 23.52 -1.31 74.64
C GLY B 391 24.76 -1.12 73.78
N ILE B 392 24.78 -0.11 72.91
CA ILE B 392 25.93 0.19 72.07
C ILE B 392 26.18 1.70 72.13
N THR B 393 27.30 2.11 71.55
CA THR B 393 27.65 3.51 71.39
C THR B 393 27.66 3.81 69.89
N ASP B 394 26.59 4.41 69.40
CA ASP B 394 26.45 4.71 67.97
C ASP B 394 26.93 6.14 67.77
N ASP B 395 28.22 6.30 67.48
CA ASP B 395 28.83 7.60 67.22
C ASP B 395 28.76 8.00 65.76
N VAL B 396 28.08 7.22 64.92
CA VAL B 396 27.96 7.50 63.50
C VAL B 396 26.60 8.12 63.23
N THR B 397 25.53 7.43 63.62
CA THR B 397 24.18 7.92 63.40
C THR B 397 23.50 8.44 64.66
N HIS B 398 24.16 8.35 65.82
CA HIS B 398 23.70 8.97 67.06
C HIS B 398 22.32 8.48 67.48
N THR B 399 22.11 7.17 67.38
CA THR B 399 20.87 6.56 67.81
C THR B 399 20.95 5.95 69.21
N SER B 400 22.15 5.78 69.75
CA SER B 400 22.31 5.11 71.02
C SER B 400 21.90 6.01 72.17
N LEU B 401 21.28 5.43 73.19
CA LEU B 401 20.99 6.15 74.42
C LEU B 401 22.21 6.09 75.34
N GLU B 402 22.40 7.15 76.11
CA GLU B 402 23.54 7.23 77.01
C GLU B 402 23.23 6.48 78.30
N ILE B 403 24.11 5.57 78.69
CA ILE B 403 23.99 4.86 79.96
C ILE B 403 24.51 5.81 81.03
N LYS B 404 23.61 6.54 81.68
CA LYS B 404 24.03 7.61 82.58
C LYS B 404 24.70 7.04 83.83
N GLU B 405 23.98 6.22 84.58
CA GLU B 405 24.48 5.66 85.83
C GLU B 405 24.28 4.16 85.81
N HIS B 406 25.03 3.46 86.67
CA HIS B 406 24.92 2.03 86.81
C HIS B 406 24.16 1.72 88.10
N ILE B 407 23.07 0.97 87.99
CA ILE B 407 22.21 0.66 89.13
C ILE B 407 22.19 -0.84 89.38
N ASP B 408 21.92 -1.21 90.63
CA ASP B 408 21.84 -2.60 91.07
C ASP B 408 20.42 -2.88 91.52
N THR B 409 19.66 -3.57 90.66
CA THR B 409 18.26 -3.88 90.93
C THR B 409 18.06 -5.34 91.35
N SER B 410 19.13 -6.07 91.59
CA SER B 410 18.98 -7.46 91.99
C SER B 410 18.27 -7.53 93.34
N PRO B 411 17.29 -8.41 93.50
CA PRO B 411 16.59 -8.49 94.79
C PRO B 411 17.54 -8.84 95.92
N LYS B 412 17.32 -8.23 97.07
CA LYS B 412 18.18 -8.43 98.22
C LYS B 412 18.12 -9.89 98.67
N GLY B 413 19.27 -10.42 99.08
CA GLY B 413 19.37 -11.81 99.47
C GLY B 413 19.79 -12.76 98.37
N THR B 414 20.04 -12.27 97.16
CA THR B 414 20.44 -13.11 96.05
C THR B 414 21.95 -13.24 96.01
N PHE B 415 22.44 -14.48 96.03
CA PHE B 415 23.86 -14.73 95.96
C PHE B 415 24.28 -14.79 94.49
N ARG B 416 25.47 -14.26 94.20
CA ARG B 416 25.94 -14.16 92.82
C ARG B 416 27.39 -14.58 92.76
N CYS B 417 27.70 -15.50 91.84
CA CYS B 417 29.04 -16.05 91.74
C CYS B 417 29.48 -16.03 90.29
N LYS B 418 30.76 -15.72 90.07
CA LYS B 418 31.37 -15.84 88.76
C LYS B 418 32.53 -16.83 88.83
N PHE B 419 32.63 -17.69 87.83
CA PHE B 419 33.67 -18.70 87.77
C PHE B 419 34.40 -18.53 86.43
N PHE B 420 35.65 -18.08 86.47
CA PHE B 420 36.49 -18.00 85.29
C PHE B 420 37.20 -19.36 85.13
N GLY B 421 36.85 -20.08 84.07
CA GLY B 421 37.39 -21.40 83.83
C GLY B 421 38.12 -21.49 82.49
N LEU B 422 38.77 -22.63 82.28
CA LEU B 422 39.45 -22.95 81.05
C LEU B 422 38.59 -23.91 80.23
N GLY B 423 38.79 -23.90 78.91
CA GLY B 423 38.03 -24.76 78.02
C GLY B 423 38.04 -26.24 78.35
N SER B 424 36.86 -26.80 78.62
CA SER B 424 36.66 -28.23 78.81
C SER B 424 37.48 -28.78 79.99
N ASP B 425 37.68 -27.97 81.03
CA ASP B 425 38.37 -28.42 82.23
C ASP B 425 37.41 -28.94 83.30
N GLY B 426 36.10 -28.97 83.01
CA GLY B 426 35.10 -29.46 83.94
C GLY B 426 34.40 -28.40 84.75
N THR B 427 34.80 -27.13 84.64
CA THR B 427 34.20 -26.07 85.46
C THR B 427 32.72 -25.90 85.15
N VAL B 428 32.36 -25.78 83.87
CA VAL B 428 30.97 -25.59 83.49
C VAL B 428 30.14 -26.79 83.95
N GLY B 429 30.63 -28.00 83.69
CA GLY B 429 29.90 -29.18 84.13
C GLY B 429 29.75 -29.24 85.64
N ALA B 430 30.78 -28.82 86.36
CA ALA B 430 30.72 -28.79 87.82
C ALA B 430 29.70 -27.76 88.31
N ASN B 431 29.69 -26.57 87.71
CA ASN B 431 28.73 -25.55 88.11
C ASN B 431 27.31 -26.03 87.83
N LYS B 432 27.12 -26.74 86.72
CA LYS B 432 25.81 -27.31 86.43
C LYS B 432 25.40 -28.30 87.52
N ASN B 433 26.35 -29.11 87.99
CA ASN B 433 26.05 -30.05 89.07
C ASN B 433 25.75 -29.33 90.38
N SER B 434 26.46 -28.23 90.65
CA SER B 434 26.22 -27.49 91.88
C SER B 434 24.83 -26.85 91.87
N ILE B 435 24.37 -26.40 90.71
CA ILE B 435 23.02 -25.84 90.60
C ILE B 435 21.98 -26.91 90.88
N LYS B 436 22.20 -28.12 90.35
CA LYS B 436 21.28 -29.22 90.60
C LYS B 436 21.27 -29.59 92.08
N ILE B 437 22.44 -29.51 92.73
CA ILE B 437 22.54 -29.81 94.16
C ILE B 437 21.70 -28.83 94.97
N ILE B 438 21.91 -27.54 94.77
CA ILE B 438 21.19 -26.53 95.55
C ILE B 438 19.71 -26.54 95.21
N GLY B 439 19.36 -26.74 93.94
CA GLY B 439 17.96 -26.68 93.56
C GLY B 439 17.15 -27.84 94.12
N ASP B 440 17.75 -29.02 94.18
CA ASP B 440 17.04 -30.19 94.66
C ASP B 440 16.91 -30.25 96.17
N HIS B 441 17.78 -29.54 96.91
CA HIS B 441 17.85 -29.71 98.35
C HIS B 441 17.53 -28.46 99.15
N THR B 442 17.24 -27.32 98.51
CA THR B 442 16.86 -26.12 99.24
C THR B 442 15.61 -25.50 98.63
N ASP B 443 15.06 -24.51 99.33
CA ASP B 443 13.94 -23.73 98.84
C ASP B 443 14.37 -22.59 97.92
N MET B 444 15.67 -22.47 97.65
CA MET B 444 16.19 -21.35 96.88
C MET B 444 16.02 -21.60 95.40
N TYR B 445 15.69 -20.55 94.66
CA TYR B 445 15.75 -20.61 93.21
C TYR B 445 17.21 -20.55 92.78
N ALA B 446 17.51 -21.20 91.66
CA ALA B 446 18.87 -21.30 91.18
C ALA B 446 18.92 -20.98 89.70
N GLN B 447 19.96 -20.27 89.28
CA GLN B 447 20.12 -19.87 87.89
C GLN B 447 21.56 -20.05 87.47
N GLY B 448 21.76 -20.54 86.24
CA GLY B 448 23.09 -20.67 85.69
C GLY B 448 23.17 -20.29 84.23
N TYR B 449 24.13 -19.44 83.89
CA TYR B 449 24.35 -19.02 82.50
C TYR B 449 25.85 -19.06 82.24
N PHE B 450 26.23 -19.51 81.05
CA PHE B 450 27.62 -19.82 80.76
C PHE B 450 28.08 -19.11 79.48
N VAL B 451 29.16 -18.36 79.61
CA VAL B 451 29.73 -17.60 78.50
C VAL B 451 30.86 -18.43 77.90
N TYR B 452 30.76 -18.72 76.61
CA TYR B 452 31.76 -19.52 75.92
C TYR B 452 32.59 -18.64 74.99
N ASP B 453 33.65 -19.25 74.45
CA ASP B 453 34.58 -18.57 73.56
C ASP B 453 34.47 -19.16 72.15
N SER B 454 34.93 -18.37 71.17
CA SER B 454 34.92 -18.84 69.79
C SER B 454 36.02 -19.86 69.53
N LYS B 455 37.10 -19.82 70.30
CA LYS B 455 38.16 -20.82 70.16
C LYS B 455 37.65 -22.17 70.63
N LYS B 456 37.90 -23.21 69.82
CA LYS B 456 37.35 -24.52 70.09
C LYS B 456 38.08 -25.25 71.21
N SER B 457 39.37 -24.96 71.41
CA SER B 457 40.17 -25.61 72.44
C SER B 457 40.97 -24.56 73.19
N GLY B 458 40.93 -24.63 74.52
CA GLY B 458 41.67 -23.70 75.34
C GLY B 458 41.01 -22.35 75.55
N GLY B 459 39.71 -22.25 75.29
CA GLY B 459 39.03 -20.98 75.47
C GLY B 459 38.69 -20.68 76.90
N VAL B 460 38.32 -19.43 77.14
CA VAL B 460 37.92 -18.95 78.45
C VAL B 460 36.42 -19.13 78.61
N THR B 461 35.99 -19.66 79.76
CA THR B 461 34.58 -19.80 80.08
C THR B 461 34.28 -19.01 81.35
N ILE B 462 33.16 -18.29 81.34
CA ILE B 462 32.76 -17.49 82.49
C ILE B 462 31.34 -17.91 82.88
N SER B 463 31.21 -18.50 84.06
CA SER B 463 29.92 -18.96 84.57
C SER B 463 29.32 -17.90 85.49
N HIS B 464 28.02 -17.65 85.33
CA HIS B 464 27.29 -16.70 86.17
C HIS B 464 26.18 -17.48 86.87
N LEU B 465 26.29 -17.62 88.19
CA LEU B 465 25.32 -18.39 88.98
C LEU B 465 24.65 -17.45 89.98
N ARG B 466 23.35 -17.70 90.24
CA ARG B 466 22.57 -16.93 91.19
C ARG B 466 21.66 -17.85 92.00
N PHE B 467 21.56 -17.59 93.31
CA PHE B 467 20.61 -18.28 94.17
C PHE B 467 19.92 -17.29 95.10
N GLY B 468 18.62 -17.48 95.30
CA GLY B 468 17.88 -16.60 96.19
C GLY B 468 16.56 -17.19 96.62
N LYS B 469 15.98 -16.58 97.66
CA LYS B 469 14.66 -16.98 98.13
C LYS B 469 13.54 -16.48 97.25
N GLN B 470 13.81 -15.52 96.36
CA GLN B 470 12.83 -14.97 95.46
C GLN B 470 13.13 -15.44 94.04
N PRO B 471 12.11 -15.52 93.19
CA PRO B 471 12.36 -15.94 91.80
C PRO B 471 13.39 -15.05 91.13
N ILE B 472 14.23 -15.67 90.29
CA ILE B 472 15.36 -15.00 89.67
C ILE B 472 14.94 -14.48 88.29
N GLN B 473 14.76 -13.17 88.17
CA GLN B 473 14.43 -12.54 86.90
C GLN B 473 15.64 -11.91 86.23
N SER B 474 16.84 -12.16 86.74
CA SER B 474 18.04 -11.49 86.25
C SER B 474 18.59 -12.23 85.03
N ALA B 475 17.96 -11.98 83.88
CA ALA B 475 18.39 -12.56 82.61
C ALA B 475 19.49 -11.71 81.98
N TYR B 476 20.55 -11.52 82.76
CA TYR B 476 21.69 -10.73 82.30
C TYR B 476 22.92 -11.17 83.09
N LEU B 477 24.08 -10.76 82.58
CA LEU B 477 25.34 -11.15 83.23
C LEU B 477 25.44 -10.50 84.60
N ILE B 478 26.25 -11.12 85.46
CA ILE B 478 26.32 -10.70 86.84
C ILE B 478 27.02 -9.36 86.95
N ASP B 479 26.39 -8.41 87.64
CA ASP B 479 26.95 -7.08 87.81
C ASP B 479 27.81 -6.97 89.06
N GLN B 480 27.27 -7.33 90.22
CA GLN B 480 28.00 -7.31 91.49
C GLN B 480 28.04 -8.73 92.02
N ALA B 481 29.22 -9.35 92.03
CA ALA B 481 29.37 -10.73 92.43
C ALA B 481 29.75 -10.82 93.90
N ASP B 482 29.08 -11.72 94.63
CA ASP B 482 29.44 -12.01 96.01
C ASP B 482 30.66 -12.93 96.11
N LEU B 483 30.89 -13.75 95.10
CA LEU B 483 32.03 -14.65 95.06
C LEU B 483 32.53 -14.76 93.63
N ILE B 484 33.85 -14.74 93.46
CA ILE B 484 34.46 -14.90 92.15
C ILE B 484 35.56 -15.96 92.28
N ALA B 485 35.48 -16.98 91.43
CA ALA B 485 36.44 -18.08 91.44
C ALA B 485 37.20 -18.11 90.13
N CYS B 486 38.51 -18.29 90.21
CA CYS B 486 39.39 -18.36 89.05
C CYS B 486 40.08 -19.71 89.04
N HIS B 487 39.72 -20.56 88.08
CA HIS B 487 40.24 -21.91 88.00
C HIS B 487 41.49 -22.02 87.13
N ASN B 488 42.03 -20.89 86.66
CA ASN B 488 43.24 -20.89 85.84
C ASN B 488 44.15 -19.74 86.27
N PRO B 489 45.33 -20.03 86.82
CA PRO B 489 46.21 -18.94 87.29
C PRO B 489 46.67 -18.03 86.18
N SER B 490 46.62 -18.47 84.91
CA SER B 490 47.06 -17.62 83.81
C SER B 490 46.20 -16.38 83.69
N TYR B 491 44.96 -16.44 84.14
CA TYR B 491 44.09 -15.27 84.02
C TYR B 491 44.51 -14.14 84.96
N VAL B 492 45.28 -14.43 86.00
CA VAL B 492 45.71 -13.41 86.94
C VAL B 492 46.64 -12.44 86.24
N GLY B 493 46.25 -11.17 86.20
CA GLY B 493 46.97 -10.15 85.47
C GLY B 493 46.58 -10.01 84.01
N ARG B 494 45.71 -10.88 83.50
CA ARG B 494 45.25 -10.88 82.12
C ARG B 494 43.84 -10.34 81.93
N TYR B 495 42.90 -10.73 82.78
CA TYR B 495 41.53 -10.28 82.71
C TYR B 495 41.16 -9.58 84.01
N ASN B 496 40.17 -8.71 83.93
CA ASN B 496 39.70 -7.98 85.11
C ASN B 496 38.78 -8.93 85.89
N LEU B 497 39.42 -9.84 86.65
CA LEU B 497 38.67 -10.87 87.37
C LEU B 497 37.78 -10.28 88.44
N LEU B 498 38.35 -9.41 89.28
CA LEU B 498 37.64 -8.82 90.40
C LEU B 498 36.70 -7.70 89.99
N GLU B 499 36.26 -7.69 88.73
CA GLU B 499 35.42 -6.62 88.24
C GLU B 499 34.04 -6.71 88.89
N GLY B 500 33.62 -5.61 89.51
CA GLY B 500 32.30 -5.52 90.09
C GLY B 500 32.10 -6.34 91.34
N ILE B 501 33.16 -6.89 91.91
CA ILE B 501 33.02 -7.70 93.12
C ILE B 501 32.57 -6.81 94.27
N LYS B 502 31.67 -7.35 95.09
CA LYS B 502 31.12 -6.59 96.21
C LYS B 502 32.18 -6.40 97.28
N PRO B 503 32.13 -5.29 98.02
CA PRO B 503 33.03 -5.11 99.15
C PRO B 503 32.79 -6.23 100.17
N GLY B 504 33.88 -6.83 100.63
CA GLY B 504 33.78 -7.97 101.53
C GLY B 504 33.47 -9.29 100.86
N GLY B 505 33.46 -9.33 99.54
CA GLY B 505 33.17 -10.55 98.83
C GLY B 505 34.27 -11.59 98.98
N ILE B 506 34.05 -12.73 98.32
CA ILE B 506 34.96 -13.87 98.38
C ILE B 506 35.66 -13.99 97.04
N PHE B 507 36.97 -14.22 97.07
CA PHE B 507 37.76 -14.46 95.87
C PHE B 507 38.48 -15.79 96.04
N LEU B 508 38.12 -16.77 95.21
CA LEU B 508 38.71 -18.09 95.26
C LEU B 508 39.66 -18.24 94.08
N LEU B 509 40.89 -18.66 94.36
CA LEU B 509 41.93 -18.75 93.35
C LEU B 509 42.57 -20.13 93.38
N ASN B 510 42.91 -20.66 92.20
CA ASN B 510 43.72 -21.86 92.08
C ASN B 510 45.12 -21.42 91.66
N SER B 511 46.11 -21.63 92.53
CA SER B 511 47.49 -21.26 92.20
C SER B 511 48.43 -22.03 93.11
N THR B 512 49.71 -22.01 92.75
CA THR B 512 50.76 -22.63 93.53
C THR B 512 51.48 -21.65 94.45
N TRP B 513 51.03 -20.40 94.53
CA TRP B 513 51.74 -19.39 95.30
C TRP B 513 51.38 -19.44 96.77
N SER B 514 52.39 -19.29 97.63
CA SER B 514 52.17 -19.22 99.06
C SER B 514 51.72 -17.80 99.44
N ALA B 515 51.38 -17.63 100.72
CA ALA B 515 50.89 -16.33 101.19
C ALA B 515 51.93 -15.24 101.04
N GLU B 516 53.21 -15.57 101.19
CA GLU B 516 54.27 -14.57 101.04
C GLU B 516 54.53 -14.22 99.57
N GLU B 517 54.45 -15.21 98.67
CA GLU B 517 54.62 -14.92 97.26
C GLU B 517 53.50 -14.05 96.71
N MET B 518 52.36 -13.94 97.42
CA MET B 518 51.26 -13.10 96.96
C MET B 518 51.69 -11.65 96.89
N ASP B 519 52.58 -11.22 97.79
CA ASP B 519 52.98 -9.82 97.80
C ASP B 519 53.77 -9.43 96.56
N SER B 520 54.62 -10.33 96.08
CA SER B 520 55.45 -10.05 94.91
C SER B 520 54.82 -10.53 93.61
N ARG B 521 53.92 -11.51 93.67
CA ARG B 521 53.29 -12.08 92.48
C ARG B 521 51.98 -11.41 92.08
N LEU B 522 51.16 -11.00 93.03
CA LEU B 522 49.89 -10.44 92.58
C LEU B 522 50.11 -9.03 92.04
N PRO B 523 49.40 -8.65 90.97
CA PRO B 523 49.54 -7.28 90.45
C PRO B 523 49.06 -6.27 91.48
N ALA B 524 49.54 -5.04 91.32
CA ALA B 524 49.27 -4.01 92.31
C ALA B 524 47.80 -3.63 92.36
N ASP B 525 47.17 -3.48 91.19
CA ASP B 525 45.76 -3.15 91.17
C ASP B 525 44.92 -4.23 91.83
N MET B 526 45.33 -5.49 91.66
CA MET B 526 44.60 -6.59 92.29
C MET B 526 44.76 -6.57 93.81
N LYS B 527 45.98 -6.31 94.31
CA LYS B 527 46.17 -6.24 95.75
C LYS B 527 45.41 -5.08 96.37
N ARG B 528 45.34 -3.94 95.68
CA ARG B 528 44.60 -2.80 96.21
C ARG B 528 43.12 -3.13 96.33
N THR B 529 42.55 -3.74 95.29
CA THR B 529 41.13 -4.11 95.35
C THR B 529 40.90 -5.14 96.45
N ILE B 530 41.81 -6.11 96.59
CA ILE B 530 41.67 -7.12 97.65
C ILE B 530 41.69 -6.46 99.01
N ALA B 531 42.56 -5.46 99.20
CA ALA B 531 42.71 -4.81 100.49
C ALA B 531 41.66 -3.73 100.74
N THR B 532 41.42 -2.86 99.75
CA THR B 532 40.47 -1.77 99.94
C THR B 532 39.05 -2.29 100.15
N LYS B 533 38.64 -3.29 99.36
CA LYS B 533 37.32 -3.87 99.52
C LYS B 533 37.26 -4.93 100.61
N LYS B 534 38.39 -5.23 101.26
CA LYS B 534 38.44 -6.19 102.36
C LYS B 534 37.86 -7.55 101.95
N LEU B 535 38.33 -8.05 100.81
CA LEU B 535 37.83 -9.32 100.28
C LEU B 535 38.40 -10.49 101.07
N LYS B 536 37.61 -11.55 101.17
CA LYS B 536 38.06 -12.79 101.79
C LYS B 536 38.78 -13.60 100.71
N PHE B 537 40.11 -13.58 100.76
CA PHE B 537 40.95 -14.16 99.72
C PHE B 537 41.32 -15.58 100.14
N TYR B 538 40.86 -16.57 99.37
CA TYR B 538 41.20 -17.96 99.61
C TYR B 538 41.96 -18.51 98.41
N ASN B 539 42.89 -19.42 98.67
CA ASN B 539 43.69 -20.03 97.63
C ASN B 539 43.77 -21.53 97.85
N ILE B 540 43.95 -22.27 96.76
CA ILE B 540 44.11 -23.72 96.82
C ILE B 540 44.91 -24.17 95.61
N ASP B 541 45.87 -25.07 95.82
CA ASP B 541 46.64 -25.62 94.71
C ASP B 541 45.99 -26.93 94.27
N ALA B 542 44.91 -26.79 93.50
CA ALA B 542 44.19 -27.96 93.02
C ALA B 542 45.05 -28.78 92.08
N VAL B 543 45.95 -28.13 91.33
CA VAL B 543 46.82 -28.86 90.39
C VAL B 543 47.73 -29.83 91.13
N LYS B 544 48.30 -29.38 92.25
CA LYS B 544 49.13 -30.27 93.06
C LYS B 544 48.31 -31.40 93.65
N ILE B 545 47.06 -31.11 94.06
CA ILE B 545 46.23 -32.15 94.66
C ILE B 545 45.91 -33.24 93.65
N ALA B 546 45.50 -32.84 92.44
CA ALA B 546 45.16 -33.83 91.42
C ALA B 546 46.37 -34.66 91.03
N GLN B 547 47.57 -34.08 91.08
CA GLN B 547 48.79 -34.82 90.77
C GLN B 547 49.07 -35.90 91.82
N GLU B 548 48.94 -35.54 93.11
CA GLU B 548 49.24 -36.50 94.18
C GLU B 548 48.22 -37.63 94.22
N ILE B 549 46.95 -37.33 93.92
CA ILE B 549 45.93 -38.36 93.94
C ILE B 549 46.08 -39.27 92.72
N GLY B 550 46.54 -38.72 91.61
CA GLY B 550 46.61 -39.46 90.37
C GLY B 550 45.54 -39.10 89.37
N LEU B 551 44.85 -37.97 89.59
CA LEU B 551 43.80 -37.50 88.68
C LEU B 551 44.35 -36.71 87.52
N GLY B 552 45.67 -36.62 87.36
CA GLY B 552 46.23 -35.82 86.31
C GLY B 552 46.11 -34.34 86.59
N SER B 553 45.35 -33.64 85.74
CA SER B 553 45.08 -32.23 85.93
C SER B 553 43.59 -31.94 86.10
N ARG B 554 42.76 -32.97 86.25
CA ARG B 554 41.33 -32.77 86.47
C ARG B 554 41.13 -32.10 87.82
N ILE B 555 40.57 -30.89 87.82
CA ILE B 555 40.37 -30.13 89.04
C ILE B 555 38.88 -29.81 89.28
N ASN B 556 37.98 -30.42 88.52
CA ASN B 556 36.56 -30.09 88.65
C ASN B 556 36.04 -30.43 90.04
N VAL B 557 36.33 -31.63 90.52
CA VAL B 557 35.87 -32.04 91.84
C VAL B 557 36.55 -31.21 92.93
N ILE B 558 37.84 -30.92 92.75
CA ILE B 558 38.58 -30.20 93.78
C ILE B 558 38.04 -28.78 93.94
N MET B 559 37.85 -28.08 92.83
CA MET B 559 37.41 -26.70 92.92
C MET B 559 35.95 -26.60 93.33
N GLN B 560 35.12 -27.58 92.96
CA GLN B 560 33.72 -27.59 93.39
C GLN B 560 33.63 -27.75 94.91
N THR B 561 34.48 -28.60 95.49
CA THR B 561 34.48 -28.76 96.94
C THR B 561 34.86 -27.46 97.63
N ALA B 562 35.88 -26.77 97.13
CA ALA B 562 36.33 -25.51 97.73
C ALA B 562 35.25 -24.45 97.70
N PHE B 563 34.39 -24.47 96.68
CA PHE B 563 33.33 -23.46 96.59
C PHE B 563 32.34 -23.60 97.74
N PHE B 564 31.81 -24.81 97.94
CA PHE B 564 30.80 -25.01 98.99
C PHE B 564 31.38 -24.73 100.37
N LYS B 565 32.68 -24.91 100.56
CA LYS B 565 33.28 -24.69 101.87
C LYS B 565 33.20 -23.22 102.29
N ILE B 566 33.28 -22.29 101.34
CA ILE B 566 33.34 -20.87 101.64
C ILE B 566 32.07 -20.10 101.24
N ALA B 567 31.26 -20.62 100.32
CA ALA B 567 30.12 -19.86 99.82
C ALA B 567 29.05 -19.65 100.89
N ASN B 568 28.93 -20.59 101.83
CA ASN B 568 27.91 -20.52 102.89
C ASN B 568 26.51 -20.44 102.30
N VAL B 569 26.29 -21.16 101.21
CA VAL B 569 24.95 -21.23 100.63
C VAL B 569 24.13 -22.31 101.32
N ILE B 570 24.76 -23.43 101.65
CA ILE B 570 24.15 -24.49 102.45
C ILE B 570 25.15 -24.89 103.53
N PRO B 571 24.70 -25.60 104.55
CA PRO B 571 25.64 -26.14 105.55
C PRO B 571 26.76 -26.94 104.88
N VAL B 572 27.98 -26.69 105.34
CA VAL B 572 29.16 -27.32 104.73
C VAL B 572 29.08 -28.84 104.82
N ASP B 573 28.59 -29.36 105.95
CA ASP B 573 28.48 -30.81 106.11
C ASP B 573 27.47 -31.41 105.14
N GLU B 574 26.35 -30.72 104.92
CA GLU B 574 25.35 -31.21 103.97
C GLU B 574 25.90 -31.24 102.56
N ALA B 575 26.72 -30.25 102.20
CA ALA B 575 27.26 -30.17 100.85
C ALA B 575 28.17 -31.36 100.54
N ILE B 576 29.00 -31.75 101.51
CA ILE B 576 29.93 -32.85 101.28
C ILE B 576 29.19 -34.15 100.99
N LYS B 577 28.04 -34.37 101.63
CA LYS B 577 27.27 -35.57 101.34
C LYS B 577 26.74 -35.56 99.91
N TYR B 578 26.19 -34.43 99.45
CA TYR B 578 25.62 -34.37 98.11
C TYR B 578 26.69 -34.55 97.04
N ILE B 579 27.90 -34.06 97.29
CA ILE B 579 28.98 -34.21 96.33
C ILE B 579 29.37 -35.68 96.17
N LYS B 580 29.62 -36.36 97.29
CA LYS B 580 30.00 -37.77 97.23
C LYS B 580 28.86 -38.62 96.66
N ASP B 581 27.61 -38.27 97.00
CA ASP B 581 26.48 -38.95 96.38
C ASP B 581 26.44 -38.67 94.88
N SER B 582 26.79 -37.46 94.48
CA SER B 582 26.85 -37.12 93.06
C SER B 582 28.01 -37.84 92.37
N ILE B 583 29.09 -38.12 93.11
CA ILE B 583 30.20 -38.87 92.54
C ILE B 583 29.77 -40.29 92.20
N VAL B 584 28.96 -40.90 93.06
CA VAL B 584 28.45 -42.24 92.77
C VAL B 584 27.60 -42.23 91.50
N LYS B 585 26.78 -41.18 91.33
CA LYS B 585 25.95 -41.12 90.13
C LYS B 585 26.78 -40.88 88.87
N THR B 586 27.88 -40.15 88.98
CA THR B 586 28.71 -39.82 87.81
C THR B 586 29.80 -40.85 87.56
N TYR B 587 30.48 -41.30 88.61
CA TYR B 587 31.58 -42.26 88.49
C TYR B 587 31.19 -43.65 88.98
N GLY B 588 29.91 -43.99 88.85
CA GLY B 588 29.45 -45.31 89.24
C GLY B 588 29.80 -46.39 88.23
N LYS B 589 29.73 -46.04 86.94
CA LYS B 589 30.14 -46.95 85.89
C LYS B 589 31.65 -47.06 85.75
N LYS B 590 32.41 -46.13 86.34
CA LYS B 590 33.85 -46.21 86.32
C LYS B 590 34.33 -47.27 87.32
N GLY B 591 35.63 -47.54 87.30
CA GLY B 591 36.20 -48.52 88.19
C GLY B 591 36.15 -48.10 89.64
N ASP B 592 36.41 -49.08 90.52
CA ASP B 592 36.42 -48.79 91.94
C ASP B 592 37.62 -47.93 92.33
N LYS B 593 38.73 -48.06 91.60
CA LYS B 593 39.91 -47.24 91.87
C LYS B 593 39.69 -45.79 91.47
N ILE B 594 39.05 -45.56 90.31
CA ILE B 594 38.76 -44.20 89.88
C ILE B 594 37.73 -43.55 90.81
N LEU B 595 36.84 -44.35 91.41
CA LEU B 595 35.84 -43.81 92.30
C LEU B 595 36.48 -43.22 93.55
N ASN B 596 37.40 -43.97 94.16
CA ASN B 596 38.04 -43.52 95.39
C ASN B 596 38.96 -42.33 95.19
N MET B 597 39.48 -42.13 93.97
CA MET B 597 40.31 -40.96 93.73
C MET B 597 39.50 -39.67 93.86
N ASN B 598 38.30 -39.64 93.28
CA ASN B 598 37.47 -38.44 93.40
C ASN B 598 36.97 -38.25 94.82
N PHE B 599 36.78 -39.34 95.57
CA PHE B 599 36.45 -39.19 96.98
C PHE B 599 37.59 -38.50 97.73
N ALA B 600 38.83 -38.88 97.43
CA ALA B 600 39.98 -38.26 98.08
C ALA B 600 40.12 -36.79 97.68
N ALA B 601 39.71 -36.44 96.46
CA ALA B 601 39.78 -35.04 96.05
C ALA B 601 38.96 -34.15 96.97
N VAL B 602 37.75 -34.60 97.33
CA VAL B 602 36.94 -33.82 98.27
C VAL B 602 37.66 -33.70 99.61
N ASP B 603 38.20 -34.82 100.10
CA ASP B 603 38.87 -34.80 101.41
C ASP B 603 40.14 -33.95 101.37
N ARG B 604 40.97 -34.14 100.34
CA ARG B 604 42.23 -33.41 100.28
C ARG B 604 42.02 -31.92 100.04
N ALA B 605 40.96 -31.56 99.31
CA ALA B 605 40.70 -30.14 99.03
C ALA B 605 40.29 -29.39 100.29
N LEU B 606 39.50 -30.03 101.15
CA LEU B 606 39.03 -29.37 102.36
C LEU B 606 40.19 -28.98 103.27
N GLU B 607 41.20 -29.85 103.37
CA GLU B 607 42.35 -29.54 104.22
C GLU B 607 43.36 -28.64 103.53
N ALA B 608 43.33 -28.55 102.19
CA ALA B 608 44.31 -27.75 101.46
C ALA B 608 43.85 -26.32 101.18
N LEU B 609 42.56 -26.03 101.28
CA LEU B 609 42.08 -24.67 101.05
C LEU B 609 42.57 -23.77 102.18
N GLU B 610 43.38 -22.78 101.83
CA GLU B 610 44.02 -21.90 102.80
C GLU B 610 43.60 -20.46 102.54
N GLU B 611 43.09 -19.80 103.59
CA GLU B 611 42.76 -18.39 103.50
C GLU B 611 44.04 -17.56 103.61
N ILE B 612 44.15 -16.55 102.75
CA ILE B 612 45.34 -15.70 102.70
C ILE B 612 45.09 -14.47 103.55
N LYS B 613 45.81 -14.35 104.67
CA LYS B 613 45.76 -13.16 105.52
C LYS B 613 46.77 -12.16 104.98
N TYR B 614 46.28 -11.16 104.20
CA TYR B 614 47.13 -10.19 103.51
C TYR B 614 47.37 -8.96 104.37
N PRO B 615 48.54 -8.34 104.22
CA PRO B 615 48.81 -7.11 104.99
C PRO B 615 47.94 -5.96 104.50
N ALA B 616 47.60 -5.07 105.45
CA ALA B 616 46.84 -3.88 105.09
C ALA B 616 47.62 -2.94 104.19
N SER B 617 48.96 -3.06 104.17
CA SER B 617 49.82 -2.25 103.32
C SER B 617 49.64 -2.55 101.85
N TRP B 618 48.87 -3.59 101.51
CA TRP B 618 48.58 -3.90 100.12
C TRP B 618 47.79 -2.79 99.44
N ALA B 619 47.05 -1.98 100.20
CA ALA B 619 46.32 -0.87 99.63
C ALA B 619 47.23 0.20 99.03
N ASP B 620 48.48 0.28 99.46
CA ASP B 620 49.42 1.27 98.97
C ASP B 620 50.30 0.75 97.83
N ALA B 621 50.11 -0.49 97.37
CA ALA B 621 50.93 -1.01 96.29
C ALA B 621 50.78 -0.16 95.03
N VAL B 622 51.87 -0.07 94.26
CA VAL B 622 51.96 0.80 93.10
C VAL B 622 52.17 -0.07 91.86
N ASP B 623 51.51 0.31 90.76
CA ASP B 623 51.57 -0.46 89.55
C ASP B 623 53.00 -0.52 89.04
N GLU B 624 53.35 -1.63 88.40
CA GLU B 624 54.67 -1.73 87.81
C GLU B 624 54.72 -0.91 86.53
N ALA B 625 55.94 -0.53 86.13
CA ALA B 625 56.12 0.31 84.95
C ALA B 625 55.68 -0.43 83.70
N ALA B 626 54.96 0.27 82.83
CA ALA B 626 54.43 -0.35 81.63
C ALA B 626 55.54 -0.57 80.61
N ALA B 627 55.53 -1.74 79.98
CA ALA B 627 56.52 -2.06 78.96
C ALA B 627 56.21 -1.32 77.66
N THR B 628 57.21 -1.26 76.79
CA THR B 628 57.08 -0.53 75.53
C THR B 628 56.18 -1.32 74.58
N VAL B 629 54.99 -0.80 74.33
CA VAL B 629 54.06 -1.46 73.41
C VAL B 629 54.59 -1.34 71.99
N THR B 630 54.55 -2.45 71.26
CA THR B 630 55.05 -2.45 69.88
C THR B 630 54.07 -1.73 68.96
N GLU B 631 54.62 -1.05 67.95
CA GLU B 631 53.81 -0.33 66.97
C GLU B 631 53.08 -1.37 66.14
N GLU B 632 51.81 -1.54 66.39
CA GLU B 632 50.98 -2.51 65.70
C GLU B 632 50.08 -1.82 64.67
N PRO B 633 49.58 -2.57 63.68
CA PRO B 633 48.66 -1.98 62.71
C PRO B 633 47.42 -1.41 63.38
N GLU B 634 46.76 -0.48 62.68
CA GLU B 634 45.59 0.19 63.24
C GLU B 634 44.49 -0.81 63.59
N PHE B 635 44.28 -1.81 62.72
CA PHE B 635 43.24 -2.81 63.00
C PHE B 635 43.59 -3.62 64.24
N ILE B 636 44.83 -4.08 64.34
CA ILE B 636 45.25 -4.84 65.52
C ILE B 636 45.15 -3.97 66.77
N GLN B 637 45.58 -2.70 66.67
CA GLN B 637 45.59 -1.83 67.85
C GLN B 637 44.19 -1.44 68.30
N LYS B 638 43.30 -1.15 67.36
CA LYS B 638 41.98 -0.63 67.69
C LYS B 638 40.88 -1.68 67.77
N VAL B 639 41.08 -2.87 67.18
CA VAL B 639 40.00 -3.85 67.10
C VAL B 639 40.35 -5.17 67.77
N LEU B 640 41.41 -5.83 67.28
CA LEU B 640 41.68 -7.19 67.73
C LEU B 640 42.06 -7.25 69.22
N ARG B 641 42.95 -6.37 69.66
CA ARG B 641 43.35 -6.39 71.07
C ARG B 641 42.18 -6.17 72.01
N PRO B 642 41.33 -5.14 71.85
CA PRO B 642 40.20 -4.98 72.78
C PRO B 642 39.22 -6.13 72.74
N ILE B 643 39.01 -6.77 71.59
CA ILE B 643 38.09 -7.90 71.52
C ILE B 643 38.64 -9.09 72.30
N ASN B 644 39.92 -9.41 72.08
CA ASN B 644 40.56 -10.50 72.82
C ASN B 644 40.76 -10.17 74.29
N ALA B 645 40.84 -8.89 74.66
CA ALA B 645 40.91 -8.49 76.06
C ALA B 645 39.54 -8.46 76.72
N LEU B 646 38.52 -9.00 76.05
CA LEU B 646 37.16 -9.08 76.58
C LEU B 646 36.57 -7.69 76.82
N LYS B 647 36.87 -6.76 75.92
CA LYS B 647 36.35 -5.39 75.99
C LYS B 647 35.66 -4.98 74.70
N GLY B 648 35.18 -5.93 73.91
CA GLY B 648 34.58 -5.61 72.63
C GLY B 648 33.29 -4.80 72.75
N ASP B 649 32.57 -4.95 73.87
CA ASP B 649 31.31 -4.23 74.04
C ASP B 649 31.50 -2.72 74.06
N GLU B 650 32.72 -2.24 74.34
CA GLU B 650 32.99 -0.81 74.37
C GLU B 650 33.28 -0.20 73.00
N LEU B 651 33.48 -1.00 71.95
CA LEU B 651 33.85 -0.47 70.65
C LEU B 651 32.65 0.23 70.01
N PRO B 652 32.78 1.48 69.57
CA PRO B 652 31.63 2.18 68.98
C PRO B 652 31.32 1.71 67.57
N VAL B 653 30.23 2.24 66.99
CA VAL B 653 29.81 1.82 65.66
C VAL B 653 30.86 2.20 64.61
N SER B 654 31.54 3.33 64.81
CA SER B 654 32.54 3.82 63.87
C SER B 654 33.75 2.91 63.77
N THR B 655 33.83 1.86 64.57
CA THR B 655 34.99 0.96 64.51
C THR B 655 34.92 0.01 63.32
N PHE B 656 33.72 -0.35 62.89
CA PHE B 656 33.52 -1.48 61.99
C PHE B 656 33.09 -1.03 60.61
N THR B 657 33.42 -1.85 59.62
CA THR B 657 33.02 -1.59 58.25
C THR B 657 31.51 -1.80 58.10
N PRO B 658 30.87 -1.09 57.17
CA PRO B 658 29.42 -1.24 56.99
C PRO B 658 29.03 -2.52 56.26
N ASP B 659 29.99 -3.27 55.73
CA ASP B 659 29.70 -4.47 54.95
C ASP B 659 30.36 -5.71 55.51
N GLY B 660 30.90 -5.65 56.73
CA GLY B 660 31.46 -6.83 57.34
C GLY B 660 32.71 -7.34 56.65
N VAL B 661 33.52 -6.44 56.10
CA VAL B 661 34.76 -6.80 55.44
C VAL B 661 35.90 -6.63 56.44
N PHE B 662 36.75 -7.65 56.54
CA PHE B 662 37.84 -7.65 57.50
C PHE B 662 39.16 -7.94 56.82
N PRO B 663 40.27 -7.45 57.39
CA PRO B 663 41.58 -7.68 56.78
C PRO B 663 42.01 -9.13 56.94
N VAL B 664 43.00 -9.51 56.15
CA VAL B 664 43.54 -10.84 56.18
C VAL B 664 44.87 -10.82 56.93
N GLY B 665 45.33 -12.00 57.32
CA GLY B 665 46.61 -12.16 57.99
C GLY B 665 46.70 -11.48 59.35
N THR B 666 45.72 -11.73 60.22
CA THR B 666 45.69 -11.14 61.55
C THR B 666 45.95 -12.13 62.68
N THR B 667 45.95 -13.44 62.39
CA THR B 667 46.19 -14.43 63.43
C THR B 667 47.64 -14.43 63.92
N LYS B 668 48.56 -13.84 63.16
CA LYS B 668 49.94 -13.78 63.61
C LYS B 668 50.12 -12.88 64.83
N TYR B 669 49.12 -12.09 65.17
CA TYR B 669 49.14 -11.24 66.36
C TYR B 669 48.52 -11.91 67.58
N GLU B 670 48.04 -13.14 67.47
CA GLU B 670 47.38 -13.79 68.60
C GLU B 670 48.40 -14.28 69.63
N LYS B 671 49.28 -15.18 69.22
CA LYS B 671 50.29 -15.76 70.11
C LYS B 671 49.66 -16.30 71.39
N ARG B 672 48.76 -17.28 71.21
CA ARG B 672 47.98 -17.76 72.34
C ARG B 672 48.84 -18.48 73.37
N GLY B 673 49.79 -19.30 72.91
CA GLY B 673 50.69 -20.01 73.80
C GLY B 673 49.97 -20.94 74.75
N ILE B 674 49.15 -21.84 74.20
CA ILE B 674 48.31 -22.72 75.00
C ILE B 674 48.87 -24.13 75.11
N ALA B 675 50.03 -24.40 74.53
CA ALA B 675 50.56 -25.75 74.48
C ALA B 675 51.17 -26.16 75.82
N VAL B 676 50.96 -27.42 76.18
CA VAL B 676 51.65 -27.99 77.33
C VAL B 676 53.05 -28.45 76.96
N ASN B 677 53.18 -29.05 75.77
CA ASN B 677 54.46 -29.49 75.25
C ASN B 677 54.63 -28.96 73.83
N ILE B 678 55.88 -28.70 73.45
CA ILE B 678 56.23 -28.23 72.11
C ILE B 678 57.35 -29.09 71.55
N PRO B 679 57.40 -29.31 70.25
CA PRO B 679 58.47 -30.15 69.68
C PRO B 679 59.83 -29.46 69.76
N GLN B 680 60.83 -30.22 70.16
CA GLN B 680 62.22 -29.80 70.14
C GLN B 680 62.93 -30.50 69.01
N TRP B 681 63.66 -29.75 68.19
CA TRP B 681 64.24 -30.26 66.96
C TRP B 681 65.60 -30.89 67.23
N GLN B 682 65.79 -32.11 66.74
CA GLN B 682 67.06 -32.83 66.81
C GLN B 682 67.71 -32.78 65.43
N PRO B 683 68.69 -31.90 65.19
CA PRO B 683 69.22 -31.76 63.83
C PRO B 683 69.85 -33.02 63.27
N GLU B 684 70.38 -33.90 64.13
CA GLU B 684 71.10 -35.07 63.65
C GLU B 684 70.19 -36.22 63.20
N ASN B 685 68.94 -36.26 63.67
CA ASN B 685 68.02 -37.32 63.30
C ASN B 685 67.15 -36.97 62.11
N CYS B 686 67.23 -35.73 61.62
CA CYS B 686 66.31 -35.23 60.61
C CYS B 686 66.81 -35.59 59.21
N ILE B 687 65.93 -36.17 58.40
CA ILE B 687 66.24 -36.51 57.02
C ILE B 687 65.79 -35.44 56.04
N GLN B 688 65.26 -34.32 56.52
CA GLN B 688 64.80 -33.20 55.69
C GLN B 688 63.72 -33.67 54.71
N CYS B 689 62.62 -34.15 55.28
CA CYS B 689 61.50 -34.64 54.50
C CYS B 689 60.28 -33.73 54.53
N ASN B 690 60.22 -32.78 55.46
CA ASN B 690 59.18 -31.77 55.56
C ASN B 690 57.79 -32.34 55.86
N GLN B 691 57.71 -33.60 56.28
CA GLN B 691 56.42 -34.19 56.62
C GLN B 691 55.81 -33.56 57.86
N CYS B 692 56.65 -33.07 58.79
CA CYS B 692 56.13 -32.43 59.99
C CYS B 692 55.46 -31.11 59.66
N SER B 693 56.05 -30.32 58.76
CA SER B 693 55.42 -29.08 58.34
C SER B 693 54.16 -29.36 57.53
N LEU B 694 54.11 -30.50 56.85
CA LEU B 694 52.95 -30.83 56.02
C LEU B 694 51.73 -31.14 56.86
N VAL B 695 51.93 -31.87 57.97
CA VAL B 695 50.81 -32.36 58.76
C VAL B 695 50.42 -31.43 59.90
N CYS B 696 51.15 -30.35 60.11
CA CYS B 696 50.86 -29.44 61.23
C CYS B 696 49.55 -28.71 60.97
N PRO B 697 48.52 -28.90 61.81
CA PRO B 697 47.23 -28.24 61.57
C PRO B 697 47.22 -26.74 61.82
N HIS B 698 48.33 -26.13 62.24
CA HIS B 698 48.33 -24.70 62.54
C HIS B 698 49.48 -23.93 61.89
N ALA B 699 50.26 -24.58 61.01
CA ALA B 699 51.41 -23.95 60.36
C ALA B 699 52.37 -23.34 61.37
N ALA B 700 52.51 -24.00 62.51
CA ALA B 700 53.37 -23.54 63.59
C ALA B 700 54.80 -24.03 63.48
N ILE B 701 55.08 -24.95 62.56
CA ILE B 701 56.41 -25.49 62.34
C ILE B 701 56.67 -25.50 60.84
N ARG B 702 57.76 -24.86 60.43
CA ARG B 702 58.08 -24.67 59.01
C ARG B 702 59.58 -24.79 58.81
N PRO B 703 60.01 -25.18 57.62
CA PRO B 703 61.45 -25.15 57.29
C PRO B 703 61.86 -23.80 56.76
N TYR B 704 63.10 -23.42 57.10
CA TYR B 704 63.68 -22.15 56.69
C TYR B 704 65.03 -22.41 56.03
N LEU B 705 65.23 -21.85 54.84
CA LEU B 705 66.51 -21.90 54.15
C LEU B 705 67.14 -20.51 54.18
N ALA B 706 68.46 -20.48 54.24
CA ALA B 706 69.19 -19.21 54.30
C ALA B 706 70.63 -19.45 53.91
N LYS B 707 71.19 -18.54 53.12
CA LYS B 707 72.60 -18.56 52.84
C LYS B 707 73.38 -18.29 54.14
N PRO B 708 74.58 -18.85 54.28
CA PRO B 708 75.34 -18.63 55.52
C PRO B 708 75.64 -17.17 55.81
N ALA B 709 75.63 -16.29 54.80
CA ALA B 709 75.86 -14.87 55.03
C ALA B 709 74.71 -14.22 55.77
N ASP B 710 73.48 -14.70 55.55
CA ASP B 710 72.30 -14.13 56.21
C ASP B 710 72.17 -14.52 57.67
N LEU B 711 73.03 -15.40 58.17
CA LEU B 711 73.01 -15.84 59.57
C LEU B 711 73.92 -15.00 60.46
N ALA B 712 74.11 -13.71 60.13
CA ALA B 712 75.04 -12.87 60.88
C ALA B 712 74.58 -12.64 62.32
N GLY B 713 73.45 -11.97 62.48
CA GLY B 713 72.95 -11.67 63.81
C GLY B 713 72.15 -12.78 64.45
N ALA B 714 72.36 -14.01 64.00
CA ALA B 714 71.60 -15.13 64.54
C ALA B 714 72.03 -15.42 65.97
N PRO B 715 71.09 -15.79 66.85
CA PRO B 715 71.45 -16.17 68.21
C PRO B 715 72.29 -17.45 68.23
N GLU B 716 72.94 -17.67 69.37
CA GLU B 716 73.81 -18.84 69.51
C GLU B 716 73.03 -20.15 69.45
N THR B 717 71.74 -20.12 69.79
CA THR B 717 70.88 -21.31 69.76
C THR B 717 70.28 -21.58 68.39
N PHE B 718 70.53 -20.73 67.40
CA PHE B 718 70.01 -20.92 66.05
C PHE B 718 70.88 -21.90 65.26
N VAL B 719 70.97 -23.12 65.77
CA VAL B 719 71.83 -24.14 65.17
C VAL B 719 71.23 -24.62 63.86
N THR B 720 72.05 -24.66 62.81
CA THR B 720 71.63 -25.06 61.47
C THR B 720 72.43 -26.26 60.98
N LYS B 721 72.01 -26.79 59.84
CA LYS B 721 72.68 -27.90 59.17
C LYS B 721 72.72 -27.61 57.67
N ASP B 722 73.64 -28.27 56.98
CA ASP B 722 73.74 -28.11 55.53
C ASP B 722 72.49 -28.70 54.86
N ALA B 723 72.03 -28.03 53.80
CA ALA B 723 70.79 -28.41 53.14
C ALA B 723 71.03 -29.56 52.18
N ILE B 724 70.19 -30.60 52.28
CA ILE B 724 70.26 -31.77 51.42
C ILE B 724 69.48 -31.50 50.15
N GLY B 725 70.04 -31.90 49.01
CA GLY B 725 69.36 -31.76 47.75
C GLY B 725 70.11 -30.88 46.77
N LYS B 726 70.06 -31.22 45.49
CA LYS B 726 70.74 -30.42 44.47
C LYS B 726 70.09 -29.06 44.30
N GLU B 727 68.80 -28.94 44.61
CA GLU B 727 68.12 -27.66 44.46
C GLU B 727 68.54 -26.67 45.53
N ALA B 728 68.81 -27.14 46.76
CA ALA B 728 69.20 -26.30 47.87
C ALA B 728 70.69 -26.39 48.18
N ALA B 729 71.52 -26.57 47.16
CA ALA B 729 72.96 -26.68 47.36
C ALA B 729 73.53 -25.34 47.82
N GLY B 730 74.42 -25.41 48.81
CA GLY B 730 75.07 -24.21 49.33
C GLY B 730 74.24 -23.40 50.29
N LEU B 731 73.09 -23.91 50.74
CA LEU B 731 72.22 -23.20 51.66
C LEU B 731 72.17 -23.92 53.00
N LYS B 732 71.67 -23.22 54.01
CA LYS B 732 71.46 -23.79 55.33
C LYS B 732 70.00 -24.16 55.51
N PHE B 733 69.76 -25.18 56.33
CA PHE B 733 68.42 -25.71 56.56
C PHE B 733 68.18 -25.80 58.06
N ARG B 734 66.94 -25.50 58.48
CA ARG B 734 66.58 -25.60 59.88
C ARG B 734 65.06 -25.74 60.00
N ILE B 735 64.62 -26.63 60.88
CA ILE B 735 63.22 -26.79 61.23
C ILE B 735 62.98 -25.97 62.50
N GLN B 736 62.18 -24.90 62.37
CA GLN B 736 61.91 -23.99 63.48
C GLN B 736 60.42 -24.04 63.81
N VAL B 737 60.11 -24.09 65.10
CA VAL B 737 58.73 -24.13 65.57
C VAL B 737 58.40 -22.77 66.19
N SER B 738 57.13 -22.39 66.09
CA SER B 738 56.63 -21.19 66.75
C SER B 738 56.05 -21.59 68.10
N PRO B 739 56.72 -21.30 69.22
CA PRO B 739 56.23 -21.80 70.51
C PRO B 739 54.88 -21.26 70.92
N LEU B 740 54.61 -19.98 70.66
CA LEU B 740 53.36 -19.38 71.10
C LEU B 740 52.16 -19.77 70.23
N ASP B 741 52.39 -20.30 69.03
CA ASP B 741 51.30 -20.70 68.15
C ASP B 741 51.06 -22.20 68.09
N CYS B 742 52.02 -23.00 68.54
CA CYS B 742 51.83 -24.45 68.56
C CYS B 742 50.78 -24.81 69.60
N THR B 743 50.06 -25.90 69.33
CA THR B 743 48.99 -26.37 70.20
C THR B 743 49.38 -27.58 71.04
N GLY B 744 50.55 -28.16 70.79
CA GLY B 744 50.97 -29.32 71.54
C GLY B 744 50.25 -30.60 71.17
N CYS B 745 49.66 -30.65 69.98
CA CYS B 745 48.87 -31.82 69.60
C CYS B 745 49.77 -33.03 69.39
N GLY B 746 50.98 -32.81 68.84
CA GLY B 746 51.93 -33.89 68.66
C GLY B 746 51.83 -34.63 67.35
N ASN B 747 51.11 -34.11 66.36
CA ASN B 747 50.98 -34.82 65.10
C ASN B 747 52.32 -34.94 64.39
N CYS B 748 53.15 -33.90 64.50
CA CYS B 748 54.44 -33.90 63.80
C CYS B 748 55.38 -34.98 64.33
N ALA B 749 55.31 -35.29 65.62
CA ALA B 749 56.17 -36.33 66.18
C ALA B 749 55.82 -37.72 65.64
N ASP B 750 54.53 -37.96 65.34
CA ASP B 750 54.12 -39.26 64.85
C ASP B 750 54.46 -39.46 63.37
N VAL B 751 54.44 -38.38 62.59
CA VAL B 751 54.70 -38.49 61.15
C VAL B 751 56.19 -38.56 60.85
N CYS B 752 57.04 -38.10 61.77
CA CYS B 752 58.48 -38.09 61.60
C CYS B 752 58.94 -39.50 61.28
N PRO B 753 59.44 -39.74 60.07
CA PRO B 753 59.78 -41.10 59.64
C PRO B 753 61.20 -41.56 59.96
N ALA B 754 61.97 -40.78 60.71
CA ALA B 754 63.33 -41.16 61.04
C ALA B 754 63.34 -42.40 61.92
N LYS B 755 64.48 -43.09 61.94
CA LYS B 755 64.64 -44.25 62.80
C LYS B 755 64.37 -43.90 64.26
N VAL B 756 65.12 -42.96 64.79
CA VAL B 756 64.85 -42.37 66.11
C VAL B 756 64.13 -41.05 65.90
N LYS B 757 63.08 -40.82 66.68
CA LYS B 757 62.26 -39.61 66.53
C LYS B 757 63.11 -38.36 66.66
N ALA B 758 63.07 -37.52 65.63
CA ALA B 758 63.79 -36.24 65.60
C ALA B 758 63.03 -35.12 66.28
N LEU B 759 61.82 -35.40 66.78
CA LEU B 759 61.02 -34.42 67.50
C LEU B 759 60.54 -35.05 68.80
N THR B 760 60.78 -34.36 69.91
CA THR B 760 60.37 -34.83 71.23
C THR B 760 59.59 -33.72 71.94
N MET B 761 58.49 -34.10 72.58
CA MET B 761 57.62 -33.14 73.24
C MET B 761 58.22 -32.71 74.58
N VAL B 762 58.57 -31.44 74.69
CA VAL B 762 59.18 -30.88 75.90
C VAL B 762 58.27 -29.78 76.45
N PRO B 763 58.30 -29.53 77.76
CA PRO B 763 57.41 -28.49 78.33
C PRO B 763 57.67 -27.12 77.73
N LEU B 764 56.60 -26.35 77.56
CA LEU B 764 56.69 -25.04 76.93
C LEU B 764 57.52 -24.07 77.78
N GLU B 765 57.25 -24.02 79.09
CA GLU B 765 57.86 -22.99 79.94
C GLU B 765 59.37 -23.07 79.98
N GLU B 766 59.94 -24.26 79.78
CA GLU B 766 61.39 -24.39 79.90
C GLU B 766 62.13 -23.78 78.72
N VAL B 767 61.55 -23.85 77.52
CA VAL B 767 62.23 -23.41 76.30
C VAL B 767 61.51 -22.26 75.60
N THR B 768 60.51 -21.66 76.24
CA THR B 768 59.74 -20.61 75.57
C THR B 768 60.60 -19.37 75.32
N ALA B 769 61.40 -18.96 76.30
CA ALA B 769 62.26 -17.79 76.10
C ALA B 769 63.30 -18.04 75.02
N VAL B 770 63.82 -19.27 74.94
CA VAL B 770 64.81 -19.59 73.93
C VAL B 770 64.18 -19.63 72.55
N GLU B 771 63.09 -20.40 72.40
CA GLU B 771 62.49 -20.60 71.09
C GLU B 771 61.85 -19.32 70.53
N GLU B 772 61.50 -18.35 71.39
CA GLU B 772 60.96 -17.10 70.89
C GLU B 772 62.01 -16.32 70.09
N ALA B 773 63.23 -16.22 70.63
CA ALA B 773 64.29 -15.52 69.91
C ALA B 773 64.66 -16.22 68.60
N ASN B 774 64.57 -17.55 68.58
CA ASN B 774 64.85 -18.29 67.34
C ASN B 774 63.81 -18.00 66.27
N TYR B 775 62.53 -18.07 66.64
CA TYR B 775 61.47 -17.85 65.64
C TYR B 775 61.47 -16.42 65.14
N ASN B 776 61.68 -15.44 66.02
CA ASN B 776 61.66 -14.05 65.59
C ASN B 776 62.76 -13.75 64.58
N PHE B 777 63.90 -14.44 64.67
CA PHE B 777 64.96 -14.27 63.69
C PHE B 777 64.66 -15.03 62.39
N ALA B 778 64.06 -16.21 62.50
CA ALA B 778 63.75 -17.01 61.32
C ALA B 778 62.69 -16.34 60.46
N GLU B 779 61.71 -15.66 61.08
CA GLU B 779 60.66 -15.01 60.31
C GLU B 779 61.18 -13.81 59.55
N GLN B 780 62.21 -13.13 60.06
CA GLN B 780 62.79 -11.97 59.40
C GLN B 780 63.89 -12.32 58.39
N LEU B 781 64.08 -13.60 58.10
CA LEU B 781 65.07 -13.99 57.11
C LEU B 781 64.61 -13.57 55.72
N PRO B 782 65.54 -13.18 54.84
CA PRO B 782 65.14 -12.76 53.49
C PRO B 782 64.60 -13.94 52.69
N GLU B 783 63.90 -13.61 51.60
CA GLU B 783 63.33 -14.65 50.75
C GLU B 783 64.45 -15.44 50.09
N VAL B 784 64.22 -16.75 49.92
CA VAL B 784 65.20 -17.63 49.30
C VAL B 784 64.50 -18.32 48.13
N LYS B 785 64.93 -18.00 46.92
CA LYS B 785 64.41 -18.65 45.72
C LYS B 785 65.02 -20.04 45.62
N VAL B 786 64.17 -21.06 45.62
CA VAL B 786 64.60 -22.45 45.55
C VAL B 786 63.81 -23.14 44.45
N ASN B 787 64.48 -24.03 43.72
CA ASN B 787 63.88 -24.69 42.57
C ASN B 787 63.44 -26.11 42.88
N PHE B 788 63.10 -26.41 44.13
CA PHE B 788 62.57 -27.72 44.45
C PHE B 788 61.21 -27.91 43.80
N ASN B 789 60.97 -29.11 43.31
CA ASN B 789 59.74 -29.40 42.59
C ASN B 789 58.56 -29.32 43.54
N PRO B 790 57.59 -28.43 43.29
CA PRO B 790 56.41 -28.37 44.17
C PRO B 790 55.51 -29.60 44.07
N ALA B 791 55.72 -30.48 43.10
CA ALA B 791 54.92 -31.69 42.98
C ALA B 791 55.30 -32.76 43.99
N THR B 792 56.40 -32.58 44.71
CA THR B 792 56.82 -33.52 45.74
C THR B 792 56.41 -33.02 47.12
N VAL B 793 56.43 -33.93 48.08
CA VAL B 793 56.04 -33.58 49.45
C VAL B 793 57.02 -32.59 50.06
N LYS B 794 58.32 -32.85 49.92
CA LYS B 794 59.34 -31.98 50.49
C LYS B 794 59.34 -30.60 49.85
N GLY B 795 59.19 -30.55 48.52
CA GLY B 795 59.25 -29.28 47.82
C GLY B 795 58.10 -28.34 48.12
N SER B 796 56.91 -28.90 48.40
CA SER B 796 55.73 -28.08 48.64
C SER B 796 55.86 -27.27 49.92
N GLN B 797 56.57 -27.78 50.92
CA GLN B 797 56.66 -27.12 52.21
C GLN B 797 57.63 -25.94 52.24
N PHE B 798 58.43 -25.75 51.20
CA PHE B 798 59.24 -24.54 51.11
C PHE B 798 58.46 -23.31 50.66
N ARG B 799 57.24 -23.48 50.16
CA ARG B 799 56.37 -22.36 49.88
C ARG B 799 55.74 -21.83 51.16
N GLN B 800 55.56 -20.52 51.23
CA GLN B 800 55.02 -19.91 52.43
C GLN B 800 53.57 -20.31 52.61
N PRO B 801 53.17 -20.80 53.79
CA PRO B 801 51.76 -21.12 54.03
C PRO B 801 50.95 -19.83 54.14
N LEU B 802 49.80 -19.82 53.47
CA LEU B 802 48.88 -18.69 53.54
C LEU B 802 47.66 -18.98 54.40
N LEU B 803 47.71 -20.04 55.21
CA LEU B 803 46.69 -20.34 56.22
C LEU B 803 47.45 -20.74 57.48
N GLU B 804 47.43 -19.87 58.48
CA GLU B 804 48.30 -20.04 59.63
C GLU B 804 47.57 -19.64 60.91
N PHE B 805 47.83 -20.39 61.98
CA PHE B 805 47.45 -19.99 63.34
C PHE B 805 45.93 -19.89 63.49
N SER B 806 45.22 -20.84 62.89
CA SER B 806 43.77 -20.81 62.93
C SER B 806 43.25 -21.20 64.31
N GLY B 807 41.94 -21.07 64.47
CA GLY B 807 41.25 -21.44 65.69
C GLY B 807 40.79 -22.87 65.76
N ALA B 808 41.25 -23.73 64.87
CA ALA B 808 40.85 -25.14 64.90
C ALA B 808 41.39 -25.84 66.14
N CYS B 809 40.82 -27.00 66.44
CA CYS B 809 41.24 -27.76 67.61
C CYS B 809 42.67 -28.25 67.45
N ALA B 810 43.25 -28.69 68.56
CA ALA B 810 44.58 -29.29 68.54
C ALA B 810 44.51 -30.59 67.76
N GLY B 811 45.32 -30.69 66.71
CA GLY B 811 45.34 -31.89 65.90
C GLY B 811 44.21 -32.02 64.90
N CYS B 812 43.56 -30.91 64.53
CA CYS B 812 42.45 -30.97 63.59
C CYS B 812 42.91 -31.50 62.24
N GLY B 813 42.08 -32.32 61.62
CA GLY B 813 42.35 -32.90 60.32
C GLY B 813 41.92 -32.06 59.14
N GLU B 814 41.36 -30.88 59.36
CA GLU B 814 40.89 -30.07 58.24
C GLU B 814 41.96 -29.10 57.76
N THR B 815 42.57 -28.36 58.68
CA THR B 815 43.50 -27.32 58.28
C THR B 815 44.73 -27.80 57.50
N PRO B 816 45.29 -28.99 57.74
CA PRO B 816 46.41 -29.43 56.88
C PRO B 816 46.07 -29.53 55.40
N TYR B 817 44.83 -29.88 55.05
CA TYR B 817 44.43 -29.91 53.64
C TYR B 817 44.42 -28.51 53.05
N VAL B 818 43.75 -27.57 53.72
CA VAL B 818 43.63 -26.21 53.19
C VAL B 818 45.00 -25.52 53.17
N LYS B 819 45.81 -25.74 54.20
CA LYS B 819 47.15 -25.16 54.22
C LYS B 819 47.99 -25.65 53.04
N LEU B 820 47.89 -26.92 52.69
CA LEU B 820 48.63 -27.43 51.54
C LEU B 820 48.12 -26.83 50.25
N VAL B 821 46.81 -26.57 50.17
CA VAL B 821 46.26 -25.90 48.99
C VAL B 821 46.78 -24.47 48.89
N THR B 822 46.88 -23.77 50.03
CA THR B 822 47.42 -22.40 50.00
C THR B 822 48.90 -22.36 49.64
N GLN B 823 49.65 -23.43 49.96
CA GLN B 823 51.07 -23.45 49.57
C GLN B 823 51.26 -23.71 48.08
N LEU B 824 50.28 -24.30 47.41
CA LEU B 824 50.36 -24.57 45.98
C LEU B 824 49.78 -23.44 45.15
N PHE B 825 48.58 -22.97 45.51
CA PHE B 825 47.84 -22.02 44.69
C PHE B 825 47.36 -20.79 45.47
N GLY B 826 47.81 -20.60 46.71
CA GLY B 826 47.35 -19.48 47.51
C GLY B 826 47.67 -18.11 46.92
N ASP B 827 48.68 -18.03 46.06
CA ASP B 827 49.07 -16.76 45.45
C ASP B 827 47.96 -16.17 44.59
N ARG B 828 47.04 -17.00 44.10
CA ARG B 828 46.09 -16.56 43.08
C ARG B 828 44.73 -17.22 43.26
N MET B 829 44.32 -17.54 44.49
CA MET B 829 43.07 -18.26 44.70
C MET B 829 42.07 -17.43 45.49
N ILE B 830 40.79 -17.69 45.23
CA ILE B 830 39.67 -17.08 45.94
C ILE B 830 38.87 -18.20 46.59
N ILE B 831 38.50 -18.01 47.85
CA ILE B 831 37.89 -19.07 48.65
C ILE B 831 36.44 -18.73 48.94
N ALA B 832 35.54 -19.64 48.57
CA ALA B 832 34.14 -19.59 48.96
C ALA B 832 33.90 -20.74 49.92
N ASN B 833 33.77 -20.42 51.20
CA ASN B 833 33.78 -21.41 52.27
C ASN B 833 32.37 -21.56 52.85
N ALA B 834 31.88 -22.80 52.90
CA ALA B 834 30.57 -23.07 53.45
C ALA B 834 30.60 -22.87 54.96
N THR B 835 29.42 -22.62 55.54
CA THR B 835 29.33 -22.50 56.98
C THR B 835 29.63 -23.84 57.63
N GLY B 836 30.39 -23.80 58.71
CA GLY B 836 30.84 -24.99 59.40
C GLY B 836 32.13 -24.69 60.12
N CYS B 837 32.79 -25.76 60.57
CA CYS B 837 34.07 -25.58 61.26
C CYS B 837 35.04 -24.80 60.41
N SER B 838 35.17 -25.16 59.13
CA SER B 838 36.09 -24.47 58.24
C SER B 838 35.78 -22.98 58.14
N SER B 839 34.52 -22.59 58.38
CA SER B 839 34.18 -21.17 58.46
C SER B 839 34.34 -20.62 59.86
N ILE B 840 34.33 -21.47 60.88
CA ILE B 840 34.48 -20.99 62.24
C ILE B 840 35.95 -20.73 62.57
N TRP B 841 36.83 -21.70 62.28
CA TRP B 841 38.25 -21.43 62.44
C TRP B 841 38.82 -20.61 61.30
N GLY B 842 38.13 -20.58 60.16
CA GLY B 842 38.60 -19.84 59.00
C GLY B 842 38.12 -18.42 58.93
N GLY B 843 36.98 -18.13 59.57
CA GLY B 843 36.41 -16.80 59.46
C GLY B 843 35.57 -16.36 60.64
N SER B 844 36.14 -16.38 61.83
CA SER B 844 35.52 -15.80 63.01
C SER B 844 36.21 -14.47 63.30
N ALA B 845 35.43 -13.38 63.27
CA ALA B 845 35.99 -12.09 63.59
C ALA B 845 36.53 -12.11 65.02
N PRO B 846 37.61 -11.35 65.31
CA PRO B 846 38.32 -10.47 64.39
C PRO B 846 39.58 -11.10 63.77
N ALA B 847 39.78 -12.40 63.97
CA ALA B 847 41.01 -13.07 63.57
C ALA B 847 40.81 -13.78 62.24
N CYS B 848 41.75 -13.57 61.31
CA CYS B 848 41.73 -14.21 60.00
C CYS B 848 42.96 -15.09 59.86
N PRO B 849 42.81 -16.41 59.71
CA PRO B 849 43.98 -17.28 59.58
C PRO B 849 44.64 -17.21 58.22
N TYR B 850 43.92 -16.77 57.18
CA TYR B 850 44.49 -16.66 55.85
C TYR B 850 45.33 -15.39 55.74
N THR B 851 46.54 -15.52 55.20
CA THR B 851 47.51 -14.43 55.16
C THR B 851 48.05 -14.29 53.73
N VAL B 852 49.01 -13.38 53.57
CA VAL B 852 49.58 -13.06 52.27
C VAL B 852 51.05 -13.45 52.26
N ASN B 853 51.62 -13.48 51.06
CA ASN B 853 53.04 -13.78 50.88
C ASN B 853 53.85 -12.49 50.96
N ARG B 854 55.12 -12.56 50.54
CA ARG B 854 55.98 -11.38 50.63
C ARG B 854 55.53 -10.28 49.67
N GLN B 855 54.91 -10.65 48.55
CA GLN B 855 54.43 -9.67 47.59
C GLN B 855 53.12 -9.03 48.00
N GLY B 856 52.51 -9.47 49.09
CA GLY B 856 51.23 -8.95 49.52
C GLY B 856 50.02 -9.63 48.92
N HIS B 857 50.21 -10.73 48.20
CA HIS B 857 49.11 -11.45 47.56
C HIS B 857 48.76 -12.68 48.39
N GLY B 858 47.47 -12.99 48.44
CA GLY B 858 46.98 -14.11 49.22
C GLY B 858 45.52 -14.41 48.99
N PRO B 859 45.03 -15.52 49.56
CA PRO B 859 43.65 -15.94 49.29
C PRO B 859 42.64 -14.93 49.82
N ALA B 860 41.65 -14.62 48.99
CA ALA B 860 40.49 -13.87 49.42
C ALA B 860 39.42 -14.85 49.88
N TRP B 861 38.82 -14.59 51.04
CA TRP B 861 37.98 -15.55 51.72
C TRP B 861 36.59 -14.98 51.88
N ALA B 862 35.56 -15.77 51.56
CA ALA B 862 34.19 -15.33 51.67
C ALA B 862 33.29 -16.50 52.01
N SER B 863 32.32 -16.23 52.89
CA SER B 863 31.29 -17.20 53.26
C SER B 863 29.94 -16.54 53.10
N SER B 864 29.05 -17.18 52.35
CA SER B 864 27.69 -16.69 52.17
C SER B 864 26.76 -17.36 53.18
N LEU B 865 26.21 -18.50 52.81
CA LEU B 865 25.31 -19.27 53.65
C LEU B 865 25.75 -20.72 53.66
N PHE B 866 24.99 -21.54 54.40
CA PHE B 866 25.30 -22.96 54.51
C PHE B 866 24.89 -23.75 53.26
N GLU B 867 23.77 -23.40 52.65
CA GLU B 867 23.19 -24.20 51.58
C GLU B 867 23.64 -23.80 50.20
N ASP B 868 24.25 -22.62 50.04
CA ASP B 868 24.50 -22.04 48.74
C ASP B 868 25.98 -21.96 48.38
N ASN B 869 26.84 -22.70 49.08
CA ASN B 869 28.27 -22.48 48.93
C ASN B 869 28.76 -22.84 47.53
N ALA B 870 28.24 -23.92 46.96
CA ALA B 870 28.66 -24.32 45.61
C ALA B 870 28.28 -23.26 44.58
N GLU B 871 27.01 -22.85 44.60
CA GLU B 871 26.54 -21.81 43.68
C GLU B 871 27.19 -20.46 44.00
N PHE B 872 27.56 -20.24 45.26
CA PHE B 872 28.25 -19.01 45.63
C PHE B 872 29.57 -18.88 44.89
N GLY B 873 30.40 -19.94 44.92
CA GLY B 873 31.64 -19.92 44.17
C GLY B 873 31.42 -19.97 42.68
N TYR B 874 30.34 -20.62 42.24
CA TYR B 874 30.01 -20.64 40.82
C TYR B 874 29.81 -19.22 40.29
N GLY B 875 29.08 -18.38 41.03
CA GLY B 875 28.91 -17.00 40.61
C GLY B 875 30.22 -16.25 40.55
N MET B 876 31.15 -16.54 41.47
CA MET B 876 32.47 -15.92 41.45
C MET B 876 33.22 -16.31 40.18
N ALA B 877 33.12 -17.57 39.76
CA ALA B 877 33.80 -18.01 38.55
C ALA B 877 33.30 -17.25 37.33
N LEU B 878 31.99 -17.04 37.24
CA LEU B 878 31.43 -16.27 36.14
C LEU B 878 31.95 -14.84 36.15
N ALA B 879 32.04 -14.22 37.33
CA ALA B 879 32.47 -12.84 37.43
C ALA B 879 33.93 -12.68 37.01
N VAL B 880 34.80 -13.57 37.51
CA VAL B 880 36.22 -13.49 37.14
C VAL B 880 36.38 -13.71 35.64
N ALA B 881 35.62 -14.63 35.07
CA ALA B 881 35.64 -14.82 33.63
C ALA B 881 35.19 -13.54 32.93
N LYS B 882 34.19 -12.86 33.48
CA LYS B 882 33.77 -11.57 32.94
C LYS B 882 34.86 -10.52 33.12
N ARG B 883 35.55 -10.54 34.26
CA ARG B 883 36.60 -9.55 34.50
C ARG B 883 37.82 -9.78 33.60
N GLN B 884 38.13 -11.04 33.28
CA GLN B 884 39.22 -11.30 32.36
C GLN B 884 38.87 -10.89 30.93
N ASP B 885 37.60 -11.00 30.56
CA ASP B 885 37.19 -10.58 29.22
C ASP B 885 37.31 -9.07 29.07
N GLU B 886 37.01 -8.31 30.13
CA GLU B 886 37.17 -6.86 30.05
C GLU B 886 38.64 -6.47 29.89
N LEU B 887 39.54 -7.17 30.56
CA LEU B 887 40.97 -6.89 30.41
C LEU B 887 41.47 -7.33 29.04
N ALA B 888 41.08 -8.52 28.59
CA ALA B 888 41.52 -9.01 27.28
C ALA B 888 41.00 -8.14 26.14
N THR B 889 39.82 -7.52 26.31
CA THR B 889 39.32 -6.61 25.30
C THR B 889 40.17 -5.35 25.23
N ALA B 890 40.57 -4.81 26.38
CA ALA B 890 41.41 -3.63 26.38
C ALA B 890 42.81 -3.92 25.86
N ILE B 891 43.29 -5.16 26.03
CA ILE B 891 44.60 -5.54 25.50
C ILE B 891 44.55 -5.66 23.98
N SER B 892 43.45 -6.19 23.44
CA SER B 892 43.32 -6.30 22.00
C SER B 892 43.33 -4.93 21.33
N LYS B 893 42.80 -3.90 22.00
CA LYS B 893 42.91 -2.55 21.48
C LYS B 893 44.34 -2.05 21.51
N ALA B 894 45.15 -2.53 22.48
CA ALA B 894 46.54 -2.10 22.56
C ALA B 894 47.37 -2.67 21.42
N LEU B 895 46.95 -3.79 20.83
CA LEU B 895 47.67 -4.34 19.68
C LEU B 895 47.63 -3.36 18.52
N GLU B 896 46.54 -2.63 18.36
CA GLU B 896 46.39 -1.67 17.28
C GLU B 896 46.90 -0.29 17.65
N ALA B 897 47.44 -0.11 18.88
CA ALA B 897 47.89 1.19 19.37
C ALA B 897 49.39 1.36 19.22
N PRO B 898 49.86 2.60 19.08
CA PRO B 898 51.30 2.86 19.00
C PRO B 898 52.02 2.68 20.33
N VAL B 899 52.41 1.45 20.64
CA VAL B 899 53.17 1.15 21.85
C VAL B 899 54.43 0.40 21.45
N SER B 900 55.33 0.22 22.41
CA SER B 900 56.61 -0.43 22.13
C SER B 900 56.39 -1.88 21.71
N ALA B 901 57.31 -2.38 20.89
CA ALA B 901 57.20 -3.76 20.41
C ALA B 901 57.34 -4.78 21.54
N ALA B 902 58.16 -4.49 22.55
CA ALA B 902 58.27 -5.37 23.70
C ALA B 902 56.96 -5.42 24.48
N PHE B 903 56.22 -4.31 24.50
CA PHE B 903 54.92 -4.31 25.16
C PHE B 903 53.94 -5.17 24.38
N LYS B 904 53.95 -5.08 23.05
CA LYS B 904 53.09 -5.90 22.21
C LYS B 904 53.46 -7.37 22.29
N ALA B 905 54.75 -7.68 22.41
CA ALA B 905 55.17 -9.09 22.43
C ALA B 905 54.60 -9.82 23.64
N ALA B 906 54.61 -9.19 24.82
CA ALA B 906 54.06 -9.83 26.00
C ALA B 906 52.54 -9.92 25.93
N CYS B 907 51.88 -8.94 25.30
CA CYS B 907 50.43 -8.98 25.20
C CYS B 907 49.96 -10.12 24.31
N GLU B 908 50.61 -10.31 23.16
CA GLU B 908 50.27 -11.43 22.29
C GLU B 908 50.50 -12.76 22.99
N GLY B 909 51.57 -12.86 23.78
CA GLY B 909 51.82 -14.09 24.53
C GLY B 909 50.80 -14.33 25.62
N TRP B 910 50.32 -13.26 26.27
CA TRP B 910 49.31 -13.43 27.31
C TRP B 910 47.97 -13.81 26.71
N LEU B 911 47.58 -13.17 25.61
CA LEU B 911 46.31 -13.50 24.97
C LEU B 911 46.26 -14.96 24.54
N ALA B 912 47.40 -15.53 24.16
CA ALA B 912 47.45 -16.94 23.79
C ALA B 912 47.41 -17.86 25.01
N GLY B 913 47.88 -17.39 26.16
CA GLY B 913 47.96 -18.23 27.34
C GLY B 913 47.25 -17.69 28.57
N LYS B 914 46.20 -16.90 28.38
CA LYS B 914 45.47 -16.36 29.52
C LYS B 914 44.78 -17.45 30.33
N ASP B 915 44.55 -18.63 29.75
CA ASP B 915 43.86 -19.72 30.40
C ASP B 915 44.80 -20.77 31.01
N ASP B 916 46.10 -20.52 31.00
CA ASP B 916 47.06 -21.41 31.65
C ASP B 916 47.63 -20.73 32.87
N ALA B 917 47.70 -21.46 33.98
CA ALA B 917 48.14 -20.88 35.24
C ALA B 917 49.56 -20.35 35.13
N ASP B 918 50.47 -21.17 34.58
CA ASP B 918 51.88 -20.79 34.54
C ASP B 918 52.13 -19.71 33.49
N ARG B 919 51.54 -19.85 32.30
CA ARG B 919 51.80 -18.92 31.22
C ARG B 919 51.20 -17.53 31.50
N SER B 920 50.02 -17.49 32.13
CA SER B 920 49.39 -16.21 32.42
C SER B 920 50.19 -15.41 33.44
N ARG B 921 50.76 -16.09 34.44
CA ARG B 921 51.61 -15.40 35.41
C ARG B 921 52.91 -14.94 34.78
N GLU B 922 53.46 -15.75 33.87
CA GLU B 922 54.73 -15.41 33.22
C GLU B 922 54.61 -14.14 32.40
N TYR B 923 53.72 -14.13 31.40
CA TYR B 923 53.56 -12.95 30.55
C TYR B 923 52.85 -11.82 31.26
N GLY B 924 52.02 -12.13 32.26
CA GLY B 924 51.38 -11.07 33.02
C GLY B 924 52.36 -10.19 33.76
N ASP B 925 53.36 -10.81 34.40
CA ASP B 925 54.39 -10.03 35.07
C ASP B 925 55.24 -9.24 34.09
N ARG B 926 55.37 -9.74 32.85
CA ARG B 926 56.05 -8.96 31.82
C ARG B 926 55.27 -7.69 31.52
N ILE B 927 53.93 -7.79 31.47
CA ILE B 927 53.09 -6.63 31.24
C ILE B 927 53.20 -5.64 32.40
N LYS B 928 53.26 -6.16 33.64
CA LYS B 928 53.37 -5.29 34.80
C LYS B 928 54.69 -4.50 34.78
N ALA B 929 55.77 -5.11 34.28
CA ALA B 929 57.06 -4.42 34.29
C ALA B 929 57.12 -3.32 33.24
N LEU B 930 56.43 -3.50 32.12
CA LEU B 930 56.43 -2.51 31.04
C LEU B 930 55.35 -1.45 31.21
N LEU B 931 54.40 -1.65 32.12
CA LEU B 931 53.29 -0.70 32.27
C LEU B 931 53.73 0.69 32.73
N PRO B 932 54.50 0.85 33.82
CA PRO B 932 54.84 2.23 34.25
C PRO B 932 55.64 3.01 33.22
N GLY B 933 56.58 2.36 32.54
CA GLY B 933 57.35 3.05 31.51
C GLY B 933 56.55 3.36 30.27
N GLU B 934 55.62 2.47 29.90
CA GLU B 934 54.82 2.72 28.71
C GLU B 934 53.82 3.85 28.91
N ILE B 935 53.30 4.01 30.14
CA ILE B 935 52.43 5.14 30.42
C ILE B 935 53.20 6.45 30.32
N SER B 936 54.46 6.45 30.76
CA SER B 936 55.29 7.65 30.67
C SER B 936 55.57 8.05 29.24
N GLN B 937 55.66 7.08 28.32
CA GLN B 937 55.96 7.34 26.92
C GLN B 937 54.72 7.59 26.07
N ALA B 938 53.53 7.60 26.67
CA ALA B 938 52.28 7.76 25.95
C ALA B 938 51.59 9.04 26.38
N SER B 939 50.59 9.45 25.59
CA SER B 939 49.80 10.63 25.91
C SER B 939 48.47 10.53 25.18
N GLY B 940 47.48 11.25 25.71
CA GLY B 940 46.16 11.28 25.07
C GLY B 940 45.41 9.98 25.27
N GLU B 941 44.79 9.50 24.19
CA GLU B 941 43.99 8.28 24.26
C GLU B 941 44.86 7.06 24.49
N VAL B 942 46.11 7.09 24.04
CA VAL B 942 47.01 5.97 24.29
C VAL B 942 47.27 5.81 25.78
N LYS B 943 47.44 6.93 26.49
CA LYS B 943 47.62 6.88 27.93
C LYS B 943 46.37 6.33 28.63
N ASP B 944 45.18 6.70 28.15
CA ASP B 944 43.95 6.19 28.75
C ASP B 944 43.79 4.69 28.49
N LEU B 945 44.19 4.22 27.31
CA LEU B 945 44.12 2.80 27.03
C LEU B 945 45.10 2.03 27.92
N LEU B 946 46.26 2.61 28.20
CA LEU B 946 47.23 1.97 29.09
C LEU B 946 46.76 2.03 30.54
N LEU B 947 46.11 3.13 30.94
CA LEU B 947 45.59 3.22 32.29
C LEU B 947 44.45 2.23 32.52
N ASP B 948 43.72 1.87 31.46
CA ASP B 948 42.69 0.85 31.60
C ASP B 948 43.29 -0.53 31.75
N ILE B 949 44.44 -0.78 31.12
CA ILE B 949 45.16 -2.03 31.35
C ILE B 949 45.70 -2.06 32.77
N ASP B 950 46.23 -0.93 33.24
CA ASP B 950 46.78 -0.86 34.60
C ASP B 950 45.71 -1.00 35.65
N ARG B 951 44.49 -0.52 35.39
CA ARG B 951 43.40 -0.64 36.36
C ARG B 951 42.98 -2.10 36.55
N GLN B 952 43.18 -2.94 35.53
CA GLN B 952 42.72 -4.33 35.56
C GLN B 952 43.87 -5.32 35.62
N LYS B 953 45.07 -4.87 35.99
CA LYS B 953 46.23 -5.77 36.00
C LYS B 953 46.11 -6.88 37.03
N ASP B 954 45.23 -6.72 38.02
CA ASP B 954 45.02 -7.75 39.03
C ASP B 954 44.21 -8.93 38.51
N TYR B 955 43.87 -8.95 37.22
CA TYR B 955 43.18 -10.09 36.62
C TYR B 955 44.00 -10.72 35.51
N LEU B 956 45.25 -10.28 35.32
CA LEU B 956 46.14 -10.92 34.35
C LEU B 956 46.43 -12.36 34.75
N THR B 957 46.83 -12.57 36.00
CA THR B 957 47.10 -13.93 36.48
C THR B 957 45.78 -14.69 36.62
N LYS B 958 45.73 -15.89 36.03
CA LYS B 958 44.54 -16.71 36.12
C LYS B 958 44.25 -17.08 37.56
N LYS B 959 42.99 -17.02 37.94
CA LYS B 959 42.58 -17.30 39.31
C LYS B 959 42.21 -18.77 39.47
N SER B 960 42.18 -19.22 40.72
CA SER B 960 41.85 -20.59 41.08
C SER B 960 40.73 -20.54 42.12
N ILE B 961 39.51 -20.82 41.69
CA ILE B 961 38.35 -20.74 42.58
C ILE B 961 38.25 -22.02 43.39
N TRP B 962 38.16 -21.88 44.71
CA TRP B 962 38.08 -23.02 45.62
C TRP B 962 36.79 -22.96 46.43
N ILE B 963 36.03 -24.04 46.39
CA ILE B 963 34.76 -24.16 47.09
C ILE B 963 35.00 -25.11 48.26
N ILE B 964 35.09 -24.58 49.47
CA ILE B 964 35.44 -25.36 50.66
C ILE B 964 34.22 -25.51 51.54
N GLY B 965 34.01 -26.72 52.04
CA GLY B 965 32.88 -26.99 52.91
C GLY B 965 33.00 -28.35 53.53
N GLY B 966 32.12 -28.59 54.51
CA GLY B 966 32.11 -29.84 55.25
C GLY B 966 31.26 -30.90 54.58
N ASP B 967 31.20 -32.06 55.24
CA ASP B 967 30.40 -33.16 54.70
C ASP B 967 28.90 -32.84 54.80
N GLY B 968 28.49 -32.12 55.84
CA GLY B 968 27.08 -31.75 55.95
C GLY B 968 26.62 -30.86 54.82
N TRP B 969 27.48 -29.93 54.37
CA TRP B 969 27.13 -29.11 53.22
C TRP B 969 27.07 -29.93 51.95
N ALA B 970 28.10 -30.75 51.70
CA ALA B 970 28.20 -31.47 50.43
C ALA B 970 27.24 -32.66 50.35
N TYR B 971 26.98 -33.33 51.47
CA TYR B 971 26.14 -34.52 51.46
C TYR B 971 24.67 -34.21 51.69
N ASP B 972 24.35 -33.08 52.32
CA ASP B 972 22.98 -32.83 52.71
C ASP B 972 22.39 -31.57 52.10
N ILE B 973 22.57 -30.44 52.78
CA ILE B 973 21.80 -29.24 52.48
C ILE B 973 22.20 -28.65 51.13
N GLY B 974 23.49 -28.70 50.79
CA GLY B 974 23.99 -28.16 49.56
C GLY B 974 24.23 -29.17 48.45
N TYR B 975 23.73 -30.40 48.59
CA TYR B 975 24.01 -31.41 47.58
C TYR B 975 23.32 -31.09 46.27
N GLY B 976 22.07 -30.62 46.32
CA GLY B 976 21.40 -30.24 45.09
C GLY B 976 22.12 -29.13 44.36
N GLY B 977 22.66 -28.17 45.09
CA GLY B 977 23.45 -27.11 44.47
C GLY B 977 24.82 -27.59 44.02
N LEU B 978 25.44 -28.47 44.81
CA LEU B 978 26.73 -29.04 44.41
C LEU B 978 26.57 -29.89 43.16
N ASP B 979 25.48 -30.66 43.08
CA ASP B 979 25.20 -31.45 41.90
C ASP B 979 25.12 -30.57 40.65
N HIS B 980 24.47 -29.41 40.76
CA HIS B 980 24.30 -28.53 39.61
C HIS B 980 25.62 -27.91 39.18
N VAL B 981 26.42 -27.44 40.14
CA VAL B 981 27.69 -26.78 39.79
C VAL B 981 28.66 -27.78 39.17
N LEU B 982 28.67 -29.02 39.65
CA LEU B 982 29.51 -30.03 39.02
C LEU B 982 29.04 -30.33 37.60
N ALA B 983 27.71 -30.40 37.41
CA ALA B 983 27.15 -30.70 36.10
C ALA B 983 27.38 -29.58 35.09
N SER B 984 27.62 -28.35 35.56
CA SER B 984 27.81 -27.24 34.63
C SER B 984 29.11 -27.37 33.86
N GLY B 985 30.13 -27.96 34.48
CA GLY B 985 31.43 -28.08 33.87
C GLY B 985 32.37 -26.94 34.13
N ALA B 986 31.99 -26.00 34.99
CA ALA B 986 32.84 -24.84 35.25
C ALA B 986 34.15 -25.26 35.89
N ASN B 987 35.19 -24.46 35.68
CA ASN B 987 36.52 -24.72 36.23
C ASN B 987 36.57 -24.24 37.68
N VAL B 988 35.96 -25.01 38.56
CA VAL B 988 35.96 -24.72 39.99
C VAL B 988 36.51 -25.95 40.72
N ASN B 989 37.03 -25.70 41.91
CA ASN B 989 37.65 -26.75 42.72
C ASN B 989 36.86 -26.84 44.01
N VAL B 990 36.16 -27.96 44.19
CA VAL B 990 35.36 -28.21 45.38
C VAL B 990 36.17 -29.12 46.29
N LEU B 991 36.37 -28.68 47.53
CA LEU B 991 37.11 -29.45 48.53
C LEU B 991 36.14 -29.80 49.65
N VAL B 992 35.81 -31.08 49.76
CA VAL B 992 34.90 -31.56 50.79
C VAL B 992 35.75 -32.08 51.94
N LEU B 993 35.70 -31.39 53.08
CA LEU B 993 36.37 -31.83 54.29
C LEU B 993 35.41 -32.74 55.04
N ASP B 994 35.52 -34.05 54.77
CA ASP B 994 34.56 -35.03 55.27
C ASP B 994 34.96 -35.43 56.69
N THR B 995 34.20 -34.95 57.68
CA THR B 995 34.36 -35.38 59.05
C THR B 995 33.31 -36.42 59.47
N GLU B 996 32.43 -36.80 58.55
CA GLU B 996 31.36 -37.78 58.78
C GLU B 996 30.35 -37.34 59.82
N VAL B 997 30.38 -36.08 60.25
CA VAL B 997 29.45 -35.52 61.23
C VAL B 997 29.37 -34.02 61.01
N TYR B 998 28.44 -33.38 61.70
CA TYR B 998 28.40 -31.92 61.79
C TYR B 998 29.29 -31.54 62.96
N SER B 999 30.58 -31.31 62.68
CA SER B 999 31.56 -31.18 63.77
C SER B 999 31.32 -29.92 64.59
N ASN B 1000 31.04 -28.79 63.92
CA ASN B 1000 30.93 -27.52 64.65
C ASN B 1000 29.78 -27.53 65.65
N THR B 1001 28.62 -28.03 65.24
CA THR B 1001 27.42 -27.97 66.07
C THR B 1001 27.34 -29.08 67.12
N GLY B 1002 28.43 -29.82 67.34
CA GLY B 1002 28.50 -30.78 68.42
C GLY B 1002 28.63 -32.23 67.97
N GLY B 1003 28.49 -32.51 66.69
CA GLY B 1003 28.70 -33.86 66.20
C GLY B 1003 27.41 -34.59 65.90
N GLN B 1004 26.61 -34.03 64.99
CA GLN B 1004 25.31 -34.60 64.66
C GLN B 1004 25.41 -35.46 63.40
N SER B 1005 24.37 -36.26 63.19
CA SER B 1005 24.35 -37.24 62.11
C SER B 1005 24.30 -36.56 60.75
N SER B 1006 24.83 -37.25 59.74
CA SER B 1006 24.89 -36.78 58.37
C SER B 1006 24.67 -37.97 57.44
N LYS B 1007 24.48 -37.68 56.15
CA LYS B 1007 24.49 -38.77 55.18
C LYS B 1007 25.89 -39.34 54.99
N ALA B 1008 26.92 -38.58 55.38
CA ALA B 1008 28.30 -39.05 55.32
C ALA B 1008 28.68 -39.95 56.48
N THR B 1009 27.83 -40.03 57.51
CA THR B 1009 28.09 -40.90 58.65
C THR B 1009 27.98 -42.36 58.21
N GLN B 1010 28.92 -43.18 58.67
CA GLN B 1010 28.97 -44.58 58.27
C GLN B 1010 27.95 -45.40 59.05
N THR B 1011 27.81 -46.66 58.63
CA THR B 1011 26.91 -47.58 59.32
C THR B 1011 27.45 -47.86 60.72
N GLY B 1012 26.54 -47.88 61.69
CA GLY B 1012 26.89 -48.25 63.05
C GLY B 1012 27.51 -47.15 63.89
N ALA B 1013 27.92 -46.04 63.29
CA ALA B 1013 28.51 -44.95 64.05
C ALA B 1013 27.46 -44.29 64.93
N VAL B 1014 27.84 -43.99 66.16
CA VAL B 1014 26.94 -43.35 67.12
C VAL B 1014 27.28 -41.87 67.18
N ALA B 1015 26.29 -41.03 66.89
CA ALA B 1015 26.42 -39.59 67.03
C ALA B 1015 25.06 -39.04 67.45
N ARG B 1016 25.01 -37.74 67.70
CA ARG B 1016 23.74 -37.10 68.05
C ARG B 1016 22.78 -37.19 66.88
N PHE B 1017 21.51 -37.45 67.20
CA PHE B 1017 20.45 -37.83 66.26
C PHE B 1017 20.57 -39.25 65.75
N ALA B 1018 21.49 -40.05 66.32
CA ALA B 1018 21.64 -41.44 65.98
C ALA B 1018 22.01 -42.23 67.24
N ALA B 1019 21.11 -42.18 68.23
CA ALA B 1019 21.38 -42.82 69.51
C ALA B 1019 21.50 -44.33 69.36
N GLY B 1020 20.69 -44.92 68.51
CA GLY B 1020 20.76 -46.34 68.25
C GLY B 1020 21.69 -46.70 67.12
N GLY B 1021 22.48 -45.77 66.61
CA GLY B 1021 23.35 -46.07 65.49
C GLY B 1021 22.66 -45.85 64.16
N LYS B 1022 23.44 -45.44 63.17
CA LYS B 1022 22.88 -45.17 61.85
C LYS B 1022 22.74 -46.50 61.11
N PHE B 1023 21.52 -46.79 60.63
CA PHE B 1023 21.25 -48.05 59.95
C PHE B 1023 21.68 -48.01 58.49
N THR B 1024 21.22 -47.01 57.73
CA THR B 1024 21.58 -46.90 56.33
C THR B 1024 23.07 -46.61 56.18
N LYS B 1025 23.64 -47.07 55.07
CA LYS B 1025 25.09 -46.93 54.88
C LYS B 1025 25.44 -45.52 54.43
N LYS B 1026 26.75 -45.27 54.34
CA LYS B 1026 27.25 -43.98 53.93
C LYS B 1026 26.92 -43.72 52.46
N LYS B 1027 26.42 -42.51 52.18
CA LYS B 1027 26.16 -42.11 50.80
C LYS B 1027 27.47 -41.99 50.03
N ASP B 1028 27.50 -42.57 48.83
CA ASP B 1028 28.72 -42.58 48.01
C ASP B 1028 28.68 -41.35 47.11
N LEU B 1029 29.23 -40.25 47.62
CA LEU B 1029 29.24 -39.00 46.88
C LEU B 1029 30.13 -39.07 45.64
N GLY B 1030 31.30 -39.69 45.78
CA GLY B 1030 32.22 -39.77 44.64
C GLY B 1030 31.67 -40.59 43.49
N LEU B 1031 30.92 -41.66 43.80
CA LEU B 1031 30.39 -42.52 42.75
C LEU B 1031 29.36 -41.78 41.91
N MET B 1032 28.55 -40.93 42.55
CA MET B 1032 27.53 -40.18 41.82
C MET B 1032 28.17 -39.09 40.96
N ALA B 1033 29.25 -38.47 41.45
CA ALA B 1033 29.92 -37.42 40.67
C ALA B 1033 30.64 -37.99 39.47
N MET B 1034 31.07 -39.25 39.52
CA MET B 1034 31.71 -39.88 38.38
C MET B 1034 30.71 -40.15 37.25
N SER B 1035 29.41 -40.19 37.56
CA SER B 1035 28.41 -40.50 36.56
C SER B 1035 28.34 -39.44 35.47
N TYR B 1036 28.80 -38.22 35.75
CA TYR B 1036 28.85 -37.20 34.72
C TYR B 1036 29.95 -37.49 33.71
N GLY B 1037 31.07 -38.07 34.15
CA GLY B 1037 32.17 -38.40 33.29
C GLY B 1037 33.17 -37.28 33.10
N TYR B 1038 32.72 -36.03 33.17
CA TYR B 1038 33.58 -34.86 32.99
C TYR B 1038 33.92 -34.15 34.30
N VAL B 1039 33.67 -34.79 35.45
CA VAL B 1039 33.99 -34.22 36.75
C VAL B 1039 35.17 -34.99 37.32
N TYR B 1040 36.24 -34.26 37.65
CA TYR B 1040 37.39 -34.87 38.30
C TYR B 1040 37.05 -35.20 39.75
N VAL B 1041 37.17 -36.46 40.12
CA VAL B 1041 36.85 -36.93 41.47
C VAL B 1041 38.07 -37.65 42.05
N ALA B 1042 38.38 -37.35 43.30
CA ALA B 1042 39.50 -37.98 43.98
C ALA B 1042 39.18 -38.10 45.46
N SER B 1043 39.59 -39.24 46.05
CA SER B 1043 39.44 -39.49 47.49
C SER B 1043 40.83 -39.63 48.10
N VAL B 1044 41.13 -38.80 49.10
CA VAL B 1044 42.46 -38.71 49.68
C VAL B 1044 42.38 -38.84 51.20
N ALA B 1045 43.54 -39.13 51.81
CA ALA B 1045 43.66 -39.22 53.26
C ALA B 1045 45.13 -39.00 53.58
N MET B 1046 45.44 -37.85 54.22
CA MET B 1046 46.83 -37.43 54.37
C MET B 1046 47.64 -38.43 55.18
N GLY B 1047 47.06 -38.99 56.23
CA GLY B 1047 47.78 -39.94 57.06
C GLY B 1047 48.19 -41.21 56.33
N ALA B 1048 47.50 -41.54 55.24
CA ALA B 1048 47.76 -42.79 54.52
C ALA B 1048 48.88 -42.65 53.50
N SER B 1049 48.85 -41.61 52.67
CA SER B 1049 49.84 -41.46 51.60
C SER B 1049 50.05 -39.98 51.31
N HIS B 1050 51.25 -39.49 51.62
CA HIS B 1050 51.59 -38.10 51.29
C HIS B 1050 51.70 -37.90 49.79
N SER B 1051 52.28 -38.88 49.08
CA SER B 1051 52.49 -38.74 47.63
C SER B 1051 51.18 -38.80 46.86
N GLN B 1052 50.20 -39.58 47.33
CA GLN B 1052 48.93 -39.68 46.63
C GLN B 1052 48.14 -38.37 46.72
N LEU B 1053 48.23 -37.68 47.87
CA LEU B 1053 47.53 -36.41 48.02
C LEU B 1053 48.15 -35.35 47.11
N MET B 1054 49.48 -35.35 46.97
CA MET B 1054 50.14 -34.39 46.10
C MET B 1054 49.66 -34.53 44.66
N LYS B 1055 49.51 -35.77 44.18
CA LYS B 1055 49.12 -35.98 42.80
C LYS B 1055 47.69 -35.51 42.54
N ALA B 1056 46.78 -35.75 43.48
CA ALA B 1056 45.37 -35.42 43.27
C ALA B 1056 45.14 -33.91 43.28
N LEU B 1057 45.81 -33.18 44.17
CA LEU B 1057 45.59 -31.74 44.26
C LEU B 1057 46.08 -31.02 43.01
N ILE B 1058 47.24 -31.40 42.48
CA ILE B 1058 47.77 -30.74 41.30
C ILE B 1058 46.96 -31.11 40.07
N GLU B 1059 46.54 -32.38 39.97
CA GLU B 1059 45.70 -32.80 38.86
C GLU B 1059 44.34 -32.11 38.88
N ALA B 1060 43.81 -31.87 40.09
CA ALA B 1060 42.49 -31.26 40.20
C ALA B 1060 42.49 -29.81 39.76
N GLU B 1061 43.53 -29.05 40.10
CA GLU B 1061 43.54 -27.63 39.75
C GLU B 1061 43.82 -27.44 38.27
N LYS B 1062 44.72 -28.24 37.70
CA LYS B 1062 45.05 -28.11 36.28
C LYS B 1062 43.93 -28.60 35.38
N TYR B 1063 43.05 -29.47 35.87
CA TYR B 1063 41.94 -29.96 35.07
C TYR B 1063 41.00 -28.83 34.70
N ASP B 1064 40.80 -28.62 33.40
CA ASP B 1064 39.92 -27.56 32.89
C ASP B 1064 38.46 -28.02 32.97
N GLY B 1065 37.95 -28.04 34.20
CA GLY B 1065 36.59 -28.49 34.45
C GLY B 1065 36.30 -28.64 35.93
N PRO B 1066 35.16 -29.24 36.25
CA PRO B 1066 34.78 -29.38 37.67
C PRO B 1066 35.59 -30.47 38.37
N SER B 1067 36.02 -30.17 39.59
CA SER B 1067 36.79 -31.10 40.40
C SER B 1067 36.18 -31.24 41.78
N LEU B 1068 36.13 -32.47 42.28
CA LEU B 1068 35.55 -32.79 43.58
C LEU B 1068 36.55 -33.62 44.38
N ILE B 1069 37.02 -33.08 45.50
CA ILE B 1069 37.98 -33.75 46.37
C ILE B 1069 37.33 -34.03 47.71
N ILE B 1070 37.17 -35.30 48.04
CA ILE B 1070 36.62 -35.74 49.33
C ILE B 1070 37.81 -36.17 50.18
N ALA B 1071 38.16 -35.38 51.18
CA ALA B 1071 39.31 -35.62 52.04
C ALA B 1071 38.85 -36.04 53.43
N TYR B 1072 39.42 -37.13 53.94
CA TYR B 1072 39.11 -37.60 55.28
C TYR B 1072 39.79 -36.69 56.31
N ALA B 1073 38.99 -36.10 57.19
CA ALA B 1073 39.49 -35.15 58.19
C ALA B 1073 39.16 -35.68 59.58
N PRO B 1074 40.14 -36.21 60.32
CA PRO B 1074 39.87 -36.63 61.70
C PRO B 1074 39.39 -35.47 62.55
N CYS B 1075 38.53 -35.79 63.53
CA CYS B 1075 37.85 -34.80 64.34
C CYS B 1075 37.80 -35.29 65.79
N ILE B 1076 37.65 -34.33 66.71
CA ILE B 1076 37.54 -34.71 68.12
C ILE B 1076 36.25 -35.45 68.39
N ASN B 1077 35.22 -35.21 67.58
CA ASN B 1077 33.95 -35.90 67.74
C ASN B 1077 34.04 -37.39 67.43
N HIS B 1078 35.15 -37.84 66.83
CA HIS B 1078 35.36 -39.27 66.64
C HIS B 1078 35.71 -39.98 67.93
N GLY B 1079 36.29 -39.27 68.90
CA GLY B 1079 36.68 -39.89 70.15
C GLY B 1079 38.00 -40.63 70.04
N ILE B 1080 39.07 -39.91 69.68
CA ILE B 1080 40.39 -40.50 69.52
C ILE B 1080 41.42 -39.58 70.15
N ASN B 1081 42.61 -40.11 70.34
CA ASN B 1081 43.76 -39.33 70.79
C ASN B 1081 44.25 -38.52 69.59
N MET B 1082 44.12 -37.20 69.65
CA MET B 1082 44.52 -36.36 68.52
C MET B 1082 46.03 -36.37 68.29
N THR B 1083 46.82 -36.88 69.22
CA THR B 1083 48.26 -37.04 68.98
C THR B 1083 48.50 -37.96 67.79
N TYR B 1084 47.66 -38.99 67.62
CA TYR B 1084 47.75 -39.90 66.49
C TYR B 1084 46.66 -39.61 65.48
N SER B 1085 46.42 -38.33 65.18
CA SER B 1085 45.40 -37.99 64.21
C SER B 1085 45.81 -38.40 62.81
N GLN B 1086 47.07 -38.18 62.46
CA GLN B 1086 47.60 -38.67 61.20
C GLN B 1086 47.61 -40.19 61.17
N ARG B 1087 47.99 -40.82 62.29
CA ARG B 1087 47.98 -42.28 62.36
C ARG B 1087 46.58 -42.85 62.23
N GLU B 1088 45.56 -42.12 62.71
CA GLU B 1088 44.20 -42.61 62.59
C GLU B 1088 43.72 -42.61 61.14
N ALA B 1089 44.21 -41.66 60.33
CA ALA B 1089 43.89 -41.64 58.92
C ALA B 1089 44.61 -42.75 58.16
N LYS B 1090 45.83 -43.10 58.61
CA LYS B 1090 46.53 -44.22 58.01
C LYS B 1090 45.84 -45.55 58.33
N LYS B 1091 45.41 -45.73 59.58
CA LYS B 1091 44.71 -46.94 59.95
C LYS B 1091 43.35 -47.06 59.25
N ALA B 1092 42.73 -45.93 58.91
CA ALA B 1092 41.45 -45.97 58.22
C ALA B 1092 41.60 -46.50 56.80
N VAL B 1093 42.63 -46.06 56.08
CA VAL B 1093 42.82 -46.52 54.71
C VAL B 1093 43.37 -47.94 54.67
N GLU B 1094 44.27 -48.28 55.59
CA GLU B 1094 44.86 -49.62 55.61
C GLU B 1094 43.84 -50.70 55.99
N ALA B 1095 42.74 -50.33 56.62
CA ALA B 1095 41.70 -51.28 57.00
C ALA B 1095 40.54 -51.33 56.01
N GLY B 1096 40.67 -50.66 54.86
CA GLY B 1096 39.59 -50.63 53.90
C GLY B 1096 38.42 -49.75 54.29
N TYR B 1097 38.60 -48.86 55.26
CA TYR B 1097 37.50 -48.01 55.72
C TYR B 1097 37.29 -46.80 54.82
N TRP B 1098 38.36 -46.26 54.25
CA TRP B 1098 38.29 -45.08 53.38
C TRP B 1098 39.05 -45.38 52.10
N PRO B 1099 38.45 -45.18 50.94
CA PRO B 1099 39.12 -45.52 49.67
C PRO B 1099 40.00 -44.37 49.17
N LEU B 1100 40.99 -44.74 48.37
CA LEU B 1100 41.86 -43.80 47.68
C LEU B 1100 41.77 -44.07 46.18
N TYR B 1101 41.17 -43.14 45.44
CA TYR B 1101 41.05 -43.28 44.00
C TYR B 1101 41.16 -41.92 43.36
N ARG B 1102 41.32 -41.92 42.03
CA ARG B 1102 41.36 -40.70 41.24
C ARG B 1102 40.67 -40.96 39.92
N TYR B 1103 39.62 -40.19 39.63
CA TYR B 1103 38.87 -40.29 38.38
C TYR B 1103 39.25 -39.07 37.54
N ASN B 1104 40.02 -39.31 36.49
CA ASN B 1104 40.53 -38.24 35.63
C ASN B 1104 39.80 -38.25 34.30
N PRO B 1105 38.93 -37.27 34.03
CA PRO B 1105 38.24 -37.24 32.74
C PRO B 1105 39.19 -37.07 31.56
N GLN B 1106 40.36 -36.49 31.76
CA GLN B 1106 41.31 -36.32 30.66
C GLN B 1106 41.82 -37.67 30.15
N LEU B 1107 41.87 -38.68 31.02
CA LEU B 1107 42.28 -40.01 30.58
C LEU B 1107 41.26 -40.63 29.63
N ALA B 1108 39.99 -40.24 29.73
CA ALA B 1108 38.98 -40.77 28.81
C ALA B 1108 39.18 -40.23 27.39
N GLN B 1109 39.60 -38.97 27.26
CA GLN B 1109 39.87 -38.42 25.94
C GLN B 1109 41.10 -39.05 25.28
N GLU B 1110 42.03 -39.60 26.07
CA GLU B 1110 43.20 -40.28 25.55
C GLU B 1110 42.97 -41.77 25.32
N GLY B 1111 41.72 -42.22 25.38
CA GLY B 1111 41.39 -43.61 25.15
C GLY B 1111 41.62 -44.55 26.31
N LYS B 1112 42.00 -44.03 27.48
CA LYS B 1112 42.30 -44.85 28.64
C LYS B 1112 41.13 -44.84 29.62
N ASN B 1113 41.25 -45.69 30.64
CA ASN B 1113 40.22 -45.79 31.67
C ASN B 1113 40.37 -44.61 32.63
N PRO B 1114 39.32 -43.81 32.85
CA PRO B 1114 39.46 -42.66 33.75
C PRO B 1114 39.64 -43.03 35.22
N PHE B 1115 39.20 -44.20 35.66
CA PHE B 1115 39.24 -44.57 37.07
C PHE B 1115 40.56 -45.27 37.41
N ILE B 1116 41.28 -44.74 38.40
CA ILE B 1116 42.52 -45.33 38.89
C ILE B 1116 42.34 -45.61 40.37
N LEU B 1117 42.49 -46.88 40.76
CA LEU B 1117 42.39 -47.28 42.17
C LEU B 1117 43.78 -47.23 42.79
N ASP B 1118 43.99 -46.29 43.71
CA ASP B 1118 45.30 -46.05 44.30
C ASP B 1118 45.64 -46.99 45.44
N TYR B 1119 44.66 -47.71 46.00
CA TYR B 1119 44.92 -48.68 47.06
C TYR B 1119 44.02 -49.88 46.81
N LYS B 1120 44.62 -50.98 46.33
CA LYS B 1120 43.85 -52.13 45.88
C LYS B 1120 43.66 -53.18 46.97
N THR B 1121 44.74 -53.50 47.69
CA THR B 1121 44.68 -54.59 48.66
C THR B 1121 44.82 -54.03 50.08
N PRO B 1122 43.77 -54.09 50.89
CA PRO B 1122 43.90 -53.64 52.28
C PRO B 1122 44.62 -54.67 53.13
N THR B 1123 45.36 -54.16 54.12
CA THR B 1123 46.20 -55.01 54.96
C THR B 1123 45.77 -55.05 56.42
N ALA B 1124 44.91 -54.15 56.86
CA ALA B 1124 44.49 -54.09 58.25
C ALA B 1124 43.11 -54.70 58.43
N SER B 1125 42.78 -55.04 59.68
CA SER B 1125 41.49 -55.63 59.99
C SER B 1125 40.43 -54.53 60.07
N PHE B 1126 39.28 -54.79 59.44
CA PHE B 1126 38.23 -53.78 59.40
C PHE B 1126 37.53 -53.64 60.75
N ARG B 1127 37.19 -54.77 61.38
CA ARG B 1127 36.50 -54.71 62.65
C ARG B 1127 37.38 -54.16 63.76
N ASP B 1128 38.70 -54.36 63.67
CA ASP B 1128 39.61 -53.86 64.69
C ASP B 1128 39.71 -52.34 64.67
N PHE B 1129 39.50 -51.71 63.51
CA PHE B 1129 39.56 -50.26 63.43
C PHE B 1129 38.40 -49.59 64.15
N LEU B 1130 37.22 -50.22 64.14
CA LEU B 1130 36.05 -49.64 64.79
C LEU B 1130 36.22 -49.56 66.31
N MET B 1131 36.85 -50.56 66.92
CA MET B 1131 37.04 -50.58 68.36
C MET B 1131 38.05 -49.56 68.85
N GLY B 1132 38.82 -48.94 67.97
CA GLY B 1132 39.77 -47.92 68.33
C GLY B 1132 39.26 -46.49 68.38
N GLU B 1133 37.96 -46.27 68.14
CA GLU B 1133 37.37 -44.94 68.17
C GLU B 1133 36.11 -44.96 69.03
N ILE B 1134 35.95 -43.93 69.86
CA ILE B 1134 34.87 -43.90 70.83
C ILE B 1134 33.51 -43.86 70.14
N ARG B 1135 33.43 -43.23 68.96
CA ARG B 1135 32.15 -43.12 68.26
C ARG B 1135 31.56 -44.45 67.84
N TYR B 1136 32.32 -45.54 67.93
CA TYR B 1136 31.80 -46.87 67.62
C TYR B 1136 31.68 -47.76 68.84
N THR B 1137 32.54 -47.58 69.85
CA THR B 1137 32.48 -48.39 71.06
C THR B 1137 31.30 -48.03 71.94
N SER B 1138 30.81 -46.79 71.84
CA SER B 1138 29.68 -46.37 72.67
C SER B 1138 28.39 -47.12 72.36
N LEU B 1139 28.29 -47.77 71.21
CA LEU B 1139 27.09 -48.57 70.94
C LEU B 1139 27.02 -49.78 71.86
N LYS B 1140 28.16 -50.37 72.21
CA LYS B 1140 28.20 -51.49 73.13
C LYS B 1140 27.92 -51.06 74.57
N GLU B 1145 24.68 -56.24 72.26
CA GLU B 1145 23.71 -57.14 71.62
C GLU B 1145 23.59 -56.83 70.13
N LYS B 1146 22.90 -55.73 69.82
CA LYS B 1146 22.64 -55.35 68.44
C LYS B 1146 23.84 -54.73 67.73
N ALA B 1147 24.89 -54.35 68.48
CA ALA B 1147 26.05 -53.72 67.86
C ALA B 1147 26.81 -54.70 66.95
N GLU B 1148 26.97 -55.95 67.41
CA GLU B 1148 27.66 -56.95 66.60
C GLU B 1148 26.90 -57.24 65.30
N GLN B 1149 25.58 -57.09 65.32
CA GLN B 1149 24.80 -57.27 64.10
C GLN B 1149 25.08 -56.16 63.09
N LEU B 1150 25.29 -54.93 63.57
CA LEU B 1150 25.57 -53.81 62.67
C LEU B 1150 26.99 -53.86 62.11
N PHE B 1151 27.96 -54.33 62.89
CA PHE B 1151 29.33 -54.41 62.39
C PHE B 1151 29.46 -55.38 61.22
N ALA B 1152 28.70 -56.48 61.23
CA ALA B 1152 28.78 -57.45 60.15
C ALA B 1152 28.24 -56.86 58.85
N LYS B 1153 27.17 -56.06 58.93
CA LYS B 1153 26.66 -55.41 57.73
C LYS B 1153 27.64 -54.35 57.23
N ALA B 1154 28.29 -53.64 58.15
CA ALA B 1154 29.26 -52.63 57.75
C ALA B 1154 30.49 -53.26 57.10
N GLU B 1155 30.93 -54.42 57.62
CA GLU B 1155 32.11 -55.07 57.05
C GLU B 1155 31.78 -55.72 55.71
N ALA B 1156 30.56 -56.24 55.56
CA ALA B 1156 30.18 -56.83 54.27
C ALA B 1156 30.01 -55.75 53.20
N ASP B 1157 29.50 -54.58 53.58
CA ASP B 1157 29.35 -53.49 52.63
C ASP B 1157 30.69 -52.91 52.21
N ALA B 1158 31.67 -52.89 53.11
CA ALA B 1158 32.99 -52.37 52.76
C ALA B 1158 33.72 -53.30 51.80
N LYS B 1159 33.51 -54.61 51.94
CA LYS B 1159 34.12 -55.55 51.01
C LYS B 1159 33.46 -55.49 49.63
N ALA B 1160 32.13 -55.29 49.60
CA ALA B 1160 31.44 -55.14 48.34
C ALA B 1160 31.82 -53.84 47.64
N ARG B 1161 32.15 -52.80 48.40
CA ARG B 1161 32.57 -51.55 47.78
C ARG B 1161 33.96 -51.68 47.15
N LEU B 1162 34.87 -52.40 47.82
CA LEU B 1162 36.21 -52.60 47.25
C LEU B 1162 36.15 -53.43 45.97
N GLU B 1163 35.31 -54.46 45.95
CA GLU B 1163 35.16 -55.26 44.74
C GLU B 1163 34.53 -54.45 43.61
N GLN B 1164 33.73 -53.43 43.97
CA GLN B 1164 33.14 -52.56 42.96
C GLN B 1164 34.18 -51.62 42.35
N TYR B 1165 35.11 -51.12 43.17
CA TYR B 1165 36.15 -50.25 42.65
C TYR B 1165 37.19 -51.02 41.84
N LYS B 1166 37.42 -52.29 42.18
CA LYS B 1166 38.31 -53.11 41.36
C LYS B 1166 37.68 -53.41 40.01
N LYS B 1167 36.35 -53.56 39.96
CA LYS B 1167 35.67 -53.80 38.69
C LYS B 1167 35.69 -52.55 37.81
N LEU B 1168 35.57 -51.37 38.42
CA LEU B 1168 35.61 -50.13 37.65
C LEU B 1168 36.99 -49.88 37.07
N ALA B 1169 38.05 -50.38 37.72
CA ALA B 1169 39.40 -50.19 37.19
C ALA B 1169 39.73 -51.19 36.09
N GLU B 1170 39.22 -52.41 36.20
CA GLU B 1170 39.43 -53.47 35.21
C GLU B 1170 40.91 -53.74 34.94
N PRO C 2 14.43 15.27 24.35
CA PRO C 2 14.09 15.97 25.60
C PRO C 2 12.97 16.97 25.38
N LYS C 3 12.38 17.43 26.48
CA LYS C 3 11.29 18.39 26.43
C LYS C 3 11.83 19.78 26.74
N GLN C 4 11.46 20.76 25.94
CA GLN C 4 11.78 22.15 26.21
C GLN C 4 10.56 23.01 25.93
N THR C 5 10.54 24.19 26.54
CA THR C 5 9.49 25.19 26.31
C THR C 5 10.04 26.24 25.35
N LEU C 6 9.56 26.22 24.11
CA LEU C 6 10.00 27.13 23.06
C LEU C 6 8.77 27.75 22.42
N ASP C 7 9.01 28.68 21.51
CA ASP C 7 7.96 29.19 20.64
C ASP C 7 8.19 28.70 19.22
N GLY C 8 7.21 28.99 18.35
CA GLY C 8 7.32 28.55 16.96
C GLY C 8 8.58 29.03 16.29
N ASN C 9 8.97 30.28 16.52
CA ASN C 9 10.19 30.80 15.92
C ASN C 9 11.39 29.97 16.34
N THR C 10 11.54 29.73 17.65
CA THR C 10 12.71 28.99 18.13
C THR C 10 12.70 27.56 17.60
N ALA C 11 11.51 26.93 17.54
CA ALA C 11 11.43 25.57 17.03
C ALA C 11 11.93 25.51 15.59
N ALA C 12 11.53 26.48 14.78
CA ALA C 12 11.96 26.50 13.38
C ALA C 12 13.46 26.75 13.29
N ALA C 13 13.95 27.76 14.01
CA ALA C 13 15.37 28.06 13.96
C ALA C 13 16.20 26.91 14.49
N HIS C 14 15.65 26.14 15.43
CA HIS C 14 16.37 24.97 15.92
C HIS C 14 16.70 24.02 14.78
N VAL C 15 15.71 23.72 13.94
CA VAL C 15 15.94 22.78 12.85
C VAL C 15 16.77 23.42 11.75
N ALA C 16 16.46 24.67 11.39
CA ALA C 16 17.16 25.32 10.29
C ALA C 16 18.65 25.44 10.56
N TYR C 17 19.02 25.75 11.81
CA TYR C 17 20.42 25.87 12.15
C TYR C 17 21.14 24.53 11.96
N ALA C 18 20.47 23.43 12.31
CA ALA C 18 21.13 22.14 12.21
C ALA C 18 21.38 21.75 10.76
N MET C 19 20.48 22.11 9.87
CA MET C 19 20.47 21.61 8.50
C MET C 19 21.10 22.53 7.48
N SER C 20 21.59 23.70 7.90
CA SER C 20 22.03 24.73 6.97
C SER C 20 23.47 25.14 7.27
N GLU C 21 24.16 25.56 6.21
CA GLU C 21 25.49 26.15 6.33
C GLU C 21 25.46 27.67 6.26
N VAL C 22 24.58 28.23 5.43
CA VAL C 22 24.46 29.66 5.24
C VAL C 22 23.03 30.07 5.52
N ALA C 23 22.86 31.26 6.10
CA ALA C 23 21.54 31.83 6.34
C ALA C 23 21.62 33.32 6.08
N THR C 24 21.08 33.77 4.95
CA THR C 24 21.04 35.18 4.64
C THR C 24 19.70 35.73 5.14
N ILE C 25 19.74 36.75 5.98
CA ILE C 25 18.55 37.17 6.71
C ILE C 25 18.35 38.68 6.58
N TYR C 26 17.13 39.11 6.89
CA TYR C 26 16.74 40.51 6.99
C TYR C 26 15.54 40.57 7.93
N PRO C 27 15.51 41.52 8.87
CA PRO C 27 14.49 41.48 9.91
C PRO C 27 13.13 41.94 9.41
N ILE C 28 12.10 41.20 9.83
CA ILE C 28 10.71 41.61 9.64
C ILE C 28 9.80 40.89 10.64
N THR C 29 9.01 41.66 11.36
CA THR C 29 8.05 41.08 12.29
C THR C 29 7.04 40.25 11.50
N PRO C 30 6.65 39.07 12.00
CA PRO C 30 7.12 38.43 13.23
C PRO C 30 8.13 37.31 12.99
N SER C 31 8.86 37.35 11.88
CA SER C 31 9.84 36.32 11.58
C SER C 31 11.24 36.65 12.08
N SER C 32 11.49 37.90 12.44
CA SER C 32 12.84 38.29 12.86
C SER C 32 13.38 37.55 14.08
N PRO C 33 12.59 37.16 15.08
CA PRO C 33 13.13 36.34 16.17
C PRO C 33 13.85 35.08 15.72
N MET C 34 13.45 34.46 14.59
CA MET C 34 14.16 33.30 14.08
C MET C 34 15.60 33.64 13.73
N ALA C 35 15.81 34.77 13.04
CA ALA C 35 17.17 35.13 12.68
C ALA C 35 17.97 35.61 13.87
N GLU C 36 17.31 36.19 14.88
CA GLU C 36 18.02 36.67 16.04
C GLU C 36 18.64 35.51 16.82
N ILE C 37 17.85 34.47 17.08
CA ILE C 37 18.35 33.36 17.86
C ILE C 37 19.36 32.55 17.06
N ALA C 38 19.23 32.52 15.73
CA ALA C 38 20.22 31.84 14.91
C ALA C 38 21.56 32.57 14.95
N ASP C 39 21.54 33.90 15.07
CA ASP C 39 22.78 34.66 15.15
C ASP C 39 23.49 34.43 16.47
N GLU C 40 22.74 34.39 17.58
CA GLU C 40 23.36 34.14 18.87
C GLU C 40 23.96 32.74 18.93
N TRP C 41 23.26 31.75 18.37
CA TRP C 41 23.78 30.39 18.36
C TRP C 41 25.10 30.32 17.58
N ALA C 42 25.18 31.01 16.45
CA ALA C 42 26.43 31.07 15.69
C ALA C 42 27.50 31.79 16.50
N ALA C 43 27.12 32.84 17.23
CA ALA C 43 28.06 33.57 18.06
C ALA C 43 28.61 32.71 19.20
N HIS C 44 27.81 31.77 19.69
CA HIS C 44 28.24 30.88 20.77
C HIS C 44 28.79 29.55 20.27
N GLY C 45 28.94 29.39 18.96
CA GLY C 45 29.63 28.24 18.44
C GLY C 45 28.82 26.97 18.38
N ARG C 46 27.51 27.08 18.21
CA ARG C 46 26.68 25.90 18.05
C ARG C 46 27.04 25.20 16.75
N LYS C 47 27.20 23.88 16.81
CA LYS C 47 27.60 23.11 15.65
C LYS C 47 26.34 22.60 14.96
N ASN C 48 26.36 22.61 13.62
CA ASN C 48 25.28 22.01 12.84
C ASN C 48 25.61 20.52 12.62
N ILE C 49 24.84 19.85 11.76
CA ILE C 49 25.11 18.44 11.48
C ILE C 49 26.38 18.25 10.68
N PHE C 50 27.02 19.33 10.23
CA PHE C 50 28.28 19.29 9.51
C PHE C 50 29.47 19.61 10.40
N GLY C 51 29.25 19.79 11.69
CA GLY C 51 30.33 20.09 12.60
C GLY C 51 30.83 21.51 12.56
N LYS C 52 30.16 22.39 11.83
CA LYS C 52 30.59 23.78 11.74
C LYS C 52 29.49 24.69 12.26
N THR C 53 29.85 25.95 12.48
CA THR C 53 28.86 26.94 12.89
C THR C 53 28.16 27.51 11.67
N LEU C 54 26.88 27.85 11.84
CA LEU C 54 26.11 28.46 10.76
C LEU C 54 26.64 29.85 10.46
N GLN C 55 26.81 30.16 9.19
CA GLN C 55 27.25 31.50 8.79
C GLN C 55 26.03 32.35 8.48
N VAL C 56 25.83 33.40 9.27
CA VAL C 56 24.69 34.30 9.14
C VAL C 56 25.16 35.57 8.47
N ALA C 57 24.50 35.94 7.37
CA ALA C 57 24.82 37.15 6.62
C ALA C 57 23.55 37.99 6.51
N GLU C 58 23.62 39.23 6.96
CA GLU C 58 22.49 40.15 6.86
C GLU C 58 22.64 40.98 5.58
N MET C 59 21.55 41.08 4.82
CA MET C 59 21.55 41.82 3.57
C MET C 59 20.87 43.18 3.76
N GLN C 60 20.74 43.92 2.67
CA GLN C 60 20.11 45.23 2.70
C GLN C 60 18.59 45.16 2.54
N SER C 61 18.08 44.02 2.07
CA SER C 61 16.64 43.80 1.91
C SER C 61 16.41 42.33 1.66
N GLU C 62 15.13 41.94 1.65
CA GLU C 62 14.80 40.55 1.35
C GLU C 62 15.10 40.21 -0.09
N ALA C 63 15.06 41.21 -0.99
CA ALA C 63 15.49 40.98 -2.36
C ALA C 63 16.95 40.58 -2.40
N GLY C 64 17.80 41.28 -1.63
CA GLY C 64 19.18 40.88 -1.53
C GLY C 64 19.36 39.53 -0.86
N ALA C 65 18.53 39.24 0.15
CA ALA C 65 18.61 37.95 0.82
C ALA C 65 18.27 36.81 -0.14
N ALA C 66 17.21 36.97 -0.92
CA ALA C 66 16.82 35.94 -1.87
C ALA C 66 17.88 35.73 -2.93
N GLY C 67 18.45 36.81 -3.46
CA GLY C 67 19.54 36.68 -4.41
C GLY C 67 20.74 36.00 -3.79
N ALA C 68 21.04 36.33 -2.53
CA ALA C 68 22.17 35.70 -1.86
C ALA C 68 21.95 34.21 -1.66
N VAL C 69 20.71 33.81 -1.34
CA VAL C 69 20.39 32.38 -1.24
C VAL C 69 20.65 31.70 -2.57
N HIS C 70 20.17 32.29 -3.67
CA HIS C 70 20.32 31.67 -4.97
C HIS C 70 21.79 31.45 -5.32
N GLY C 71 22.60 32.49 -5.12
CA GLY C 71 24.02 32.35 -5.41
C GLY C 71 24.69 31.33 -4.52
N SER C 72 24.35 31.34 -3.22
CA SER C 72 24.94 30.38 -2.31
C SER C 72 24.53 28.96 -2.66
N LEU C 73 23.28 28.76 -3.07
CA LEU C 73 22.84 27.43 -3.49
C LEU C 73 23.53 27.01 -4.77
N ALA C 74 23.57 27.90 -5.76
CA ALA C 74 24.18 27.55 -7.03
C ALA C 74 25.66 27.29 -6.89
N ALA C 75 26.29 27.80 -5.84
CA ALA C 75 27.72 27.57 -5.63
C ALA C 75 28.00 26.38 -4.73
N GLY C 76 26.97 25.77 -4.13
CA GLY C 76 27.14 24.48 -3.47
C GLY C 76 27.04 24.46 -1.96
N ALA C 77 26.33 25.41 -1.36
CA ALA C 77 26.14 25.46 0.08
C ALA C 77 24.65 25.40 0.39
N LEU C 78 24.29 24.55 1.35
CA LEU C 78 22.91 24.48 1.82
C LEU C 78 22.57 25.75 2.58
N THR C 79 21.54 26.45 2.11
CA THR C 79 21.21 27.78 2.60
C THR C 79 19.73 27.89 2.89
N THR C 80 19.39 28.66 3.93
CA THR C 80 18.00 28.91 4.31
C THR C 80 17.83 30.40 4.57
N THR C 81 16.58 30.81 4.85
CA THR C 81 16.28 32.19 5.19
C THR C 81 14.96 32.24 5.93
N PHE C 82 14.70 33.39 6.55
CA PHE C 82 13.49 33.61 7.34
C PHE C 82 12.87 34.94 6.95
N THR C 83 11.57 34.94 6.68
CA THR C 83 10.91 36.16 6.20
C THR C 83 9.40 36.02 6.41
N ALA C 84 8.66 37.04 5.95
CA ALA C 84 7.22 37.11 6.07
C ALA C 84 6.73 38.36 5.34
N SER C 85 5.45 38.32 4.95
CA SER C 85 4.66 39.49 4.53
C SER C 85 5.39 40.27 3.44
N GLN C 86 5.56 41.59 3.58
CA GLN C 86 6.20 42.39 2.54
C GLN C 86 7.59 41.85 2.20
N GLY C 87 8.25 41.24 3.18
CA GLY C 87 9.55 40.67 2.91
C GLY C 87 9.48 39.49 1.95
N LEU C 88 8.48 38.61 2.15
CA LEU C 88 8.35 37.47 1.25
C LEU C 88 8.06 37.92 -0.18
N LEU C 89 7.29 38.99 -0.33
CA LEU C 89 6.98 39.48 -1.67
C LEU C 89 8.25 39.82 -2.43
N LEU C 90 9.18 40.52 -1.77
CA LEU C 90 10.42 40.91 -2.41
C LEU C 90 11.30 39.71 -2.79
N MET C 91 11.03 38.55 -2.21
CA MET C 91 11.77 37.34 -2.55
C MET C 91 11.12 36.57 -3.69
N ILE C 92 9.89 36.93 -4.07
CA ILE C 92 9.17 36.16 -5.09
C ILE C 92 9.92 36.07 -6.41
N PRO C 93 10.44 37.17 -6.99
CA PRO C 93 11.17 37.04 -8.27
C PRO C 93 12.29 36.03 -8.22
N ASN C 94 13.07 36.00 -7.13
CA ASN C 94 14.13 35.01 -7.04
C ASN C 94 13.58 33.62 -6.84
N MET C 95 12.40 33.51 -6.21
CA MET C 95 11.84 32.19 -5.96
C MET C 95 11.57 31.44 -7.25
N TYR C 96 11.10 32.15 -8.29
CA TYR C 96 10.93 31.52 -9.58
C TYR C 96 12.24 30.93 -10.07
N LYS C 97 13.36 31.63 -9.83
CA LYS C 97 14.65 31.12 -10.25
C LYS C 97 15.09 29.91 -9.44
N ILE C 98 14.95 29.99 -8.11
CA ILE C 98 15.42 28.90 -7.26
C ILE C 98 14.65 27.63 -7.54
N ALA C 99 13.32 27.73 -7.72
CA ALA C 99 12.54 26.57 -8.09
C ALA C 99 12.85 26.16 -9.52
N GLY C 100 13.04 27.14 -10.41
CA GLY C 100 13.32 26.83 -11.80
C GLY C 100 14.61 26.07 -11.97
N GLU C 101 15.61 26.35 -11.14
CA GLU C 101 16.88 25.64 -11.22
C GLU C 101 16.90 24.38 -10.37
N LEU C 102 15.80 24.04 -9.71
CA LEU C 102 15.66 22.83 -8.91
C LEU C 102 16.78 22.75 -7.85
N LEU C 103 16.83 23.77 -7.01
CA LEU C 103 17.81 23.86 -5.95
C LEU C 103 17.16 23.55 -4.60
N PRO C 104 17.72 22.63 -3.82
CA PRO C 104 17.15 22.33 -2.51
C PRO C 104 17.27 23.54 -1.59
N CYS C 105 16.19 23.84 -0.88
CA CYS C 105 16.10 25.08 -0.12
C CYS C 105 14.86 25.04 0.75
N VAL C 106 14.90 25.76 1.86
CA VAL C 106 13.74 25.92 2.73
C VAL C 106 13.66 27.38 3.17
N PHE C 107 12.56 28.05 2.83
CA PHE C 107 12.25 29.35 3.39
C PHE C 107 11.29 29.14 4.56
N HIS C 108 11.65 29.69 5.72
CA HIS C 108 10.78 29.63 6.90
C HIS C 108 10.04 30.94 7.05
N VAL C 109 8.70 30.87 7.06
CA VAL C 109 7.85 32.05 6.98
C VAL C 109 6.96 32.10 8.20
N ALA C 110 7.01 33.22 8.93
CA ALA C 110 6.04 33.52 9.97
C ALA C 110 4.92 34.30 9.28
N ALA C 111 3.97 33.56 8.69
CA ALA C 111 2.98 34.14 7.78
C ALA C 111 2.28 35.34 8.39
N ARG C 112 2.33 36.46 7.68
CA ARG C 112 1.82 37.73 8.18
C ARG C 112 1.03 38.42 7.08
N ALA C 113 0.06 39.23 7.49
CA ALA C 113 -0.78 39.97 6.55
C ALA C 113 0.07 40.89 5.68
N LEU C 114 -0.44 41.18 4.48
CA LEU C 114 0.19 42.11 3.57
C LEU C 114 -0.45 43.50 3.73
N SER C 115 0.34 44.53 3.46
CA SER C 115 -0.12 45.91 3.58
C SER C 115 -1.02 46.24 2.40
N THR C 116 -2.30 46.48 2.67
CA THR C 116 -3.27 46.78 1.62
C THR C 116 -3.87 48.15 1.92
N HIS C 117 -5.10 48.20 2.42
CA HIS C 117 -5.67 49.46 2.88
C HIS C 117 -4.93 50.00 4.09
N ALA C 118 -4.16 49.17 4.78
CA ALA C 118 -3.44 49.55 5.98
C ALA C 118 -2.35 48.52 6.23
N LEU C 119 -1.38 48.90 7.06
CA LEU C 119 -0.36 47.95 7.48
C LEU C 119 -0.91 47.04 8.58
N SER C 120 -0.46 45.78 8.58
CA SER C 120 -0.79 44.87 9.67
C SER C 120 0.40 43.95 9.89
N ILE C 121 0.97 43.98 11.10
CA ILE C 121 2.08 43.10 11.46
C ILE C 121 1.62 41.73 11.91
N PHE C 122 0.32 41.46 11.88
CA PHE C 122 -0.26 40.25 12.45
C PHE C 122 -0.43 39.18 11.37
N GLY C 123 -0.85 38.00 11.81
CA GLY C 123 -0.67 36.80 11.01
C GLY C 123 -1.86 36.47 10.12
N ASP C 124 -1.55 36.13 8.88
CA ASP C 124 -2.46 35.36 8.02
C ASP C 124 -1.65 34.83 6.85
N HIS C 125 -2.32 34.12 5.95
CA HIS C 125 -1.66 33.42 4.86
C HIS C 125 -1.60 34.23 3.58
N ALA C 126 -1.87 35.54 3.63
CA ALA C 126 -1.89 36.36 2.42
C ALA C 126 -0.53 36.37 1.73
N ASP C 127 0.55 36.47 2.49
CA ASP C 127 1.88 36.55 1.89
C ASP C 127 2.25 35.24 1.21
N VAL C 128 2.04 34.12 1.91
CA VAL C 128 2.41 32.82 1.35
C VAL C 128 1.60 32.52 0.11
N MET C 129 0.31 32.85 0.12
CA MET C 129 -0.52 32.60 -1.05
C MET C 129 -0.04 33.37 -2.26
N ALA C 130 0.61 34.51 -2.04
CA ALA C 130 1.12 35.30 -3.15
C ALA C 130 2.29 34.64 -3.84
N ALA C 131 2.82 33.54 -3.30
CA ALA C 131 3.93 32.83 -3.91
C ALA C 131 3.54 31.42 -4.36
N ARG C 132 2.24 31.09 -4.37
CA ARG C 132 1.85 29.71 -4.67
C ARG C 132 2.11 29.30 -6.11
N GLN C 133 2.48 30.24 -6.98
CA GLN C 133 2.76 29.91 -8.37
C GLN C 133 4.24 29.98 -8.70
N THR C 134 5.10 30.14 -7.71
CA THR C 134 6.54 30.25 -7.94
C THR C 134 7.19 28.91 -8.23
N GLY C 135 6.53 27.80 -7.92
CA GLY C 135 7.14 26.50 -8.05
C GLY C 135 7.74 25.98 -6.77
N PHE C 136 7.70 26.76 -5.69
CA PHE C 136 8.11 26.24 -4.39
C PHE C 136 7.05 25.29 -3.87
N ALA C 137 7.47 24.25 -3.17
CA ALA C 137 6.54 23.47 -2.39
C ALA C 137 6.14 24.25 -1.14
N MET C 138 4.98 23.94 -0.59
CA MET C 138 4.48 24.69 0.56
C MET C 138 3.95 23.72 1.61
N LEU C 139 4.52 23.81 2.81
CA LEU C 139 4.21 22.91 3.92
C LEU C 139 3.83 23.75 5.13
N SER C 140 2.66 23.46 5.72
CA SER C 140 2.08 24.28 6.77
C SER C 140 2.10 23.57 8.10
N SER C 141 2.50 24.29 9.16
CA SER C 141 2.50 23.77 10.52
C SER C 141 1.46 24.47 11.37
N ALA C 142 0.75 23.70 12.19
CA ALA C 142 -0.38 24.21 12.96
C ALA C 142 -0.08 24.46 14.44
N SER C 143 1.02 23.92 14.96
CA SER C 143 1.36 24.08 16.36
C SER C 143 2.87 24.17 16.50
N VAL C 144 3.32 24.56 17.69
CA VAL C 144 4.76 24.67 17.95
C VAL C 144 5.45 23.32 17.77
N GLN C 145 4.79 22.24 18.20
CA GLN C 145 5.36 20.92 18.00
C GLN C 145 5.47 20.59 16.52
N GLU C 146 4.47 21.01 15.73
CA GLU C 146 4.51 20.73 14.29
C GLU C 146 5.57 21.56 13.58
N VAL C 147 5.83 22.78 14.05
CA VAL C 147 6.93 23.55 13.46
C VAL C 147 8.23 22.78 13.62
N MET C 148 8.47 22.24 14.81
CA MET C 148 9.66 21.43 15.04
C MET C 148 9.71 20.24 14.10
N ASP C 149 8.60 19.50 14.00
CA ASP C 149 8.60 18.27 13.21
C ASP C 149 8.63 18.56 11.72
N LEU C 150 7.75 19.45 11.26
CA LEU C 150 7.63 19.66 9.82
C LEU C 150 8.80 20.45 9.23
N ALA C 151 9.45 21.29 10.04
CA ALA C 151 10.69 21.91 9.56
C ALA C 151 11.72 20.86 9.23
N LEU C 152 11.81 19.81 10.05
CA LEU C 152 12.69 18.69 9.71
C LEU C 152 12.20 17.98 8.46
N VAL C 153 10.88 17.82 8.31
CA VAL C 153 10.34 17.18 7.12
C VAL C 153 10.73 17.95 5.86
N ALA C 154 10.63 19.28 5.89
CA ALA C 154 10.96 20.08 4.73
C ALA C 154 12.43 19.93 4.35
N HIS C 155 13.32 20.04 5.33
CA HIS C 155 14.75 20.00 5.04
C HIS C 155 15.17 18.63 4.51
N LEU C 156 14.55 17.56 5.01
CA LEU C 156 14.89 16.23 4.51
C LEU C 156 14.31 16.01 3.12
N ALA C 157 13.09 16.47 2.88
CA ALA C 157 12.43 16.21 1.61
C ALA C 157 13.05 17.03 0.48
N THR C 158 13.42 18.28 0.76
CA THR C 158 13.92 19.14 -0.31
C THR C 158 15.22 18.61 -0.90
N LEU C 159 16.04 17.93 -0.12
CA LEU C 159 17.25 17.33 -0.67
C LEU C 159 16.90 16.21 -1.63
N LYS C 160 15.87 15.43 -1.32
CA LYS C 160 15.49 14.31 -2.18
C LYS C 160 14.71 14.79 -3.41
N ALA C 161 13.83 15.76 -3.23
CA ALA C 161 12.90 16.16 -4.29
C ALA C 161 13.45 17.22 -5.21
N ARG C 162 14.55 17.88 -4.84
CA ARG C 162 15.13 19.00 -5.57
C ARG C 162 14.19 20.19 -5.70
N VAL C 163 13.04 20.16 -5.05
CA VAL C 163 12.08 21.26 -5.09
C VAL C 163 12.23 22.05 -3.80
N PRO C 164 12.46 23.37 -3.88
CA PRO C 164 12.56 24.16 -2.66
C PRO C 164 11.20 24.26 -1.98
N PHE C 165 11.24 24.44 -0.65
CA PHE C 165 10.04 24.40 0.17
C PHE C 165 9.84 25.74 0.88
N VAL C 166 8.59 26.13 1.05
CA VAL C 166 8.21 27.19 1.98
C VAL C 166 7.55 26.50 3.16
N HIS C 167 8.21 26.52 4.31
CA HIS C 167 7.62 26.01 5.55
C HIS C 167 7.10 27.22 6.32
N PHE C 168 5.78 27.31 6.48
CA PHE C 168 5.17 28.48 7.08
C PHE C 168 4.24 28.09 8.21
N PHE C 169 4.14 28.98 9.19
CA PHE C 169 3.26 28.84 10.33
C PHE C 169 2.69 30.23 10.65
N ASP C 170 1.54 30.24 11.32
CA ASP C 170 0.82 31.50 11.51
C ASP C 170 1.62 32.48 12.36
N GLY C 171 1.80 33.69 11.85
CA GLY C 171 2.54 34.70 12.59
C GLY C 171 1.82 35.08 13.88
N PHE C 172 2.62 35.24 14.94
CA PHE C 172 2.12 35.51 16.29
C PHE C 172 1.37 34.31 16.87
N ARG C 173 0.28 33.89 16.21
CA ARG C 173 -0.55 32.79 16.73
C ARG C 173 0.25 31.51 16.92
N THR C 174 1.29 31.29 16.13
CA THR C 174 2.21 30.16 16.30
C THR C 174 3.64 30.59 16.53
N SER C 175 4.08 31.65 15.83
CA SER C 175 5.47 32.08 15.94
C SER C 175 5.81 32.56 17.33
N HIS C 176 4.84 33.14 18.04
CA HIS C 176 5.06 33.68 19.37
C HIS C 176 4.35 32.90 20.48
N GLU C 177 3.75 31.76 20.15
CA GLU C 177 3.13 30.90 21.14
C GLU C 177 4.18 30.02 21.81
N VAL C 178 4.26 30.08 23.15
CA VAL C 178 5.21 29.27 23.90
C VAL C 178 4.52 27.96 24.29
N GLN C 179 5.17 26.83 23.99
CA GLN C 179 4.59 25.53 24.30
C GLN C 179 5.71 24.57 24.70
N LYS C 180 5.39 23.65 25.61
CA LYS C 180 6.30 22.58 25.96
C LYS C 180 6.19 21.50 24.90
N ILE C 181 7.29 21.25 24.19
CA ILE C 181 7.31 20.35 23.03
C ILE C 181 8.50 19.41 23.13
N ASP C 182 8.46 18.36 22.31
CA ASP C 182 9.59 17.47 22.14
C ASP C 182 10.57 18.08 21.13
N VAL C 183 11.80 18.31 21.56
CA VAL C 183 12.84 18.87 20.71
C VAL C 183 13.63 17.73 20.10
N ILE C 184 13.87 17.79 18.79
CA ILE C 184 14.59 16.73 18.10
C ILE C 184 16.08 17.00 18.22
N GLU C 185 16.84 16.00 18.63
CA GLU C 185 18.27 16.16 18.81
C GLU C 185 18.94 16.26 17.44
N TYR C 186 19.96 17.13 17.35
CA TYR C 186 20.67 17.30 16.09
C TYR C 186 21.30 15.99 15.61
N GLU C 187 21.84 15.21 16.55
CA GLU C 187 22.46 13.95 16.17
C GLU C 187 21.45 13.01 15.51
N ASP C 188 20.18 13.09 15.95
CA ASP C 188 19.14 12.25 15.36
C ASP C 188 18.77 12.71 13.96
N MET C 189 18.79 14.03 13.73
CA MET C 189 18.51 14.52 12.38
C MET C 189 19.55 14.01 11.40
N ALA C 190 20.83 14.11 11.76
CA ALA C 190 21.90 13.67 10.88
C ALA C 190 21.78 12.20 10.51
N LYS C 191 21.11 11.39 11.34
CA LYS C 191 20.89 10.00 11.01
C LYS C 191 19.83 9.80 9.94
N LEU C 192 19.04 10.82 9.60
CA LEU C 192 17.98 10.70 8.61
C LEU C 192 18.32 11.36 7.26
N VAL C 193 19.36 12.18 7.20
CA VAL C 193 19.66 12.90 5.97
C VAL C 193 20.13 11.93 4.89
N ASP C 194 19.65 12.13 3.67
CA ASP C 194 20.12 11.38 2.52
C ASP C 194 21.42 12.02 2.07
N TRP C 195 22.54 11.49 2.58
CA TRP C 195 23.83 12.11 2.29
C TRP C 195 24.21 11.97 0.83
N ASP C 196 23.76 10.90 0.17
CA ASP C 196 24.01 10.76 -1.26
C ASP C 196 23.40 11.91 -2.06
N ALA C 197 22.22 12.37 -1.65
CA ALA C 197 21.61 13.51 -2.34
C ALA C 197 22.42 14.79 -2.12
N ILE C 198 23.03 14.95 -0.94
CA ILE C 198 23.85 16.13 -0.70
C ILE C 198 25.12 16.08 -1.54
N ARG C 199 25.77 14.92 -1.61
CA ARG C 199 27.01 14.80 -2.39
C ARG C 199 26.73 15.05 -3.87
N ALA C 200 25.58 14.60 -4.36
CA ALA C 200 25.21 14.93 -5.74
C ALA C 200 24.96 16.43 -5.91
N PHE C 201 24.41 17.06 -4.88
CA PHE C 201 24.16 18.50 -4.92
C PHE C 201 25.45 19.31 -4.98
N ARG C 202 26.54 18.79 -4.41
CA ARG C 202 27.81 19.51 -4.46
C ARG C 202 28.37 19.53 -5.89
N GLN C 203 28.20 18.45 -6.65
CA GLN C 203 28.74 18.42 -8.00
C GLN C 203 27.99 19.33 -8.97
N ARG C 204 26.74 19.65 -8.69
CA ARG C 204 26.00 20.57 -9.55
C ARG C 204 26.40 22.02 -9.35
N ALA C 205 27.30 22.30 -8.41
CA ALA C 205 27.66 23.66 -8.08
C ALA C 205 28.52 24.29 -9.18
N LEU C 206 28.43 25.61 -9.28
CA LEU C 206 29.29 26.36 -10.18
C LEU C 206 30.74 26.21 -9.74
N ASN C 207 31.59 25.71 -10.63
CA ASN C 207 32.99 25.51 -10.27
C ASN C 207 33.83 25.57 -11.53
N PRO C 208 34.90 26.36 -11.53
CA PRO C 208 35.71 26.50 -12.74
C PRO C 208 36.41 25.24 -13.19
N GLU C 209 36.57 24.24 -12.32
CA GLU C 209 37.25 23.02 -12.72
C GLU C 209 36.33 22.01 -13.40
N HIS C 210 35.02 22.22 -13.33
CA HIS C 210 34.06 21.46 -14.15
C HIS C 210 32.91 22.39 -14.50
N PRO C 211 33.15 23.36 -15.36
CA PRO C 211 32.24 24.50 -15.49
C PRO C 211 30.98 24.16 -16.29
N HIS C 212 29.96 25.00 -16.08
CA HIS C 212 28.71 24.90 -16.80
C HIS C 212 28.09 26.29 -16.83
N GLN C 213 27.01 26.41 -17.62
CA GLN C 213 26.29 27.65 -17.76
C GLN C 213 24.85 27.42 -17.30
N ARG C 214 24.34 28.33 -16.48
CA ARG C 214 22.96 28.25 -16.00
C ARG C 214 22.34 29.64 -16.04
N GLY C 215 21.01 29.66 -16.13
CA GLY C 215 20.27 30.90 -16.19
C GLY C 215 20.35 31.63 -17.52
N THR C 216 20.35 30.89 -18.62
CA THR C 216 20.46 31.47 -19.95
C THR C 216 19.16 32.15 -20.36
N ALA C 217 19.17 32.80 -21.52
CA ALA C 217 17.97 33.34 -22.13
C ALA C 217 17.62 32.45 -23.32
N GLN C 218 16.34 32.11 -23.45
CA GLN C 218 15.89 31.14 -24.43
C GLN C 218 14.84 31.73 -25.34
N ASN C 219 14.89 31.33 -26.62
CA ASN C 219 13.95 31.78 -27.64
C ASN C 219 12.67 30.96 -27.57
N PRO C 220 11.63 31.35 -28.32
CA PRO C 220 10.39 30.57 -28.27
C PRO C 220 10.52 29.13 -28.74
N ASP C 221 11.62 28.77 -29.40
CA ASP C 221 11.71 27.42 -29.97
C ASP C 221 11.91 26.36 -28.90
N ILE C 222 12.49 26.70 -27.74
CA ILE C 222 12.86 25.70 -26.76
C ILE C 222 12.37 26.02 -25.36
N TYR C 223 11.81 27.21 -25.15
CA TYR C 223 11.45 27.62 -23.79
C TYR C 223 10.32 26.78 -23.22
N PHE C 224 9.27 26.55 -24.01
CA PHE C 224 8.13 25.77 -23.54
C PHE C 224 8.55 24.35 -23.15
N GLN C 225 9.25 23.66 -24.05
CA GLN C 225 9.67 22.30 -23.75
C GLN C 225 10.55 22.27 -22.49
N SER C 226 11.52 23.18 -22.40
CA SER C 226 12.43 23.17 -21.25
C SER C 226 11.69 23.47 -19.95
N ARG C 227 10.60 24.23 -20.00
CA ARG C 227 9.85 24.49 -18.78
C ARG C 227 9.09 23.24 -18.34
N GLU C 228 8.64 22.42 -19.29
CA GLU C 228 7.94 21.19 -18.95
C GLU C 228 8.88 20.05 -18.55
N ALA C 229 10.18 20.22 -18.74
CA ALA C 229 11.13 19.15 -18.40
C ALA C 229 11.25 18.95 -16.90
N ALA C 230 10.77 19.89 -16.09
CA ALA C 230 10.80 19.74 -14.64
C ALA C 230 9.55 19.07 -14.07
N ASN C 231 8.60 18.67 -14.92
CA ASN C 231 7.39 18.01 -14.43
C ASN C 231 7.65 16.77 -13.59
N PRO C 232 8.54 15.84 -13.96
CA PRO C 232 8.74 14.66 -13.10
C PRO C 232 9.15 14.98 -11.67
N TYR C 233 9.94 16.04 -11.49
CA TYR C 233 10.39 16.41 -10.15
C TYR C 233 9.22 16.84 -9.28
N TYR C 234 8.23 17.52 -9.86
CA TYR C 234 7.04 17.89 -9.11
C TYR C 234 6.10 16.70 -8.93
N LEU C 235 6.04 15.80 -9.89
CA LEU C 235 5.20 14.61 -9.73
C LEU C 235 5.71 13.72 -8.61
N ALA C 236 7.02 13.69 -8.39
CA ALA C 236 7.61 12.83 -7.38
C ALA C 236 7.63 13.47 -5.99
N THR C 237 7.43 14.77 -5.90
CA THR C 237 7.49 15.45 -4.60
C THR C 237 6.47 14.94 -3.60
N PRO C 238 5.19 14.75 -3.93
CA PRO C 238 4.24 14.26 -2.91
C PRO C 238 4.66 12.93 -2.31
N GLY C 239 5.04 11.96 -3.15
CA GLY C 239 5.48 10.68 -2.64
C GLY C 239 6.74 10.78 -1.81
N ILE C 240 7.63 11.71 -2.15
CA ILE C 240 8.86 11.90 -1.39
C ILE C 240 8.54 12.43 0.01
N VAL C 241 7.66 13.43 0.09
CA VAL C 241 7.30 14.01 1.38
C VAL C 241 6.64 12.96 2.27
N ALA C 242 5.82 12.09 1.67
CA ALA C 242 5.13 11.06 2.45
C ALA C 242 6.13 10.13 3.13
N GLN C 243 7.13 9.63 2.38
CA GLN C 243 8.11 8.74 2.99
C GLN C 243 8.98 9.47 4.00
N VAL C 244 9.30 10.74 3.73
CA VAL C 244 10.06 11.53 4.69
C VAL C 244 9.25 11.69 5.98
N MET C 245 7.95 11.92 5.85
CA MET C 245 7.10 12.03 7.04
C MET C 245 7.08 10.73 7.83
N GLU C 246 7.25 9.59 7.15
CA GLU C 246 7.31 8.33 7.87
C GLU C 246 8.60 8.19 8.66
N GLN C 247 9.71 8.69 8.12
CA GLN C 247 10.96 8.66 8.88
C GLN C 247 10.84 9.44 10.18
N VAL C 248 10.26 10.64 10.12
CA VAL C 248 10.05 11.43 11.33
C VAL C 248 9.11 10.70 12.28
N ALA C 249 8.11 10.00 11.73
CA ALA C 249 7.19 9.25 12.58
C ALA C 249 7.91 8.13 13.31
N GLY C 250 8.78 7.39 12.61
CA GLY C 250 9.54 6.35 13.28
C GLY C 250 10.49 6.89 14.32
N LEU C 251 10.96 8.13 14.13
CA LEU C 251 11.88 8.72 15.10
C LEU C 251 11.14 9.32 16.29
N THR C 252 10.07 10.06 16.04
CA THR C 252 9.40 10.82 17.09
C THR C 252 8.14 10.15 17.61
N GLY C 253 7.54 9.24 16.85
CA GLY C 253 6.28 8.67 17.23
C GLY C 253 5.07 9.47 16.78
N ARG C 254 5.30 10.65 16.20
CA ARG C 254 4.21 11.51 15.74
C ARG C 254 4.05 11.32 14.24
N HIS C 255 2.84 10.92 13.84
CA HIS C 255 2.56 10.51 12.47
C HIS C 255 1.90 11.66 11.71
N TYR C 256 2.54 12.12 10.66
CA TYR C 256 1.98 13.12 9.76
C TYR C 256 1.73 12.53 8.38
N HIS C 257 0.77 13.11 7.67
CA HIS C 257 0.50 12.78 6.28
C HIS C 257 0.35 14.07 5.48
N LEU C 258 0.34 13.94 4.16
CA LEU C 258 0.17 15.11 3.30
C LEU C 258 -1.10 15.87 3.66
N PHE C 259 -2.19 15.14 3.88
CA PHE C 259 -3.42 15.66 4.43
C PHE C 259 -3.82 14.73 5.56
N ASP C 260 -4.12 15.28 6.72
CA ASP C 260 -4.48 14.49 7.89
C ASP C 260 -5.96 14.70 8.17
N TYR C 261 -6.63 13.63 8.61
CA TYR C 261 -8.05 13.67 8.91
C TYR C 261 -8.30 13.47 10.40
N ALA C 262 -9.32 14.15 10.90
CA ALA C 262 -9.73 14.02 12.29
C ALA C 262 -11.25 14.17 12.36
N GLY C 263 -11.89 13.32 13.16
CA GLY C 263 -13.32 13.40 13.37
C GLY C 263 -13.99 12.06 13.17
N ALA C 264 -15.31 12.10 13.07
CA ALA C 264 -16.09 10.87 12.94
C ALA C 264 -15.78 10.20 11.60
N PRO C 265 -15.62 8.87 11.59
CA PRO C 265 -15.40 8.18 10.31
C PRO C 265 -16.61 8.20 9.39
N ASP C 266 -17.81 8.41 9.93
CA ASP C 266 -19.02 8.54 9.12
C ASP C 266 -19.51 9.98 9.04
N ALA C 267 -18.59 10.95 9.06
CA ALA C 267 -18.95 12.35 9.08
C ALA C 267 -19.59 12.77 7.76
N GLU C 268 -20.54 13.71 7.86
CA GLU C 268 -21.20 14.29 6.70
C GLU C 268 -20.79 15.72 6.43
N ARG C 269 -20.32 16.44 7.46
CA ARG C 269 -19.87 17.83 7.33
C ARG C 269 -18.42 17.88 7.75
N VAL C 270 -17.56 18.34 6.86
CA VAL C 270 -16.12 18.34 7.08
C VAL C 270 -15.57 19.73 6.77
N ILE C 271 -14.67 20.22 7.61
CA ILE C 271 -13.97 21.48 7.38
C ILE C 271 -12.57 21.16 6.88
N VAL C 272 -12.15 21.81 5.80
CA VAL C 272 -10.79 21.74 5.29
C VAL C 272 -10.10 23.06 5.62
N SER C 273 -8.95 22.99 6.27
CA SER C 273 -8.28 24.21 6.72
C SER C 273 -6.77 24.00 6.73
N MET C 274 -6.06 25.05 7.15
CA MET C 274 -4.62 25.10 7.05
C MET C 274 -4.11 26.04 8.14
N GLY C 275 -2.94 25.71 8.70
CA GLY C 275 -2.36 26.54 9.72
C GLY C 275 -2.92 26.25 11.11
N SER C 276 -2.75 27.24 12.00
CA SER C 276 -3.10 27.05 13.40
C SER C 276 -4.59 26.80 13.61
N SER C 277 -5.42 27.13 12.63
CA SER C 277 -6.85 26.89 12.77
C SER C 277 -7.15 25.40 12.94
N CYS C 278 -6.33 24.53 12.37
CA CYS C 278 -6.58 23.09 12.47
C CYS C 278 -6.56 22.63 13.92
N GLU C 279 -5.72 23.23 14.76
CA GLU C 279 -5.72 22.88 16.18
C GLU C 279 -7.06 23.27 16.83
N VAL C 280 -7.51 24.50 16.59
CA VAL C 280 -8.78 24.94 17.16
C VAL C 280 -9.94 24.12 16.63
N ILE C 281 -9.87 23.72 15.36
CA ILE C 281 -10.96 22.95 14.77
C ILE C 281 -10.97 21.53 15.33
N GLU C 282 -9.80 20.92 15.48
CA GLU C 282 -9.75 19.57 16.03
C GLU C 282 -10.27 19.54 17.46
N GLU C 283 -9.91 20.56 18.25
CA GLU C 283 -10.45 20.66 19.61
C GLU C 283 -11.97 20.77 19.61
N THR C 284 -12.51 21.56 18.67
CA THR C 284 -13.97 21.66 18.57
C THR C 284 -14.58 20.37 18.06
N VAL C 285 -13.94 19.73 17.08
CA VAL C 285 -14.48 18.48 16.54
C VAL C 285 -14.59 17.42 17.62
N ASN C 286 -13.56 17.28 18.47
CA ASN C 286 -13.65 16.35 19.59
C ASN C 286 -14.87 16.66 20.45
N TYR C 287 -15.13 17.94 20.70
CA TYR C 287 -16.28 18.34 21.52
C TYR C 287 -17.60 17.95 20.85
N LEU C 288 -17.71 18.16 19.54
CA LEU C 288 -18.95 17.88 18.83
C LEU C 288 -19.15 16.38 18.61
N VAL C 289 -18.07 15.64 18.32
CA VAL C 289 -18.19 14.20 18.15
C VAL C 289 -18.66 13.54 19.44
N GLU C 290 -18.13 14.02 20.58
CA GLU C 290 -18.58 13.51 21.87
C GLU C 290 -20.06 13.76 22.07
N LYS C 291 -20.58 14.85 21.49
CA LYS C 291 -22.00 15.13 21.56
C LYS C 291 -22.80 14.36 20.51
N GLY C 292 -22.14 13.56 19.66
CA GLY C 292 -22.83 12.72 18.72
C GLY C 292 -22.91 13.24 17.30
N GLU C 293 -22.42 14.45 17.04
CA GLU C 293 -22.50 15.03 15.71
C GLU C 293 -21.54 14.36 14.74
N LYS C 294 -21.96 14.25 13.48
CA LYS C 294 -21.17 13.61 12.42
C LYS C 294 -20.34 14.69 11.74
N VAL C 295 -19.24 15.08 12.40
CA VAL C 295 -18.38 16.14 11.88
C VAL C 295 -16.94 15.64 11.78
N GLY C 296 -16.17 16.31 10.94
CA GLY C 296 -14.79 15.95 10.72
C GLY C 296 -13.96 17.14 10.28
N LEU C 297 -12.66 16.90 10.14
CA LEU C 297 -11.71 17.94 9.79
C LEU C 297 -10.58 17.33 8.97
N ILE C 298 -10.21 18.02 7.88
CA ILE C 298 -9.05 17.67 7.08
C ILE C 298 -8.03 18.77 7.25
N LYS C 299 -6.87 18.42 7.81
CA LYS C 299 -5.76 19.35 7.97
C LYS C 299 -4.89 19.29 6.72
N VAL C 300 -4.63 20.43 6.12
CA VAL C 300 -3.74 20.53 4.97
C VAL C 300 -2.32 20.78 5.46
N ARG C 301 -1.42 19.83 5.17
CA ARG C 301 0.00 20.00 5.46
C ARG C 301 0.77 20.43 4.22
N LEU C 302 0.74 19.62 3.17
CA LEU C 302 1.41 19.92 1.92
C LEU C 302 0.42 20.60 1.00
N PHE C 303 0.47 21.93 0.94
CA PHE C 303 -0.43 22.71 0.10
C PHE C 303 0.02 22.69 -1.36
N ARG C 304 1.32 22.80 -1.60
CA ARG C 304 1.90 22.73 -2.93
C ARG C 304 3.13 21.83 -2.81
N PRO C 305 3.32 20.86 -3.72
CA PRO C 305 2.40 20.51 -4.80
C PRO C 305 1.15 19.90 -4.22
N PHE C 306 -0.01 20.20 -4.80
CA PHE C 306 -1.27 19.65 -4.30
C PHE C 306 -1.47 18.26 -4.87
N SER C 307 -1.45 17.25 -4.01
CA SER C 307 -1.60 15.87 -4.46
C SER C 307 -3.07 15.51 -4.30
N ALA C 308 -3.77 15.43 -5.43
CA ALA C 308 -5.18 15.06 -5.40
C ALA C 308 -5.36 13.67 -4.83
N GLU C 309 -4.44 12.76 -5.14
CA GLU C 309 -4.52 11.39 -4.65
C GLU C 309 -4.52 11.36 -3.12
N HIS C 310 -3.61 12.10 -2.50
CA HIS C 310 -3.50 12.09 -1.05
C HIS C 310 -4.64 12.83 -0.36
N PHE C 311 -5.31 13.74 -1.06
CA PHE C 311 -6.48 14.41 -0.49
C PHE C 311 -7.69 13.50 -0.51
N LEU C 312 -7.95 12.87 -1.65
CA LEU C 312 -9.09 11.97 -1.76
C LEU C 312 -8.89 10.71 -0.93
N LYS C 313 -7.65 10.36 -0.63
CA LYS C 313 -7.35 9.17 0.16
C LYS C 313 -7.90 9.30 1.58
N VAL C 314 -7.97 10.51 2.12
CA VAL C 314 -8.41 10.72 3.49
C VAL C 314 -9.82 11.33 3.56
N LEU C 315 -10.52 11.42 2.43
CA LEU C 315 -11.86 11.99 2.44
C LEU C 315 -12.87 10.88 2.67
N PRO C 316 -13.61 10.88 3.78
CA PRO C 316 -14.56 9.80 4.04
C PRO C 316 -15.64 9.74 2.96
N ALA C 317 -16.05 8.51 2.62
CA ALA C 317 -17.07 8.34 1.60
C ALA C 317 -18.41 8.91 2.03
N SER C 318 -18.59 9.12 3.33
CA SER C 318 -19.85 9.60 3.89
C SER C 318 -19.99 11.12 3.86
N VAL C 319 -18.98 11.84 3.38
CA VAL C 319 -19.02 13.29 3.38
C VAL C 319 -20.01 13.78 2.33
N LYS C 320 -20.92 14.66 2.75
CA LYS C 320 -21.87 15.28 1.84
C LYS C 320 -21.63 16.78 1.63
N ARG C 321 -21.09 17.48 2.62
CA ARG C 321 -20.88 18.92 2.54
C ARG C 321 -19.55 19.29 3.18
N ILE C 322 -18.84 20.21 2.52
CA ILE C 322 -17.51 20.62 2.96
C ILE C 322 -17.48 22.14 3.01
N ALA C 323 -16.91 22.68 4.08
CA ALA C 323 -16.63 24.11 4.19
C ALA C 323 -15.12 24.27 4.27
N VAL C 324 -14.55 25.01 3.31
CA VAL C 324 -13.12 25.26 3.25
C VAL C 324 -12.86 26.66 3.79
N LEU C 325 -11.90 26.77 4.70
CA LEU C 325 -11.58 28.04 5.35
C LEU C 325 -10.20 28.50 4.87
N ASP C 326 -10.14 29.73 4.35
CA ASP C 326 -8.90 30.34 3.89
C ASP C 326 -8.55 31.53 4.77
N ARG C 327 -7.30 31.61 5.21
CA ARG C 327 -6.83 32.72 6.03
C ARG C 327 -6.21 33.82 5.16
N THR C 328 -6.92 34.19 4.10
CA THR C 328 -6.46 35.22 3.18
C THR C 328 -7.68 35.78 2.47
N LYS C 329 -7.46 36.84 1.70
CA LYS C 329 -8.52 37.42 0.89
C LYS C 329 -7.93 37.87 -0.44
N GLU C 330 -8.54 37.41 -1.53
CA GLU C 330 -8.16 37.86 -2.86
C GLU C 330 -9.32 38.66 -3.43
N PRO C 331 -9.32 39.99 -3.32
CA PRO C 331 -10.50 40.78 -3.68
C PRO C 331 -10.87 40.58 -5.14
N GLY C 332 -12.17 40.42 -5.38
CA GLY C 332 -12.66 40.24 -6.73
C GLY C 332 -12.52 38.84 -7.28
N SER C 333 -11.71 37.99 -6.65
CA SER C 333 -11.55 36.62 -7.11
C SER C 333 -12.83 35.83 -6.88
N LEU C 334 -13.02 34.80 -7.70
CA LEU C 334 -14.20 33.94 -7.53
C LEU C 334 -14.16 33.24 -6.19
N GLY C 335 -12.96 32.87 -5.73
CA GLY C 335 -12.79 32.27 -4.42
C GLY C 335 -11.34 32.35 -4.00
N GLU C 336 -11.10 32.02 -2.73
CA GLU C 336 -9.75 32.04 -2.19
C GLU C 336 -9.01 30.79 -2.60
N PRO C 337 -7.67 30.78 -2.48
CA PRO C 337 -6.89 29.70 -3.12
C PRO C 337 -7.31 28.30 -2.71
N LEU C 338 -7.42 28.02 -1.41
CA LEU C 338 -7.73 26.67 -0.96
C LEU C 338 -9.14 26.26 -1.35
N TYR C 339 -10.08 27.20 -1.32
CA TYR C 339 -11.45 26.91 -1.74
C TYR C 339 -11.49 26.52 -3.22
N GLU C 340 -10.75 27.24 -4.08
CA GLU C 340 -10.74 26.90 -5.49
C GLU C 340 -10.01 25.59 -5.76
N ASP C 341 -9.00 25.27 -4.94
CA ASP C 341 -8.29 24.00 -5.10
C ASP C 341 -9.18 22.82 -4.70
N VAL C 342 -9.85 22.93 -3.56
CA VAL C 342 -10.73 21.84 -3.11
C VAL C 342 -11.87 21.64 -4.09
N GLN C 343 -12.47 22.73 -4.57
CA GLN C 343 -13.57 22.62 -5.51
C GLN C 343 -13.15 21.92 -6.80
N THR C 344 -11.92 22.17 -7.24
CA THR C 344 -11.44 21.61 -8.50
C THR C 344 -11.25 20.10 -8.41
N VAL C 345 -10.51 19.65 -7.38
CA VAL C 345 -10.17 18.23 -7.29
C VAL C 345 -11.43 17.38 -7.16
N LEU C 346 -12.42 17.89 -6.42
CA LEU C 346 -13.68 17.15 -6.31
C LEU C 346 -14.42 17.13 -7.64
N ALA C 347 -14.26 18.18 -8.45
CA ALA C 347 -14.89 18.19 -9.77
C ALA C 347 -14.17 17.24 -10.72
N GLU C 348 -12.83 17.17 -10.62
CA GLU C 348 -12.07 16.29 -11.49
C GLU C 348 -12.37 14.82 -11.24
N HIS C 349 -12.90 14.48 -10.06
CA HIS C 349 -13.23 13.10 -9.71
C HIS C 349 -14.72 12.87 -9.52
N GLY C 350 -15.56 13.81 -9.96
CA GLY C 350 -16.99 13.59 -9.97
C GLY C 350 -17.61 13.36 -8.62
N LYS C 351 -16.99 13.84 -7.54
CA LYS C 351 -17.57 13.68 -6.22
C LYS C 351 -18.77 14.61 -6.07
N ASN C 352 -19.90 14.05 -5.66
CA ASN C 352 -21.13 14.81 -5.48
C ASN C 352 -21.15 15.37 -4.06
N ILE C 353 -20.32 16.40 -3.86
CA ILE C 353 -20.14 17.03 -2.56
C ILE C 353 -20.39 18.52 -2.70
N LEU C 354 -21.29 19.06 -1.87
CA LEU C 354 -21.51 20.50 -1.83
C LEU C 354 -20.35 21.18 -1.13
N VAL C 355 -19.68 22.10 -1.82
CA VAL C 355 -18.51 22.80 -1.30
C VAL C 355 -18.83 24.27 -1.10
N VAL C 356 -18.36 24.81 0.02
CA VAL C 356 -18.61 26.20 0.41
C VAL C 356 -17.31 26.74 0.98
N GLY C 357 -16.98 27.98 0.66
CA GLY C 357 -15.74 28.60 1.09
C GLY C 357 -15.96 29.80 1.98
N GLY C 358 -15.00 30.03 2.88
CA GLY C 358 -15.08 31.17 3.77
C GLY C 358 -13.69 31.69 4.09
N ARG C 359 -13.66 32.85 4.72
CA ARG C 359 -12.43 33.52 5.12
C ARG C 359 -12.43 33.73 6.63
N TYR C 360 -11.25 33.68 7.24
CA TYR C 360 -11.16 33.77 8.69
C TYR C 360 -9.82 34.36 9.09
N GLY C 361 -9.79 34.91 10.30
CA GLY C 361 -8.54 35.19 10.99
C GLY C 361 -7.60 36.13 10.28
N LEU C 362 -8.12 37.05 9.47
CA LEU C 362 -7.26 37.98 8.77
C LEU C 362 -6.61 38.95 9.75
N GLY C 363 -5.29 39.10 9.65
CA GLY C 363 -4.57 39.95 10.57
C GLY C 363 -4.69 39.51 12.01
N SER C 364 -4.57 38.20 12.27
CA SER C 364 -4.65 37.65 13.62
C SER C 364 -6.00 37.87 14.28
N LYS C 365 -7.07 37.93 13.49
CA LYS C 365 -8.41 37.96 14.06
C LYS C 365 -8.65 36.68 14.84
N GLU C 366 -9.32 36.82 15.99
CA GLU C 366 -9.55 35.66 16.85
C GLU C 366 -10.34 34.59 16.10
N PHE C 367 -9.98 33.33 16.33
CA PHE C 367 -10.67 32.20 15.73
C PHE C 367 -10.80 31.14 16.81
N ASN C 368 -11.95 31.11 17.48
CA ASN C 368 -12.22 30.29 18.64
C ASN C 368 -13.24 29.21 18.33
N PRO C 369 -13.43 28.22 19.22
CA PRO C 369 -14.36 27.12 18.91
C PRO C 369 -15.79 27.57 18.59
N SER C 370 -16.26 28.66 19.18
CA SER C 370 -17.60 29.14 18.87
C SER C 370 -17.74 29.45 17.39
N MET C 371 -16.69 30.02 16.79
CA MET C 371 -16.70 30.27 15.36
C MET C 371 -16.62 28.97 14.57
N VAL C 372 -15.83 28.01 15.06
CA VAL C 372 -15.71 26.72 14.38
C VAL C 372 -17.07 26.03 14.35
N LYS C 373 -17.82 26.12 15.44
CA LYS C 373 -19.17 25.56 15.44
C LYS C 373 -20.05 26.31 14.45
N ALA C 374 -19.87 27.63 14.34
CA ALA C 374 -20.67 28.40 13.40
C ALA C 374 -20.45 27.93 11.97
N VAL C 375 -19.21 27.55 11.64
CA VAL C 375 -18.94 27.00 10.32
C VAL C 375 -19.65 25.67 10.13
N PHE C 376 -19.61 24.80 11.15
CA PHE C 376 -20.29 23.51 11.05
C PHE C 376 -21.80 23.69 10.98
N ASP C 377 -22.34 24.67 11.72
CA ASP C 377 -23.77 24.93 11.66
C ASP C 377 -24.20 25.45 10.30
N ASN C 378 -23.34 26.22 9.63
CA ASN C 378 -23.65 26.68 8.28
C ASN C 378 -23.73 25.53 7.29
N LEU C 379 -22.87 24.51 7.45
CA LEU C 379 -22.98 23.35 6.59
C LEU C 379 -24.26 22.58 6.84
N ALA C 380 -24.82 22.68 8.03
CA ALA C 380 -26.04 21.98 8.39
C ALA C 380 -27.30 22.74 8.01
N ALA C 381 -27.18 23.98 7.56
CA ALA C 381 -28.34 24.77 7.19
C ALA C 381 -28.98 24.20 5.91
N THR C 382 -30.23 24.59 5.68
CA THR C 382 -30.95 24.12 4.50
C THR C 382 -30.24 24.57 3.22
N THR C 383 -29.85 25.84 3.16
CA THR C 383 -29.04 26.38 2.07
C THR C 383 -27.82 27.04 2.70
N PRO C 384 -26.68 26.36 2.75
CA PRO C 384 -25.49 26.95 3.40
C PRO C 384 -25.02 28.20 2.67
N LYS C 385 -24.72 29.23 3.45
CA LYS C 385 -24.20 30.48 2.90
C LYS C 385 -22.77 30.25 2.41
N ASN C 386 -22.49 30.67 1.18
CA ASN C 386 -21.18 30.52 0.57
C ASN C 386 -20.45 31.86 0.50
N LYS C 387 -19.13 31.78 0.33
CA LYS C 387 -18.28 32.97 0.28
C LYS C 387 -18.45 33.83 1.52
N PHE C 388 -18.34 33.19 2.68
CA PHE C 388 -18.67 33.81 3.96
C PHE C 388 -17.39 34.27 4.68
N THR C 389 -17.61 34.93 5.82
CA THR C 389 -16.55 35.33 6.72
C THR C 389 -16.93 34.93 8.14
N VAL C 390 -15.93 34.68 8.98
CA VAL C 390 -16.14 34.27 10.36
C VAL C 390 -15.25 35.11 11.26
N GLY C 391 -15.83 35.67 12.32
CA GLY C 391 -15.10 36.50 13.26
C GLY C 391 -15.42 37.97 13.16
N ILE C 392 -16.26 38.37 12.20
CA ILE C 392 -16.63 39.77 12.01
C ILE C 392 -18.15 39.84 11.88
N THR C 393 -18.66 41.06 11.89
CA THR C 393 -20.07 41.33 11.66
C THR C 393 -20.13 42.14 10.37
N ASP C 394 -20.45 41.47 9.26
CA ASP C 394 -20.49 42.12 7.95
C ASP C 394 -21.94 42.53 7.69
N ASP C 395 -22.27 43.74 8.13
CA ASP C 395 -23.59 44.30 7.92
C ASP C 395 -23.69 45.09 6.61
N VAL C 396 -22.66 45.02 5.78
CA VAL C 396 -22.63 45.74 4.51
C VAL C 396 -22.95 44.77 3.38
N THR C 397 -22.16 43.70 3.25
CA THR C 397 -22.33 42.72 2.21
C THR C 397 -22.94 41.41 2.70
N HIS C 398 -23.22 41.30 4.00
CA HIS C 398 -23.96 40.18 4.56
C HIS C 398 -23.27 38.83 4.29
N THR C 399 -21.95 38.80 4.47
CA THR C 399 -21.19 37.57 4.32
C THR C 399 -20.87 36.88 5.64
N SER C 400 -21.01 37.56 6.77
CA SER C 400 -20.60 37.00 8.05
C SER C 400 -21.62 35.99 8.58
N LEU C 401 -21.12 34.94 9.22
CA LEU C 401 -21.94 33.95 9.90
C LEU C 401 -22.26 34.42 11.32
N GLU C 402 -23.41 33.98 11.83
CA GLU C 402 -23.84 34.35 13.17
C GLU C 402 -23.21 33.42 14.21
N ILE C 403 -22.52 34.02 15.18
CA ILE C 403 -21.97 33.27 16.33
C ILE C 403 -23.11 33.12 17.34
N LYS C 404 -23.78 31.97 17.33
CA LYS C 404 -25.00 31.82 18.12
C LYS C 404 -24.73 31.81 19.61
N GLU C 405 -23.96 30.83 20.08
CA GLU C 405 -23.70 30.68 21.51
C GLU C 405 -22.21 30.50 21.73
N HIS C 406 -21.80 30.71 22.99
CA HIS C 406 -20.41 30.56 23.38
C HIS C 406 -20.28 29.22 24.08
N ILE C 407 -19.38 28.37 23.57
CA ILE C 407 -19.20 27.03 24.10
C ILE C 407 -17.78 26.89 24.62
N ASP C 408 -17.60 25.94 25.54
CA ASP C 408 -16.29 25.67 26.16
C ASP C 408 -15.85 24.28 25.73
N THR C 409 -14.91 24.23 24.78
CA THR C 409 -14.37 22.98 24.27
C THR C 409 -13.02 22.66 24.85
N SER C 410 -12.59 23.41 25.87
CA SER C 410 -11.32 23.14 26.52
C SER C 410 -11.40 21.79 27.22
N PRO C 411 -10.38 20.94 27.08
CA PRO C 411 -10.41 19.67 27.79
C PRO C 411 -10.43 19.91 29.29
N LYS C 412 -11.19 19.07 30.00
CA LYS C 412 -11.30 19.22 31.44
C LYS C 412 -9.93 19.01 32.07
N GLY C 413 -9.63 19.77 33.12
CA GLY C 413 -8.35 19.71 33.75
C GLY C 413 -7.34 20.71 33.24
N THR C 414 -7.72 21.55 32.28
CA THR C 414 -6.84 22.57 31.75
C THR C 414 -7.06 23.85 32.54
N PHE C 415 -5.98 24.36 33.13
CA PHE C 415 -6.02 25.61 33.87
C PHE C 415 -5.84 26.78 32.91
N ARG C 416 -6.55 27.87 33.16
CA ARG C 416 -6.56 29.03 32.26
C ARG C 416 -6.42 30.31 33.07
N CYS C 417 -5.45 31.14 32.70
CA CYS C 417 -5.13 32.36 33.44
C CYS C 417 -5.00 33.53 32.49
N LYS C 418 -5.49 34.69 32.90
CA LYS C 418 -5.25 35.94 32.20
C LYS C 418 -4.57 36.92 33.16
N PHE C 419 -3.55 37.61 32.66
CA PHE C 419 -2.78 38.57 33.44
C PHE C 419 -2.80 39.91 32.71
N PHE C 420 -3.45 40.90 33.31
CA PHE C 420 -3.44 42.26 32.78
C PHE C 420 -2.25 42.99 33.41
N GLY C 421 -1.25 43.30 32.57
CA GLY C 421 -0.04 43.94 33.02
C GLY C 421 0.22 45.26 32.33
N LEU C 422 1.26 45.96 32.80
CA LEU C 422 1.71 47.22 32.23
C LEU C 422 2.95 46.96 31.37
N GLY C 423 3.18 47.85 30.41
CA GLY C 423 4.31 47.76 29.51
C GLY C 423 5.68 47.65 30.15
N SER C 424 6.37 46.55 29.87
CA SER C 424 7.77 46.36 30.25
C SER C 424 7.98 46.43 31.77
N ASP C 425 6.98 46.00 32.53
CA ASP C 425 7.08 45.93 33.98
C ASP C 425 7.54 44.58 34.48
N GLY C 426 7.83 43.63 33.60
CA GLY C 426 8.25 42.31 33.99
C GLY C 426 7.15 41.27 34.01
N THR C 427 5.90 41.67 33.77
CA THR C 427 4.77 40.73 33.83
C THR C 427 4.90 39.62 32.79
N VAL C 428 5.11 39.99 31.54
CA VAL C 428 5.24 38.98 30.48
C VAL C 428 6.43 38.07 30.76
N GLY C 429 7.57 38.66 31.12
CA GLY C 429 8.75 37.87 31.41
C GLY C 429 8.56 36.90 32.55
N ALA C 430 7.83 37.32 33.59
CA ALA C 430 7.55 36.43 34.70
C ALA C 430 6.65 35.28 34.28
N ASN C 431 5.62 35.57 33.48
CA ASN C 431 4.74 34.51 32.99
C ASN C 431 5.50 33.55 32.09
N LYS C 432 6.40 34.06 31.25
CA LYS C 432 7.25 33.17 30.46
C LYS C 432 8.11 32.29 31.37
N ASN C 433 8.65 32.87 32.45
CA ASN C 433 9.43 32.09 33.40
C ASN C 433 8.56 31.07 34.12
N SER C 434 7.31 31.44 34.43
CA SER C 434 6.40 30.53 35.11
C SER C 434 6.09 29.32 34.23
N ILE C 435 5.97 29.53 32.92
CA ILE C 435 5.70 28.43 32.01
C ILE C 435 6.87 27.46 31.96
N LYS C 436 8.10 27.98 31.92
CA LYS C 436 9.25 27.09 31.89
C LYS C 436 9.35 26.27 33.17
N ILE C 437 8.98 26.87 34.31
CA ILE C 437 8.99 26.16 35.58
C ILE C 437 8.05 24.96 35.53
N ILE C 438 6.82 25.19 35.12
CA ILE C 438 5.81 24.15 35.07
C ILE C 438 6.18 23.09 34.05
N GLY C 439 6.70 23.51 32.89
CA GLY C 439 7.01 22.55 31.84
C GLY C 439 8.21 21.68 32.17
N ASP C 440 9.22 22.25 32.82
CA ASP C 440 10.44 21.51 33.08
C ASP C 440 10.34 20.54 34.25
N HIS C 441 9.41 20.77 35.17
CA HIS C 441 9.36 19.99 36.40
C HIS C 441 8.08 19.18 36.61
N THR C 442 7.12 19.24 35.69
CA THR C 442 5.92 18.44 35.79
C THR C 442 5.66 17.73 34.47
N ASP C 443 4.70 16.81 34.48
CA ASP C 443 4.25 16.14 33.28
C ASP C 443 3.21 16.95 32.51
N MET C 444 2.93 18.18 32.95
CA MET C 444 1.87 18.97 32.35
C MET C 444 2.35 19.66 31.09
N TYR C 445 1.46 19.73 30.10
CA TYR C 445 1.67 20.61 28.96
C TYR C 445 1.39 22.04 29.37
N ALA C 446 2.12 22.98 28.74
CA ALA C 446 2.02 24.40 29.06
C ALA C 446 1.99 25.21 27.79
N GLN C 447 1.19 26.27 27.79
CA GLN C 447 1.03 27.14 26.62
C GLN C 447 1.00 28.59 27.05
N GLY C 448 1.64 29.45 26.27
CA GLY C 448 1.60 30.88 26.52
C GLY C 448 1.47 31.71 25.25
N TYR C 449 0.53 32.65 25.26
CA TYR C 449 0.34 33.60 24.17
C TYR C 449 0.17 34.97 24.78
N PHE C 450 0.74 35.98 24.15
CA PHE C 450 0.87 37.30 24.77
C PHE C 450 0.35 38.37 23.83
N VAL C 451 -0.62 39.15 24.30
CA VAL C 451 -1.23 40.23 23.53
C VAL C 451 -0.57 41.54 23.93
N TYR C 452 0.01 42.23 22.96
CA TYR C 452 0.71 43.48 23.19
C TYR C 452 -0.10 44.66 22.67
N ASP C 453 0.40 45.86 22.98
CA ASP C 453 -0.22 47.11 22.57
C ASP C 453 0.65 47.82 21.54
N SER C 454 0.02 48.72 20.79
CA SER C 454 0.75 49.50 19.79
C SER C 454 1.60 50.59 20.44
N LYS C 455 1.20 51.08 21.61
CA LYS C 455 2.01 52.06 22.33
C LYS C 455 3.29 51.41 22.83
N LYS C 456 4.43 52.06 22.58
CA LYS C 456 5.72 51.44 22.88
C LYS C 456 6.06 51.49 24.37
N SER C 457 5.53 52.47 25.10
CA SER C 457 5.81 52.60 26.53
C SER C 457 4.50 52.88 27.26
N GLY C 458 4.28 52.13 28.35
CA GLY C 458 3.08 52.30 29.14
C GLY C 458 1.87 51.58 28.62
N GLY C 459 2.06 50.63 27.70
CA GLY C 459 0.93 49.90 27.14
C GLY C 459 0.43 48.79 28.04
N VAL C 460 -0.76 48.29 27.70
CA VAL C 460 -1.41 47.21 28.42
C VAL C 460 -1.04 45.88 27.78
N THR C 461 -0.69 44.90 28.61
CA THR C 461 -0.36 43.56 28.14
C THR C 461 -1.29 42.54 28.77
N ILE C 462 -1.76 41.58 27.97
CA ILE C 462 -2.68 40.54 28.40
C ILE C 462 -2.04 39.19 28.09
N SER C 463 -1.70 38.44 29.13
CA SER C 463 -1.10 37.12 29.00
C SER C 463 -2.17 36.04 29.11
N HIS C 464 -2.08 35.03 28.25
CA HIS C 464 -3.00 33.90 28.25
C HIS C 464 -2.19 32.62 28.46
N LEU C 465 -2.36 31.98 29.61
CA LEU C 465 -1.63 30.78 29.96
C LEU C 465 -2.58 29.60 30.13
N ARG C 466 -2.12 28.42 29.73
CA ARG C 466 -2.89 27.20 29.89
C ARG C 466 -1.97 26.09 30.35
N PHE C 467 -2.44 25.29 31.31
CA PHE C 467 -1.74 24.10 31.75
C PHE C 467 -2.76 22.98 31.92
N GLY C 468 -2.39 21.77 31.49
CA GLY C 468 -3.27 20.63 31.63
C GLY C 468 -2.51 19.35 31.44
N LYS C 469 -3.13 18.24 31.87
CA LYS C 469 -2.51 16.94 31.69
C LYS C 469 -2.62 16.45 30.26
N GLN C 470 -3.43 17.10 29.42
CA GLN C 470 -3.62 16.74 28.02
C GLN C 470 -2.98 17.80 27.14
N PRO C 471 -2.58 17.43 25.92
CA PRO C 471 -1.99 18.43 25.01
C PRO C 471 -2.93 19.60 24.78
N ILE C 472 -2.35 20.79 24.72
CA ILE C 472 -3.13 22.04 24.62
C ILE C 472 -3.24 22.40 23.14
N GLN C 473 -4.43 22.18 22.58
CA GLN C 473 -4.74 22.55 21.21
C GLN C 473 -5.52 23.85 21.12
N SER C 474 -5.61 24.59 22.23
CA SER C 474 -6.44 25.79 22.29
C SER C 474 -5.63 26.97 21.75
N ALA C 475 -5.54 27.03 20.42
CA ALA C 475 -4.82 28.12 19.75
C ALA C 475 -5.74 29.33 19.57
N TYR C 476 -6.28 29.78 20.71
CA TYR C 476 -7.18 30.93 20.74
C TYR C 476 -7.11 31.54 22.12
N LEU C 477 -7.61 32.76 22.23
CA LEU C 477 -7.57 33.49 23.48
C LEU C 477 -8.46 32.82 24.53
N ILE C 478 -8.16 33.09 25.79
CA ILE C 478 -8.84 32.39 26.88
C ILE C 478 -10.28 32.87 26.99
N ASP C 479 -11.21 31.91 26.97
CA ASP C 479 -12.64 32.17 27.04
C ASP C 479 -13.16 32.11 28.47
N GLN C 480 -12.90 31.01 29.18
CA GLN C 480 -13.30 30.85 30.58
C GLN C 480 -12.03 30.71 31.40
N ALA C 481 -11.71 31.73 32.19
CA ALA C 481 -10.47 31.77 32.96
C ALA C 481 -10.72 31.25 34.37
N ASP C 482 -9.85 30.36 34.83
CA ASP C 482 -9.89 29.91 36.22
C ASP C 482 -9.31 30.94 37.17
N LEU C 483 -8.40 31.77 36.70
CA LEU C 483 -7.79 32.81 37.51
C LEU C 483 -7.54 34.03 36.63
N ILE C 484 -7.85 35.22 37.15
CA ILE C 484 -7.58 36.48 36.46
C ILE C 484 -6.84 37.41 37.42
N ALA C 485 -5.71 37.95 36.99
CA ALA C 485 -4.89 38.84 37.79
C ALA C 485 -4.80 40.20 37.12
N CYS C 486 -4.97 41.26 37.91
CA CYS C 486 -4.87 42.64 37.44
C CYS C 486 -3.74 43.31 38.21
N HIS C 487 -2.64 43.61 37.52
CA HIS C 487 -1.43 44.13 38.14
C HIS C 487 -1.38 45.65 38.20
N ASN C 488 -2.45 46.33 37.81
CA ASN C 488 -2.46 47.79 37.84
C ASN C 488 -3.80 48.30 38.38
N PRO C 489 -3.81 48.95 39.54
CA PRO C 489 -5.09 49.41 40.11
C PRO C 489 -5.81 50.42 39.23
N SER C 490 -5.12 51.09 38.33
CA SER C 490 -5.77 52.05 37.42
C SER C 490 -6.75 51.34 36.50
N TYR C 491 -6.54 50.05 36.22
CA TYR C 491 -7.44 49.29 35.36
C TYR C 491 -8.78 49.01 36.03
N VAL C 492 -8.87 49.09 37.36
CA VAL C 492 -10.12 48.83 38.06
C VAL C 492 -11.14 49.88 37.68
N GLY C 493 -12.27 49.44 37.11
CA GLY C 493 -13.28 50.36 36.62
C GLY C 493 -13.08 50.83 35.20
N ARG C 494 -11.99 50.44 34.56
CA ARG C 494 -11.67 50.83 33.19
C ARG C 494 -11.89 49.74 32.16
N TYR C 495 -11.51 48.50 32.47
CA TYR C 495 -11.68 47.37 31.57
C TYR C 495 -12.52 46.29 32.24
N ASN C 496 -13.17 45.47 31.41
CA ASN C 496 -13.97 44.36 31.88
C ASN C 496 -13.01 43.21 32.19
N LEU C 497 -12.37 43.31 33.35
CA LEU C 497 -11.35 42.34 33.73
C LEU C 497 -11.96 40.97 33.98
N LEU C 498 -13.04 40.91 34.74
CA LEU C 498 -13.66 39.66 35.14
C LEU C 498 -14.51 39.03 34.05
N GLU C 499 -14.28 39.38 32.78
CA GLU C 499 -15.08 38.84 31.70
C GLU C 499 -14.78 37.36 31.53
N GLY C 500 -15.82 36.55 31.54
CA GLY C 500 -15.66 35.13 31.27
C GLY C 500 -14.98 34.34 32.36
N ILE C 501 -14.76 34.92 33.53
CA ILE C 501 -14.14 34.18 34.62
C ILE C 501 -15.08 33.07 35.09
N LYS C 502 -14.51 31.92 35.40
CA LYS C 502 -15.33 30.79 35.80
C LYS C 502 -15.91 31.04 37.19
N PRO C 503 -17.11 30.53 37.46
CA PRO C 503 -17.68 30.65 38.80
C PRO C 503 -16.77 29.98 39.83
N GLY C 504 -16.52 30.69 40.93
CA GLY C 504 -15.59 30.23 41.92
C GLY C 504 -14.13 30.46 41.58
N GLY C 505 -13.85 31.15 40.48
CA GLY C 505 -12.48 31.41 40.09
C GLY C 505 -11.78 32.37 41.04
N ILE C 506 -10.53 32.65 40.70
CA ILE C 506 -9.66 33.48 41.52
C ILE C 506 -9.45 34.82 40.81
N PHE C 507 -9.55 35.91 41.57
CA PHE C 507 -9.27 37.24 41.06
C PHE C 507 -8.23 37.88 41.96
N LEU C 508 -7.03 38.09 41.44
CA LEU C 508 -5.93 38.68 42.19
C LEU C 508 -5.72 40.12 41.72
N LEU C 509 -5.70 41.05 42.66
CA LEU C 509 -5.57 42.46 42.37
C LEU C 509 -4.43 43.05 43.19
N ASN C 510 -3.66 43.93 42.56
CA ASN C 510 -2.62 44.71 43.23
C ASN C 510 -3.09 46.15 43.40
N SER C 511 -3.24 46.58 44.66
CA SER C 511 -3.67 47.94 44.94
C SER C 511 -3.28 48.28 46.38
N THR C 512 -3.35 49.57 46.70
CA THR C 512 -3.03 50.08 48.02
C THR C 512 -4.25 50.16 48.94
N TRP C 513 -5.40 49.66 48.49
CA TRP C 513 -6.64 49.76 49.24
C TRP C 513 -6.76 48.62 50.25
N SER C 514 -7.24 48.96 51.45
CA SER C 514 -7.42 47.96 52.49
C SER C 514 -8.71 47.17 52.27
N ALA C 515 -8.90 46.14 53.10
CA ALA C 515 -10.07 45.28 52.96
C ALA C 515 -11.37 46.02 53.19
N GLU C 516 -11.37 47.01 54.09
CA GLU C 516 -12.58 47.79 54.36
C GLU C 516 -12.84 48.80 53.25
N GLU C 517 -11.78 49.38 52.68
CA GLU C 517 -11.91 50.32 51.57
C GLU C 517 -12.44 49.65 50.30
N MET C 518 -12.45 48.32 50.20
CA MET C 518 -12.95 47.65 49.00
C MET C 518 -14.42 47.95 48.76
N ASP C 519 -15.20 48.16 49.81
CA ASP C 519 -16.63 48.37 49.61
C ASP C 519 -16.91 49.67 48.84
N SER C 520 -16.13 50.71 49.11
CA SER C 520 -16.32 52.01 48.49
C SER C 520 -15.46 52.25 47.27
N ARG C 521 -14.35 51.52 47.12
CA ARG C 521 -13.38 51.83 46.08
C ARG C 521 -13.64 51.07 44.78
N LEU C 522 -14.06 49.81 44.85
CA LEU C 522 -14.30 49.00 43.66
C LEU C 522 -15.67 49.35 43.08
N PRO C 523 -15.81 49.36 41.77
CA PRO C 523 -17.12 49.64 41.16
C PRO C 523 -18.12 48.56 41.48
N ALA C 524 -19.40 48.93 41.34
CA ALA C 524 -20.49 48.04 41.76
C ALA C 524 -20.58 46.81 40.85
N ASP C 525 -20.43 46.99 39.54
CA ASP C 525 -20.51 45.84 38.63
C ASP C 525 -19.41 44.84 38.92
N MET C 526 -18.22 45.31 39.29
CA MET C 526 -17.14 44.39 39.66
C MET C 526 -17.44 43.69 40.97
N LYS C 527 -17.98 44.43 41.95
CA LYS C 527 -18.34 43.81 43.22
C LYS C 527 -19.43 42.76 43.02
N ARG C 528 -20.36 43.02 42.09
CA ARG C 528 -21.42 42.04 41.83
C ARG C 528 -20.85 40.75 41.27
N THR C 529 -19.93 40.85 40.31
CA THR C 529 -19.33 39.66 39.72
C THR C 529 -18.56 38.88 40.78
N ILE C 530 -17.82 39.59 41.63
CA ILE C 530 -17.04 38.91 42.68
C ILE C 530 -17.96 38.11 43.60
N ALA C 531 -19.11 38.68 43.95
CA ALA C 531 -20.02 38.03 44.89
C ALA C 531 -20.89 36.97 44.22
N THR C 532 -21.51 37.32 43.08
CA THR C 532 -22.40 36.38 42.42
C THR C 532 -21.66 35.15 41.91
N LYS C 533 -20.47 35.35 41.34
CA LYS C 533 -19.66 34.22 40.88
C LYS C 533 -18.89 33.58 42.03
N LYS C 534 -18.99 34.12 43.23
CA LYS C 534 -18.34 33.57 44.43
C LYS C 534 -16.84 33.39 44.19
N LEU C 535 -16.22 34.44 43.69
CA LEU C 535 -14.81 34.40 43.35
C LEU C 535 -13.95 34.50 44.61
N LYS C 536 -12.80 33.84 44.56
CA LYS C 536 -11.81 33.93 45.65
C LYS C 536 -10.98 35.18 45.38
N PHE C 537 -11.28 36.25 46.12
CA PHE C 537 -10.71 37.57 45.89
C PHE C 537 -9.52 37.75 46.82
N TYR C 538 -8.33 37.88 46.24
CA TYR C 538 -7.11 38.15 46.99
C TYR C 538 -6.54 39.50 46.57
N ASN C 539 -5.90 40.18 47.51
CA ASN C 539 -5.33 41.50 47.26
C ASN C 539 -3.93 41.56 47.86
N ILE C 540 -3.08 42.39 47.26
CA ILE C 540 -1.72 42.62 47.74
C ILE C 540 -1.25 43.99 47.28
N ASP C 541 -0.60 44.72 48.18
CA ASP C 541 -0.01 46.03 47.86
C ASP C 541 1.45 45.82 47.48
N ALA C 542 1.66 45.37 46.24
CA ALA C 542 3.02 45.10 45.77
C ALA C 542 3.87 46.36 45.74
N VAL C 543 3.26 47.52 45.51
CA VAL C 543 4.01 48.77 45.49
C VAL C 543 4.61 49.06 46.85
N LYS C 544 3.83 48.83 47.91
CA LYS C 544 4.35 49.05 49.27
C LYS C 544 5.48 48.09 49.57
N ILE C 545 5.37 46.84 49.12
CA ILE C 545 6.41 45.84 49.40
C ILE C 545 7.72 46.23 48.74
N ALA C 546 7.66 46.63 47.46
CA ALA C 546 8.89 46.96 46.76
C ALA C 546 9.60 48.17 47.37
N GLN C 547 8.84 49.10 47.94
CA GLN C 547 9.45 50.27 48.57
C GLN C 547 10.25 49.89 49.81
N GLU C 548 9.67 49.06 50.68
CA GLU C 548 10.35 48.69 51.93
C GLU C 548 11.58 47.83 51.68
N ILE C 549 11.54 46.97 50.66
CA ILE C 549 12.70 46.12 50.38
C ILE C 549 13.82 46.93 49.74
N GLY C 550 13.47 47.95 48.97
CA GLY C 550 14.46 48.76 48.27
C GLY C 550 14.62 48.45 46.80
N LEU C 551 13.71 47.68 46.21
CA LEU C 551 13.73 47.36 44.79
C LEU C 551 13.06 48.44 43.94
N GLY C 552 12.71 49.58 44.53
CA GLY C 552 12.00 50.62 43.83
C GLY C 552 10.55 50.29 43.61
N SER C 553 10.13 50.16 42.35
CA SER C 553 8.76 49.77 42.02
C SER C 553 8.68 48.48 41.21
N ARG C 554 9.79 47.75 41.06
CA ARG C 554 9.78 46.46 40.37
C ARG C 554 8.96 45.45 41.16
N ILE C 555 7.88 44.95 40.56
CA ILE C 555 6.97 44.02 41.21
C ILE C 555 6.94 42.65 40.52
N ASN C 556 7.90 42.38 39.64
CA ASN C 556 7.87 41.13 38.88
C ASN C 556 8.01 39.92 39.80
N VAL C 557 9.00 39.95 40.69
CA VAL C 557 9.21 38.82 41.60
C VAL C 557 8.04 38.67 42.56
N ILE C 558 7.49 39.80 43.02
CA ILE C 558 6.42 39.76 44.02
C ILE C 558 5.17 39.13 43.43
N MET C 559 4.75 39.58 42.26
CA MET C 559 3.48 39.10 41.72
C MET C 559 3.57 37.65 41.23
N GLN C 560 4.73 37.23 40.71
CA GLN C 560 4.87 35.84 40.30
C GLN C 560 4.77 34.90 41.49
N THR C 561 5.36 35.28 42.62
CA THR C 561 5.23 34.46 43.82
C THR C 561 3.78 34.42 44.27
N ALA C 562 3.08 35.55 44.22
CA ALA C 562 1.68 35.59 44.64
C ALA C 562 0.81 34.67 43.78
N PHE C 563 1.15 34.51 42.51
CA PHE C 563 0.36 33.65 41.63
C PHE C 563 0.43 32.21 42.09
N PHE C 564 1.65 31.67 42.23
CA PHE C 564 1.79 30.27 42.63
C PHE C 564 1.19 30.02 43.99
N LYS C 565 1.16 31.03 44.85
CA LYS C 565 0.60 30.86 46.18
C LYS C 565 -0.88 30.56 46.12
N ILE C 566 -1.60 31.13 45.15
CA ILE C 566 -3.04 30.97 45.07
C ILE C 566 -3.49 30.11 43.90
N ALA C 567 -2.67 29.95 42.86
CA ALA C 567 -3.12 29.14 41.73
C ALA C 567 -3.19 27.67 42.12
N ASN C 568 -2.31 27.24 43.02
CA ASN C 568 -2.27 25.87 43.52
C ASN C 568 -2.10 24.87 42.36
N VAL C 569 -1.25 25.23 41.40
CA VAL C 569 -0.93 24.35 40.28
C VAL C 569 0.13 23.33 40.68
N ILE C 570 1.10 23.74 41.49
CA ILE C 570 2.08 22.81 42.03
C ILE C 570 2.21 23.06 43.54
N PRO C 571 2.79 22.13 44.28
CA PRO C 571 3.08 22.38 45.69
C PRO C 571 3.90 23.65 45.89
N VAL C 572 3.45 24.48 46.84
CA VAL C 572 4.08 25.77 47.10
C VAL C 572 5.54 25.61 47.51
N ASP C 573 5.84 24.56 48.29
CA ASP C 573 7.22 24.37 48.73
C ASP C 573 8.14 24.12 47.54
N GLU C 574 7.69 23.32 46.58
CA GLU C 574 8.49 23.10 45.37
C GLU C 574 8.56 24.36 44.52
N ALA C 575 7.46 25.14 44.48
CA ALA C 575 7.45 26.36 43.68
C ALA C 575 8.45 27.37 44.21
N ILE C 576 8.52 27.55 45.54
CA ILE C 576 9.46 28.50 46.12
C ILE C 576 10.89 28.09 45.79
N LYS C 577 11.16 26.78 45.77
CA LYS C 577 12.49 26.31 45.40
C LYS C 577 12.78 26.66 43.94
N TYR C 578 11.82 26.42 43.05
CA TYR C 578 12.01 26.70 41.64
C TYR C 578 12.10 28.20 41.35
N ILE C 579 11.36 29.03 42.10
CA ILE C 579 11.45 30.48 41.91
C ILE C 579 12.83 30.98 42.32
N LYS C 580 13.28 30.62 43.53
CA LYS C 580 14.59 31.07 43.99
C LYS C 580 15.70 30.51 43.10
N ASP C 581 15.53 29.29 42.60
CA ASP C 581 16.49 28.76 41.64
C ASP C 581 16.50 29.59 40.37
N SER C 582 15.31 30.04 39.95
CA SER C 582 15.22 30.92 38.79
C SER C 582 15.75 32.31 39.09
N ILE C 583 15.65 32.76 40.33
CA ILE C 583 16.26 34.04 40.71
C ILE C 583 17.79 33.96 40.65
N VAL C 584 18.35 32.85 41.14
CA VAL C 584 19.80 32.66 41.04
C VAL C 584 20.25 32.60 39.59
N LYS C 585 19.47 31.92 38.75
CA LYS C 585 19.83 31.82 37.33
C LYS C 585 19.69 33.17 36.63
N THR C 586 18.77 34.02 37.07
CA THR C 586 18.53 35.30 36.44
C THR C 586 19.40 36.41 37.02
N TYR C 587 19.56 36.43 38.35
CA TYR C 587 20.34 37.45 39.03
C TYR C 587 21.67 36.92 39.53
N GLY C 588 22.25 35.94 38.84
CA GLY C 588 23.54 35.41 39.22
C GLY C 588 24.67 36.32 38.83
N LYS C 589 24.56 36.95 37.66
CA LYS C 589 25.53 37.96 37.23
C LYS C 589 25.33 39.30 37.91
N LYS C 590 24.19 39.52 38.56
CA LYS C 590 23.97 40.73 39.31
C LYS C 590 24.75 40.68 40.61
N GLY C 591 24.72 41.79 41.35
CA GLY C 591 25.45 41.86 42.59
C GLY C 591 24.89 40.92 43.64
N ASP C 592 25.69 40.67 44.67
CA ASP C 592 25.26 39.81 45.76
C ASP C 592 24.20 40.47 46.62
N LYS C 593 24.23 41.81 46.72
CA LYS C 593 23.23 42.51 47.52
C LYS C 593 21.85 42.44 46.88
N ILE C 594 21.78 42.58 45.55
CA ILE C 594 20.49 42.50 44.86
C ILE C 594 19.91 41.10 44.90
N LEU C 595 20.76 40.07 44.98
CA LEU C 595 20.24 38.70 45.02
C LEU C 595 19.44 38.45 46.29
N ASN C 596 20.00 38.83 47.44
CA ASN C 596 19.30 38.59 48.70
C ASN C 596 18.08 39.48 48.86
N MET C 597 18.03 40.61 48.15
CA MET C 597 16.82 41.45 48.19
C MET C 597 15.65 40.73 47.54
N ASN C 598 15.88 40.10 46.38
CA ASN C 598 14.81 39.39 45.70
C ASN C 598 14.37 38.13 46.46
N PHE C 599 15.27 37.52 47.22
CA PHE C 599 14.85 36.42 48.08
C PHE C 599 13.86 36.89 49.12
N ALA C 600 14.09 38.09 49.68
CA ALA C 600 13.16 38.65 50.66
C ALA C 600 11.84 39.02 50.00
N ALA C 601 11.86 39.40 48.72
CA ALA C 601 10.63 39.72 48.01
C ALA C 601 9.67 38.53 47.99
N VAL C 602 10.21 37.33 47.72
CA VAL C 602 9.40 36.12 47.81
C VAL C 602 8.89 35.94 49.23
N ASP C 603 9.78 36.07 50.21
CA ASP C 603 9.42 35.83 51.60
C ASP C 603 8.40 36.83 52.10
N ARG C 604 8.61 38.12 51.83
CA ARG C 604 7.70 39.13 52.33
C ARG C 604 6.33 39.03 51.65
N ALA C 605 6.31 38.59 50.39
CA ALA C 605 5.05 38.49 49.66
C ALA C 605 4.12 37.44 50.25
N LEU C 606 4.69 36.33 50.71
CA LEU C 606 3.88 35.26 51.27
C LEU C 606 3.11 35.72 52.51
N GLU C 607 3.74 36.57 53.34
CA GLU C 607 3.09 37.06 54.55
C GLU C 607 2.17 38.25 54.29
N ALA C 608 2.36 38.97 53.18
CA ALA C 608 1.57 40.16 52.89
C ALA C 608 0.33 39.87 52.04
N LEU C 609 0.27 38.73 51.36
CA LEU C 609 -0.90 38.37 50.58
C LEU C 609 -2.07 38.04 51.50
N GLU C 610 -3.13 38.84 51.42
CA GLU C 610 -4.30 38.71 52.29
C GLU C 610 -5.53 38.44 51.44
N GLU C 611 -6.28 37.40 51.81
CA GLU C 611 -7.55 37.10 51.15
C GLU C 611 -8.58 38.09 51.65
N ILE C 612 -9.35 38.66 50.72
CA ILE C 612 -10.33 39.69 51.05
C ILE C 612 -11.68 39.01 51.22
N LYS C 613 -12.16 38.99 52.46
CA LYS C 613 -13.49 38.47 52.78
C LYS C 613 -14.47 39.62 52.60
N TYR C 614 -15.15 39.63 51.51
CA TYR C 614 -16.07 40.67 51.08
C TYR C 614 -17.48 40.35 51.58
N PRO C 615 -18.28 41.36 51.89
CA PRO C 615 -19.64 41.10 52.33
C PRO C 615 -20.48 40.53 51.20
N ALA C 616 -21.44 39.67 51.57
CA ALA C 616 -22.37 39.12 50.59
C ALA C 616 -23.26 40.18 49.98
N SER C 617 -23.37 41.34 50.63
CA SER C 617 -24.17 42.45 50.13
C SER C 617 -23.58 43.08 48.87
N TRP C 618 -22.37 42.66 48.45
CA TRP C 618 -21.80 43.19 47.20
C TRP C 618 -22.66 42.83 46.00
N ALA C 619 -23.39 41.71 46.06
CA ALA C 619 -24.29 41.35 44.97
C ALA C 619 -25.43 42.36 44.85
N ASP C 620 -25.74 43.05 45.94
CA ASP C 620 -26.79 44.07 45.96
C ASP C 620 -26.24 45.47 45.73
N ALA C 621 -24.93 45.61 45.51
CA ALA C 621 -24.35 46.92 45.26
C ALA C 621 -24.93 47.54 44.00
N VAL C 622 -25.06 48.87 44.02
CA VAL C 622 -25.71 49.61 42.95
C VAL C 622 -24.71 50.58 42.33
N ASP C 623 -24.75 50.69 41.01
CA ASP C 623 -23.81 51.55 40.28
C ASP C 623 -23.95 53.01 40.67
N THR C 630 -19.91 64.12 27.56
CA THR C 630 -19.77 65.33 26.74
C THR C 630 -20.04 65.00 25.28
N GLU C 631 -20.65 65.93 24.56
CA GLU C 631 -20.95 65.75 23.15
C GLU C 631 -19.66 65.79 22.35
N GLU C 632 -19.18 64.63 21.92
CA GLU C 632 -17.97 64.44 21.14
C GLU C 632 -18.33 64.17 19.69
N PRO C 633 -17.39 64.39 18.76
CA PRO C 633 -17.67 64.07 17.35
C PRO C 633 -18.06 62.62 17.17
N GLU C 634 -18.77 62.35 16.07
CA GLU C 634 -19.30 61.01 15.82
C GLU C 634 -18.18 59.99 15.73
N PHE C 635 -17.06 60.34 15.10
CA PHE C 635 -15.97 59.39 14.93
C PHE C 635 -15.34 58.98 16.26
N ILE C 636 -15.05 59.95 17.13
CA ILE C 636 -14.42 59.64 18.40
C ILE C 636 -15.31 58.74 19.25
N GLN C 637 -16.61 59.05 19.31
CA GLN C 637 -17.50 58.30 20.18
C GLN C 637 -17.77 56.89 19.62
N LYS C 638 -17.88 56.76 18.30
CA LYS C 638 -18.26 55.49 17.70
C LYS C 638 -17.08 54.61 17.32
N VAL C 639 -15.87 55.17 17.22
CA VAL C 639 -14.71 54.42 16.76
C VAL C 639 -13.60 54.46 17.81
N LEU C 640 -13.17 55.66 18.19
CA LEU C 640 -12.01 55.80 19.05
C LEU C 640 -12.27 55.21 20.43
N ARG C 641 -13.40 55.57 21.06
CA ARG C 641 -13.71 55.05 22.39
C ARG C 641 -13.84 53.53 22.46
N PRO C 642 -14.63 52.87 21.61
CA PRO C 642 -14.71 51.40 21.70
C PRO C 642 -13.40 50.69 21.44
N ILE C 643 -12.54 51.23 20.57
CA ILE C 643 -11.26 50.59 20.29
C ILE C 643 -10.34 50.67 21.51
N ASN C 644 -10.23 51.85 22.12
CA ASN C 644 -9.38 52.00 23.30
C ASN C 644 -9.92 51.21 24.49
N ALA C 645 -11.23 50.97 24.53
CA ALA C 645 -11.86 50.17 25.57
C ALA C 645 -11.76 48.67 25.31
N LEU C 646 -10.91 48.27 24.36
CA LEU C 646 -10.69 46.86 24.04
C LEU C 646 -11.97 46.19 23.53
N LYS C 647 -12.76 46.95 22.77
CA LYS C 647 -14.00 46.45 22.18
C LYS C 647 -14.03 46.63 20.67
N GLY C 648 -12.86 46.76 20.03
CA GLY C 648 -12.84 46.99 18.61
C GLY C 648 -13.40 45.83 17.80
N ASP C 649 -13.32 44.61 18.36
CA ASP C 649 -13.84 43.44 17.66
C ASP C 649 -15.35 43.49 17.48
N GLU C 650 -16.05 44.28 18.30
CA GLU C 650 -17.50 44.39 18.20
C GLU C 650 -17.94 45.36 17.11
N LEU C 651 -17.01 46.12 16.53
CA LEU C 651 -17.38 47.10 15.51
C LEU C 651 -17.71 46.36 14.21
N PRO C 652 -18.87 46.61 13.62
CA PRO C 652 -19.25 45.93 12.38
C PRO C 652 -18.50 46.54 11.19
N VAL C 653 -18.73 45.94 10.02
CA VAL C 653 -18.02 46.36 8.81
C VAL C 653 -18.41 47.80 8.44
N SER C 654 -19.67 48.16 8.66
CA SER C 654 -20.17 49.48 8.27
C SER C 654 -19.51 50.62 9.04
N THR C 655 -18.69 50.33 10.05
CA THR C 655 -18.07 51.41 10.81
C THR C 655 -16.93 52.07 10.06
N PHE C 656 -16.26 51.34 9.17
CA PHE C 656 -14.97 51.73 8.64
C PHE C 656 -15.08 52.17 7.18
N THR C 657 -14.16 53.05 6.78
CA THR C 657 -14.06 53.48 5.40
C THR C 657 -13.59 52.34 4.51
N PRO C 658 -13.98 52.35 3.23
CA PRO C 658 -13.56 51.26 2.32
C PRO C 658 -12.12 51.36 1.86
N ASP C 659 -11.43 52.46 2.14
CA ASP C 659 -10.08 52.69 1.66
C ASP C 659 -9.07 52.94 2.77
N GLY C 660 -9.46 52.73 4.03
CA GLY C 660 -8.52 52.90 5.12
C GLY C 660 -8.11 54.34 5.36
N VAL C 661 -9.00 55.28 5.11
CA VAL C 661 -8.75 56.70 5.32
C VAL C 661 -9.32 57.07 6.69
N PHE C 662 -8.52 57.77 7.49
CA PHE C 662 -8.91 58.14 8.84
C PHE C 662 -8.74 59.63 9.07
N PRO C 663 -9.54 60.21 9.97
CA PRO C 663 -9.39 61.64 10.25
C PRO C 663 -8.13 61.94 11.05
N VAL C 664 -7.79 63.21 11.10
CA VAL C 664 -6.61 63.70 11.80
C VAL C 664 -7.02 64.34 13.11
N GLY C 665 -6.04 64.55 13.99
CA GLY C 665 -6.25 65.25 15.24
C GLY C 665 -7.20 64.56 16.20
N THR C 666 -6.96 63.28 16.46
CA THR C 666 -7.81 62.49 17.34
C THR C 666 -7.14 62.13 18.66
N THR C 667 -5.83 62.36 18.81
CA THR C 667 -5.12 62.03 20.04
C THR C 667 -5.49 62.91 21.22
N LYS C 668 -6.09 64.09 20.98
CA LYS C 668 -6.48 64.93 22.10
C LYS C 668 -7.61 64.33 22.93
N TYR C 669 -8.27 63.29 22.44
CA TYR C 669 -9.33 62.63 23.17
C TYR C 669 -8.84 61.46 24.02
N GLU C 670 -7.55 61.14 23.98
CA GLU C 670 -7.05 60.00 24.73
C GLU C 670 -6.90 60.31 26.22
N LYS C 671 -6.10 61.32 26.56
CA LYS C 671 -5.83 61.69 27.96
C LYS C 671 -5.35 60.48 28.76
N ARG C 672 -4.20 59.94 28.33
CA ARG C 672 -3.71 58.69 28.90
C ARG C 672 -3.32 58.83 30.36
N GLY C 673 -2.66 59.93 30.73
CA GLY C 673 -2.26 60.17 32.11
C GLY C 673 -1.33 59.11 32.65
N ILE C 674 -0.20 58.90 31.98
CA ILE C 674 0.72 57.81 32.32
C ILE C 674 1.94 58.29 33.10
N ALA C 675 2.02 59.57 33.44
CA ALA C 675 3.21 60.13 34.06
C ALA C 675 3.30 59.78 35.54
N VAL C 676 4.52 59.50 36.01
CA VAL C 676 4.75 59.36 37.44
C VAL C 676 4.95 60.73 38.07
N ASN C 677 5.71 61.60 37.40
CA ASN C 677 5.93 62.97 37.83
C ASN C 677 5.68 63.91 36.66
N ILE C 678 5.20 65.12 36.98
CA ILE C 678 4.93 66.13 35.97
C ILE C 678 5.65 67.41 36.37
N PRO C 679 6.10 68.23 35.42
CA PRO C 679 6.80 69.47 35.79
C PRO C 679 5.82 70.47 36.40
N GLN C 680 6.21 71.07 37.51
CA GLN C 680 5.47 72.15 38.14
C GLN C 680 6.20 73.45 37.87
N TRP C 681 5.49 74.45 37.39
CA TRP C 681 6.09 75.68 36.89
C TRP C 681 6.34 76.68 38.01
N GLN C 682 7.56 77.22 38.07
CA GLN C 682 7.96 78.25 39.01
C GLN C 682 8.00 79.57 38.26
N PRO C 683 7.00 80.44 38.39
CA PRO C 683 6.96 81.65 37.56
C PRO C 683 8.13 82.61 37.76
N GLU C 684 8.73 82.64 38.95
CA GLU C 684 9.80 83.59 39.24
C GLU C 684 11.16 83.17 38.68
N ASN C 685 11.36 81.87 38.42
CA ASN C 685 12.64 81.40 37.92
C ASN C 685 12.68 81.30 36.40
N CYS C 686 11.57 81.51 35.71
CA CYS C 686 11.48 81.26 34.27
C CYS C 686 11.97 82.49 33.50
N ILE C 687 12.87 82.25 32.55
CA ILE C 687 13.36 83.30 31.66
C ILE C 687 12.61 83.36 30.34
N GLN C 688 11.59 82.53 30.17
CA GLN C 688 10.74 82.52 28.97
C GLN C 688 11.54 82.26 27.70
N CYS C 689 12.16 81.08 27.64
CA CYS C 689 12.97 80.68 26.49
C CYS C 689 12.31 79.61 25.64
N ASN C 690 11.27 78.94 26.13
CA ASN C 690 10.49 77.94 25.40
C ASN C 690 11.27 76.68 25.02
N GLN C 691 12.45 76.46 25.62
CA GLN C 691 13.18 75.23 25.31
C GLN C 691 12.43 74.00 25.81
N CYS C 692 11.62 74.16 26.87
CA CYS C 692 10.84 73.04 27.39
C CYS C 692 9.75 72.61 26.41
N SER C 693 9.08 73.58 25.78
CA SER C 693 8.12 73.22 24.75
C SER C 693 8.81 72.69 23.50
N LEU C 694 10.05 73.10 23.25
CA LEU C 694 10.77 72.68 22.04
C LEU C 694 11.18 71.23 22.11
N VAL C 695 11.65 70.76 23.26
CA VAL C 695 12.22 69.42 23.39
C VAL C 695 11.20 68.38 23.84
N CYS C 696 9.96 68.80 24.15
CA CYS C 696 8.95 67.86 24.64
C CYS C 696 8.49 66.94 23.51
N PRO C 697 8.70 65.62 23.62
CA PRO C 697 8.34 64.72 22.52
C PRO C 697 6.84 64.52 22.31
N HIS C 698 5.98 65.15 23.11
CA HIS C 698 4.53 64.94 22.95
C HIS C 698 3.73 66.24 22.94
N ALA C 699 4.39 67.39 22.93
CA ALA C 699 3.70 68.69 22.92
C ALA C 699 2.75 68.83 24.12
N ALA C 700 3.15 68.28 25.27
CA ALA C 700 2.35 68.30 26.47
C ALA C 700 2.59 69.54 27.32
N ILE C 701 3.62 70.32 27.01
CA ILE C 701 3.94 71.55 27.73
C ILE C 701 4.20 72.63 26.67
N ARG C 702 3.45 73.73 26.76
CA ARG C 702 3.45 74.77 25.75
C ARG C 702 3.32 76.13 26.41
N PRO C 703 3.79 77.19 25.76
CA PRO C 703 3.52 78.55 26.24
C PRO C 703 2.20 79.08 25.69
N TYR C 704 1.53 79.87 26.53
CA TYR C 704 0.23 80.45 26.18
C TYR C 704 0.29 81.95 26.41
N LEU C 705 -0.14 82.71 25.41
CA LEU C 705 -0.27 84.16 25.50
C LEU C 705 -1.74 84.54 25.54
N ALA C 706 -2.05 85.62 26.25
CA ALA C 706 -3.41 86.09 26.38
C ALA C 706 -3.40 87.53 26.85
N LYS C 707 -4.29 88.34 26.29
CA LYS C 707 -4.49 89.68 26.79
C LYS C 707 -5.07 89.61 28.21
N PRO C 708 -4.75 90.59 29.07
CA PRO C 708 -5.23 90.54 30.46
C PRO C 708 -6.73 90.51 30.61
N ALA C 709 -7.50 90.99 29.62
CA ALA C 709 -8.95 90.94 29.73
C ALA C 709 -9.48 89.52 29.63
N ASP C 710 -8.80 88.64 28.90
CA ASP C 710 -9.23 87.26 28.72
C ASP C 710 -8.97 86.39 29.94
N LEU C 711 -8.24 86.89 30.94
CA LEU C 711 -7.96 86.14 32.16
C LEU C 711 -8.96 86.44 33.28
N ALA C 712 -10.21 86.78 32.93
CA ALA C 712 -11.19 87.17 33.94
C ALA C 712 -11.57 85.99 34.83
N GLY C 713 -12.17 84.96 34.23
CA GLY C 713 -12.62 83.80 34.98
C GLY C 713 -11.55 82.76 35.21
N ALA C 714 -10.29 83.18 35.15
CA ALA C 714 -9.18 82.25 35.34
C ALA C 714 -9.15 81.77 36.78
N PRO C 715 -8.80 80.51 37.03
CA PRO C 715 -8.69 80.03 38.40
C PRO C 715 -7.55 80.72 39.15
N GLU C 716 -7.62 80.64 40.49
CA GLU C 716 -6.62 81.29 41.32
C GLU C 716 -5.24 80.68 41.14
N THR C 717 -5.16 79.41 40.75
CA THR C 717 -3.88 78.75 40.54
C THR C 717 -3.29 79.03 39.17
N PHE C 718 -4.03 79.75 38.32
CA PHE C 718 -3.53 80.11 36.98
C PHE C 718 -2.65 81.36 37.08
N VAL C 719 -1.56 81.21 37.84
CA VAL C 719 -0.65 82.32 38.09
C VAL C 719 0.11 82.61 36.80
N THR C 720 0.15 83.89 36.42
CA THR C 720 0.77 84.31 35.18
C THR C 720 1.89 85.31 35.49
N LYS C 721 2.65 85.63 34.45
CA LYS C 721 3.72 86.62 34.55
C LYS C 721 3.66 87.52 33.32
N ASP C 722 4.21 88.71 33.47
CA ASP C 722 4.27 89.65 32.35
C ASP C 722 5.20 89.09 31.28
N ALA C 723 4.85 89.33 30.01
CA ALA C 723 5.61 88.77 28.91
C ALA C 723 6.84 89.62 28.63
N ILE C 724 7.99 88.96 28.53
CA ILE C 724 9.26 89.63 28.26
C ILE C 724 9.44 89.80 26.76
N GLY C 725 9.91 90.99 26.36
CA GLY C 725 10.18 91.26 24.96
C GLY C 725 9.36 92.39 24.37
N LYS C 726 9.97 93.18 23.49
CA LYS C 726 9.27 94.27 22.84
C LYS C 726 8.19 93.78 21.89
N GLU C 727 8.33 92.56 21.38
CA GLU C 727 7.34 92.01 20.46
C GLU C 727 6.06 91.63 21.18
N ALA C 728 6.17 91.14 22.43
CA ALA C 728 5.03 90.68 23.21
C ALA C 728 4.62 91.68 24.30
N ALA C 729 4.74 92.98 24.02
CA ALA C 729 4.38 93.98 25.01
C ALA C 729 2.87 93.99 25.26
N GLY C 730 2.49 94.09 26.53
CA GLY C 730 1.10 94.14 26.93
C GLY C 730 0.36 92.82 26.99
N LEU C 731 1.06 91.69 26.92
CA LEU C 731 0.45 90.37 26.98
C LEU C 731 0.87 89.63 28.25
N LYS C 732 0.12 88.59 28.57
CA LYS C 732 0.44 87.70 29.69
C LYS C 732 1.07 86.43 29.14
N PHE C 733 1.97 85.86 29.94
CA PHE C 733 2.70 84.66 29.56
C PHE C 733 2.59 83.64 30.68
N ARG C 734 2.47 82.37 30.31
CA ARG C 734 2.41 81.28 31.27
C ARG C 734 2.79 79.98 30.57
N ILE C 735 3.61 79.17 31.24
CA ILE C 735 3.94 77.83 30.79
C ILE C 735 3.01 76.86 31.50
N GLN C 736 2.10 76.25 30.74
CA GLN C 736 1.11 75.33 31.27
C GLN C 736 1.33 73.95 30.68
N VAL C 737 1.26 72.93 31.53
CA VAL C 737 1.48 71.56 31.11
C VAL C 737 0.15 70.84 31.03
N SER C 738 0.06 69.87 30.13
CA SER C 738 -1.11 69.01 30.05
C SER C 738 -0.84 67.78 30.92
N PRO C 739 -1.45 67.67 32.10
CA PRO C 739 -1.07 66.57 33.00
C PRO C 739 -1.41 65.20 32.45
N LEU C 740 -2.56 65.06 31.79
CA LEU C 740 -2.99 63.76 31.28
C LEU C 740 -2.25 63.35 30.02
N ASP C 741 -1.56 64.29 29.36
CA ASP C 741 -0.81 63.99 28.15
C ASP C 741 0.70 63.90 28.38
N CYS C 742 1.20 64.42 29.49
CA CYS C 742 2.63 64.30 29.79
C CYS C 742 2.99 62.86 30.11
N THR C 743 4.21 62.48 29.77
CA THR C 743 4.69 61.13 30.01
C THR C 743 5.63 61.03 31.20
N GLY C 744 6.00 62.16 31.80
CA GLY C 744 6.89 62.13 32.94
C GLY C 744 8.33 61.80 32.61
N CYS C 745 8.74 62.01 31.36
CA CYS C 745 10.09 61.65 30.98
C CYS C 745 11.10 62.54 31.67
N GLY C 746 10.76 63.81 31.87
CA GLY C 746 11.64 64.73 32.56
C GLY C 746 12.63 65.46 31.69
N ASN C 747 12.47 65.42 30.37
CA ASN C 747 13.44 66.10 29.51
C ASN C 747 13.37 67.61 29.70
N CYS C 748 12.19 68.16 29.91
CA CYS C 748 12.07 69.61 30.00
C CYS C 748 12.80 70.17 31.22
N ALA C 749 12.84 69.42 32.31
CA ALA C 749 13.59 69.88 33.48
C ALA C 749 15.09 69.89 33.20
N ASP C 750 15.57 69.00 32.34
CA ASP C 750 16.99 68.94 32.04
C ASP C 750 17.41 70.05 31.08
N VAL C 751 16.53 70.45 30.16
CA VAL C 751 16.87 71.45 29.16
C VAL C 751 16.72 72.89 29.69
N CYS C 752 15.96 73.08 30.77
CA CYS C 752 15.72 74.40 31.34
C CYS C 752 17.01 75.12 31.66
N PRO C 753 17.33 76.19 30.94
CA PRO C 753 18.60 76.89 31.14
C PRO C 753 18.52 78.01 32.16
N ALA C 754 17.42 78.11 32.91
CA ALA C 754 17.27 79.18 33.88
C ALA C 754 18.30 79.04 35.00
N LYS C 755 18.57 80.16 35.67
CA LYS C 755 19.51 80.15 36.79
C LYS C 755 19.08 79.15 37.86
N VAL C 756 17.88 79.35 38.42
CA VAL C 756 17.25 78.37 39.29
C VAL C 756 16.24 77.60 38.45
N LYS C 757 16.22 76.27 38.62
CA LYS C 757 15.33 75.44 37.81
C LYS C 757 13.89 75.87 38.02
N ALA C 758 13.23 76.26 36.92
CA ALA C 758 11.83 76.67 36.95
C ALA C 758 10.88 75.49 36.80
N LEU C 759 11.41 74.28 36.63
CA LEU C 759 10.59 73.07 36.55
C LEU C 759 11.16 72.02 37.49
N THR C 760 10.30 71.50 38.36
CA THR C 760 10.67 70.46 39.31
C THR C 760 9.65 69.34 39.21
N MET C 761 10.13 68.09 39.21
CA MET C 761 9.27 66.93 39.04
C MET C 761 8.51 66.62 40.34
N VAL C 762 7.19 66.76 40.29
CA VAL C 762 6.33 66.49 41.44
C VAL C 762 5.38 65.35 41.08
N PRO C 763 4.94 64.55 42.03
CA PRO C 763 4.02 63.45 41.69
C PRO C 763 2.74 63.98 41.07
N LEU C 764 2.17 63.18 40.17
CA LEU C 764 0.98 63.59 39.44
C LEU C 764 -0.19 63.84 40.39
N GLU C 765 -0.39 62.94 41.36
CA GLU C 765 -1.58 62.99 42.21
C GLU C 765 -1.69 64.29 43.00
N GLU C 766 -0.57 64.94 43.30
CA GLU C 766 -0.61 66.15 44.11
C GLU C 766 -1.12 67.36 43.35
N VAL C 767 -0.81 67.48 42.06
CA VAL C 767 -1.15 68.65 41.27
C VAL C 767 -2.06 68.33 40.10
N THR C 768 -2.59 67.10 40.03
CA THR C 768 -3.42 66.74 38.88
C THR C 768 -4.72 67.53 38.85
N ALA C 769 -5.39 67.66 40.01
CA ALA C 769 -6.63 68.45 40.05
C ALA C 769 -6.34 69.91 39.75
N VAL C 770 -5.20 70.42 40.22
CA VAL C 770 -4.85 71.82 39.98
C VAL C 770 -4.49 72.05 38.52
N GLU C 771 -3.55 71.26 38.00
CA GLU C 771 -3.06 71.50 36.64
C GLU C 771 -4.10 71.17 35.57
N GLU C 772 -5.07 70.31 35.87
CA GLU C 772 -6.14 70.04 34.90
C GLU C 772 -7.00 71.27 34.70
N ALA C 773 -7.41 71.92 35.80
CA ALA C 773 -8.18 73.15 35.68
C ALA C 773 -7.36 74.25 35.04
N ASN C 774 -6.06 74.28 35.29
CA ASN C 774 -5.18 75.25 34.65
C ASN C 774 -5.10 75.01 33.14
N TYR C 775 -4.90 73.76 32.75
CA TYR C 775 -4.78 73.44 31.33
C TYR C 775 -6.10 73.67 30.61
N ASN C 776 -7.23 73.32 31.23
CA ASN C 776 -8.51 73.50 30.59
C ASN C 776 -8.82 74.96 30.29
N PHE C 777 -8.31 75.88 31.11
CA PHE C 777 -8.48 77.29 30.80
C PHE C 777 -7.45 77.77 29.78
N ALA C 778 -6.21 77.29 29.89
CA ALA C 778 -5.15 77.70 28.95
C ALA C 778 -5.45 77.20 27.55
N GLU C 779 -6.01 76.00 27.43
CA GLU C 779 -6.33 75.46 26.12
C GLU C 779 -7.49 76.22 25.48
N GLN C 780 -8.39 76.75 26.29
CA GLN C 780 -9.52 77.55 25.82
C GLN C 780 -9.18 79.02 25.64
N LEU C 781 -7.92 79.40 25.79
CA LEU C 781 -7.52 80.78 25.59
C LEU C 781 -7.61 81.14 24.10
N PRO C 782 -8.04 82.37 23.77
CA PRO C 782 -8.17 82.75 22.36
C PRO C 782 -6.82 82.88 21.67
N GLU C 783 -6.88 82.88 20.34
CA GLU C 783 -5.68 83.01 19.53
C GLU C 783 -5.06 84.39 19.71
N VAL C 784 -3.74 84.43 19.67
CA VAL C 784 -2.98 85.67 19.83
C VAL C 784 -2.08 85.80 18.61
N LYS C 785 -2.33 86.82 17.79
CA LYS C 785 -1.47 87.10 16.65
C LYS C 785 -0.19 87.77 17.16
N VAL C 786 0.94 87.12 16.92
CA VAL C 786 2.24 87.60 17.38
C VAL C 786 3.22 87.59 16.22
N ASN C 787 4.09 88.61 16.19
CA ASN C 787 5.05 88.79 15.10
C ASN C 787 6.46 88.37 15.49
N PHE C 788 6.60 87.42 16.42
CA PHE C 788 7.91 86.91 16.76
C PHE C 788 8.52 86.15 15.60
N ASN C 789 9.82 86.32 15.42
CA ASN C 789 10.53 85.70 14.31
C ASN C 789 10.52 84.19 14.47
N PRO C 790 9.93 83.42 13.53
CA PRO C 790 9.95 81.97 13.65
C PRO C 790 11.33 81.35 13.47
N ALA C 791 12.33 82.11 13.02
CA ALA C 791 13.68 81.60 12.81
C ALA C 791 14.47 81.43 14.11
N THR C 792 13.95 81.90 15.23
CA THR C 792 14.59 81.75 16.53
C THR C 792 13.97 80.58 17.30
N VAL C 793 14.69 80.14 18.33
CA VAL C 793 14.22 79.03 19.15
C VAL C 793 12.96 79.40 19.91
N LYS C 794 12.97 80.58 20.55
CA LYS C 794 11.80 81.01 21.32
C LYS C 794 10.60 81.26 20.42
N GLY C 795 10.82 81.87 19.24
CA GLY C 795 9.72 82.22 18.36
C GLY C 795 9.02 81.02 17.76
N SER C 796 9.74 79.92 17.55
CA SER C 796 9.15 78.74 16.93
C SER C 796 8.10 78.09 17.82
N GLN C 797 8.26 78.19 19.15
CA GLN C 797 7.32 77.54 20.05
C GLN C 797 6.01 78.30 20.23
N PHE C 798 5.91 79.53 19.75
CA PHE C 798 4.63 80.24 19.74
C PHE C 798 3.72 79.82 18.59
N ARG C 799 4.23 79.08 17.61
CA ARG C 799 3.37 78.47 16.59
C ARG C 799 2.71 77.22 17.17
N GLN C 800 1.47 76.99 16.76
CA GLN C 800 0.72 75.86 17.28
C GLN C 800 1.35 74.57 16.77
N PRO C 801 1.68 73.62 17.66
CA PRO C 801 2.21 72.33 17.19
C PRO C 801 1.10 71.50 16.53
N LEU C 802 1.41 70.92 15.38
CA LEU C 802 0.47 70.06 14.66
C LEU C 802 0.84 68.58 14.78
N LEU C 803 1.69 68.23 15.73
CA LEU C 803 1.97 66.82 16.05
C LEU C 803 2.01 66.71 17.57
N GLU C 804 0.98 66.09 18.14
CA GLU C 804 0.78 66.09 19.58
C GLU C 804 0.26 64.73 20.04
N PHE C 805 0.72 64.30 21.22
CA PHE C 805 0.14 63.15 21.91
C PHE C 805 0.33 61.87 21.12
N SER C 806 1.50 61.70 20.51
CA SER C 806 1.77 60.51 19.72
C SER C 806 2.00 59.30 20.62
N GLY C 807 2.16 58.14 19.99
CA GLY C 807 2.44 56.91 20.68
C GLY C 807 3.91 56.59 20.89
N ALA C 808 4.79 57.57 20.68
CA ALA C 808 6.22 57.36 20.86
C ALA C 808 6.58 57.15 22.33
N CYS C 809 7.78 56.62 22.56
CA CYS C 809 8.24 56.35 23.91
C CYS C 809 8.40 57.65 24.69
N ALA C 810 8.52 57.52 26.01
CA ALA C 810 8.81 58.68 26.84
C ALA C 810 10.20 59.20 26.52
N GLY C 811 10.28 60.46 26.12
CA GLY C 811 11.56 61.04 25.78
C GLY C 811 12.12 60.68 24.43
N CYS C 812 11.28 60.27 23.49
CA CYS C 812 11.76 59.88 22.17
C CYS C 812 12.43 61.05 21.48
N GLY C 813 13.54 60.76 20.78
CA GLY C 813 14.30 61.76 20.07
C GLY C 813 13.82 62.06 18.68
N GLU C 814 12.74 61.42 18.21
CA GLU C 814 12.25 61.63 16.87
C GLU C 814 11.16 62.69 16.79
N THR C 815 10.15 62.59 17.66
CA THR C 815 9.00 63.50 17.56
C THR C 815 9.31 64.99 17.72
N PRO C 816 10.29 65.43 18.52
CA PRO C 816 10.59 66.87 18.56
C PRO C 816 11.00 67.44 17.22
N TYR C 817 11.68 66.67 16.37
CA TYR C 817 12.04 67.17 15.04
C TYR C 817 10.80 67.42 14.20
N VAL C 818 9.92 66.43 14.11
CA VAL C 818 8.74 66.55 13.26
C VAL C 818 7.78 67.62 13.79
N LYS C 819 7.62 67.71 15.12
CA LYS C 819 6.78 68.77 15.68
C LYS C 819 7.31 70.15 15.32
N LEU C 820 8.64 70.31 15.33
CA LEU C 820 9.22 71.60 14.97
C LEU C 820 8.97 71.91 13.50
N VAL C 821 8.99 70.89 12.63
CA VAL C 821 8.69 71.11 11.22
C VAL C 821 7.23 71.52 11.03
N THR C 822 6.31 70.88 11.77
CA THR C 822 4.90 71.25 11.68
C THR C 822 4.63 72.64 12.25
N GLN C 823 5.46 73.11 13.19
CA GLN C 823 5.31 74.47 13.67
C GLN C 823 5.81 75.49 12.66
N LEU C 824 6.68 75.07 11.73
CA LEU C 824 7.21 75.96 10.69
C LEU C 824 6.37 75.90 9.41
N PHE C 825 6.06 74.69 8.94
CA PHE C 825 5.45 74.51 7.63
C PHE C 825 4.17 73.68 7.66
N GLY C 826 3.64 73.37 8.85
CA GLY C 826 2.47 72.51 8.95
C GLY C 826 1.23 73.06 8.27
N ASP C 827 1.15 74.37 8.08
CA ASP C 827 -0.01 74.96 7.43
C ASP C 827 -0.19 74.45 6.01
N ARG C 828 0.89 74.02 5.36
CA ARG C 828 0.83 73.77 3.92
C ARG C 828 1.68 72.57 3.50
N MET C 829 1.85 71.57 4.35
CA MET C 829 2.72 70.45 4.02
C MET C 829 1.96 69.14 3.90
N ILE C 830 2.50 68.25 3.06
CA ILE C 830 2.00 66.89 2.87
C ILE C 830 3.14 65.94 3.21
N ILE C 831 2.83 64.90 3.99
CA ILE C 831 3.83 64.01 4.58
C ILE C 831 3.76 62.64 3.93
N ALA C 832 4.90 62.15 3.43
CA ALA C 832 5.07 60.78 2.96
C ALA C 832 5.99 60.07 3.94
N ASN C 833 5.42 59.17 4.74
CA ASN C 833 6.11 58.57 5.87
C ASN C 833 6.44 57.11 5.58
N ALA C 834 7.71 56.75 5.75
CA ALA C 834 8.16 55.38 5.58
C ALA C 834 7.69 54.51 6.74
N THR C 835 7.65 53.20 6.49
CA THR C 835 7.34 52.26 7.56
C THR C 835 8.45 52.26 8.60
N GLY C 836 8.06 52.23 9.86
CA GLY C 836 9.01 52.29 10.96
C GLY C 836 8.36 52.88 12.18
N CYS C 837 9.20 53.25 13.15
CA CYS C 837 8.70 53.88 14.36
C CYS C 837 7.87 55.12 14.03
N SER C 838 8.39 55.97 13.13
CA SER C 838 7.68 57.18 12.76
C SER C 838 6.30 56.89 12.16
N SER C 839 6.11 55.70 11.59
CA SER C 839 4.80 55.29 11.11
C SER C 839 3.98 54.59 12.19
N ILE C 840 4.62 54.08 13.24
CA ILE C 840 3.89 53.42 14.32
C ILE C 840 3.30 54.45 15.27
N TRP C 841 4.12 55.41 15.74
CA TRP C 841 3.55 56.48 16.55
C TRP C 841 2.86 57.55 15.71
N GLY C 842 3.14 57.60 14.41
CA GLY C 842 2.54 58.60 13.55
C GLY C 842 1.25 58.14 12.90
N GLY C 843 1.09 56.83 12.75
CA GLY C 843 -0.07 56.31 12.06
C GLY C 843 -0.53 54.91 12.46
N SER C 844 -0.79 54.71 13.74
CA SER C 844 -1.43 53.50 14.24
C SER C 844 -2.88 53.83 14.55
N ALA C 845 -3.80 53.15 13.87
CA ALA C 845 -5.21 53.36 14.11
C ALA C 845 -5.53 53.05 15.58
N PRO C 846 -6.51 53.73 16.17
CA PRO C 846 -7.36 54.76 15.56
C PRO C 846 -6.91 56.17 15.91
N ALA C 847 -5.74 56.30 16.52
CA ALA C 847 -5.26 57.57 17.04
C ALA C 847 -4.32 58.22 16.03
N CYS C 848 -4.55 59.51 15.75
CA CYS C 848 -3.73 60.28 14.84
C CYS C 848 -3.08 61.43 15.60
N PRO C 849 -1.75 61.47 15.70
CA PRO C 849 -1.12 62.58 16.44
C PRO C 849 -1.08 63.88 15.67
N TYR C 850 -1.18 63.84 14.35
CA TYR C 850 -1.19 65.04 13.55
C TYR C 850 -2.58 65.68 13.58
N THR C 851 -2.62 66.99 13.82
CA THR C 851 -3.85 67.75 13.99
C THR C 851 -3.80 68.99 13.09
N VAL C 852 -4.82 69.84 13.20
CA VAL C 852 -4.95 71.02 12.37
C VAL C 852 -4.89 72.26 13.26
N ASN C 853 -4.71 73.42 12.62
CA ASN C 853 -4.71 74.70 13.34
C ASN C 853 -6.14 75.27 13.41
N ARG C 854 -6.25 76.55 13.80
CA ARG C 854 -7.57 77.15 13.95
C ARG C 854 -8.28 77.33 12.61
N GLN C 855 -7.51 77.50 11.54
CA GLN C 855 -8.10 77.65 10.20
C GLN C 855 -8.52 76.33 9.59
N GLY C 856 -8.22 75.21 10.25
CA GLY C 856 -8.54 73.91 9.72
C GLY C 856 -7.50 73.31 8.82
N HIS C 857 -6.32 73.93 8.71
CA HIS C 857 -5.25 73.45 7.86
C HIS C 857 -4.20 72.73 8.70
N GLY C 858 -3.64 71.65 8.15
CA GLY C 858 -2.66 70.86 8.86
C GLY C 858 -2.03 69.80 7.96
N PRO C 859 -1.01 69.12 8.47
CA PRO C 859 -0.28 68.16 7.63
C PRO C 859 -1.18 67.00 7.20
N ALA C 860 -1.14 66.70 5.91
CA ALA C 860 -1.75 65.48 5.37
C ALA C 860 -0.69 64.40 5.40
N TRP C 861 -1.08 63.22 5.90
CA TRP C 861 -0.12 62.17 6.22
C TRP C 861 -0.46 60.91 5.44
N ALA C 862 0.56 60.28 4.87
CA ALA C 862 0.37 59.05 4.11
C ALA C 862 1.60 58.18 4.25
N SER C 863 1.38 56.87 4.39
CA SER C 863 2.44 55.88 4.42
C SER C 863 2.15 54.81 3.38
N SER C 864 3.11 54.57 2.48
CA SER C 864 2.95 53.53 1.48
C SER C 864 3.59 52.23 1.93
N LEU C 865 4.86 52.03 1.59
CA LEU C 865 5.59 50.84 1.96
C LEU C 865 6.93 51.24 2.56
N PHE C 866 7.71 50.23 2.95
CA PHE C 866 9.00 50.50 3.56
C PHE C 866 10.05 50.90 2.53
N GLU C 867 10.01 50.28 1.34
CA GLU C 867 11.09 50.41 0.36
C GLU C 867 10.86 51.53 -0.65
N ASP C 868 9.66 52.08 -0.73
CA ASP C 868 9.31 53.01 -1.80
C ASP C 868 9.03 54.43 -1.30
N ASN C 869 9.48 54.76 -0.08
CA ASN C 869 9.03 56.01 0.53
C ASN C 869 9.52 57.24 -0.22
N ALA C 870 10.76 57.20 -0.72
CA ALA C 870 11.27 58.35 -1.45
C ALA C 870 10.46 58.59 -2.71
N GLU C 871 10.25 57.54 -3.50
CA GLU C 871 9.43 57.64 -4.71
C GLU C 871 7.98 57.97 -4.39
N PHE C 872 7.50 57.55 -3.23
CA PHE C 872 6.13 57.87 -2.81
C PHE C 872 5.95 59.38 -2.70
N GLY C 873 6.84 60.05 -1.97
CA GLY C 873 6.78 61.51 -1.87
C GLY C 873 7.17 62.20 -3.16
N TYR C 874 8.08 61.60 -3.92
CA TYR C 874 8.43 62.14 -5.23
C TYR C 874 7.20 62.22 -6.14
N GLY C 875 6.38 61.17 -6.15
CA GLY C 875 5.16 61.20 -6.94
C GLY C 875 4.18 62.27 -6.48
N MET C 876 4.11 62.53 -5.18
CA MET C 876 3.25 63.60 -4.68
C MET C 876 3.70 64.96 -5.20
N ALA C 877 5.00 65.19 -5.24
CA ALA C 877 5.52 66.47 -5.72
C ALA C 877 5.10 66.72 -7.16
N LEU C 878 5.16 65.68 -8.00
CA LEU C 878 4.72 65.81 -9.38
C LEU C 878 3.24 66.16 -9.47
N ALA C 879 2.41 65.55 -8.61
CA ALA C 879 0.97 65.77 -8.67
C ALA C 879 0.60 67.20 -8.30
N VAL C 880 1.20 67.73 -7.22
CA VAL C 880 0.90 69.10 -6.82
C VAL C 880 1.32 70.08 -7.91
N ALA C 881 2.45 69.81 -8.57
CA ALA C 881 2.86 70.61 -9.72
C ALA C 881 1.80 70.56 -10.81
N LYS C 882 1.19 69.39 -11.02
CA LYS C 882 0.08 69.27 -11.96
C LYS C 882 -1.13 70.06 -11.49
N ARG C 883 -1.42 70.03 -10.18
CA ARG C 883 -2.55 70.77 -9.65
C ARG C 883 -2.32 72.28 -9.68
N GLN C 884 -1.06 72.70 -9.47
CA GLN C 884 -0.76 74.13 -9.57
C GLN C 884 -0.79 74.61 -11.01
N ASP C 885 -0.39 73.76 -11.96
CA ASP C 885 -0.41 74.16 -13.35
C ASP C 885 -1.85 74.31 -13.84
N GLU C 886 -2.76 73.43 -13.39
CA GLU C 886 -4.16 73.56 -13.75
C GLU C 886 -4.77 74.82 -13.13
N LEU C 887 -4.40 75.15 -11.90
CA LEU C 887 -4.91 76.36 -11.28
C LEU C 887 -4.30 77.60 -11.92
N ALA C 888 -2.99 77.59 -12.16
CA ALA C 888 -2.35 78.73 -12.81
C ALA C 888 -2.88 78.95 -14.22
N THR C 889 -3.28 77.87 -14.90
CA THR C 889 -3.86 78.00 -16.23
C THR C 889 -5.22 78.68 -16.17
N ALA C 890 -6.05 78.32 -15.18
CA ALA C 890 -7.35 78.98 -15.04
C ALA C 890 -7.20 80.42 -14.60
N ILE C 891 -6.14 80.73 -13.84
CA ILE C 891 -5.91 82.10 -13.40
C ILE C 891 -5.40 82.98 -14.56
N SER C 892 -4.52 82.42 -15.41
CA SER C 892 -4.05 83.17 -16.56
C SER C 892 -5.20 83.48 -17.52
N LYS C 893 -6.19 82.58 -17.62
CA LYS C 893 -7.39 82.85 -18.40
C LYS C 893 -8.26 83.92 -17.75
N ALA C 894 -8.23 84.03 -16.41
CA ALA C 894 -9.03 85.02 -15.72
C ALA C 894 -8.56 86.45 -15.97
N LEU C 895 -7.30 86.64 -16.34
CA LEU C 895 -6.79 87.97 -16.64
C LEU C 895 -7.56 88.61 -17.80
N GLU C 896 -8.00 87.80 -18.76
CA GLU C 896 -8.74 88.27 -19.92
C GLU C 896 -10.25 88.34 -19.70
N ALA C 897 -10.72 88.03 -18.49
CA ALA C 897 -12.16 88.00 -18.21
C ALA C 897 -12.60 89.31 -17.57
N PRO C 898 -13.87 89.69 -17.75
CA PRO C 898 -14.37 90.93 -17.12
C PRO C 898 -14.55 90.81 -15.61
N VAL C 899 -13.47 91.04 -14.86
CA VAL C 899 -13.49 91.01 -13.40
C VAL C 899 -12.94 92.34 -12.89
N SER C 900 -13.11 92.54 -11.58
CA SER C 900 -12.69 93.80 -10.96
C SER C 900 -11.18 93.98 -11.04
N ALA C 901 -10.75 95.25 -11.08
CA ALA C 901 -9.33 95.56 -11.15
C ALA C 901 -8.58 95.11 -9.91
N ALA C 902 -9.22 95.16 -8.74
CA ALA C 902 -8.59 94.65 -7.52
C ALA C 902 -8.38 93.14 -7.59
N PHE C 903 -9.28 92.43 -8.28
CA PHE C 903 -9.10 90.99 -8.45
C PHE C 903 -7.92 90.69 -9.36
N LYS C 904 -7.78 91.44 -10.46
CA LYS C 904 -6.66 91.24 -11.37
C LYS C 904 -5.32 91.59 -10.72
N ALA C 905 -5.29 92.57 -9.83
CA ALA C 905 -4.04 92.97 -9.19
C ALA C 905 -3.47 91.82 -8.36
N ALA C 906 -4.33 91.12 -7.62
CA ALA C 906 -3.86 89.97 -6.85
C ALA C 906 -3.49 88.78 -7.73
N CYS C 907 -4.20 88.60 -8.85
CA CYS C 907 -3.91 87.47 -9.73
C CYS C 907 -2.59 87.62 -10.46
N GLU C 908 -2.30 88.83 -10.97
CA GLU C 908 -1.02 89.05 -11.64
C GLU C 908 0.13 88.86 -10.67
N GLY C 909 -0.05 89.27 -9.42
CA GLY C 909 0.97 89.03 -8.42
C GLY C 909 1.14 87.57 -8.09
N TRP C 910 0.05 86.81 -8.13
CA TRP C 910 0.12 85.38 -7.82
C TRP C 910 0.85 84.62 -8.92
N LEU C 911 0.55 84.91 -10.18
CA LEU C 911 1.22 84.22 -11.28
C LEU C 911 2.73 84.47 -11.26
N ALA C 912 3.15 85.65 -10.81
CA ALA C 912 4.58 85.94 -10.70
C ALA C 912 5.21 85.26 -9.48
N GLY C 913 4.42 85.01 -8.44
CA GLY C 913 4.98 84.45 -7.22
C GLY C 913 4.31 83.18 -6.74
N LYS C 914 3.76 82.40 -7.68
CA LYS C 914 3.14 81.13 -7.29
C LYS C 914 4.15 80.13 -6.77
N ASP C 915 5.42 80.29 -7.10
CA ASP C 915 6.47 79.35 -6.70
C ASP C 915 7.24 79.82 -5.47
N ASP C 916 6.83 80.92 -4.85
CA ASP C 916 7.39 81.37 -3.59
C ASP C 916 6.35 81.22 -2.50
N ALA C 917 6.79 80.70 -1.34
CA ALA C 917 5.86 80.39 -0.27
C ALA C 917 5.11 81.62 0.21
N ASP C 918 5.82 82.73 0.39
CA ASP C 918 5.18 83.91 1.00
C ASP C 918 4.23 84.59 0.04
N ARG C 919 4.63 84.78 -1.23
CA ARG C 919 3.73 85.46 -2.17
C ARG C 919 2.52 84.61 -2.52
N SER C 920 2.68 83.28 -2.61
CA SER C 920 1.54 82.43 -2.94
C SER C 920 0.49 82.49 -1.85
N ARG C 921 0.91 82.56 -0.59
CA ARG C 921 -0.04 82.76 0.50
C ARG C 921 -0.57 84.20 0.50
N GLU C 922 0.31 85.16 0.22
CA GLU C 922 -0.10 86.57 0.24
C GLU C 922 -1.14 86.85 -0.83
N TYR C 923 -0.79 86.62 -2.10
CA TYR C 923 -1.73 86.86 -3.18
C TYR C 923 -2.85 85.83 -3.19
N GLY C 924 -2.58 84.61 -2.70
CA GLY C 924 -3.63 83.61 -2.64
C GLY C 924 -4.78 84.01 -1.72
N ASP C 925 -4.44 84.53 -0.53
CA ASP C 925 -5.48 84.99 0.39
C ASP C 925 -6.21 86.21 -0.15
N ARG C 926 -5.52 87.04 -0.94
CA ARG C 926 -6.20 88.13 -1.63
C ARG C 926 -7.23 87.59 -2.62
N ILE C 927 -6.89 86.52 -3.33
CA ILE C 927 -7.81 85.88 -4.26
C ILE C 927 -9.02 85.31 -3.52
N LYS C 928 -8.79 84.68 -2.37
CA LYS C 928 -9.90 84.10 -1.63
C LYS C 928 -10.89 85.14 -1.16
N ALA C 929 -10.42 86.33 -0.80
CA ALA C 929 -11.34 87.35 -0.28
C ALA C 929 -12.18 87.97 -1.39
N LEU C 930 -11.64 88.10 -2.60
CA LEU C 930 -12.36 88.70 -3.71
C LEU C 930 -13.17 87.70 -4.52
N LEU C 931 -12.94 86.39 -4.33
CA LEU C 931 -13.66 85.38 -5.10
C LEU C 931 -15.16 85.34 -4.84
N PRO C 932 -15.65 85.26 -3.60
CA PRO C 932 -17.11 85.17 -3.41
C PRO C 932 -17.88 86.36 -3.96
N GLY C 933 -17.36 87.58 -3.80
CA GLY C 933 -18.05 88.73 -4.35
C GLY C 933 -18.02 88.78 -5.87
N GLU C 934 -16.91 88.32 -6.47
CA GLU C 934 -16.82 88.32 -7.93
C GLU C 934 -17.75 87.29 -8.55
N ILE C 935 -17.97 86.15 -7.87
CA ILE C 935 -18.91 85.15 -8.37
C ILE C 935 -20.33 85.72 -8.37
N SER C 936 -20.66 86.52 -7.36
CA SER C 936 -21.99 87.12 -7.28
C SER C 936 -22.24 88.09 -8.44
N GLN C 937 -21.18 88.73 -8.94
CA GLN C 937 -21.30 89.70 -10.01
C GLN C 937 -21.18 89.08 -11.40
N ALA C 938 -21.05 87.76 -11.49
CA ALA C 938 -20.87 87.08 -12.77
C ALA C 938 -22.04 86.14 -13.05
N SER C 939 -22.15 85.74 -14.31
CA SER C 939 -23.17 84.81 -14.75
C SER C 939 -22.71 84.18 -16.05
N GLY C 940 -23.24 82.99 -16.35
CA GLY C 940 -22.88 82.34 -17.60
C GLY C 940 -21.48 81.78 -17.56
N GLU C 941 -20.74 81.98 -18.65
CA GLU C 941 -19.37 81.46 -18.73
C GLU C 941 -18.43 82.20 -17.79
N VAL C 942 -18.68 83.48 -17.53
CA VAL C 942 -17.82 84.22 -16.61
C VAL C 942 -17.94 83.66 -15.20
N LYS C 943 -19.15 83.31 -14.77
CA LYS C 943 -19.33 82.70 -13.46
C LYS C 943 -18.63 81.34 -13.39
N ASP C 944 -18.63 80.59 -14.49
CA ASP C 944 -17.99 79.29 -14.51
C ASP C 944 -16.48 79.41 -14.32
N LEU C 945 -15.86 80.46 -14.89
CA LEU C 945 -14.43 80.64 -14.75
C LEU C 945 -14.02 80.90 -13.30
N LEU C 946 -14.85 81.64 -12.54
CA LEU C 946 -14.54 81.85 -11.13
C LEU C 946 -14.83 80.61 -10.29
N LEU C 947 -15.85 79.82 -10.64
CA LEU C 947 -16.15 78.60 -9.88
C LEU C 947 -15.07 77.55 -10.01
N ASP C 948 -14.34 77.52 -11.14
CA ASP C 948 -13.24 76.57 -11.27
C ASP C 948 -12.03 76.97 -10.45
N ILE C 949 -11.80 78.29 -10.30
CA ILE C 949 -10.74 78.74 -9.41
C ILE C 949 -11.08 78.44 -7.96
N ASP C 950 -12.34 78.64 -7.57
CA ASP C 950 -12.76 78.37 -6.20
C ASP C 950 -12.66 76.88 -5.86
N ARG C 951 -12.89 76.00 -6.83
CA ARG C 951 -12.78 74.57 -6.58
C ARG C 951 -11.35 74.17 -6.27
N GLN C 952 -10.37 74.92 -6.79
CA GLN C 952 -8.96 74.61 -6.66
C GLN C 952 -8.20 75.58 -5.76
N LYS C 953 -8.91 76.37 -4.95
CA LYS C 953 -8.23 77.38 -4.14
C LYS C 953 -7.28 76.76 -3.13
N ASP C 954 -7.43 75.48 -2.82
CA ASP C 954 -6.54 74.79 -1.89
C ASP C 954 -5.17 74.47 -2.49
N TYR C 955 -4.91 74.92 -3.72
CA TYR C 955 -3.60 74.76 -4.35
C TYR C 955 -2.95 76.10 -4.68
N LEU C 956 -3.54 77.22 -4.25
CA LEU C 956 -2.93 78.53 -4.45
C LEU C 956 -1.61 78.63 -3.69
N THR C 957 -1.63 78.26 -2.41
CA THR C 957 -0.41 78.29 -1.60
C THR C 957 0.51 77.16 -2.05
N LYS C 958 1.77 77.49 -2.33
CA LYS C 958 2.71 76.47 -2.72
C LYS C 958 2.90 75.47 -1.58
N LYS C 959 2.93 74.19 -1.92
CA LYS C 959 3.05 73.14 -0.93
C LYS C 959 4.51 72.79 -0.68
N SER C 960 4.74 72.13 0.46
CA SER C 960 6.08 71.71 0.88
C SER C 960 6.01 70.21 1.20
N ILE C 961 6.55 69.39 0.31
CA ILE C 961 6.49 67.94 0.44
C ILE C 961 7.59 67.47 1.37
N TRP C 962 7.24 66.69 2.39
CA TRP C 962 8.20 66.18 3.37
C TRP C 962 8.19 64.66 3.33
N ILE C 963 9.37 64.07 3.12
CA ILE C 963 9.56 62.62 3.06
C ILE C 963 10.27 62.20 4.34
N ILE C 964 9.52 61.59 5.26
CA ILE C 964 10.02 61.26 6.59
C ILE C 964 10.21 59.76 6.72
N GLY C 965 11.35 59.36 7.28
CA GLY C 965 11.64 57.95 7.43
C GLY C 965 12.86 57.74 8.31
N GLY C 966 13.08 56.46 8.64
CA GLY C 966 14.16 56.08 9.52
C GLY C 966 15.46 55.78 8.80
N ASP C 967 16.48 55.40 9.58
CA ASP C 967 17.77 55.09 9.00
C ASP C 967 17.74 53.79 8.20
N GLY C 968 16.92 52.82 8.61
CA GLY C 968 16.84 51.58 7.85
C GLY C 968 16.29 51.79 6.45
N TRP C 969 15.30 52.68 6.32
CA TRP C 969 14.80 53.01 4.98
C TRP C 969 15.83 53.76 4.16
N ALA C 970 16.44 54.79 4.75
CA ALA C 970 17.32 55.66 3.98
C ALA C 970 18.65 54.99 3.67
N TYR C 971 19.17 54.16 4.59
CA TYR C 971 20.48 53.57 4.39
C TYR C 971 20.43 52.20 3.73
N ASP C 972 19.29 51.50 3.79
CA ASP C 972 19.23 50.12 3.30
C ASP C 972 18.21 49.89 2.20
N ILE C 973 16.98 49.52 2.58
CA ILE C 973 16.04 48.98 1.61
C ILE C 973 15.58 50.04 0.62
N GLY C 974 15.42 51.28 1.08
CA GLY C 974 14.98 52.37 0.23
C GLY C 974 16.08 53.28 -0.26
N TYR C 975 17.34 52.89 -0.12
CA TYR C 975 18.45 53.77 -0.50
C TYR C 975 18.50 53.99 -2.02
N GLY C 976 18.32 52.93 -2.80
CA GLY C 976 18.29 53.08 -4.24
C GLY C 976 17.19 54.04 -4.69
N GLY C 977 16.04 53.97 -4.03
CA GLY C 977 14.97 54.91 -4.34
C GLY C 977 15.27 56.31 -3.86
N LEU C 978 15.93 56.43 -2.70
CA LEU C 978 16.33 57.74 -2.21
C LEU C 978 17.37 58.38 -3.12
N ASP C 979 18.33 57.58 -3.58
CA ASP C 979 19.35 58.09 -4.50
C ASP C 979 18.70 58.65 -5.77
N HIS C 980 17.72 57.94 -6.33
CA HIS C 980 17.09 58.37 -7.57
C HIS C 980 16.27 59.63 -7.37
N VAL C 981 15.52 59.72 -6.27
CA VAL C 981 14.69 60.89 -6.04
C VAL C 981 15.57 62.12 -5.81
N LEU C 982 16.70 61.95 -5.14
CA LEU C 982 17.61 63.07 -4.95
C LEU C 982 18.25 63.52 -6.26
N ALA C 983 18.66 62.56 -7.11
CA ALA C 983 19.29 62.93 -8.37
C ALA C 983 18.31 63.60 -9.32
N SER C 984 17.01 63.42 -9.13
CA SER C 984 16.04 64.01 -10.05
C SER C 984 16.01 65.54 -9.96
N GLY C 985 16.29 66.09 -8.78
CA GLY C 985 16.24 67.52 -8.60
C GLY C 985 14.92 68.08 -8.14
N ALA C 986 13.95 67.23 -7.79
CA ALA C 986 12.64 67.70 -7.37
C ALA C 986 12.72 68.47 -6.06
N ASN C 987 11.76 69.37 -5.86
CA ASN C 987 11.67 70.19 -4.64
C ASN C 987 10.98 69.38 -3.55
N VAL C 988 11.73 68.45 -2.95
CA VAL C 988 11.25 67.63 -1.86
C VAL C 988 12.21 67.75 -0.68
N ASN C 989 11.68 67.50 0.51
CA ASN C 989 12.45 67.58 1.76
C ASN C 989 12.41 66.21 2.42
N VAL C 990 13.54 65.53 2.45
CA VAL C 990 13.66 64.21 3.06
C VAL C 990 14.27 64.38 4.44
N LEU C 991 13.60 63.83 5.45
CA LEU C 991 14.06 63.90 6.84
C LEU C 991 14.40 62.50 7.31
N VAL C 992 15.69 62.24 7.50
CA VAL C 992 16.18 60.95 7.94
C VAL C 992 16.39 61.02 9.45
N LEU C 993 15.57 60.28 10.19
CA LEU C 993 15.70 60.15 11.65
C LEU C 993 16.62 58.96 11.92
N ASP C 994 17.91 59.24 12.08
CA ASP C 994 18.91 58.19 12.20
C ASP C 994 18.99 57.75 13.67
N THR C 995 18.46 56.56 13.95
CA THR C 995 18.59 55.94 15.26
C THR C 995 19.69 54.89 15.30
N GLU C 996 20.38 54.66 14.20
CA GLU C 996 21.48 53.71 14.07
C GLU C 996 21.05 52.26 14.27
N VAL C 997 19.74 51.99 14.31
CA VAL C 997 19.17 50.65 14.45
C VAL C 997 17.78 50.64 13.86
N TYR C 998 17.20 49.44 13.74
CA TYR C 998 15.79 49.26 13.43
C TYR C 998 15.03 49.26 14.75
N SER C 999 14.57 50.45 15.18
CA SER C 999 14.05 50.58 16.53
C SER C 999 12.74 49.81 16.70
N ASN C 1000 11.83 49.90 15.73
CA ASN C 1000 10.50 49.32 15.90
C ASN C 1000 10.58 47.80 16.07
N THR C 1001 11.38 47.14 15.24
CA THR C 1001 11.44 45.68 15.27
C THR C 1001 12.35 45.14 16.36
N GLY C 1002 12.80 45.99 17.29
CA GLY C 1002 13.55 45.55 18.45
C GLY C 1002 14.98 46.04 18.54
N GLY C 1003 15.50 46.66 17.49
CA GLY C 1003 16.84 47.22 17.56
C GLY C 1003 17.87 46.38 16.83
N GLN C 1004 17.67 46.16 15.54
CA GLN C 1004 18.54 45.31 14.76
C GLN C 1004 19.58 46.12 14.01
N SER C 1005 20.59 45.41 13.49
CA SER C 1005 21.72 46.04 12.85
C SER C 1005 21.31 46.73 11.55
N SER C 1006 22.05 47.78 11.22
CA SER C 1006 21.81 48.58 10.03
C SER C 1006 23.17 49.05 9.51
N LYS C 1007 23.16 49.63 8.31
CA LYS C 1007 24.36 50.30 7.82
C LYS C 1007 24.65 51.57 8.59
N ALA C 1008 23.65 52.12 9.29
CA ALA C 1008 23.84 53.28 10.13
C ALA C 1008 24.44 52.94 11.49
N THR C 1009 24.51 51.66 11.85
CA THR C 1009 25.14 51.26 13.11
C THR C 1009 26.64 51.47 13.02
N GLN C 1010 27.22 52.02 14.10
CA GLN C 1010 28.62 52.35 14.12
C GLN C 1010 29.47 51.12 14.41
N THR C 1011 30.79 51.29 14.30
CA THR C 1011 31.71 50.21 14.63
C THR C 1011 31.64 49.91 16.11
N GLY C 1012 31.66 48.61 16.45
CA GLY C 1012 31.70 48.18 17.83
C GLY C 1012 30.39 48.17 18.56
N ALA C 1013 29.34 48.78 18.00
CA ALA C 1013 28.04 48.79 18.63
C ALA C 1013 27.41 47.39 18.57
N VAL C 1014 26.81 46.97 19.68
CA VAL C 1014 26.15 45.68 19.77
C VAL C 1014 24.65 45.89 19.63
N ALA C 1015 24.05 45.22 18.65
CA ALA C 1015 22.61 45.21 18.47
C ALA C 1015 22.23 43.83 17.97
N ARG C 1016 20.94 43.60 17.80
CA ARG C 1016 20.48 42.33 17.28
C ARG C 1016 20.99 42.14 15.85
N PHE C 1017 21.38 40.90 15.54
CA PHE C 1017 22.14 40.51 14.35
C PHE C 1017 23.60 40.93 14.43
N ALA C 1018 24.06 41.44 15.57
CA ALA C 1018 25.45 41.83 15.76
C ALA C 1018 25.89 41.51 17.20
N ALA C 1019 25.81 40.23 17.57
CA ALA C 1019 26.15 39.83 18.92
C ALA C 1019 27.63 40.07 19.20
N GLY C 1020 28.48 39.84 18.20
CA GLY C 1020 29.90 40.06 18.32
C GLY C 1020 30.37 41.45 17.96
N GLY C 1021 29.45 42.39 17.74
CA GLY C 1021 29.85 43.73 17.37
C GLY C 1021 30.01 43.89 15.87
N LYS C 1022 29.70 45.10 15.40
CA LYS C 1022 29.81 45.44 13.99
C LYS C 1022 31.26 45.79 13.65
N PHE C 1023 31.82 45.10 12.66
CA PHE C 1023 33.21 45.37 12.26
C PHE C 1023 33.32 46.55 11.30
N THR C 1024 32.54 46.53 10.22
CA THR C 1024 32.59 47.60 9.23
C THR C 1024 32.09 48.91 9.83
N LYS C 1025 32.62 50.02 9.32
CA LYS C 1025 32.28 51.31 9.89
C LYS C 1025 30.92 51.77 9.39
N LYS C 1026 30.44 52.87 9.96
CA LYS C 1026 29.13 53.39 9.59
C LYS C 1026 29.16 53.95 8.17
N LYS C 1027 28.15 53.62 7.39
CA LYS C 1027 28.04 54.15 6.04
C LYS C 1027 27.77 55.66 6.10
N ASP C 1028 28.51 56.42 5.28
CA ASP C 1028 28.39 57.88 5.26
C ASP C 1028 27.36 58.26 4.23
N LEU C 1029 26.10 58.33 4.66
CA LEU C 1029 25.01 58.69 3.74
C LEU C 1029 25.12 60.15 3.29
N GLY C 1030 25.46 61.06 4.20
CA GLY C 1030 25.55 62.46 3.82
C GLY C 1030 26.64 62.75 2.81
N LEU C 1031 27.75 62.00 2.89
CA LEU C 1031 28.87 62.22 1.97
C LEU C 1031 28.50 61.84 0.55
N MET C 1032 27.73 60.77 0.37
CA MET C 1032 27.36 60.34 -0.97
C MET C 1032 26.35 61.29 -1.60
N ALA C 1033 25.44 61.85 -0.80
CA ALA C 1033 24.43 62.76 -1.34
C ALA C 1033 25.04 64.10 -1.76
N MET C 1034 26.16 64.50 -1.15
CA MET C 1034 26.81 65.74 -1.54
C MET C 1034 27.48 65.65 -2.90
N SER C 1035 27.76 64.44 -3.39
CA SER C 1035 28.48 64.29 -4.66
C SER C 1035 27.70 64.85 -5.85
N TYR C 1036 26.37 64.95 -5.73
CA TYR C 1036 25.58 65.55 -6.79
C TYR C 1036 25.80 67.06 -6.89
N GLY C 1037 26.03 67.72 -5.76
CA GLY C 1037 26.27 69.14 -5.72
C GLY C 1037 25.01 69.99 -5.64
N TYR C 1038 23.89 69.50 -6.17
CA TYR C 1038 22.64 70.23 -6.16
C TYR C 1038 21.66 69.73 -5.10
N VAL C 1039 22.10 68.88 -4.18
CA VAL C 1039 21.24 68.37 -3.12
C VAL C 1039 21.67 69.01 -1.81
N TYR C 1040 20.73 69.64 -1.12
CA TYR C 1040 21.00 70.23 0.19
C TYR C 1040 21.15 69.10 1.20
N VAL C 1041 22.31 69.05 1.88
CA VAL C 1041 22.61 68.03 2.87
C VAL C 1041 22.97 68.72 4.17
N ALA C 1042 22.42 68.22 5.28
CA ALA C 1042 22.70 68.75 6.61
C ALA C 1042 22.59 67.64 7.64
N SER C 1043 23.49 67.67 8.63
CA SER C 1043 23.48 66.75 9.76
C SER C 1043 23.24 67.57 11.02
N VAL C 1044 22.15 67.26 11.74
CA VAL C 1044 21.71 68.04 12.89
C VAL C 1044 21.49 67.13 14.09
N ALA C 1045 21.41 67.75 15.26
CA ALA C 1045 21.15 67.04 16.51
C ALA C 1045 20.59 68.06 17.50
N MET C 1046 19.31 67.91 17.86
CA MET C 1046 18.65 68.93 18.67
C MET C 1046 19.30 69.09 20.03
N GLY C 1047 19.74 67.99 20.64
CA GLY C 1047 20.36 68.07 21.95
C GLY C 1047 21.65 68.86 21.99
N ALA C 1048 22.31 69.03 20.85
CA ALA C 1048 23.60 69.73 20.82
C ALA C 1048 23.44 71.24 20.68
N SER C 1049 22.64 71.70 19.72
CA SER C 1049 22.53 73.12 19.44
C SER C 1049 21.14 73.41 18.91
N HIS C 1050 20.34 74.15 19.68
CA HIS C 1050 19.02 74.54 19.22
C HIS C 1050 19.10 75.52 18.06
N SER C 1051 20.04 76.47 18.10
CA SER C 1051 20.13 77.47 17.06
C SER C 1051 20.62 76.87 15.74
N GLN C 1052 21.46 75.85 15.79
CA GLN C 1052 21.98 75.24 14.56
C GLN C 1052 20.88 74.51 13.80
N LEU C 1053 19.94 73.89 14.53
CA LEU C 1053 18.84 73.17 13.89
C LEU C 1053 17.88 74.12 13.18
N MET C 1054 17.63 75.29 13.78
CA MET C 1054 16.72 76.26 13.17
C MET C 1054 17.19 76.70 11.79
N LYS C 1055 18.50 76.95 11.64
CA LYS C 1055 19.02 77.42 10.36
C LYS C 1055 18.93 76.34 9.29
N ALA C 1056 19.19 75.08 9.64
CA ALA C 1056 19.22 74.02 8.65
C ALA C 1056 17.83 73.71 8.10
N LEU C 1057 16.80 73.72 8.95
CA LEU C 1057 15.45 73.38 8.51
C LEU C 1057 14.91 74.41 7.51
N ILE C 1058 15.09 75.70 7.78
CA ILE C 1058 14.55 76.73 6.90
C ILE C 1058 15.32 76.78 5.59
N GLU C 1059 16.65 76.65 5.65
CA GLU C 1059 17.46 76.67 4.43
C GLU C 1059 17.11 75.49 3.53
N ALA C 1060 16.79 74.34 4.12
CA ALA C 1060 16.46 73.17 3.32
C ALA C 1060 15.11 73.33 2.63
N GLU C 1061 14.15 73.94 3.31
CA GLU C 1061 12.81 74.07 2.73
C GLU C 1061 12.79 75.14 1.64
N LYS C 1062 13.49 76.26 1.85
CA LYS C 1062 13.49 77.34 0.86
C LYS C 1062 14.30 76.99 -0.38
N TYR C 1063 15.25 76.06 -0.27
CA TYR C 1063 16.04 75.66 -1.43
C TYR C 1063 15.14 74.99 -2.46
N ASP C 1064 15.13 75.53 -3.67
CA ASP C 1064 14.30 75.02 -4.76
C ASP C 1064 14.98 73.79 -5.36
N GLY C 1065 14.90 72.69 -4.62
CA GLY C 1065 15.52 71.45 -5.02
C GLY C 1065 15.45 70.41 -3.94
N PRO C 1066 16.17 69.30 -4.12
CA PRO C 1066 16.13 68.22 -3.13
C PRO C 1066 16.89 68.59 -1.87
N SER C 1067 16.32 68.25 -0.72
CA SER C 1067 16.91 68.54 0.57
C SER C 1067 16.98 67.26 1.39
N LEU C 1068 18.11 67.05 2.07
CA LEU C 1068 18.35 65.87 2.89
C LEU C 1068 18.78 66.31 4.27
N ILE C 1069 17.96 65.99 5.28
CA ILE C 1069 18.23 66.35 6.67
C ILE C 1069 18.44 65.05 7.45
N ILE C 1070 19.65 64.86 7.97
CA ILE C 1070 19.99 63.70 8.78
C ILE C 1070 19.96 64.16 10.23
N ALA C 1071 18.95 63.73 10.99
CA ALA C 1071 18.77 64.16 12.37
C ALA C 1071 19.11 63.01 13.31
N TYR C 1072 19.97 63.28 14.29
CA TYR C 1072 20.32 62.29 15.30
C TYR C 1072 19.17 62.18 16.31
N ALA C 1073 18.64 60.98 16.47
CA ALA C 1073 17.51 60.72 17.36
C ALA C 1073 17.91 59.72 18.44
N PRO C 1074 18.13 60.14 19.68
CA PRO C 1074 18.39 59.17 20.75
C PRO C 1074 17.20 58.24 20.90
N CYS C 1075 17.48 56.98 21.26
CA CYS C 1075 16.50 55.92 21.27
C CYS C 1075 16.72 55.02 22.48
N ILE C 1076 15.66 54.33 22.88
CA ILE C 1076 15.77 53.43 24.03
C ILE C 1076 16.69 52.26 23.71
N ASN C 1077 16.81 51.89 22.43
CA ASN C 1077 17.68 50.79 22.06
C ASN C 1077 19.14 51.11 22.27
N HIS C 1078 19.48 52.37 22.52
CA HIS C 1078 20.85 52.72 22.87
C HIS C 1078 21.19 52.30 24.29
N GLY C 1079 20.19 52.19 25.17
CA GLY C 1079 20.44 51.83 26.55
C GLY C 1079 20.89 53.01 27.40
N ILE C 1080 20.06 54.04 27.52
CA ILE C 1080 20.39 55.23 28.30
C ILE C 1080 19.16 55.64 29.11
N ASN C 1081 19.40 56.53 30.08
CA ASN C 1081 18.32 57.12 30.86
C ASN C 1081 17.67 58.19 29.99
N MET C 1082 16.41 57.95 29.59
CA MET C 1082 15.68 58.83 28.70
C MET C 1082 15.31 60.17 29.32
N THR C 1083 15.41 60.32 30.65
CA THR C 1083 15.20 61.61 31.27
C THR C 1083 16.18 62.63 30.72
N TYR C 1084 17.42 62.20 30.47
CA TYR C 1084 18.45 63.04 29.91
C TYR C 1084 18.71 62.65 28.45
N SER C 1085 17.64 62.48 27.68
CA SER C 1085 17.78 62.11 26.28
C SER C 1085 18.39 63.26 25.47
N GLN C 1086 17.97 64.49 25.75
CA GLN C 1086 18.58 65.65 25.10
C GLN C 1086 20.06 65.77 25.47
N ARG C 1087 20.39 65.52 26.75
CA ARG C 1087 21.77 65.62 27.19
C ARG C 1087 22.67 64.59 26.51
N GLU C 1088 22.13 63.41 26.20
CA GLU C 1088 22.95 62.41 25.53
C GLU C 1088 23.27 62.81 24.11
N ALA C 1089 22.38 63.58 23.45
CA ALA C 1089 22.67 64.08 22.12
C ALA C 1089 23.74 65.17 22.16
N LYS C 1090 23.80 65.95 23.24
CA LYS C 1090 24.88 66.91 23.41
C LYS C 1090 26.20 66.19 23.64
N LYS C 1091 26.17 65.11 24.44
CA LYS C 1091 27.38 64.32 24.67
C LYS C 1091 27.86 63.66 23.39
N ALA C 1092 26.95 63.35 22.48
CA ALA C 1092 27.32 62.74 21.21
C ALA C 1092 28.09 63.71 20.32
N VAL C 1093 27.63 64.96 20.24
CA VAL C 1093 28.30 65.95 19.41
C VAL C 1093 29.59 66.43 20.08
N GLU C 1094 29.58 66.58 21.40
CA GLU C 1094 30.76 67.03 22.12
C GLU C 1094 31.90 66.02 22.07
N ALA C 1095 31.61 64.75 21.80
CA ALA C 1095 32.61 63.71 21.73
C ALA C 1095 33.07 63.41 20.30
N GLY C 1096 32.64 64.21 19.33
CA GLY C 1096 33.03 63.98 17.95
C GLY C 1096 32.36 62.78 17.29
N TYR C 1097 31.28 62.27 17.89
CA TYR C 1097 30.62 61.08 17.38
C TYR C 1097 29.65 61.39 16.25
N TRP C 1098 29.01 62.56 16.29
CA TRP C 1098 28.02 62.96 15.29
C TRP C 1098 28.36 64.36 14.80
N PRO C 1099 28.48 64.58 13.49
CA PRO C 1099 28.86 65.90 12.99
C PRO C 1099 27.66 66.82 12.79
N LEU C 1100 27.96 68.12 12.81
CA LEU C 1100 26.98 69.18 12.54
C LEU C 1100 27.51 70.01 11.37
N TYR C 1101 26.84 69.91 10.22
CA TYR C 1101 27.23 70.66 9.04
C TYR C 1101 25.98 71.03 8.25
N ARG C 1102 26.17 71.92 7.28
CA ARG C 1102 25.11 72.33 6.35
C ARG C 1102 25.73 72.54 4.98
N TYR C 1103 25.25 71.79 3.98
CA TYR C 1103 25.72 71.91 2.61
C TYR C 1103 24.63 72.61 1.80
N ASN C 1104 24.87 73.86 1.44
CA ASN C 1104 23.88 74.66 0.74
C ASN C 1104 24.31 74.81 -0.72
N PRO C 1105 23.65 74.12 -1.66
CA PRO C 1105 24.06 74.25 -3.07
C PRO C 1105 23.89 75.65 -3.63
N GLN C 1106 22.97 76.44 -3.07
CA GLN C 1106 22.77 77.79 -3.57
C GLN C 1106 23.97 78.67 -3.27
N LEU C 1107 24.70 78.39 -2.19
CA LEU C 1107 25.92 79.12 -1.91
C LEU C 1107 27.02 78.84 -2.94
N ALA C 1108 27.00 77.64 -3.54
CA ALA C 1108 27.96 77.33 -4.60
C ALA C 1108 27.67 78.12 -5.86
N GLN C 1109 26.39 78.39 -6.15
CA GLN C 1109 26.02 79.19 -7.31
C GLN C 1109 26.45 80.65 -7.16
N GLU C 1110 26.65 81.12 -5.93
CA GLU C 1110 27.13 82.46 -5.66
C GLU C 1110 28.64 82.54 -5.56
N GLY C 1111 29.36 81.49 -5.98
CA GLY C 1111 30.81 81.48 -5.94
C GLY C 1111 31.42 81.18 -4.59
N LYS C 1112 30.61 80.84 -3.59
CA LYS C 1112 31.09 80.54 -2.25
C LYS C 1112 31.11 79.03 -2.02
N ASN C 1113 31.65 78.63 -0.87
CA ASN C 1113 31.73 77.22 -0.52
C ASN C 1113 30.36 76.73 -0.05
N PRO C 1114 29.80 75.69 -0.66
CA PRO C 1114 28.49 75.19 -0.20
C PRO C 1114 28.53 74.53 1.17
N PHE C 1115 29.68 74.00 1.58
CA PHE C 1115 29.80 73.23 2.82
C PHE C 1115 30.14 74.15 4.00
N ILE C 1116 29.33 74.12 5.04
CA ILE C 1116 29.56 74.87 6.27
C ILE C 1116 29.63 73.89 7.43
N LEU C 1117 30.77 73.86 8.12
CA LEU C 1117 30.95 73.02 9.30
C LEU C 1117 30.56 73.82 10.54
N ASP C 1118 29.45 73.43 11.16
CA ASP C 1118 28.91 74.18 12.29
C ASP C 1118 29.54 73.82 13.62
N TYR C 1119 30.28 72.71 13.70
CA TYR C 1119 31.00 72.34 14.91
C TYR C 1119 32.35 71.75 14.48
N LYS C 1120 33.43 72.50 14.70
CA LYS C 1120 34.74 72.12 14.18
C LYS C 1120 35.57 71.32 15.18
N THR C 1121 35.61 71.75 16.44
CA THR C 1121 36.51 71.14 17.42
C THR C 1121 35.72 70.41 18.52
N PRO C 1122 35.80 69.09 18.60
CA PRO C 1122 35.13 68.38 19.70
C PRO C 1122 35.91 68.52 21.00
N THR C 1123 35.16 68.54 22.10
CA THR C 1123 35.74 68.77 23.42
C THR C 1123 35.63 67.60 24.39
N ALA C 1124 34.79 66.61 24.13
CA ALA C 1124 34.59 65.49 25.05
C ALA C 1124 35.34 64.25 24.58
N SER C 1125 35.50 63.31 25.51
CA SER C 1125 36.20 62.06 25.22
C SER C 1125 35.30 61.11 24.45
N PHE C 1126 35.86 60.48 23.41
CA PHE C 1126 35.07 59.60 22.56
C PHE C 1126 34.75 58.28 23.27
N ARG C 1127 35.74 57.66 23.90
CA ARG C 1127 35.50 56.39 24.58
C ARG C 1127 34.62 56.55 25.82
N ASP C 1128 34.70 57.69 26.49
CA ASP C 1128 33.86 57.90 27.66
C ASP C 1128 32.38 58.01 27.30
N PHE C 1129 32.09 58.49 26.08
CA PHE C 1129 30.71 58.56 25.62
C PHE C 1129 30.14 57.17 25.34
N LEU C 1130 30.97 56.27 24.78
CA LEU C 1130 30.49 54.93 24.45
C LEU C 1130 30.15 54.14 25.71
N MET C 1131 30.94 54.30 26.77
CA MET C 1131 30.69 53.56 28.01
C MET C 1131 29.45 54.03 28.74
N GLY C 1132 28.86 55.15 28.35
CA GLY C 1132 27.62 55.64 28.92
C GLY C 1132 26.36 55.10 28.28
N GLU C 1133 26.49 54.19 27.31
CA GLU C 1133 25.37 53.58 26.61
C GLU C 1133 25.54 52.06 26.60
N ILE C 1134 24.44 51.35 26.88
CA ILE C 1134 24.52 49.90 27.03
C ILE C 1134 24.89 49.20 25.73
N ARG C 1135 24.50 49.78 24.58
CA ARG C 1135 24.75 49.14 23.28
C ARG C 1135 26.24 49.00 22.95
N TYR C 1136 27.13 49.67 23.68
CA TYR C 1136 28.56 49.49 23.50
C TYR C 1136 29.24 48.78 24.66
N THR C 1137 28.70 48.93 25.87
CA THR C 1137 29.30 48.27 27.03
C THR C 1137 29.04 46.77 27.01
N SER C 1138 27.95 46.33 26.39
CA SER C 1138 27.68 44.90 26.30
C SER C 1138 28.71 44.18 25.43
N LEU C 1139 29.42 44.91 24.57
CA LEU C 1139 30.50 44.30 23.80
C LEU C 1139 31.65 43.86 24.70
N LYS C 1140 31.91 44.61 25.78
CA LYS C 1140 32.99 44.26 26.70
C LYS C 1140 32.66 42.99 27.47
N LYS C 1141 31.38 42.64 27.58
CA LYS C 1141 31.01 41.41 28.27
C LYS C 1141 31.13 40.18 27.37
N GLN C 1142 30.84 40.35 26.07
CA GLN C 1142 30.93 39.24 25.13
C GLN C 1142 32.38 38.78 24.96
N PHE C 1143 33.23 39.66 24.46
CA PHE C 1143 34.64 39.35 24.30
C PHE C 1143 35.47 40.60 24.60
N PRO C 1144 36.14 40.66 25.76
CA PRO C 1144 36.91 41.87 26.09
C PRO C 1144 38.08 42.12 25.16
N GLU C 1145 38.75 41.06 24.70
CA GLU C 1145 39.84 41.21 23.72
C GLU C 1145 39.39 42.03 22.52
N LYS C 1146 38.35 41.56 21.82
CA LYS C 1146 37.91 42.24 20.62
C LYS C 1146 37.13 43.53 20.89
N ALA C 1147 36.66 43.73 22.13
CA ALA C 1147 35.92 44.94 22.44
C ALA C 1147 36.82 46.16 22.38
N GLU C 1148 37.99 46.08 23.00
CA GLU C 1148 38.96 47.16 22.89
C GLU C 1148 39.49 47.26 21.48
N GLN C 1149 39.54 46.14 20.75
CA GLN C 1149 39.98 46.16 19.36
C GLN C 1149 38.99 46.92 18.50
N LEU C 1150 37.68 46.74 18.74
CA LEU C 1150 36.67 47.49 17.99
C LEU C 1150 36.59 48.94 18.44
N PHE C 1151 36.81 49.21 19.73
CA PHE C 1151 36.85 50.58 20.22
C PHE C 1151 38.02 51.36 19.62
N ALA C 1152 39.15 50.68 19.39
CA ALA C 1152 40.31 51.35 18.81
C ALA C 1152 40.06 51.75 17.37
N LYS C 1153 39.37 50.92 16.60
CA LYS C 1153 39.02 51.28 15.22
C LYS C 1153 37.98 52.40 15.18
N ALA C 1154 37.02 52.38 16.11
CA ALA C 1154 35.98 53.40 16.12
C ALA C 1154 36.54 54.78 16.48
N GLU C 1155 37.48 54.83 17.41
CA GLU C 1155 38.03 56.13 17.81
C GLU C 1155 38.91 56.72 16.72
N ALA C 1156 39.66 55.87 16.00
CA ALA C 1156 40.48 56.35 14.90
C ALA C 1156 39.62 56.79 13.71
N ASP C 1157 38.50 56.11 13.47
CA ASP C 1157 37.63 56.47 12.36
C ASP C 1157 36.90 57.79 12.61
N ALA C 1158 36.58 58.10 13.87
CA ALA C 1158 35.91 59.36 14.15
C ALA C 1158 36.82 60.56 13.97
N LYS C 1159 38.12 60.40 14.27
CA LYS C 1159 39.07 61.50 14.06
C LYS C 1159 39.36 61.69 12.58
N ALA C 1160 39.44 60.61 11.82
CA ALA C 1160 39.69 60.72 10.38
C ALA C 1160 38.51 61.37 9.65
N ARG C 1161 37.30 61.17 10.15
CA ARG C 1161 36.13 61.81 9.53
C ARG C 1161 36.17 63.32 9.76
N LEU C 1162 36.62 63.76 10.93
CA LEU C 1162 36.72 65.19 11.21
C LEU C 1162 37.75 65.87 10.31
N GLU C 1163 38.88 65.20 10.06
CA GLU C 1163 39.88 65.76 9.15
C GLU C 1163 39.35 65.81 7.72
N GLN C 1164 38.44 64.91 7.36
CA GLN C 1164 37.86 64.96 6.01
C GLN C 1164 36.89 66.13 5.87
N TYR C 1165 36.11 66.42 6.91
CA TYR C 1165 35.21 67.57 6.87
C TYR C 1165 35.97 68.88 7.04
N LYS C 1166 37.11 68.86 7.73
CA LYS C 1166 37.92 70.06 7.86
C LYS C 1166 38.56 70.46 6.54
N LYS C 1167 38.94 69.48 5.70
CA LYS C 1167 39.52 69.80 4.41
C LYS C 1167 38.47 70.37 3.46
N LEU C 1168 37.24 69.86 3.51
CA LEU C 1168 36.17 70.36 2.66
C LEU C 1168 35.74 71.77 3.06
N ALA C 1169 35.87 72.13 4.33
CA ALA C 1169 35.48 73.47 4.78
C ALA C 1169 36.55 74.51 4.50
N GLU C 1170 37.83 74.12 4.56
CA GLU C 1170 38.97 75.01 4.29
C GLU C 1170 38.75 76.05 3.18
N PRO D 2 -10.05 57.59 -37.93
CA PRO D 2 -9.24 57.33 -39.13
C PRO D 2 -8.53 55.97 -39.03
N LYS D 3 -8.01 55.49 -40.15
CA LYS D 3 -7.29 54.22 -40.20
C LYS D 3 -5.80 54.49 -40.20
N GLN D 4 -5.09 53.82 -39.30
CA GLN D 4 -3.64 53.87 -39.25
C GLN D 4 -3.10 52.46 -39.03
N THR D 5 -1.85 52.26 -39.39
CA THR D 5 -1.17 50.98 -39.16
C THR D 5 -0.29 51.15 -37.93
N LEU D 6 -0.70 50.51 -36.84
CA LEU D 6 0.00 50.59 -35.56
C LEU D 6 0.22 49.18 -35.03
N ASP D 7 0.98 49.09 -33.95
CA ASP D 7 1.10 47.88 -33.17
C ASP D 7 0.38 48.04 -31.84
N GLY D 8 0.30 46.95 -31.08
CA GLY D 8 -0.35 47.00 -29.78
C GLY D 8 0.25 48.03 -28.85
N ASN D 9 1.58 48.15 -28.86
CA ASN D 9 2.25 49.11 -27.99
C ASN D 9 1.79 50.53 -28.31
N THR D 10 1.80 50.91 -29.59
CA THR D 10 1.40 52.26 -29.94
C THR D 10 -0.08 52.48 -29.62
N ALA D 11 -0.92 51.49 -29.88
CA ALA D 11 -2.34 51.62 -29.59
C ALA D 11 -2.58 51.84 -28.10
N ALA D 12 -1.82 51.14 -27.26
CA ALA D 12 -1.96 51.33 -25.81
C ALA D 12 -1.45 52.71 -25.40
N ALA D 13 -0.27 53.10 -25.88
CA ALA D 13 0.28 54.40 -25.54
C ALA D 13 -0.61 55.52 -26.03
N HIS D 14 -1.30 55.31 -27.14
CA HIS D 14 -2.23 56.31 -27.66
C HIS D 14 -3.30 56.63 -26.62
N VAL D 15 -3.92 55.61 -26.04
CA VAL D 15 -4.98 55.83 -25.07
C VAL D 15 -4.41 56.31 -23.75
N ALA D 16 -3.29 55.73 -23.31
CA ALA D 16 -2.69 56.11 -22.05
C ALA D 16 -2.29 57.58 -22.03
N TYR D 17 -1.74 58.08 -23.14
CA TYR D 17 -1.33 59.47 -23.18
C TYR D 17 -2.52 60.41 -23.00
N ALA D 18 -3.64 60.10 -23.63
CA ALA D 18 -4.80 60.99 -23.60
C ALA D 18 -5.43 61.07 -22.21
N MET D 19 -5.40 59.97 -21.45
CA MET D 19 -6.16 59.86 -20.23
C MET D 19 -5.32 60.14 -18.97
N SER D 20 -4.04 60.44 -19.11
CA SER D 20 -3.15 60.51 -17.97
C SER D 20 -2.44 61.86 -17.91
N GLU D 21 -2.11 62.26 -16.68
CA GLU D 21 -1.29 63.44 -16.39
C GLU D 21 0.16 63.08 -16.10
N VAL D 22 0.40 61.98 -15.40
CA VAL D 22 1.74 61.53 -15.05
C VAL D 22 1.91 60.11 -15.55
N ALA D 23 3.13 59.79 -15.99
CA ALA D 23 3.47 58.43 -16.42
C ALA D 23 4.89 58.15 -15.93
N THR D 24 5.00 57.35 -14.89
CA THR D 24 6.29 56.91 -14.37
C THR D 24 6.63 55.58 -15.00
N ILE D 25 7.81 55.50 -15.62
CA ILE D 25 8.15 54.37 -16.48
C ILE D 25 9.51 53.82 -16.12
N TYR D 26 9.78 52.60 -16.60
CA TYR D 26 11.08 51.98 -16.51
C TYR D 26 11.12 50.96 -17.65
N PRO D 27 12.21 50.88 -18.39
CA PRO D 27 12.20 50.09 -19.63
C PRO D 27 12.29 48.60 -19.37
N ILE D 28 11.48 47.84 -20.09
CA ILE D 28 11.59 46.38 -20.11
C ILE D 28 10.94 45.83 -21.38
N THR D 29 11.68 45.01 -22.10
CA THR D 29 11.13 44.37 -23.28
C THR D 29 9.98 43.46 -22.84
N PRO D 30 8.85 43.42 -23.59
CA PRO D 30 8.54 44.18 -24.79
C PRO D 30 7.62 45.35 -24.52
N SER D 31 7.64 45.88 -23.31
CA SER D 31 6.78 47.02 -22.98
C SER D 31 7.49 48.35 -23.18
N SER D 32 8.82 48.35 -23.30
CA SER D 32 9.53 49.63 -23.44
C SER D 32 9.17 50.41 -24.70
N PRO D 33 8.93 49.80 -25.87
CA PRO D 33 8.48 50.59 -27.02
C PRO D 33 7.21 51.38 -26.72
N MET D 34 6.35 50.87 -25.85
CA MET D 34 5.15 51.59 -25.47
C MET D 34 5.48 52.92 -24.79
N ALA D 35 6.44 52.89 -23.85
CA ALA D 35 6.82 54.11 -23.15
C ALA D 35 7.69 55.04 -24.00
N GLU D 36 8.44 54.49 -24.96
CA GLU D 36 9.32 55.31 -25.78
C GLU D 36 8.52 56.29 -26.63
N ILE D 37 7.47 55.80 -27.30
CA ILE D 37 6.68 56.66 -28.17
C ILE D 37 5.89 57.68 -27.36
N ALA D 38 5.52 57.36 -26.12
CA ALA D 38 4.87 58.35 -25.26
C ALA D 38 5.81 59.47 -24.89
N ASP D 39 7.11 59.18 -24.76
CA ASP D 39 8.08 60.22 -24.43
C ASP D 39 8.29 61.17 -25.60
N GLU D 40 8.36 60.65 -26.83
CA GLU D 40 8.55 61.52 -27.98
C GLU D 40 7.36 62.47 -28.15
N TRP D 41 6.14 61.97 -27.94
CA TRP D 41 4.96 62.81 -28.05
C TRP D 41 4.99 63.94 -27.02
N ALA D 42 5.39 63.64 -25.78
CA ALA D 42 5.50 64.68 -24.77
C ALA D 42 6.58 65.69 -25.13
N ALA D 43 7.71 65.21 -25.66
CA ALA D 43 8.77 66.12 -26.09
C ALA D 43 8.33 67.00 -27.24
N HIS D 44 7.39 66.51 -28.07
CA HIS D 44 6.86 67.27 -29.19
C HIS D 44 5.58 68.00 -28.84
N GLY D 45 5.18 67.98 -27.57
CA GLY D 45 4.08 68.81 -27.12
C GLY D 45 2.68 68.32 -27.38
N ARG D 46 2.47 67.01 -27.44
CA ARG D 46 1.12 66.48 -27.58
C ARG D 46 0.31 66.76 -26.32
N LYS D 47 -0.90 67.26 -26.48
CA LYS D 47 -1.80 67.56 -25.38
C LYS D 47 -2.75 66.39 -25.12
N ASN D 48 -3.03 66.14 -23.84
CA ASN D 48 -4.02 65.16 -23.41
C ASN D 48 -5.41 65.80 -23.42
N ILE D 49 -6.40 65.09 -22.87
CA ILE D 49 -7.77 65.62 -22.81
C ILE D 49 -7.88 66.72 -21.78
N PHE D 50 -6.80 66.98 -21.04
CA PHE D 50 -6.76 68.06 -20.07
C PHE D 50 -6.05 69.30 -20.61
N GLY D 51 -5.69 69.31 -21.89
CA GLY D 51 -5.04 70.44 -22.48
C GLY D 51 -3.57 70.59 -22.14
N LYS D 52 -2.98 69.62 -21.44
CA LYS D 52 -1.58 69.70 -21.04
C LYS D 52 -0.80 68.55 -21.65
N THR D 53 0.52 68.67 -21.61
CA THR D 53 1.39 67.60 -22.05
C THR D 53 1.58 66.60 -20.92
N LEU D 54 1.70 65.33 -21.29
CA LEU D 54 1.93 64.28 -20.30
C LEU D 54 3.34 64.44 -19.72
N GLN D 55 3.44 64.37 -18.40
CA GLN D 55 4.73 64.44 -17.72
C GLN D 55 5.22 63.01 -17.51
N VAL D 56 6.32 62.67 -18.17
CA VAL D 56 6.89 61.33 -18.11
C VAL D 56 8.13 61.37 -17.23
N ALA D 57 8.16 60.51 -16.23
CA ALA D 57 9.27 60.41 -15.28
C ALA D 57 9.82 59.00 -15.29
N GLU D 58 11.13 58.88 -15.52
CA GLU D 58 11.78 57.57 -15.48
C GLU D 58 12.35 57.38 -14.08
N MET D 59 12.12 56.20 -13.52
CA MET D 59 12.55 55.88 -12.16
C MET D 59 13.80 54.99 -12.22
N GLN D 60 14.24 54.54 -11.05
CA GLN D 60 15.40 53.66 -10.93
C GLN D 60 15.04 52.18 -11.05
N SER D 61 13.77 51.84 -10.89
CA SER D 61 13.29 50.47 -10.99
C SER D 61 11.77 50.52 -11.09
N GLU D 62 11.18 49.37 -11.40
CA GLU D 62 9.73 49.32 -11.48
C GLU D 62 9.09 49.50 -10.12
N ALA D 63 9.79 49.11 -9.05
CA ALA D 63 9.30 49.38 -7.71
C ALA D 63 9.18 50.87 -7.46
N GLY D 64 10.20 51.64 -7.87
CA GLY D 64 10.12 53.08 -7.71
C GLY D 64 8.98 53.67 -8.51
N ALA D 65 8.74 53.13 -9.70
CA ALA D 65 7.62 53.61 -10.52
C ALA D 65 6.29 53.37 -9.81
N ALA D 66 6.11 52.18 -9.26
CA ALA D 66 4.87 51.88 -8.55
C ALA D 66 4.72 52.78 -7.31
N GLY D 67 5.82 52.97 -6.57
CA GLY D 67 5.76 53.89 -5.44
C GLY D 67 5.45 55.30 -5.89
N ALA D 68 6.02 55.72 -7.03
CA ALA D 68 5.73 57.04 -7.58
C ALA D 68 4.29 57.15 -8.05
N VAL D 69 3.75 56.08 -8.65
CA VAL D 69 2.34 56.08 -9.04
C VAL D 69 1.46 56.31 -7.83
N HIS D 70 1.71 55.55 -6.75
CA HIS D 70 0.88 55.62 -5.56
C HIS D 70 0.86 57.03 -4.97
N GLY D 71 2.03 57.65 -4.83
CA GLY D 71 2.07 59.00 -4.28
C GLY D 71 1.35 59.99 -5.16
N SER D 72 1.53 59.88 -6.48
CA SER D 72 0.89 60.80 -7.40
C SER D 72 -0.63 60.68 -7.32
N LEU D 73 -1.14 59.46 -7.15
CA LEU D 73 -2.59 59.26 -7.02
C LEU D 73 -3.13 59.89 -5.75
N ALA D 74 -2.47 59.63 -4.62
CA ALA D 74 -2.93 60.17 -3.34
C ALA D 74 -2.83 61.69 -3.29
N ALA D 75 -2.01 62.29 -4.15
CA ALA D 75 -1.88 63.75 -4.18
C ALA D 75 -2.74 64.39 -5.26
N GLY D 76 -3.40 63.61 -6.11
CA GLY D 76 -4.43 64.12 -6.99
C GLY D 76 -4.14 64.21 -8.46
N ALA D 77 -3.23 63.36 -8.97
CA ALA D 77 -2.90 63.33 -10.38
C ALA D 77 -3.16 61.93 -10.93
N LEU D 78 -3.84 61.88 -12.08
CA LEU D 78 -4.04 60.62 -12.77
C LEU D 78 -2.73 60.13 -13.36
N THR D 79 -2.30 58.92 -12.98
CA THR D 79 -0.99 58.40 -13.33
C THR D 79 -1.13 56.99 -13.86
N THR D 80 -0.29 56.65 -14.85
CA THR D 80 -0.26 55.34 -15.46
C THR D 80 1.19 54.86 -15.52
N THR D 81 1.38 53.62 -15.97
CA THR D 81 2.73 53.11 -16.17
C THR D 81 2.66 51.92 -17.13
N PHE D 82 3.83 51.53 -17.62
CA PHE D 82 3.96 50.44 -18.58
C PHE D 82 5.07 49.52 -18.10
N THR D 83 4.79 48.22 -18.09
CA THR D 83 5.74 47.24 -17.57
C THR D 83 5.38 45.87 -18.12
N ALA D 84 6.10 44.85 -17.65
CA ALA D 84 5.94 43.47 -18.06
C ALA D 84 6.87 42.61 -17.22
N SER D 85 6.53 41.32 -17.10
CA SER D 85 7.44 40.26 -16.65
C SER D 85 8.08 40.66 -15.31
N GLN D 86 9.41 40.59 -15.19
CA GLN D 86 10.08 40.88 -13.93
C GLN D 86 9.71 42.26 -13.40
N GLY D 87 9.42 43.20 -14.30
CA GLY D 87 9.05 44.53 -13.87
C GLY D 87 7.72 44.55 -13.13
N LEU D 88 6.75 43.77 -13.61
CA LEU D 88 5.46 43.73 -12.92
C LEU D 88 5.61 43.14 -11.52
N LEU D 89 6.50 42.15 -11.36
CA LEU D 89 6.69 41.55 -10.05
C LEU D 89 7.15 42.60 -9.04
N LEU D 90 8.09 43.46 -9.42
CA LEU D 90 8.61 44.46 -8.49
C LEU D 90 7.56 45.49 -8.11
N MET D 91 6.48 45.61 -8.89
CA MET D 91 5.40 46.53 -8.58
C MET D 91 4.32 45.90 -7.70
N ILE D 92 4.37 44.58 -7.51
CA ILE D 92 3.30 43.90 -6.77
C ILE D 92 3.07 44.46 -5.37
N PRO D 93 4.10 44.68 -4.54
CA PRO D 93 3.83 45.26 -3.21
C PRO D 93 3.05 46.56 -3.23
N ASN D 94 3.37 47.48 -4.15
CA ASN D 94 2.63 48.72 -4.20
C ASN D 94 1.22 48.53 -4.75
N MET D 95 1.03 47.52 -5.60
CA MET D 95 -0.29 47.28 -6.16
C MET D 95 -1.30 46.95 -5.08
N TYR D 96 -0.88 46.21 -4.04
CA TYR D 96 -1.77 45.95 -2.91
C TYR D 96 -2.22 47.25 -2.27
N LYS D 97 -1.32 48.24 -2.18
CA LYS D 97 -1.68 49.51 -1.58
C LYS D 97 -2.62 50.31 -2.48
N ILE D 98 -2.34 50.35 -3.77
CA ILE D 98 -3.17 51.11 -4.69
C ILE D 98 -4.58 50.55 -4.74
N ALA D 99 -4.70 49.22 -4.78
CA ALA D 99 -6.03 48.60 -4.77
C ALA D 99 -6.70 48.75 -3.42
N GLY D 100 -5.94 48.60 -2.33
CA GLY D 100 -6.51 48.73 -1.00
C GLY D 100 -7.05 50.12 -0.72
N GLU D 101 -6.41 51.15 -1.29
CA GLU D 101 -6.84 52.53 -1.09
C GLU D 101 -7.86 52.99 -2.12
N LEU D 102 -8.31 52.11 -3.02
CA LEU D 102 -9.33 52.41 -4.03
C LEU D 102 -8.95 53.64 -4.86
N LEU D 103 -7.80 53.53 -5.51
CA LEU D 103 -7.30 54.62 -6.33
C LEU D 103 -7.49 54.29 -7.81
N PRO D 104 -8.11 55.18 -8.59
CA PRO D 104 -8.25 54.92 -10.03
C PRO D 104 -6.90 54.94 -10.71
N CYS D 105 -6.65 53.93 -11.54
CA CYS D 105 -5.33 53.72 -12.11
C CYS D 105 -5.41 52.63 -13.17
N VAL D 106 -4.51 52.70 -14.14
CA VAL D 106 -4.39 51.68 -15.17
C VAL D 106 -2.91 51.36 -15.38
N PHE D 107 -2.53 50.12 -15.18
CA PHE D 107 -1.22 49.62 -15.58
C PHE D 107 -1.37 48.92 -16.93
N HIS D 108 -0.55 49.32 -17.90
CA HIS D 108 -0.53 48.70 -19.23
C HIS D 108 0.65 47.73 -19.28
N VAL D 109 0.33 46.45 -19.55
CA VAL D 109 1.31 45.37 -19.47
C VAL D 109 1.35 44.65 -20.81
N ALA D 110 2.54 44.59 -21.41
CA ALA D 110 2.77 43.70 -22.55
C ALA D 110 3.24 42.37 -21.97
N ALA D 111 2.28 41.50 -21.64
CA ALA D 111 2.54 40.31 -20.84
C ALA D 111 3.68 39.46 -21.40
N ARG D 112 4.66 39.18 -20.54
CA ARG D 112 5.88 38.50 -20.93
C ARG D 112 6.23 37.42 -19.90
N ALA D 113 6.94 36.38 -20.36
CA ALA D 113 7.33 35.27 -19.50
C ALA D 113 8.20 35.74 -18.34
N LEU D 114 8.17 34.97 -17.26
CA LEU D 114 9.00 35.19 -16.09
C LEU D 114 10.26 34.33 -16.19
N SER D 115 11.35 34.82 -15.60
CA SER D 115 12.62 34.11 -15.63
C SER D 115 12.60 32.97 -14.63
N THR D 116 12.68 31.73 -15.13
CA THR D 116 12.66 30.55 -14.28
C THR D 116 13.96 29.77 -14.47
N HIS D 117 13.90 28.61 -15.15
CA HIS D 117 15.14 27.93 -15.51
C HIS D 117 15.95 28.74 -16.49
N ALA D 118 15.31 29.71 -17.14
CA ALA D 118 15.95 30.55 -18.14
C ALA D 118 15.13 31.81 -18.29
N LEU D 119 15.78 32.84 -18.84
CA LEU D 119 15.12 34.09 -19.17
C LEU D 119 14.37 33.95 -20.49
N SER D 120 13.25 34.66 -20.59
CA SER D 120 12.54 34.75 -21.85
C SER D 120 11.93 36.13 -21.95
N ILE D 121 12.29 36.88 -22.99
CA ILE D 121 11.69 38.19 -23.22
C ILE D 121 10.37 38.10 -23.93
N PHE D 122 9.87 36.90 -24.21
CA PHE D 122 8.72 36.70 -25.06
C PHE D 122 7.45 36.57 -24.23
N GLY D 123 6.31 36.47 -24.91
CA GLY D 123 5.03 36.76 -24.30
C GLY D 123 4.33 35.55 -23.72
N ASP D 124 3.85 35.71 -22.49
CA ASP D 124 2.81 34.85 -21.93
C ASP D 124 2.24 35.58 -20.71
N HIS D 125 1.28 34.93 -20.05
CA HIS D 125 0.53 35.54 -18.96
C HIS D 125 1.12 35.26 -17.59
N ALA D 126 2.36 34.78 -17.52
CA ALA D 126 2.94 34.43 -16.24
C ALA D 126 2.98 35.63 -15.30
N ASP D 127 3.34 36.80 -15.82
CA ASP D 127 3.47 37.98 -14.98
C ASP D 127 2.12 38.44 -14.46
N VAL D 128 1.12 38.51 -15.33
CA VAL D 128 -0.20 38.99 -14.91
C VAL D 128 -0.82 38.02 -13.91
N MET D 129 -0.66 36.72 -14.14
CA MET D 129 -1.22 35.74 -13.22
C MET D 129 -0.58 35.85 -11.84
N ALA D 130 0.68 36.32 -11.79
CA ALA D 130 1.35 36.51 -10.50
C ALA D 130 0.78 37.67 -9.70
N ALA D 131 -0.09 38.49 -10.30
CA ALA D 131 -0.69 39.62 -9.61
C ALA D 131 -2.20 39.51 -9.44
N ARG D 132 -2.79 38.33 -9.71
CA ARG D 132 -4.24 38.20 -9.68
C ARG D 132 -4.82 38.32 -8.28
N GLN D 133 -4.00 38.37 -7.24
CA GLN D 133 -4.49 38.50 -5.87
C GLN D 133 -4.22 39.87 -5.27
N THR D 134 -3.74 40.82 -6.08
CA THR D 134 -3.44 42.16 -5.58
C THR D 134 -4.69 43.00 -5.39
N GLY D 135 -5.81 42.61 -5.97
CA GLY D 135 -7.01 43.41 -5.94
C GLY D 135 -7.21 44.32 -7.13
N PHE D 136 -6.26 44.34 -8.06
CA PHE D 136 -6.47 45.07 -9.30
C PHE D 136 -7.46 44.33 -10.18
N ALA D 137 -8.28 45.08 -10.91
CA ALA D 137 -9.05 44.48 -11.98
C ALA D 137 -8.13 44.16 -13.14
N MET D 138 -8.55 43.21 -13.99
CA MET D 138 -7.72 42.74 -15.08
C MET D 138 -8.54 42.62 -16.35
N LEU D 139 -8.11 43.32 -17.40
CA LEU D 139 -8.81 43.39 -18.66
C LEU D 139 -7.86 42.96 -19.78
N SER D 140 -8.29 42.00 -20.60
CA SER D 140 -7.45 41.39 -21.61
C SER D 140 -7.93 41.78 -23.00
N SER D 141 -7.00 42.20 -23.85
CA SER D 141 -7.27 42.54 -25.23
C SER D 141 -6.58 41.52 -26.14
N ALA D 142 -7.29 41.07 -27.18
CA ALA D 142 -6.82 39.97 -28.01
C ALA D 142 -6.20 40.40 -29.33
N SER D 143 -6.40 41.64 -29.77
CA SER D 143 -5.87 42.11 -31.03
C SER D 143 -5.48 43.57 -30.89
N VAL D 144 -4.78 44.07 -31.91
CA VAL D 144 -4.33 45.46 -31.89
C VAL D 144 -5.53 46.41 -31.81
N GLN D 145 -6.60 46.08 -32.51
CA GLN D 145 -7.82 46.90 -32.41
C GLN D 145 -8.41 46.85 -31.01
N GLU D 146 -8.36 45.68 -30.37
CA GLU D 146 -8.92 45.57 -29.03
C GLU D 146 -8.07 46.32 -28.01
N VAL D 147 -6.76 46.38 -28.22
CA VAL D 147 -5.92 47.18 -27.33
C VAL D 147 -6.38 48.63 -27.34
N MET D 148 -6.66 49.16 -28.53
CA MET D 148 -7.19 50.52 -28.66
C MET D 148 -8.47 50.68 -27.87
N ASP D 149 -9.43 49.76 -28.07
CA ASP D 149 -10.75 49.93 -27.49
C ASP D 149 -10.73 49.67 -25.98
N LEU D 150 -10.14 48.55 -25.56
CA LEU D 150 -10.25 48.16 -24.16
C LEU D 150 -9.36 49.01 -23.25
N ALA D 151 -8.27 49.58 -23.78
CA ALA D 151 -7.52 50.55 -23.00
C ALA D 151 -8.40 51.74 -22.63
N LEU D 152 -9.24 52.18 -23.57
CA LEU D 152 -10.22 53.21 -23.24
C LEU D 152 -11.24 52.70 -22.23
N VAL D 153 -11.67 51.46 -22.38
CA VAL D 153 -12.61 50.87 -21.43
C VAL D 153 -12.00 50.86 -20.03
N ALA D 154 -10.73 50.48 -19.93
CA ALA D 154 -10.06 50.43 -18.63
C ALA D 154 -9.97 51.81 -18.00
N HIS D 155 -9.55 52.81 -18.78
CA HIS D 155 -9.40 54.16 -18.22
C HIS D 155 -10.73 54.77 -17.85
N LEU D 156 -11.79 54.49 -18.61
CA LEU D 156 -13.10 55.01 -18.26
C LEU D 156 -13.70 54.26 -17.08
N ALA D 157 -13.52 52.94 -17.03
CA ALA D 157 -14.14 52.16 -15.97
C ALA D 157 -13.46 52.40 -14.63
N THR D 158 -12.13 52.59 -14.64
CA THR D 158 -11.41 52.77 -13.39
C THR D 158 -11.84 54.05 -12.67
N LEU D 159 -12.22 55.08 -13.43
CA LEU D 159 -12.71 56.30 -12.81
C LEU D 159 -14.04 56.07 -12.10
N LYS D 160 -14.93 55.27 -12.71
CA LYS D 160 -16.25 55.05 -12.14
C LYS D 160 -16.23 54.07 -10.97
N ALA D 161 -15.43 52.99 -11.09
CA ALA D 161 -15.46 51.92 -10.09
C ALA D 161 -14.50 52.12 -8.93
N ARG D 162 -13.54 53.05 -9.05
CA ARG D 162 -12.48 53.27 -8.07
C ARG D 162 -11.55 52.08 -7.90
N VAL D 163 -11.69 51.06 -8.74
CA VAL D 163 -10.85 49.86 -8.68
C VAL D 163 -9.78 50.00 -9.76
N PRO D 164 -8.50 49.93 -9.41
CA PRO D 164 -7.45 50.05 -10.43
C PRO D 164 -7.42 48.83 -11.34
N PHE D 165 -6.98 49.05 -12.57
CA PHE D 165 -7.02 48.05 -13.63
C PHE D 165 -5.62 47.74 -14.13
N VAL D 166 -5.40 46.48 -14.48
CA VAL D 166 -4.26 46.06 -15.30
C VAL D 166 -4.81 45.69 -16.68
N HIS D 167 -4.48 46.50 -17.68
CA HIS D 167 -4.84 46.22 -19.06
C HIS D 167 -3.64 45.57 -19.73
N PHE D 168 -3.78 44.30 -20.11
CA PHE D 168 -2.65 43.55 -20.64
C PHE D 168 -2.98 42.93 -22.00
N PHE D 169 -1.93 42.77 -22.80
CA PHE D 169 -2.01 42.13 -24.10
C PHE D 169 -0.74 41.31 -24.30
N ASP D 170 -0.83 40.32 -25.18
CA ASP D 170 0.26 39.36 -25.33
C ASP D 170 1.53 40.03 -25.85
N GLY D 171 2.63 39.81 -25.15
CA GLY D 171 3.90 40.39 -25.57
C GLY D 171 4.32 39.87 -26.93
N PHE D 172 4.83 40.78 -27.76
CA PHE D 172 5.23 40.49 -29.14
C PHE D 172 4.04 40.11 -30.02
N ARG D 173 3.31 39.05 -29.64
CA ARG D 173 2.19 38.60 -30.46
C ARG D 173 1.15 39.68 -30.66
N THR D 174 1.04 40.62 -29.73
CA THR D 174 0.16 41.77 -29.91
C THR D 174 0.90 43.09 -29.84
N SER D 175 1.89 43.21 -28.96
CA SER D 175 2.60 44.48 -28.78
C SER D 175 3.41 44.85 -30.03
N HIS D 176 3.90 43.85 -30.76
CA HIS D 176 4.71 44.08 -31.96
C HIS D 176 4.00 43.66 -33.24
N GLU D 177 2.74 43.27 -33.15
CA GLU D 177 1.96 42.96 -34.34
C GLU D 177 1.44 44.26 -34.94
N VAL D 178 1.77 44.51 -36.20
CA VAL D 178 1.33 45.72 -36.89
C VAL D 178 -0.01 45.41 -37.56
N GLN D 179 -1.01 46.25 -37.31
CA GLN D 179 -2.34 46.04 -37.85
C GLN D 179 -2.96 47.37 -38.20
N LYS D 180 -3.79 47.37 -39.24
CA LYS D 180 -4.58 48.54 -39.59
C LYS D 180 -5.83 48.56 -38.70
N ILE D 181 -5.94 49.60 -37.86
CA ILE D 181 -7.01 49.67 -36.88
C ILE D 181 -7.66 51.05 -36.93
N ASP D 182 -8.85 51.14 -36.35
CA ASP D 182 -9.52 52.42 -36.17
C ASP D 182 -9.00 53.09 -34.90
N VAL D 183 -8.44 54.28 -35.05
CA VAL D 183 -7.90 55.04 -33.93
C VAL D 183 -8.96 56.00 -33.43
N ILE D 184 -9.15 56.03 -32.12
CA ILE D 184 -10.16 56.87 -31.48
C ILE D 184 -9.60 58.25 -31.23
N GLU D 185 -10.35 59.28 -31.61
CA GLU D 185 -9.91 60.66 -31.43
C GLU D 185 -9.95 61.06 -29.97
N TYR D 186 -8.98 61.88 -29.56
CA TYR D 186 -8.92 62.36 -28.18
C TYR D 186 -10.19 63.11 -27.79
N GLU D 187 -10.71 63.92 -28.71
CA GLU D 187 -11.94 64.66 -28.43
C GLU D 187 -13.12 63.74 -28.18
N ASP D 188 -13.13 62.58 -28.83
CA ASP D 188 -14.23 61.64 -28.62
C ASP D 188 -14.14 60.94 -27.26
N MET D 189 -12.93 60.69 -26.78
CA MET D 189 -12.77 60.10 -25.45
C MET D 189 -13.32 61.02 -24.37
N ALA D 190 -12.97 62.31 -24.44
CA ALA D 190 -13.41 63.27 -23.44
C ALA D 190 -14.93 63.35 -23.33
N LYS D 191 -15.67 62.98 -24.38
CA LYS D 191 -17.12 62.95 -24.33
C LYS D 191 -17.66 61.77 -23.52
N LEU D 192 -16.83 60.76 -23.23
CA LEU D 192 -17.23 59.62 -22.44
C LEU D 192 -16.67 59.64 -21.02
N VAL D 193 -15.71 60.51 -20.73
CA VAL D 193 -15.09 60.53 -19.42
C VAL D 193 -16.09 61.04 -18.40
N ASP D 194 -16.14 60.36 -17.26
CA ASP D 194 -16.98 60.79 -16.13
C ASP D 194 -16.22 61.87 -15.37
N TRP D 195 -16.46 63.13 -15.75
CA TRP D 195 -15.76 64.23 -15.10
C TRP D 195 -16.18 64.40 -13.65
N ASP D 196 -17.42 64.03 -13.31
CA ASP D 196 -17.83 64.03 -11.91
C ASP D 196 -16.95 63.09 -11.09
N ALA D 197 -16.61 61.94 -11.67
CA ALA D 197 -15.72 61.01 -10.98
C ALA D 197 -14.32 61.59 -10.86
N ILE D 198 -13.89 62.38 -11.85
CA ILE D 198 -12.57 62.99 -11.78
C ILE D 198 -12.52 64.03 -10.67
N ARG D 199 -13.55 64.87 -10.57
CA ARG D 199 -13.56 65.90 -9.54
C ARG D 199 -13.62 65.30 -8.14
N ALA D 200 -14.37 64.21 -7.96
CA ALA D 200 -14.39 63.54 -6.66
C ALA D 200 -13.03 62.97 -6.30
N PHE D 201 -12.28 62.47 -7.29
CA PHE D 201 -10.94 61.96 -7.03
C PHE D 201 -10.00 63.06 -6.57
N ARG D 202 -10.22 64.29 -7.03
CA ARG D 202 -9.36 65.39 -6.62
C ARG D 202 -9.58 65.75 -5.15
N GLN D 203 -10.82 65.67 -4.67
CA GLN D 203 -11.10 66.05 -3.28
C GLN D 203 -10.53 65.06 -2.29
N ARG D 204 -10.40 63.79 -2.68
CA ARG D 204 -9.83 62.78 -1.80
C ARG D 204 -8.30 62.87 -1.73
N ALA D 205 -7.69 63.79 -2.47
CA ALA D 205 -6.25 63.88 -2.52
C ALA D 205 -5.69 64.45 -1.23
N LEU D 206 -4.45 64.08 -0.94
CA LEU D 206 -3.74 64.65 0.20
C LEU D 206 -3.55 66.14 -0.02
N ASN D 207 -4.05 66.95 0.92
CA ASN D 207 -3.96 68.38 0.78
C ASN D 207 -3.93 68.97 2.19
N PRO D 208 -3.01 69.88 2.47
CA PRO D 208 -2.91 70.43 3.83
C PRO D 208 -4.10 71.27 4.24
N GLU D 209 -4.91 71.75 3.29
CA GLU D 209 -6.07 72.57 3.62
C GLU D 209 -7.32 71.74 3.93
N HIS D 210 -7.31 70.45 3.63
CA HIS D 210 -8.32 69.51 4.10
C HIS D 210 -7.68 68.15 4.32
N PRO D 211 -6.88 68.03 5.37
CA PRO D 211 -5.98 66.88 5.49
C PRO D 211 -6.71 65.62 5.96
N HIS D 212 -6.06 64.49 5.70
CA HIS D 212 -6.53 63.19 6.14
C HIS D 212 -5.32 62.27 6.30
N GLN D 213 -5.56 61.09 6.86
CA GLN D 213 -4.50 60.13 7.10
C GLN D 213 -4.83 58.83 6.37
N ARG D 214 -3.85 58.28 5.66
CA ARG D 214 -4.01 57.04 4.92
C ARG D 214 -2.77 56.17 5.13
N GLY D 215 -2.98 54.86 4.98
CA GLY D 215 -1.88 53.91 5.16
C GLY D 215 -1.51 53.66 6.61
N THR D 216 -2.50 53.61 7.50
CA THR D 216 -2.24 53.41 8.92
C THR D 216 -1.82 51.96 9.19
N ALA D 217 -1.47 51.70 10.44
CA ALA D 217 -1.20 50.35 10.93
C ALA D 217 -2.36 49.94 11.84
N GLN D 218 -2.86 48.71 11.64
CA GLN D 218 -4.07 48.26 12.30
C GLN D 218 -3.84 46.96 13.08
N ASN D 219 -4.50 46.87 14.23
CA ASN D 219 -4.43 45.71 15.12
C ASN D 219 -5.43 44.64 14.69
N PRO D 220 -5.38 43.44 15.28
CA PRO D 220 -6.32 42.38 14.86
C PRO D 220 -7.79 42.71 15.09
N ASP D 221 -8.08 43.73 15.90
CA ASP D 221 -9.47 44.01 16.26
C ASP D 221 -10.26 44.61 15.10
N ILE D 222 -9.59 45.28 14.16
CA ILE D 222 -10.29 46.03 13.11
C ILE D 222 -9.81 45.72 11.71
N TYR D 223 -8.71 44.98 11.57
CA TYR D 223 -8.11 44.79 10.24
C TYR D 223 -9.04 43.98 9.34
N PHE D 224 -9.59 42.88 9.85
CA PHE D 224 -10.47 42.04 9.05
C PHE D 224 -11.69 42.82 8.55
N GLN D 225 -12.39 43.49 9.47
CA GLN D 225 -13.57 44.26 9.06
C GLN D 225 -13.20 45.32 8.03
N SER D 226 -12.10 46.04 8.27
CA SER D 226 -11.70 47.11 7.36
C SER D 226 -11.38 46.56 5.98
N ARG D 227 -10.87 45.33 5.90
CA ARG D 227 -10.53 44.73 4.62
C ARG D 227 -11.78 44.34 3.84
N GLU D 228 -12.84 43.94 4.53
CA GLU D 228 -14.09 43.59 3.87
C GLU D 228 -14.94 44.81 3.52
N ALA D 229 -14.55 46.00 3.99
CA ALA D 229 -15.34 47.20 3.71
C ALA D 229 -15.26 47.63 2.25
N ALA D 230 -14.30 47.13 1.49
CA ALA D 230 -14.17 47.45 0.08
C ALA D 230 -14.96 46.51 -0.83
N ASN D 231 -15.67 45.54 -0.25
CA ASN D 231 -16.46 44.60 -1.04
C ASN D 231 -17.47 45.24 -1.99
N PRO D 232 -18.26 46.25 -1.59
CA PRO D 232 -19.22 46.82 -2.56
C PRO D 232 -18.57 47.36 -3.82
N TYR D 233 -17.37 47.94 -3.70
CA TYR D 233 -16.72 48.48 -4.88
C TYR D 233 -16.34 47.38 -5.87
N TYR D 234 -15.96 46.20 -5.36
CA TYR D 234 -15.64 45.09 -6.25
C TYR D 234 -16.90 44.42 -6.79
N LEU D 235 -17.99 44.38 -6.01
CA LEU D 235 -19.23 43.80 -6.51
C LEU D 235 -19.83 44.64 -7.62
N ALA D 236 -19.65 45.96 -7.58
CA ALA D 236 -20.20 46.85 -8.59
C ALA D 236 -19.31 46.98 -9.81
N THR D 237 -18.04 46.57 -9.70
CA THR D 237 -17.11 46.72 -10.82
C THR D 237 -17.56 45.99 -12.10
N PRO D 238 -18.03 44.73 -12.05
CA PRO D 238 -18.48 44.09 -13.30
C PRO D 238 -19.57 44.86 -14.02
N GLY D 239 -20.59 45.32 -13.29
CA GLY D 239 -21.64 46.11 -13.94
C GLY D 239 -21.13 47.43 -14.48
N ILE D 240 -20.14 48.02 -13.81
CA ILE D 240 -19.57 49.28 -14.27
C ILE D 240 -18.82 49.08 -15.59
N VAL D 241 -18.03 48.02 -15.70
CA VAL D 241 -17.29 47.74 -16.93
C VAL D 241 -18.27 47.50 -18.08
N ALA D 242 -19.37 46.81 -17.81
CA ALA D 242 -20.38 46.59 -18.85
C ALA D 242 -20.97 47.90 -19.35
N GLN D 243 -21.29 48.82 -18.42
CA GLN D 243 -21.83 50.12 -18.82
C GLN D 243 -20.77 50.93 -19.55
N VAL D 244 -19.51 50.87 -19.10
CA VAL D 244 -18.43 51.56 -19.79
C VAL D 244 -18.24 50.97 -21.18
N MET D 245 -18.35 49.65 -21.31
CA MET D 245 -18.24 49.03 -22.62
C MET D 245 -19.37 49.47 -23.55
N GLU D 246 -20.53 49.81 -23.00
CA GLU D 246 -21.60 50.33 -23.83
C GLU D 246 -21.28 51.74 -24.32
N GLN D 247 -20.60 52.54 -23.51
CA GLN D 247 -20.18 53.86 -23.95
C GLN D 247 -19.24 53.75 -25.15
N VAL D 248 -18.24 52.87 -25.04
CA VAL D 248 -17.34 52.63 -26.17
C VAL D 248 -18.10 52.01 -27.34
N ALA D 249 -19.07 51.15 -27.05
CA ALA D 249 -19.87 50.54 -28.11
C ALA D 249 -20.67 51.60 -28.86
N GLY D 250 -21.32 52.51 -28.13
CA GLY D 250 -22.05 53.58 -28.78
C GLY D 250 -21.18 54.54 -29.54
N LEU D 251 -19.92 54.71 -29.11
CA LEU D 251 -19.00 55.62 -29.78
C LEU D 251 -18.35 54.96 -30.99
N THR D 252 -17.88 53.72 -30.85
CA THR D 252 -17.07 53.09 -31.86
C THR D 252 -17.83 52.10 -32.74
N GLY D 253 -18.96 51.59 -32.27
CA GLY D 253 -19.70 50.58 -33.00
C GLY D 253 -19.25 49.15 -32.73
N ARG D 254 -18.18 48.96 -31.99
CA ARG D 254 -17.65 47.64 -31.68
C ARG D 254 -18.15 47.23 -30.30
N HIS D 255 -18.85 46.10 -30.23
CA HIS D 255 -19.55 45.70 -29.02
C HIS D 255 -18.71 44.68 -28.26
N TYR D 256 -18.29 45.04 -27.06
CA TYR D 256 -17.59 44.13 -26.16
C TYR D 256 -18.45 43.87 -24.92
N HIS D 257 -18.23 42.69 -24.34
CA HIS D 257 -18.86 42.32 -23.08
C HIS D 257 -17.77 41.73 -22.18
N LEU D 258 -18.10 41.56 -20.90
CA LEU D 258 -17.13 40.98 -19.98
C LEU D 258 -16.66 39.62 -20.49
N PHE D 259 -17.59 38.82 -21.00
CA PHE D 259 -17.28 37.59 -21.70
C PHE D 259 -18.04 37.60 -23.01
N ASP D 260 -17.34 37.36 -24.11
CA ASP D 260 -17.95 37.35 -25.43
C ASP D 260 -17.96 35.92 -25.94
N TYR D 261 -19.02 35.57 -26.67
CA TYR D 261 -19.17 34.23 -27.23
C TYR D 261 -19.13 34.29 -28.74
N ALA D 262 -18.58 33.24 -29.34
CA ALA D 262 -18.54 33.09 -30.79
C ALA D 262 -18.66 31.61 -31.11
N GLY D 263 -19.49 31.29 -32.11
CA GLY D 263 -19.64 29.92 -32.53
C GLY D 263 -21.09 29.52 -32.60
N ALA D 264 -21.32 28.21 -32.68
CA ALA D 264 -22.67 27.68 -32.81
C ALA D 264 -23.47 27.96 -31.55
N PRO D 265 -24.73 28.41 -31.68
CA PRO D 265 -25.55 28.61 -30.47
C PRO D 265 -25.92 27.31 -29.80
N ASP D 266 -25.89 26.19 -30.52
CA ASP D 266 -26.15 24.87 -29.96
C ASP D 266 -24.87 24.06 -29.78
N ALA D 267 -23.77 24.75 -29.49
CA ALA D 267 -22.47 24.09 -29.41
C ALA D 267 -22.42 23.14 -28.21
N GLU D 268 -21.67 22.05 -28.40
CA GLU D 268 -21.42 21.08 -27.35
C GLU D 268 -20.00 21.13 -26.83
N ARG D 269 -19.05 21.65 -27.61
CA ARG D 269 -17.66 21.80 -27.21
C ARG D 269 -17.29 23.28 -27.31
N VAL D 270 -16.83 23.85 -26.20
CA VAL D 270 -16.53 25.27 -26.11
C VAL D 270 -15.15 25.44 -25.49
N ILE D 271 -14.33 26.32 -26.07
CA ILE D 271 -13.03 26.68 -25.51
C ILE D 271 -13.15 28.02 -24.80
N VAL D 272 -12.63 28.08 -23.57
CA VAL D 272 -12.49 29.31 -22.82
C VAL D 272 -11.01 29.68 -22.84
N SER D 273 -10.71 30.90 -23.25
CA SER D 273 -9.32 31.31 -23.39
C SER D 273 -9.23 32.82 -23.20
N MET D 274 -8.02 33.33 -23.33
CA MET D 274 -7.77 34.73 -22.99
C MET D 274 -6.59 35.22 -23.80
N GLY D 275 -6.65 36.49 -24.20
CA GLY D 275 -5.57 37.08 -24.98
C GLY D 275 -5.66 36.79 -26.46
N SER D 276 -4.51 36.95 -27.13
CA SER D 276 -4.47 36.86 -28.59
C SER D 276 -4.90 35.49 -29.11
N SER D 277 -4.86 34.47 -28.26
CA SER D 277 -5.32 33.15 -28.69
C SER D 277 -6.78 33.17 -29.12
N CYS D 278 -7.57 34.07 -28.53
CA CYS D 278 -8.99 34.13 -28.88
C CYS D 278 -9.19 34.43 -30.36
N GLU D 279 -8.30 35.24 -30.94
CA GLU D 279 -8.38 35.50 -32.36
C GLU D 279 -8.13 34.23 -33.17
N VAL D 280 -7.07 33.50 -32.81
CA VAL D 280 -6.75 32.26 -33.52
C VAL D 280 -7.85 31.23 -33.37
N ILE D 281 -8.47 31.19 -32.19
CA ILE D 281 -9.54 30.20 -31.94
C ILE D 281 -10.80 30.57 -32.70
N GLU D 282 -11.16 31.86 -32.70
CA GLU D 282 -12.38 32.28 -33.41
C GLU D 282 -12.26 32.02 -34.90
N GLU D 283 -11.08 32.28 -35.47
CA GLU D 283 -10.88 31.98 -36.89
C GLU D 283 -11.09 30.50 -37.16
N THR D 284 -10.61 29.63 -36.26
CA THR D 284 -10.82 28.20 -36.43
C THR D 284 -12.28 27.83 -36.22
N VAL D 285 -12.93 28.45 -35.23
CA VAL D 285 -14.33 28.16 -34.95
C VAL D 285 -15.20 28.51 -36.16
N ASN D 286 -14.95 29.68 -36.77
CA ASN D 286 -15.66 30.05 -37.98
C ASN D 286 -15.48 28.98 -39.05
N TYR D 287 -14.26 28.45 -39.18
CA TYR D 287 -13.99 27.40 -40.15
C TYR D 287 -14.78 26.13 -39.84
N LEU D 288 -14.85 25.76 -38.56
CA LEU D 288 -15.54 24.53 -38.17
C LEU D 288 -17.05 24.69 -38.19
N VAL D 289 -17.56 25.86 -37.77
CA VAL D 289 -19.01 26.07 -37.80
C VAL D 289 -19.54 26.00 -39.22
N GLU D 290 -18.78 26.56 -40.17
CA GLU D 290 -19.17 26.44 -41.58
C GLU D 290 -19.18 25.00 -42.02
N LYS D 291 -18.32 24.16 -41.46
CA LYS D 291 -18.30 22.73 -41.76
C LYS D 291 -19.34 21.93 -41.00
N GLY D 292 -20.14 22.56 -40.13
CA GLY D 292 -21.24 21.90 -39.47
C GLY D 292 -20.97 21.43 -38.06
N GLU D 293 -19.74 21.55 -37.58
CA GLU D 293 -19.43 21.11 -36.23
C GLU D 293 -20.03 22.08 -35.22
N LYS D 294 -20.54 21.54 -34.11
CA LYS D 294 -21.19 22.36 -33.10
C LYS D 294 -20.16 22.73 -32.04
N VAL D 295 -19.33 23.73 -32.36
CA VAL D 295 -18.28 24.20 -31.48
C VAL D 295 -18.45 25.69 -31.26
N GLY D 296 -17.84 26.19 -30.19
CA GLY D 296 -17.93 27.58 -29.83
C GLY D 296 -16.71 28.00 -29.03
N LEU D 297 -16.67 29.29 -28.71
CA LEU D 297 -15.53 29.86 -28.01
C LEU D 297 -16.04 30.98 -27.11
N ILE D 298 -15.54 31.03 -25.88
CA ILE D 298 -15.83 32.11 -24.94
C ILE D 298 -14.53 32.89 -24.74
N LYS D 299 -14.55 34.16 -25.14
CA LYS D 299 -13.41 35.05 -24.95
C LYS D 299 -13.54 35.74 -23.59
N VAL D 300 -12.48 35.64 -22.79
CA VAL D 300 -12.44 36.30 -21.48
C VAL D 300 -11.83 37.68 -21.64
N ARG D 301 -12.62 38.71 -21.36
CA ARG D 301 -12.15 40.09 -21.37
C ARG D 301 -11.82 40.57 -19.95
N LEU D 302 -12.81 40.55 -19.06
CA LEU D 302 -12.64 40.96 -17.68
C LEU D 302 -12.33 39.73 -16.83
N PHE D 303 -11.04 39.52 -16.53
CA PHE D 303 -10.62 38.37 -15.73
C PHE D 303 -10.87 38.60 -14.25
N ARG D 304 -10.62 39.81 -13.76
CA ARG D 304 -10.86 40.18 -12.36
C ARG D 304 -11.55 41.54 -12.36
N PRO D 305 -12.62 41.72 -11.56
CA PRO D 305 -13.30 40.69 -10.76
C PRO D 305 -14.06 39.73 -11.66
N PHE D 306 -14.10 38.46 -11.29
CA PHE D 306 -14.76 37.43 -12.10
C PHE D 306 -16.25 37.43 -11.82
N SER D 307 -17.06 37.80 -12.83
CA SER D 307 -18.51 37.89 -12.71
C SER D 307 -19.11 36.58 -13.20
N ALA D 308 -19.60 35.75 -12.27
CA ALA D 308 -20.20 34.47 -12.64
C ALA D 308 -21.45 34.69 -13.49
N GLU D 309 -22.23 35.73 -13.19
CA GLU D 309 -23.45 36.00 -13.95
C GLU D 309 -23.12 36.27 -15.41
N HIS D 310 -22.10 37.11 -15.67
CA HIS D 310 -21.78 37.48 -17.04
C HIS D 310 -21.14 36.33 -17.81
N PHE D 311 -20.54 35.37 -17.12
CA PHE D 311 -19.99 34.20 -17.80
C PHE D 311 -21.09 33.22 -18.20
N LEU D 312 -21.97 32.89 -17.25
CA LEU D 312 -23.04 31.93 -17.56
C LEU D 312 -24.08 32.51 -18.51
N LYS D 313 -24.24 33.83 -18.56
CA LYS D 313 -25.25 34.42 -19.44
C LYS D 313 -24.93 34.18 -20.91
N VAL D 314 -23.64 34.06 -21.25
CA VAL D 314 -23.23 33.86 -22.63
C VAL D 314 -22.82 32.42 -22.89
N LEU D 315 -23.01 31.52 -21.92
CA LEU D 315 -22.69 30.12 -22.09
C LEU D 315 -23.94 29.40 -22.58
N PRO D 316 -23.95 28.83 -23.78
CA PRO D 316 -25.15 28.16 -24.28
C PRO D 316 -25.56 27.01 -23.37
N ALA D 317 -26.87 26.81 -23.24
CA ALA D 317 -27.37 25.72 -22.41
C ALA D 317 -27.00 24.36 -22.99
N SER D 318 -26.61 24.31 -24.25
CA SER D 318 -26.27 23.08 -24.95
C SER D 318 -24.83 22.66 -24.73
N VAL D 319 -24.05 23.43 -23.96
CA VAL D 319 -22.64 23.10 -23.74
C VAL D 319 -22.52 21.85 -22.89
N LYS D 320 -21.75 20.88 -23.37
CA LYS D 320 -21.47 19.65 -22.65
C LYS D 320 -20.02 19.53 -22.21
N ARG D 321 -19.08 20.10 -22.93
CA ARG D 321 -17.66 19.98 -22.61
C ARG D 321 -16.95 21.30 -22.87
N ILE D 322 -16.07 21.67 -21.94
CA ILE D 322 -15.35 22.93 -21.98
C ILE D 322 -13.87 22.63 -21.80
N ALA D 323 -13.05 23.24 -22.65
CA ALA D 323 -11.59 23.18 -22.50
C ALA D 323 -11.09 24.58 -22.22
N VAL D 324 -10.41 24.75 -21.10
CA VAL D 324 -9.83 26.03 -20.71
C VAL D 324 -8.35 26.02 -21.03
N LEU D 325 -7.89 27.06 -21.72
CA LEU D 325 -6.50 27.18 -22.14
C LEU D 325 -5.86 28.33 -21.39
N ASP D 326 -4.77 28.05 -20.68
CA ASP D 326 -4.04 29.06 -19.93
C ASP D 326 -2.66 29.25 -20.55
N ARG D 327 -2.28 30.51 -20.72
CA ARG D 327 -0.96 30.86 -21.23
C ARG D 327 0.02 31.08 -20.09
N THR D 328 0.06 30.12 -19.17
CA THR D 328 0.94 30.19 -18.02
C THR D 328 1.17 28.78 -17.51
N LYS D 329 2.07 28.67 -16.54
CA LYS D 329 2.31 27.40 -15.87
C LYS D 329 2.56 27.69 -14.40
N GLU D 330 1.81 27.02 -13.53
CA GLU D 330 2.02 27.11 -12.09
C GLU D 330 2.48 25.74 -11.61
N PRO D 331 3.79 25.51 -11.47
CA PRO D 331 4.27 24.15 -11.19
C PRO D 331 3.72 23.63 -9.87
N GLY D 332 3.32 22.36 -9.88
CA GLY D 332 2.80 21.73 -8.69
C GLY D 332 1.37 22.08 -8.36
N SER D 333 0.82 23.15 -8.94
CA SER D 333 -0.58 23.47 -8.68
C SER D 333 -1.48 22.44 -9.34
N LEU D 334 -2.68 22.28 -8.77
CA LEU D 334 -3.65 21.36 -9.35
C LEU D 334 -4.08 21.80 -10.74
N GLY D 335 -4.14 23.11 -10.97
CA GLY D 335 -4.48 23.63 -12.28
C GLY D 335 -4.07 25.08 -12.40
N GLU D 336 -4.16 25.58 -13.62
CA GLU D 336 -3.81 26.96 -13.92
C GLU D 336 -4.95 27.90 -13.55
N PRO D 337 -4.67 29.21 -13.42
CA PRO D 337 -5.67 30.10 -12.83
C PRO D 337 -7.02 30.11 -13.52
N LEU D 338 -7.04 30.26 -14.85
CA LEU D 338 -8.32 30.34 -15.55
C LEU D 338 -9.06 29.01 -15.49
N TYR D 339 -8.33 27.90 -15.57
CA TYR D 339 -8.96 26.58 -15.45
C TYR D 339 -9.63 26.42 -14.09
N GLU D 340 -8.97 26.86 -13.02
CA GLU D 340 -9.55 26.72 -11.69
C GLU D 340 -10.78 27.62 -11.53
N ASP D 341 -10.81 28.77 -12.19
CA ASP D 341 -11.97 29.65 -12.10
C ASP D 341 -13.17 29.05 -12.82
N VAL D 342 -12.98 28.57 -14.05
CA VAL D 342 -14.08 27.97 -14.79
C VAL D 342 -14.60 26.74 -14.06
N GLN D 343 -13.70 25.91 -13.56
CA GLN D 343 -14.12 24.71 -12.83
C GLN D 343 -14.92 25.09 -11.59
N THR D 344 -14.56 26.19 -10.94
CA THR D 344 -15.26 26.63 -9.74
C THR D 344 -16.66 27.15 -10.06
N VAL D 345 -16.75 28.08 -11.02
CA VAL D 345 -18.03 28.73 -11.30
C VAL D 345 -19.06 27.72 -11.79
N LEU D 346 -18.63 26.74 -12.59
CA LEU D 346 -19.57 25.70 -13.03
C LEU D 346 -20.01 24.81 -11.87
N ALA D 347 -19.14 24.60 -10.87
CA ALA D 347 -19.54 23.81 -9.71
C ALA D 347 -20.52 24.57 -8.83
N GLU D 348 -20.30 25.87 -8.63
CA GLU D 348 -21.18 26.66 -7.79
C GLU D 348 -22.59 26.76 -8.36
N HIS D 349 -22.75 26.54 -9.66
CA HIS D 349 -24.06 26.62 -10.29
C HIS D 349 -24.52 25.28 -10.83
N GLY D 350 -23.86 24.20 -10.44
CA GLY D 350 -24.34 22.86 -10.75
C GLY D 350 -24.42 22.51 -12.21
N LYS D 351 -23.65 23.16 -13.07
CA LYS D 351 -23.67 22.80 -14.48
C LYS D 351 -22.94 21.48 -14.67
N ASN D 352 -23.61 20.54 -15.34
CA ASN D 352 -23.01 19.23 -15.59
C ASN D 352 -22.24 19.27 -16.90
N ILE D 353 -21.09 19.94 -16.84
CA ILE D 353 -20.23 20.15 -17.99
C ILE D 353 -18.84 19.64 -17.64
N LEU D 354 -18.31 18.74 -18.46
CA LEU D 354 -16.96 18.23 -18.27
C LEU D 354 -15.95 19.32 -18.62
N VAL D 355 -15.10 19.67 -17.66
CA VAL D 355 -14.11 20.74 -17.84
C VAL D 355 -12.71 20.16 -17.84
N VAL D 356 -11.87 20.64 -18.74
CA VAL D 356 -10.51 20.17 -18.91
C VAL D 356 -9.63 21.38 -19.15
N GLY D 357 -8.44 21.40 -18.56
CA GLY D 357 -7.54 22.52 -18.66
C GLY D 357 -6.23 22.16 -19.35
N GLY D 358 -5.66 23.14 -20.05
CA GLY D 358 -4.41 22.92 -20.75
C GLY D 358 -3.57 24.18 -20.75
N ARG D 359 -2.33 24.02 -21.19
CA ARG D 359 -1.37 25.11 -21.27
C ARG D 359 -0.88 25.26 -22.70
N TYR D 360 -0.62 26.50 -23.11
CA TYR D 360 -0.23 26.78 -24.49
C TYR D 360 0.64 28.02 -24.53
N GLY D 361 1.40 28.14 -25.61
CA GLY D 361 2.03 29.40 -25.99
C GLY D 361 3.00 29.97 -24.99
N LEU D 362 3.67 29.12 -24.20
CA LEU D 362 4.66 29.62 -23.26
C LEU D 362 5.88 30.20 -23.98
N GLY D 363 6.27 31.40 -23.57
CA GLY D 363 7.39 32.08 -24.22
C GLY D 363 7.16 32.33 -25.69
N SER D 364 5.96 32.78 -26.06
CA SER D 364 5.61 33.08 -27.45
C SER D 364 5.67 31.84 -28.35
N LYS D 365 5.42 30.67 -27.78
CA LYS D 365 5.30 29.46 -28.61
C LYS D 365 4.16 29.65 -29.60
N GLU D 366 4.36 29.18 -30.83
CA GLU D 366 3.34 29.35 -31.85
C GLU D 366 2.04 28.65 -31.44
N PHE D 367 0.92 29.30 -31.75
CA PHE D 367 -0.42 28.77 -31.46
C PHE D 367 -1.28 29.06 -32.69
N ASN D 368 -1.42 28.07 -33.55
CA ASN D 368 -2.08 28.17 -34.84
C ASN D 368 -3.37 27.35 -34.89
N PRO D 369 -4.20 27.54 -35.93
CA PRO D 369 -5.48 26.82 -35.99
C PRO D 369 -5.37 25.31 -35.91
N SER D 370 -4.29 24.72 -36.43
CA SER D 370 -4.12 23.27 -36.33
C SER D 370 -4.11 22.82 -34.89
N MET D 371 -3.51 23.62 -34.01
CA MET D 371 -3.52 23.31 -32.58
C MET D 371 -4.91 23.52 -31.99
N VAL D 372 -5.64 24.55 -32.44
CA VAL D 372 -6.98 24.79 -31.93
C VAL D 372 -7.89 23.60 -32.23
N LYS D 373 -7.75 23.02 -33.43
CA LYS D 373 -8.55 21.84 -33.76
C LYS D 373 -8.19 20.66 -32.87
N ALA D 374 -6.90 20.52 -32.52
CA ALA D 374 -6.49 19.45 -31.62
C ALA D 374 -7.15 19.59 -30.26
N VAL D 375 -7.30 20.83 -29.77
CA VAL D 375 -8.01 21.06 -28.52
C VAL D 375 -9.47 20.67 -28.66
N PHE D 376 -10.10 21.04 -29.78
CA PHE D 376 -11.48 20.63 -30.03
C PHE D 376 -11.57 19.14 -30.25
N ASP D 377 -10.59 18.54 -30.94
CA ASP D 377 -10.61 17.10 -31.14
C ASP D 377 -10.42 16.35 -29.83
N ASN D 378 -9.63 16.89 -28.91
CA ASN D 378 -9.50 16.24 -27.61
C ASN D 378 -10.81 16.27 -26.84
N LEU D 379 -11.58 17.36 -26.98
CA LEU D 379 -12.89 17.39 -26.35
C LEU D 379 -13.84 16.38 -26.97
N ALA D 380 -13.60 16.00 -28.23
CA ALA D 380 -14.44 15.04 -28.92
C ALA D 380 -14.04 13.59 -28.66
N ALA D 381 -12.91 13.37 -28.02
CA ALA D 381 -12.49 12.00 -27.72
C ALA D 381 -13.38 11.41 -26.63
N THR D 382 -13.34 10.08 -26.52
CA THR D 382 -14.15 9.40 -25.51
C THR D 382 -13.75 9.81 -24.11
N THR D 383 -12.45 9.87 -23.83
CA THR D 383 -11.95 10.35 -22.54
C THR D 383 -10.95 11.46 -22.79
N PRO D 384 -11.38 12.72 -22.70
CA PRO D 384 -10.46 13.83 -22.96
C PRO D 384 -9.30 13.86 -21.97
N LYS D 385 -8.10 14.04 -22.50
CA LYS D 385 -6.92 14.15 -21.66
C LYS D 385 -6.96 15.49 -20.92
N ASN D 386 -6.73 15.47 -19.62
CA ASN D 386 -6.73 16.68 -18.81
C ASN D 386 -5.31 17.07 -18.44
N LYS D 387 -5.14 18.33 -18.05
CA LYS D 387 -3.84 18.89 -17.69
C LYS D 387 -2.83 18.72 -18.82
N PHE D 388 -3.23 19.11 -20.02
CA PHE D 388 -2.49 18.85 -21.25
C PHE D 388 -1.70 20.08 -21.68
N THR D 389 -0.89 19.90 -22.72
CA THR D 389 -0.15 20.97 -23.34
C THR D 389 -0.33 20.91 -24.85
N VAL D 390 -0.21 22.07 -25.50
CA VAL D 390 -0.38 22.19 -26.94
C VAL D 390 0.78 23.00 -27.50
N GLY D 391 1.41 22.48 -28.56
CA GLY D 391 2.52 23.13 -29.21
C GLY D 391 3.87 22.50 -28.97
N ILE D 392 3.97 21.48 -28.12
CA ILE D 392 5.22 20.80 -27.84
C ILE D 392 5.01 19.30 -27.92
N THR D 393 6.11 18.56 -27.84
CA THR D 393 6.10 17.10 -27.80
C THR D 393 6.64 16.65 -26.46
N ASP D 394 5.75 16.29 -25.54
CA ASP D 394 6.12 15.86 -24.19
C ASP D 394 6.23 14.35 -24.17
N ASP D 395 7.42 13.83 -24.45
CA ASP D 395 7.65 12.39 -24.40
C ASP D 395 8.12 11.92 -23.03
N VAL D 396 8.09 12.78 -22.03
CA VAL D 396 8.51 12.41 -20.68
C VAL D 396 7.28 12.15 -19.81
N THR D 397 6.39 13.15 -19.71
CA THR D 397 5.17 13.03 -18.94
C THR D 397 3.92 12.87 -19.79
N HIS D 398 4.06 12.92 -21.12
CA HIS D 398 2.96 12.58 -22.04
C HIS D 398 1.73 13.44 -21.81
N THR D 399 1.93 14.75 -21.66
CA THR D 399 0.82 15.69 -21.52
C THR D 399 0.46 16.37 -22.83
N SER D 400 1.33 16.30 -23.84
CA SER D 400 1.12 17.03 -25.08
C SER D 400 0.09 16.31 -25.96
N LEU D 401 -0.70 17.11 -26.67
CA LEU D 401 -1.65 16.58 -27.62
C LEU D 401 -0.97 16.32 -28.96
N GLU D 402 -1.45 15.29 -29.67
CA GLU D 402 -0.90 14.94 -30.96
C GLU D 402 -1.54 15.82 -32.03
N ILE D 403 -0.72 16.52 -32.81
CA ILE D 403 -1.22 17.31 -33.94
C ILE D 403 -1.42 16.38 -35.12
N LYS D 404 -2.65 15.93 -35.33
CA LYS D 404 -2.92 14.90 -36.33
C LYS D 404 -2.74 15.45 -37.74
N GLU D 405 -3.52 16.48 -38.10
CA GLU D 405 -3.53 17.01 -39.45
C GLU D 405 -3.36 18.53 -39.44
N HIS D 406 -2.96 19.05 -40.59
CA HIS D 406 -2.77 20.48 -40.81
C HIS D 406 -3.93 21.06 -41.60
N ILE D 407 -4.57 22.10 -41.05
CA ILE D 407 -5.71 22.75 -41.69
C ILE D 407 -5.36 24.20 -41.98
N ASP D 408 -6.02 24.76 -42.99
CA ASP D 408 -5.84 26.16 -43.39
C ASP D 408 -7.20 26.86 -43.21
N THR D 409 -7.31 27.66 -42.15
CA THR D 409 -8.54 28.37 -41.82
C THR D 409 -8.52 29.83 -42.21
N SER D 410 -7.51 30.26 -42.96
CA SER D 410 -7.42 31.65 -43.36
C SER D 410 -8.57 31.98 -44.30
N PRO D 411 -9.26 33.11 -44.10
CA PRO D 411 -10.34 33.48 -45.01
C PRO D 411 -9.83 33.71 -46.42
N LYS D 412 -10.64 33.29 -47.40
CA LYS D 412 -10.26 33.45 -48.80
C LYS D 412 -10.11 34.92 -49.14
N GLY D 413 -9.12 35.23 -49.99
CA GLY D 413 -8.84 36.59 -50.37
C GLY D 413 -7.78 37.27 -49.54
N THR D 414 -7.24 36.59 -48.53
CA THR D 414 -6.19 37.14 -47.68
C THR D 414 -4.84 36.75 -48.26
N PHE D 415 -4.00 37.75 -48.55
CA PHE D 415 -2.67 37.52 -49.08
C PHE D 415 -1.68 37.32 -47.93
N ARG D 416 -0.72 36.42 -48.13
CA ARG D 416 0.24 36.06 -47.09
C ARG D 416 1.64 36.00 -47.67
N CYS D 417 2.58 36.71 -47.05
CA CYS D 417 3.94 36.82 -47.55
C CYS D 417 4.96 36.58 -46.44
N LYS D 418 6.04 35.87 -46.78
CA LYS D 418 7.18 35.68 -45.89
C LYS D 418 8.42 36.27 -46.55
N PHE D 419 9.21 36.99 -45.76
CA PHE D 419 10.44 37.63 -46.24
C PHE D 419 11.59 37.19 -45.36
N PHE D 420 12.51 36.42 -45.91
CA PHE D 420 13.74 36.03 -45.22
C PHE D 420 14.79 37.10 -45.48
N GLY D 421 15.16 37.85 -44.45
CA GLY D 421 16.11 38.93 -44.57
C GLY D 421 17.33 38.71 -43.68
N LEU D 422 18.32 39.57 -43.87
CA LEU D 422 19.52 39.58 -43.05
C LEU D 422 19.42 40.74 -42.07
N GLY D 423 20.14 40.61 -40.95
CA GLY D 423 20.14 41.63 -39.92
C GLY D 423 20.47 43.02 -40.41
N SER D 424 19.53 43.95 -40.24
CA SER D 424 19.75 45.37 -40.55
C SER D 424 20.08 45.63 -42.02
N ASP D 425 19.53 44.81 -42.92
CA ASP D 425 19.71 45.04 -44.35
C ASP D 425 18.58 45.87 -44.95
N GLY D 426 17.62 46.32 -44.13
CA GLY D 426 16.52 47.13 -44.61
C GLY D 426 15.26 46.35 -44.94
N THR D 427 15.29 45.02 -44.83
CA THR D 427 14.13 44.22 -45.21
C THR D 427 12.93 44.55 -44.33
N VAL D 428 13.11 44.47 -43.00
CA VAL D 428 12.02 44.72 -42.07
C VAL D 428 11.49 46.13 -42.21
N GLY D 429 12.39 47.11 -42.28
CA GLY D 429 11.95 48.49 -42.43
C GLY D 429 11.19 48.70 -43.72
N ALA D 430 11.63 48.05 -44.80
CA ALA D 430 10.91 48.16 -46.07
C ALA D 430 9.54 47.50 -45.99
N ASN D 431 9.46 46.33 -45.37
CA ASN D 431 8.17 45.65 -45.21
C ASN D 431 7.23 46.45 -44.31
N LYS D 432 7.76 47.08 -43.27
CA LYS D 432 6.91 47.96 -42.45
C LYS D 432 6.35 49.10 -43.29
N ASN D 433 7.17 49.68 -44.16
CA ASN D 433 6.70 50.75 -45.04
C ASN D 433 5.69 50.23 -46.06
N SER D 434 5.86 48.99 -46.52
CA SER D 434 4.93 48.44 -47.50
C SER D 434 3.53 48.32 -46.91
N ILE D 435 3.44 47.99 -45.63
CA ILE D 435 2.14 47.89 -44.97
C ILE D 435 1.49 49.25 -44.86
N LYS D 436 2.25 50.27 -44.48
CA LYS D 436 1.70 51.62 -44.37
C LYS D 436 1.21 52.12 -45.72
N ILE D 437 1.93 51.78 -46.79
CA ILE D 437 1.50 52.15 -48.14
C ILE D 437 0.15 51.51 -48.47
N ILE D 438 0.06 50.19 -48.28
CA ILE D 438 -1.16 49.47 -48.63
C ILE D 438 -2.32 49.89 -47.73
N GLY D 439 -2.03 50.08 -46.44
CA GLY D 439 -3.11 50.41 -45.50
C GLY D 439 -3.69 51.79 -45.73
N ASP D 440 -2.85 52.75 -46.11
CA ASP D 440 -3.31 54.13 -46.24
C ASP D 440 -4.11 54.40 -47.52
N HIS D 441 -3.94 53.59 -48.55
CA HIS D 441 -4.53 53.88 -49.85
C HIS D 441 -5.54 52.85 -50.34
N THR D 442 -5.81 51.80 -49.58
CA THR D 442 -6.83 50.83 -49.95
C THR D 442 -7.76 50.59 -48.76
N ASP D 443 -8.86 49.90 -49.03
CA ASP D 443 -9.79 49.48 -47.98
C ASP D 443 -9.38 48.18 -47.30
N MET D 444 -8.26 47.59 -47.67
CA MET D 444 -7.88 46.28 -47.15
C MET D 444 -7.27 46.39 -45.76
N TYR D 445 -7.56 45.42 -44.92
CA TYR D 445 -6.84 45.28 -43.67
C TYR D 445 -5.45 44.74 -43.93
N ALA D 446 -4.50 45.13 -43.09
CA ALA D 446 -3.10 44.77 -43.24
C ALA D 446 -2.53 44.34 -41.89
N GLN D 447 -1.65 43.34 -41.92
CA GLN D 447 -1.03 42.81 -40.72
C GLN D 447 0.45 42.56 -40.96
N GLY D 448 1.27 42.85 -39.95
CA GLY D 448 2.69 42.56 -40.01
C GLY D 448 3.29 42.05 -38.71
N TYR D 449 4.04 40.96 -38.78
CA TYR D 449 4.74 40.40 -37.62
C TYR D 449 6.14 40.02 -38.04
N PHE D 450 7.11 40.27 -37.15
CA PHE D 450 8.53 40.18 -37.50
C PHE D 450 9.28 39.33 -36.47
N VAL D 451 9.94 38.28 -36.94
CA VAL D 451 10.72 37.38 -36.10
C VAL D 451 12.18 37.80 -36.18
N TYR D 452 12.79 38.08 -35.03
CA TYR D 452 14.17 38.54 -34.96
C TYR D 452 15.07 37.43 -34.43
N ASP D 453 16.37 37.68 -34.47
CA ASP D 453 17.38 36.72 -34.03
C ASP D 453 18.06 37.19 -32.75
N SER D 454 18.63 36.20 -32.03
CA SER D 454 19.37 36.49 -30.81
C SER D 454 20.75 37.07 -31.11
N LYS D 455 21.32 36.74 -32.27
CA LYS D 455 22.58 37.34 -32.69
C LYS D 455 22.34 38.81 -33.02
N LYS D 456 23.22 39.68 -32.52
CA LYS D 456 22.99 41.11 -32.69
C LYS D 456 23.31 41.58 -34.11
N SER D 457 24.22 40.90 -34.80
CA SER D 457 24.63 41.29 -36.15
C SER D 457 24.69 40.07 -37.03
N GLY D 458 24.09 40.15 -38.23
CA GLY D 458 24.10 39.05 -39.16
C GLY D 458 23.05 37.99 -38.91
N GLY D 459 22.04 38.29 -38.10
CA GLY D 459 21.01 37.31 -37.80
C GLY D 459 19.97 37.18 -38.89
N VAL D 460 19.17 36.13 -38.79
CA VAL D 460 18.10 35.88 -39.74
C VAL D 460 16.83 36.56 -39.23
N THR D 461 16.16 37.30 -40.10
CA THR D 461 14.88 37.92 -39.77
C THR D 461 13.84 37.43 -40.77
N ILE D 462 12.66 37.10 -40.26
CA ILE D 462 11.55 36.60 -41.07
C ILE D 462 10.34 37.50 -40.82
N SER D 463 9.92 38.20 -41.87
CA SER D 463 8.76 39.08 -41.79
C SER D 463 7.51 38.33 -42.28
N HIS D 464 6.41 38.49 -41.55
CA HIS D 464 5.13 37.88 -41.89
C HIS D 464 4.10 38.97 -42.11
N LEU D 465 3.66 39.14 -43.35
CA LEU D 465 2.71 40.18 -43.72
C LEU D 465 1.44 39.55 -44.26
N ARG D 466 0.30 40.17 -43.96
CA ARG D 466 -0.99 39.72 -44.46
C ARG D 466 -1.81 40.93 -44.89
N PHE D 467 -2.46 40.81 -46.04
CA PHE D 467 -3.38 41.83 -46.52
C PHE D 467 -4.62 41.15 -47.05
N GLY D 468 -5.78 41.70 -46.73
CA GLY D 468 -7.03 41.13 -47.21
C GLY D 468 -8.19 42.10 -47.06
N LYS D 469 -9.26 41.79 -47.78
CA LYS D 469 -10.48 42.58 -47.68
C LYS D 469 -11.28 42.29 -46.41
N GLN D 470 -10.94 41.22 -45.70
CA GLN D 470 -11.61 40.82 -44.48
C GLN D 470 -10.71 41.07 -43.27
N PRO D 471 -11.27 41.27 -42.09
CA PRO D 471 -10.44 41.50 -40.91
C PRO D 471 -9.47 40.35 -40.67
N ILE D 472 -8.25 40.71 -40.28
CA ILE D 472 -7.17 39.73 -40.14
C ILE D 472 -7.13 39.29 -38.69
N GLN D 473 -7.62 38.08 -38.42
CA GLN D 473 -7.58 37.48 -37.10
C GLN D 473 -6.44 36.47 -36.95
N SER D 474 -5.53 36.41 -37.91
CA SER D 474 -4.48 35.39 -37.93
C SER D 474 -3.32 35.87 -37.08
N ALA D 475 -3.48 35.74 -35.76
CA ALA D 475 -2.41 36.09 -34.82
C ALA D 475 -1.46 34.91 -34.64
N TYR D 476 -0.92 34.46 -35.76
CA TYR D 476 0.04 33.36 -35.78
C TYR D 476 0.88 33.46 -37.04
N LEU D 477 2.00 32.73 -37.06
CA LEU D 477 2.91 32.78 -38.18
C LEU D 477 2.26 32.20 -39.44
N ILE D 478 2.80 32.59 -40.59
CA ILE D 478 2.18 32.26 -41.86
C ILE D 478 2.39 30.79 -42.20
N ASP D 479 1.29 30.09 -42.48
CA ASP D 479 1.28 28.67 -42.81
C ASP D 479 1.35 28.42 -44.32
N GLN D 480 0.44 29.04 -45.08
CA GLN D 480 0.38 28.90 -46.53
C GLN D 480 0.67 30.27 -47.13
N ALA D 481 1.86 30.43 -47.70
CA ALA D 481 2.31 31.72 -48.22
C ALA D 481 2.04 31.79 -49.71
N ASP D 482 1.45 32.91 -50.14
CA ASP D 482 1.30 33.18 -51.56
C ASP D 482 2.60 33.68 -52.17
N LEU D 483 3.46 34.31 -51.36
CA LEU D 483 4.74 34.81 -51.82
C LEU D 483 5.77 34.62 -50.72
N ILE D 484 6.96 34.15 -51.11
CA ILE D 484 8.10 33.99 -50.23
C ILE D 484 9.30 34.64 -50.89
N ALA D 485 9.97 35.54 -50.18
CA ALA D 485 11.13 36.27 -50.69
C ALA D 485 12.35 35.92 -49.87
N CYS D 486 13.46 35.67 -50.56
CA CYS D 486 14.74 35.36 -49.93
C CYS D 486 15.74 36.42 -50.36
N HIS D 487 16.11 37.30 -49.43
CA HIS D 487 16.99 38.42 -49.73
C HIS D 487 18.47 38.09 -49.49
N ASN D 488 18.79 36.83 -49.16
CA ASN D 488 20.16 36.43 -48.92
C ASN D 488 20.44 35.09 -49.58
N PRO D 489 21.31 35.05 -50.60
CA PRO D 489 21.58 33.78 -51.27
C PRO D 489 22.25 32.75 -50.38
N SER D 490 22.88 33.18 -49.28
CA SER D 490 23.50 32.24 -48.36
C SER D 490 22.49 31.31 -47.71
N TYR D 491 21.22 31.74 -47.61
CA TYR D 491 20.19 30.91 -47.01
C TYR D 491 19.84 29.71 -47.87
N VAL D 492 20.13 29.77 -49.18
CA VAL D 492 19.85 28.65 -50.07
C VAL D 492 20.71 27.46 -49.68
N GLY D 493 20.07 26.35 -49.33
CA GLY D 493 20.76 25.17 -48.84
C GLY D 493 21.01 25.14 -47.35
N ARG D 494 20.69 26.21 -46.63
CA ARG D 494 20.88 26.29 -45.19
C ARG D 494 19.59 26.17 -44.39
N TYR D 495 18.52 26.84 -44.83
CA TYR D 495 17.23 26.78 -44.16
C TYR D 495 16.18 26.28 -45.15
N ASN D 496 15.12 25.70 -44.60
CA ASN D 496 14.00 25.21 -45.41
C ASN D 496 13.10 26.40 -45.76
N LEU D 497 13.54 27.14 -46.78
CA LEU D 497 12.87 28.37 -47.17
C LEU D 497 11.49 28.11 -47.75
N LEU D 498 11.39 27.16 -48.68
CA LEU D 498 10.15 26.91 -49.41
C LEU D 498 9.13 26.09 -48.63
N GLU D 499 9.22 26.03 -47.30
CA GLU D 499 8.30 25.22 -46.54
C GLU D 499 6.90 25.83 -46.54
N GLY D 500 5.90 25.03 -46.92
CA GLY D 500 4.52 25.43 -46.83
C GLY D 500 4.04 26.45 -47.84
N ILE D 501 4.83 26.76 -48.87
CA ILE D 501 4.38 27.71 -49.89
C ILE D 501 3.20 27.12 -50.65
N LYS D 502 2.26 27.97 -51.01
CA LYS D 502 1.06 27.50 -51.70
C LYS D 502 1.42 27.06 -53.12
N PRO D 503 0.72 26.07 -53.65
CA PRO D 503 0.92 25.68 -55.05
C PRO D 503 0.59 26.84 -55.98
N GLY D 504 1.49 27.08 -56.93
CA GLY D 504 1.35 28.21 -57.84
C GLY D 504 1.76 29.54 -57.26
N GLY D 505 2.32 29.56 -56.05
CA GLY D 505 2.74 30.78 -55.43
C GLY D 505 3.95 31.42 -56.10
N ILE D 506 4.39 32.53 -55.50
CA ILE D 506 5.51 33.30 -56.01
C ILE D 506 6.70 33.09 -55.10
N PHE D 507 7.87 32.88 -55.71
CA PHE D 507 9.12 32.77 -54.97
C PHE D 507 10.10 33.78 -55.56
N LEU D 508 10.46 34.79 -54.77
CA LEU D 508 11.37 35.84 -55.20
C LEU D 508 12.72 35.63 -54.53
N LEU D 509 13.78 35.63 -55.32
CA LEU D 509 15.12 35.39 -54.82
C LEU D 509 16.04 36.52 -55.26
N ASN D 510 16.90 36.96 -54.35
CA ASN D 510 17.95 37.92 -54.64
C ASN D 510 19.26 37.14 -54.68
N SER D 511 19.87 37.04 -55.86
CA SER D 511 21.13 36.34 -55.99
C SER D 511 21.81 36.77 -57.28
N THR D 512 23.10 36.47 -57.37
CA THR D 512 23.90 36.74 -58.55
C THR D 512 23.95 35.56 -59.50
N TRP D 513 23.20 34.50 -59.22
CA TRP D 513 23.27 33.30 -60.04
C TRP D 513 22.36 33.49 -61.25
N SER D 514 22.85 33.09 -62.42
CA SER D 514 22.05 33.20 -63.64
C SER D 514 21.08 32.03 -63.73
N ALA D 515 20.20 32.09 -64.75
CA ALA D 515 19.20 31.06 -64.92
C ALA D 515 19.82 29.69 -65.20
N GLU D 516 20.96 29.67 -65.91
CA GLU D 516 21.62 28.41 -66.20
C GLU D 516 22.34 27.86 -64.98
N GLU D 517 22.95 28.74 -64.18
CA GLU D 517 23.66 28.36 -62.97
C GLU D 517 22.71 27.85 -61.88
N MET D 518 21.39 28.04 -62.04
CA MET D 518 20.41 27.52 -61.08
C MET D 518 20.50 26.02 -60.97
N ASP D 519 20.86 25.33 -62.05
CA ASP D 519 20.88 23.87 -62.03
C ASP D 519 21.94 23.33 -61.08
N SER D 520 23.09 24.00 -61.00
CA SER D 520 24.19 23.53 -60.18
C SER D 520 24.20 24.16 -58.78
N ARG D 521 23.55 25.31 -58.60
CA ARG D 521 23.61 26.04 -57.34
C ARG D 521 22.50 25.65 -56.37
N LEU D 522 21.29 25.44 -56.86
CA LEU D 522 20.17 25.15 -55.97
C LEU D 522 20.17 23.67 -55.57
N PRO D 523 19.84 23.37 -54.31
CA PRO D 523 19.73 21.97 -53.89
C PRO D 523 18.56 21.28 -54.58
N ALA D 524 18.62 19.94 -54.57
CA ALA D 524 17.63 19.17 -55.33
C ALA D 524 16.24 19.26 -54.73
N ASP D 525 16.12 19.19 -53.40
CA ASP D 525 14.81 19.28 -52.76
C ASP D 525 14.16 20.62 -53.04
N MET D 526 14.96 21.68 -53.10
CA MET D 526 14.44 23.00 -53.43
C MET D 526 13.96 23.04 -54.87
N LYS D 527 14.73 22.44 -55.79
CA LYS D 527 14.33 22.41 -57.19
C LYS D 527 13.05 21.60 -57.37
N ARG D 528 12.88 20.53 -56.61
CA ARG D 528 11.67 19.72 -56.73
C ARG D 528 10.44 20.51 -56.31
N THR D 529 10.53 21.24 -55.20
CA THR D 529 9.38 22.02 -54.72
C THR D 529 9.01 23.11 -55.73
N ILE D 530 10.01 23.79 -56.31
CA ILE D 530 9.71 24.85 -57.27
C ILE D 530 8.98 24.29 -58.48
N ALA D 531 9.37 23.10 -58.94
CA ALA D 531 8.78 22.52 -60.15
C ALA D 531 7.43 21.86 -59.88
N THR D 532 7.35 21.03 -58.83
CA THR D 532 6.11 20.31 -58.57
C THR D 532 4.96 21.25 -58.25
N LYS D 533 5.21 22.27 -57.44
CA LYS D 533 4.17 23.24 -57.11
C LYS D 533 3.99 24.31 -58.16
N LYS D 534 4.79 24.28 -59.23
CA LYS D 534 4.66 25.21 -60.35
C LYS D 534 4.71 26.67 -59.89
N LEU D 535 5.72 26.99 -59.09
CA LEU D 535 5.87 28.32 -58.54
C LEU D 535 6.37 29.27 -59.62
N LYS D 536 5.94 30.53 -59.51
CA LYS D 536 6.46 31.58 -60.38
C LYS D 536 7.76 32.08 -59.77
N PHE D 537 8.87 31.64 -60.34
CA PHE D 537 10.20 31.85 -59.79
C PHE D 537 10.80 33.11 -60.40
N TYR D 538 11.04 34.12 -59.57
CA TYR D 538 11.67 35.35 -60.00
C TYR D 538 13.00 35.51 -59.29
N ASN D 539 13.95 36.12 -60.00
CA ASN D 539 15.29 36.36 -59.48
C ASN D 539 15.71 37.78 -59.81
N ILE D 540 16.58 38.34 -58.99
CA ILE D 540 17.09 39.68 -59.22
C ILE D 540 18.43 39.80 -58.53
N ASP D 541 19.41 40.39 -59.23
CA ASP D 541 20.72 40.66 -58.65
C ASP D 541 20.73 42.09 -58.13
N ALA D 542 20.12 42.28 -56.97
CA ALA D 542 20.08 43.61 -56.37
C ALA D 542 21.47 44.10 -56.01
N VAL D 543 22.38 43.17 -55.67
CA VAL D 543 23.75 43.55 -55.34
C VAL D 543 24.42 44.20 -56.54
N LYS D 544 24.19 43.64 -57.73
CA LYS D 544 24.76 44.24 -58.94
C LYS D 544 24.19 45.64 -59.17
N ILE D 545 22.89 45.83 -58.91
CA ILE D 545 22.28 47.14 -59.12
C ILE D 545 22.84 48.17 -58.14
N ALA D 546 22.92 47.82 -56.86
CA ALA D 546 23.39 48.77 -55.86
C ALA D 546 24.85 49.16 -56.09
N GLN D 547 25.66 48.23 -56.60
CA GLN D 547 27.05 48.55 -56.88
C GLN D 547 27.17 49.55 -58.02
N GLU D 548 26.45 49.32 -59.11
CA GLU D 548 26.54 50.19 -60.27
C GLU D 548 25.95 51.58 -59.99
N ILE D 549 24.87 51.64 -59.22
CA ILE D 549 24.28 52.93 -58.88
C ILE D 549 25.10 53.67 -57.83
N GLY D 550 25.75 52.94 -56.93
CA GLY D 550 26.50 53.56 -55.85
C GLY D 550 25.85 53.49 -54.49
N LEU D 551 24.83 52.65 -54.31
CA LEU D 551 24.19 52.47 -53.02
C LEU D 551 24.93 51.48 -52.14
N GLY D 552 26.11 51.02 -52.55
CA GLY D 552 26.84 50.03 -51.78
C GLY D 552 26.21 48.66 -51.86
N SER D 553 25.74 48.16 -50.72
CA SER D 553 25.02 46.89 -50.66
C SER D 553 23.60 47.06 -50.16
N ARG D 554 23.12 48.30 -50.00
CA ARG D 554 21.75 48.52 -49.58
C ARG D 554 20.79 48.08 -50.67
N ILE D 555 19.98 47.06 -50.37
CA ILE D 555 19.05 46.48 -51.32
C ILE D 555 17.61 46.61 -50.85
N ASN D 556 17.36 47.40 -49.80
CA ASN D 556 16.02 47.54 -49.27
C ASN D 556 15.09 48.19 -50.28
N VAL D 557 15.53 49.28 -50.90
CA VAL D 557 14.72 49.96 -51.90
C VAL D 557 14.52 49.07 -53.12
N ILE D 558 15.56 48.34 -53.51
CA ILE D 558 15.49 47.52 -54.72
C ILE D 558 14.47 46.39 -54.55
N MET D 559 14.56 45.65 -53.45
CA MET D 559 13.70 44.48 -53.28
C MET D 559 12.25 44.85 -53.00
N GLN D 560 12.02 45.98 -52.32
CA GLN D 560 10.65 46.41 -52.08
C GLN D 560 9.93 46.69 -53.39
N THR D 561 10.64 47.29 -54.35
CA THR D 561 10.06 47.50 -55.67
C THR D 561 9.79 46.18 -56.38
N ALA D 562 10.73 45.24 -56.29
CA ALA D 562 10.55 43.94 -56.93
C ALA D 562 9.34 43.22 -56.37
N PHE D 563 9.03 43.44 -55.09
CA PHE D 563 7.86 42.80 -54.48
C PHE D 563 6.57 43.30 -55.10
N PHE D 564 6.37 44.63 -55.13
CA PHE D 564 5.12 45.18 -55.65
C PHE D 564 4.91 44.82 -57.13
N LYS D 565 6.01 44.65 -57.88
CA LYS D 565 5.87 44.35 -59.31
C LYS D 565 5.18 43.02 -59.54
N ILE D 566 5.39 42.04 -58.66
CA ILE D 566 4.86 40.70 -58.85
C ILE D 566 3.72 40.35 -57.89
N ALA D 567 3.56 41.07 -56.79
CA ALA D 567 2.51 40.73 -55.82
C ALA D 567 1.11 41.00 -56.37
N ASN D 568 0.97 42.00 -57.23
CA ASN D 568 -0.34 42.38 -57.78
C ASN D 568 -1.34 42.74 -56.68
N VAL D 569 -0.85 43.42 -55.64
CA VAL D 569 -1.74 43.88 -54.59
C VAL D 569 -2.43 45.18 -55.00
N ILE D 570 -1.69 46.07 -55.63
CA ILE D 570 -2.24 47.31 -56.20
C ILE D 570 -1.70 47.46 -57.60
N PRO D 571 -2.30 48.34 -58.42
CA PRO D 571 -1.72 48.64 -59.73
C PRO D 571 -0.26 49.06 -59.60
N VAL D 572 0.58 48.48 -60.47
CA VAL D 572 2.03 48.70 -60.37
C VAL D 572 2.35 50.19 -60.49
N ASP D 573 1.60 50.91 -61.32
CA ASP D 573 1.85 52.34 -61.47
C ASP D 573 1.55 53.07 -60.17
N GLU D 574 0.49 52.68 -59.47
CA GLU D 574 0.18 53.30 -58.17
C GLU D 574 1.24 52.95 -57.14
N ALA D 575 1.75 51.71 -57.17
CA ALA D 575 2.76 51.30 -56.21
C ALA D 575 4.05 52.07 -56.40
N ILE D 576 4.47 52.28 -57.65
CA ILE D 576 5.72 52.98 -57.93
C ILE D 576 5.67 54.40 -57.41
N LYS D 577 4.51 55.06 -57.50
CA LYS D 577 4.38 56.42 -56.97
C LYS D 577 4.54 56.43 -55.45
N TYR D 578 3.88 55.50 -54.76
CA TYR D 578 3.95 55.46 -53.31
C TYR D 578 5.36 55.08 -52.83
N ILE D 579 6.08 54.26 -53.59
CA ILE D 579 7.45 53.92 -53.22
C ILE D 579 8.33 55.16 -53.27
N LYS D 580 8.29 55.89 -54.39
CA LYS D 580 9.08 57.10 -54.52
C LYS D 580 8.65 58.17 -53.51
N ASP D 581 7.36 58.22 -53.19
CA ASP D 581 6.89 59.13 -52.15
C ASP D 581 7.52 58.80 -50.81
N SER D 582 7.70 57.51 -50.52
CA SER D 582 8.38 57.12 -49.29
C SER D 582 9.86 57.46 -49.35
N ILE D 583 10.44 57.50 -50.55
CA ILE D 583 11.82 57.95 -50.70
C ILE D 583 11.93 59.41 -50.33
N VAL D 584 10.95 60.22 -50.75
CA VAL D 584 10.91 61.63 -50.39
C VAL D 584 10.75 61.80 -48.88
N LYS D 585 9.92 60.95 -48.25
CA LYS D 585 9.72 61.07 -46.82
C LYS D 585 10.97 60.69 -46.04
N THR D 586 11.77 59.75 -46.56
CA THR D 586 12.97 59.32 -45.87
C THR D 586 14.19 60.13 -46.28
N TYR D 587 14.33 60.42 -47.57
CA TYR D 587 15.49 61.15 -48.08
C TYR D 587 15.14 62.57 -48.51
N GLY D 588 14.13 63.17 -47.88
CA GLY D 588 13.78 64.54 -48.22
C GLY D 588 14.75 65.54 -47.61
N LYS D 589 15.17 65.27 -46.37
CA LYS D 589 16.21 66.04 -45.74
C LYS D 589 17.59 65.66 -46.24
N LYS D 590 17.70 64.52 -46.92
CA LYS D 590 18.96 64.07 -47.49
C LYS D 590 19.32 64.90 -48.73
N GLY D 591 20.52 64.65 -49.24
CA GLY D 591 21.01 65.39 -50.39
C GLY D 591 20.24 65.06 -51.66
N ASP D 592 20.44 65.93 -52.66
CA ASP D 592 19.79 65.75 -53.96
C ASP D 592 20.42 64.61 -54.76
N LYS D 593 21.72 64.36 -54.57
CA LYS D 593 22.37 63.28 -55.31
C LYS D 593 21.93 61.90 -54.81
N ILE D 594 21.82 61.73 -53.49
CA ILE D 594 21.38 60.45 -52.95
C ILE D 594 19.91 60.18 -53.30
N LEU D 595 19.12 61.24 -53.48
CA LEU D 595 17.72 61.07 -53.85
C LEU D 595 17.60 60.42 -55.23
N ASN D 596 18.40 60.89 -56.19
CA ASN D 596 18.34 60.35 -57.54
C ASN D 596 18.85 58.91 -57.62
N MET D 597 19.71 58.49 -56.69
CA MET D 597 20.16 57.10 -56.69
C MET D 597 19.02 56.15 -56.33
N ASN D 598 18.25 56.49 -55.29
CA ASN D 598 17.15 55.61 -54.89
C ASN D 598 16.04 55.57 -55.95
N PHE D 599 15.87 56.66 -56.70
CA PHE D 599 14.95 56.62 -57.84
C PHE D 599 15.44 55.66 -58.91
N ALA D 600 16.75 55.64 -59.18
CA ALA D 600 17.29 54.72 -60.17
C ALA D 600 17.21 53.28 -59.71
N ALA D 601 17.31 53.03 -58.41
CA ALA D 601 17.15 51.67 -57.90
C ALA D 601 15.76 51.14 -58.21
N VAL D 602 14.74 51.95 -57.98
CA VAL D 602 13.37 51.54 -58.30
C VAL D 602 13.24 51.27 -59.79
N ASP D 603 13.73 52.20 -60.61
CA ASP D 603 13.58 52.08 -62.06
C ASP D 603 14.37 50.89 -62.60
N ARG D 604 15.63 50.75 -62.18
CA ARG D 604 16.47 49.68 -62.70
C ARG D 604 15.99 48.31 -62.21
N ALA D 605 15.38 48.26 -61.02
CA ALA D 605 14.90 46.98 -60.50
C ALA D 605 13.76 46.44 -61.37
N LEU D 606 12.90 47.33 -61.86
CA LEU D 606 11.79 46.87 -62.70
C LEU D 606 12.30 46.19 -63.97
N GLU D 607 13.38 46.73 -64.55
CA GLU D 607 13.95 46.13 -65.75
C GLU D 607 14.88 44.97 -65.44
N ALA D 608 15.41 44.91 -64.22
CA ALA D 608 16.33 43.84 -63.86
C ALA D 608 15.66 42.62 -63.25
N LEU D 609 14.42 42.76 -62.78
CA LEU D 609 13.68 41.62 -62.24
C LEU D 609 13.35 40.68 -63.39
N GLU D 610 13.94 39.48 -63.36
CA GLU D 610 13.81 38.53 -64.45
C GLU D 610 13.12 37.28 -63.94
N GLU D 611 12.05 36.87 -64.63
CA GLU D 611 11.37 35.63 -64.27
C GLU D 611 12.17 34.45 -64.81
N ILE D 612 12.37 33.45 -63.97
CA ILE D 612 13.20 32.29 -64.30
C ILE D 612 12.29 31.19 -64.83
N LYS D 613 12.42 30.89 -66.12
CA LYS D 613 11.69 29.77 -66.73
C LYS D 613 12.55 28.53 -66.53
N TYR D 614 12.21 27.72 -65.54
CA TYR D 614 12.97 26.56 -65.13
C TYR D 614 12.46 25.30 -65.86
N PRO D 615 13.38 24.36 -66.12
CA PRO D 615 12.97 23.13 -66.81
C PRO D 615 12.07 22.27 -65.94
N ALA D 616 11.16 21.56 -66.60
CA ALA D 616 10.30 20.61 -65.90
C ALA D 616 11.09 19.43 -65.33
N SER D 617 12.31 19.19 -65.84
CA SER D 617 13.15 18.13 -65.32
C SER D 617 13.65 18.40 -63.91
N TRP D 618 13.44 19.60 -63.38
CA TRP D 618 13.82 19.88 -61.99
C TRP D 618 13.01 19.04 -61.01
N ALA D 619 11.79 18.65 -61.39
CA ALA D 619 10.99 17.80 -60.52
C ALA D 619 11.62 16.42 -60.34
N ASP D 620 12.46 15.99 -61.27
CA ASP D 620 13.13 14.70 -61.21
C ASP D 620 14.52 14.77 -60.59
N ALA D 621 14.97 15.95 -60.17
CA ALA D 621 16.28 16.07 -59.54
C ALA D 621 16.34 15.27 -58.24
N VAL D 622 17.51 14.69 -57.98
CA VAL D 622 17.73 13.82 -56.82
C VAL D 622 18.82 14.43 -55.96
N ASP D 623 18.64 14.34 -54.64
CA ASP D 623 19.61 14.91 -53.70
C ASP D 623 20.97 14.24 -53.86
N GLU D 624 22.02 15.05 -53.78
CA GLU D 624 23.39 14.55 -53.90
C GLU D 624 23.78 13.75 -52.66
N THR D 630 31.17 14.87 -40.14
CA THR D 630 32.17 14.74 -39.09
C THR D 630 31.52 14.36 -37.76
N GLU D 631 32.23 13.55 -36.97
CA GLU D 631 31.75 13.11 -35.67
C GLU D 631 31.79 14.29 -34.70
N GLU D 632 30.63 14.85 -34.42
CA GLU D 632 30.49 15.99 -33.52
C GLU D 632 29.96 15.52 -32.17
N PRO D 633 30.20 16.30 -31.10
CA PRO D 633 29.66 15.94 -29.79
C PRO D 633 28.15 15.81 -29.83
N GLU D 634 27.62 15.02 -28.89
CA GLU D 634 26.18 14.75 -28.90
C GLU D 634 25.35 16.00 -28.72
N PHE D 635 25.78 16.91 -27.84
CA PHE D 635 24.99 18.12 -27.62
C PHE D 635 24.92 18.97 -28.88
N ILE D 636 26.07 19.15 -29.54
CA ILE D 636 26.09 19.91 -30.80
C ILE D 636 25.23 19.20 -31.83
N GLN D 637 25.30 17.87 -31.87
CA GLN D 637 24.58 17.10 -32.87
C GLN D 637 23.08 17.13 -32.62
N LYS D 638 22.65 17.01 -31.36
CA LYS D 638 21.23 16.87 -31.05
C LYS D 638 20.53 18.18 -30.70
N VAL D 639 21.26 19.23 -30.34
CA VAL D 639 20.62 20.45 -29.87
C VAL D 639 21.02 21.66 -30.72
N LEU D 640 22.32 21.95 -30.77
CA LEU D 640 22.78 23.21 -31.37
C LEU D 640 22.47 23.27 -32.86
N ARG D 641 22.77 22.22 -33.61
CA ARG D 641 22.50 22.23 -35.04
C ARG D 641 21.03 22.45 -35.36
N PRO D 642 20.08 21.70 -34.78
CA PRO D 642 18.66 21.95 -35.11
C PRO D 642 18.18 23.34 -34.73
N ILE D 643 18.68 23.91 -33.64
CA ILE D 643 18.24 25.24 -33.25
C ILE D 643 18.74 26.29 -34.23
N ASN D 644 20.02 26.21 -34.61
CA ASN D 644 20.57 27.17 -35.58
C ASN D 644 19.96 26.96 -36.97
N ALA D 645 19.52 25.75 -37.27
CA ALA D 645 18.82 25.48 -38.53
C ALA D 645 17.36 25.84 -38.49
N LEU D 646 16.91 26.58 -37.47
CA LEU D 646 15.51 26.99 -37.33
C LEU D 646 14.59 25.78 -37.22
N LYS D 647 15.05 24.74 -36.52
CA LYS D 647 14.28 23.51 -36.33
C LYS D 647 14.13 23.16 -34.85
N GLY D 648 14.28 24.15 -33.96
CA GLY D 648 14.24 23.87 -32.54
C GLY D 648 12.89 23.43 -32.03
N ASP D 649 11.81 23.86 -32.68
CA ASP D 649 10.47 23.48 -32.25
C ASP D 649 10.21 21.98 -32.38
N GLU D 650 10.99 21.28 -33.20
CA GLU D 650 10.83 19.84 -33.36
C GLU D 650 11.53 19.05 -32.25
N LEU D 651 12.37 19.69 -31.44
CA LEU D 651 13.07 18.97 -30.38
C LEU D 651 12.13 18.65 -29.23
N PRO D 652 12.00 17.39 -28.83
CA PRO D 652 11.04 17.00 -27.79
C PRO D 652 11.55 17.41 -26.41
N VAL D 653 10.68 17.17 -25.41
CA VAL D 653 10.99 17.57 -24.04
C VAL D 653 12.18 16.78 -23.52
N SER D 654 12.32 15.51 -23.91
CA SER D 654 13.40 14.68 -23.41
C SER D 654 14.78 15.18 -23.83
N THR D 655 14.86 16.21 -24.66
CA THR D 655 16.16 16.70 -25.10
C THR D 655 16.85 17.56 -24.04
N PHE D 656 16.08 18.21 -23.18
CA PHE D 656 16.58 19.28 -22.34
C PHE D 656 16.71 18.86 -20.89
N THR D 657 17.65 19.48 -20.19
CA THR D 657 17.83 19.26 -18.76
C THR D 657 16.67 19.90 -18.00
N PRO D 658 16.32 19.38 -16.83
CA PRO D 658 15.19 19.94 -16.07
C PRO D 658 15.49 21.26 -15.38
N ASP D 659 16.75 21.70 -15.35
CA ASP D 659 17.13 22.90 -14.61
C ASP D 659 17.79 23.97 -15.48
N GLY D 660 17.75 23.83 -16.80
CA GLY D 660 18.31 24.86 -17.67
C GLY D 660 19.82 24.99 -17.64
N VAL D 661 20.53 23.89 -17.45
CA VAL D 661 21.99 23.86 -17.44
C VAL D 661 22.49 23.48 -18.83
N PHE D 662 23.45 24.23 -19.35
CA PHE D 662 23.97 24.03 -20.69
C PHE D 662 25.47 23.85 -20.64
N PRO D 663 26.05 23.15 -21.62
CA PRO D 663 27.51 22.99 -21.66
C PRO D 663 28.19 24.30 -22.04
N VAL D 664 29.50 24.34 -21.82
CA VAL D 664 30.30 25.50 -22.15
C VAL D 664 31.08 25.25 -23.44
N GLY D 665 31.58 26.33 -24.03
CA GLY D 665 32.42 26.26 -25.21
C GLY D 665 31.73 25.66 -26.43
N THR D 666 30.54 26.18 -26.76
CA THR D 666 29.77 25.67 -27.88
C THR D 666 29.71 26.61 -29.07
N THR D 667 30.16 27.86 -28.92
CA THR D 667 30.12 28.79 -30.05
C THR D 667 31.14 28.45 -31.11
N LYS D 668 32.16 27.65 -30.78
CA LYS D 668 33.13 27.26 -31.80
C LYS D 668 32.54 26.34 -32.86
N TYR D 669 31.35 25.79 -32.65
CA TYR D 669 30.69 24.95 -33.63
C TYR D 669 29.78 25.72 -34.57
N GLU D 670 29.65 27.03 -34.40
CA GLU D 670 28.76 27.81 -35.26
C GLU D 670 29.41 28.10 -36.61
N LYS D 671 30.56 28.78 -36.59
CA LYS D 671 31.28 29.20 -37.79
C LYS D 671 30.37 29.93 -38.75
N ARG D 672 29.81 31.05 -38.26
CA ARG D 672 28.79 31.76 -39.01
C ARG D 672 29.34 32.37 -40.30
N GLY D 673 30.54 32.92 -40.24
CA GLY D 673 31.17 33.51 -41.43
C GLY D 673 30.38 34.66 -42.02
N ILE D 674 30.13 35.69 -41.20
CA ILE D 674 29.26 36.80 -41.59
C ILE D 674 30.03 38.03 -42.03
N ALA D 675 31.37 37.98 -42.02
CA ALA D 675 32.18 39.16 -42.31
C ALA D 675 32.24 39.45 -43.80
N VAL D 676 32.22 40.73 -44.16
CA VAL D 676 32.44 41.11 -45.55
C VAL D 676 33.93 41.16 -45.86
N ASN D 677 34.73 41.68 -44.93
CA ASN D 677 36.18 41.74 -45.07
C ASN D 677 36.81 41.09 -43.85
N ILE D 678 37.99 40.49 -44.07
CA ILE D 678 38.74 39.79 -43.04
C ILE D 678 40.16 40.36 -43.04
N PRO D 679 40.79 40.52 -41.87
CA PRO D 679 42.17 41.04 -41.85
C PRO D 679 43.16 40.01 -42.38
N GLN D 680 44.06 40.47 -43.25
CA GLN D 680 45.19 39.67 -43.70
C GLN D 680 46.48 40.21 -43.09
N TRP D 681 47.26 39.31 -42.50
CA TRP D 681 48.43 39.67 -41.72
C TRP D 681 49.66 39.78 -42.63
N GLN D 682 50.42 40.86 -42.45
CA GLN D 682 51.67 41.10 -43.18
C GLN D 682 52.83 40.78 -42.25
N PRO D 683 53.47 39.62 -42.38
CA PRO D 683 54.48 39.21 -41.38
C PRO D 683 55.67 40.15 -41.27
N GLU D 684 56.01 40.86 -42.34
CA GLU D 684 57.20 41.69 -42.31
C GLU D 684 57.00 43.01 -41.57
N ASN D 685 55.75 43.47 -41.43
CA ASN D 685 55.50 44.73 -40.75
C ASN D 685 55.17 44.55 -39.28
N CYS D 686 55.05 43.31 -38.80
CA CYS D 686 54.54 43.03 -37.47
C CYS D 686 55.67 43.09 -36.43
N ILE D 687 55.45 43.85 -35.36
CA ILE D 687 56.41 43.96 -34.26
C ILE D 687 56.08 43.00 -33.12
N GLN D 688 55.07 42.15 -33.30
CA GLN D 688 54.70 41.13 -32.31
C GLN D 688 54.34 41.78 -30.98
N CYS D 689 53.31 42.63 -31.02
CA CYS D 689 52.86 43.35 -29.84
C CYS D 689 51.54 42.84 -29.30
N ASN D 690 50.80 42.04 -30.07
CA ASN D 690 49.58 41.37 -29.66
C ASN D 690 48.44 42.32 -29.33
N GLN D 691 48.55 43.61 -29.68
CA GLN D 691 47.46 44.53 -29.42
C GLN D 691 46.22 44.18 -30.24
N CYS D 692 46.41 43.55 -31.40
CA CYS D 692 45.27 43.13 -32.20
C CYS D 692 44.51 42.01 -31.50
N SER D 693 45.23 41.07 -30.88
CA SER D 693 44.58 40.00 -30.14
C SER D 693 43.88 40.53 -28.91
N LEU D 694 44.35 41.65 -28.36
CA LEU D 694 43.76 42.21 -27.16
C LEU D 694 42.38 42.79 -27.43
N VAL D 695 42.23 43.48 -28.57
CA VAL D 695 41.02 44.26 -28.82
C VAL D 695 39.95 43.51 -29.60
N CYS D 696 40.21 42.29 -30.04
CA CYS D 696 39.24 41.60 -30.87
C CYS D 696 38.00 41.26 -30.05
N PRO D 697 36.83 41.82 -30.38
CA PRO D 697 35.62 41.51 -29.60
C PRO D 697 35.10 40.10 -29.80
N HIS D 698 35.75 39.27 -30.61
CA HIS D 698 35.27 37.91 -30.84
C HIS D 698 36.35 36.84 -30.71
N ALA D 699 37.56 37.21 -30.25
CA ALA D 699 38.66 36.27 -30.12
C ALA D 699 38.93 35.55 -31.44
N ALA D 700 38.75 36.28 -32.55
CA ALA D 700 38.93 35.71 -33.87
C ALA D 700 40.34 35.86 -34.40
N ILE D 701 41.18 36.64 -33.74
CA ILE D 701 42.55 36.85 -34.14
C ILE D 701 43.42 36.72 -32.90
N ARG D 702 44.38 35.82 -32.94
CA ARG D 702 45.16 35.44 -31.78
C ARG D 702 46.60 35.19 -32.23
N PRO D 703 47.57 35.35 -31.34
CA PRO D 703 48.94 34.99 -31.67
C PRO D 703 49.17 33.51 -31.38
N TYR D 704 49.98 32.89 -32.23
CA TYR D 704 50.28 31.48 -32.10
C TYR D 704 51.79 31.32 -32.11
N LEU D 705 52.31 30.61 -31.11
CA LEU D 705 53.72 30.30 -31.03
C LEU D 705 53.91 28.81 -31.30
N ALA D 706 55.04 28.46 -31.90
CA ALA D 706 55.32 27.07 -32.19
C ALA D 706 56.81 26.88 -32.43
N LYS D 707 57.35 25.81 -31.86
CA LYS D 707 58.71 25.40 -32.18
C LYS D 707 58.75 24.97 -33.64
N PRO D 708 59.90 25.14 -34.30
CA PRO D 708 59.97 24.79 -35.73
C PRO D 708 59.64 23.34 -36.04
N ALA D 709 59.76 22.43 -35.06
CA ALA D 709 59.41 21.03 -35.30
C ALA D 709 57.91 20.84 -35.46
N ASP D 710 57.10 21.67 -34.78
CA ASP D 710 55.65 21.54 -34.84
C ASP D 710 55.05 22.07 -36.13
N LEU D 711 55.85 22.69 -37.00
CA LEU D 711 55.39 23.22 -38.28
C LEU D 711 55.52 22.22 -39.41
N ALA D 712 55.38 20.92 -39.12
CA ALA D 712 55.61 19.89 -40.12
C ALA D 712 54.58 19.95 -41.25
N GLY D 713 53.31 19.69 -40.92
CA GLY D 713 52.27 19.67 -41.93
C GLY D 713 51.63 21.00 -42.24
N ALA D 714 52.32 22.11 -41.96
CA ALA D 714 51.73 23.42 -42.15
C ALA D 714 51.55 23.71 -43.64
N PRO D 715 50.45 24.38 -44.02
CA PRO D 715 50.27 24.77 -45.41
C PRO D 715 51.30 25.81 -45.83
N GLU D 716 51.45 25.97 -47.15
CA GLU D 716 52.43 26.91 -47.67
C GLU D 716 52.06 28.36 -47.34
N THR D 717 50.78 28.64 -47.12
CA THR D 717 50.33 29.99 -46.80
C THR D 717 50.46 30.32 -45.32
N PHE D 718 50.85 29.35 -44.50
CA PHE D 718 51.03 29.55 -43.06
C PHE D 718 52.41 30.16 -42.78
N VAL D 719 52.61 31.36 -43.31
CA VAL D 719 53.90 32.04 -43.20
C VAL D 719 54.14 32.46 -41.75
N THR D 720 55.34 32.19 -41.25
CA THR D 720 55.71 32.50 -39.88
C THR D 720 56.89 33.46 -39.88
N LYS D 721 57.20 33.97 -38.69
CA LYS D 721 58.34 34.85 -38.47
C LYS D 721 59.04 34.45 -37.18
N ASP D 722 60.31 34.84 -37.07
CA ASP D 722 61.05 34.57 -35.85
C ASP D 722 60.41 35.34 -34.70
N ALA D 723 60.38 34.74 -33.52
CA ALA D 723 59.68 35.35 -32.40
C ALA D 723 60.54 36.41 -31.73
N ILE D 724 59.97 37.57 -31.50
CA ILE D 724 60.66 38.65 -30.82
C ILE D 724 60.50 38.45 -29.31
N GLY D 725 61.60 38.63 -28.58
CA GLY D 725 61.55 38.52 -27.13
C GLY D 725 62.43 37.42 -26.58
N LYS D 726 63.03 37.66 -25.42
CA LYS D 726 63.90 36.64 -24.83
C LYS D 726 63.12 35.42 -24.36
N GLU D 727 61.83 35.59 -24.04
CA GLU D 727 61.05 34.46 -23.57
C GLU D 727 60.74 33.49 -24.70
N ALA D 728 60.51 34.00 -25.91
CA ALA D 728 60.16 33.18 -27.05
C ALA D 728 61.33 32.96 -28.00
N ALA D 729 62.55 32.88 -27.48
CA ALA D 729 63.71 32.69 -28.32
C ALA D 729 63.66 31.30 -28.96
N GLY D 730 63.98 31.24 -30.25
CA GLY D 730 64.00 29.99 -30.97
C GLY D 730 62.64 29.49 -31.40
N LEU D 731 61.59 30.31 -31.27
CA LEU D 731 60.24 29.94 -31.63
C LEU D 731 59.76 30.82 -32.79
N LYS D 732 58.70 30.37 -33.45
CA LYS D 732 58.07 31.12 -34.52
C LYS D 732 56.81 31.82 -34.01
N PHE D 733 56.49 32.94 -34.66
CA PHE D 733 55.37 33.79 -34.28
C PHE D 733 54.47 33.98 -35.48
N ARG D 734 53.17 34.04 -35.25
CA ARG D 734 52.22 34.28 -36.33
C ARG D 734 50.94 34.86 -35.75
N ILE D 735 50.39 35.85 -36.43
CA ILE D 735 49.08 36.40 -36.11
C ILE D 735 48.08 35.71 -37.04
N GLN D 736 47.19 34.88 -36.48
CA GLN D 736 46.23 34.11 -37.27
C GLN D 736 44.80 34.50 -36.92
N VAL D 737 43.98 34.64 -37.95
CA VAL D 737 42.56 35.01 -37.80
C VAL D 737 41.71 33.78 -38.10
N SER D 738 40.55 33.70 -37.44
CA SER D 738 39.56 32.68 -37.74
C SER D 738 38.59 33.25 -38.77
N PRO D 739 38.65 32.81 -40.03
CA PRO D 739 37.82 33.46 -41.05
C PRO D 739 36.33 33.26 -40.81
N LEU D 740 35.93 32.06 -40.38
CA LEU D 740 34.51 31.77 -40.20
C LEU D 740 33.95 32.39 -38.92
N ASP D 741 34.80 32.75 -37.96
CA ASP D 741 34.34 33.36 -36.72
C ASP D 741 34.55 34.87 -36.66
N CYS D 742 35.38 35.42 -37.53
CA CYS D 742 35.59 36.86 -37.56
C CYS D 742 34.34 37.59 -38.05
N THR D 743 34.16 38.81 -37.55
CA THR D 743 33.00 39.63 -37.89
C THR D 743 33.32 40.77 -38.86
N GLY D 744 34.59 41.00 -39.17
CA GLY D 744 34.93 42.05 -40.11
C GLY D 744 34.81 43.47 -39.58
N CYS D 745 34.89 43.65 -38.26
CA CYS D 745 34.72 44.97 -37.68
C CYS D 745 35.88 45.91 -38.03
N GLY D 746 37.10 45.37 -38.10
CA GLY D 746 38.25 46.17 -38.47
C GLY D 746 38.97 46.88 -37.34
N ASN D 747 38.67 46.54 -36.08
CA ASN D 747 39.36 47.18 -34.97
C ASN D 747 40.83 46.79 -34.92
N CYS D 748 41.12 45.53 -35.25
CA CYS D 748 42.50 45.05 -35.18
C CYS D 748 43.39 45.77 -36.19
N ALA D 749 42.85 46.09 -37.35
CA ALA D 749 43.61 46.85 -38.33
C ALA D 749 43.85 48.28 -37.85
N ASP D 750 42.90 48.86 -37.12
CA ASP D 750 43.04 50.25 -36.70
C ASP D 750 43.97 50.42 -35.51
N VAL D 751 43.99 49.46 -34.60
CA VAL D 751 44.80 49.62 -33.39
C VAL D 751 46.27 49.32 -33.64
N CYS D 752 46.59 48.60 -34.70
CA CYS D 752 47.94 48.20 -35.06
C CYS D 752 48.83 49.42 -35.17
N PRO D 753 49.79 49.59 -34.26
CA PRO D 753 50.60 50.82 -34.23
C PRO D 753 51.90 50.75 -35.03
N ALA D 754 52.11 49.71 -35.83
CA ALA D 754 53.35 49.58 -36.58
C ALA D 754 53.47 50.73 -37.57
N LYS D 755 54.71 50.98 -38.01
CA LYS D 755 54.95 52.04 -38.98
C LYS D 755 54.09 51.83 -40.23
N VAL D 756 54.25 50.68 -40.88
CA VAL D 756 53.33 50.23 -41.92
C VAL D 756 52.37 49.24 -41.30
N LYS D 757 51.08 49.40 -41.57
CA LYS D 757 50.06 48.54 -41.00
C LYS D 757 50.32 47.08 -41.39
N ALA D 758 50.42 46.22 -40.39
CA ALA D 758 50.60 44.79 -40.61
C ALA D 758 49.29 44.04 -40.84
N LEU D 759 48.15 44.73 -40.80
CA LEU D 759 46.85 44.13 -41.06
C LEU D 759 46.10 44.96 -42.09
N THR D 760 45.63 44.31 -43.15
CA THR D 760 44.88 44.97 -44.19
C THR D 760 43.59 44.19 -44.43
N MET D 761 42.48 44.91 -44.56
CA MET D 761 41.17 44.30 -44.70
C MET D 761 41.00 43.81 -46.14
N VAL D 762 40.83 42.49 -46.30
CA VAL D 762 40.66 41.91 -47.63
C VAL D 762 39.30 41.23 -47.70
N PRO D 763 38.67 41.14 -48.87
CA PRO D 763 37.35 40.50 -48.96
C PRO D 763 37.43 39.04 -48.51
N LEU D 764 36.36 38.59 -47.85
CA LEU D 764 36.34 37.23 -47.30
C LEU D 764 36.37 36.17 -48.39
N GLU D 765 35.53 36.34 -49.43
CA GLU D 765 35.38 35.29 -50.44
C GLU D 765 36.68 35.00 -51.18
N GLU D 766 37.57 36.00 -51.27
CA GLU D 766 38.80 35.81 -52.02
C GLU D 766 39.80 34.94 -51.27
N VAL D 767 39.80 35.00 -49.94
CA VAL D 767 40.80 34.32 -49.12
C VAL D 767 40.17 33.33 -48.15
N THR D 768 38.88 33.01 -48.30
CA THR D 768 38.22 32.15 -47.32
C THR D 768 38.78 30.73 -47.31
N ALA D 769 38.99 30.13 -48.49
CA ALA D 769 39.53 28.78 -48.54
C ALA D 769 40.94 28.73 -47.97
N VAL D 770 41.73 29.78 -48.20
CA VAL D 770 43.11 29.80 -47.74
C VAL D 770 43.17 29.92 -46.22
N GLU D 771 42.50 30.93 -45.67
CA GLU D 771 42.61 31.19 -44.25
C GLU D 771 41.98 30.10 -43.40
N GLU D 772 41.04 29.33 -43.95
CA GLU D 772 40.48 28.21 -43.21
C GLU D 772 41.53 27.15 -42.95
N ALA D 773 42.31 26.79 -43.98
CA ALA D 773 43.37 25.82 -43.79
C ALA D 773 44.42 26.35 -42.82
N ASN D 774 44.67 27.67 -42.84
CA ASN D 774 45.60 28.26 -41.89
C ASN D 774 45.08 28.19 -40.47
N TYR D 775 43.81 28.58 -40.27
CA TYR D 775 43.25 28.57 -38.93
C TYR D 775 43.11 27.14 -38.38
N ASN D 776 42.69 26.20 -39.22
CA ASN D 776 42.56 24.82 -38.76
C ASN D 776 43.90 24.22 -38.33
N PHE D 777 45.00 24.65 -38.93
CA PHE D 777 46.31 24.18 -38.48
C PHE D 777 46.76 24.91 -37.23
N ALA D 778 46.50 26.22 -37.14
CA ALA D 778 46.93 26.98 -35.98
C ALA D 778 46.19 26.56 -34.71
N GLU D 779 44.90 26.23 -34.84
CA GLU D 779 44.13 25.83 -33.67
C GLU D 779 44.57 24.46 -33.15
N GLN D 780 45.05 23.58 -34.02
CA GLN D 780 45.52 22.27 -33.60
C GLN D 780 46.98 22.26 -33.19
N LEU D 781 47.62 23.42 -33.08
CA LEU D 781 49.02 23.46 -32.69
C LEU D 781 49.18 22.99 -31.24
N PRO D 782 50.27 22.29 -30.93
CA PRO D 782 50.47 21.81 -29.56
C PRO D 782 50.72 22.97 -28.60
N GLU D 783 50.55 22.66 -27.32
CA GLU D 783 50.79 23.65 -26.28
C GLU D 783 52.28 23.99 -26.20
N VAL D 784 52.55 25.25 -25.89
CA VAL D 784 53.92 25.77 -25.76
C VAL D 784 54.03 26.40 -24.39
N LYS D 785 54.86 25.81 -23.52
CA LYS D 785 55.11 26.39 -22.21
C LYS D 785 56.02 27.60 -22.39
N VAL D 786 55.52 28.78 -22.05
CA VAL D 786 56.26 30.03 -22.20
C VAL D 786 56.13 30.84 -20.92
N ASN D 787 57.20 31.54 -20.56
CA ASN D 787 57.26 32.31 -19.32
C ASN D 787 57.06 33.80 -19.54
N PHE D 788 56.31 34.20 -20.57
CA PHE D 788 56.04 35.61 -20.77
C PHE D 788 55.18 36.16 -19.64
N ASN D 789 55.51 37.38 -19.22
CA ASN D 789 54.82 38.02 -18.09
C ASN D 789 53.39 38.33 -18.46
N PRO D 790 52.39 37.74 -17.78
CA PRO D 790 50.99 38.09 -18.08
C PRO D 790 50.59 39.49 -17.65
N ALA D 791 51.41 40.21 -16.88
CA ALA D 791 51.07 41.55 -16.44
C ALA D 791 51.18 42.58 -17.55
N THR D 792 51.78 42.23 -18.68
CA THR D 792 51.88 43.10 -19.83
C THR D 792 50.82 42.73 -20.87
N VAL D 793 50.58 43.66 -21.80
CA VAL D 793 49.60 43.41 -22.84
C VAL D 793 50.06 42.29 -23.77
N LYS D 794 51.34 42.34 -24.18
CA LYS D 794 51.84 41.31 -25.09
C LYS D 794 51.82 39.94 -24.42
N GLY D 795 52.21 39.86 -23.15
CA GLY D 795 52.24 38.59 -22.46
C GLY D 795 50.87 38.02 -22.18
N SER D 796 49.87 38.88 -21.93
CA SER D 796 48.54 38.39 -21.60
C SER D 796 47.87 37.74 -22.80
N GLN D 797 48.15 38.21 -24.01
CA GLN D 797 47.49 37.67 -25.19
C GLN D 797 48.06 36.32 -25.62
N PHE D 798 49.17 35.89 -25.02
CA PHE D 798 49.68 34.54 -25.24
C PHE D 798 48.90 33.49 -24.46
N ARG D 799 48.09 33.91 -23.49
CA ARG D 799 47.17 33.03 -22.81
C ARG D 799 45.92 32.82 -23.66
N GLN D 800 45.36 31.63 -23.58
CA GLN D 800 44.20 31.28 -24.40
C GLN D 800 42.98 32.08 -23.95
N PRO D 801 42.26 32.74 -24.86
CA PRO D 801 41.02 33.41 -24.48
C PRO D 801 39.94 32.38 -24.18
N LEU D 802 39.25 32.58 -23.05
CA LEU D 802 38.16 31.70 -22.65
C LEU D 802 36.79 32.32 -22.87
N LEU D 803 36.72 33.37 -23.69
CA LEU D 803 35.45 33.95 -24.13
C LEU D 803 35.61 34.20 -25.62
N GLU D 804 34.91 33.41 -26.44
CA GLU D 804 35.18 33.43 -27.87
C GLU D 804 33.88 33.31 -28.66
N PHE D 805 33.82 34.05 -29.77
CA PHE D 805 32.80 33.85 -30.80
C PHE D 805 31.39 34.12 -30.27
N SER D 806 31.26 35.15 -29.45
CA SER D 806 29.95 35.48 -28.89
C SER D 806 29.07 36.12 -29.96
N GLY D 807 27.83 36.37 -29.58
CA GLY D 807 26.87 37.04 -30.44
C GLY D 807 26.85 38.55 -30.33
N ALA D 808 27.85 39.15 -29.69
CA ALA D 808 27.90 40.59 -29.58
C ALA D 808 28.11 41.22 -30.96
N CYS D 809 27.85 42.52 -31.04
CA CYS D 809 27.98 43.21 -32.31
C CYS D 809 29.43 43.20 -32.78
N ALA D 810 29.59 43.50 -34.07
CA ALA D 810 30.93 43.67 -34.63
C ALA D 810 31.56 44.92 -34.02
N GLY D 811 32.71 44.76 -33.40
CA GLY D 811 33.37 45.88 -32.77
C GLY D 811 32.82 46.25 -31.41
N CYS D 812 32.15 45.31 -30.74
CA CYS D 812 31.54 45.57 -29.44
C CYS D 812 32.60 45.99 -28.42
N GLY D 813 32.27 46.99 -27.60
CA GLY D 813 33.17 47.49 -26.60
C GLY D 813 33.17 46.78 -25.27
N GLU D 814 32.33 45.75 -25.09
CA GLU D 814 32.24 45.01 -23.84
C GLU D 814 33.08 43.74 -23.82
N THR D 815 32.99 42.92 -24.86
CA THR D 815 33.68 41.65 -24.87
C THR D 815 35.19 41.72 -24.76
N PRO D 816 35.89 42.75 -25.27
CA PRO D 816 37.35 42.80 -25.05
C PRO D 816 37.76 42.87 -23.60
N TYR D 817 36.97 43.51 -22.73
CA TYR D 817 37.29 43.51 -21.30
C TYR D 817 37.18 42.11 -20.72
N VAL D 818 36.04 41.45 -20.94
CA VAL D 818 35.81 40.14 -20.33
C VAL D 818 36.79 39.11 -20.90
N LYS D 819 37.11 39.21 -22.19
CA LYS D 819 38.09 38.31 -22.78
C LYS D 819 39.45 38.42 -22.07
N LEU D 820 39.85 39.64 -21.72
CA LEU D 820 41.13 39.83 -21.05
C LEU D 820 41.11 39.19 -19.66
N VAL D 821 39.98 39.29 -18.97
CA VAL D 821 39.87 38.70 -17.63
C VAL D 821 39.99 37.19 -17.71
N THR D 822 39.38 36.58 -18.72
CA THR D 822 39.50 35.13 -18.88
C THR D 822 40.93 34.73 -19.22
N GLN D 823 41.68 35.61 -19.88
CA GLN D 823 43.09 35.33 -20.15
C GLN D 823 43.94 35.48 -18.90
N LEU D 824 43.47 36.24 -17.91
CA LEU D 824 44.20 36.41 -16.66
C LEU D 824 43.76 35.40 -15.60
N PHE D 825 42.44 35.25 -15.40
CA PHE D 825 41.94 34.45 -14.29
C PHE D 825 40.89 33.41 -14.68
N GLY D 826 40.69 33.14 -15.98
CA GLY D 826 39.64 32.22 -16.37
C GLY D 826 39.81 30.81 -15.84
N ASP D 827 41.05 30.43 -15.48
CA ASP D 827 41.32 29.09 -14.96
C ASP D 827 40.57 28.81 -13.66
N ARG D 828 40.20 29.85 -12.90
CA ARG D 828 39.70 29.68 -11.55
C ARG D 828 38.60 30.68 -11.19
N MET D 829 37.79 31.10 -12.16
CA MET D 829 36.78 32.12 -11.87
C MET D 829 35.36 31.62 -12.07
N ILE D 830 34.45 32.24 -11.31
CA ILE D 830 33.00 32.00 -11.37
C ILE D 830 32.36 33.33 -11.72
N ILE D 831 31.43 33.33 -12.66
CA ILE D 831 30.84 34.56 -13.18
C ILE D 831 29.38 34.64 -12.78
N ALA D 832 29.00 35.73 -12.11
CA ALA D 832 27.62 36.09 -11.84
C ALA D 832 27.30 37.31 -12.69
N ASN D 833 26.54 37.11 -13.77
CA ASN D 833 26.35 38.12 -14.80
C ASN D 833 24.95 38.70 -14.70
N ALA D 834 24.86 40.03 -14.64
CA ALA D 834 23.57 40.67 -14.60
C ALA D 834 22.89 40.55 -15.95
N THR D 835 21.56 40.64 -15.94
CA THR D 835 20.83 40.62 -17.20
C THR D 835 21.13 41.88 -18.00
N GLY D 836 21.30 41.69 -19.30
CA GLY D 836 21.67 42.77 -20.19
C GLY D 836 22.42 42.21 -21.38
N CYS D 837 23.08 43.10 -22.12
CA CYS D 837 23.86 42.65 -23.27
C CYS D 837 24.87 41.59 -22.84
N SER D 838 25.59 41.86 -21.75
CA SER D 838 26.61 40.93 -21.30
C SER D 838 26.05 39.55 -21.00
N SER D 839 24.76 39.46 -20.68
CA SER D 839 24.10 38.18 -20.51
C SER D 839 23.49 37.66 -21.80
N ILE D 840 23.25 38.53 -22.79
CA ILE D 840 22.69 38.06 -24.05
C ILE D 840 23.78 37.46 -24.94
N TRP D 841 24.88 38.15 -25.12
CA TRP D 841 25.97 37.54 -25.86
C TRP D 841 26.74 36.53 -25.02
N GLY D 842 26.60 36.60 -23.71
CA GLY D 842 27.32 35.68 -22.84
C GLY D 842 26.55 34.42 -22.54
N GLY D 843 25.24 34.46 -22.61
CA GLY D 843 24.44 33.30 -22.26
C GLY D 843 23.09 33.18 -22.91
N SER D 844 23.03 33.18 -24.24
CA SER D 844 21.80 32.89 -24.96
C SER D 844 21.85 31.45 -25.47
N ALA D 845 20.91 30.63 -25.02
CA ALA D 845 20.86 29.23 -25.44
C ALA D 845 20.67 29.14 -26.94
N PRO D 846 21.24 28.12 -27.59
CA PRO D 846 22.01 27.04 -26.97
C PRO D 846 23.53 27.24 -27.04
N ALA D 847 24.00 28.40 -27.49
CA ALA D 847 25.43 28.62 -27.71
C ALA D 847 26.05 29.34 -26.53
N CYS D 848 27.19 28.84 -26.06
CA CYS D 848 27.90 29.43 -24.93
C CYS D 848 29.28 29.90 -25.36
N PRO D 849 29.57 31.21 -25.25
CA PRO D 849 30.88 31.72 -25.70
C PRO D 849 32.03 31.43 -24.75
N TYR D 850 31.76 31.14 -23.49
CA TYR D 850 32.83 30.80 -22.55
C TYR D 850 33.27 29.37 -22.78
N THR D 851 34.57 29.14 -22.85
CA THR D 851 35.12 27.83 -23.15
C THR D 851 36.16 27.46 -22.10
N VAL D 852 36.79 26.31 -22.31
CA VAL D 852 37.74 25.75 -21.36
C VAL D 852 39.11 25.67 -22.01
N ASN D 853 40.13 25.43 -21.19
CA ASN D 853 41.49 25.24 -21.68
C ASN D 853 41.73 23.76 -21.95
N ARG D 854 43.01 23.39 -22.13
CA ARG D 854 43.33 22.00 -22.45
C ARG D 854 43.07 21.07 -21.27
N GLN D 855 43.19 21.57 -20.04
CA GLN D 855 42.90 20.78 -18.85
C GLN D 855 41.42 20.67 -18.55
N GLY D 856 40.57 21.35 -19.31
CA GLY D 856 39.13 21.31 -19.09
C GLY D 856 38.60 22.34 -18.12
N HIS D 857 39.41 23.30 -17.69
CA HIS D 857 38.99 24.32 -16.72
C HIS D 857 38.63 25.61 -17.45
N GLY D 858 37.61 26.29 -16.94
CA GLY D 858 37.12 27.51 -17.54
C GLY D 858 36.08 28.16 -16.65
N PRO D 859 35.65 29.37 -17.00
CA PRO D 859 34.71 30.10 -16.13
C PRO D 859 33.37 29.39 -16.05
N ALA D 860 32.85 29.27 -14.82
CA ALA D 860 31.48 28.84 -14.60
C ALA D 860 30.60 30.08 -14.60
N TRP D 861 29.51 30.03 -15.37
CA TRP D 861 28.73 31.21 -15.69
C TRP D 861 27.29 31.01 -15.26
N ALA D 862 26.74 32.01 -14.60
CA ALA D 862 25.36 31.96 -14.12
C ALA D 862 24.81 33.37 -14.15
N SER D 863 23.55 33.50 -14.53
CA SER D 863 22.86 34.78 -14.45
C SER D 863 21.56 34.58 -13.68
N SER D 864 21.36 35.39 -12.65
CA SER D 864 20.14 35.29 -11.86
C SER D 864 19.07 36.25 -12.38
N LEU D 865 19.04 37.47 -11.85
CA LEU D 865 18.08 38.48 -12.25
C LEU D 865 18.81 39.79 -12.52
N PHE D 866 18.04 40.81 -12.89
CA PHE D 866 18.58 42.13 -13.19
C PHE D 866 18.95 42.88 -11.92
N GLU D 867 18.15 42.74 -10.85
CA GLU D 867 18.31 43.54 -9.66
C GLU D 867 19.17 42.88 -8.58
N ASP D 868 19.45 41.59 -8.69
CA ASP D 868 20.08 40.85 -7.59
C ASP D 868 21.49 40.37 -7.90
N ASN D 869 22.12 40.90 -8.96
CA ASN D 869 23.37 40.31 -9.43
C ASN D 869 24.49 40.45 -8.40
N ALA D 870 24.57 41.60 -7.71
CA ALA D 870 25.63 41.80 -6.74
C ALA D 870 25.52 40.78 -5.61
N GLU D 871 24.32 40.68 -5.03
CA GLU D 871 24.07 39.69 -3.99
C GLU D 871 24.16 38.28 -4.53
N PHE D 872 23.86 38.08 -5.82
CA PHE D 872 24.01 36.78 -6.44
C PHE D 872 25.46 36.31 -6.38
N GLY D 873 26.39 37.15 -6.80
CA GLY D 873 27.79 36.78 -6.70
C GLY D 873 28.29 36.76 -5.27
N TYR D 874 27.75 37.64 -4.42
CA TYR D 874 28.11 37.63 -3.01
C TYR D 874 27.80 36.29 -2.36
N GLY D 875 26.61 35.73 -2.65
CA GLY D 875 26.27 34.42 -2.12
C GLY D 875 27.20 33.34 -2.61
N MET D 876 27.66 33.46 -3.85
CA MET D 876 28.65 32.50 -4.37
C MET D 876 29.91 32.55 -3.54
N ALA D 877 30.33 33.76 -3.14
CA ALA D 877 31.54 33.90 -2.34
C ALA D 877 31.40 33.21 -1.00
N LEU D 878 30.24 33.35 -0.35
CA LEU D 878 30.03 32.67 0.94
C LEU D 878 30.10 31.16 0.78
N ALA D 879 29.49 30.64 -0.29
CA ALA D 879 29.45 29.20 -0.50
C ALA D 879 30.84 28.65 -0.80
N VAL D 880 31.60 29.32 -1.67
CA VAL D 880 32.94 28.84 -1.99
C VAL D 880 33.80 28.82 -0.74
N ALA D 881 33.69 29.85 0.10
CA ALA D 881 34.41 29.85 1.37
C ALA D 881 33.98 28.71 2.27
N LYS D 882 32.67 28.40 2.29
CA LYS D 882 32.21 27.26 3.06
C LYS D 882 32.75 25.97 2.48
N ARG D 883 32.82 25.87 1.15
CA ARG D 883 33.37 24.67 0.52
C ARG D 883 34.86 24.54 0.77
N GLN D 884 35.57 25.67 0.87
CA GLN D 884 36.99 25.61 1.18
C GLN D 884 37.24 25.20 2.63
N ASP D 885 36.34 25.59 3.55
CA ASP D 885 36.51 25.20 4.95
C ASP D 885 36.37 23.69 5.13
N GLU D 886 35.46 23.07 4.40
CA GLU D 886 35.30 21.63 4.48
C GLU D 886 36.54 20.92 3.96
N LEU D 887 37.17 21.48 2.91
CA LEU D 887 38.40 20.90 2.39
C LEU D 887 39.54 21.10 3.37
N ALA D 888 39.67 22.31 3.91
CA ALA D 888 40.76 22.58 4.86
C ALA D 888 40.61 21.74 6.14
N THR D 889 39.38 21.44 6.54
CA THR D 889 39.18 20.57 7.69
C THR D 889 39.58 19.14 7.36
N ALA D 890 39.23 18.66 6.17
CA ALA D 890 39.63 17.32 5.76
C ALA D 890 41.13 17.22 5.52
N ILE D 891 41.76 18.33 5.11
CA ILE D 891 43.20 18.33 4.90
C ILE D 891 43.94 18.31 6.24
N SER D 892 43.44 19.05 7.22
CA SER D 892 44.07 19.05 8.53
C SER D 892 44.03 17.67 9.18
N LYS D 893 42.98 16.89 8.92
CA LYS D 893 42.94 15.52 9.41
C LYS D 893 43.98 14.65 8.70
N ALA D 894 44.30 14.97 7.45
CA ALA D 894 45.29 14.18 6.73
C ALA D 894 46.69 14.36 7.29
N LEU D 895 46.97 15.51 7.94
CA LEU D 895 48.27 15.72 8.55
C LEU D 895 48.56 14.69 9.64
N GLU D 896 47.54 14.27 10.36
CA GLU D 896 47.69 13.32 11.45
C GLU D 896 47.57 11.87 10.99
N ALA D 897 47.40 11.63 9.71
CA ALA D 897 47.20 10.30 9.16
C ALA D 897 48.52 9.73 8.65
N PRO D 898 48.65 8.39 8.61
CA PRO D 898 49.87 7.80 8.07
C PRO D 898 49.96 7.95 6.57
N VAL D 899 50.46 9.09 6.11
CA VAL D 899 50.64 9.39 4.71
C VAL D 899 52.10 9.78 4.47
N SER D 900 52.46 9.86 3.18
CA SER D 900 53.84 10.18 2.83
C SER D 900 54.21 11.57 3.32
N ALA D 901 55.50 11.76 3.60
CA ALA D 901 55.97 13.05 4.08
C ALA D 901 55.81 14.13 3.02
N ALA D 902 55.92 13.78 1.74
CA ALA D 902 55.71 14.75 0.67
C ALA D 902 54.25 15.20 0.62
N PHE D 903 53.31 14.31 0.96
CA PHE D 903 51.90 14.71 1.00
C PHE D 903 51.64 15.70 2.13
N LYS D 904 52.24 15.46 3.30
CA LYS D 904 52.08 16.39 4.41
C LYS D 904 52.69 17.74 4.09
N ALA D 905 53.80 17.76 3.34
CA ALA D 905 54.47 19.02 3.02
C ALA D 905 53.58 19.92 2.18
N ALA D 906 52.88 19.36 1.20
CA ALA D 906 51.97 20.16 0.39
C ALA D 906 50.73 20.58 1.18
N CYS D 907 50.29 19.75 2.11
CA CYS D 907 49.11 20.08 2.90
C CYS D 907 49.41 21.24 3.84
N GLU D 908 50.54 21.18 4.54
CA GLU D 908 50.92 22.30 5.40
C GLU D 908 51.15 23.56 4.59
N GLY D 909 51.73 23.43 3.40
CA GLY D 909 51.93 24.58 2.54
C GLY D 909 50.63 25.14 2.01
N TRP D 910 49.65 24.27 1.73
CA TRP D 910 48.36 24.75 1.25
C TRP D 910 47.60 25.46 2.35
N LEU D 911 47.61 24.90 3.57
CA LEU D 911 46.89 25.54 4.67
C LEU D 911 47.41 26.94 4.96
N ALA D 912 48.70 27.17 4.77
CA ALA D 912 49.25 28.50 4.99
C ALA D 912 48.93 29.47 3.86
N GLY D 913 48.72 28.97 2.64
CA GLY D 913 48.50 29.84 1.50
C GLY D 913 47.21 29.55 0.76
N LYS D 914 46.20 29.05 1.46
CA LYS D 914 44.92 28.74 0.83
C LYS D 914 44.23 29.99 0.29
N ASP D 915 44.58 31.17 0.79
CA ASP D 915 43.97 32.43 0.39
C ASP D 915 44.79 33.19 -0.64
N ASP D 916 45.88 32.60 -1.13
CA ASP D 916 46.70 33.21 -2.18
C ASP D 916 46.55 32.40 -3.46
N ALA D 917 46.36 33.11 -4.58
CA ALA D 917 46.10 32.45 -5.85
C ALA D 917 47.27 31.57 -6.28
N ASP D 918 48.49 32.11 -6.20
CA ASP D 918 49.64 31.36 -6.70
C ASP D 918 50.02 30.22 -5.75
N ARG D 919 50.01 30.48 -4.46
CA ARG D 919 50.41 29.45 -3.50
C ARG D 919 49.37 28.35 -3.41
N SER D 920 48.09 28.70 -3.49
CA SER D 920 47.04 27.68 -3.45
C SER D 920 47.06 26.80 -4.69
N ARG D 921 47.38 27.39 -5.85
CA ARG D 921 47.51 26.56 -7.05
C ARG D 921 48.79 25.75 -7.00
N GLU D 922 49.89 26.33 -6.50
CA GLU D 922 51.16 25.61 -6.47
C GLU D 922 51.06 24.39 -5.57
N TYR D 923 50.73 24.60 -4.29
CA TYR D 923 50.60 23.47 -3.40
C TYR D 923 49.36 22.65 -3.73
N GLY D 924 48.33 23.28 -4.29
CA GLY D 924 47.15 22.54 -4.69
C GLY D 924 47.45 21.52 -5.76
N ASP D 925 48.24 21.90 -6.78
CA ASP D 925 48.63 20.95 -7.80
C ASP D 925 49.55 19.87 -7.25
N ARG D 926 50.34 20.19 -6.22
CA ARG D 926 51.14 19.16 -5.55
C ARG D 926 50.23 18.12 -4.89
N ILE D 927 49.18 18.59 -4.21
CA ILE D 927 48.25 17.66 -3.58
C ILE D 927 47.57 16.80 -4.62
N LYS D 928 47.18 17.41 -5.75
CA LYS D 928 46.52 16.64 -6.81
C LYS D 928 47.46 15.60 -7.39
N ALA D 929 48.76 15.92 -7.49
CA ALA D 929 49.69 14.98 -8.11
C ALA D 929 49.99 13.80 -7.20
N LEU D 930 50.02 14.02 -5.90
CA LEU D 930 50.33 12.95 -4.96
C LEU D 930 49.11 12.15 -4.54
N LEU D 931 47.91 12.63 -4.83
CA LEU D 931 46.69 11.96 -4.37
C LEU D 931 46.51 10.55 -4.93
N PRO D 932 46.59 10.31 -6.26
CA PRO D 932 46.34 8.95 -6.74
C PRO D 932 47.27 7.91 -6.17
N GLY D 933 48.55 8.23 -6.01
CA GLY D 933 49.48 7.29 -5.42
C GLY D 933 49.27 7.11 -3.93
N GLU D 934 48.87 8.18 -3.24
CA GLU D 934 48.65 8.10 -1.79
C GLU D 934 47.44 7.25 -1.45
N ILE D 935 46.41 7.28 -2.29
CA ILE D 935 45.22 6.46 -2.07
C ILE D 935 45.55 4.98 -2.18
N SER D 936 46.44 4.61 -3.11
CA SER D 936 46.82 3.21 -3.27
C SER D 936 47.53 2.66 -2.04
N GLN D 937 48.25 3.50 -1.31
CA GLN D 937 49.01 3.05 -0.15
C GLN D 937 48.21 3.05 1.14
N ALA D 938 46.93 3.39 1.10
CA ALA D 938 46.09 3.46 2.28
C ALA D 938 44.98 2.43 2.19
N SER D 939 44.34 2.17 3.34
CA SER D 939 43.23 1.24 3.40
C SER D 939 42.41 1.54 4.65
N GLY D 940 41.14 1.14 4.62
CA GLY D 940 40.30 1.35 5.78
C GLY D 940 39.92 2.81 5.92
N GLU D 941 39.98 3.31 7.16
CA GLU D 941 39.62 4.69 7.43
C GLU D 941 40.62 5.66 6.82
N VAL D 942 41.89 5.27 6.71
CA VAL D 942 42.88 6.16 6.12
C VAL D 942 42.57 6.40 4.64
N LYS D 943 42.16 5.36 3.93
CA LYS D 943 41.81 5.52 2.52
C LYS D 943 40.59 6.41 2.36
N ASP D 944 39.61 6.29 3.26
CA ASP D 944 38.42 7.12 3.18
C ASP D 944 38.74 8.59 3.44
N LEU D 945 39.69 8.87 4.34
CA LEU D 945 40.07 10.25 4.58
C LEU D 945 40.73 10.86 3.34
N LEU D 946 41.51 10.07 2.60
CA LEU D 946 42.10 10.55 1.37
C LEU D 946 41.05 10.65 0.26
N LEU D 947 40.08 9.74 0.25
CA LEU D 947 39.01 9.83 -0.74
C LEU D 947 38.15 11.07 -0.52
N ASP D 948 38.05 11.54 0.72
CA ASP D 948 37.29 12.77 0.98
C ASP D 948 38.05 14.00 0.48
N ILE D 949 39.39 13.96 0.49
CA ILE D 949 40.17 15.03 -0.11
C ILE D 949 39.98 15.02 -1.62
N ASP D 950 39.97 13.82 -2.23
CA ASP D 950 39.81 13.70 -3.67
C ASP D 950 38.45 14.21 -4.13
N ARG D 951 37.40 14.02 -3.33
CA ARG D 951 36.08 14.50 -3.71
C ARG D 951 36.03 16.02 -3.78
N GLN D 952 36.85 16.70 -2.98
CA GLN D 952 36.81 18.15 -2.90
C GLN D 952 38.06 18.80 -3.49
N LYS D 953 38.85 18.04 -4.26
CA LYS D 953 40.11 18.56 -4.76
C LYS D 953 39.91 19.73 -5.70
N ASP D 954 38.71 19.91 -6.24
CA ASP D 954 38.34 21.02 -7.10
C ASP D 954 38.16 22.34 -6.33
N TYR D 955 38.45 22.34 -5.03
CA TYR D 955 38.40 23.56 -4.22
C TYR D 955 39.76 23.91 -3.60
N LEU D 956 40.83 23.18 -3.96
CA LEU D 956 42.15 23.52 -3.48
C LEU D 956 42.62 24.87 -4.01
N THR D 957 42.57 25.05 -5.33
CA THR D 957 42.95 26.32 -5.93
C THR D 957 41.90 27.38 -5.62
N LYS D 958 42.35 28.51 -5.11
CA LYS D 958 41.43 29.58 -4.75
C LYS D 958 40.67 30.08 -5.97
N LYS D 959 39.37 30.32 -5.79
CA LYS D 959 38.53 30.80 -6.85
C LYS D 959 38.47 32.33 -6.83
N SER D 960 38.04 32.89 -7.96
CA SER D 960 37.95 34.34 -8.15
C SER D 960 36.53 34.66 -8.62
N ILE D 961 35.70 35.20 -7.73
CA ILE D 961 34.33 35.52 -8.07
C ILE D 961 34.27 36.88 -8.77
N TRP D 962 33.66 36.93 -9.94
CA TRP D 962 33.53 38.14 -10.74
C TRP D 962 32.06 38.46 -10.98
N ILE D 963 31.67 39.68 -10.62
CA ILE D 963 30.30 40.14 -10.78
C ILE D 963 30.29 41.11 -11.94
N ILE D 964 29.78 40.66 -13.09
CA ILE D 964 29.83 41.41 -14.34
C ILE D 964 28.42 41.91 -14.65
N GLY D 965 28.33 43.17 -15.04
CA GLY D 965 27.03 43.74 -15.35
C GLY D 965 27.19 45.08 -16.05
N GLY D 966 26.06 45.58 -16.55
CA GLY D 966 26.05 46.81 -17.29
C GLY D 966 25.89 48.02 -16.40
N ASP D 967 25.87 49.20 -17.04
CA ASP D 967 25.72 50.44 -16.30
C ASP D 967 24.31 50.59 -15.74
N GLY D 968 23.30 50.10 -16.46
CA GLY D 968 21.94 50.19 -15.95
C GLY D 968 21.75 49.41 -14.67
N TRP D 969 22.41 48.26 -14.56
CA TRP D 969 22.37 47.49 -13.33
C TRP D 969 23.09 48.22 -12.20
N ALA D 970 24.31 48.70 -12.46
CA ALA D 970 25.14 49.24 -11.40
C ALA D 970 24.69 50.63 -10.95
N TYR D 971 24.18 51.46 -11.87
CA TYR D 971 23.80 52.82 -11.50
C TYR D 971 22.34 52.96 -11.07
N ASP D 972 21.47 52.02 -11.45
CA ASP D 972 20.05 52.19 -11.19
C ASP D 972 19.45 51.07 -10.34
N ILE D 973 18.96 50.02 -11.00
CA ILE D 973 18.09 49.06 -10.31
C ILE D 973 18.88 48.23 -9.30
N GLY D 974 20.12 47.88 -9.63
CA GLY D 974 20.94 47.07 -8.74
C GLY D 974 21.92 47.86 -7.90
N TYR D 975 21.79 49.18 -7.85
CA TYR D 975 22.75 50.00 -7.12
C TYR D 975 22.68 49.75 -5.62
N GLY D 976 21.46 49.62 -5.07
CA GLY D 976 21.33 49.32 -3.65
C GLY D 976 22.00 48.02 -3.27
N GLY D 977 21.89 47.01 -4.13
CA GLY D 977 22.56 45.74 -3.87
C GLY D 977 24.07 45.83 -4.06
N LEU D 978 24.51 46.60 -5.05
CA LEU D 978 25.93 46.79 -5.25
C LEU D 978 26.56 47.54 -4.08
N ASP D 979 25.87 48.57 -3.57
CA ASP D 979 26.37 49.31 -2.41
C ASP D 979 26.56 48.39 -1.21
N HIS D 980 25.59 47.50 -0.97
CA HIS D 980 25.66 46.62 0.20
C HIS D 980 26.78 45.59 0.06
N VAL D 981 26.94 45.01 -1.14
CA VAL D 981 27.98 44.01 -1.31
C VAL D 981 29.36 44.64 -1.19
N LEU D 982 29.52 45.85 -1.71
CA LEU D 982 30.80 46.53 -1.59
C LEU D 982 31.12 46.88 -0.14
N ALA D 983 30.13 47.38 0.60
CA ALA D 983 30.37 47.76 1.99
C ALA D 983 30.69 46.55 2.87
N SER D 984 30.33 45.35 2.46
CA SER D 984 30.56 44.17 3.29
C SER D 984 32.04 43.87 3.44
N GLY D 985 32.84 44.14 2.41
CA GLY D 985 34.24 43.80 2.45
C GLY D 985 34.59 42.45 1.89
N ALA D 986 33.65 41.76 1.25
CA ALA D 986 33.91 40.45 0.69
C ALA D 986 34.94 40.52 -0.44
N ASN D 987 35.61 39.40 -0.68
CA ASN D 987 36.61 39.30 -1.75
C ASN D 987 35.88 39.01 -3.06
N VAL D 988 35.25 40.04 -3.61
CA VAL D 988 34.56 39.97 -4.90
C VAL D 988 35.08 41.09 -5.80
N ASN D 989 34.93 40.87 -7.11
CA ASN D 989 35.38 41.82 -8.13
C ASN D 989 34.17 42.21 -8.98
N VAL D 990 33.78 43.48 -8.92
CA VAL D 990 32.64 43.99 -9.68
C VAL D 990 33.18 44.70 -10.92
N LEU D 991 32.72 44.27 -12.09
CA LEU D 991 33.12 44.85 -13.38
C LEU D 991 31.88 45.45 -14.04
N VAL D 992 31.84 46.78 -14.12
CA VAL D 992 30.72 47.51 -14.70
C VAL D 992 31.07 47.86 -16.13
N LEU D 993 30.35 47.27 -17.09
CA LEU D 993 30.54 47.62 -18.50
C LEU D 993 29.62 48.81 -18.79
N ASP D 994 30.19 50.01 -18.68
CA ASP D 994 29.43 51.25 -18.80
C ASP D 994 29.31 51.64 -20.26
N THR D 995 28.11 51.49 -20.81
CA THR D 995 27.78 52.01 -22.14
C THR D 995 26.98 53.31 -22.07
N GLU D 996 26.72 53.81 -20.86
CA GLU D 996 25.96 55.03 -20.62
C GLU D 996 24.52 54.97 -21.10
N VAL D 997 24.01 53.77 -21.41
CA VAL D 997 22.63 53.55 -21.83
C VAL D 997 22.22 52.13 -21.47
N TYR D 998 20.93 51.82 -21.64
CA TYR D 998 20.47 50.44 -21.58
C TYR D 998 20.63 49.88 -22.98
N SER D 999 21.80 49.31 -23.26
CA SER D 999 22.15 48.97 -24.63
C SER D 999 21.28 47.85 -25.18
N ASN D 1000 21.06 46.80 -24.39
CA ASN D 1000 20.38 45.63 -24.92
C ASN D 1000 18.95 45.94 -25.32
N THR D 1001 18.23 46.71 -24.50
CA THR D 1001 16.82 46.97 -24.75
C THR D 1001 16.60 48.09 -25.77
N GLY D 1002 17.64 48.53 -26.47
CA GLY D 1002 17.50 49.47 -27.56
C GLY D 1002 18.14 50.83 -27.35
N GLY D 1003 18.61 51.12 -26.14
CA GLY D 1003 19.31 52.37 -25.90
C GLY D 1003 18.50 53.41 -25.16
N GLN D 1004 18.08 53.09 -23.93
CA GLN D 1004 17.27 53.99 -23.13
C GLN D 1004 18.12 54.77 -22.13
N SER D 1005 17.52 55.81 -21.57
CA SER D 1005 18.22 56.72 -20.68
C SER D 1005 18.58 56.02 -19.36
N SER D 1006 19.68 56.48 -18.76
CA SER D 1006 20.18 55.91 -17.53
C SER D 1006 20.77 57.02 -16.66
N LYS D 1007 21.07 56.69 -15.40
CA LYS D 1007 21.84 57.59 -14.56
C LYS D 1007 23.29 57.65 -14.99
N ALA D 1008 23.75 56.66 -15.76
CA ALA D 1008 25.09 56.70 -16.32
C ALA D 1008 25.17 57.58 -17.57
N THR D 1009 24.03 57.99 -18.10
CA THR D 1009 23.99 58.89 -19.24
C THR D 1009 24.49 60.27 -18.84
N GLN D 1010 25.31 60.87 -19.69
CA GLN D 1010 25.89 62.18 -19.43
C GLN D 1010 24.88 63.28 -19.75
N THR D 1011 25.24 64.51 -19.38
CA THR D 1011 24.40 65.65 -19.69
C THR D 1011 24.32 65.84 -21.20
N GLY D 1012 23.10 66.12 -21.68
CA GLY D 1012 22.90 66.43 -23.08
C GLY D 1012 22.80 65.25 -24.01
N ALA D 1013 23.16 64.04 -23.56
CA ALA D 1013 23.06 62.88 -24.42
C ALA D 1013 21.61 62.54 -24.68
N VAL D 1014 21.29 62.24 -25.94
CA VAL D 1014 19.94 61.89 -26.35
C VAL D 1014 19.86 60.38 -26.49
N ALA D 1015 18.94 59.77 -25.75
CA ALA D 1015 18.64 58.35 -25.87
C ALA D 1015 17.14 58.19 -25.66
N ARG D 1016 16.66 56.97 -25.80
CA ARG D 1016 15.25 56.71 -25.60
C ARG D 1016 14.86 57.03 -24.16
N PHE D 1017 13.68 57.62 -24.00
CA PHE D 1017 13.21 58.25 -22.76
C PHE D 1017 13.89 59.58 -22.46
N ALA D 1018 14.67 60.12 -23.39
CA ALA D 1018 15.29 61.42 -23.24
C ALA D 1018 15.34 62.11 -24.60
N ALA D 1019 14.16 62.30 -25.20
CA ALA D 1019 14.10 62.88 -26.53
C ALA D 1019 14.62 64.31 -26.55
N GLY D 1020 14.33 65.07 -25.49
CA GLY D 1020 14.81 66.44 -25.35
C GLY D 1020 16.16 66.58 -24.69
N GLY D 1021 16.85 65.48 -24.46
CA GLY D 1021 18.17 65.56 -23.82
C GLY D 1021 18.07 65.51 -22.29
N LYS D 1022 19.06 64.86 -21.70
CA LYS D 1022 19.13 64.73 -20.25
C LYS D 1022 19.72 65.99 -19.65
N PHE D 1023 19.01 66.59 -18.69
CA PHE D 1023 19.47 67.82 -18.05
C PHE D 1023 20.46 67.54 -16.94
N THR D 1024 20.11 66.67 -16.00
CA THR D 1024 20.97 66.37 -14.87
C THR D 1024 22.24 65.66 -15.32
N LYS D 1025 23.33 65.86 -14.57
CA LYS D 1025 24.61 65.32 -14.97
C LYS D 1025 24.72 63.84 -14.61
N LYS D 1026 25.82 63.23 -15.06
CA LYS D 1026 26.04 61.81 -14.80
C LYS D 1026 26.35 61.58 -13.33
N LYS D 1027 25.69 60.58 -12.75
CA LYS D 1027 25.98 60.19 -11.37
C LYS D 1027 27.37 59.57 -11.27
N ASP D 1028 28.13 60.01 -10.27
CA ASP D 1028 29.51 59.55 -10.10
C ASP D 1028 29.49 58.32 -9.20
N LEU D 1029 29.37 57.14 -9.82
CA LEU D 1029 29.34 55.90 -9.05
C LEU D 1029 30.67 55.65 -8.35
N GLY D 1030 31.79 55.89 -9.03
CA GLY D 1030 33.08 55.65 -8.43
C GLY D 1030 33.34 56.52 -7.23
N LEU D 1031 32.83 57.76 -7.25
CA LEU D 1031 33.03 58.67 -6.12
C LEU D 1031 32.31 58.18 -4.87
N MET D 1032 31.11 57.62 -5.05
CA MET D 1032 30.38 57.11 -3.89
C MET D 1032 31.03 55.85 -3.35
N ALA D 1033 31.56 54.99 -4.22
CA ALA D 1033 32.23 53.79 -3.75
C ALA D 1033 33.52 54.11 -3.03
N MET D 1034 34.14 55.25 -3.37
CA MET D 1034 35.35 55.69 -2.69
C MET D 1034 35.08 56.17 -1.27
N SER D 1035 33.83 56.55 -0.97
CA SER D 1035 33.51 57.09 0.35
C SER D 1035 33.67 56.08 1.47
N TYR D 1036 33.63 54.78 1.16
CA TYR D 1036 33.86 53.78 2.20
C TYR D 1036 35.32 53.73 2.64
N GLY D 1037 36.25 53.97 1.72
CA GLY D 1037 37.67 53.93 2.05
C GLY D 1037 38.31 52.56 1.91
N TYR D 1038 37.55 51.49 2.10
CA TYR D 1038 38.07 50.13 1.97
C TYR D 1038 37.65 49.44 0.69
N VAL D 1039 37.08 50.19 -0.27
CA VAL D 1039 36.66 49.64 -1.55
C VAL D 1039 37.62 50.11 -2.63
N TYR D 1040 38.22 49.17 -3.35
CA TYR D 1040 39.08 49.50 -4.48
C TYR D 1040 38.21 49.95 -5.65
N VAL D 1041 38.46 51.16 -6.14
CA VAL D 1041 37.69 51.75 -7.24
C VAL D 1041 38.67 52.15 -8.33
N ALA D 1042 38.31 51.84 -9.58
CA ALA D 1042 39.14 52.18 -10.72
C ALA D 1042 38.25 52.47 -11.92
N SER D 1043 38.64 53.46 -12.71
CA SER D 1043 37.97 53.81 -13.96
C SER D 1043 38.93 53.54 -15.11
N VAL D 1044 38.53 52.67 -16.03
CA VAL D 1044 39.42 52.21 -17.09
C VAL D 1044 38.76 52.40 -18.46
N ALA D 1045 39.61 52.37 -19.49
CA ALA D 1045 39.17 52.46 -20.88
C ALA D 1045 40.27 51.87 -21.74
N MET D 1046 40.00 50.70 -22.34
CA MET D 1046 41.07 49.97 -23.04
C MET D 1046 41.62 50.75 -24.23
N GLY D 1047 40.74 51.40 -24.99
CA GLY D 1047 41.18 52.15 -26.16
C GLY D 1047 42.10 53.31 -25.84
N ALA D 1048 42.05 53.82 -24.61
CA ALA D 1048 42.86 54.96 -24.20
C ALA D 1048 44.24 54.55 -23.69
N SER D 1049 44.30 53.57 -22.80
CA SER D 1049 45.57 53.18 -22.20
C SER D 1049 45.53 51.70 -21.85
N HIS D 1050 46.33 50.91 -22.55
CA HIS D 1050 46.42 49.48 -22.25
C HIS D 1050 47.09 49.23 -20.91
N SER D 1051 48.14 50.00 -20.59
CA SER D 1051 48.88 49.76 -19.35
C SER D 1051 48.06 50.13 -18.12
N GLN D 1052 47.23 51.16 -18.21
CA GLN D 1052 46.41 51.56 -17.08
C GLN D 1052 45.32 50.54 -16.80
N LEU D 1053 44.76 49.93 -17.84
CA LEU D 1053 43.77 48.89 -17.65
C LEU D 1053 44.38 47.65 -17.03
N MET D 1054 45.61 47.31 -17.44
CA MET D 1054 46.30 46.15 -16.87
C MET D 1054 46.55 46.31 -15.38
N LYS D 1055 46.95 47.52 -14.95
CA LYS D 1055 47.23 47.74 -13.53
C LYS D 1055 45.98 47.65 -12.70
N ALA D 1056 44.87 48.21 -13.18
CA ALA D 1056 43.66 48.23 -12.37
C ALA D 1056 43.04 46.84 -12.26
N LEU D 1057 43.03 46.06 -13.35
CA LEU D 1057 42.43 44.73 -13.29
C LEU D 1057 43.23 43.80 -12.39
N ILE D 1058 44.56 43.84 -12.49
CA ILE D 1058 45.36 42.92 -11.68
C ILE D 1058 45.35 43.34 -10.22
N GLU D 1059 45.47 44.64 -9.95
CA GLU D 1059 45.42 45.12 -8.57
C GLU D 1059 44.05 44.88 -7.92
N ALA D 1060 42.98 44.98 -8.70
CA ALA D 1060 41.66 44.77 -8.13
C ALA D 1060 41.45 43.32 -7.75
N GLU D 1061 42.00 42.38 -8.53
CA GLU D 1061 41.79 40.97 -8.26
C GLU D 1061 42.60 40.52 -7.04
N LYS D 1062 43.84 41.00 -6.89
CA LYS D 1062 44.65 40.59 -5.75
C LYS D 1062 44.21 41.21 -4.44
N TYR D 1063 43.50 42.35 -4.48
CA TYR D 1063 43.06 43.01 -3.27
C TYR D 1063 42.11 42.12 -2.50
N ASP D 1064 42.46 41.83 -1.25
CA ASP D 1064 41.62 41.00 -0.39
C ASP D 1064 40.47 41.88 0.12
N GLY D 1065 39.54 42.14 -0.79
CA GLY D 1065 38.39 42.95 -0.50
C GLY D 1065 37.61 43.30 -1.75
N PRO D 1066 36.61 44.18 -1.62
CA PRO D 1066 35.77 44.52 -2.77
C PRO D 1066 36.50 45.43 -3.75
N SER D 1067 36.31 45.15 -5.02
CA SER D 1067 36.89 45.91 -6.11
C SER D 1067 35.80 46.27 -7.10
N LEU D 1068 35.84 47.52 -7.58
CA LEU D 1068 34.86 48.02 -8.54
C LEU D 1068 35.62 48.63 -9.71
N ILE D 1069 35.43 48.05 -10.89
CA ILE D 1069 36.10 48.49 -12.12
C ILE D 1069 35.00 48.99 -13.05
N ILE D 1070 34.99 50.29 -13.32
CA ILE D 1070 34.04 50.91 -14.23
C ILE D 1070 34.77 51.13 -15.54
N ALA D 1071 34.40 50.36 -16.56
CA ALA D 1071 35.07 50.37 -17.86
C ALA D 1071 34.20 51.07 -18.88
N TYR D 1072 34.78 52.01 -19.62
CA TYR D 1072 34.06 52.67 -20.70
C TYR D 1072 33.97 51.70 -21.88
N ALA D 1073 32.75 51.42 -22.32
CA ALA D 1073 32.48 50.47 -23.40
C ALA D 1073 31.75 51.18 -24.53
N PRO D 1074 32.43 51.50 -25.64
CA PRO D 1074 31.72 52.08 -26.77
C PRO D 1074 30.68 51.10 -27.30
N CYS D 1075 29.57 51.65 -27.78
CA CYS D 1075 28.40 50.86 -28.18
C CYS D 1075 27.77 51.48 -29.42
N ILE D 1076 27.02 50.66 -30.14
CA ILE D 1076 26.35 51.15 -31.34
C ILE D 1076 25.31 52.21 -30.99
N ASN D 1077 24.77 52.15 -29.77
CA ASN D 1077 23.79 53.16 -29.39
C ASN D 1077 24.40 54.55 -29.22
N HIS D 1078 25.72 54.67 -29.24
CA HIS D 1078 26.35 55.99 -29.25
C HIS D 1078 26.21 56.68 -30.59
N GLY D 1079 26.05 55.92 -31.67
CA GLY D 1079 25.95 56.49 -32.99
C GLY D 1079 27.32 56.84 -33.55
N ILE D 1080 28.19 55.84 -33.68
CA ILE D 1080 29.55 56.02 -34.17
C ILE D 1080 29.88 54.89 -35.14
N ASN D 1081 30.97 55.08 -35.88
CA ASN D 1081 31.51 54.02 -36.73
C ASN D 1081 32.20 53.01 -35.83
N MET D 1082 31.63 51.81 -35.73
CA MET D 1082 32.19 50.79 -34.85
C MET D 1082 33.52 50.23 -35.34
N THR D 1083 33.90 50.50 -36.59
CA THR D 1083 35.23 50.09 -37.04
C THR D 1083 36.31 50.73 -36.18
N TYR D 1084 36.10 51.98 -35.79
CA TYR D 1084 37.06 52.72 -34.98
C TYR D 1084 36.59 52.86 -33.54
N SER D 1085 36.14 51.75 -32.95
CA SER D 1085 35.67 51.79 -31.57
C SER D 1085 36.81 52.03 -30.59
N GLN D 1086 37.96 51.40 -30.83
CA GLN D 1086 39.11 51.62 -29.96
C GLN D 1086 39.55 53.07 -29.98
N ARG D 1087 39.54 53.70 -31.16
CA ARG D 1087 39.92 55.11 -31.23
C ARG D 1087 38.91 55.98 -30.49
N GLU D 1088 37.63 55.61 -30.49
CA GLU D 1088 36.64 56.41 -29.80
C GLU D 1088 36.85 56.38 -28.29
N ALA D 1089 37.37 55.27 -27.76
CA ALA D 1089 37.70 55.23 -26.34
C ALA D 1089 38.95 56.05 -26.04
N LYS D 1090 39.90 56.10 -26.97
CA LYS D 1090 41.06 56.96 -26.80
C LYS D 1090 40.64 58.42 -26.86
N LYS D 1091 39.76 58.76 -27.80
CA LYS D 1091 39.27 60.13 -27.90
C LYS D 1091 38.42 60.50 -26.69
N ALA D 1092 37.81 59.51 -26.03
CA ALA D 1092 37.00 59.80 -24.86
C ALA D 1092 37.84 60.27 -23.68
N VAL D 1093 38.98 59.63 -23.43
CA VAL D 1093 39.83 60.04 -22.33
C VAL D 1093 40.63 61.29 -22.68
N GLU D 1094 41.10 61.39 -23.92
CA GLU D 1094 41.91 62.53 -24.32
C GLU D 1094 41.13 63.84 -24.35
N ALA D 1095 39.81 63.77 -24.44
CA ALA D 1095 38.97 64.97 -24.45
C ALA D 1095 38.38 65.30 -23.08
N GLY D 1096 38.80 64.60 -22.03
CA GLY D 1096 38.29 64.86 -20.70
C GLY D 1096 36.89 64.34 -20.43
N TYR D 1097 36.37 63.47 -21.29
CA TYR D 1097 35.01 62.96 -21.14
C TYR D 1097 34.93 61.83 -20.12
N TRP D 1098 35.96 60.98 -20.06
CA TRP D 1098 36.00 59.83 -19.18
C TRP D 1098 37.32 59.82 -18.43
N PRO D 1099 37.31 59.76 -17.11
CA PRO D 1099 38.57 59.81 -16.34
C PRO D 1099 39.19 58.44 -16.19
N LEU D 1100 40.49 58.44 -15.95
CA LEU D 1100 41.25 57.23 -15.65
C LEU D 1100 41.92 57.44 -14.30
N TYR D 1101 41.46 56.71 -13.28
CA TYR D 1101 42.02 56.83 -11.95
C TYR D 1101 42.02 55.45 -11.28
N ARG D 1102 42.71 55.38 -10.15
CA ARG D 1102 42.75 54.16 -9.35
C ARG D 1102 42.77 54.55 -7.88
N TYR D 1103 41.78 54.06 -7.13
CA TYR D 1103 41.67 54.28 -5.69
C TYR D 1103 42.00 52.96 -5.01
N ASN D 1104 43.20 52.88 -4.42
CA ASN D 1104 43.68 51.66 -3.77
C ASN D 1104 43.65 51.85 -2.26
N PRO D 1105 42.75 51.18 -1.54
CA PRO D 1105 42.74 51.31 -0.08
C PRO D 1105 44.02 50.84 0.60
N GLN D 1106 44.78 49.94 -0.05
CA GLN D 1106 46.03 49.47 0.55
C GLN D 1106 47.06 50.58 0.68
N LEU D 1107 46.97 51.60 -0.19
CA LEU D 1107 47.85 52.76 -0.07
C LEU D 1107 47.58 53.55 1.20
N ALA D 1108 46.34 53.54 1.69
CA ALA D 1108 46.04 54.25 2.93
C ALA D 1108 46.68 53.57 4.13
N GLN D 1109 46.73 52.24 4.14
CA GLN D 1109 47.39 51.52 5.21
C GLN D 1109 48.90 51.71 5.20
N GLU D 1110 49.48 52.02 4.05
CA GLU D 1110 50.90 52.31 3.93
C GLU D 1110 51.22 53.79 4.08
N GLY D 1111 50.24 54.60 4.50
CA GLY D 1111 50.46 56.02 4.72
C GLY D 1111 50.44 56.89 3.49
N LYS D 1112 50.12 56.35 2.32
CA LYS D 1112 50.13 57.11 1.08
C LYS D 1112 48.71 57.54 0.71
N ASN D 1113 48.62 58.37 -0.32
CA ASN D 1113 47.31 58.81 -0.79
C ASN D 1113 46.68 57.70 -1.63
N PRO D 1114 45.44 57.30 -1.33
CA PRO D 1114 44.83 56.21 -2.11
C PRO D 1114 44.48 56.61 -3.53
N PHE D 1115 44.24 57.89 -3.81
CA PHE D 1115 43.76 58.32 -5.11
C PHE D 1115 44.93 58.63 -6.02
N ILE D 1116 44.99 57.93 -7.16
CA ILE D 1116 46.01 58.16 -8.18
C ILE D 1116 45.28 58.52 -9.46
N LEU D 1117 45.52 59.71 -9.99
CA LEU D 1117 44.90 60.16 -11.23
C LEU D 1117 45.82 59.78 -12.39
N ASP D 1118 45.40 58.82 -13.21
CA ASP D 1118 46.24 58.25 -14.26
C ASP D 1118 46.26 59.06 -15.56
N TYR D 1119 45.34 60.02 -15.75
CA TYR D 1119 45.39 60.90 -16.90
C TYR D 1119 44.96 62.29 -16.43
N LYS D 1120 45.93 63.20 -16.30
CA LYS D 1120 45.69 64.50 -15.68
C LYS D 1120 45.37 65.60 -16.68
N THR D 1121 46.10 65.68 -17.80
CA THR D 1121 45.97 66.81 -18.72
C THR D 1121 45.37 66.35 -20.05
N PRO D 1122 44.13 66.73 -20.36
CA PRO D 1122 43.56 66.38 -21.67
C PRO D 1122 44.10 67.26 -22.78
N THR D 1123 44.19 66.65 -23.97
CA THR D 1123 44.74 67.31 -25.14
C THR D 1123 43.75 67.51 -26.26
N ALA D 1124 42.57 66.90 -26.21
CA ALA D 1124 41.59 66.94 -27.28
C ALA D 1124 40.47 67.93 -26.98
N SER D 1125 39.75 68.31 -28.04
CA SER D 1125 38.67 69.27 -27.95
C SER D 1125 37.41 68.60 -27.39
N PHE D 1126 36.77 69.25 -26.42
CA PHE D 1126 35.60 68.65 -25.79
C PHE D 1126 34.37 68.72 -26.67
N ARG D 1127 34.08 69.89 -27.24
CA ARG D 1127 32.87 70.01 -28.05
C ARG D 1127 32.99 69.23 -29.35
N ASP D 1128 34.20 69.10 -29.88
CA ASP D 1128 34.39 68.33 -31.11
C ASP D 1128 34.16 66.85 -30.89
N PHE D 1129 34.42 66.36 -29.66
CA PHE D 1129 34.19 64.94 -29.38
C PHE D 1129 32.71 64.61 -29.36
N LEU D 1130 31.88 65.50 -28.81
CA LEU D 1130 30.44 65.26 -28.78
C LEU D 1130 29.86 65.24 -30.19
N MET D 1131 30.38 66.11 -31.07
CA MET D 1131 29.89 66.19 -32.44
C MET D 1131 30.26 64.98 -33.27
N GLY D 1132 31.15 64.12 -32.76
CA GLY D 1132 31.52 62.90 -33.42
C GLY D 1132 30.65 61.71 -33.09
N GLU D 1133 29.60 61.90 -32.30
CA GLU D 1133 28.68 60.84 -31.92
C GLU D 1133 27.24 61.32 -32.13
N ILE D 1134 26.42 60.45 -32.72
CA ILE D 1134 25.07 60.82 -33.09
C ILE D 1134 24.21 61.12 -31.87
N ARG D 1135 24.49 60.46 -30.73
CA ARG D 1135 23.68 60.63 -29.53
C ARG D 1135 23.74 62.06 -28.97
N TYR D 1136 24.68 62.88 -29.44
CA TYR D 1136 24.74 64.29 -29.08
C TYR D 1136 24.40 65.23 -30.22
N THR D 1137 24.69 64.83 -31.45
CA THR D 1137 24.38 65.69 -32.59
C THR D 1137 22.88 65.73 -32.86
N SER D 1138 22.16 64.66 -32.50
CA SER D 1138 20.72 64.65 -32.68
C SER D 1138 20.01 65.66 -31.76
N LEU D 1139 20.67 66.11 -30.69
CA LEU D 1139 20.08 67.16 -29.86
C LEU D 1139 20.02 68.49 -30.61
N LYS D 1140 21.01 68.77 -31.47
CA LYS D 1140 20.95 69.99 -32.27
C LYS D 1140 19.90 69.89 -33.36
N LYS D 1141 19.53 68.67 -33.77
CA LYS D 1141 18.52 68.45 -34.79
C LYS D 1141 17.09 68.47 -34.27
N GLN D 1142 16.88 68.20 -32.98
CA GLN D 1142 15.54 68.11 -32.40
C GLN D 1142 15.16 69.37 -31.63
N PHE D 1143 15.91 69.70 -30.57
CA PHE D 1143 15.63 70.85 -29.71
C PHE D 1143 16.85 71.75 -29.68
N PRO D 1144 17.00 72.65 -30.67
CA PRO D 1144 18.22 73.47 -30.73
C PRO D 1144 18.27 74.62 -29.74
N GLU D 1145 17.13 75.12 -29.27
CA GLU D 1145 17.05 76.16 -28.25
C GLU D 1145 17.99 75.83 -27.10
N LYS D 1146 17.63 74.80 -26.33
CA LYS D 1146 18.38 74.37 -25.15
C LYS D 1146 19.63 73.58 -25.51
N ALA D 1147 19.82 73.20 -26.77
CA ALA D 1147 20.96 72.37 -27.14
C ALA D 1147 22.28 73.09 -26.89
N GLU D 1148 22.39 74.36 -27.29
CA GLU D 1148 23.60 75.10 -27.00
C GLU D 1148 23.77 75.32 -25.50
N GLN D 1149 22.66 75.46 -24.78
CA GLN D 1149 22.72 75.61 -23.33
C GLN D 1149 23.13 74.31 -22.63
N LEU D 1150 22.64 73.16 -23.11
CA LEU D 1150 22.98 71.91 -22.46
C LEU D 1150 24.40 71.47 -22.78
N PHE D 1151 24.88 71.73 -23.99
CA PHE D 1151 26.26 71.37 -24.33
C PHE D 1151 27.24 72.16 -23.48
N ALA D 1152 26.91 73.43 -23.20
CA ALA D 1152 27.78 74.26 -22.39
C ALA D 1152 27.86 73.73 -20.96
N LYS D 1153 26.76 73.19 -20.45
CA LYS D 1153 26.77 72.59 -19.11
C LYS D 1153 27.61 71.32 -19.10
N ALA D 1154 27.62 70.56 -20.18
CA ALA D 1154 28.42 69.34 -20.24
C ALA D 1154 29.91 69.65 -20.17
N GLU D 1155 30.34 70.73 -20.83
CA GLU D 1155 31.75 71.11 -20.80
C GLU D 1155 32.15 71.67 -19.45
N ALA D 1156 31.23 72.39 -18.79
CA ALA D 1156 31.53 72.92 -17.46
C ALA D 1156 31.60 71.80 -16.42
N ASP D 1157 30.74 70.78 -16.56
CA ASP D 1157 30.78 69.67 -15.61
C ASP D 1157 32.02 68.81 -15.79
N ALA D 1158 32.50 68.65 -17.02
CA ALA D 1158 33.71 67.87 -17.25
C ALA D 1158 34.96 68.61 -16.77
N LYS D 1159 34.97 69.93 -16.92
CA LYS D 1159 36.11 70.71 -16.44
C LYS D 1159 36.12 70.81 -14.92
N ALA D 1160 34.95 70.95 -14.31
CA ALA D 1160 34.86 70.98 -12.85
C ALA D 1160 35.18 69.62 -12.25
N ARG D 1161 34.83 68.54 -12.94
CA ARG D 1161 35.12 67.20 -12.44
C ARG D 1161 36.62 66.90 -12.51
N LEU D 1162 37.29 67.39 -13.55
CA LEU D 1162 38.74 67.18 -13.63
C LEU D 1162 39.47 67.93 -12.53
N GLU D 1163 39.03 69.16 -12.22
CA GLU D 1163 39.66 69.92 -11.16
C GLU D 1163 39.42 69.29 -9.79
N GLN D 1164 38.32 68.57 -9.60
CA GLN D 1164 38.07 67.91 -8.33
C GLN D 1164 38.99 66.70 -8.14
N TYR D 1165 39.28 65.97 -9.23
CA TYR D 1165 40.19 64.84 -9.14
C TYR D 1165 41.64 65.30 -8.97
N LYS D 1166 41.98 66.48 -9.48
CA LYS D 1166 43.31 67.02 -9.24
C LYS D 1166 43.49 67.41 -7.78
N LYS D 1167 42.43 67.90 -7.14
CA LYS D 1167 42.52 68.25 -5.73
C LYS D 1167 42.60 67.01 -4.86
N LEU D 1168 41.87 65.95 -5.21
CA LEU D 1168 41.95 64.72 -4.43
C LEU D 1168 43.30 64.02 -4.61
N ALA D 1169 43.95 64.20 -5.77
CA ALA D 1169 45.23 63.53 -5.98
C ALA D 1169 46.38 64.27 -5.33
N GLU D 1170 46.32 65.61 -5.29
CA GLU D 1170 47.36 66.43 -4.67
C GLU D 1170 47.32 66.35 -3.15
N PRO E 2 -17.19 -13.90 -85.13
CA PRO E 2 -17.90 -12.65 -85.44
C PRO E 2 -17.87 -11.67 -84.26
N LYS E 3 -18.22 -10.42 -84.52
CA LYS E 3 -18.22 -9.38 -83.50
C LYS E 3 -19.66 -9.14 -83.04
N GLN E 4 -19.85 -9.09 -81.72
CA GLN E 4 -21.13 -8.70 -81.14
C GLN E 4 -20.84 -7.78 -79.97
N THR E 5 -21.84 -6.98 -79.61
CA THR E 5 -21.76 -6.12 -78.43
C THR E 5 -22.52 -6.80 -77.29
N LEU E 6 -21.79 -7.28 -76.29
CA LEU E 6 -22.34 -7.98 -75.15
C LEU E 6 -21.82 -7.34 -73.87
N ASP E 7 -22.33 -7.80 -72.75
CA ASP E 7 -21.75 -7.47 -71.45
C ASP E 7 -21.08 -8.71 -70.85
N GLY E 8 -20.39 -8.49 -69.74
CA GLY E 8 -19.67 -9.58 -69.10
C GLY E 8 -20.58 -10.74 -68.77
N ASN E 9 -21.79 -10.45 -68.28
CA ASN E 9 -22.74 -11.51 -67.96
C ASN E 9 -23.07 -12.32 -69.20
N THR E 10 -23.44 -11.66 -70.29
CA THR E 10 -23.82 -12.38 -71.50
C THR E 10 -22.64 -13.16 -72.08
N ALA E 11 -21.44 -12.58 -72.03
CA ALA E 11 -20.28 -13.29 -72.54
C ALA E 11 -20.04 -14.58 -71.76
N ALA E 12 -20.20 -14.53 -70.44
CA ALA E 12 -20.00 -15.73 -69.64
C ALA E 12 -21.10 -16.75 -69.92
N ALA E 13 -22.35 -16.30 -69.91
CA ALA E 13 -23.46 -17.21 -70.15
C ALA E 13 -23.34 -17.83 -71.53
N HIS E 14 -22.81 -17.09 -72.49
CA HIS E 14 -22.57 -17.64 -73.82
C HIS E 14 -21.69 -18.89 -73.74
N VAL E 15 -20.58 -18.80 -73.00
CA VAL E 15 -19.68 -19.93 -72.91
C VAL E 15 -20.25 -21.02 -72.02
N ALA E 16 -20.85 -20.63 -70.88
CA ALA E 16 -21.36 -21.60 -69.93
C ALA E 16 -22.44 -22.47 -70.57
N TYR E 17 -23.33 -21.86 -71.36
CA TYR E 17 -24.39 -22.62 -72.00
C TYR E 17 -23.83 -23.68 -72.93
N ALA E 18 -22.77 -23.34 -73.68
CA ALA E 18 -22.23 -24.26 -74.67
C ALA E 18 -21.59 -25.49 -74.03
N MET E 19 -20.98 -25.32 -72.85
CA MET E 19 -20.14 -26.35 -72.25
C MET E 19 -20.86 -27.17 -71.20
N SER E 20 -22.14 -26.90 -70.93
CA SER E 20 -22.83 -27.49 -69.80
C SER E 20 -24.09 -28.20 -70.25
N GLU E 21 -24.46 -29.24 -69.50
CA GLU E 21 -25.73 -29.94 -69.68
C GLU E 21 -26.80 -29.46 -68.71
N VAL E 22 -26.42 -29.17 -67.46
CA VAL E 22 -27.34 -28.73 -66.42
C VAL E 22 -26.83 -27.42 -65.86
N ALA E 23 -27.76 -26.55 -65.47
CA ALA E 23 -27.42 -25.29 -64.80
C ALA E 23 -28.45 -25.06 -63.70
N THR E 24 -28.07 -25.29 -62.45
CA THR E 24 -28.95 -25.02 -61.33
C THR E 24 -28.64 -23.62 -60.81
N ILE E 25 -29.66 -22.77 -60.74
CA ILE E 25 -29.44 -21.35 -60.52
C ILE E 25 -30.36 -20.83 -59.42
N TYR E 26 -30.00 -19.65 -58.90
CA TYR E 26 -30.81 -18.88 -57.96
C TYR E 26 -30.38 -17.42 -58.11
N PRO E 27 -31.33 -16.48 -58.16
CA PRO E 27 -31.00 -15.12 -58.55
C PRO E 27 -30.31 -14.32 -57.45
N ILE E 28 -29.29 -13.57 -57.85
CA ILE E 28 -28.66 -12.58 -56.99
C ILE E 28 -27.95 -11.54 -57.85
N THR E 29 -28.26 -10.26 -57.61
CA THR E 29 -27.57 -9.18 -58.31
C THR E 29 -26.09 -9.24 -57.94
N PRO E 30 -25.18 -9.00 -58.91
CA PRO E 30 -25.43 -8.75 -60.33
C PRO E 30 -25.19 -9.96 -61.22
N SER E 31 -25.29 -11.17 -60.67
CA SER E 31 -25.06 -12.37 -61.47
C SER E 31 -26.32 -12.91 -62.10
N SER E 32 -27.50 -12.51 -61.62
CA SER E 32 -28.74 -13.06 -62.13
C SER E 32 -28.98 -12.86 -63.62
N PRO E 33 -28.55 -11.76 -64.26
CA PRO E 33 -28.69 -11.67 -65.73
C PRO E 33 -28.08 -12.84 -66.48
N MET E 34 -27.01 -13.43 -65.96
CA MET E 34 -26.43 -14.61 -66.61
C MET E 34 -27.44 -15.74 -66.70
N ALA E 35 -28.12 -16.03 -65.59
CA ALA E 35 -29.08 -17.12 -65.61
C ALA E 35 -30.33 -16.76 -66.41
N GLU E 36 -30.67 -15.47 -66.49
CA GLU E 36 -31.85 -15.07 -67.25
C GLU E 36 -31.65 -15.38 -68.72
N ILE E 37 -30.51 -14.98 -69.28
CA ILE E 37 -30.25 -15.18 -70.71
C ILE E 37 -30.04 -16.66 -71.03
N ALA E 38 -29.50 -17.43 -70.08
CA ALA E 38 -29.37 -18.87 -70.29
C ALA E 38 -30.74 -19.55 -70.30
N ASP E 39 -31.68 -19.02 -69.52
CA ASP E 39 -33.03 -19.59 -69.51
C ASP E 39 -33.77 -19.31 -70.81
N GLU E 40 -33.66 -18.09 -71.34
CA GLU E 40 -34.31 -17.77 -72.61
C GLU E 40 -33.73 -18.59 -73.75
N TRP E 41 -32.41 -18.77 -73.76
CA TRP E 41 -31.79 -19.58 -74.81
C TRP E 41 -32.31 -21.01 -74.79
N ALA E 42 -32.44 -21.58 -73.59
CA ALA E 42 -32.99 -22.93 -73.48
C ALA E 42 -34.45 -22.97 -73.93
N ALA E 43 -35.21 -21.93 -73.58
CA ALA E 43 -36.61 -21.85 -74.02
C ALA E 43 -36.70 -21.69 -75.53
N HIS E 44 -35.70 -21.07 -76.15
CA HIS E 44 -35.67 -20.88 -77.59
C HIS E 44 -34.92 -21.99 -78.31
N GLY E 45 -34.46 -23.00 -77.59
CA GLY E 45 -33.92 -24.19 -78.21
C GLY E 45 -32.49 -24.11 -78.68
N ARG E 46 -31.66 -23.28 -78.05
CA ARG E 46 -30.24 -23.24 -78.39
C ARG E 46 -29.58 -24.55 -77.98
N LYS E 47 -28.77 -25.10 -78.88
CA LYS E 47 -28.06 -26.35 -78.60
C LYS E 47 -26.67 -26.05 -78.05
N ASN E 48 -26.24 -26.87 -77.09
CA ASN E 48 -24.88 -26.81 -76.59
C ASN E 48 -23.98 -27.66 -77.48
N ILE E 49 -22.74 -27.89 -77.08
CA ILE E 49 -21.82 -28.67 -77.89
C ILE E 49 -22.23 -30.14 -77.92
N PHE E 50 -23.25 -30.50 -77.16
CA PHE E 50 -23.77 -31.86 -77.15
C PHE E 50 -25.01 -32.03 -78.02
N GLY E 51 -25.41 -30.99 -78.75
CA GLY E 51 -26.59 -31.11 -79.59
C GLY E 51 -27.89 -31.04 -78.83
N LYS E 52 -27.86 -30.71 -77.55
CA LYS E 52 -29.04 -30.65 -76.71
C LYS E 52 -29.19 -29.24 -76.15
N THR E 53 -30.38 -28.94 -75.63
CA THR E 53 -30.60 -27.68 -74.94
C THR E 53 -30.17 -27.80 -73.49
N LEU E 54 -29.68 -26.69 -72.95
CA LEU E 54 -29.28 -26.67 -71.55
C LEU E 54 -30.51 -26.81 -70.68
N GLN E 55 -30.43 -27.69 -69.68
CA GLN E 55 -31.52 -27.85 -68.72
C GLN E 55 -31.27 -26.98 -67.52
N VAL E 56 -32.15 -26.01 -67.30
CA VAL E 56 -32.03 -25.05 -66.21
C VAL E 56 -33.01 -25.42 -65.11
N ALA E 57 -32.51 -25.56 -63.88
CA ALA E 57 -33.33 -25.86 -62.71
C ALA E 57 -33.09 -24.78 -61.67
N GLU E 58 -34.15 -24.12 -61.22
CA GLU E 58 -34.04 -23.10 -60.19
C GLU E 58 -34.29 -23.74 -58.83
N MET E 59 -33.44 -23.41 -57.86
CA MET E 59 -33.57 -23.96 -56.53
C MET E 59 -34.18 -22.93 -55.56
N GLN E 60 -34.26 -23.32 -54.29
CA GLN E 60 -34.83 -22.46 -53.27
C GLN E 60 -33.80 -21.52 -52.66
N SER E 61 -32.52 -21.80 -52.87
CA SER E 61 -31.44 -20.96 -52.35
C SER E 61 -30.17 -21.39 -53.07
N GLU E 62 -29.11 -20.61 -52.84
CA GLU E 62 -27.83 -20.97 -53.43
C GLU E 62 -27.27 -22.24 -52.78
N ALA E 63 -27.64 -22.50 -51.53
CA ALA E 63 -27.26 -23.76 -50.90
C ALA E 63 -27.87 -24.93 -51.68
N GLY E 64 -29.15 -24.81 -52.05
CA GLY E 64 -29.76 -25.84 -52.88
C GLY E 64 -29.12 -25.95 -54.25
N ALA E 65 -28.75 -24.81 -54.85
CA ALA E 65 -28.09 -24.85 -56.15
C ALA E 65 -26.76 -25.58 -56.05
N ALA E 66 -25.98 -25.26 -55.02
CA ALA E 66 -24.68 -25.92 -54.86
C ALA E 66 -24.85 -27.41 -54.62
N GLY E 67 -25.80 -27.80 -53.77
CA GLY E 67 -26.04 -29.21 -53.56
C GLY E 67 -26.50 -29.92 -54.83
N ALA E 68 -27.35 -29.24 -55.60
CA ALA E 68 -27.81 -29.83 -56.86
C ALA E 68 -26.66 -29.98 -57.85
N VAL E 69 -25.76 -29.00 -57.88
CA VAL E 69 -24.57 -29.14 -58.71
C VAL E 69 -23.81 -30.39 -58.31
N HIS E 70 -23.61 -30.56 -57.00
CA HIS E 70 -22.84 -31.69 -56.49
C HIS E 70 -23.49 -33.02 -56.92
N GLY E 71 -24.79 -33.13 -56.74
CA GLY E 71 -25.46 -34.36 -57.13
C GLY E 71 -25.42 -34.60 -58.62
N SER E 72 -25.65 -33.55 -59.41
CA SER E 72 -25.63 -33.71 -60.86
C SER E 72 -24.25 -34.12 -61.33
N LEU E 73 -23.20 -33.54 -60.73
CA LEU E 73 -21.84 -33.91 -61.10
C LEU E 73 -21.57 -35.37 -60.71
N ALA E 74 -21.93 -35.74 -59.48
CA ALA E 74 -21.66 -37.09 -59.03
C ALA E 74 -22.44 -38.12 -59.83
N ALA E 75 -23.54 -37.73 -60.47
CA ALA E 75 -24.34 -38.65 -61.27
C ALA E 75 -23.98 -38.63 -62.75
N GLY E 76 -23.12 -37.72 -63.19
CA GLY E 76 -22.54 -37.81 -64.53
C GLY E 76 -22.97 -36.77 -65.54
N ALA E 77 -23.36 -35.58 -65.09
CA ALA E 77 -23.76 -34.49 -65.98
C ALA E 77 -22.86 -33.30 -65.74
N LEU E 78 -22.37 -32.71 -66.83
CA LEU E 78 -21.60 -31.46 -66.74
C LEU E 78 -22.54 -30.33 -66.34
N THR E 79 -22.26 -29.70 -65.20
CA THR E 79 -23.18 -28.76 -64.60
C THR E 79 -22.44 -27.50 -64.19
N THR E 80 -23.11 -26.36 -64.32
CA THR E 80 -22.53 -25.09 -63.92
C THR E 80 -23.55 -24.31 -63.09
N THR E 81 -23.14 -23.14 -62.60
CA THR E 81 -24.03 -22.26 -61.88
C THR E 81 -23.47 -20.85 -61.91
N PHE E 82 -24.33 -19.90 -61.53
CA PHE E 82 -24.00 -18.48 -61.52
C PHE E 82 -24.44 -17.89 -60.18
N THR E 83 -23.55 -17.15 -59.53
CA THR E 83 -23.84 -16.65 -58.19
C THR E 83 -22.91 -15.48 -57.89
N ALA E 84 -23.00 -14.96 -56.67
CA ALA E 84 -22.20 -13.84 -56.19
C ALA E 84 -22.50 -13.61 -54.72
N SER E 85 -21.54 -12.98 -54.03
CA SER E 85 -21.73 -12.34 -52.72
C SER E 85 -22.35 -13.34 -51.72
N GLN E 86 -23.44 -12.97 -51.05
CA GLN E 86 -24.05 -13.85 -50.05
C GLN E 86 -24.41 -15.20 -50.65
N GLY E 87 -24.71 -15.23 -51.94
CA GLY E 87 -24.99 -16.51 -52.58
C GLY E 87 -23.78 -17.42 -52.64
N LEU E 88 -22.61 -16.86 -52.92
CA LEU E 88 -21.40 -17.67 -52.96
C LEU E 88 -21.08 -18.22 -51.57
N LEU E 89 -21.34 -17.43 -50.53
CA LEU E 89 -21.09 -17.90 -49.17
C LEU E 89 -21.89 -19.16 -48.87
N LEU E 90 -23.18 -19.16 -49.24
CA LEU E 90 -24.03 -20.30 -48.98
C LEU E 90 -23.59 -21.54 -49.75
N MET E 91 -22.79 -21.36 -50.79
CA MET E 91 -22.26 -22.48 -51.55
C MET E 91 -20.93 -22.99 -51.02
N ILE E 92 -20.31 -22.25 -50.10
CA ILE E 92 -18.98 -22.64 -49.61
C ILE E 92 -18.94 -24.04 -49.03
N PRO E 93 -19.86 -24.45 -48.15
CA PRO E 93 -19.81 -25.83 -47.64
C PRO E 93 -19.82 -26.89 -48.72
N ASN E 94 -20.65 -26.72 -49.74
CA ASN E 94 -20.66 -27.70 -50.83
C ASN E 94 -19.40 -27.59 -51.68
N MET E 95 -18.80 -26.40 -51.76
CA MET E 95 -17.60 -26.23 -52.56
C MET E 95 -16.47 -27.10 -52.04
N TYR E 96 -16.36 -27.22 -50.71
CA TYR E 96 -15.38 -28.13 -50.15
C TYR E 96 -15.60 -29.56 -50.64
N LYS E 97 -16.86 -29.96 -50.77
CA LYS E 97 -17.19 -31.30 -51.24
C LYS E 97 -16.89 -31.47 -52.71
N ILE E 98 -17.27 -30.48 -53.53
CA ILE E 98 -17.08 -30.61 -54.98
C ILE E 98 -15.59 -30.68 -55.32
N ALA E 99 -14.79 -29.85 -54.67
CA ALA E 99 -13.35 -29.92 -54.87
C ALA E 99 -12.79 -31.20 -54.27
N GLY E 100 -13.30 -31.61 -53.10
CA GLY E 100 -12.80 -32.80 -52.45
C GLY E 100 -13.00 -34.07 -53.26
N GLU E 101 -14.10 -34.14 -54.00
CA GLU E 101 -14.38 -35.30 -54.84
C GLU E 101 -13.79 -35.16 -56.24
N LEU E 102 -13.07 -34.08 -56.49
CA LEU E 102 -12.40 -33.83 -57.77
C LEU E 102 -13.40 -33.93 -58.93
N LEU E 103 -14.45 -33.11 -58.83
CA LEU E 103 -15.49 -33.10 -59.85
C LEU E 103 -15.31 -31.88 -60.72
N PRO E 104 -15.24 -32.06 -62.05
CA PRO E 104 -15.11 -30.90 -62.94
C PRO E 104 -16.33 -30.01 -62.85
N CYS E 105 -16.08 -28.70 -62.79
CA CYS E 105 -17.14 -27.75 -62.49
C CYS E 105 -16.62 -26.35 -62.71
N VAL E 106 -17.53 -25.43 -63.04
CA VAL E 106 -17.21 -24.01 -63.15
C VAL E 106 -18.34 -23.21 -62.50
N PHE E 107 -18.00 -22.42 -61.47
CA PHE E 107 -18.91 -21.44 -60.91
C PHE E 107 -18.56 -20.09 -61.52
N HIS E 108 -19.54 -19.40 -62.10
CA HIS E 108 -19.33 -18.07 -62.64
C HIS E 108 -19.85 -17.03 -61.66
N VAL E 109 -18.97 -16.13 -61.24
CA VAL E 109 -19.24 -15.21 -60.14
C VAL E 109 -19.10 -13.78 -60.65
N ALA E 110 -20.17 -13.00 -60.50
CA ALA E 110 -20.10 -11.55 -60.71
C ALA E 110 -19.75 -10.96 -59.35
N ALA E 111 -18.45 -10.91 -59.07
CA ALA E 111 -17.96 -10.63 -57.73
C ALA E 111 -18.60 -9.37 -57.14
N ARG E 112 -19.20 -9.52 -55.96
CA ARG E 112 -19.98 -8.47 -55.33
C ARG E 112 -19.62 -8.38 -53.85
N ALA E 113 -19.76 -7.19 -53.29
CA ALA E 113 -19.48 -6.97 -51.88
C ALA E 113 -20.36 -7.85 -50.99
N LEU E 114 -19.85 -8.14 -49.80
CA LEU E 114 -20.62 -8.88 -48.81
C LEU E 114 -21.31 -7.92 -47.86
N SER E 115 -22.43 -8.36 -47.30
CA SER E 115 -23.20 -7.53 -46.38
C SER E 115 -22.50 -7.54 -45.03
N THR E 116 -21.99 -6.37 -44.63
CA THR E 116 -21.30 -6.23 -43.35
C THR E 116 -22.01 -5.19 -42.50
N HIS E 117 -21.42 -4.00 -42.39
CA HIS E 117 -22.11 -2.89 -41.74
C HIS E 117 -23.33 -2.46 -42.54
N ALA E 118 -23.39 -2.82 -43.81
CA ALA E 118 -24.49 -2.45 -44.69
C ALA E 118 -24.44 -3.37 -45.90
N LEU E 119 -25.58 -3.47 -46.59
CA LEU E 119 -25.62 -4.23 -47.83
C LEU E 119 -25.06 -3.41 -48.98
N SER E 120 -24.41 -4.10 -49.91
CA SER E 120 -23.93 -3.49 -51.14
C SER E 120 -24.08 -4.50 -52.27
N ILE E 121 -24.87 -4.14 -53.28
CA ILE E 121 -25.04 -5.00 -54.45
C ILE E 121 -23.92 -4.82 -55.46
N PHE E 122 -22.95 -3.97 -55.16
CA PHE E 122 -21.92 -3.60 -56.12
C PHE E 122 -20.67 -4.44 -55.90
N GLY E 123 -19.69 -4.24 -56.80
CA GLY E 123 -18.66 -5.23 -57.02
C GLY E 123 -17.41 -5.06 -56.19
N ASP E 124 -16.94 -6.17 -55.63
CA ASP E 124 -15.56 -6.31 -55.18
C ASP E 124 -15.29 -7.80 -54.99
N HIS E 125 -14.07 -8.11 -54.55
CA HIS E 125 -13.63 -9.49 -54.46
C HIS E 125 -13.85 -10.11 -53.09
N ALA E 126 -14.67 -9.50 -52.23
CA ALA E 126 -14.86 -10.02 -50.89
C ALA E 126 -15.40 -11.44 -50.92
N ASP E 127 -16.37 -11.71 -51.79
CA ASP E 127 -17.00 -13.02 -51.81
C ASP E 127 -16.05 -14.09 -52.28
N VAL E 128 -15.34 -13.84 -53.38
CA VAL E 128 -14.43 -14.85 -53.91
C VAL E 128 -13.30 -15.12 -52.94
N MET E 129 -12.76 -14.08 -52.31
CA MET E 129 -11.67 -14.28 -51.36
C MET E 129 -12.12 -15.14 -50.17
N ALA E 130 -13.40 -15.07 -49.82
CA ALA E 130 -13.94 -15.88 -48.75
C ALA E 130 -14.01 -17.35 -49.11
N ALA E 131 -13.74 -17.70 -50.37
CA ALA E 131 -13.75 -19.09 -50.82
C ALA E 131 -12.37 -19.57 -51.27
N ARG E 132 -11.30 -18.81 -51.00
CA ARG E 132 -9.99 -19.17 -51.53
C ARG E 132 -9.39 -20.42 -50.89
N GLN E 133 -10.00 -20.94 -49.82
CA GLN E 133 -9.48 -22.13 -49.16
C GLN E 133 -10.35 -23.36 -49.38
N THR E 134 -11.32 -23.27 -50.27
CA THR E 134 -12.21 -24.41 -50.53
C THR E 134 -11.56 -25.48 -51.39
N GLY E 135 -10.46 -25.17 -52.05
CA GLY E 135 -9.86 -26.09 -52.98
C GLY E 135 -10.28 -25.88 -54.42
N PHE E 136 -11.16 -24.91 -54.67
CA PHE E 136 -11.47 -24.53 -56.04
C PHE E 136 -10.33 -23.74 -56.64
N ALA E 137 -10.12 -23.93 -57.94
CA ALA E 137 -9.26 -23.01 -58.67
C ALA E 137 -10.00 -21.69 -58.87
N MET E 138 -9.23 -20.62 -59.07
CA MET E 138 -9.83 -19.30 -59.22
C MET E 138 -9.18 -18.54 -60.36
N LEU E 139 -10.00 -18.16 -61.34
CA LEU E 139 -9.55 -17.51 -62.56
C LEU E 139 -10.28 -16.20 -62.73
N SER E 140 -9.54 -15.10 -62.92
CA SER E 140 -10.10 -13.77 -62.96
C SER E 140 -9.98 -13.20 -64.36
N SER E 141 -11.07 -12.63 -64.86
CA SER E 141 -11.08 -11.95 -66.15
C SER E 141 -11.29 -10.45 -65.91
N ALA E 142 -10.55 -9.64 -66.66
CA ALA E 142 -10.50 -8.20 -66.40
C ALA E 142 -11.36 -7.37 -67.34
N SER E 143 -11.81 -7.93 -68.46
CA SER E 143 -12.59 -7.18 -69.43
C SER E 143 -13.64 -8.10 -70.03
N VAL E 144 -14.59 -7.50 -70.75
CA VAL E 144 -15.67 -8.28 -71.34
C VAL E 144 -15.12 -9.30 -72.34
N GLN E 145 -14.09 -8.91 -73.09
CA GLN E 145 -13.45 -9.86 -74.01
C GLN E 145 -12.79 -11.00 -73.24
N GLU E 146 -12.21 -10.71 -72.08
CA GLU E 146 -11.58 -11.76 -71.27
C GLU E 146 -12.62 -12.69 -70.64
N VAL E 147 -13.80 -12.16 -70.29
CA VAL E 147 -14.86 -13.03 -69.80
C VAL E 147 -15.19 -14.09 -70.85
N MET E 148 -15.35 -13.68 -72.10
CA MET E 148 -15.58 -14.62 -73.18
C MET E 148 -14.44 -15.62 -73.28
N ASP E 149 -13.20 -15.13 -73.27
CA ASP E 149 -12.06 -16.00 -73.51
C ASP E 149 -11.80 -16.90 -72.30
N LEU E 150 -11.73 -16.32 -71.11
CA LEU E 150 -11.31 -17.10 -69.94
C LEU E 150 -12.39 -18.05 -69.44
N ALA E 151 -13.67 -17.75 -69.68
CA ALA E 151 -14.70 -18.72 -69.37
C ALA E 151 -14.49 -20.00 -70.17
N LEU E 152 -14.10 -19.87 -71.45
CA LEU E 152 -13.76 -21.06 -72.23
C LEU E 152 -12.53 -21.76 -71.66
N VAL E 153 -11.55 -20.99 -71.19
CA VAL E 153 -10.37 -21.57 -70.57
C VAL E 153 -10.75 -22.39 -69.34
N ALA E 154 -11.63 -21.85 -68.50
CA ALA E 154 -12.03 -22.55 -67.28
C ALA E 154 -12.74 -23.86 -67.60
N HIS E 155 -13.72 -23.81 -68.51
CA HIS E 155 -14.49 -25.01 -68.82
C HIS E 155 -13.62 -26.08 -69.46
N LEU E 156 -12.62 -25.68 -70.26
CA LEU E 156 -11.73 -26.67 -70.86
C LEU E 156 -10.76 -27.24 -69.84
N ALA E 157 -10.24 -26.40 -68.95
CA ALA E 157 -9.23 -26.86 -67.99
C ALA E 157 -9.84 -27.77 -66.92
N THR E 158 -11.05 -27.46 -66.46
CA THR E 158 -11.63 -28.23 -65.36
C THR E 158 -11.84 -29.69 -65.75
N LEU E 159 -12.13 -29.95 -67.03
CA LEU E 159 -12.26 -31.34 -67.47
C LEU E 159 -10.92 -32.07 -67.41
N LYS E 160 -9.84 -31.38 -67.75
CA LYS E 160 -8.53 -32.03 -67.74
C LYS E 160 -7.95 -32.13 -66.35
N ALA E 161 -8.13 -31.08 -65.52
CA ALA E 161 -7.45 -31.00 -64.23
C ALA E 161 -8.22 -31.66 -63.10
N ARG E 162 -9.50 -31.98 -63.30
CA ARG E 162 -10.40 -32.49 -62.27
C ARG E 162 -10.60 -31.54 -61.11
N VAL E 163 -10.08 -30.32 -61.18
CA VAL E 163 -10.24 -29.33 -60.13
C VAL E 163 -11.33 -28.36 -60.56
N PRO E 164 -12.37 -28.15 -59.77
CA PRO E 164 -13.42 -27.20 -60.15
C PRO E 164 -12.90 -25.78 -60.10
N PHE E 165 -13.50 -24.92 -60.90
CA PHE E 165 -13.02 -23.56 -61.08
C PHE E 165 -14.09 -22.54 -60.66
N VAL E 166 -13.62 -21.43 -60.10
CA VAL E 166 -14.43 -20.22 -59.95
C VAL E 166 -13.91 -19.21 -60.96
N HIS E 167 -14.72 -18.91 -61.98
CA HIS E 167 -14.40 -17.87 -62.96
C HIS E 167 -15.16 -16.62 -62.52
N PHE E 168 -14.43 -15.59 -62.14
CA PHE E 168 -15.05 -14.38 -61.59
C PHE E 168 -14.57 -13.13 -62.32
N PHE E 169 -15.45 -12.15 -62.37
CA PHE E 169 -15.18 -10.84 -62.94
C PHE E 169 -15.89 -9.80 -62.08
N ASP E 170 -15.39 -8.56 -62.12
CA ASP E 170 -15.89 -7.54 -61.21
C ASP E 170 -17.36 -7.23 -61.48
N GLY E 171 -18.16 -7.26 -60.41
CA GLY E 171 -19.58 -6.97 -60.54
C GLY E 171 -19.82 -5.54 -61.02
N PHE E 172 -20.78 -5.40 -61.94
CA PHE E 172 -21.12 -4.13 -62.58
C PHE E 172 -19.99 -3.63 -63.47
N ARG E 173 -18.82 -3.41 -62.88
CA ARG E 173 -17.68 -2.86 -63.60
C ARG E 173 -17.30 -3.70 -64.82
N THR E 174 -17.58 -5.00 -64.78
CA THR E 174 -17.39 -5.88 -65.92
C THR E 174 -18.67 -6.59 -66.33
N SER E 175 -19.48 -7.01 -65.36
CA SER E 175 -20.67 -7.79 -65.67
C SER E 175 -21.70 -6.98 -66.44
N HIS E 176 -21.77 -5.67 -66.20
CA HIS E 176 -22.76 -4.81 -66.85
C HIS E 176 -22.13 -3.83 -67.84
N GLU E 177 -20.84 -3.94 -68.09
CA GLU E 177 -20.16 -3.13 -69.08
C GLU E 177 -20.41 -3.73 -70.46
N VAL E 178 -20.96 -2.95 -71.37
CA VAL E 178 -21.21 -3.39 -72.74
C VAL E 178 -20.01 -3.04 -73.61
N GLN E 179 -19.50 -4.03 -74.34
CA GLN E 179 -18.33 -3.84 -75.18
C GLN E 179 -18.46 -4.67 -76.46
N LYS E 180 -17.90 -4.15 -77.55
CA LYS E 180 -17.81 -4.92 -78.78
C LYS E 180 -16.64 -5.88 -78.66
N ILE E 181 -16.93 -7.19 -78.70
CA ILE E 181 -15.94 -8.22 -78.47
C ILE E 181 -16.03 -9.29 -79.55
N ASP E 182 -15.00 -10.12 -79.63
CA ASP E 182 -15.02 -11.29 -80.48
C ASP E 182 -15.72 -12.42 -79.75
N VAL E 183 -16.81 -12.92 -80.33
CA VAL E 183 -17.59 -14.00 -79.74
C VAL E 183 -17.09 -15.31 -80.34
N ILE E 184 -16.84 -16.31 -79.49
CA ILE E 184 -16.33 -17.59 -79.95
C ILE E 184 -17.49 -18.47 -80.37
N GLU E 185 -17.39 -19.06 -81.56
CA GLU E 185 -18.46 -19.92 -82.06
C GLU E 185 -18.49 -21.22 -81.28
N TYR E 186 -19.70 -21.73 -81.02
CA TYR E 186 -19.83 -22.97 -80.27
C TYR E 186 -19.14 -24.12 -80.99
N GLU E 187 -19.24 -24.14 -82.32
CA GLU E 187 -18.61 -25.22 -83.06
C GLU E 187 -17.10 -25.24 -82.88
N ASP E 188 -16.50 -24.06 -82.71
CA ASP E 188 -15.05 -23.98 -82.50
C ASP E 188 -14.65 -24.46 -81.11
N MET E 189 -15.48 -24.22 -80.10
CA MET E 189 -15.19 -24.72 -78.77
C MET E 189 -15.13 -26.24 -78.77
N ALA E 190 -16.13 -26.86 -79.39
CA ALA E 190 -16.19 -28.32 -79.44
C ALA E 190 -14.95 -28.92 -80.07
N LYS E 191 -14.23 -28.16 -80.90
CA LYS E 191 -12.99 -28.66 -81.47
C LYS E 191 -11.84 -28.68 -80.47
N LEU E 192 -12.00 -28.02 -79.32
CA LEU E 192 -10.94 -27.97 -78.31
C LEU E 192 -11.19 -28.86 -77.09
N VAL E 193 -12.40 -29.38 -76.92
CA VAL E 193 -12.72 -30.14 -75.72
C VAL E 193 -11.97 -31.47 -75.74
N ASP E 194 -11.43 -31.86 -74.58
CA ASP E 194 -10.83 -33.18 -74.41
C ASP E 194 -11.97 -34.16 -74.14
N TRP E 195 -12.48 -34.77 -75.21
CA TRP E 195 -13.63 -35.65 -75.06
C TRP E 195 -13.29 -36.91 -74.28
N ASP E 196 -12.02 -37.36 -74.31
CA ASP E 196 -11.62 -38.49 -73.48
C ASP E 196 -11.81 -38.17 -72.00
N ALA E 197 -11.53 -36.94 -71.58
CA ALA E 197 -11.75 -36.56 -70.19
C ALA E 197 -13.23 -36.56 -69.84
N ILE E 198 -14.10 -36.20 -70.79
CA ILE E 198 -15.53 -36.24 -70.52
C ILE E 198 -16.01 -37.67 -70.39
N ARG E 199 -15.58 -38.56 -71.29
CA ARG E 199 -16.02 -39.94 -71.24
C ARG E 199 -15.56 -40.63 -69.97
N ALA E 200 -14.36 -40.30 -69.49
CA ALA E 200 -13.91 -40.83 -68.22
C ALA E 200 -14.75 -40.29 -67.07
N PHE E 201 -15.19 -39.03 -67.19
CA PHE E 201 -16.06 -38.45 -66.17
C PHE E 201 -17.42 -39.16 -66.12
N ARG E 202 -17.88 -39.70 -67.24
CA ARG E 202 -19.16 -40.42 -67.22
C ARG E 202 -19.04 -41.73 -66.45
N GLN E 203 -17.88 -42.41 -66.56
CA GLN E 203 -17.71 -43.69 -65.89
C GLN E 203 -17.56 -43.56 -64.39
N ARG E 204 -17.09 -42.41 -63.90
CA ARG E 204 -16.99 -42.18 -62.46
C ARG E 204 -18.33 -41.86 -61.81
N ALA E 205 -19.40 -41.77 -62.60
CA ALA E 205 -20.69 -41.35 -62.09
C ALA E 205 -21.32 -42.45 -61.23
N LEU E 206 -22.18 -42.02 -60.30
CA LEU E 206 -22.96 -42.95 -59.49
C LEU E 206 -23.89 -43.75 -60.39
N ASN E 207 -23.75 -45.07 -60.35
CA ASN E 207 -24.57 -45.92 -61.19
C ASN E 207 -24.72 -47.29 -60.55
N PRO E 208 -25.94 -47.82 -60.46
CA PRO E 208 -26.13 -49.12 -59.81
C PRO E 208 -25.47 -50.28 -60.53
N GLU E 209 -25.11 -50.12 -61.80
CA GLU E 209 -24.49 -51.22 -62.54
C GLU E 209 -22.99 -51.31 -62.36
N HIS E 210 -22.36 -50.28 -61.78
CA HIS E 210 -20.97 -50.36 -61.31
C HIS E 210 -20.85 -49.49 -60.08
N PRO E 211 -21.45 -49.90 -58.97
CA PRO E 211 -21.66 -48.98 -57.85
C PRO E 211 -20.40 -48.74 -57.04
N HIS E 212 -20.42 -47.63 -56.32
CA HIS E 212 -19.32 -47.25 -55.44
C HIS E 212 -19.90 -46.40 -54.33
N GLN E 213 -19.05 -46.12 -53.34
CA GLN E 213 -19.42 -45.32 -52.18
C GLN E 213 -18.54 -44.09 -52.16
N ARG E 214 -19.15 -42.93 -51.96
CA ARG E 214 -18.40 -41.68 -51.89
C ARG E 214 -18.98 -40.84 -50.75
N GLY E 215 -18.14 -39.96 -50.21
CA GLY E 215 -18.57 -39.12 -49.11
C GLY E 215 -18.67 -39.84 -47.78
N THR E 216 -17.75 -40.75 -47.49
CA THR E 216 -17.80 -41.51 -46.26
C THR E 216 -17.38 -40.64 -45.07
N ALA E 217 -17.50 -41.20 -43.87
CA ALA E 217 -16.99 -40.58 -42.66
C ALA E 217 -15.74 -41.33 -42.25
N GLN E 218 -14.67 -40.59 -41.94
CA GLN E 218 -13.37 -41.18 -41.71
C GLN E 218 -12.82 -40.80 -40.34
N ASN E 219 -12.13 -41.76 -39.73
CA ASN E 219 -11.50 -41.58 -38.43
C ASN E 219 -10.14 -40.93 -38.60
N PRO E 220 -9.49 -40.54 -37.50
CA PRO E 220 -8.16 -39.92 -37.62
C PRO E 220 -7.11 -40.82 -38.24
N ASP E 221 -7.37 -42.12 -38.36
CA ASP E 221 -6.32 -43.03 -38.82
C ASP E 221 -6.02 -42.85 -40.31
N ILE E 222 -6.99 -42.39 -41.10
CA ILE E 222 -6.80 -42.33 -42.56
C ILE E 222 -7.15 -40.97 -43.15
N TYR E 223 -7.74 -40.07 -42.35
CA TYR E 223 -8.24 -38.82 -42.91
C TYR E 223 -7.12 -37.95 -43.44
N PHE E 224 -6.03 -37.80 -42.68
CA PHE E 224 -4.92 -36.97 -43.13
C PHE E 224 -4.34 -37.48 -44.45
N GLN E 225 -4.00 -38.76 -44.52
CA GLN E 225 -3.44 -39.31 -45.75
C GLN E 225 -4.38 -39.12 -46.92
N SER E 226 -5.67 -39.41 -46.72
CA SER E 226 -6.63 -39.30 -47.80
C SER E 226 -6.79 -37.86 -48.29
N ARG E 227 -6.61 -36.87 -47.41
CA ARG E 227 -6.71 -35.49 -47.88
C ARG E 227 -5.48 -35.08 -48.69
N GLU E 228 -4.31 -35.63 -48.37
CA GLU E 228 -3.12 -35.30 -49.15
C GLU E 228 -3.05 -36.08 -50.46
N ALA E 229 -3.93 -37.05 -50.68
CA ALA E 229 -3.89 -37.84 -51.91
C ALA E 229 -4.28 -37.04 -53.14
N ALA E 230 -4.91 -35.88 -52.97
CA ALA E 230 -5.28 -35.03 -54.09
C ALA E 230 -4.19 -34.03 -54.49
N ASN E 231 -3.05 -34.06 -53.82
CA ASN E 231 -1.94 -33.15 -54.16
C ASN E 231 -1.50 -33.22 -55.62
N PRO E 232 -1.32 -34.39 -56.24
CA PRO E 232 -0.88 -34.38 -57.65
C PRO E 232 -1.80 -33.62 -58.57
N TYR E 233 -3.11 -33.66 -58.31
CA TYR E 233 -4.07 -32.96 -59.17
C TYR E 233 -3.89 -31.46 -59.07
N TYR E 234 -3.55 -30.94 -57.89
CA TYR E 234 -3.32 -29.51 -57.74
C TYR E 234 -1.96 -29.09 -58.30
N LEU E 235 -0.94 -29.96 -58.19
CA LEU E 235 0.36 -29.63 -58.75
C LEU E 235 0.32 -29.52 -60.27
N ALA E 236 -0.53 -30.31 -60.92
CA ALA E 236 -0.61 -30.30 -62.37
C ALA E 236 -1.56 -29.24 -62.91
N THR E 237 -2.42 -28.67 -62.06
CA THR E 237 -3.41 -27.71 -62.55
C THR E 237 -2.79 -26.47 -63.19
N PRO E 238 -1.77 -25.83 -62.62
CA PRO E 238 -1.18 -24.67 -63.32
C PRO E 238 -0.69 -25.00 -64.71
N GLY E 239 0.04 -26.11 -64.87
CA GLY E 239 0.50 -26.50 -66.19
C GLY E 239 -0.64 -26.82 -67.14
N ILE E 240 -1.74 -27.36 -66.62
CA ILE E 240 -2.88 -27.66 -67.47
C ILE E 240 -3.54 -26.39 -67.98
N VAL E 241 -3.73 -25.40 -67.09
CA VAL E 241 -4.35 -24.15 -67.49
C VAL E 241 -3.51 -23.43 -68.54
N ALA E 242 -2.18 -23.48 -68.38
CA ALA E 242 -1.31 -22.83 -69.35
C ALA E 242 -1.50 -23.43 -70.73
N GLN E 243 -1.53 -24.77 -70.83
CA GLN E 243 -1.71 -25.41 -72.11
C GLN E 243 -3.08 -25.11 -72.70
N VAL E 244 -4.11 -25.05 -71.86
CA VAL E 244 -5.44 -24.67 -72.33
C VAL E 244 -5.41 -23.24 -72.85
N MET E 245 -4.70 -22.35 -72.15
CA MET E 245 -4.61 -20.97 -72.61
C MET E 245 -3.91 -20.87 -73.96
N GLU E 246 -2.96 -21.77 -74.25
CA GLU E 246 -2.32 -21.75 -75.55
C GLU E 246 -3.26 -22.24 -76.65
N GLN E 247 -4.13 -23.19 -76.33
CA GLN E 247 -5.13 -23.63 -77.30
C GLN E 247 -6.06 -22.47 -77.68
N VAL E 248 -6.54 -21.72 -76.68
CA VAL E 248 -7.40 -20.59 -76.98
C VAL E 248 -6.65 -19.52 -77.77
N ALA E 249 -5.36 -19.34 -77.47
CA ALA E 249 -4.57 -18.36 -78.22
C ALA E 249 -4.46 -18.75 -79.69
N GLY E 250 -4.21 -20.04 -79.97
CA GLY E 250 -4.15 -20.47 -81.35
C GLY E 250 -5.47 -20.32 -82.07
N LEU E 251 -6.57 -20.39 -81.34
CA LEU E 251 -7.89 -20.26 -81.95
C LEU E 251 -8.27 -18.80 -82.14
N THR E 252 -8.06 -17.97 -81.12
CA THR E 252 -8.57 -16.61 -81.13
C THR E 252 -7.52 -15.57 -81.50
N GLY E 253 -6.24 -15.90 -81.36
CA GLY E 253 -5.19 -14.94 -81.56
C GLY E 253 -4.86 -14.13 -80.32
N ARG E 254 -5.63 -14.30 -79.25
CA ARG E 254 -5.42 -13.58 -78.01
C ARG E 254 -4.66 -14.49 -77.05
N HIS E 255 -3.50 -14.04 -76.61
CA HIS E 255 -2.57 -14.85 -75.84
C HIS E 255 -2.70 -14.52 -74.36
N TYR E 256 -3.08 -15.51 -73.56
CA TYR E 256 -3.15 -15.37 -72.11
C TYR E 256 -2.11 -16.24 -71.44
N HIS E 257 -1.71 -15.83 -70.23
CA HIS E 257 -0.83 -16.62 -69.36
C HIS E 257 -1.39 -16.62 -67.95
N LEU E 258 -0.84 -17.50 -67.10
CA LEU E 258 -1.27 -17.56 -65.71
C LEU E 258 -1.12 -16.20 -65.03
N PHE E 259 0.02 -15.54 -65.27
CA PHE E 259 0.25 -14.16 -64.89
C PHE E 259 0.79 -13.46 -66.11
N ASP E 260 0.20 -12.32 -66.47
CA ASP E 260 0.61 -11.56 -67.64
C ASP E 260 1.29 -10.28 -67.19
N TYR E 261 2.33 -9.86 -67.93
CA TYR E 261 3.07 -8.65 -67.62
C TYR E 261 2.90 -7.62 -68.73
N ALA E 262 2.88 -6.35 -68.33
CA ALA E 262 2.79 -5.23 -69.25
C ALA E 262 3.57 -4.07 -68.67
N GLY E 263 4.33 -3.39 -69.51
CA GLY E 263 5.08 -2.22 -69.11
C GLY E 263 6.52 -2.30 -69.54
N ALA E 264 7.34 -1.42 -68.99
CA ALA E 264 8.74 -1.36 -69.39
C ALA E 264 9.46 -2.64 -68.97
N PRO E 265 10.31 -3.21 -69.83
CA PRO E 265 11.08 -4.39 -69.43
C PRO E 265 12.11 -4.10 -68.35
N ASP E 266 12.54 -2.85 -68.19
CA ASP E 266 13.47 -2.45 -67.15
C ASP E 266 12.77 -1.68 -66.03
N ALA E 267 11.51 -2.02 -65.75
CA ALA E 267 10.71 -1.30 -64.77
C ALA E 267 11.26 -1.50 -63.36
N GLU E 268 11.10 -0.45 -62.54
CA GLU E 268 11.47 -0.50 -61.14
C GLU E 268 10.27 -0.52 -60.20
N ARG E 269 9.12 0.00 -60.63
CA ARG E 269 7.90 -0.01 -59.83
C ARG E 269 6.82 -0.78 -60.58
N VAL E 270 6.29 -1.82 -59.95
CA VAL E 270 5.32 -2.71 -60.59
C VAL E 270 4.13 -2.88 -59.66
N ILE E 271 2.93 -2.83 -60.22
CA ILE E 271 1.69 -3.07 -59.49
C ILE E 271 1.19 -4.47 -59.82
N VAL E 272 0.86 -5.24 -58.78
CA VAL E 272 0.23 -6.55 -58.95
C VAL E 272 -1.24 -6.38 -58.58
N SER E 273 -2.13 -6.79 -59.49
CA SER E 273 -3.55 -6.57 -59.29
C SER E 273 -4.34 -7.66 -59.99
N MET E 274 -5.66 -7.55 -59.89
CA MET E 274 -6.56 -8.61 -60.32
C MET E 274 -7.89 -7.98 -60.68
N GLY E 275 -8.55 -8.53 -61.70
CA GLY E 275 -9.84 -8.02 -62.12
C GLY E 275 -9.72 -6.81 -63.04
N SER E 276 -10.82 -6.07 -63.14
CA SER E 276 -10.92 -4.97 -64.10
C SER E 276 -9.92 -3.87 -63.85
N SER E 277 -9.36 -3.78 -62.64
CA SER E 277 -8.36 -2.75 -62.37
C SER E 277 -7.15 -2.88 -63.29
N CYS E 278 -6.85 -4.12 -63.73
CA CYS E 278 -5.69 -4.34 -64.59
C CYS E 278 -5.80 -3.59 -65.90
N GLU E 279 -7.02 -3.44 -66.44
CA GLU E 279 -7.18 -2.65 -67.65
C GLU E 279 -6.85 -1.18 -67.40
N VAL E 280 -7.39 -0.61 -66.32
CA VAL E 280 -7.11 0.79 -65.98
C VAL E 280 -5.62 0.98 -65.68
N ILE E 281 -4.99 -0.02 -65.07
CA ILE E 281 -3.57 0.09 -64.75
C ILE E 281 -2.73 -0.03 -66.02
N GLU E 282 -3.11 -0.93 -66.92
CA GLU E 282 -2.37 -1.05 -68.18
C GLU E 282 -2.48 0.23 -69.00
N GLU E 283 -3.67 0.82 -69.06
CA GLU E 283 -3.85 2.09 -69.75
C GLU E 283 -2.98 3.18 -69.14
N THR E 284 -2.88 3.22 -67.81
CA THR E 284 -2.01 4.19 -67.16
C THR E 284 -0.55 3.86 -67.40
N VAL E 285 -0.20 2.57 -67.37
CA VAL E 285 1.18 2.18 -67.60
C VAL E 285 1.65 2.59 -68.99
N ASN E 286 0.80 2.41 -70.00
CA ASN E 286 1.15 2.90 -71.35
C ASN E 286 1.45 4.39 -71.34
N TYR E 287 0.64 5.17 -70.61
CA TYR E 287 0.85 6.62 -70.55
C TYR E 287 2.17 6.97 -69.89
N LEU E 288 2.49 6.29 -68.79
CA LEU E 288 3.70 6.62 -68.03
C LEU E 288 4.97 6.11 -68.71
N VAL E 289 4.91 4.91 -69.31
CA VAL E 289 6.08 4.40 -70.01
C VAL E 289 6.42 5.28 -71.20
N GLU E 290 5.41 5.75 -71.93
CA GLU E 290 5.65 6.65 -73.05
C GLU E 290 6.33 7.93 -72.60
N LYS E 291 6.05 8.38 -71.38
CA LYS E 291 6.72 9.54 -70.83
C LYS E 291 8.09 9.22 -70.23
N GLY E 292 8.51 7.95 -70.28
CA GLY E 292 9.83 7.56 -69.86
C GLY E 292 9.94 6.92 -68.49
N GLU E 293 8.84 6.84 -67.73
CA GLU E 293 8.90 6.23 -66.41
C GLU E 293 9.06 4.73 -66.54
N LYS E 294 9.85 4.14 -65.63
CA LYS E 294 10.12 2.70 -65.64
C LYS E 294 9.13 2.00 -64.71
N VAL E 295 7.91 1.80 -65.22
CA VAL E 295 6.84 1.18 -64.45
C VAL E 295 6.29 -0.01 -65.23
N GLY E 296 5.62 -0.90 -64.51
CA GLY E 296 5.07 -2.11 -65.08
C GLY E 296 3.86 -2.58 -64.31
N LEU E 297 3.26 -3.66 -64.81
CA LEU E 297 2.03 -4.19 -64.23
C LEU E 297 1.99 -5.70 -64.44
N ILE E 298 1.65 -6.42 -63.38
CA ILE E 298 1.45 -7.86 -63.44
C ILE E 298 -0.03 -8.15 -63.23
N LYS E 299 -0.67 -8.72 -64.25
CA LYS E 299 -2.07 -9.12 -64.15
C LYS E 299 -2.16 -10.53 -63.61
N VAL E 300 -2.95 -10.72 -62.56
CA VAL E 300 -3.20 -12.03 -61.99
C VAL E 300 -4.42 -12.65 -62.67
N ARG E 301 -4.20 -13.76 -63.38
CA ARG E 301 -5.29 -14.52 -63.96
C ARG E 301 -5.66 -15.72 -63.11
N LEU E 302 -4.70 -16.62 -62.88
CA LEU E 302 -4.95 -17.81 -62.06
C LEU E 302 -4.52 -17.48 -60.65
N PHE E 303 -5.48 -17.11 -59.79
CA PHE E 303 -5.18 -16.77 -58.42
C PHE E 303 -4.96 -18.03 -57.57
N ARG E 304 -5.77 -19.06 -57.79
CA ARG E 304 -5.65 -20.35 -57.13
C ARG E 304 -5.81 -21.41 -58.22
N PRO E 305 -4.94 -22.43 -58.27
CA PRO E 305 -3.76 -22.56 -57.41
C PRO E 305 -2.73 -21.51 -57.77
N PHE E 306 -2.04 -20.95 -56.78
CA PHE E 306 -1.04 -19.92 -57.02
C PHE E 306 0.27 -20.60 -57.41
N SER E 307 0.71 -20.41 -58.65
CA SER E 307 1.92 -21.04 -59.16
C SER E 307 3.07 -20.04 -59.00
N ALA E 308 3.95 -20.31 -58.05
CA ALA E 308 5.10 -19.43 -57.84
C ALA E 308 5.97 -19.38 -59.09
N GLU E 309 6.09 -20.51 -59.79
CA GLU E 309 6.93 -20.55 -60.99
C GLU E 309 6.44 -19.56 -62.04
N HIS E 310 5.14 -19.56 -62.31
CA HIS E 310 4.59 -18.69 -63.35
C HIS E 310 4.55 -17.22 -62.94
N PHE E 311 4.57 -16.92 -61.63
CA PHE E 311 4.63 -15.53 -61.22
C PHE E 311 6.02 -14.94 -61.38
N LEU E 312 7.03 -15.66 -60.88
CA LEU E 312 8.40 -15.19 -60.99
C LEU E 312 8.90 -15.22 -62.43
N LYS E 313 8.28 -16.05 -63.28
CA LYS E 313 8.68 -16.16 -64.67
C LYS E 313 8.46 -14.86 -65.43
N VAL E 314 7.46 -14.08 -65.03
CA VAL E 314 7.13 -12.84 -65.72
C VAL E 314 7.54 -11.61 -64.91
N LEU E 315 8.27 -11.80 -63.82
CA LEU E 315 8.69 -10.67 -62.99
C LEU E 315 10.04 -10.17 -63.50
N PRO E 316 10.13 -8.95 -64.00
CA PRO E 316 11.42 -8.44 -64.51
C PRO E 316 12.47 -8.40 -63.41
N ALA E 317 13.72 -8.69 -63.79
CA ALA E 317 14.80 -8.69 -62.82
C ALA E 317 15.10 -7.31 -62.26
N SER E 318 14.63 -6.25 -62.92
CA SER E 318 14.89 -4.88 -62.51
C SER E 318 13.91 -4.36 -61.47
N VAL E 319 12.94 -5.16 -61.05
CA VAL E 319 11.93 -4.68 -60.11
C VAL E 319 12.55 -4.49 -58.75
N LYS E 320 12.36 -3.31 -58.17
CA LYS E 320 12.84 -2.98 -56.83
C LYS E 320 11.70 -2.79 -55.83
N ARG E 321 10.53 -2.34 -56.28
CA ARG E 321 9.40 -2.08 -55.40
C ARG E 321 8.10 -2.50 -56.06
N ILE E 322 7.22 -3.12 -55.29
CA ILE E 322 5.96 -3.66 -55.78
C ILE E 322 4.85 -3.14 -54.90
N ALA E 323 3.76 -2.69 -55.51
CA ALA E 323 2.54 -2.34 -54.79
C ALA E 323 1.43 -3.29 -55.24
N VAL E 324 0.87 -4.04 -54.31
CA VAL E 324 -0.21 -4.99 -54.61
C VAL E 324 -1.54 -4.39 -54.18
N LEU E 325 -2.52 -4.43 -55.08
CA LEU E 325 -3.83 -3.84 -54.87
C LEU E 325 -4.86 -4.95 -54.71
N ASP E 326 -5.59 -4.92 -53.61
CA ASP E 326 -6.65 -5.88 -53.34
C ASP E 326 -8.00 -5.18 -53.34
N ARG E 327 -8.97 -5.79 -54.03
CA ARG E 327 -10.33 -5.28 -54.06
C ARG E 327 -11.19 -5.93 -52.98
N THR E 328 -10.68 -5.95 -51.75
CA THR E 328 -11.37 -6.55 -50.62
C THR E 328 -10.81 -5.94 -49.35
N LYS E 329 -11.44 -6.28 -48.22
CA LYS E 329 -10.95 -5.85 -46.92
C LYS E 329 -11.14 -7.00 -45.94
N GLU E 330 -10.06 -7.40 -45.27
CA GLU E 330 -10.14 -8.40 -44.22
C GLU E 330 -9.78 -7.75 -42.89
N PRO E 331 -10.76 -7.29 -42.12
CA PRO E 331 -10.44 -6.50 -40.92
C PRO E 331 -9.63 -7.30 -39.92
N GLY E 332 -8.63 -6.65 -39.32
CA GLY E 332 -7.78 -7.28 -38.35
C GLY E 332 -6.70 -8.15 -38.92
N SER E 333 -6.80 -8.54 -40.19
CA SER E 333 -5.75 -9.34 -40.81
C SER E 333 -4.50 -8.48 -40.99
N LEU E 334 -3.35 -9.15 -41.03
CA LEU E 334 -2.09 -8.44 -41.24
C LEU E 334 -2.07 -7.78 -42.62
N GLY E 335 -2.68 -8.41 -43.61
CA GLY E 335 -2.79 -7.86 -44.95
C GLY E 335 -3.87 -8.60 -45.71
N GLU E 336 -4.19 -8.07 -46.88
CA GLU E 336 -5.21 -8.66 -47.74
C GLU E 336 -4.66 -9.86 -48.51
N PRO E 337 -5.54 -10.71 -49.07
CA PRO E 337 -5.07 -12.01 -49.60
C PRO E 337 -3.96 -11.91 -50.62
N LEU E 338 -4.14 -11.08 -51.66
CA LEU E 338 -3.16 -11.01 -52.73
C LEU E 338 -1.84 -10.42 -52.23
N TYR E 339 -1.90 -9.44 -51.34
CA TYR E 339 -0.68 -8.87 -50.77
C TYR E 339 0.10 -9.91 -49.99
N GLU E 340 -0.59 -10.73 -49.18
CA GLU E 340 0.11 -11.75 -48.41
C GLU E 340 0.66 -12.86 -49.30
N ASP E 341 -0.01 -13.17 -50.40
CA ASP E 341 0.51 -14.17 -51.33
C ASP E 341 1.75 -13.67 -52.04
N VAL E 342 1.71 -12.43 -52.55
CA VAL E 342 2.87 -11.87 -53.24
C VAL E 342 4.04 -11.76 -52.28
N GLN E 343 3.79 -11.31 -51.05
CA GLN E 343 4.84 -11.19 -50.06
C GLN E 343 5.48 -12.54 -49.76
N THR E 344 4.68 -13.60 -49.74
CA THR E 344 5.20 -14.92 -49.40
C THR E 344 6.10 -15.48 -50.49
N VAL E 345 5.64 -15.45 -51.74
CA VAL E 345 6.41 -16.06 -52.82
C VAL E 345 7.75 -15.38 -52.98
N LEU E 346 7.78 -14.05 -52.80
CA LEU E 346 9.06 -13.34 -52.89
C LEU E 346 9.98 -13.70 -51.73
N ALA E 347 9.42 -13.99 -50.55
CA ALA E 347 10.24 -14.41 -49.42
C ALA E 347 10.79 -15.82 -49.62
N GLU E 348 9.98 -16.72 -50.19
CA GLU E 348 10.43 -18.09 -50.38
C GLU E 348 11.57 -18.19 -51.37
N HIS E 349 11.77 -17.18 -52.21
CA HIS E 349 12.83 -17.19 -53.21
C HIS E 349 13.90 -16.13 -52.96
N GLY E 350 13.92 -15.53 -51.77
CA GLY E 350 14.98 -14.62 -51.39
C GLY E 350 15.09 -13.36 -52.23
N LYS E 351 14.00 -12.95 -52.89
CA LYS E 351 14.02 -11.71 -53.65
C LYS E 351 13.97 -10.53 -52.70
N ASN E 352 14.92 -9.61 -52.84
CA ASN E 352 14.99 -8.40 -52.02
C ASN E 352 14.19 -7.29 -52.70
N ILE E 353 12.88 -7.39 -52.60
CA ILE E 353 11.96 -6.45 -53.23
C ILE E 353 11.03 -5.90 -52.16
N LEU E 354 10.97 -4.58 -52.06
CA LEU E 354 10.07 -3.94 -51.11
C LEU E 354 8.62 -4.06 -51.60
N VAL E 355 7.77 -4.69 -50.78
CA VAL E 355 6.39 -4.94 -51.13
C VAL E 355 5.47 -4.12 -50.24
N VAL E 356 4.41 -3.58 -50.84
CA VAL E 356 3.44 -2.73 -50.16
C VAL E 356 2.06 -3.11 -50.66
N GLY E 357 1.09 -3.17 -49.76
CA GLY E 357 -0.26 -3.57 -50.10
C GLY E 357 -1.26 -2.46 -49.87
N GLY E 358 -2.31 -2.44 -50.70
CA GLY E 358 -3.36 -1.45 -50.57
C GLY E 358 -4.70 -2.03 -50.96
N ARG E 359 -5.75 -1.28 -50.64
CA ARG E 359 -7.13 -1.65 -50.90
C ARG E 359 -7.78 -0.60 -51.78
N TYR E 360 -8.66 -1.06 -52.67
CA TYR E 360 -9.29 -0.14 -53.61
C TYR E 360 -10.64 -0.67 -54.03
N GLY E 361 -11.48 0.26 -54.50
CA GLY E 361 -12.66 -0.09 -55.29
C GLY E 361 -13.69 -0.96 -54.59
N LEU E 362 -13.81 -0.86 -53.27
CA LEU E 362 -14.80 -1.65 -52.56
C LEU E 362 -16.20 -1.18 -52.93
N GLY E 363 -17.06 -2.15 -53.26
CA GLY E 363 -18.41 -1.85 -53.68
C GLY E 363 -18.49 -0.99 -54.92
N SER E 364 -17.67 -1.30 -55.93
CA SER E 364 -17.63 -0.54 -57.19
C SER E 364 -17.18 0.90 -56.98
N LYS E 365 -16.37 1.16 -55.96
CA LYS E 365 -15.77 2.47 -55.83
C LYS E 365 -14.92 2.76 -57.05
N GLU E 366 -14.96 4.01 -57.52
CA GLU E 366 -14.24 4.37 -58.73
C GLU E 366 -12.75 4.13 -58.57
N PHE E 367 -12.12 3.63 -59.63
CA PHE E 367 -10.68 3.40 -59.68
C PHE E 367 -10.22 3.84 -61.07
N ASN E 368 -9.72 5.06 -61.17
CA ASN E 368 -9.36 5.69 -62.43
C ASN E 368 -7.85 5.86 -62.53
N PRO E 369 -7.33 6.20 -63.72
CA PRO E 369 -5.87 6.31 -63.87
C PRO E 369 -5.21 7.27 -62.89
N SER E 370 -5.91 8.33 -62.48
CA SER E 370 -5.32 9.25 -61.52
C SER E 370 -4.95 8.53 -60.22
N MET E 371 -5.77 7.57 -59.81
CA MET E 371 -5.46 6.77 -58.63
C MET E 371 -4.28 5.84 -58.91
N VAL E 372 -4.21 5.30 -60.13
CA VAL E 372 -3.09 4.42 -60.48
C VAL E 372 -1.77 5.17 -60.34
N LYS E 373 -1.74 6.43 -60.78
CA LYS E 373 -0.54 7.23 -60.63
C LYS E 373 -0.21 7.46 -59.17
N ALA E 374 -1.23 7.65 -58.33
CA ALA E 374 -0.99 7.81 -56.91
C ALA E 374 -0.36 6.55 -56.31
N VAL E 375 -0.80 5.37 -56.78
CA VAL E 375 -0.19 4.13 -56.33
C VAL E 375 1.26 4.04 -56.80
N PHE E 376 1.51 4.41 -58.06
CA PHE E 376 2.88 4.42 -58.56
C PHE E 376 3.74 5.46 -57.85
N ASP E 377 3.16 6.62 -57.54
CA ASP E 377 3.91 7.66 -56.83
C ASP E 377 4.27 7.22 -55.41
N ASN E 378 3.42 6.41 -54.76
CA ASN E 378 3.75 5.91 -53.44
C ASN E 378 4.97 4.98 -53.49
N LEU E 379 5.10 4.19 -54.56
CA LEU E 379 6.29 3.37 -54.71
C LEU E 379 7.54 4.21 -54.96
N ALA E 380 7.37 5.41 -55.51
CA ALA E 380 8.50 6.28 -55.79
C ALA E 380 8.87 7.17 -54.61
N ALA E 381 8.06 7.18 -53.55
CA ALA E 381 8.35 8.00 -52.39
C ALA E 381 9.55 7.45 -51.63
N THR E 382 10.10 8.29 -50.75
CA THR E 382 11.24 7.89 -49.93
C THR E 382 10.87 6.71 -49.02
N THR E 383 9.73 6.80 -48.36
CA THR E 383 9.20 5.72 -47.54
C THR E 383 7.77 5.43 -47.99
N PRO E 384 7.56 4.41 -48.83
CA PRO E 384 6.21 4.14 -49.33
C PRO E 384 5.27 3.76 -48.19
N LYS E 385 4.09 4.37 -48.19
CA LYS E 385 3.07 4.04 -47.20
C LYS E 385 2.48 2.67 -47.48
N ASN E 386 2.42 1.82 -46.45
CA ASN E 386 1.87 0.48 -46.58
C ASN E 386 0.50 0.40 -45.94
N LYS E 387 -0.25 -0.64 -46.32
CA LYS E 387 -1.62 -0.86 -45.83
C LYS E 387 -2.51 0.35 -46.07
N PHE E 388 -2.47 0.84 -47.31
CA PHE E 388 -3.10 2.10 -47.69
C PHE E 388 -4.43 1.83 -48.39
N THR E 389 -5.14 2.93 -48.69
CA THR E 389 -6.36 2.90 -49.47
C THR E 389 -6.32 3.99 -50.53
N VAL E 390 -6.98 3.75 -51.65
CA VAL E 390 -7.03 4.69 -52.76
C VAL E 390 -8.48 4.83 -53.23
N GLY E 391 -8.93 6.07 -53.39
CA GLY E 391 -10.29 6.35 -53.81
C GLY E 391 -11.18 6.94 -52.74
N ILE E 392 -10.69 7.07 -51.51
CA ILE E 392 -11.44 7.67 -50.41
C ILE E 392 -10.53 8.66 -49.69
N THR E 393 -11.14 9.43 -48.78
CA THR E 393 -10.41 10.37 -47.93
C THR E 393 -10.54 9.87 -46.49
N ASP E 394 -9.48 9.22 -46.00
CA ASP E 394 -9.49 8.64 -44.66
C ASP E 394 -8.85 9.65 -43.70
N ASP E 395 -9.68 10.47 -43.09
CA ASP E 395 -9.22 11.44 -42.11
C ASP E 395 -9.21 10.88 -40.69
N VAL E 396 -9.45 9.58 -40.53
CA VAL E 396 -9.48 8.97 -39.21
C VAL E 396 -8.17 8.25 -38.94
N THR E 397 -7.84 7.28 -39.78
CA THR E 397 -6.60 6.51 -39.63
C THR E 397 -5.55 6.90 -40.65
N HIS E 398 -5.88 7.81 -41.58
CA HIS E 398 -4.91 8.42 -42.49
C HIS E 398 -4.17 7.38 -43.34
N THR E 399 -4.94 6.45 -43.89
CA THR E 399 -4.40 5.44 -44.79
C THR E 399 -4.57 5.78 -46.27
N SER E 400 -5.38 6.78 -46.60
CA SER E 400 -5.66 7.10 -47.99
C SER E 400 -4.46 7.84 -48.60
N LEU E 401 -4.20 7.54 -49.87
CA LEU E 401 -3.15 8.22 -50.63
C LEU E 401 -3.65 9.53 -51.22
N GLU E 402 -2.75 10.48 -51.39
CA GLU E 402 -3.08 11.78 -51.95
C GLU E 402 -3.11 11.69 -53.48
N ILE E 403 -4.24 12.06 -54.06
CA ILE E 403 -4.38 12.15 -55.51
C ILE E 403 -3.81 13.51 -55.91
N LYS E 404 -2.54 13.53 -56.35
CA LYS E 404 -1.85 14.79 -56.56
C LYS E 404 -2.42 15.56 -57.75
N GLU E 405 -2.38 14.97 -58.94
CA GLU E 405 -2.87 15.63 -60.14
C GLU E 405 -3.80 14.69 -60.88
N HIS E 406 -4.62 15.27 -61.76
CA HIS E 406 -5.52 14.50 -62.60
C HIS E 406 -4.91 14.39 -63.99
N ILE E 407 -4.75 13.16 -64.47
CA ILE E 407 -4.13 12.91 -65.76
C ILE E 407 -5.15 12.24 -66.67
N ASP E 408 -4.94 12.41 -67.97
CA ASP E 408 -5.81 11.85 -69.00
C ASP E 408 -5.01 10.82 -69.80
N THR E 409 -5.24 9.55 -69.54
CA THR E 409 -4.53 8.46 -70.21
C THR E 409 -5.36 7.82 -71.31
N SER E 410 -6.48 8.44 -71.67
CA SER E 410 -7.31 7.90 -72.74
C SER E 410 -6.55 8.00 -74.07
N PRO E 411 -6.54 6.94 -74.88
CA PRO E 411 -5.87 7.02 -76.17
C PRO E 411 -6.52 8.08 -77.04
N LYS E 412 -5.70 8.80 -77.79
CA LYS E 412 -6.20 9.85 -78.67
C LYS E 412 -7.12 9.24 -79.72
N GLY E 413 -8.18 9.95 -80.04
CA GLY E 413 -9.17 9.45 -80.97
C GLY E 413 -10.33 8.74 -80.33
N THR E 414 -10.37 8.66 -79.01
CA THR E 414 -11.46 8.03 -78.29
C THR E 414 -12.51 9.08 -77.94
N PHE E 415 -13.74 8.86 -78.39
CA PHE E 415 -14.87 9.74 -78.10
C PHE E 415 -15.51 9.33 -76.78
N ARG E 416 -15.97 10.32 -76.01
CA ARG E 416 -16.53 10.06 -74.69
C ARG E 416 -17.81 10.87 -74.51
N CYS E 417 -18.90 10.19 -74.11
CA CYS E 417 -20.21 10.82 -73.99
C CYS E 417 -20.84 10.50 -72.64
N LYS E 418 -21.49 11.50 -72.05
CA LYS E 418 -22.28 11.33 -70.84
C LYS E 418 -23.72 11.70 -71.13
N PHE E 419 -24.65 10.88 -70.63
CA PHE E 419 -26.09 11.08 -70.83
C PHE E 419 -26.78 11.08 -69.47
N PHE E 420 -27.32 12.24 -69.07
CA PHE E 420 -28.15 12.33 -67.87
C PHE E 420 -29.60 12.10 -68.27
N GLY E 421 -30.16 10.96 -67.83
CA GLY E 421 -31.52 10.59 -68.18
C GLY E 421 -32.39 10.41 -66.95
N LEU E 422 -33.69 10.21 -67.22
CA LEU E 422 -34.68 9.95 -66.19
C LEU E 422 -35.03 8.46 -66.14
N GLY E 423 -35.48 8.01 -64.97
CA GLY E 423 -35.85 6.63 -64.77
C GLY E 423 -36.85 6.09 -65.76
N SER E 424 -36.48 5.05 -66.51
CA SER E 424 -37.38 4.33 -67.41
C SER E 424 -37.98 5.23 -68.48
N ASP E 425 -37.24 6.23 -68.93
CA ASP E 425 -37.67 7.07 -70.04
C ASP E 425 -37.12 6.59 -71.38
N GLY E 426 -36.36 5.49 -71.39
CA GLY E 426 -35.77 4.96 -72.60
C GLY E 426 -34.33 5.36 -72.84
N THR E 427 -33.74 6.19 -71.99
CA THR E 427 -32.39 6.69 -72.21
C THR E 427 -31.36 5.57 -72.26
N VAL E 428 -31.35 4.72 -71.23
CA VAL E 428 -30.38 3.63 -71.19
C VAL E 428 -30.58 2.68 -72.37
N GLY E 429 -31.84 2.33 -72.64
CA GLY E 429 -32.12 1.44 -73.75
C GLY E 429 -31.70 2.02 -75.09
N ALA E 430 -31.89 3.34 -75.27
CA ALA E 430 -31.44 3.98 -76.49
C ALA E 430 -29.92 3.98 -76.59
N ASN E 431 -29.23 4.27 -75.48
CA ASN E 431 -27.77 4.24 -75.50
C ASN E 431 -27.25 2.84 -75.78
N LYS E 432 -27.89 1.81 -75.23
CA LYS E 432 -27.54 0.45 -75.57
C LYS E 432 -27.74 0.18 -77.05
N ASN E 433 -28.85 0.71 -77.61
CA ASN E 433 -29.09 0.56 -79.04
C ASN E 433 -28.05 1.34 -79.84
N SER E 434 -27.64 2.50 -79.34
CA SER E 434 -26.63 3.29 -80.05
C SER E 434 -25.30 2.57 -80.12
N ILE E 435 -24.93 1.87 -79.04
CA ILE E 435 -23.67 1.14 -79.03
C ILE E 435 -23.71 -0.01 -80.03
N LYS E 436 -24.83 -0.73 -80.12
CA LYS E 436 -24.94 -1.82 -81.08
C LYS E 436 -24.85 -1.30 -82.51
N ILE E 437 -25.43 -0.12 -82.77
CA ILE E 437 -25.33 0.48 -84.10
C ILE E 437 -23.87 0.75 -84.46
N ILE E 438 -23.17 1.45 -83.57
CA ILE E 438 -21.79 1.82 -83.85
C ILE E 438 -20.89 0.60 -83.92
N GLY E 439 -21.09 -0.37 -83.03
CA GLY E 439 -20.22 -1.52 -83.01
C GLY E 439 -20.41 -2.46 -84.18
N ASP E 440 -21.67 -2.64 -84.61
CA ASP E 440 -21.97 -3.60 -85.67
C ASP E 440 -21.67 -3.08 -87.06
N HIS E 441 -21.62 -1.76 -87.27
CA HIS E 441 -21.49 -1.20 -88.60
C HIS E 441 -20.20 -0.41 -88.83
N THR E 442 -19.32 -0.31 -87.84
CA THR E 442 -18.04 0.36 -88.02
C THR E 442 -16.92 -0.53 -87.50
N ASP E 443 -15.69 -0.12 -87.78
CA ASP E 443 -14.50 -0.76 -87.25
C ASP E 443 -14.16 -0.29 -85.84
N MET E 444 -15.00 0.53 -85.24
CA MET E 444 -14.70 1.12 -83.95
C MET E 444 -15.04 0.16 -82.82
N TYR E 445 -14.19 0.17 -81.79
CA TYR E 445 -14.55 -0.45 -80.52
C TYR E 445 -15.57 0.43 -79.81
N ALA E 446 -16.44 -0.21 -79.03
CA ALA E 446 -17.51 0.52 -78.35
C ALA E 446 -17.61 0.04 -76.91
N GLN E 447 -17.86 0.96 -76.00
CA GLN E 447 -17.97 0.64 -74.59
C GLN E 447 -19.12 1.42 -73.97
N GLY E 448 -19.88 0.75 -73.09
CA GLY E 448 -20.96 1.37 -72.37
C GLY E 448 -21.06 0.92 -70.93
N TYR E 449 -21.20 1.88 -70.02
CA TYR E 449 -21.40 1.61 -68.61
C TYR E 449 -22.50 2.53 -68.11
N PHE E 450 -23.36 2.00 -67.24
CA PHE E 450 -24.59 2.69 -66.86
C PHE E 450 -24.69 2.73 -65.34
N VAL E 451 -24.78 3.94 -64.79
CA VAL E 451 -24.91 4.16 -63.36
C VAL E 451 -26.39 4.39 -63.06
N TYR E 452 -26.94 3.58 -62.16
CA TYR E 452 -28.34 3.66 -61.82
C TYR E 452 -28.50 4.29 -60.44
N ASP E 453 -29.75 4.57 -60.09
CA ASP E 453 -30.08 5.21 -58.82
C ASP E 453 -30.82 4.22 -57.92
N SER E 454 -30.82 4.52 -56.62
CA SER E 454 -31.51 3.68 -55.66
C SER E 454 -33.02 3.86 -55.74
N LYS E 455 -33.48 5.03 -56.16
CA LYS E 455 -34.91 5.27 -56.33
C LYS E 455 -35.43 4.46 -57.52
N LYS E 456 -36.55 3.76 -57.31
CA LYS E 456 -37.09 2.86 -58.32
C LYS E 456 -37.84 3.61 -59.43
N SER E 457 -38.40 4.78 -59.13
CA SER E 457 -39.15 5.56 -60.09
C SER E 457 -38.72 7.01 -60.00
N GLY E 458 -38.42 7.62 -61.15
CA GLY E 458 -38.02 9.01 -61.18
C GLY E 458 -36.57 9.28 -60.84
N GLY E 459 -35.72 8.26 -60.85
CA GLY E 459 -34.33 8.45 -60.52
C GLY E 459 -33.50 8.98 -61.68
N VAL E 460 -32.30 9.42 -61.34
CA VAL E 460 -31.34 9.94 -62.31
C VAL E 460 -30.46 8.80 -62.81
N THR E 461 -30.26 8.74 -64.13
CA THR E 461 -29.40 7.76 -64.76
C THR E 461 -28.28 8.49 -65.51
N ILE E 462 -27.07 7.97 -65.40
CA ILE E 462 -25.90 8.55 -66.03
C ILE E 462 -25.27 7.47 -66.90
N SER E 463 -25.29 7.68 -68.21
CA SER E 463 -24.70 6.75 -69.16
C SER E 463 -23.30 7.20 -69.55
N HIS E 464 -22.37 6.25 -69.62
CA HIS E 464 -20.99 6.53 -70.02
C HIS E 464 -20.65 5.70 -71.25
N LEU E 465 -20.47 6.36 -72.39
CA LEU E 465 -20.18 5.70 -73.66
C LEU E 465 -18.81 6.12 -74.19
N ARG E 466 -18.13 5.18 -74.83
CA ARG E 466 -16.84 5.41 -75.46
C ARG E 466 -16.76 4.71 -76.80
N PHE E 467 -16.20 5.40 -77.79
CA PHE E 467 -15.91 4.83 -79.10
C PHE E 467 -14.53 5.29 -79.53
N GLY E 468 -13.76 4.38 -80.12
CA GLY E 468 -12.43 4.73 -80.60
C GLY E 468 -11.94 3.70 -81.57
N LYS E 469 -10.91 4.09 -82.33
CA LYS E 469 -10.29 3.15 -83.25
C LYS E 469 -9.40 2.14 -82.56
N GLN E 470 -9.05 2.37 -81.29
CA GLN E 470 -8.20 1.49 -80.50
C GLN E 470 -9.02 0.81 -79.43
N PRO E 471 -8.60 -0.36 -78.96
CA PRO E 471 -9.35 -1.05 -77.90
C PRO E 471 -9.51 -0.16 -76.67
N ILE E 472 -10.69 -0.25 -76.07
CA ILE E 472 -11.07 0.61 -74.95
C ILE E 472 -10.74 -0.14 -73.66
N GLN E 473 -9.68 0.28 -72.97
CA GLN E 473 -9.31 -0.27 -71.68
C GLN E 473 -9.76 0.61 -70.53
N SER E 474 -10.60 1.61 -70.81
CA SER E 474 -10.98 2.61 -69.81
C SER E 474 -12.14 2.07 -68.97
N ALA E 475 -11.80 1.21 -68.02
CA ALA E 475 -12.79 0.63 -67.11
C ALA E 475 -13.04 1.56 -65.92
N TYR E 476 -13.43 2.79 -66.25
CA TYR E 476 -13.71 3.81 -65.25
C TYR E 476 -14.67 4.81 -65.86
N LEU E 477 -15.26 5.63 -65.00
CA LEU E 477 -16.22 6.63 -65.45
C LEU E 477 -15.54 7.69 -66.30
N ILE E 478 -16.36 8.37 -67.11
CA ILE E 478 -15.81 9.30 -68.09
C ILE E 478 -15.24 10.53 -67.40
N ASP E 479 -13.98 10.86 -67.71
CA ASP E 479 -13.26 11.98 -67.14
C ASP E 479 -13.39 13.25 -67.98
N GLN E 480 -13.04 13.17 -69.26
CA GLN E 480 -13.14 14.28 -70.18
C GLN E 480 -14.12 13.90 -71.27
N ALA E 481 -15.30 14.51 -71.25
CA ALA E 481 -16.36 14.18 -72.19
C ALA E 481 -16.32 15.13 -73.37
N ASP E 482 -16.40 14.57 -74.57
CA ASP E 482 -16.52 15.38 -75.78
C ASP E 482 -17.95 15.85 -75.99
N LEU E 483 -18.92 15.12 -75.47
CA LEU E 483 -20.34 15.46 -75.58
C LEU E 483 -21.05 15.10 -74.28
N ILE E 484 -21.90 15.99 -73.80
CA ILE E 484 -22.72 15.76 -72.62
C ILE E 484 -24.17 16.10 -72.96
N ALA E 485 -25.06 15.14 -72.71
CA ALA E 485 -26.49 15.31 -73.02
C ALA E 485 -27.29 15.23 -71.72
N CYS E 486 -28.23 16.17 -71.57
CA CYS E 486 -29.12 16.24 -70.42
C CYS E 486 -30.54 16.11 -70.91
N HIS E 487 -31.17 14.98 -70.61
CA HIS E 487 -32.51 14.67 -71.11
C HIS E 487 -33.64 15.16 -70.19
N ASN E 488 -33.31 15.90 -69.13
CA ASN E 488 -34.34 16.39 -68.23
C ASN E 488 -34.05 17.84 -67.85
N PRO E 489 -34.89 18.79 -68.25
CA PRO E 489 -34.62 20.20 -67.93
C PRO E 489 -34.62 20.51 -66.44
N SER E 490 -35.23 19.65 -65.62
CA SER E 490 -35.21 19.87 -64.18
C SER E 490 -33.80 19.77 -63.62
N TYR E 491 -32.92 19.04 -64.30
CA TYR E 491 -31.54 18.91 -63.83
C TYR E 491 -30.75 20.20 -63.95
N VAL E 492 -31.19 21.14 -64.80
CA VAL E 492 -30.47 22.39 -64.98
C VAL E 492 -30.49 23.17 -63.68
N GLY E 493 -29.30 23.48 -63.15
CA GLY E 493 -29.18 24.16 -61.88
C GLY E 493 -29.20 23.26 -60.67
N ARG E 494 -29.40 21.95 -60.84
CA ARG E 494 -29.46 21.00 -59.74
C ARG E 494 -28.20 20.15 -59.64
N TYR E 495 -27.64 19.70 -60.76
CA TYR E 495 -26.43 18.91 -60.78
C TYR E 495 -25.36 19.61 -61.62
N ASN E 496 -24.10 19.30 -61.32
CA ASN E 496 -22.97 19.85 -62.08
C ASN E 496 -22.80 19.00 -63.34
N LEU E 497 -23.65 19.28 -64.33
CA LEU E 497 -23.68 18.47 -65.55
C LEU E 497 -22.39 18.63 -66.34
N LEU E 498 -21.98 19.88 -66.58
CA LEU E 498 -20.85 20.19 -67.45
C LEU E 498 -19.49 19.98 -66.80
N GLU E 499 -19.41 19.18 -65.74
CA GLU E 499 -18.13 18.97 -65.07
C GLU E 499 -17.19 18.15 -65.95
N GLY E 500 -15.99 18.68 -66.15
CA GLY E 500 -14.99 17.94 -66.89
C GLY E 500 -15.21 17.84 -68.38
N ILE E 501 -16.17 18.61 -68.92
CA ILE E 501 -16.40 18.60 -70.37
C ILE E 501 -15.18 19.19 -71.07
N LYS E 502 -14.83 18.62 -72.22
CA LYS E 502 -13.65 19.09 -72.93
C LYS E 502 -13.92 20.49 -73.49
N PRO E 503 -12.87 21.32 -73.56
CA PRO E 503 -13.05 22.65 -74.18
C PRO E 503 -13.49 22.52 -75.63
N GLY E 504 -14.52 23.27 -75.99
CA GLY E 504 -15.10 23.16 -77.31
C GLY E 504 -16.03 21.98 -77.47
N GLY E 505 -16.33 21.26 -76.39
CA GLY E 505 -17.19 20.10 -76.45
C GLY E 505 -18.63 20.46 -76.76
N ILE E 506 -19.48 19.44 -76.78
CA ILE E 506 -20.89 19.57 -77.14
C ILE E 506 -21.74 19.41 -75.88
N PHE E 507 -22.73 20.28 -75.73
CA PHE E 507 -23.72 20.16 -74.67
C PHE E 507 -25.11 20.17 -75.29
N LEU E 508 -25.81 19.04 -75.19
CA LEU E 508 -27.15 18.89 -75.74
C LEU E 508 -28.14 18.91 -74.58
N LEU E 509 -29.16 19.77 -74.69
CA LEU E 509 -30.14 19.96 -73.63
C LEU E 509 -31.54 19.79 -74.19
N ASN E 510 -32.40 19.12 -73.43
CA ASN E 510 -33.81 19.02 -73.77
C ASN E 510 -34.61 19.94 -72.83
N SER E 511 -35.24 20.95 -73.41
CA SER E 511 -36.03 21.90 -72.64
C SER E 511 -37.01 22.59 -73.58
N THR E 512 -37.99 23.27 -72.98
CA THR E 512 -38.98 24.03 -73.72
C THR E 512 -38.56 25.48 -73.91
N TRP E 513 -37.35 25.83 -73.49
CA TRP E 513 -36.88 27.20 -73.54
C TRP E 513 -36.31 27.55 -74.91
N SER E 514 -36.65 28.73 -75.39
CA SER E 514 -36.10 29.24 -76.65
C SER E 514 -34.72 29.84 -76.39
N ALA E 515 -34.05 30.27 -77.46
CA ALA E 515 -32.71 30.83 -77.33
C ALA E 515 -32.71 32.07 -76.46
N GLU E 516 -33.79 32.86 -76.51
CA GLU E 516 -33.85 34.07 -75.70
C GLU E 516 -34.09 33.74 -74.23
N GLU E 517 -34.90 32.73 -73.95
CA GLU E 517 -35.14 32.28 -72.58
C GLU E 517 -33.90 31.66 -71.93
N MET E 518 -32.84 31.36 -72.69
CA MET E 518 -31.63 30.78 -72.11
C MET E 518 -30.98 31.71 -71.11
N ASP E 519 -31.12 33.02 -71.27
CA ASP E 519 -30.45 33.95 -70.37
C ASP E 519 -31.00 33.84 -68.95
N SER E 520 -32.30 33.63 -68.81
CA SER E 520 -32.95 33.60 -67.50
C SER E 520 -33.06 32.21 -66.91
N ARG E 521 -32.99 31.16 -67.73
CA ARG E 521 -33.24 29.82 -67.23
C ARG E 521 -31.97 29.14 -66.73
N LEU E 522 -30.86 29.33 -67.44
CA LEU E 522 -29.61 28.68 -67.07
C LEU E 522 -28.92 29.50 -65.97
N PRO E 523 -28.31 28.83 -64.99
CA PRO E 523 -27.55 29.55 -63.96
C PRO E 523 -26.32 30.22 -64.54
N ALA E 524 -25.82 31.20 -63.79
CA ALA E 524 -24.70 32.01 -64.28
C ALA E 524 -23.42 31.19 -64.40
N ASP E 525 -23.13 30.35 -63.40
CA ASP E 525 -21.92 29.52 -63.47
C ASP E 525 -21.98 28.57 -64.66
N MET E 526 -23.19 28.08 -64.98
CA MET E 526 -23.35 27.22 -66.14
C MET E 526 -23.12 27.99 -67.43
N LYS E 527 -23.63 29.23 -67.49
CA LYS E 527 -23.38 30.07 -68.66
C LYS E 527 -21.90 30.39 -68.82
N ARG E 528 -21.18 30.54 -67.69
CA ARG E 528 -19.74 30.80 -67.77
C ARG E 528 -19.00 29.61 -68.38
N THR E 529 -19.36 28.40 -67.97
CA THR E 529 -18.71 27.21 -68.52
C THR E 529 -18.97 27.08 -70.02
N ILE E 530 -20.21 27.31 -70.44
CA ILE E 530 -20.56 27.21 -71.86
C ILE E 530 -19.76 28.20 -72.68
N ALA E 531 -19.57 29.43 -72.16
CA ALA E 531 -18.88 30.46 -72.92
C ALA E 531 -17.37 30.26 -72.86
N THR E 532 -16.83 30.04 -71.66
CA THR E 532 -15.38 29.91 -71.52
C THR E 532 -14.87 28.69 -72.28
N LYS E 533 -15.57 27.57 -72.18
CA LYS E 533 -15.17 26.37 -72.91
C LYS E 533 -15.64 26.37 -74.37
N LYS E 534 -16.40 27.39 -74.78
CA LYS E 534 -16.86 27.52 -76.17
C LYS E 534 -17.59 26.27 -76.66
N LEU E 535 -18.56 25.82 -75.85
CA LEU E 535 -19.30 24.62 -76.17
C LEU E 535 -20.32 24.88 -77.28
N LYS E 536 -20.56 23.87 -78.10
CA LYS E 536 -21.61 23.92 -79.11
C LYS E 536 -22.92 23.52 -78.43
N PHE E 537 -23.75 24.50 -78.12
CA PHE E 537 -24.95 24.31 -77.34
C PHE E 537 -26.15 24.12 -78.27
N TYR E 538 -26.75 22.93 -78.23
CA TYR E 538 -27.95 22.63 -78.98
C TYR E 538 -29.09 22.32 -78.02
N ASN E 539 -30.31 22.69 -78.41
CA ASN E 539 -31.49 22.46 -77.59
C ASN E 539 -32.62 21.92 -78.46
N ILE E 540 -33.52 21.17 -77.84
CA ILE E 540 -34.69 20.62 -78.51
C ILE E 540 -35.80 20.38 -77.49
N ASP E 541 -37.03 20.74 -77.87
CA ASP E 541 -38.22 20.48 -77.06
C ASP E 541 -38.82 19.17 -77.53
N ALA E 542 -38.22 18.07 -77.07
CA ALA E 542 -38.68 16.74 -77.48
C ALA E 542 -40.09 16.45 -77.00
N VAL E 543 -40.48 17.00 -75.85
CA VAL E 543 -41.83 16.73 -75.33
C VAL E 543 -42.89 17.30 -76.27
N LYS E 544 -42.65 18.50 -76.82
CA LYS E 544 -43.60 19.09 -77.75
C LYS E 544 -43.74 18.24 -79.02
N ILE E 545 -42.62 17.68 -79.48
CA ILE E 545 -42.66 16.87 -80.70
C ILE E 545 -43.50 15.62 -80.49
N ALA E 546 -43.29 14.94 -79.36
CA ALA E 546 -44.06 13.72 -79.09
C ALA E 546 -45.54 14.02 -78.94
N GLN E 547 -45.88 15.21 -78.43
CA GLN E 547 -47.28 15.59 -78.30
C GLN E 547 -47.93 15.77 -79.68
N GLU E 548 -47.24 16.46 -80.58
CA GLU E 548 -47.81 16.72 -81.91
C GLU E 548 -47.90 15.44 -82.72
N ILE E 549 -46.91 14.56 -82.58
CA ILE E 549 -46.95 13.28 -83.29
C ILE E 549 -47.93 12.31 -82.65
N GLY E 550 -48.10 12.40 -81.33
CA GLY E 550 -48.96 11.48 -80.61
C GLY E 550 -48.25 10.42 -79.80
N LEU E 551 -46.95 10.56 -79.58
CA LEU E 551 -46.20 9.60 -78.77
C LEU E 551 -46.29 9.88 -77.28
N GLY E 552 -47.11 10.84 -76.86
CA GLY E 552 -47.19 11.20 -75.45
C GLY E 552 -45.97 11.99 -74.99
N SER E 553 -45.21 11.42 -74.05
CA SER E 553 -43.98 12.03 -73.56
C SER E 553 -42.75 11.17 -73.80
N ARG E 554 -42.87 10.09 -74.57
CA ARG E 554 -41.72 9.24 -74.90
C ARG E 554 -40.75 10.02 -75.78
N ILE E 555 -39.53 10.21 -75.29
CA ILE E 555 -38.52 11.00 -75.99
C ILE E 555 -37.28 10.19 -76.34
N ASN E 556 -37.33 8.87 -76.19
CA ASN E 556 -36.14 8.04 -76.43
C ASN E 556 -35.69 8.10 -77.88
N VAL E 557 -36.62 7.92 -78.82
CA VAL E 557 -36.26 7.96 -80.23
C VAL E 557 -35.81 9.36 -80.62
N ILE E 558 -36.46 10.38 -80.07
CA ILE E 558 -36.12 11.76 -80.45
C ILE E 558 -34.71 12.12 -79.99
N MET E 559 -34.39 11.81 -78.73
CA MET E 559 -33.09 12.21 -78.19
C MET E 559 -31.96 11.39 -78.79
N GLN E 560 -32.21 10.12 -79.11
CA GLN E 560 -31.18 9.31 -79.76
C GLN E 560 -30.85 9.87 -81.15
N THR E 561 -31.86 10.33 -81.87
CA THR E 561 -31.62 10.96 -83.17
C THR E 561 -30.81 12.25 -83.01
N ALA E 562 -31.13 13.05 -82.00
CA ALA E 562 -30.39 14.29 -81.77
C ALA E 562 -28.91 14.05 -81.49
N PHE E 563 -28.59 12.92 -80.85
CA PHE E 563 -27.20 12.61 -80.53
C PHE E 563 -26.38 12.43 -81.80
N PHE E 564 -26.81 11.51 -82.67
CA PHE E 564 -26.06 11.22 -83.88
C PHE E 564 -25.94 12.43 -84.79
N LYS E 565 -26.94 13.32 -84.75
CA LYS E 565 -26.92 14.51 -85.60
C LYS E 565 -25.79 15.44 -85.20
N ILE E 566 -25.44 15.49 -83.92
CA ILE E 566 -24.44 16.43 -83.42
C ILE E 566 -23.14 15.75 -83.01
N ALA E 567 -23.15 14.44 -82.71
CA ALA E 567 -21.91 13.78 -82.32
C ALA E 567 -20.97 13.67 -83.51
N ASN E 568 -21.53 13.50 -84.71
CA ASN E 568 -20.77 13.38 -85.95
C ASN E 568 -19.76 12.22 -85.87
N VAL E 569 -20.20 11.12 -85.26
CA VAL E 569 -19.40 9.90 -85.16
C VAL E 569 -19.50 9.08 -86.44
N ILE E 570 -20.68 9.03 -87.04
CA ILE E 570 -20.83 8.39 -88.35
C ILE E 570 -21.61 9.34 -89.25
N PRO E 571 -21.58 9.11 -90.56
CA PRO E 571 -22.41 9.91 -91.47
C PRO E 571 -23.87 9.89 -91.02
N VAL E 572 -24.48 11.08 -90.99
CA VAL E 572 -25.87 11.21 -90.54
C VAL E 572 -26.80 10.39 -91.42
N ASP E 573 -26.50 10.32 -92.72
CA ASP E 573 -27.33 9.53 -93.62
C ASP E 573 -27.30 8.05 -93.25
N GLU E 574 -26.12 7.54 -92.89
CA GLU E 574 -26.02 6.14 -92.46
C GLU E 574 -26.71 5.93 -91.11
N ALA E 575 -26.60 6.90 -90.20
CA ALA E 575 -27.21 6.75 -88.88
C ALA E 575 -28.72 6.69 -88.96
N ILE E 576 -29.33 7.56 -89.78
CA ILE E 576 -30.78 7.55 -89.92
C ILE E 576 -31.26 6.22 -90.47
N LYS E 577 -30.50 5.64 -91.40
CA LYS E 577 -30.86 4.33 -91.92
C LYS E 577 -30.79 3.27 -90.83
N TYR E 578 -29.71 3.28 -90.03
CA TYR E 578 -29.57 2.31 -88.97
C TYR E 578 -30.58 2.54 -87.85
N ILE E 579 -30.91 3.80 -87.56
CA ILE E 579 -31.90 4.10 -86.52
C ILE E 579 -33.28 3.59 -86.93
N LYS E 580 -33.73 3.92 -88.14
CA LYS E 580 -35.04 3.46 -88.58
C LYS E 580 -35.12 1.95 -88.68
N ASP E 581 -34.02 1.30 -89.08
CA ASP E 581 -33.99 -0.16 -89.05
C ASP E 581 -34.13 -0.68 -87.62
N SER E 582 -33.52 0.01 -86.67
CA SER E 582 -33.66 -0.38 -85.27
C SER E 582 -35.06 -0.11 -84.73
N ILE E 583 -35.75 0.90 -85.27
CA ILE E 583 -37.13 1.14 -84.87
C ILE E 583 -38.04 0.00 -85.31
N VAL E 584 -37.83 -0.50 -86.53
CA VAL E 584 -38.62 -1.64 -87.02
C VAL E 584 -38.40 -2.87 -86.14
N LYS E 585 -37.16 -3.09 -85.70
CA LYS E 585 -36.88 -4.24 -84.84
C LYS E 585 -37.49 -4.05 -83.45
N THR E 586 -37.62 -2.82 -82.98
CA THR E 586 -38.15 -2.54 -81.65
C THR E 586 -39.66 -2.37 -81.66
N TYR E 587 -40.20 -1.66 -82.66
CA TYR E 587 -41.62 -1.38 -82.76
C TYR E 587 -42.32 -2.19 -83.86
N GLY E 588 -41.82 -3.39 -84.13
CA GLY E 588 -42.45 -4.28 -85.09
C GLY E 588 -43.66 -4.98 -84.52
N LYS E 589 -43.60 -5.36 -83.25
CA LYS E 589 -44.73 -5.97 -82.57
C LYS E 589 -45.80 -4.98 -82.15
N LYS E 590 -45.50 -3.68 -82.15
CA LYS E 590 -46.49 -2.66 -81.89
C LYS E 590 -47.37 -2.47 -83.12
N GLY E 591 -48.40 -1.64 -82.97
CA GLY E 591 -49.29 -1.40 -84.09
C GLY E 591 -48.60 -0.68 -85.23
N ASP E 592 -49.25 -0.71 -86.39
CA ASP E 592 -48.70 -0.05 -87.58
C ASP E 592 -48.75 1.47 -87.45
N LYS E 593 -49.74 2.00 -86.71
CA LYS E 593 -49.82 3.44 -86.52
C LYS E 593 -48.67 3.94 -85.64
N ILE E 594 -48.32 3.17 -84.61
CA ILE E 594 -47.20 3.56 -83.74
C ILE E 594 -45.87 3.48 -84.48
N LEU E 595 -45.76 2.61 -85.49
CA LEU E 595 -44.50 2.51 -86.22
C LEU E 595 -44.22 3.80 -86.99
N ASN E 596 -45.22 4.32 -87.70
CA ASN E 596 -45.03 5.54 -88.47
C ASN E 596 -44.86 6.76 -87.58
N MET E 597 -45.37 6.71 -86.34
CA MET E 597 -45.14 7.81 -85.42
C MET E 597 -43.67 7.91 -85.05
N ASN E 598 -43.03 6.77 -84.78
CA ASN E 598 -41.61 6.78 -84.46
C ASN E 598 -40.77 7.19 -85.66
N PHE E 599 -41.23 6.87 -86.88
CA PHE E 599 -40.57 7.37 -88.07
C PHE E 599 -40.66 8.89 -88.14
N ALA E 600 -41.83 9.45 -87.79
CA ALA E 600 -41.99 10.90 -87.79
C ALA E 600 -41.16 11.55 -86.70
N ALA E 601 -40.94 10.85 -85.58
CA ALA E 601 -40.10 11.39 -84.52
C ALA E 601 -38.68 11.63 -85.01
N VAL E 602 -38.12 10.69 -85.76
CA VAL E 602 -36.77 10.87 -86.31
C VAL E 602 -36.75 12.06 -87.26
N ASP E 603 -37.71 12.11 -88.20
CA ASP E 603 -37.70 13.14 -89.22
C ASP E 603 -37.91 14.52 -88.61
N ARG E 604 -38.88 14.65 -87.72
CA ARG E 604 -39.16 15.95 -87.12
C ARG E 604 -38.04 16.40 -86.18
N ALA E 605 -37.31 15.44 -85.58
CA ALA E 605 -36.24 15.80 -84.66
C ALA E 605 -35.10 16.50 -85.39
N LEU E 606 -34.78 16.06 -86.60
CA LEU E 606 -33.68 16.65 -87.35
C LEU E 606 -33.95 18.12 -87.66
N GLU E 607 -35.20 18.46 -88.01
CA GLU E 607 -35.55 19.83 -88.32
C GLU E 607 -35.83 20.68 -87.08
N ALA E 608 -36.11 20.04 -85.94
CA ALA E 608 -36.43 20.75 -84.72
C ALA E 608 -35.20 21.02 -83.85
N LEU E 609 -34.11 20.30 -84.07
CA LEU E 609 -32.88 20.53 -83.31
C LEU E 609 -32.29 21.88 -83.72
N GLU E 610 -32.22 22.80 -82.76
CA GLU E 610 -31.78 24.16 -83.00
C GLU E 610 -30.52 24.45 -82.19
N GLU E 611 -29.49 24.92 -82.87
CA GLU E 611 -28.25 25.33 -82.21
C GLU E 611 -28.47 26.70 -81.59
N ILE E 612 -28.02 26.86 -80.34
CA ILE E 612 -28.21 28.09 -79.60
C ILE E 612 -26.94 28.92 -79.74
N LYS E 613 -27.04 30.04 -80.46
CA LYS E 613 -25.92 30.98 -80.58
C LYS E 613 -26.03 31.96 -79.43
N TYR E 614 -25.24 31.73 -78.41
CA TYR E 614 -25.21 32.45 -77.15
C TYR E 614 -24.20 33.59 -77.21
N PRO E 615 -24.48 34.70 -76.52
CA PRO E 615 -23.52 35.79 -76.50
C PRO E 615 -22.26 35.41 -75.73
N ALA E 616 -21.14 35.99 -76.15
CA ALA E 616 -19.88 35.77 -75.44
C ALA E 616 -19.92 36.36 -74.04
N SER E 617 -20.85 37.29 -73.79
CA SER E 617 -21.02 37.93 -72.49
C SER E 617 -21.51 36.95 -71.42
N TRP E 618 -21.87 35.72 -71.78
CA TRP E 618 -22.26 34.75 -70.76
C TRP E 618 -21.11 34.44 -69.82
N ALA E 619 -19.87 34.58 -70.29
CA ALA E 619 -18.72 34.38 -69.42
C ALA E 619 -18.66 35.41 -68.31
N ASP E 620 -19.27 36.58 -68.52
CA ASP E 620 -19.31 37.64 -67.53
C ASP E 620 -20.57 37.60 -66.67
N ALA E 621 -21.45 36.63 -66.88
CA ALA E 621 -22.65 36.51 -66.07
C ALA E 621 -22.27 36.27 -64.60
N VAL E 622 -23.09 36.82 -63.71
CA VAL E 622 -22.81 36.81 -62.28
C VAL E 622 -23.89 36.00 -61.58
N ASP E 623 -23.47 35.20 -60.59
CA ASP E 623 -24.40 34.33 -59.88
C ASP E 623 -25.46 35.16 -59.15
N GLU E 624 -26.59 34.51 -58.89
CA GLU E 624 -27.75 35.18 -58.28
C GLU E 624 -27.87 34.84 -56.80
N THR E 630 -32.25 27.57 -44.63
CA THR E 630 -32.85 27.29 -43.33
C THR E 630 -31.97 26.32 -42.54
N GLU E 631 -31.93 26.50 -41.22
CA GLU E 631 -31.11 25.65 -40.36
C GLU E 631 -31.70 24.26 -40.26
N GLU E 632 -31.07 23.30 -40.94
CA GLU E 632 -31.42 21.89 -40.97
C GLU E 632 -30.51 21.12 -40.04
N PRO E 633 -30.91 19.90 -39.63
CA PRO E 633 -30.06 19.10 -38.75
C PRO E 633 -28.69 18.84 -39.36
N GLU E 634 -27.72 18.57 -38.46
CA GLU E 634 -26.34 18.38 -38.89
C GLU E 634 -26.22 17.21 -39.86
N PHE E 635 -26.97 16.14 -39.63
CA PHE E 635 -26.94 14.98 -40.52
C PHE E 635 -27.39 15.36 -41.92
N ILE E 636 -28.49 16.11 -42.02
CA ILE E 636 -28.97 16.55 -43.33
C ILE E 636 -27.94 17.43 -44.02
N GLN E 637 -27.28 18.31 -43.27
CA GLN E 637 -26.34 19.25 -43.86
C GLN E 637 -25.08 18.54 -44.37
N LYS E 638 -24.57 17.58 -43.61
CA LYS E 638 -23.30 16.97 -43.94
C LYS E 638 -23.42 15.68 -44.74
N VAL E 639 -24.59 15.03 -44.75
CA VAL E 639 -24.70 13.71 -45.38
C VAL E 639 -25.76 13.65 -46.48
N LEU E 640 -27.02 13.92 -46.13
CA LEU E 640 -28.11 13.69 -47.08
C LEU E 640 -28.01 14.65 -48.26
N ARG E 641 -27.83 15.94 -47.99
CA ARG E 641 -27.68 16.90 -49.08
C ARG E 641 -26.49 16.60 -49.97
N PRO E 642 -25.27 16.34 -49.44
CA PRO E 642 -24.17 16.00 -50.34
C PRO E 642 -24.39 14.72 -51.13
N ILE E 643 -25.07 13.72 -50.56
CA ILE E 643 -25.31 12.48 -51.28
C ILE E 643 -26.29 12.70 -52.44
N ASN E 644 -27.39 13.42 -52.17
CA ASN E 644 -28.34 13.70 -53.23
C ASN E 644 -27.76 14.62 -54.30
N ALA E 645 -26.76 15.42 -53.94
CA ALA E 645 -26.06 16.28 -54.89
C ALA E 645 -24.98 15.53 -55.66
N LEU E 646 -24.96 14.20 -55.58
CA LEU E 646 -23.99 13.37 -56.29
C LEU E 646 -22.55 13.70 -55.88
N LYS E 647 -22.35 13.99 -54.60
CA LYS E 647 -21.04 14.33 -54.06
C LYS E 647 -20.65 13.42 -52.91
N GLY E 648 -21.21 12.22 -52.84
CA GLY E 648 -20.92 11.33 -51.73
C GLY E 648 -19.47 10.87 -51.68
N ASP E 649 -18.81 10.79 -52.84
CA ASP E 649 -17.42 10.37 -52.85
C ASP E 649 -16.50 11.37 -52.16
N GLU E 650 -16.94 12.62 -52.03
CA GLU E 650 -16.12 13.63 -51.36
C GLU E 650 -16.23 13.55 -49.84
N LEU E 651 -17.19 12.80 -49.32
CA LEU E 651 -17.36 12.71 -47.87
C LEU E 651 -16.26 11.83 -47.30
N PRO E 652 -15.52 12.31 -46.30
CA PRO E 652 -14.44 11.53 -45.70
C PRO E 652 -14.99 10.44 -44.78
N VAL E 653 -14.06 9.62 -44.27
CA VAL E 653 -14.43 8.46 -43.45
C VAL E 653 -15.06 8.91 -42.13
N SER E 654 -14.60 10.02 -41.57
CA SER E 654 -15.10 10.47 -40.28
C SER E 654 -16.57 10.88 -40.30
N THR E 655 -17.21 10.88 -41.48
CA THR E 655 -18.61 11.28 -41.57
C THR E 655 -19.56 10.19 -41.07
N PHE E 656 -19.16 8.93 -41.16
CA PHE E 656 -20.09 7.81 -41.02
C PHE E 656 -19.88 7.09 -39.70
N THR E 657 -20.95 6.49 -39.20
CA THR E 657 -20.88 5.68 -38.00
C THR E 657 -20.10 4.39 -38.28
N PRO E 658 -19.40 3.85 -37.28
CA PRO E 658 -18.62 2.62 -37.51
C PRO E 658 -19.45 1.36 -37.61
N ASP E 659 -20.76 1.43 -37.35
CA ASP E 659 -21.61 0.25 -37.34
C ASP E 659 -22.78 0.34 -38.31
N GLY E 660 -22.81 1.33 -39.19
CA GLY E 660 -23.87 1.40 -40.17
C GLY E 660 -25.24 1.71 -39.61
N VAL E 661 -25.31 2.48 -38.53
CA VAL E 661 -26.58 2.90 -37.93
C VAL E 661 -26.92 4.29 -38.44
N PHE E 662 -28.17 4.47 -38.88
CA PHE E 662 -28.61 5.73 -39.47
C PHE E 662 -29.84 6.24 -38.74
N PRO E 663 -30.05 7.56 -38.74
CA PRO E 663 -31.25 8.12 -38.10
C PRO E 663 -32.50 7.79 -38.91
N VAL E 664 -33.65 8.00 -38.26
CA VAL E 664 -34.93 7.71 -38.86
C VAL E 664 -35.59 9.01 -39.31
N GLY E 665 -36.61 8.87 -40.16
CA GLY E 665 -37.40 10.00 -40.60
C GLY E 665 -36.63 11.04 -41.40
N THR E 666 -35.91 10.60 -42.44
CA THR E 666 -35.14 11.53 -43.26
C THR E 666 -35.70 11.74 -44.66
N THR E 667 -36.67 10.91 -45.10
CA THR E 667 -37.22 11.06 -46.44
C THR E 667 -38.08 12.31 -46.58
N LYS E 668 -38.56 12.88 -45.48
CA LYS E 668 -39.34 14.11 -45.58
C LYS E 668 -38.51 15.30 -46.03
N TYR E 669 -37.19 15.18 -46.02
CA TYR E 669 -36.30 16.23 -46.48
C TYR E 669 -35.97 16.12 -47.97
N GLU E 670 -36.46 15.09 -48.65
CA GLU E 670 -36.15 14.91 -50.07
C GLU E 670 -36.97 15.86 -50.93
N LYS E 671 -38.30 15.78 -50.84
CA LYS E 671 -39.21 16.61 -51.62
C LYS E 671 -38.86 16.55 -53.12
N ARG E 672 -38.91 15.34 -53.65
CA ARG E 672 -38.44 15.11 -55.02
C ARG E 672 -39.30 15.82 -56.05
N GLY E 673 -40.62 15.85 -55.84
CA GLY E 673 -41.53 16.53 -56.74
C GLY E 673 -41.49 15.98 -58.14
N ILE E 674 -41.71 14.67 -58.27
CA ILE E 674 -41.55 13.97 -59.54
C ILE E 674 -42.88 13.71 -60.23
N ALA E 675 -43.99 14.18 -59.67
CA ALA E 675 -45.29 13.83 -60.20
C ALA E 675 -45.57 14.62 -61.48
N VAL E 676 -46.20 13.94 -62.44
CA VAL E 676 -46.71 14.61 -63.63
C VAL E 676 -48.06 15.23 -63.34
N ASN E 677 -48.90 14.52 -62.60
CA ASN E 677 -50.21 15.01 -62.18
C ASN E 677 -50.33 14.84 -60.68
N ILE E 678 -51.11 15.73 -60.07
CA ILE E 678 -51.31 15.71 -58.62
C ILE E 678 -52.82 15.73 -58.34
N PRO E 679 -53.27 15.02 -57.30
CA PRO E 679 -54.71 15.06 -56.98
C PRO E 679 -55.09 16.41 -56.40
N GLN E 680 -56.18 16.97 -56.90
CA GLN E 680 -56.77 18.18 -56.34
C GLN E 680 -58.05 17.78 -55.61
N TRP E 681 -58.19 18.24 -54.36
CA TRP E 681 -59.28 17.80 -53.51
C TRP E 681 -60.50 18.69 -53.76
N GLN E 682 -61.65 18.05 -53.95
CA GLN E 682 -62.91 18.77 -54.14
C GLN E 682 -63.69 18.71 -52.84
N PRO E 683 -63.69 19.77 -52.03
CA PRO E 683 -64.31 19.68 -50.70
C PRO E 683 -65.80 19.36 -50.71
N GLU E 684 -66.51 19.76 -51.77
CA GLU E 684 -67.95 19.55 -51.80
C GLU E 684 -68.34 18.12 -52.20
N ASN E 685 -67.46 17.39 -52.87
CA ASN E 685 -67.77 16.02 -53.27
C ASN E 685 -67.27 14.98 -52.28
N CYS E 686 -66.56 15.40 -51.24
CA CYS E 686 -65.89 14.49 -50.33
C CYS E 686 -66.85 14.02 -49.24
N ILE E 687 -66.89 12.70 -49.02
CA ILE E 687 -67.71 12.12 -47.97
C ILE E 687 -66.93 11.85 -46.69
N GLN E 688 -65.64 12.22 -46.63
CA GLN E 688 -64.80 12.08 -45.44
C GLN E 688 -64.69 10.63 -44.98
N CYS E 689 -64.14 9.80 -45.86
CA CYS E 689 -63.94 8.38 -45.58
C CYS E 689 -62.48 7.99 -45.38
N ASN E 690 -61.54 8.85 -45.76
CA ASN E 690 -60.09 8.69 -45.56
C ASN E 690 -59.51 7.49 -46.29
N GLN E 691 -60.24 6.91 -47.24
CA GLN E 691 -59.71 5.79 -48.01
C GLN E 691 -58.56 6.22 -48.93
N CYS E 692 -58.54 7.48 -49.36
CA CYS E 692 -57.45 7.96 -50.21
C CYS E 692 -56.13 7.99 -49.45
N SER E 693 -56.15 8.42 -48.19
CA SER E 693 -54.93 8.40 -47.39
C SER E 693 -54.48 6.99 -47.08
N LEU E 694 -55.43 6.04 -47.05
CA LEU E 694 -55.11 4.65 -46.72
C LEU E 694 -54.32 3.98 -47.83
N VAL E 695 -54.68 4.23 -49.10
CA VAL E 695 -54.10 3.49 -50.21
C VAL E 695 -52.87 4.16 -50.79
N CYS E 696 -52.50 5.35 -50.31
CA CYS E 696 -51.36 6.05 -50.87
C CYS E 696 -50.08 5.29 -50.54
N PRO E 697 -49.34 4.80 -51.53
CA PRO E 697 -48.12 4.04 -51.24
C PRO E 697 -46.98 4.89 -50.70
N HIS E 698 -47.16 6.20 -50.56
CA HIS E 698 -46.09 7.06 -50.11
C HIS E 698 -46.53 8.01 -49.00
N ALA E 699 -47.76 7.86 -48.49
CA ALA E 699 -48.28 8.76 -47.46
C ALA E 699 -48.24 10.22 -47.89
N ALA E 700 -48.50 10.46 -49.18
CA ALA E 700 -48.47 11.80 -49.75
C ALA E 700 -49.80 12.53 -49.66
N ILE E 701 -50.87 11.85 -49.26
CA ILE E 701 -52.20 12.44 -49.11
C ILE E 701 -52.79 11.98 -47.78
N ARG E 702 -53.22 12.93 -46.96
CA ARG E 702 -53.66 12.64 -45.59
C ARG E 702 -54.82 13.55 -45.24
N PRO E 703 -55.68 13.13 -44.30
CA PRO E 703 -56.70 14.03 -43.76
C PRO E 703 -56.17 14.84 -42.57
N TYR E 704 -56.63 16.08 -42.47
CA TYR E 704 -56.21 16.98 -41.39
C TYR E 704 -57.42 17.58 -40.71
N LEU E 705 -57.45 17.49 -39.39
CA LEU E 705 -58.48 18.10 -38.56
C LEU E 705 -57.89 19.26 -37.77
N ALA E 706 -58.71 20.28 -37.52
CA ALA E 706 -58.23 21.46 -36.81
C ALA E 706 -59.40 22.23 -36.24
N LYS E 707 -59.23 22.74 -35.02
CA LYS E 707 -60.21 23.66 -34.47
C LYS E 707 -60.24 24.94 -35.30
N PRO E 708 -61.39 25.60 -35.40
CA PRO E 708 -61.48 26.82 -36.24
C PRO E 708 -60.54 27.94 -35.83
N ALA E 709 -60.11 27.99 -34.57
CA ALA E 709 -59.19 29.04 -34.15
C ALA E 709 -57.82 28.88 -34.77
N ASP E 710 -57.41 27.64 -35.05
CA ASP E 710 -56.09 27.36 -35.60
C ASP E 710 -55.95 27.68 -37.08
N LEU E 711 -57.05 28.06 -37.75
CA LEU E 711 -57.02 28.43 -39.16
C LEU E 711 -56.85 29.93 -39.40
N ALA E 712 -56.17 30.63 -38.49
CA ALA E 712 -56.07 32.08 -38.60
C ALA E 712 -55.26 32.49 -39.81
N GLY E 713 -53.97 32.14 -39.83
CA GLY E 713 -53.09 32.52 -40.91
C GLY E 713 -53.15 31.57 -42.10
N ALA E 714 -54.26 30.87 -42.24
CA ALA E 714 -54.40 29.92 -43.33
C ALA E 714 -54.48 30.66 -44.66
N PRO E 715 -53.87 30.13 -45.72
CA PRO E 715 -53.99 30.77 -47.04
C PRO E 715 -55.43 30.70 -47.52
N GLU E 716 -55.74 31.56 -48.51
CA GLU E 716 -57.09 31.63 -49.04
C GLU E 716 -57.49 30.35 -49.77
N THR E 717 -56.51 29.61 -50.29
CA THR E 717 -56.76 28.37 -51.02
C THR E 717 -56.89 27.14 -50.11
N PHE E 718 -56.69 27.30 -48.80
CA PHE E 718 -56.81 26.19 -47.85
C PHE E 718 -58.27 25.95 -47.47
N VAL E 719 -59.06 25.57 -48.48
CA VAL E 719 -60.50 25.40 -48.27
C VAL E 719 -60.76 24.16 -47.44
N THR E 720 -61.61 24.30 -46.42
CA THR E 720 -61.94 23.22 -45.49
C THR E 720 -63.44 22.96 -45.52
N LYS E 721 -63.84 21.87 -44.86
CA LYS E 721 -65.25 21.50 -44.72
C LYS E 721 -65.48 21.04 -43.30
N ASP E 722 -66.75 21.11 -42.88
CA ASP E 722 -67.13 20.66 -41.55
C ASP E 722 -66.95 19.16 -41.40
N ALA E 723 -66.50 18.75 -40.21
CA ALA E 723 -66.16 17.36 -39.94
C ALA E 723 -67.41 16.56 -39.58
N ILE E 724 -67.58 15.41 -40.23
CA ILE E 724 -68.68 14.49 -39.96
C ILE E 724 -68.29 13.57 -38.82
N GLY E 725 -69.23 13.32 -37.90
CA GLY E 725 -68.98 12.40 -36.80
C GLY E 725 -69.08 13.03 -35.43
N LYS E 726 -69.60 12.28 -34.46
CA LYS E 726 -69.74 12.80 -33.10
C LYS E 726 -68.39 13.00 -32.42
N GLU E 727 -67.36 12.25 -32.84
CA GLU E 727 -66.05 12.40 -32.21
C GLU E 727 -65.36 13.69 -32.63
N ALA E 728 -65.55 14.11 -33.88
CA ALA E 728 -64.91 15.30 -34.42
C ALA E 728 -65.86 16.49 -34.53
N ALA E 729 -66.80 16.61 -33.59
CA ALA E 729 -67.76 17.70 -33.62
C ALA E 729 -67.05 19.04 -33.39
N GLY E 730 -67.44 20.03 -34.19
CA GLY E 730 -66.86 21.36 -34.08
C GLY E 730 -65.51 21.54 -34.71
N LEU E 731 -65.04 20.59 -35.50
CA LEU E 731 -63.73 20.65 -36.13
C LEU E 731 -63.88 20.78 -37.65
N LYS E 732 -62.80 21.20 -38.29
CA LYS E 732 -62.73 21.32 -39.74
C LYS E 732 -61.99 20.11 -40.30
N PHE E 733 -62.33 19.75 -41.53
CA PHE E 733 -61.76 18.58 -42.19
C PHE E 733 -61.22 19.00 -43.55
N ARG E 734 -60.10 18.40 -43.93
CA ARG E 734 -59.52 18.64 -45.24
C ARG E 734 -58.61 17.48 -45.60
N ILE E 735 -58.72 17.03 -46.85
CA ILE E 735 -57.81 16.04 -47.42
C ILE E 735 -56.74 16.84 -48.15
N GLN E 736 -55.51 16.80 -47.65
CA GLN E 736 -54.40 17.58 -48.21
C GLN E 736 -53.33 16.65 -48.73
N VAL E 737 -52.79 16.99 -49.91
CA VAL E 737 -51.77 16.20 -50.56
C VAL E 737 -50.42 16.90 -50.40
N SER E 738 -49.35 16.11 -50.32
CA SER E 738 -48.01 16.66 -50.30
C SER E 738 -47.52 16.70 -51.74
N PRO E 739 -47.45 17.87 -52.37
CA PRO E 739 -47.13 17.91 -53.79
C PRO E 739 -45.72 17.44 -54.12
N LEU E 740 -44.73 17.79 -53.31
CA LEU E 740 -43.36 17.42 -53.61
C LEU E 740 -43.05 15.95 -53.33
N ASP E 741 -43.89 15.28 -52.54
CA ASP E 741 -43.67 13.88 -52.22
C ASP E 741 -44.59 12.93 -52.97
N CYS E 742 -45.67 13.43 -53.56
CA CYS E 742 -46.57 12.60 -54.34
C CYS E 742 -45.89 12.11 -55.60
N THR E 743 -46.30 10.92 -56.05
CA THR E 743 -45.73 10.29 -57.25
C THR E 743 -46.67 10.35 -58.45
N GLY E 744 -47.90 10.82 -58.28
CA GLY E 744 -48.83 10.90 -59.39
C GLY E 744 -49.41 9.58 -59.83
N CYS E 745 -49.43 8.58 -58.94
CA CYS E 745 -49.87 7.25 -59.33
C CYS E 745 -51.38 7.22 -59.62
N GLY E 746 -52.16 8.00 -58.89
CA GLY E 746 -53.58 8.09 -59.14
C GLY E 746 -54.46 7.07 -58.43
N ASN E 747 -53.91 6.33 -57.45
CA ASN E 747 -54.73 5.36 -56.72
C ASN E 747 -55.80 6.06 -55.89
N CYS E 748 -55.46 7.20 -55.30
CA CYS E 748 -56.44 7.88 -54.44
C CYS E 748 -57.62 8.37 -55.25
N ALA E 749 -57.40 8.80 -56.50
CA ALA E 749 -58.51 9.21 -57.36
C ALA E 749 -59.34 8.03 -57.80
N ASP E 750 -58.74 6.85 -57.99
CA ASP E 750 -59.50 5.68 -58.44
C ASP E 750 -60.29 5.03 -57.32
N VAL E 751 -59.77 5.08 -56.09
CA VAL E 751 -60.43 4.41 -54.97
C VAL E 751 -61.55 5.25 -54.38
N CYS E 752 -61.56 6.56 -54.62
CA CYS E 752 -62.56 7.48 -54.07
C CYS E 752 -63.97 7.01 -54.42
N PRO E 753 -64.75 6.56 -53.45
CA PRO E 753 -66.06 5.98 -53.74
C PRO E 753 -67.21 6.98 -53.70
N ALA E 754 -66.93 8.28 -53.60
CA ALA E 754 -67.98 9.28 -53.53
C ALA E 754 -68.80 9.28 -54.81
N LYS E 755 -70.02 9.83 -54.72
CA LYS E 755 -70.88 9.94 -55.88
C LYS E 755 -70.19 10.71 -57.01
N VAL E 756 -69.77 11.94 -56.73
CA VAL E 756 -68.91 12.71 -57.62
C VAL E 756 -67.48 12.57 -57.12
N LYS E 757 -66.55 12.31 -58.04
CA LYS E 757 -65.15 12.12 -57.66
C LYS E 757 -64.63 13.38 -56.96
N ALA E 758 -64.15 13.22 -55.74
CA ALA E 758 -63.59 14.31 -54.96
C ALA E 758 -62.11 14.54 -55.25
N LEU E 759 -61.50 13.74 -56.12
CA LEU E 759 -60.11 13.90 -56.50
C LEU E 759 -59.99 13.85 -58.03
N THR E 760 -59.37 14.86 -58.60
CA THR E 760 -59.10 14.92 -60.04
C THR E 760 -57.63 15.23 -60.24
N MET E 761 -56.99 14.52 -61.15
CA MET E 761 -55.56 14.65 -61.36
C MET E 761 -55.27 15.92 -62.17
N VAL E 762 -54.55 16.86 -61.56
CA VAL E 762 -54.19 18.11 -62.23
C VAL E 762 -52.68 18.17 -62.33
N PRO E 763 -52.13 18.83 -63.36
CA PRO E 763 -50.67 18.91 -63.49
C PRO E 763 -50.02 19.62 -62.31
N LEU E 764 -48.81 19.16 -61.98
CA LEU E 764 -48.09 19.70 -60.82
C LEU E 764 -47.80 21.18 -60.98
N GLU E 765 -47.32 21.59 -62.16
CA GLU E 765 -46.84 22.97 -62.35
C GLU E 765 -47.94 23.99 -62.12
N GLU E 766 -49.20 23.63 -62.38
CA GLU E 766 -50.29 24.59 -62.24
C GLU E 766 -50.63 24.85 -60.77
N VAL E 767 -50.47 23.85 -59.91
CA VAL E 767 -50.88 23.94 -58.52
C VAL E 767 -49.69 23.79 -57.56
N THR E 768 -48.46 23.79 -58.08
CA THR E 768 -47.31 23.59 -57.20
C THR E 768 -47.13 24.77 -56.25
N ALA E 769 -47.25 26.00 -56.75
CA ALA E 769 -47.11 27.17 -55.88
C ALA E 769 -48.25 27.21 -54.86
N VAL E 770 -49.45 26.83 -55.27
CA VAL E 770 -50.61 26.87 -54.38
C VAL E 770 -50.52 25.76 -53.33
N GLU E 771 -50.37 24.51 -53.78
CA GLU E 771 -50.40 23.38 -52.85
C GLU E 771 -49.20 23.34 -51.92
N GLU E 772 -48.06 23.93 -52.31
CA GLU E 772 -46.92 23.99 -51.41
C GLU E 772 -47.22 24.84 -50.20
N ALA E 773 -47.80 26.01 -50.40
CA ALA E 773 -48.21 26.84 -49.27
C ALA E 773 -49.32 26.16 -48.46
N ASN E 774 -50.19 25.40 -49.13
CA ASN E 774 -51.23 24.67 -48.43
C ASN E 774 -50.63 23.55 -47.57
N TYR E 775 -49.74 22.74 -48.16
CA TYR E 775 -49.15 21.64 -47.40
C TYR E 775 -48.25 22.15 -46.29
N ASN E 776 -47.48 23.21 -46.56
CA ASN E 776 -46.62 23.77 -45.53
C ASN E 776 -47.43 24.28 -44.35
N PHE E 777 -48.66 24.73 -44.60
CA PHE E 777 -49.55 25.14 -43.52
C PHE E 777 -50.19 23.93 -42.83
N ALA E 778 -50.54 22.91 -43.60
CA ALA E 778 -51.16 21.72 -43.01
C ALA E 778 -50.20 20.99 -42.07
N GLU E 779 -48.91 20.97 -42.42
CA GLU E 779 -47.92 20.31 -41.56
C GLU E 779 -47.70 21.09 -40.26
N GLN E 780 -47.92 22.40 -40.28
CA GLN E 780 -47.76 23.24 -39.10
C GLN E 780 -49.01 23.24 -38.23
N LEU E 781 -49.97 22.38 -38.54
CA LEU E 781 -51.19 22.30 -37.75
C LEU E 781 -50.89 21.70 -36.39
N PRO E 782 -51.54 22.17 -35.32
CA PRO E 782 -51.29 21.61 -33.99
C PRO E 782 -51.85 20.20 -33.88
N GLU E 783 -51.38 19.48 -32.87
CA GLU E 783 -51.84 18.13 -32.63
C GLU E 783 -53.30 18.15 -32.22
N VAL E 784 -54.06 17.15 -32.65
CA VAL E 784 -55.48 17.03 -32.34
C VAL E 784 -55.73 15.66 -31.73
N LYS E 785 -56.08 15.63 -30.45
CA LYS E 785 -56.47 14.39 -29.78
C LYS E 785 -57.90 14.04 -30.18
N VAL E 786 -58.09 12.89 -30.81
CA VAL E 786 -59.40 12.46 -31.29
C VAL E 786 -59.64 11.02 -30.86
N ASN E 787 -60.90 10.71 -30.54
CA ASN E 787 -61.29 9.39 -30.03
C ASN E 787 -61.93 8.50 -31.09
N PHE E 788 -61.57 8.69 -32.36
CA PHE E 788 -62.06 7.81 -33.41
C PHE E 788 -61.49 6.40 -33.24
N ASN E 789 -62.33 5.40 -33.48
CA ASN E 789 -61.92 4.01 -33.31
C ASN E 789 -60.87 3.63 -34.35
N PRO E 790 -59.65 3.25 -33.94
CA PRO E 790 -58.65 2.82 -34.93
C PRO E 790 -58.97 1.52 -35.64
N ALA E 791 -59.99 0.77 -35.18
CA ALA E 791 -60.34 -0.49 -35.80
C ALA E 791 -61.10 -0.32 -37.12
N THR E 792 -61.55 0.88 -37.43
CA THR E 792 -62.23 1.18 -38.70
C THR E 792 -61.25 1.79 -39.68
N VAL E 793 -61.64 1.80 -40.95
CA VAL E 793 -60.79 2.40 -41.98
C VAL E 793 -60.65 3.90 -41.76
N LYS E 794 -61.78 4.58 -41.50
CA LYS E 794 -61.73 6.04 -41.31
C LYS E 794 -60.96 6.42 -40.06
N GLY E 795 -61.18 5.71 -38.95
CA GLY E 795 -60.53 6.09 -37.71
C GLY E 795 -59.04 5.84 -37.68
N SER E 796 -58.59 4.76 -38.34
CA SER E 796 -57.16 4.46 -38.30
C SER E 796 -56.36 5.49 -39.08
N GLN E 797 -56.97 6.10 -40.10
CA GLN E 797 -56.28 7.05 -40.95
C GLN E 797 -56.10 8.42 -40.30
N PHE E 798 -56.76 8.67 -39.17
CA PHE E 798 -56.49 9.87 -38.38
C PHE E 798 -55.22 9.73 -37.54
N ARG E 799 -54.69 8.53 -37.42
CA ARG E 799 -53.39 8.31 -36.79
C ARG E 799 -52.26 8.66 -37.77
N GLN E 800 -51.18 9.20 -37.23
CA GLN E 800 -50.06 9.64 -38.06
C GLN E 800 -49.40 8.42 -38.69
N PRO E 801 -49.19 8.41 -40.01
CA PRO E 801 -48.44 7.32 -40.63
C PRO E 801 -46.97 7.41 -40.25
N LEU E 802 -46.38 6.27 -39.91
CA LEU E 802 -44.97 6.21 -39.57
C LEU E 802 -44.12 5.62 -40.69
N LEU E 803 -44.67 5.54 -41.90
CA LEU E 803 -43.90 5.16 -43.09
C LEU E 803 -44.31 6.11 -44.21
N GLU E 804 -43.40 6.99 -44.61
CA GLU E 804 -43.76 8.06 -45.54
C GLU E 804 -42.62 8.31 -46.51
N PHE E 805 -43.01 8.61 -47.76
CA PHE E 805 -42.10 9.19 -48.76
C PHE E 805 -40.95 8.25 -49.09
N SER E 806 -41.23 6.95 -49.19
CA SER E 806 -40.22 5.96 -49.50
C SER E 806 -39.85 6.00 -50.98
N GLY E 807 -38.84 5.21 -51.34
CA GLY E 807 -38.40 5.11 -52.72
C GLY E 807 -39.09 4.05 -53.55
N ALA E 808 -40.20 3.48 -53.08
CA ALA E 808 -40.90 2.47 -53.84
C ALA E 808 -41.52 3.08 -55.11
N CYS E 809 -41.93 2.20 -56.03
CA CYS E 809 -42.50 2.64 -57.29
C CYS E 809 -43.83 3.38 -57.07
N ALA E 810 -44.25 4.08 -58.12
CA ALA E 810 -45.55 4.74 -58.10
C ALA E 810 -46.65 3.69 -58.08
N GLY E 811 -47.52 3.75 -57.06
CA GLY E 811 -48.61 2.81 -56.95
C GLY E 811 -48.23 1.45 -56.41
N CYS E 812 -47.13 1.35 -55.68
CA CYS E 812 -46.67 0.07 -55.17
C CYS E 812 -47.71 -0.57 -54.24
N GLY E 813 -47.86 -1.88 -54.37
CA GLY E 813 -48.79 -2.63 -53.56
C GLY E 813 -48.28 -3.11 -52.22
N GLU E 814 -47.01 -2.83 -51.90
CA GLU E 814 -46.42 -3.27 -50.63
C GLU E 814 -46.50 -2.19 -49.55
N THR E 815 -46.10 -0.97 -49.86
CA THR E 815 -46.04 0.08 -48.85
C THR E 815 -47.37 0.40 -48.16
N PRO E 816 -48.54 0.30 -48.80
CA PRO E 816 -49.78 0.55 -48.06
C PRO E 816 -50.02 -0.40 -46.89
N TYR E 817 -49.58 -1.66 -46.99
CA TYR E 817 -49.74 -2.58 -45.87
C TYR E 817 -48.89 -2.13 -44.67
N VAL E 818 -47.61 -1.86 -44.91
CA VAL E 818 -46.72 -1.47 -43.81
C VAL E 818 -47.14 -0.12 -43.23
N LYS E 819 -47.58 0.80 -44.10
CA LYS E 819 -48.06 2.10 -43.62
C LYS E 819 -49.23 1.93 -42.65
N LEU E 820 -50.14 0.98 -42.96
CA LEU E 820 -51.29 0.76 -42.08
C LEU E 820 -50.86 0.16 -40.75
N VAL E 821 -49.84 -0.70 -40.76
CA VAL E 821 -49.33 -1.28 -39.51
C VAL E 821 -48.71 -0.21 -38.62
N THR E 822 -47.97 0.74 -39.22
CA THR E 822 -47.39 1.82 -38.43
C THR E 822 -48.45 2.73 -37.85
N GLN E 823 -49.60 2.83 -38.51
CA GLN E 823 -50.71 3.61 -37.98
C GLN E 823 -51.45 2.91 -36.84
N LEU E 824 -51.36 1.58 -36.76
CA LEU E 824 -52.01 0.85 -35.68
C LEU E 824 -51.06 0.62 -34.50
N PHE E 825 -49.85 0.09 -34.77
CA PHE E 825 -48.94 -0.31 -33.72
C PHE E 825 -47.55 0.29 -33.85
N GLY E 826 -47.36 1.25 -34.76
CA GLY E 826 -46.04 1.82 -35.00
C GLY E 826 -45.43 2.49 -33.79
N ASP E 827 -46.26 2.89 -32.83
CA ASP E 827 -45.75 3.56 -31.64
C ASP E 827 -44.78 2.68 -30.86
N ARG E 828 -44.90 1.35 -31.00
CA ARG E 828 -44.19 0.44 -30.10
C ARG E 828 -43.70 -0.81 -30.82
N MET E 829 -43.38 -0.73 -32.11
CA MET E 829 -43.01 -1.92 -32.87
C MET E 829 -41.57 -1.87 -33.35
N ILE E 830 -40.99 -3.06 -33.49
CA ILE E 830 -39.64 -3.26 -34.00
C ILE E 830 -39.74 -4.17 -35.22
N ILE E 831 -39.07 -3.80 -36.30
CA ILE E 831 -39.20 -4.48 -37.59
C ILE E 831 -37.90 -5.21 -37.89
N ALA E 832 -38.02 -6.51 -38.18
CA ALA E 832 -36.94 -7.31 -38.72
C ALA E 832 -37.30 -7.59 -40.17
N ASN E 833 -36.62 -6.92 -41.09
CA ASN E 833 -37.02 -6.87 -42.49
C ASN E 833 -36.05 -7.71 -43.32
N ALA E 834 -36.60 -8.64 -44.12
CA ALA E 834 -35.78 -9.44 -45.00
C ALA E 834 -35.27 -8.61 -46.17
N THR E 835 -34.17 -9.06 -46.75
CA THR E 835 -33.62 -8.41 -47.93
C THR E 835 -34.61 -8.54 -49.08
N GLY E 836 -34.79 -7.46 -49.83
CA GLY E 836 -35.76 -7.42 -50.89
C GLY E 836 -36.21 -5.99 -51.11
N CYS E 837 -37.30 -5.85 -51.88
CA CYS E 837 -37.85 -4.53 -52.14
C CYS E 837 -38.14 -3.80 -50.83
N SER E 838 -38.76 -4.49 -49.88
CA SER E 838 -39.09 -3.89 -48.59
C SER E 838 -37.85 -3.42 -47.84
N SER E 839 -36.68 -3.99 -48.13
CA SER E 839 -35.44 -3.48 -47.57
C SER E 839 -34.79 -2.40 -48.42
N ILE E 840 -35.13 -2.32 -49.71
CA ILE E 840 -34.57 -1.28 -50.58
C ILE E 840 -35.30 0.04 -50.38
N TRP E 841 -36.64 0.03 -50.46
CA TRP E 841 -37.37 1.28 -50.20
C TRP E 841 -37.45 1.59 -48.72
N GLY E 842 -37.23 0.60 -47.85
CA GLY E 842 -37.31 0.83 -46.42
C GLY E 842 -35.97 1.19 -45.80
N GLY E 843 -34.88 0.75 -46.42
CA GLY E 843 -33.59 0.95 -45.81
C GLY E 843 -32.45 1.08 -46.78
N SER E 844 -32.55 2.05 -47.70
CA SER E 844 -31.44 2.43 -48.57
C SER E 844 -30.85 3.72 -48.04
N ALA E 845 -29.56 3.68 -47.69
CA ALA E 845 -28.89 4.87 -47.20
C ALA E 845 -28.93 5.97 -48.27
N PRO E 846 -28.99 7.25 -47.86
CA PRO E 846 -29.02 7.74 -46.48
C PRO E 846 -30.43 8.09 -46.02
N ALA E 847 -31.44 7.72 -46.79
CA ALA E 847 -32.82 8.11 -46.52
C ALA E 847 -33.57 6.97 -45.83
N CYS E 848 -34.28 7.30 -44.75
CA CYS E 848 -35.07 6.33 -43.98
C CYS E 848 -36.53 6.76 -44.02
N PRO E 849 -37.44 5.95 -44.60
CA PRO E 849 -38.84 6.37 -44.68
C PRO E 849 -39.63 6.20 -43.39
N TYR E 850 -39.17 5.39 -42.45
CA TYR E 850 -39.87 5.25 -41.17
C TYR E 850 -39.53 6.45 -40.30
N THR E 851 -40.57 7.03 -39.69
CA THR E 851 -40.43 8.27 -38.93
C THR E 851 -41.05 8.08 -37.56
N VAL E 852 -41.06 9.15 -36.77
CA VAL E 852 -41.52 9.13 -35.40
C VAL E 852 -42.74 10.03 -35.26
N ASN E 853 -43.42 9.89 -34.13
CA ASN E 853 -44.56 10.73 -33.79
C ASN E 853 -44.09 11.96 -33.01
N ARG E 854 -45.03 12.67 -32.38
CA ARG E 854 -44.68 13.87 -31.64
C ARG E 854 -43.88 13.57 -30.38
N GLN E 855 -44.08 12.39 -29.79
CA GLN E 855 -43.34 12.01 -28.60
C GLN E 855 -41.92 11.54 -28.91
N GLY E 856 -41.55 11.41 -30.18
CA GLY E 856 -40.24 10.91 -30.53
C GLY E 856 -40.15 9.41 -30.65
N HIS E 857 -41.29 8.71 -30.60
CA HIS E 857 -41.32 7.25 -30.68
C HIS E 857 -41.72 6.82 -32.09
N GLY E 858 -41.12 5.73 -32.57
CA GLY E 858 -41.38 5.24 -33.89
C GLY E 858 -40.73 3.89 -34.14
N PRO E 859 -41.04 3.27 -35.28
CA PRO E 859 -40.54 1.91 -35.54
C PRO E 859 -39.02 1.88 -35.66
N ALA E 860 -38.39 0.94 -34.96
CA ALA E 860 -36.99 0.64 -35.14
C ALA E 860 -36.84 -0.46 -36.19
N TRP E 861 -35.94 -0.26 -37.14
CA TRP E 861 -35.87 -1.06 -38.35
C TRP E 861 -34.51 -1.73 -38.44
N ALA E 862 -34.51 -3.01 -38.78
CA ALA E 862 -33.27 -3.75 -38.92
C ALA E 862 -33.43 -4.81 -40.00
N SER E 863 -32.39 -4.98 -40.81
CA SER E 863 -32.32 -6.03 -41.81
C SER E 863 -31.01 -6.77 -41.66
N SER E 864 -31.08 -8.09 -41.54
CA SER E 864 -29.87 -8.88 -41.46
C SER E 864 -29.50 -9.41 -42.84
N LEU E 865 -30.00 -10.59 -43.17
CA LEU E 865 -29.73 -11.22 -44.45
C LEU E 865 -31.06 -11.66 -45.06
N PHE E 866 -30.96 -12.28 -46.23
CA PHE E 866 -32.16 -12.73 -46.93
C PHE E 866 -32.73 -14.00 -46.30
N GLU E 867 -31.86 -14.90 -45.86
CA GLU E 867 -32.28 -16.24 -45.44
C GLU E 867 -32.61 -16.35 -43.96
N ASP E 868 -32.21 -15.39 -43.15
CA ASP E 868 -32.29 -15.52 -41.69
C ASP E 868 -33.30 -14.58 -41.05
N ASN E 869 -34.22 -14.02 -41.83
CA ASN E 869 -35.04 -12.92 -41.32
C ASN E 869 -35.97 -13.39 -40.21
N ALA E 870 -36.56 -14.58 -40.35
CA ALA E 870 -37.45 -15.08 -39.30
C ALA E 870 -36.68 -15.29 -38.01
N GLU E 871 -35.54 -15.99 -38.10
CA GLU E 871 -34.71 -16.21 -36.92
C GLU E 871 -34.14 -14.89 -36.41
N PHE E 872 -33.96 -13.92 -37.30
CA PHE E 872 -33.50 -12.59 -36.89
C PHE E 872 -34.49 -11.94 -35.93
N GLY E 873 -35.78 -11.93 -36.31
CA GLY E 873 -36.79 -11.37 -35.43
C GLY E 873 -37.05 -12.21 -34.20
N TYR E 874 -36.93 -13.53 -34.33
CA TYR E 874 -37.11 -14.41 -33.17
C TYR E 874 -36.13 -14.07 -32.06
N GLY E 875 -34.86 -13.85 -32.40
CA GLY E 875 -33.88 -13.43 -31.42
C GLY E 875 -34.25 -12.10 -30.78
N MET E 876 -34.84 -11.19 -31.56
CA MET E 876 -35.29 -9.93 -31.00
C MET E 876 -36.38 -10.17 -29.95
N ALA E 877 -37.29 -11.11 -30.22
CA ALA E 877 -38.34 -11.40 -29.26
C ALA E 877 -37.76 -11.93 -27.96
N LEU E 878 -36.75 -12.80 -28.05
CA LEU E 878 -36.12 -13.32 -26.84
C LEU E 878 -35.46 -12.19 -26.05
N ALA E 879 -34.76 -11.29 -26.75
CA ALA E 879 -34.02 -10.22 -26.09
C ALA E 879 -34.97 -9.20 -25.44
N VAL E 880 -36.05 -8.82 -26.14
CA VAL E 880 -37.00 -7.88 -25.55
C VAL E 880 -37.65 -8.49 -24.31
N ALA E 881 -37.95 -9.79 -24.35
CA ALA E 881 -38.49 -10.46 -23.17
C ALA E 881 -37.51 -10.42 -22.01
N LYS E 882 -36.21 -10.59 -22.29
CA LYS E 882 -35.21 -10.50 -21.23
C LYS E 882 -35.12 -9.07 -20.67
N ARG E 883 -35.25 -8.07 -21.52
CA ARG E 883 -35.16 -6.68 -21.05
C ARG E 883 -36.33 -6.32 -20.16
N GLN E 884 -37.50 -6.91 -20.40
CA GLN E 884 -38.64 -6.68 -19.53
C GLN E 884 -38.46 -7.37 -18.18
N ASP E 885 -37.78 -8.52 -18.15
CA ASP E 885 -37.53 -9.21 -16.88
C ASP E 885 -36.59 -8.42 -16.00
N GLU E 886 -35.58 -7.77 -16.60
CA GLU E 886 -34.67 -6.94 -15.82
C GLU E 886 -35.40 -5.75 -15.23
N LEU E 887 -36.34 -5.19 -16.00
CA LEU E 887 -37.18 -4.09 -15.48
C LEU E 887 -38.16 -4.60 -14.45
N ALA E 888 -38.82 -5.74 -14.72
CA ALA E 888 -39.78 -6.28 -13.77
C ALA E 888 -39.11 -6.66 -12.44
N THR E 889 -37.85 -7.10 -12.49
CA THR E 889 -37.14 -7.38 -11.25
C THR E 889 -36.87 -6.10 -10.48
N ALA E 890 -36.47 -5.03 -11.18
CA ALA E 890 -36.24 -3.75 -10.52
C ALA E 890 -37.54 -3.11 -10.05
N ILE E 891 -38.66 -3.35 -10.75
CA ILE E 891 -39.94 -2.83 -10.30
C ILE E 891 -40.44 -3.61 -9.08
N SER E 892 -40.25 -4.93 -9.09
CA SER E 892 -40.61 -5.73 -7.93
C SER E 892 -39.78 -5.37 -6.71
N LYS E 893 -38.52 -4.97 -6.93
CA LYS E 893 -37.67 -4.52 -5.83
C LYS E 893 -38.16 -3.20 -5.26
N ALA E 894 -38.79 -2.36 -6.09
CA ALA E 894 -39.29 -1.07 -5.61
C ALA E 894 -40.47 -1.22 -4.66
N LEU E 895 -41.22 -2.33 -4.77
CA LEU E 895 -42.33 -2.57 -3.85
C LEU E 895 -41.86 -2.68 -2.41
N GLU E 896 -40.67 -3.23 -2.18
CA GLU E 896 -40.13 -3.40 -0.84
C GLU E 896 -39.37 -2.18 -0.35
N ALA E 897 -39.30 -1.11 -1.16
CA ALA E 897 -38.57 0.10 -0.83
C ALA E 897 -39.51 1.17 -0.29
N PRO E 898 -39.01 2.08 0.56
CA PRO E 898 -39.85 3.18 1.05
C PRO E 898 -40.15 4.22 -0.01
N VAL E 899 -41.19 3.99 -0.81
CA VAL E 899 -41.60 4.91 -1.86
C VAL E 899 -43.06 5.32 -1.65
N SER E 900 -43.49 6.32 -2.42
CA SER E 900 -44.84 6.84 -2.28
C SER E 900 -45.87 5.78 -2.65
N ALA E 901 -47.07 5.90 -2.05
CA ALA E 901 -48.14 4.94 -2.31
C ALA E 901 -48.60 4.98 -3.76
N ALA E 902 -48.57 6.16 -4.39
CA ALA E 902 -48.93 6.26 -5.80
C ALA E 902 -47.94 5.53 -6.69
N PHE E 903 -46.66 5.50 -6.31
CA PHE E 903 -45.67 4.78 -7.10
C PHE E 903 -45.91 3.28 -7.04
N LYS E 904 -46.22 2.76 -5.85
CA LYS E 904 -46.50 1.34 -5.71
C LYS E 904 -47.75 0.93 -6.48
N ALA E 905 -48.75 1.83 -6.55
CA ALA E 905 -49.96 1.51 -7.28
C ALA E 905 -49.69 1.29 -8.76
N ALA E 906 -48.83 2.14 -9.35
CA ALA E 906 -48.47 1.97 -10.75
C ALA E 906 -47.55 0.76 -10.95
N CYS E 907 -46.69 0.46 -9.98
CA CYS E 907 -45.80 -0.69 -10.12
C CYS E 907 -46.58 -2.00 -10.06
N GLU E 908 -47.49 -2.12 -9.10
CA GLU E 908 -48.34 -3.31 -9.02
C GLU E 908 -49.22 -3.44 -10.25
N GLY E 909 -49.75 -2.33 -10.75
CA GLY E 909 -50.55 -2.37 -11.95
C GLY E 909 -49.74 -2.74 -13.17
N TRP E 910 -48.51 -2.26 -13.25
CA TRP E 910 -47.66 -2.62 -14.38
C TRP E 910 -47.23 -4.09 -14.31
N LEU E 911 -46.83 -4.54 -13.12
CA LEU E 911 -46.41 -5.94 -12.97
C LEU E 911 -47.55 -6.89 -13.33
N ALA E 912 -48.79 -6.51 -13.06
CA ALA E 912 -49.93 -7.34 -13.40
C ALA E 912 -50.28 -7.28 -14.89
N GLY E 913 -49.97 -6.17 -15.56
CA GLY E 913 -50.35 -6.01 -16.95
C GLY E 913 -49.20 -5.68 -17.88
N LYS E 914 -47.99 -6.12 -17.53
CA LYS E 914 -46.82 -5.85 -18.37
C LYS E 914 -46.91 -6.56 -19.71
N ASP E 915 -47.71 -7.61 -19.81
CA ASP E 915 -47.85 -8.40 -21.03
C ASP E 915 -49.07 -8.03 -21.85
N ASP E 916 -49.79 -6.98 -21.47
CA ASP E 916 -50.91 -6.48 -22.24
C ASP E 916 -50.53 -5.13 -22.84
N ALA E 917 -50.85 -4.94 -24.12
CA ALA E 917 -50.41 -3.74 -24.83
C ALA E 917 -50.95 -2.48 -24.17
N ASP E 918 -52.25 -2.46 -23.88
CA ASP E 918 -52.85 -1.26 -23.31
C ASP E 918 -52.51 -1.08 -21.84
N ARG E 919 -52.56 -2.17 -21.07
CA ARG E 919 -52.32 -2.07 -19.64
C ARG E 919 -50.86 -1.77 -19.33
N SER E 920 -49.93 -2.33 -20.11
CA SER E 920 -48.52 -2.03 -19.90
C SER E 920 -48.20 -0.57 -20.22
N ARG E 921 -48.87 -0.01 -21.23
CA ARG E 921 -48.67 1.40 -21.55
C ARG E 921 -49.31 2.30 -20.50
N GLU E 922 -50.48 1.92 -19.97
CA GLU E 922 -51.15 2.75 -18.98
C GLU E 922 -50.31 2.89 -17.72
N TYR E 923 -49.99 1.76 -17.08
CA TYR E 923 -49.20 1.81 -15.86
C TYR E 923 -47.75 2.16 -16.14
N GLY E 924 -47.25 1.81 -17.33
CA GLY E 924 -45.89 2.20 -17.69
C GLY E 924 -45.75 3.72 -17.76
N ASP E 925 -46.72 4.38 -18.39
CA ASP E 925 -46.70 5.85 -18.42
C ASP E 925 -46.95 6.44 -17.05
N ARG E 926 -47.72 5.75 -16.20
CA ARG E 926 -47.88 6.19 -14.81
C ARG E 926 -46.54 6.13 -14.08
N ILE E 927 -45.78 5.06 -14.29
CA ILE E 927 -44.46 4.97 -13.70
C ILE E 927 -43.56 6.10 -14.22
N LYS E 928 -43.66 6.37 -15.53
CA LYS E 928 -42.86 7.45 -16.12
C LYS E 928 -43.25 8.80 -15.53
N ALA E 929 -44.54 8.98 -15.22
CA ALA E 929 -45.00 10.26 -14.70
C ALA E 929 -44.58 10.46 -13.24
N LEU E 930 -44.49 9.37 -12.47
CA LEU E 930 -44.10 9.44 -11.07
C LEU E 930 -42.60 9.34 -10.86
N LEU E 931 -41.83 8.94 -11.89
CA LEU E 931 -40.39 8.75 -11.72
C LEU E 931 -39.63 10.01 -11.37
N PRO E 932 -39.78 11.14 -12.09
CA PRO E 932 -38.98 12.33 -11.71
C PRO E 932 -39.25 12.82 -10.31
N GLY E 933 -40.52 12.80 -9.86
CA GLY E 933 -40.81 13.21 -8.50
C GLY E 933 -40.35 12.22 -7.46
N GLU E 934 -40.42 10.92 -7.76
CA GLU E 934 -39.98 9.91 -6.80
C GLU E 934 -38.47 9.94 -6.60
N ILE E 935 -37.71 10.24 -7.66
CA ILE E 935 -36.26 10.35 -7.54
C ILE E 935 -35.87 11.52 -6.64
N SER E 936 -36.62 12.62 -6.70
CA SER E 936 -36.32 13.77 -5.86
C SER E 936 -36.51 13.47 -4.38
N GLN E 937 -37.43 12.57 -4.04
CA GLN E 937 -37.73 12.26 -2.64
C GLN E 937 -36.84 11.17 -2.05
N ALA E 938 -35.87 10.66 -2.82
CA ALA E 938 -35.01 9.58 -2.36
C ALA E 938 -33.56 10.05 -2.30
N SER E 939 -32.74 9.26 -1.61
CA SER E 939 -31.31 9.53 -1.51
C SER E 939 -30.61 8.25 -1.11
N GLY E 940 -29.32 8.18 -1.43
CA GLY E 940 -28.53 7.01 -1.06
C GLY E 940 -28.85 5.81 -1.92
N GLU E 941 -28.95 4.65 -1.27
CA GLU E 941 -29.20 3.39 -1.98
C GLU E 941 -30.63 3.31 -2.52
N VAL E 942 -31.60 3.93 -1.83
CA VAL E 942 -32.98 3.89 -2.31
C VAL E 942 -33.12 4.66 -3.62
N LYS E 943 -32.43 5.79 -3.74
CA LYS E 943 -32.47 6.59 -4.97
C LYS E 943 -31.86 5.83 -6.14
N ASP E 944 -30.84 5.03 -5.90
CA ASP E 944 -30.19 4.29 -6.98
C ASP E 944 -31.12 3.27 -7.62
N LEU E 945 -31.99 2.64 -6.82
CA LEU E 945 -32.95 1.68 -7.37
C LEU E 945 -33.95 2.37 -8.29
N LEU E 946 -34.34 3.61 -7.98
CA LEU E 946 -35.25 4.35 -8.86
C LEU E 946 -34.57 4.77 -10.15
N LEU E 947 -33.27 5.08 -10.10
CA LEU E 947 -32.53 5.43 -11.31
C LEU E 947 -32.45 4.24 -12.25
N ASP E 948 -32.51 3.02 -11.72
CA ASP E 948 -32.51 1.84 -12.57
C ASP E 948 -33.83 1.67 -13.31
N ILE E 949 -34.94 2.12 -12.72
CA ILE E 949 -36.23 2.09 -13.41
C ILE E 949 -36.23 3.05 -14.60
N ASP E 950 -35.68 4.25 -14.41
CA ASP E 950 -35.63 5.22 -15.50
C ASP E 950 -34.71 4.75 -16.63
N ARG E 951 -33.66 4.00 -16.31
CA ARG E 951 -32.77 3.49 -17.34
C ARG E 951 -33.49 2.47 -18.21
N GLN E 952 -34.49 1.78 -17.68
CA GLN E 952 -35.20 0.73 -18.41
C GLN E 952 -36.63 1.13 -18.73
N LYS E 953 -36.97 2.42 -18.62
CA LYS E 953 -38.34 2.86 -18.84
C LYS E 953 -38.79 2.62 -20.28
N ASP E 954 -37.85 2.42 -21.19
CA ASP E 954 -38.13 2.12 -22.59
C ASP E 954 -38.65 0.72 -22.80
N TYR E 955 -38.87 -0.05 -21.73
CA TYR E 955 -39.45 -1.38 -21.84
C TYR E 955 -40.74 -1.53 -21.05
N LEU E 956 -41.27 -0.43 -20.49
CA LEU E 956 -42.54 -0.47 -19.79
C LEU E 956 -43.67 -0.85 -20.74
N THR E 957 -43.77 -0.14 -21.88
CA THR E 957 -44.76 -0.48 -22.88
C THR E 957 -44.35 -1.76 -23.59
N LYS E 958 -45.26 -2.73 -23.65
CA LYS E 958 -44.94 -3.97 -24.34
C LYS E 958 -44.70 -3.71 -25.81
N LYS E 959 -43.70 -4.37 -26.36
CA LYS E 959 -43.33 -4.19 -27.75
C LYS E 959 -44.09 -5.19 -28.63
N SER E 960 -44.12 -4.88 -29.93
CA SER E 960 -44.79 -5.72 -30.92
C SER E 960 -43.79 -6.01 -32.04
N ILE E 961 -43.23 -7.22 -32.05
CA ILE E 961 -42.21 -7.59 -33.03
C ILE E 961 -42.90 -7.98 -34.34
N TRP E 962 -42.47 -7.37 -35.43
CA TRP E 962 -43.02 -7.62 -36.76
C TRP E 962 -41.93 -8.11 -37.70
N ILE E 963 -42.17 -9.23 -38.35
CA ILE E 963 -41.22 -9.81 -39.30
C ILE E 963 -41.78 -9.60 -40.70
N ILE E 964 -41.22 -8.62 -41.43
CA ILE E 964 -41.73 -8.20 -42.73
C ILE E 964 -40.74 -8.65 -43.80
N GLY E 965 -41.27 -9.21 -44.89
CA GLY E 965 -40.43 -9.71 -45.97
C GLY E 965 -41.26 -10.05 -47.19
N GLY E 966 -40.56 -10.37 -48.28
CA GLY E 966 -41.22 -10.68 -49.53
C GLY E 966 -41.59 -12.15 -49.64
N ASP E 967 -42.26 -12.48 -50.75
CA ASP E 967 -42.68 -13.87 -50.95
C ASP E 967 -41.51 -14.79 -51.25
N GLY E 968 -40.48 -14.29 -51.93
CA GLY E 968 -39.30 -15.11 -52.19
C GLY E 968 -38.61 -15.53 -50.91
N TRP E 969 -38.57 -14.63 -49.92
CA TRP E 969 -38.01 -15.00 -48.63
C TRP E 969 -38.88 -16.03 -47.92
N ALA E 970 -40.19 -15.76 -47.85
CA ALA E 970 -41.08 -16.59 -47.05
C ALA E 970 -41.33 -17.95 -47.70
N TYR E 971 -41.39 -18.00 -49.03
CA TYR E 971 -41.69 -19.25 -49.71
C TYR E 971 -40.46 -20.07 -50.08
N ASP E 972 -39.28 -19.43 -50.18
CA ASP E 972 -38.10 -20.12 -50.67
C ASP E 972 -36.95 -20.16 -49.67
N ILE E 973 -36.07 -19.16 -49.71
CA ILE E 973 -34.78 -19.26 -49.04
C ILE E 973 -34.95 -19.22 -47.52
N GLY E 974 -35.86 -18.39 -47.02
CA GLY E 974 -36.07 -18.25 -45.59
C GLY E 974 -37.24 -19.04 -45.05
N TYR E 975 -37.80 -19.96 -45.83
CA TYR E 975 -38.97 -20.71 -45.39
C TYR E 975 -38.64 -21.63 -44.22
N GLY E 976 -37.50 -22.32 -44.29
CA GLY E 976 -37.10 -23.20 -43.20
C GLY E 976 -36.99 -22.47 -41.87
N GLY E 977 -36.47 -21.25 -41.89
CA GLY E 977 -36.42 -20.46 -40.67
C GLY E 977 -37.78 -19.95 -40.24
N LEU E 978 -38.62 -19.57 -41.21
CA LEU E 978 -39.97 -19.12 -40.88
C LEU E 978 -40.77 -20.26 -40.26
N ASP E 979 -40.65 -21.45 -40.84
CA ASP E 979 -41.32 -22.64 -40.29
C ASP E 979 -40.90 -22.88 -38.85
N HIS E 980 -39.61 -22.75 -38.56
CA HIS E 980 -39.13 -22.99 -37.20
C HIS E 980 -39.62 -21.92 -36.24
N VAL E 981 -39.61 -20.65 -36.67
CA VAL E 981 -40.05 -19.58 -35.79
C VAL E 981 -41.55 -19.68 -35.50
N LEU E 982 -42.33 -20.09 -36.50
CA LEU E 982 -43.77 -20.27 -36.29
C LEU E 982 -44.05 -21.41 -35.33
N ALA E 983 -43.33 -22.53 -35.47
CA ALA E 983 -43.54 -23.67 -34.57
C ALA E 983 -43.11 -23.38 -33.14
N SER E 984 -42.22 -22.41 -32.94
CA SER E 984 -41.73 -22.14 -31.59
C SER E 984 -42.84 -21.60 -30.70
N GLY E 985 -43.77 -20.84 -31.26
CA GLY E 985 -44.84 -20.26 -30.49
C GLY E 985 -44.57 -18.88 -29.93
N ALA E 986 -43.45 -18.25 -30.31
CA ALA E 986 -43.13 -16.93 -29.77
C ALA E 986 -44.16 -15.90 -30.24
N ASN E 987 -44.29 -14.83 -29.46
CA ASN E 987 -45.24 -13.75 -29.76
C ASN E 987 -44.61 -12.86 -30.82
N VAL E 988 -44.64 -13.33 -32.07
CA VAL E 988 -44.14 -12.59 -33.22
C VAL E 988 -45.25 -12.49 -34.26
N ASN E 989 -45.14 -11.46 -35.10
CA ASN E 989 -46.12 -11.20 -36.16
C ASN E 989 -45.37 -11.16 -37.49
N VAL E 990 -45.65 -12.12 -38.36
CA VAL E 990 -44.98 -12.23 -39.66
C VAL E 990 -45.90 -11.68 -40.75
N LEU E 991 -45.39 -10.72 -41.53
CA LEU E 991 -46.13 -10.12 -42.63
C LEU E 991 -45.40 -10.41 -43.93
N VAL E 992 -46.00 -11.26 -44.76
CA VAL E 992 -45.44 -11.64 -46.05
C VAL E 992 -46.11 -10.80 -47.13
N LEU E 993 -45.33 -9.93 -47.78
CA LEU E 993 -45.81 -9.14 -48.90
C LEU E 993 -45.63 -9.97 -50.16
N ASP E 994 -46.68 -10.68 -50.54
CA ASP E 994 -46.62 -11.67 -51.62
C ASP E 994 -46.80 -10.93 -52.95
N THR E 995 -45.70 -10.76 -53.69
CA THR E 995 -45.76 -10.24 -55.04
C THR E 995 -45.66 -11.34 -56.09
N GLU E 996 -45.58 -12.59 -55.67
CA GLU E 996 -45.54 -13.77 -56.53
C GLU E 996 -44.32 -13.81 -57.45
N VAL E 997 -43.33 -12.94 -57.22
CA VAL E 997 -42.08 -12.89 -57.98
C VAL E 997 -41.00 -12.29 -57.08
N TYR E 998 -39.75 -12.35 -57.54
CA TYR E 998 -38.66 -11.62 -56.91
C TYR E 998 -38.64 -10.24 -57.52
N SER E 999 -39.35 -9.31 -56.89
CA SER E 999 -39.62 -8.02 -57.52
C SER E 999 -38.35 -7.18 -57.67
N ASN E 1000 -37.52 -7.13 -56.63
CA ASN E 1000 -36.37 -6.22 -56.65
C ASN E 1000 -35.39 -6.57 -57.75
N THR E 1001 -35.08 -7.85 -57.90
CA THR E 1001 -34.05 -8.29 -58.83
C THR E 1001 -34.54 -8.41 -60.27
N GLY E 1002 -35.72 -7.89 -60.58
CA GLY E 1002 -36.19 -7.81 -61.94
C GLY E 1002 -37.42 -8.65 -62.25
N GLY E 1003 -37.85 -9.50 -61.33
CA GLY E 1003 -39.07 -10.25 -61.54
C GLY E 1003 -38.82 -11.70 -61.90
N GLN E 1004 -38.14 -12.42 -61.01
CA GLN E 1004 -37.79 -13.81 -61.26
C GLN E 1004 -38.78 -14.75 -60.58
N SER E 1005 -38.75 -16.01 -60.99
CA SER E 1005 -39.70 -17.01 -60.54
C SER E 1005 -39.53 -17.33 -59.05
N SER E 1006 -40.64 -17.72 -58.43
CA SER E 1006 -40.70 -18.07 -57.02
C SER E 1006 -41.66 -19.23 -56.85
N LYS E 1007 -41.69 -19.83 -55.66
CA LYS E 1007 -42.73 -20.80 -55.36
C LYS E 1007 -44.10 -20.16 -55.21
N ALA E 1008 -44.14 -18.85 -54.97
CA ALA E 1008 -45.40 -18.12 -54.90
C ALA E 1008 -45.96 -17.80 -56.29
N THR E 1009 -45.19 -18.06 -57.34
CA THR E 1009 -45.68 -17.86 -58.70
C THR E 1009 -46.75 -18.91 -59.03
N GLN E 1010 -47.83 -18.44 -59.65
CA GLN E 1010 -48.96 -19.30 -59.98
C GLN E 1010 -48.67 -20.10 -61.25
N THR E 1011 -49.58 -21.04 -61.55
CA THR E 1011 -49.45 -21.83 -62.77
C THR E 1011 -49.62 -20.93 -63.99
N GLY E 1012 -48.75 -21.14 -64.98
CA GLY E 1012 -48.85 -20.43 -66.24
C GLY E 1012 -48.27 -19.04 -66.26
N ALA E 1013 -47.95 -18.47 -65.09
CA ALA E 1013 -47.36 -17.14 -65.06
C ALA E 1013 -45.95 -17.18 -65.62
N VAL E 1014 -45.62 -16.20 -66.46
CA VAL E 1014 -44.30 -16.09 -67.06
C VAL E 1014 -43.52 -15.02 -66.31
N ALA E 1015 -42.35 -15.40 -65.81
CA ALA E 1015 -41.43 -14.47 -65.19
C ALA E 1015 -40.03 -14.93 -65.55
N ARG E 1016 -39.02 -14.16 -65.12
CA ARG E 1016 -37.64 -14.54 -65.39
C ARG E 1016 -37.33 -15.85 -64.67
N PHE E 1017 -36.59 -16.72 -65.35
CA PHE E 1017 -36.39 -18.13 -65.00
C PHE E 1017 -37.60 -18.99 -65.29
N ALA E 1018 -38.63 -18.43 -65.94
CA ALA E 1018 -39.82 -19.17 -66.34
C ALA E 1018 -40.30 -18.65 -67.69
N ALA E 1019 -39.43 -18.74 -68.70
CA ALA E 1019 -39.76 -18.21 -70.02
C ALA E 1019 -40.91 -18.98 -70.66
N GLY E 1020 -40.96 -20.29 -70.46
CA GLY E 1020 -42.03 -21.13 -70.97
C GLY E 1020 -43.22 -21.26 -70.06
N GLY E 1021 -43.30 -20.48 -68.98
CA GLY E 1021 -44.41 -20.54 -68.05
C GLY E 1021 -44.21 -21.56 -66.95
N LYS E 1022 -44.71 -21.27 -65.75
CA LYS E 1022 -44.61 -22.19 -64.62
C LYS E 1022 -45.70 -23.24 -64.72
N PHE E 1023 -45.32 -24.52 -64.68
CA PHE E 1023 -46.30 -25.60 -64.76
C PHE E 1023 -46.89 -25.91 -63.38
N THR E 1024 -46.04 -26.12 -62.38
CA THR E 1024 -46.51 -26.43 -61.05
C THR E 1024 -47.24 -25.25 -60.45
N LYS E 1025 -48.19 -25.55 -59.56
CA LYS E 1025 -49.04 -24.52 -58.98
C LYS E 1025 -48.32 -23.78 -57.86
N LYS E 1026 -48.96 -22.72 -57.37
CA LYS E 1026 -48.42 -21.90 -56.29
C LYS E 1026 -48.41 -22.72 -55.00
N LYS E 1027 -47.29 -22.66 -54.28
CA LYS E 1027 -47.20 -23.30 -52.98
C LYS E 1027 -48.11 -22.59 -51.98
N ASP E 1028 -48.87 -23.36 -51.20
CA ASP E 1028 -49.84 -22.78 -50.26
C ASP E 1028 -49.16 -22.57 -48.92
N LEU E 1029 -48.58 -21.38 -48.73
CA LEU E 1029 -47.90 -21.09 -47.47
C LEU E 1029 -48.88 -21.05 -46.32
N GLY E 1030 -50.06 -20.46 -46.54
CA GLY E 1030 -51.04 -20.38 -45.46
C GLY E 1030 -51.53 -21.74 -45.02
N LEU E 1031 -51.67 -22.68 -45.96
CA LEU E 1031 -52.20 -24.00 -45.62
C LEU E 1031 -51.21 -24.79 -44.76
N MET E 1032 -49.91 -24.67 -45.03
CA MET E 1032 -48.93 -25.39 -44.23
C MET E 1032 -48.81 -24.81 -42.83
N ALA E 1033 -48.96 -23.49 -42.69
CA ALA E 1033 -48.91 -22.88 -41.36
C ALA E 1033 -50.13 -23.24 -40.52
N MET E 1034 -51.25 -23.56 -41.17
CA MET E 1034 -52.44 -23.95 -40.42
C MET E 1034 -52.29 -25.32 -39.78
N SER E 1035 -51.36 -26.15 -40.27
CA SER E 1035 -51.21 -27.49 -39.73
C SER E 1035 -50.71 -27.50 -38.29
N TYR E 1036 -50.08 -26.42 -37.82
CA TYR E 1036 -49.67 -26.35 -36.43
C TYR E 1036 -50.86 -26.18 -35.50
N GLY E 1037 -51.89 -25.45 -35.94
CA GLY E 1037 -53.08 -25.22 -35.15
C GLY E 1037 -53.01 -24.03 -34.21
N TYR E 1038 -51.82 -23.68 -33.73
CA TYR E 1038 -51.63 -22.56 -32.82
C TYR E 1038 -51.03 -21.34 -33.50
N VAL E 1039 -50.98 -21.32 -34.83
CA VAL E 1039 -50.44 -20.21 -35.60
C VAL E 1039 -51.61 -19.48 -36.25
N TYR E 1040 -51.72 -18.18 -35.99
CA TYR E 1040 -52.74 -17.36 -36.65
C TYR E 1040 -52.31 -17.11 -38.09
N VAL E 1041 -53.15 -17.50 -39.04
CA VAL E 1041 -52.88 -17.34 -40.46
C VAL E 1041 -54.04 -16.59 -41.11
N ALA E 1042 -53.72 -15.64 -41.97
CA ALA E 1042 -54.74 -14.87 -42.66
C ALA E 1042 -54.22 -14.51 -44.05
N SER E 1043 -55.14 -14.52 -45.01
CA SER E 1043 -54.86 -14.11 -46.38
C SER E 1043 -55.69 -12.85 -46.65
N VAL E 1044 -55.02 -11.75 -46.99
CA VAL E 1044 -55.67 -10.46 -47.10
C VAL E 1044 -55.36 -9.82 -48.44
N ALA E 1045 -56.19 -8.84 -48.80
CA ALA E 1045 -55.99 -8.07 -50.02
C ALA E 1045 -56.71 -6.74 -49.82
N MET E 1046 -55.95 -5.65 -49.72
CA MET E 1046 -56.53 -4.36 -49.39
C MET E 1046 -57.47 -3.89 -50.51
N GLY E 1047 -57.09 -4.13 -51.76
CA GLY E 1047 -57.93 -3.73 -52.88
C GLY E 1047 -59.28 -4.42 -52.92
N ALA E 1048 -59.39 -5.59 -52.31
CA ALA E 1048 -60.62 -6.36 -52.32
C ALA E 1048 -61.58 -5.95 -51.20
N SER E 1049 -61.07 -5.83 -49.97
CA SER E 1049 -61.92 -5.52 -48.83
C SER E 1049 -61.08 -4.76 -47.82
N HIS E 1050 -61.43 -3.48 -47.60
CA HIS E 1050 -60.72 -2.70 -46.60
C HIS E 1050 -61.02 -3.20 -45.19
N SER E 1051 -62.28 -3.58 -44.93
CA SER E 1051 -62.68 -3.99 -43.59
C SER E 1051 -62.07 -5.34 -43.20
N GLN E 1052 -61.89 -6.25 -44.15
CA GLN E 1052 -61.33 -7.56 -43.82
C GLN E 1052 -59.86 -7.45 -43.43
N LEU E 1053 -59.11 -6.53 -44.06
CA LEU E 1053 -57.71 -6.36 -43.70
C LEU E 1053 -57.56 -5.79 -42.30
N MET E 1054 -58.43 -4.86 -41.92
CA MET E 1054 -58.37 -4.31 -40.57
C MET E 1054 -58.62 -5.40 -39.53
N LYS E 1055 -59.59 -6.29 -39.79
CA LYS E 1055 -59.91 -7.34 -38.82
C LYS E 1055 -58.77 -8.32 -38.67
N ALA E 1056 -58.10 -8.67 -39.78
CA ALA E 1056 -57.02 -9.65 -39.71
C ALA E 1056 -55.79 -9.08 -39.02
N LEU E 1057 -55.47 -7.80 -39.28
CA LEU E 1057 -54.28 -7.20 -38.68
C LEU E 1057 -54.42 -7.06 -37.18
N ILE E 1058 -55.59 -6.63 -36.71
CA ILE E 1058 -55.78 -6.42 -35.27
C ILE E 1058 -55.85 -7.76 -34.54
N GLU E 1059 -56.51 -8.76 -35.13
CA GLU E 1059 -56.58 -10.07 -34.50
C GLU E 1059 -55.20 -10.72 -34.44
N ALA E 1060 -54.38 -10.52 -35.47
CA ALA E 1060 -53.07 -11.16 -35.50
C ALA E 1060 -52.13 -10.58 -34.46
N GLU E 1061 -52.19 -9.26 -34.25
CA GLU E 1061 -51.28 -8.63 -33.30
C GLU E 1061 -51.67 -8.96 -31.88
N LYS E 1062 -52.96 -8.98 -31.57
CA LYS E 1062 -53.41 -9.25 -30.21
C LYS E 1062 -53.22 -10.71 -29.80
N TYR E 1063 -53.18 -11.62 -30.76
CA TYR E 1063 -53.00 -13.04 -30.44
C TYR E 1063 -51.62 -13.25 -29.82
N ASP E 1064 -51.60 -13.80 -28.60
CA ASP E 1064 -50.34 -14.04 -27.88
C ASP E 1064 -49.69 -15.31 -28.43
N GLY E 1065 -49.12 -15.15 -29.62
CA GLY E 1065 -48.50 -16.26 -30.32
C GLY E 1065 -48.12 -15.87 -31.74
N PRO E 1066 -47.72 -16.85 -32.54
CA PRO E 1066 -47.28 -16.54 -33.91
C PRO E 1066 -48.46 -16.20 -34.80
N SER E 1067 -48.29 -15.16 -35.60
CA SER E 1067 -49.28 -14.69 -36.54
C SER E 1067 -48.62 -14.50 -37.92
N LEU E 1068 -49.33 -14.93 -38.96
CA LEU E 1068 -48.83 -14.87 -40.33
C LEU E 1068 -49.87 -14.19 -41.20
N ILE E 1069 -49.50 -13.05 -41.79
CA ILE E 1069 -50.38 -12.28 -42.66
C ILE E 1069 -49.80 -12.33 -44.07
N ILE E 1070 -50.51 -13.00 -44.97
CA ILE E 1070 -50.13 -13.09 -46.37
C ILE E 1070 -50.98 -12.11 -47.16
N ALA E 1071 -50.36 -11.02 -47.62
CA ALA E 1071 -51.04 -9.94 -48.32
C ALA E 1071 -50.66 -9.97 -49.79
N TYR E 1072 -51.68 -9.91 -50.66
CA TYR E 1072 -51.44 -9.84 -52.09
C TYR E 1072 -51.01 -8.41 -52.44
N ALA E 1073 -49.83 -8.27 -53.04
CA ALA E 1073 -49.28 -6.96 -53.37
C ALA E 1073 -49.05 -6.87 -54.88
N PRO E 1074 -49.91 -6.18 -55.62
CA PRO E 1074 -49.66 -6.00 -57.06
C PRO E 1074 -48.35 -5.27 -57.28
N CYS E 1075 -47.69 -5.60 -58.39
CA CYS E 1075 -46.36 -5.10 -58.67
C CYS E 1075 -46.25 -4.76 -60.16
N ILE E 1076 -45.27 -3.91 -60.47
CA ILE E 1076 -45.08 -3.51 -61.86
C ILE E 1076 -44.67 -4.71 -62.70
N ASN E 1077 -44.03 -5.71 -62.08
CA ASN E 1077 -43.62 -6.91 -62.79
C ASN E 1077 -44.79 -7.79 -63.23
N HIS E 1078 -46.01 -7.52 -62.76
CA HIS E 1078 -47.17 -8.24 -63.27
C HIS E 1078 -47.54 -7.79 -64.69
N GLY E 1079 -47.17 -6.57 -65.05
CA GLY E 1079 -47.53 -6.02 -66.35
C GLY E 1079 -48.94 -5.46 -66.37
N ILE E 1080 -49.20 -4.48 -65.51
CA ILE E 1080 -50.51 -3.85 -65.41
C ILE E 1080 -50.32 -2.34 -65.28
N ASN E 1081 -51.42 -1.61 -65.45
CA ASN E 1081 -51.42 -0.17 -65.23
C ASN E 1081 -51.41 0.06 -63.71
N MET E 1082 -50.31 0.61 -63.21
CA MET E 1082 -50.17 0.82 -61.77
C MET E 1082 -51.11 1.88 -61.23
N THR E 1083 -51.73 2.68 -62.10
CA THR E 1083 -52.76 3.60 -61.65
C THR E 1083 -53.92 2.86 -61.00
N TYR E 1084 -54.25 1.68 -61.52
CA TYR E 1084 -55.34 0.86 -60.98
C TYR E 1084 -54.80 -0.36 -60.24
N SER E 1085 -53.79 -0.17 -59.39
CA SER E 1085 -53.25 -1.28 -58.60
C SER E 1085 -54.25 -1.77 -57.56
N GLN E 1086 -54.93 -0.84 -56.89
CA GLN E 1086 -55.95 -1.24 -55.93
C GLN E 1086 -57.07 -1.99 -56.62
N ARG E 1087 -57.46 -1.56 -57.82
CA ARG E 1087 -58.50 -2.25 -58.57
C ARG E 1087 -58.05 -3.65 -58.97
N GLU E 1088 -56.76 -3.85 -59.22
CA GLU E 1088 -56.28 -5.18 -59.61
C GLU E 1088 -56.37 -6.17 -58.46
N ALA E 1089 -56.24 -5.71 -57.21
CA ALA E 1089 -56.42 -6.58 -56.06
C ALA E 1089 -57.89 -6.95 -55.86
N LYS E 1090 -58.81 -6.05 -56.19
CA LYS E 1090 -60.23 -6.41 -56.13
C LYS E 1090 -60.59 -7.45 -57.17
N LYS E 1091 -60.08 -7.30 -58.39
CA LYS E 1091 -60.35 -8.29 -59.44
C LYS E 1091 -59.73 -9.64 -59.12
N ALA E 1092 -58.62 -9.65 -58.37
CA ALA E 1092 -57.97 -10.91 -58.03
C ALA E 1092 -58.84 -11.73 -57.07
N VAL E 1093 -59.41 -11.09 -56.07
CA VAL E 1093 -60.27 -11.82 -55.14
C VAL E 1093 -61.63 -12.10 -55.77
N GLU E 1094 -62.14 -11.14 -56.55
CA GLU E 1094 -63.46 -11.30 -57.17
C GLU E 1094 -63.48 -12.38 -58.24
N ALA E 1095 -62.32 -12.76 -58.78
CA ALA E 1095 -62.23 -13.82 -59.78
C ALA E 1095 -61.85 -15.17 -59.19
N GLY E 1096 -61.77 -15.28 -57.86
CA GLY E 1096 -61.34 -16.50 -57.23
C GLY E 1096 -59.86 -16.78 -57.32
N TYR E 1097 -59.06 -15.78 -57.68
CA TYR E 1097 -57.62 -15.94 -57.84
C TYR E 1097 -56.88 -15.84 -56.51
N TRP E 1098 -57.36 -15.00 -55.59
CA TRP E 1098 -56.72 -14.79 -54.31
C TRP E 1098 -57.74 -14.92 -53.19
N PRO E 1099 -57.50 -15.77 -52.20
CA PRO E 1099 -58.48 -16.00 -51.14
C PRO E 1099 -58.36 -14.98 -50.00
N LEU E 1100 -59.47 -14.82 -49.29
CA LEU E 1100 -59.53 -14.00 -48.08
C LEU E 1100 -60.04 -14.89 -46.96
N TYR E 1101 -59.17 -15.21 -46.00
CA TYR E 1101 -59.58 -16.03 -44.87
C TYR E 1101 -58.84 -15.60 -43.61
N ARG E 1102 -59.31 -16.11 -42.48
CA ARG E 1102 -58.70 -15.85 -41.17
C ARG E 1102 -58.82 -17.13 -40.35
N TYR E 1103 -57.68 -17.66 -39.93
CA TYR E 1103 -57.61 -18.86 -39.09
C TYR E 1103 -57.19 -18.40 -37.70
N ASN E 1104 -58.14 -18.40 -36.77
CA ASN E 1104 -57.89 -17.90 -35.42
C ASN E 1104 -57.81 -19.07 -34.45
N PRO E 1105 -56.61 -19.42 -33.97
CA PRO E 1105 -56.51 -20.53 -33.00
C PRO E 1105 -57.25 -20.31 -31.70
N GLN E 1106 -57.46 -19.05 -31.29
CA GLN E 1106 -58.18 -18.79 -30.05
C GLN E 1106 -59.63 -19.22 -30.15
N LEU E 1107 -60.19 -19.23 -31.37
CA LEU E 1107 -61.55 -19.74 -31.57
C LEU E 1107 -61.63 -21.23 -31.31
N ALA E 1108 -60.52 -21.96 -31.47
CA ALA E 1108 -60.52 -23.39 -31.17
C ALA E 1108 -60.66 -23.65 -29.67
N GLN E 1109 -60.05 -22.79 -28.84
CA GLN E 1109 -60.20 -22.95 -27.39
C GLN E 1109 -61.62 -22.66 -26.92
N GLU E 1110 -62.38 -21.87 -27.66
CA GLU E 1110 -63.77 -21.59 -27.33
C GLU E 1110 -64.76 -22.56 -27.96
N GLY E 1111 -64.26 -23.66 -28.53
CA GLY E 1111 -65.12 -24.67 -29.12
C GLY E 1111 -65.66 -24.36 -30.49
N LYS E 1112 -65.24 -23.27 -31.12
CA LYS E 1112 -65.73 -22.85 -32.42
C LYS E 1112 -64.76 -23.26 -33.52
N ASN E 1113 -65.19 -23.06 -34.76
CA ASN E 1113 -64.36 -23.36 -35.92
C ASN E 1113 -63.31 -22.27 -36.09
N PRO E 1114 -62.01 -22.62 -36.12
CA PRO E 1114 -61.00 -21.57 -36.28
C PRO E 1114 -60.97 -20.96 -37.68
N PHE E 1115 -61.42 -21.69 -38.69
CA PHE E 1115 -61.31 -21.24 -40.07
C PHE E 1115 -62.54 -20.43 -40.47
N ILE E 1116 -62.32 -19.20 -40.91
CA ILE E 1116 -63.37 -18.32 -41.41
C ILE E 1116 -63.01 -17.92 -42.83
N LEU E 1117 -63.87 -18.25 -43.78
CA LEU E 1117 -63.70 -17.87 -45.17
C LEU E 1117 -64.42 -16.54 -45.39
N ASP E 1118 -63.65 -15.47 -45.61
CA ASP E 1118 -64.21 -14.13 -45.69
C ASP E 1118 -64.79 -13.79 -47.07
N TYR E 1119 -64.48 -14.57 -48.09
CA TYR E 1119 -65.03 -14.38 -49.42
C TYR E 1119 -65.32 -15.77 -49.99
N LYS E 1120 -66.61 -16.13 -50.03
CA LYS E 1120 -67.04 -17.47 -50.38
C LYS E 1120 -67.35 -17.62 -51.86
N THR E 1121 -68.07 -16.67 -52.44
CA THR E 1121 -68.53 -16.80 -53.83
C THR E 1121 -67.87 -15.77 -54.72
N PRO E 1122 -66.99 -16.17 -55.64
CA PRO E 1122 -66.41 -15.20 -56.59
C PRO E 1122 -67.40 -14.85 -57.69
N THR E 1123 -67.30 -13.60 -58.16
CA THR E 1123 -68.24 -13.07 -59.13
C THR E 1123 -67.62 -12.75 -60.49
N ALA E 1124 -66.29 -12.71 -60.58
CA ALA E 1124 -65.62 -12.35 -61.82
C ALA E 1124 -65.08 -13.59 -62.51
N SER E 1125 -64.76 -13.44 -63.80
CA SER E 1125 -64.23 -14.53 -64.59
C SER E 1125 -62.75 -14.72 -64.30
N PHE E 1126 -62.34 -15.99 -64.15
CA PHE E 1126 -60.96 -16.27 -63.80
C PHE E 1126 -60.02 -15.99 -64.98
N ARG E 1127 -60.38 -16.48 -66.17
CA ARG E 1127 -59.49 -16.28 -67.32
C ARG E 1127 -59.44 -14.83 -67.75
N ASP E 1128 -60.51 -14.06 -67.54
CA ASP E 1128 -60.49 -12.65 -67.90
C ASP E 1128 -59.52 -11.87 -67.03
N PHE E 1129 -59.31 -12.30 -65.77
CA PHE E 1129 -58.35 -11.63 -64.91
C PHE E 1129 -56.92 -11.87 -65.38
N LEU E 1130 -56.62 -13.08 -65.87
CA LEU E 1130 -55.27 -13.38 -66.34
C LEU E 1130 -54.92 -12.56 -67.57
N MET E 1131 -55.89 -12.35 -68.47
CA MET E 1131 -55.66 -11.57 -69.69
C MET E 1131 -55.50 -10.08 -69.42
N GLY E 1132 -55.80 -9.62 -68.21
CA GLY E 1132 -55.62 -8.23 -67.82
C GLY E 1132 -54.24 -7.91 -67.30
N GLU E 1133 -53.33 -8.89 -67.32
CA GLU E 1133 -51.96 -8.73 -66.86
C GLU E 1133 -50.99 -9.29 -67.91
N ILE E 1134 -49.91 -8.54 -68.17
CA ILE E 1134 -48.98 -8.91 -69.22
C ILE E 1134 -48.28 -10.22 -68.90
N ARG E 1135 -48.07 -10.51 -67.61
CA ARG E 1135 -47.34 -11.71 -67.21
C ARG E 1135 -48.05 -13.00 -67.63
N TYR E 1136 -49.31 -12.93 -68.05
CA TYR E 1136 -50.01 -14.09 -68.57
C TYR E 1136 -50.27 -14.01 -70.06
N THR E 1137 -50.45 -12.79 -70.59
CA THR E 1137 -50.68 -12.65 -72.02
C THR E 1137 -49.42 -12.90 -72.83
N SER E 1138 -48.25 -12.64 -72.23
CA SER E 1138 -47.00 -12.91 -72.93
C SER E 1138 -46.77 -14.40 -73.14
N LEU E 1139 -47.41 -15.25 -72.32
CA LEU E 1139 -47.34 -16.68 -72.57
C LEU E 1139 -48.12 -17.07 -73.80
N LYS E 1140 -49.22 -16.37 -74.09
CA LYS E 1140 -50.04 -16.69 -75.26
C LYS E 1140 -49.31 -16.38 -76.56
N LYS E 1141 -48.36 -15.43 -76.52
CA LYS E 1141 -47.58 -15.11 -77.72
C LYS E 1141 -46.41 -16.06 -77.93
N GLN E 1142 -45.80 -16.55 -76.85
CA GLN E 1142 -44.65 -17.45 -76.92
C GLN E 1142 -45.04 -18.92 -77.14
N PHE E 1143 -46.10 -19.39 -76.50
CA PHE E 1143 -46.55 -20.77 -76.65
C PHE E 1143 -48.07 -20.78 -76.66
N PRO E 1144 -48.68 -20.51 -77.83
CA PRO E 1144 -50.15 -20.45 -77.88
C PRO E 1144 -50.84 -21.74 -77.48
N GLU E 1145 -50.34 -22.88 -77.95
CA GLU E 1145 -50.91 -24.16 -77.54
C GLU E 1145 -50.66 -24.44 -76.06
N LYS E 1146 -49.46 -24.12 -75.56
CA LYS E 1146 -49.14 -24.39 -74.16
C LYS E 1146 -49.72 -23.36 -73.20
N ALA E 1147 -50.07 -22.17 -73.69
CA ALA E 1147 -50.64 -21.15 -72.81
C ALA E 1147 -52.05 -21.51 -72.38
N GLU E 1148 -52.88 -21.93 -73.35
CA GLU E 1148 -54.25 -22.32 -73.03
C GLU E 1148 -54.30 -23.58 -72.17
N GLN E 1149 -53.32 -24.47 -72.32
CA GLN E 1149 -53.27 -25.64 -71.44
C GLN E 1149 -52.96 -25.24 -70.02
N LEU E 1150 -52.06 -24.26 -69.84
CA LEU E 1150 -51.72 -23.80 -68.50
C LEU E 1150 -52.81 -22.92 -67.91
N PHE E 1151 -53.49 -22.12 -68.74
CA PHE E 1151 -54.59 -21.31 -68.22
C PHE E 1151 -55.73 -22.20 -67.72
N ALA E 1152 -55.96 -23.33 -68.39
CA ALA E 1152 -57.01 -24.25 -67.97
C ALA E 1152 -56.68 -24.91 -66.64
N LYS E 1153 -55.41 -25.27 -66.44
CA LYS E 1153 -55.00 -25.85 -65.16
C LYS E 1153 -55.10 -24.82 -64.04
N ALA E 1154 -54.78 -23.56 -64.34
CA ALA E 1154 -54.87 -22.52 -63.31
C ALA E 1154 -56.32 -22.28 -62.89
N GLU E 1155 -57.26 -22.33 -63.84
CA GLU E 1155 -58.65 -22.11 -63.49
C GLU E 1155 -59.24 -23.30 -62.76
N ALA E 1156 -58.82 -24.52 -63.13
CA ALA E 1156 -59.30 -25.70 -62.42
C ALA E 1156 -58.72 -25.76 -61.00
N ASP E 1157 -57.46 -25.33 -60.84
CA ASP E 1157 -56.84 -25.32 -59.52
C ASP E 1157 -57.46 -24.27 -58.60
N ALA E 1158 -57.88 -23.14 -59.16
CA ALA E 1158 -58.51 -22.11 -58.33
C ALA E 1158 -59.90 -22.54 -57.87
N LYS E 1159 -60.61 -23.30 -58.71
CA LYS E 1159 -61.93 -23.80 -58.31
C LYS E 1159 -61.82 -24.91 -57.28
N ALA E 1160 -60.83 -25.80 -57.43
CA ALA E 1160 -60.61 -26.85 -56.44
C ALA E 1160 -60.09 -26.30 -55.12
N ARG E 1161 -59.30 -25.22 -55.16
CA ARG E 1161 -58.80 -24.61 -53.94
C ARG E 1161 -59.92 -23.90 -53.18
N LEU E 1162 -60.84 -23.27 -53.92
CA LEU E 1162 -61.96 -22.59 -53.27
C LEU E 1162 -62.89 -23.59 -52.60
N GLU E 1163 -63.14 -24.74 -53.25
CA GLU E 1163 -63.97 -25.77 -52.64
C GLU E 1163 -63.31 -26.39 -51.40
N GLN E 1164 -61.98 -26.37 -51.35
CA GLN E 1164 -61.29 -26.87 -50.16
C GLN E 1164 -61.45 -25.91 -48.99
N TYR E 1165 -61.47 -24.60 -49.26
CA TYR E 1165 -61.72 -23.61 -48.21
C TYR E 1165 -63.17 -23.62 -47.77
N LYS E 1166 -64.09 -23.99 -48.67
CA LYS E 1166 -65.49 -24.12 -48.30
C LYS E 1166 -65.73 -25.29 -47.35
N LYS E 1167 -64.98 -26.38 -47.53
CA LYS E 1167 -65.14 -27.54 -46.65
C LYS E 1167 -64.58 -27.26 -45.25
N LEU E 1168 -63.47 -26.52 -45.17
CA LEU E 1168 -62.89 -26.21 -43.87
C LEU E 1168 -63.78 -25.28 -43.05
N ALA E 1169 -64.59 -24.45 -43.70
CA ALA E 1169 -65.44 -23.53 -42.96
C ALA E 1169 -66.72 -24.21 -42.45
N GLU E 1170 -67.23 -25.19 -43.20
CA GLU E 1170 -68.43 -25.95 -42.85
C GLU E 1170 -68.60 -26.24 -41.36
N PRO F 2 -11.67 -23.27 -6.65
CA PRO F 2 -11.54 -24.67 -6.27
C PRO F 2 -10.98 -25.51 -7.42
N LYS F 3 -10.55 -26.72 -7.13
CA LYS F 3 -10.01 -27.63 -8.14
C LYS F 3 -11.09 -28.64 -8.51
N GLN F 4 -11.34 -28.78 -9.82
CA GLN F 4 -12.28 -29.76 -10.34
C GLN F 4 -11.67 -30.43 -11.55
N THR F 5 -12.18 -31.62 -11.88
CA THR F 5 -11.77 -32.33 -13.08
C THR F 5 -12.85 -32.12 -14.13
N LEU F 6 -12.54 -31.32 -15.14
CA LEU F 6 -13.45 -31.00 -16.23
C LEU F 6 -12.74 -31.25 -17.56
N ASP F 7 -13.52 -31.13 -18.63
CA ASP F 7 -12.99 -31.12 -19.98
C ASP F 7 -13.11 -29.72 -20.58
N GLY F 8 -12.56 -29.56 -21.79
CA GLY F 8 -12.59 -28.27 -22.45
C GLY F 8 -14.01 -27.75 -22.62
N ASN F 9 -14.94 -28.63 -23.01
CA ASN F 9 -16.32 -28.20 -23.19
C ASN F 9 -16.90 -27.62 -21.90
N THR F 10 -16.72 -28.34 -20.79
CA THR F 10 -17.27 -27.88 -19.52
C THR F 10 -16.61 -26.59 -19.07
N ALA F 11 -15.29 -26.48 -19.25
CA ALA F 11 -14.62 -25.24 -18.88
C ALA F 11 -15.17 -24.06 -19.67
N ALA F 12 -15.40 -24.26 -20.96
CA ALA F 12 -15.92 -23.16 -21.78
C ALA F 12 -17.35 -22.81 -21.39
N ALA F 13 -18.22 -23.81 -21.27
CA ALA F 13 -19.61 -23.56 -20.93
C ALA F 13 -19.74 -22.91 -19.56
N HIS F 14 -18.85 -23.25 -18.63
CA HIS F 14 -18.87 -22.63 -17.31
C HIS F 14 -18.75 -21.11 -17.43
N VAL F 15 -17.79 -20.65 -18.23
CA VAL F 15 -17.59 -19.22 -18.40
C VAL F 15 -18.69 -18.64 -19.27
N ALA F 16 -19.08 -19.34 -20.33
CA ALA F 16 -20.11 -18.82 -21.22
C ALA F 16 -21.43 -18.61 -20.47
N TYR F 17 -21.79 -19.55 -19.59
CA TYR F 17 -23.05 -19.43 -18.86
C TYR F 17 -23.08 -18.19 -17.98
N ALA F 18 -21.97 -17.91 -17.29
CA ALA F 18 -21.96 -16.78 -16.36
C ALA F 18 -22.08 -15.45 -17.07
N MET F 19 -21.54 -15.33 -18.29
CA MET F 19 -21.38 -14.05 -18.94
C MET F 19 -22.48 -13.72 -19.95
N SER F 20 -23.45 -14.61 -20.16
CA SER F 20 -24.42 -14.45 -21.22
C SER F 20 -25.85 -14.52 -20.68
N GLU F 21 -26.75 -13.83 -21.36
CA GLU F 21 -28.18 -13.89 -21.06
C GLU F 21 -28.93 -14.87 -21.94
N VAL F 22 -28.57 -14.96 -23.21
CA VAL F 22 -29.21 -15.84 -24.18
C VAL F 22 -28.14 -16.72 -24.80
N ALA F 23 -28.51 -17.96 -25.11
CA ALA F 23 -27.60 -18.87 -25.79
C ALA F 23 -28.42 -19.64 -26.82
N THR F 24 -28.26 -19.29 -28.08
CA THR F 24 -28.93 -19.97 -29.17
C THR F 24 -27.98 -21.06 -29.68
N ILE F 25 -28.46 -22.30 -29.70
CA ILE F 25 -27.59 -23.45 -29.90
C ILE F 25 -28.17 -24.37 -30.97
N TYR F 26 -27.30 -25.23 -31.49
CA TYR F 26 -27.67 -26.27 -32.43
C TYR F 26 -26.60 -27.35 -32.31
N PRO F 27 -26.97 -28.62 -32.29
CA PRO F 27 -25.99 -29.66 -31.97
C PRO F 27 -25.05 -29.95 -33.12
N ILE F 28 -23.77 -30.07 -32.79
CA ILE F 28 -22.78 -30.59 -33.73
C ILE F 28 -21.56 -31.07 -32.95
N THR F 29 -21.17 -32.33 -33.20
CA THR F 29 -19.98 -32.86 -32.56
C THR F 29 -18.77 -32.05 -33.02
N PRO F 30 -17.81 -31.74 -32.14
CA PRO F 30 -17.79 -32.06 -30.71
C PRO F 30 -18.19 -30.87 -29.84
N SER F 31 -19.00 -29.96 -30.38
CA SER F 31 -19.42 -28.80 -29.59
C SER F 31 -20.72 -29.04 -28.85
N SER F 32 -21.48 -30.08 -29.20
CA SER F 32 -22.77 -30.30 -28.56
C SER F 32 -22.69 -30.52 -27.04
N PRO F 33 -21.68 -31.19 -26.48
CA PRO F 33 -21.60 -31.26 -25.01
C PRO F 33 -21.64 -29.90 -24.32
N MET F 34 -21.10 -28.85 -24.94
CA MET F 34 -21.17 -27.52 -24.35
C MET F 34 -22.62 -27.08 -24.20
N ALA F 35 -23.44 -27.28 -25.23
CA ALA F 35 -24.82 -26.88 -25.12
C ALA F 35 -25.62 -27.81 -24.21
N GLU F 36 -25.20 -29.07 -24.11
CA GLU F 36 -25.92 -30.02 -23.26
C GLU F 36 -25.81 -29.61 -21.80
N ILE F 37 -24.59 -29.31 -21.34
CA ILE F 37 -24.38 -28.97 -19.94
C ILE F 37 -24.95 -27.58 -19.65
N ALA F 38 -24.98 -26.69 -20.65
CA ALA F 38 -25.61 -25.39 -20.46
C ALA F 38 -27.12 -25.52 -20.29
N ASP F 39 -27.73 -26.49 -20.96
CA ASP F 39 -29.16 -26.70 -20.83
C ASP F 39 -29.53 -27.28 -19.46
N GLU F 40 -28.73 -28.23 -18.97
CA GLU F 40 -28.99 -28.82 -17.67
C GLU F 40 -28.88 -27.79 -16.55
N TRP F 41 -27.87 -26.92 -16.63
CA TRP F 41 -27.69 -25.89 -15.63
C TRP F 41 -28.88 -24.93 -15.58
N ALA F 42 -29.39 -24.54 -16.75
CA ALA F 42 -30.58 -23.68 -16.79
C ALA F 42 -31.79 -24.39 -16.23
N ALA F 43 -31.95 -25.68 -16.54
CA ALA F 43 -33.08 -26.45 -16.03
C ALA F 43 -33.02 -26.61 -14.51
N HIS F 44 -31.83 -26.61 -13.93
CA HIS F 44 -31.66 -26.71 -12.49
C HIS F 44 -31.52 -25.36 -11.82
N GLY F 45 -31.68 -24.27 -12.57
CA GLY F 45 -31.77 -22.95 -11.97
C GLY F 45 -30.45 -22.31 -11.59
N ARG F 46 -29.35 -22.64 -12.29
CA ARG F 46 -28.09 -21.96 -12.05
C ARG F 46 -28.23 -20.51 -12.48
N LYS F 47 -27.81 -19.59 -11.61
CA LYS F 47 -27.92 -18.17 -11.91
C LYS F 47 -26.62 -17.67 -12.53
N ASN F 48 -26.76 -16.78 -13.52
CA ASN F 48 -25.62 -16.12 -14.13
C ASN F 48 -25.25 -14.89 -13.31
N ILE F 49 -24.33 -14.06 -13.83
CA ILE F 49 -23.91 -12.85 -13.13
C ILE F 49 -25.00 -11.80 -13.14
N PHE F 50 -26.11 -12.07 -13.83
CA PHE F 50 -27.27 -11.20 -13.84
C PHE F 50 -28.36 -11.66 -12.88
N GLY F 51 -28.10 -12.69 -12.09
CA GLY F 51 -29.06 -13.19 -11.12
C GLY F 51 -30.19 -14.00 -11.71
N LYS F 52 -30.16 -14.28 -13.01
CA LYS F 52 -31.20 -15.04 -13.69
C LYS F 52 -30.61 -16.29 -14.32
N THR F 53 -31.50 -17.17 -14.77
CA THR F 53 -31.07 -18.36 -15.48
C THR F 53 -30.87 -18.03 -16.95
N LEU F 54 -29.88 -18.70 -17.56
CA LEU F 54 -29.62 -18.50 -18.98
C LEU F 54 -30.76 -19.06 -19.80
N GLN F 55 -31.19 -18.29 -20.81
CA GLN F 55 -32.25 -18.73 -21.70
C GLN F 55 -31.59 -19.41 -22.89
N VAL F 56 -31.83 -20.71 -23.04
CA VAL F 56 -31.25 -21.51 -24.11
C VAL F 56 -32.35 -21.76 -25.14
N ALA F 57 -32.07 -21.40 -26.39
CA ALA F 57 -33.02 -21.58 -27.49
C ALA F 57 -32.35 -22.41 -28.58
N GLU F 58 -32.98 -23.51 -28.96
CA GLU F 58 -32.48 -24.36 -30.03
C GLU F 58 -33.15 -23.94 -31.34
N MET F 59 -32.34 -23.76 -32.39
CA MET F 59 -32.85 -23.33 -33.68
C MET F 59 -32.91 -24.51 -34.65
N GLN F 60 -33.26 -24.21 -35.90
CA GLN F 60 -33.38 -25.26 -36.91
C GLN F 60 -32.05 -25.58 -37.57
N SER F 61 -31.06 -24.71 -37.44
CA SER F 61 -29.73 -24.92 -38.00
C SER F 61 -28.83 -23.86 -37.39
N GLU F 62 -27.52 -24.00 -37.65
CA GLU F 62 -26.59 -23.01 -37.12
C GLU F 62 -26.81 -21.67 -37.81
N ALA F 63 -27.30 -21.69 -39.04
CA ALA F 63 -27.68 -20.45 -39.72
C ALA F 63 -28.77 -19.73 -38.95
N GLY F 64 -29.79 -20.48 -38.51
CA GLY F 64 -30.82 -19.90 -37.68
C GLY F 64 -30.26 -19.42 -36.34
N ALA F 65 -29.32 -20.19 -35.78
CA ALA F 65 -28.68 -19.76 -34.54
C ALA F 65 -27.93 -18.46 -34.74
N ALA F 66 -27.18 -18.35 -35.84
CA ALA F 66 -26.42 -17.13 -36.11
C ALA F 66 -27.35 -15.93 -36.26
N GLY F 67 -28.43 -16.10 -37.02
CA GLY F 67 -29.41 -15.02 -37.14
C GLY F 67 -30.03 -14.67 -35.80
N ALA F 68 -30.29 -15.69 -34.97
CA ALA F 68 -30.84 -15.43 -33.65
C ALA F 68 -29.83 -14.68 -32.77
N VAL F 69 -28.54 -15.01 -32.89
CA VAL F 69 -27.53 -14.26 -32.17
C VAL F 69 -27.59 -12.79 -32.55
N HIS F 70 -27.63 -12.52 -33.86
CA HIS F 70 -27.66 -11.15 -34.35
C HIS F 70 -28.89 -10.41 -33.85
N GLY F 71 -30.07 -11.03 -33.96
CA GLY F 71 -31.30 -10.38 -33.51
C GLY F 71 -31.32 -10.12 -32.02
N SER F 72 -30.86 -11.09 -31.24
CA SER F 72 -30.79 -10.91 -29.80
C SER F 72 -29.79 -9.82 -29.43
N LEU F 73 -28.67 -9.74 -30.17
CA LEU F 73 -27.68 -8.70 -29.93
C LEU F 73 -28.22 -7.33 -30.27
N ALA F 74 -28.85 -7.20 -31.44
CA ALA F 74 -29.38 -5.91 -31.87
C ALA F 74 -30.49 -5.40 -30.96
N ALA F 75 -31.15 -6.29 -30.21
CA ALA F 75 -32.24 -5.91 -29.31
C ALA F 75 -31.80 -5.72 -27.87
N GLY F 76 -30.55 -6.03 -27.52
CA GLY F 76 -30.03 -5.64 -26.23
C GLY F 76 -29.79 -6.73 -25.22
N ALA F 77 -29.54 -7.95 -25.67
CA ALA F 77 -29.24 -9.06 -24.78
C ALA F 77 -27.87 -9.63 -25.14
N LEU F 78 -27.04 -9.83 -24.13
CA LEU F 78 -25.74 -10.46 -24.34
C LEU F 78 -25.97 -11.94 -24.67
N THR F 79 -25.47 -12.37 -25.83
CA THR F 79 -25.77 -13.68 -26.36
C THR F 79 -24.49 -14.35 -26.83
N THR F 80 -24.45 -15.67 -26.66
CA THR F 80 -23.33 -16.49 -27.09
C THR F 80 -23.89 -17.69 -27.86
N THR F 81 -22.98 -18.50 -28.40
CA THR F 81 -23.38 -19.74 -29.06
C THR F 81 -22.18 -20.66 -29.12
N PHE F 82 -22.47 -21.93 -29.43
CA PHE F 82 -21.47 -22.97 -29.50
C PHE F 82 -21.67 -23.73 -30.81
N THR F 83 -20.59 -23.92 -31.56
CA THR F 83 -20.65 -24.54 -32.88
C THR F 83 -19.27 -25.04 -33.25
N ALA F 84 -19.16 -25.57 -34.47
CA ALA F 84 -17.92 -26.13 -35.00
C ALA F 84 -18.15 -26.55 -36.44
N SER F 85 -17.07 -26.67 -37.19
CA SER F 85 -17.04 -27.41 -38.47
C SER F 85 -18.13 -26.88 -39.39
N GLN F 86 -18.97 -27.76 -39.97
CA GLN F 86 -20.02 -27.32 -40.88
C GLN F 86 -20.92 -26.30 -40.22
N GLY F 87 -21.06 -26.36 -38.90
CA GLY F 87 -21.86 -25.39 -38.19
C GLY F 87 -21.29 -23.99 -38.24
N LEU F 88 -19.97 -23.86 -38.11
CA LEU F 88 -19.36 -22.54 -38.20
C LEU F 88 -19.53 -21.96 -39.61
N LEU F 89 -19.46 -22.80 -40.63
CA LEU F 89 -19.62 -22.31 -42.00
C LEU F 89 -20.97 -21.64 -42.20
N LEU F 90 -22.04 -22.28 -41.71
CA LEU F 90 -23.38 -21.73 -41.91
C LEU F 90 -23.59 -20.41 -41.18
N MET F 91 -22.77 -20.10 -40.19
CA MET F 91 -22.88 -18.84 -39.47
C MET F 91 -22.06 -17.72 -40.09
N ILE F 92 -21.18 -18.03 -41.04
CA ILE F 92 -20.26 -17.03 -41.58
C ILE F 92 -20.99 -15.82 -42.17
N PRO F 93 -22.01 -15.98 -43.02
CA PRO F 93 -22.73 -14.79 -43.51
C PRO F 93 -23.26 -13.89 -42.40
N ASN F 94 -23.80 -14.46 -41.33
CA ASN F 94 -24.24 -13.62 -40.22
C ASN F 94 -23.04 -13.06 -39.45
N MET F 95 -21.92 -13.79 -39.47
CA MET F 95 -20.74 -13.29 -38.76
C MET F 95 -20.25 -11.98 -39.37
N TYR F 96 -20.34 -11.86 -40.71
CA TYR F 96 -19.98 -10.60 -41.36
C TYR F 96 -20.82 -9.45 -40.82
N LYS F 97 -22.12 -9.69 -40.62
CA LYS F 97 -22.99 -8.64 -40.10
C LYS F 97 -22.72 -8.36 -38.63
N ILE F 98 -22.55 -9.40 -37.82
CA ILE F 98 -22.33 -9.18 -36.40
C ILE F 98 -21.05 -8.40 -36.17
N ALA F 99 -19.98 -8.74 -36.89
CA ALA F 99 -18.75 -7.98 -36.78
C ALA F 99 -18.90 -6.58 -37.37
N GLY F 100 -19.56 -6.49 -38.52
CA GLY F 100 -19.72 -5.20 -39.19
C GLY F 100 -20.51 -4.20 -38.36
N GLU F 101 -21.49 -4.67 -37.60
CA GLU F 101 -22.29 -3.80 -36.75
C GLU F 101 -21.66 -3.61 -35.38
N LEU F 102 -20.47 -4.17 -35.15
CA LEU F 102 -19.72 -4.00 -33.91
C LEU F 102 -20.57 -4.38 -32.69
N LEU F 103 -21.04 -5.63 -32.69
CA LEU F 103 -21.85 -6.16 -31.62
C LEU F 103 -21.02 -7.09 -30.74
N PRO F 104 -21.02 -6.88 -29.43
CA PRO F 104 -20.24 -7.76 -28.54
C PRO F 104 -20.80 -9.17 -28.57
N CYS F 105 -19.91 -10.14 -28.67
CA CYS F 105 -20.33 -11.52 -28.86
C CYS F 105 -19.11 -12.44 -28.75
N VAL F 106 -19.36 -13.68 -28.34
CA VAL F 106 -18.33 -14.70 -28.32
C VAL F 106 -18.91 -15.99 -28.87
N PHE F 107 -18.32 -16.49 -29.95
CA PHE F 107 -18.63 -17.83 -30.44
C PHE F 107 -17.61 -18.80 -29.86
N HIS F 108 -18.09 -19.85 -29.21
CA HIS F 108 -17.22 -20.90 -28.68
C HIS F 108 -17.24 -22.07 -29.65
N VAL F 109 -16.06 -22.42 -30.17
CA VAL F 109 -15.94 -23.40 -31.24
C VAL F 109 -14.99 -24.50 -30.79
N ALA F 110 -15.47 -25.75 -30.83
CA ALA F 110 -14.61 -26.92 -30.68
C ALA F 110 -14.13 -27.27 -32.09
N ALA F 111 -13.03 -26.65 -32.50
CA ALA F 111 -12.60 -26.67 -33.90
C ALA F 111 -12.53 -28.08 -34.45
N ARG F 112 -13.23 -28.30 -35.56
CA ARG F 112 -13.39 -29.63 -36.14
C ARG F 112 -13.19 -29.54 -37.65
N ALA F 113 -12.73 -30.64 -38.23
CA ALA F 113 -12.49 -30.72 -39.67
C ALA F 113 -13.76 -30.44 -40.46
N LEU F 114 -13.57 -29.95 -41.68
CA LEU F 114 -14.68 -29.74 -42.61
C LEU F 114 -14.80 -30.95 -43.50
N SER F 115 -16.02 -31.20 -43.97
CA SER F 115 -16.27 -32.36 -44.83
C SER F 115 -15.77 -32.06 -46.24
N THR F 116 -14.79 -32.82 -46.70
CA THR F 116 -14.22 -32.60 -48.03
C THR F 116 -14.42 -33.86 -48.85
N HIS F 117 -13.34 -34.62 -49.10
CA HIS F 117 -13.49 -35.91 -49.74
C HIS F 117 -14.25 -36.88 -48.84
N ALA F 118 -14.34 -36.57 -47.55
CA ALA F 118 -14.99 -37.43 -46.59
C ALA F 118 -15.35 -36.58 -45.38
N LEU F 119 -16.30 -37.08 -44.59
CA LEU F 119 -16.66 -36.45 -43.34
C LEU F 119 -15.65 -36.83 -42.26
N SER F 120 -15.39 -35.89 -41.36
CA SER F 120 -14.59 -36.19 -40.19
C SER F 120 -15.12 -35.36 -39.03
N ILE F 121 -15.52 -36.05 -37.96
CA ILE F 121 -16.01 -35.36 -36.76
C ILE F 121 -14.90 -34.91 -35.84
N PHE F 122 -13.65 -35.12 -36.21
CA PHE F 122 -12.52 -34.90 -35.33
C PHE F 122 -11.93 -33.52 -35.56
N GLY F 123 -10.93 -33.18 -34.74
CA GLY F 123 -10.53 -31.80 -34.56
C GLY F 123 -9.42 -31.33 -35.47
N ASP F 124 -9.63 -30.17 -36.07
CA ASP F 124 -8.57 -29.34 -36.64
C ASP F 124 -9.14 -27.94 -36.86
N HIS F 125 -8.31 -27.05 -37.40
CA HIS F 125 -8.66 -25.63 -37.50
C HIS F 125 -9.28 -25.26 -38.85
N ALA F 126 -9.73 -26.25 -39.63
CA ALA F 126 -10.27 -25.94 -40.95
C ALA F 126 -11.46 -24.99 -40.85
N ASP F 127 -12.31 -25.19 -39.85
CA ASP F 127 -13.50 -24.36 -39.71
C ASP F 127 -13.14 -22.93 -39.32
N VAL F 128 -12.26 -22.77 -38.33
CA VAL F 128 -11.91 -21.43 -37.86
C VAL F 128 -11.19 -20.65 -38.95
N MET F 129 -10.28 -21.29 -39.68
CA MET F 129 -9.56 -20.58 -40.72
C MET F 129 -10.51 -20.10 -41.82
N ALA F 130 -11.62 -20.79 -42.02
CA ALA F 130 -12.61 -20.40 -43.02
C ALA F 130 -13.38 -19.14 -42.65
N ALA F 131 -13.22 -18.64 -41.42
CA ALA F 131 -13.89 -17.43 -40.99
C ALA F 131 -12.94 -16.30 -40.64
N ARG F 132 -11.65 -16.43 -40.97
CA ARG F 132 -10.67 -15.43 -40.52
C ARG F 132 -10.83 -14.07 -41.19
N GLN F 133 -11.69 -13.96 -42.20
CA GLN F 133 -11.91 -12.70 -42.90
C GLN F 133 -13.28 -12.08 -42.58
N THR F 134 -14.00 -12.62 -41.62
CA THR F 134 -15.33 -12.12 -41.27
C THR F 134 -15.27 -10.84 -40.44
N GLY F 135 -14.12 -10.51 -39.86
CA GLY F 135 -14.02 -9.39 -38.96
C GLY F 135 -14.16 -9.74 -37.48
N PHE F 136 -14.41 -11.00 -37.15
CA PHE F 136 -14.37 -11.44 -35.77
C PHE F 136 -12.93 -11.52 -35.28
N ALA F 137 -12.71 -11.18 -34.01
CA ALA F 137 -11.45 -11.51 -33.38
C ALA F 137 -11.39 -13.00 -33.09
N MET F 138 -10.18 -13.54 -32.97
CA MET F 138 -9.99 -14.98 -32.78
C MET F 138 -8.95 -15.25 -31.71
N LEU F 139 -9.37 -15.99 -30.68
CA LEU F 139 -8.54 -16.32 -29.52
C LEU F 139 -8.48 -17.84 -29.37
N SER F 140 -7.26 -18.36 -29.25
CA SER F 140 -7.01 -19.80 -29.24
C SER F 140 -6.57 -20.25 -27.85
N SER F 141 -7.16 -21.33 -27.36
CA SER F 141 -6.79 -21.92 -26.08
C SER F 141 -6.14 -23.29 -26.32
N ALA F 142 -5.05 -23.54 -25.61
CA ALA F 142 -4.23 -24.72 -25.87
C ALA F 142 -4.44 -25.86 -24.88
N SER F 143 -5.06 -25.61 -23.73
CA SER F 143 -5.28 -26.65 -22.75
C SER F 143 -6.61 -26.39 -22.06
N VAL F 144 -7.07 -27.39 -21.30
CA VAL F 144 -8.35 -27.27 -20.59
C VAL F 144 -8.32 -26.09 -19.63
N GLN F 145 -7.19 -25.89 -18.95
CA GLN F 145 -7.07 -24.73 -18.07
C GLN F 145 -7.14 -23.44 -18.88
N GLU F 146 -6.52 -23.43 -20.06
CA GLU F 146 -6.55 -22.22 -20.89
C GLU F 146 -7.93 -21.96 -21.46
N VAL F 147 -8.69 -23.02 -21.73
CA VAL F 147 -10.08 -22.83 -22.16
C VAL F 147 -10.85 -22.05 -21.10
N MET F 148 -10.69 -22.45 -19.83
CA MET F 148 -11.32 -21.73 -18.74
C MET F 148 -10.87 -20.27 -18.70
N ASP F 149 -9.56 -20.05 -18.78
CA ASP F 149 -9.03 -18.71 -18.58
C ASP F 149 -9.34 -17.81 -19.77
N LEU F 150 -9.04 -18.27 -20.97
CA LEU F 150 -9.15 -17.40 -22.14
C LEU F 150 -10.60 -17.16 -22.55
N ALA F 151 -11.51 -18.08 -22.22
CA ALA F 151 -12.93 -17.81 -22.45
C ALA F 151 -13.39 -16.60 -21.66
N LEU F 152 -12.91 -16.45 -20.42
CA LEU F 152 -13.21 -15.25 -19.65
C LEU F 152 -12.56 -14.02 -20.29
N VAL F 153 -11.33 -14.18 -20.79
CA VAL F 153 -10.65 -13.08 -21.47
C VAL F 153 -11.47 -12.64 -22.68
N ALA F 154 -11.98 -13.60 -23.45
CA ALA F 154 -12.77 -13.25 -24.63
C ALA F 154 -14.04 -12.51 -24.24
N HIS F 155 -14.78 -13.03 -23.25
CA HIS F 155 -16.04 -12.39 -22.86
C HIS F 155 -15.81 -11.01 -22.28
N LEU F 156 -14.70 -10.80 -21.58
CA LEU F 156 -14.41 -9.48 -21.05
C LEU F 156 -13.94 -8.53 -22.15
N ALA F 157 -13.12 -9.03 -23.09
CA ALA F 157 -12.56 -8.16 -24.11
C ALA F 157 -13.62 -7.72 -25.10
N THR F 158 -14.55 -8.60 -25.45
CA THR F 158 -15.56 -8.26 -26.46
C THR F 158 -16.46 -7.12 -25.99
N LEU F 159 -16.67 -7.00 -24.68
CA LEU F 159 -17.46 -5.88 -24.16
C LEU F 159 -16.72 -4.57 -24.37
N LYS F 160 -15.40 -4.56 -24.16
CA LYS F 160 -14.64 -3.32 -24.25
C LYS F 160 -14.37 -2.90 -25.69
N ALA F 161 -14.06 -3.85 -26.56
CA ALA F 161 -13.59 -3.54 -27.90
C ALA F 161 -14.70 -3.42 -28.93
N ARG F 162 -15.91 -3.86 -28.62
CA ARG F 162 -17.02 -3.94 -29.57
C ARG F 162 -16.73 -4.88 -30.74
N VAL F 163 -15.63 -5.62 -30.68
CA VAL F 163 -15.27 -6.59 -31.71
C VAL F 163 -15.66 -7.98 -31.22
N PRO F 164 -16.51 -8.71 -31.94
CA PRO F 164 -16.85 -10.06 -31.48
C PRO F 164 -15.67 -11.01 -31.60
N PHE F 165 -15.68 -12.03 -30.75
CA PHE F 165 -14.58 -12.97 -30.63
C PHE F 165 -15.04 -14.37 -30.97
N VAL F 166 -14.16 -15.13 -31.61
CA VAL F 166 -14.29 -16.57 -31.73
C VAL F 166 -13.25 -17.19 -30.82
N HIS F 167 -13.70 -17.83 -29.75
CA HIS F 167 -12.83 -18.55 -28.84
C HIS F 167 -12.89 -20.02 -29.22
N PHE F 168 -11.77 -20.57 -29.68
CA PHE F 168 -11.75 -21.94 -30.18
C PHE F 168 -10.67 -22.76 -29.50
N PHE F 169 -10.93 -24.05 -29.38
CA PHE F 169 -10.00 -25.02 -28.84
C PHE F 169 -10.13 -26.30 -29.64
N ASP F 170 -9.07 -27.10 -29.62
CA ASP F 170 -9.01 -28.28 -30.50
C ASP F 170 -10.11 -29.27 -30.14
N GLY F 171 -10.88 -29.66 -31.14
CA GLY F 171 -11.94 -30.63 -30.91
C GLY F 171 -11.38 -31.97 -30.48
N PHE F 172 -12.05 -32.58 -29.50
CA PHE F 172 -11.63 -33.84 -28.89
C PHE F 172 -10.31 -33.70 -28.14
N ARG F 173 -9.25 -33.29 -28.84
CA ARG F 173 -7.94 -33.17 -28.19
C ARG F 173 -7.97 -32.22 -27.00
N THR F 174 -8.87 -31.25 -27.02
CA THR F 174 -9.07 -30.36 -25.87
C THR F 174 -10.50 -30.38 -25.35
N SER F 175 -11.50 -30.46 -26.23
CA SER F 175 -12.88 -30.42 -25.78
C SER F 175 -13.25 -31.64 -24.95
N HIS F 176 -12.65 -32.79 -25.25
CA HIS F 176 -12.96 -34.04 -24.55
C HIS F 176 -11.83 -34.52 -23.66
N GLU F 177 -10.77 -33.74 -23.52
CA GLU F 177 -9.68 -34.08 -22.60
C GLU F 177 -10.10 -33.65 -21.20
N VAL F 178 -10.13 -34.61 -20.26
CA VAL F 178 -10.49 -34.33 -18.88
C VAL F 178 -9.22 -33.99 -18.11
N GLN F 179 -9.25 -32.85 -17.42
CA GLN F 179 -8.09 -32.38 -16.66
C GLN F 179 -8.56 -31.73 -15.37
N LYS F 180 -7.73 -31.85 -14.34
CA LYS F 180 -7.97 -31.13 -13.09
C LYS F 180 -7.46 -29.70 -13.26
N ILE F 181 -8.39 -28.74 -13.16
CA ILE F 181 -8.10 -27.33 -13.42
C ILE F 181 -8.67 -26.46 -12.31
N ASP F 182 -8.19 -25.22 -12.27
CA ASP F 182 -8.74 -24.20 -11.38
C ASP F 182 -9.96 -23.57 -12.04
N VAL F 183 -11.11 -23.67 -11.36
CA VAL F 183 -12.36 -23.12 -11.87
C VAL F 183 -12.55 -21.72 -11.32
N ILE F 184 -12.92 -20.77 -12.19
CA ILE F 184 -13.11 -19.38 -11.79
C ILE F 184 -14.54 -19.21 -11.30
N GLU F 185 -14.69 -18.61 -10.12
CA GLU F 185 -16.00 -18.40 -9.52
C GLU F 185 -16.75 -17.30 -10.25
N TYR F 186 -18.08 -17.46 -10.33
CA TYR F 186 -18.91 -16.46 -10.99
C TYR F 186 -18.77 -15.10 -10.36
N GLU F 187 -18.68 -15.04 -9.02
CA GLU F 187 -18.53 -13.74 -8.36
C GLU F 187 -17.24 -13.06 -8.77
N ASP F 188 -16.18 -13.84 -9.03
CA ASP F 188 -14.91 -13.24 -9.44
C ASP F 188 -14.98 -12.70 -10.85
N MET F 189 -15.75 -13.34 -11.73
CA MET F 189 -15.91 -12.83 -13.09
C MET F 189 -16.57 -11.47 -13.09
N ALA F 190 -17.68 -11.33 -12.35
CA ALA F 190 -18.40 -10.07 -12.29
C ALA F 190 -17.55 -8.93 -11.76
N LYS F 191 -16.50 -9.22 -10.99
CA LYS F 191 -15.63 -8.17 -10.49
C LYS F 191 -14.72 -7.60 -11.57
N LEU F 192 -14.62 -8.24 -12.73
CA LEU F 192 -13.78 -7.78 -13.82
C LEU F 192 -14.56 -7.17 -14.97
N VAL F 193 -15.88 -7.31 -14.98
CA VAL F 193 -16.69 -6.85 -16.09
C VAL F 193 -16.70 -5.33 -16.17
N ASP F 194 -16.60 -4.80 -17.40
CA ASP F 194 -16.78 -3.38 -17.66
C ASP F 194 -18.27 -3.13 -17.73
N TRP F 195 -18.86 -2.80 -16.58
CA TRP F 195 -20.30 -2.60 -16.52
C TRP F 195 -20.72 -1.35 -17.28
N ASP F 196 -19.83 -0.36 -17.39
CA ASP F 196 -20.11 0.83 -18.19
C ASP F 196 -20.35 0.45 -19.64
N ALA F 197 -19.58 -0.52 -20.16
CA ALA F 197 -19.76 -0.94 -21.54
C ALA F 197 -21.08 -1.65 -21.76
N ILE F 198 -21.58 -2.39 -20.77
CA ILE F 198 -22.85 -3.08 -20.92
C ILE F 198 -24.01 -2.10 -21.00
N ARG F 199 -24.03 -1.10 -20.13
CA ARG F 199 -25.12 -0.12 -20.14
C ARG F 199 -25.13 0.68 -21.44
N ALA F 200 -23.96 0.99 -21.98
CA ALA F 200 -23.90 1.67 -23.27
C ALA F 200 -24.44 0.79 -24.39
N PHE F 201 -24.22 -0.52 -24.30
CA PHE F 201 -24.75 -1.45 -25.29
C PHE F 201 -26.27 -1.51 -25.27
N ARG F 202 -26.90 -1.31 -24.11
CA ARG F 202 -28.36 -1.35 -24.03
C ARG F 202 -29.00 -0.18 -24.78
N GLN F 203 -28.38 1.00 -24.73
CA GLN F 203 -28.98 2.15 -25.42
C GLN F 203 -28.86 2.03 -26.93
N ARG F 204 -27.85 1.31 -27.42
CA ARG F 204 -27.71 1.09 -28.85
C ARG F 204 -28.66 0.02 -29.38
N ALA F 205 -29.44 -0.59 -28.50
CA ALA F 205 -30.36 -1.65 -28.92
C ALA F 205 -31.55 -1.06 -29.67
N LEU F 206 -32.16 -1.87 -30.53
CA LEU F 206 -33.38 -1.50 -31.22
C LEU F 206 -34.52 -1.28 -30.23
N ASN F 207 -35.10 -0.08 -30.25
CA ASN F 207 -36.19 0.22 -29.34
C ASN F 207 -37.05 1.32 -29.95
N PRO F 208 -38.37 1.15 -29.98
CA PRO F 208 -39.23 2.18 -30.57
C PRO F 208 -39.26 3.50 -29.82
N GLU F 209 -38.80 3.54 -28.57
CA GLU F 209 -38.82 4.80 -27.83
C GLU F 209 -37.59 5.66 -28.11
N HIS F 210 -36.56 5.08 -28.73
CA HIS F 210 -35.43 5.83 -29.27
C HIS F 210 -34.93 5.11 -30.51
N PRO F 211 -35.69 5.18 -31.60
CA PRO F 211 -35.46 4.27 -32.73
C PRO F 211 -34.27 4.68 -33.59
N HIS F 212 -33.79 3.70 -34.34
CA HIS F 212 -32.71 3.90 -35.30
C HIS F 212 -32.86 2.85 -36.39
N GLN F 213 -32.08 3.00 -37.44
CA GLN F 213 -32.09 2.08 -38.58
C GLN F 213 -30.71 1.47 -38.72
N ARG F 214 -30.66 0.15 -38.91
CA ARG F 214 -29.39 -0.55 -39.09
C ARG F 214 -29.55 -1.56 -40.21
N GLY F 215 -28.42 -1.89 -40.84
CA GLY F 215 -28.43 -2.82 -41.96
C GLY F 215 -28.96 -2.25 -43.25
N THR F 216 -28.64 -0.98 -43.54
CA THR F 216 -29.14 -0.35 -44.75
C THR F 216 -28.41 -0.87 -45.98
N ALA F 217 -28.87 -0.41 -47.14
CA ALA F 217 -28.22 -0.68 -48.42
C ALA F 217 -27.52 0.60 -48.87
N GLN F 218 -26.28 0.47 -49.33
CA GLN F 218 -25.43 1.60 -49.65
C GLN F 218 -24.91 1.51 -51.08
N ASN F 219 -24.81 2.66 -51.73
CA ASN F 219 -24.32 2.76 -53.10
C ASN F 219 -22.80 2.83 -53.13
N PRO F 220 -22.17 2.76 -54.30
CA PRO F 220 -20.70 2.81 -54.36
C PRO F 220 -20.09 4.09 -53.83
N ASP F 221 -20.88 5.14 -53.67
CA ASP F 221 -20.33 6.42 -53.26
C ASP F 221 -19.88 6.43 -51.80
N ILE F 222 -20.46 5.58 -50.95
CA ILE F 222 -20.22 5.67 -49.52
C ILE F 222 -19.83 4.35 -48.87
N TYR F 223 -19.92 3.24 -49.60
CA TYR F 223 -19.67 1.94 -48.98
C TYR F 223 -18.22 1.79 -48.53
N PHE F 224 -17.27 2.19 -49.37
CA PHE F 224 -15.85 2.08 -49.02
C PHE F 224 -15.52 2.87 -47.77
N GLN F 225 -15.94 4.14 -47.72
CA GLN F 225 -15.66 4.97 -46.55
C GLN F 225 -16.27 4.37 -45.30
N SER F 226 -17.54 3.95 -45.39
CA SER F 226 -18.22 3.40 -44.21
C SER F 226 -17.57 2.11 -43.74
N ARG F 227 -16.96 1.35 -44.65
CA ARG F 227 -16.28 0.13 -44.26
C ARG F 227 -14.97 0.42 -43.54
N GLU F 228 -14.30 1.51 -43.89
CA GLU F 228 -13.07 1.90 -43.22
C GLU F 228 -13.31 2.63 -41.91
N ALA F 229 -14.57 3.00 -41.60
CA ALA F 229 -14.85 3.73 -40.37
C ALA F 229 -14.65 2.91 -39.11
N ALA F 230 -14.61 1.59 -39.23
CA ALA F 230 -14.41 0.72 -38.08
C ALA F 230 -12.94 0.43 -37.81
N ASN F 231 -12.03 1.02 -38.59
CA ASN F 231 -10.60 0.80 -38.38
C ASN F 231 -10.13 1.05 -36.96
N PRO F 232 -10.53 2.14 -36.26
CA PRO F 232 -10.04 2.34 -34.90
C PRO F 232 -10.38 1.20 -33.95
N TYR F 233 -11.56 0.59 -34.11
CA TYR F 233 -11.97 -0.48 -33.21
C TYR F 233 -11.08 -1.72 -33.34
N TYR F 234 -10.62 -2.02 -34.56
CA TYR F 234 -9.70 -3.13 -34.74
C TYR F 234 -8.29 -2.76 -34.32
N LEU F 235 -7.90 -1.49 -34.47
CA LEU F 235 -6.60 -1.06 -34.01
C LEU F 235 -6.49 -1.12 -32.49
N ALA F 236 -7.60 -0.89 -31.78
CA ALA F 236 -7.61 -0.89 -30.33
C ALA F 236 -7.82 -2.27 -29.73
N THR F 237 -8.29 -3.23 -30.51
CA THR F 237 -8.56 -4.56 -29.97
C THR F 237 -7.32 -5.26 -29.42
N PRO F 238 -6.16 -5.28 -30.10
CA PRO F 238 -5.00 -5.96 -29.50
C PRO F 238 -4.62 -5.41 -28.14
N GLY F 239 -4.55 -4.08 -28.00
CA GLY F 239 -4.23 -3.50 -26.70
C GLY F 239 -5.27 -3.80 -25.64
N ILE F 240 -6.54 -3.91 -26.05
CA ILE F 240 -7.59 -4.25 -25.10
C ILE F 240 -7.43 -5.67 -24.59
N VAL F 241 -7.13 -6.62 -25.49
CA VAL F 241 -6.94 -8.00 -25.05
C VAL F 241 -5.72 -8.10 -24.13
N ALA F 242 -4.65 -7.35 -24.44
CA ALA F 242 -3.47 -7.37 -23.59
C ALA F 242 -3.79 -6.82 -22.20
N GLN F 243 -4.53 -5.71 -22.13
CA GLN F 243 -4.89 -5.16 -20.83
C GLN F 243 -5.89 -6.05 -20.10
N VAL F 244 -6.82 -6.67 -20.83
CA VAL F 244 -7.74 -7.62 -20.22
C VAL F 244 -6.98 -8.81 -19.67
N MET F 245 -5.98 -9.30 -20.40
CA MET F 245 -5.20 -10.43 -19.91
C MET F 245 -4.45 -10.10 -18.62
N GLU F 246 -4.07 -8.84 -18.44
CA GLU F 246 -3.42 -8.47 -17.18
C GLU F 246 -4.40 -8.48 -16.02
N GLN F 247 -5.66 -8.12 -16.27
CA GLN F 247 -6.70 -8.21 -15.24
C GLN F 247 -6.90 -9.65 -14.79
N VAL F 248 -7.05 -10.57 -15.74
CA VAL F 248 -7.21 -11.98 -15.41
C VAL F 248 -5.94 -12.53 -14.75
N ALA F 249 -4.77 -12.06 -15.18
CA ALA F 249 -3.53 -12.49 -14.58
C ALA F 249 -3.47 -12.10 -13.10
N GLY F 250 -3.87 -10.85 -12.79
CA GLY F 250 -3.89 -10.42 -11.40
C GLY F 250 -4.88 -11.18 -10.54
N LEU F 251 -5.95 -11.69 -11.15
CA LEU F 251 -6.96 -12.42 -10.40
C LEU F 251 -6.56 -13.88 -10.19
N THR F 252 -6.06 -14.54 -11.24
CA THR F 252 -5.82 -15.98 -11.20
C THR F 252 -4.37 -16.35 -10.97
N GLY F 253 -3.43 -15.43 -11.25
CA GLY F 253 -2.02 -15.74 -11.18
C GLY F 253 -1.44 -16.34 -12.43
N ARG F 254 -2.26 -16.65 -13.42
CA ARG F 254 -1.80 -17.20 -14.69
C ARG F 254 -1.71 -16.07 -15.71
N HIS F 255 -0.51 -15.85 -16.23
CA HIS F 255 -0.22 -14.72 -17.08
C HIS F 255 -0.25 -15.15 -18.55
N TYR F 256 -1.18 -14.58 -19.30
CA TYR F 256 -1.25 -14.80 -20.74
C TYR F 256 -0.96 -13.49 -21.45
N HIS F 257 -0.42 -13.61 -22.66
CA HIS F 257 -0.19 -12.48 -23.55
C HIS F 257 -0.70 -12.87 -24.93
N LEU F 258 -0.82 -11.88 -25.82
CA LEU F 258 -1.26 -12.18 -27.18
C LEU F 258 -0.37 -13.21 -27.86
N PHE F 259 0.94 -13.09 -27.66
CA PHE F 259 1.89 -14.12 -28.08
C PHE F 259 2.82 -14.42 -26.92
N ASP F 260 2.94 -15.69 -26.58
CA ASP F 260 3.80 -16.13 -25.50
C ASP F 260 4.99 -16.92 -26.06
N TYR F 261 6.14 -16.76 -25.42
CA TYR F 261 7.35 -17.46 -25.81
C TYR F 261 7.77 -18.41 -24.70
N ALA F 262 8.36 -19.54 -25.10
CA ALA F 262 8.92 -20.50 -24.17
C ALA F 262 10.14 -21.14 -24.81
N GLY F 263 11.22 -21.27 -24.04
CA GLY F 263 12.42 -21.91 -24.51
C GLY F 263 13.64 -21.06 -24.22
N ALA F 264 14.75 -21.42 -24.87
CA ALA F 264 16.01 -20.73 -24.64
C ALA F 264 15.93 -19.28 -25.14
N PRO F 265 16.42 -18.31 -24.36
CA PRO F 265 16.43 -16.92 -24.84
C PRO F 265 17.36 -16.69 -26.02
N ASP F 266 18.35 -17.54 -26.23
CA ASP F 266 19.27 -17.44 -27.36
C ASP F 266 18.97 -18.50 -28.42
N ALA F 267 17.71 -18.87 -28.56
CA ALA F 267 17.34 -19.92 -29.50
C ALA F 267 17.59 -19.50 -30.94
N GLU F 268 17.94 -20.49 -31.77
CA GLU F 268 18.11 -20.28 -33.20
C GLU F 268 16.99 -20.92 -34.03
N ARG F 269 16.31 -21.93 -33.50
CA ARG F 269 15.20 -22.60 -34.17
C ARG F 269 13.96 -22.48 -33.30
N VAL F 270 12.90 -21.89 -33.83
CA VAL F 270 11.67 -21.63 -33.08
C VAL F 270 10.49 -22.13 -33.90
N ILE F 271 9.55 -22.79 -33.21
CA ILE F 271 8.31 -23.22 -33.84
C ILE F 271 7.19 -22.26 -33.45
N VAL F 272 6.43 -21.82 -34.44
CA VAL F 272 5.22 -21.03 -34.22
C VAL F 272 4.04 -21.95 -34.49
N SER F 273 3.12 -22.02 -33.54
CA SER F 273 1.99 -22.94 -33.65
C SER F 273 0.83 -22.38 -32.86
N MET F 274 -0.27 -23.12 -32.86
CA MET F 274 -1.54 -22.65 -32.33
C MET F 274 -2.36 -23.84 -31.88
N GLY F 275 -3.11 -23.67 -30.79
CA GLY F 275 -3.94 -24.75 -30.27
C GLY F 275 -3.20 -25.72 -29.38
N SER F 276 -3.78 -26.92 -29.25
CA SER F 276 -3.25 -27.91 -28.31
C SER F 276 -1.85 -28.37 -28.68
N SER F 277 -1.43 -28.18 -29.92
CA SER F 277 -0.07 -28.56 -30.29
C SER F 277 0.97 -27.80 -29.46
N CYS F 278 0.63 -26.60 -29.00
CA CYS F 278 1.57 -25.82 -28.21
C CYS F 278 1.97 -26.54 -26.94
N GLU F 279 1.05 -27.30 -26.34
CA GLU F 279 1.40 -28.09 -25.16
C GLU F 279 2.43 -29.15 -25.51
N VAL F 280 2.18 -29.91 -26.57
CA VAL F 280 3.11 -30.96 -26.97
C VAL F 280 4.45 -30.37 -27.37
N ILE F 281 4.44 -29.20 -28.00
CA ILE F 281 5.69 -28.58 -28.43
C ILE F 281 6.46 -28.03 -27.24
N GLU F 282 5.78 -27.40 -26.29
CA GLU F 282 6.47 -26.88 -25.12
C GLU F 282 7.08 -28.00 -24.29
N GLU F 283 6.35 -29.10 -24.14
CA GLU F 283 6.89 -30.26 -23.43
C GLU F 283 8.14 -30.78 -24.12
N THR F 284 8.14 -30.79 -25.45
CA THR F 284 9.32 -31.23 -26.19
C THR F 284 10.45 -30.22 -26.06
N VAL F 285 10.12 -28.93 -26.07
CA VAL F 285 11.14 -27.88 -25.95
C VAL F 285 11.88 -28.00 -24.63
N ASN F 286 11.14 -28.22 -23.54
CA ASN F 286 11.77 -28.43 -22.24
C ASN F 286 12.76 -29.59 -22.31
N TYR F 287 12.39 -30.67 -22.99
CA TYR F 287 13.28 -31.82 -23.12
C TYR F 287 14.52 -31.46 -23.93
N LEU F 288 14.34 -30.72 -25.01
CA LEU F 288 15.48 -30.40 -25.88
C LEU F 288 16.39 -29.36 -25.23
N VAL F 289 15.81 -28.37 -24.56
CA VAL F 289 16.60 -27.36 -23.87
C VAL F 289 17.47 -28.02 -22.79
N GLU F 290 16.91 -29.02 -22.10
CA GLU F 290 17.70 -29.74 -21.10
C GLU F 290 18.91 -30.42 -21.74
N LYS F 291 18.79 -30.84 -22.99
CA LYS F 291 19.92 -31.38 -23.73
C LYS F 291 20.80 -30.30 -24.37
N GLY F 292 20.45 -29.02 -24.21
CA GLY F 292 21.30 -27.95 -24.66
C GLY F 292 20.95 -27.33 -25.99
N GLU F 293 19.96 -27.84 -26.69
CA GLU F 293 19.61 -27.30 -28.00
C GLU F 293 18.99 -25.92 -27.84
N LYS F 294 19.33 -25.01 -28.76
CA LYS F 294 18.83 -23.65 -28.69
C LYS F 294 17.54 -23.58 -29.51
N VAL F 295 16.46 -24.07 -28.89
CA VAL F 295 15.16 -24.09 -29.54
C VAL F 295 14.15 -23.38 -28.65
N GLY F 296 13.05 -22.95 -29.27
CA GLY F 296 12.03 -22.19 -28.58
C GLY F 296 10.69 -22.38 -29.26
N LEU F 297 9.67 -21.76 -28.68
CA LEU F 297 8.32 -21.91 -29.18
C LEU F 297 7.55 -20.62 -28.91
N ILE F 298 6.79 -20.18 -29.92
CA ILE F 298 5.90 -19.03 -29.79
C ILE F 298 4.48 -19.55 -29.85
N LYS F 299 3.73 -19.35 -28.76
CA LYS F 299 2.34 -19.74 -28.70
C LYS F 299 1.48 -18.59 -29.22
N VAL F 300 0.64 -18.89 -30.22
CA VAL F 300 -0.28 -17.90 -30.76
C VAL F 300 -1.59 -18.00 -29.99
N ARG F 301 -1.94 -16.95 -29.27
CA ARG F 301 -3.22 -16.87 -28.57
C ARG F 301 -4.24 -16.06 -29.37
N LEU F 302 -3.91 -14.80 -29.65
CA LEU F 302 -4.78 -13.92 -30.43
C LEU F 302 -4.33 -13.98 -31.88
N PHE F 303 -5.03 -14.78 -32.68
CA PHE F 303 -4.69 -14.90 -34.09
C PHE F 303 -5.19 -13.72 -34.89
N ARG F 304 -6.40 -13.24 -34.57
CA ARG F 304 -6.98 -12.07 -35.22
C ARG F 304 -7.56 -11.16 -34.14
N PRO F 305 -7.30 -9.85 -34.18
CA PRO F 305 -6.39 -9.20 -35.14
C PRO F 305 -4.92 -9.52 -34.84
N PHE F 306 -4.14 -9.70 -35.90
CA PHE F 306 -2.74 -10.06 -35.77
C PHE F 306 -1.93 -8.79 -35.51
N SER F 307 -1.36 -8.69 -34.31
CA SER F 307 -0.58 -7.53 -33.91
C SER F 307 0.89 -7.83 -34.15
N ALA F 308 1.46 -7.19 -35.18
CA ALA F 308 2.88 -7.39 -35.47
C ALA F 308 3.75 -6.94 -34.30
N GLU F 309 3.34 -5.87 -33.62
CA GLU F 309 4.11 -5.36 -32.49
C GLU F 309 4.21 -6.41 -31.38
N HIS F 310 3.09 -7.05 -31.04
CA HIS F 310 3.08 -8.03 -29.97
C HIS F 310 3.78 -9.33 -30.36
N PHE F 311 3.88 -9.62 -31.66
CA PHE F 311 4.59 -10.81 -32.09
C PHE F 311 6.11 -10.60 -32.00
N LEU F 312 6.59 -9.48 -32.54
CA LEU F 312 8.01 -9.20 -32.52
C LEU F 312 8.53 -8.91 -31.12
N LYS F 313 7.66 -8.47 -30.20
CA LYS F 313 8.13 -8.15 -28.85
C LYS F 313 8.66 -9.38 -28.13
N VAL F 314 8.12 -10.56 -28.44
CA VAL F 314 8.52 -11.79 -27.77
C VAL F 314 9.39 -12.67 -28.66
N LEU F 315 9.81 -12.17 -29.81
CA LEU F 315 10.66 -12.94 -30.72
C LEU F 315 12.10 -12.64 -30.36
N PRO F 316 12.87 -13.63 -29.88
CA PRO F 316 14.27 -13.38 -29.53
C PRO F 316 15.08 -12.93 -30.74
N ALA F 317 16.03 -12.03 -30.49
CA ALA F 317 16.87 -11.54 -31.58
C ALA F 317 17.77 -12.63 -32.16
N SER F 318 17.94 -13.73 -31.44
CA SER F 318 18.82 -14.81 -31.84
C SER F 318 18.17 -15.78 -32.82
N VAL F 319 16.92 -15.56 -33.20
CA VAL F 319 16.22 -16.49 -34.07
C VAL F 319 16.81 -16.43 -35.46
N LYS F 320 17.18 -17.60 -35.99
CA LYS F 320 17.70 -17.71 -37.36
C LYS F 320 16.77 -18.44 -38.30
N ARG F 321 15.97 -19.40 -37.80
CA ARG F 321 15.06 -20.19 -38.61
C ARG F 321 13.79 -20.45 -37.84
N ILE F 322 12.65 -20.37 -38.53
CA ILE F 322 11.34 -20.55 -37.93
C ILE F 322 10.55 -21.57 -38.75
N ALA F 323 9.92 -22.51 -38.07
CA ALA F 323 9.01 -23.46 -38.69
C ALA F 323 7.61 -23.20 -38.15
N VAL F 324 6.67 -22.88 -39.05
CA VAL F 324 5.29 -22.60 -38.68
C VAL F 324 4.43 -23.82 -38.97
N LEU F 325 3.64 -24.23 -37.99
CA LEU F 325 2.79 -25.42 -38.08
C LEU F 325 1.34 -24.96 -38.13
N ASP F 326 0.63 -25.39 -39.17
CA ASP F 326 -0.79 -25.10 -39.34
C ASP F 326 -1.58 -26.38 -39.25
N ARG F 327 -2.67 -26.35 -38.47
CA ARG F 327 -3.58 -27.47 -38.33
C ARG F 327 -4.74 -27.37 -39.32
N THR F 328 -4.39 -27.12 -40.58
CA THR F 328 -5.37 -26.96 -41.66
C THR F 328 -4.68 -27.27 -42.97
N LYS F 329 -5.47 -27.29 -44.03
CA LYS F 329 -4.95 -27.46 -45.38
C LYS F 329 -5.77 -26.60 -46.32
N GLU F 330 -5.10 -25.76 -47.09
CA GLU F 330 -5.75 -24.96 -48.13
C GLU F 330 -5.21 -25.41 -49.48
N PRO F 331 -5.91 -26.31 -50.18
CA PRO F 331 -5.35 -26.90 -51.39
C PRO F 331 -5.07 -25.83 -52.44
N GLY F 332 -3.92 -25.95 -53.10
CA GLY F 332 -3.54 -25.03 -54.13
C GLY F 332 -3.01 -23.71 -53.63
N SER F 333 -3.23 -23.37 -52.38
CA SER F 333 -2.69 -22.13 -51.86
C SER F 333 -1.18 -22.22 -51.75
N LEU F 334 -0.53 -21.06 -51.82
CA LEU F 334 0.93 -21.02 -51.70
C LEU F 334 1.38 -21.48 -50.33
N GLY F 335 0.60 -21.17 -49.30
CA GLY F 335 0.91 -21.63 -47.96
C GLY F 335 -0.33 -21.53 -47.10
N GLU F 336 -0.23 -22.11 -45.91
CA GLU F 336 -1.35 -22.11 -44.98
C GLU F 336 -1.42 -20.78 -44.23
N PRO F 337 -2.56 -20.46 -43.61
CA PRO F 337 -2.77 -19.10 -43.10
C PRO F 337 -1.71 -18.61 -42.13
N LEU F 338 -1.39 -19.40 -41.11
CA LEU F 338 -0.41 -18.95 -40.13
C LEU F 338 0.98 -18.80 -40.75
N TYR F 339 1.35 -19.70 -41.66
CA TYR F 339 2.63 -19.58 -42.34
C TYR F 339 2.70 -18.29 -43.15
N GLU F 340 1.60 -17.95 -43.84
CA GLU F 340 1.59 -16.74 -44.64
C GLU F 340 1.64 -15.48 -43.78
N ASP F 341 1.07 -15.53 -42.58
CA ASP F 341 1.14 -14.38 -41.69
C ASP F 341 2.57 -14.19 -41.15
N VAL F 342 3.19 -15.28 -40.70
CA VAL F 342 4.56 -15.18 -40.17
C VAL F 342 5.50 -14.73 -41.28
N GLN F 343 5.36 -15.29 -42.48
CA GLN F 343 6.22 -14.90 -43.58
C GLN F 343 6.06 -13.41 -43.89
N THR F 344 4.83 -12.89 -43.78
CA THR F 344 4.56 -11.49 -44.08
C THR F 344 5.17 -10.57 -43.03
N VAL F 345 4.88 -10.83 -41.75
CA VAL F 345 5.32 -9.92 -40.69
C VAL F 345 6.84 -9.85 -40.63
N LEU F 346 7.52 -10.97 -40.86
CA LEU F 346 8.97 -10.96 -40.89
C LEU F 346 9.50 -10.20 -42.11
N ALA F 347 8.76 -10.25 -43.24
CA ALA F 347 9.19 -9.50 -44.41
C ALA F 347 8.97 -8.01 -44.23
N GLU F 348 7.85 -7.62 -43.62
CA GLU F 348 7.57 -6.21 -43.40
C GLU F 348 8.58 -5.55 -42.46
N HIS F 349 9.29 -6.33 -41.65
CA HIS F 349 10.29 -5.80 -40.73
C HIS F 349 11.71 -6.23 -41.09
N GLY F 350 11.92 -6.76 -42.29
CA GLY F 350 13.26 -7.03 -42.78
C GLY F 350 14.03 -8.05 -41.96
N LYS F 351 13.33 -8.95 -41.27
CA LYS F 351 14.02 -9.97 -40.50
C LYS F 351 14.61 -11.01 -41.45
N ASN F 352 15.91 -11.27 -41.31
CA ASN F 352 16.59 -12.26 -42.14
C ASN F 352 16.45 -13.63 -41.48
N ILE F 353 15.24 -14.17 -41.56
CA ILE F 353 14.89 -15.43 -40.94
C ILE F 353 14.30 -16.35 -42.00
N LEU F 354 14.89 -17.54 -42.15
CA LEU F 354 14.33 -18.54 -43.05
C LEU F 354 13.06 -19.11 -42.43
N VAL F 355 11.94 -18.98 -43.14
CA VAL F 355 10.65 -19.42 -42.64
C VAL F 355 10.18 -20.61 -43.48
N VAL F 356 9.65 -21.63 -42.80
CA VAL F 356 9.18 -22.84 -43.46
C VAL F 356 7.87 -23.23 -42.80
N GLY F 357 6.89 -23.65 -43.61
CA GLY F 357 5.57 -23.97 -43.11
C GLY F 357 5.23 -25.44 -43.34
N GLY F 358 4.42 -25.98 -42.43
CA GLY F 358 4.01 -27.36 -42.52
C GLY F 358 2.60 -27.53 -42.03
N ARG F 359 2.07 -28.73 -42.25
CA ARG F 359 0.73 -29.11 -41.81
C ARG F 359 0.82 -30.33 -40.91
N TYR F 360 -0.06 -30.39 -39.92
CA TYR F 360 -0.03 -31.47 -38.94
C TYR F 360 -1.42 -31.71 -38.40
N GLY F 361 -1.62 -32.90 -37.86
CA GLY F 361 -2.76 -33.19 -37.01
C GLY F 361 -4.12 -33.02 -37.65
N LEU F 362 -4.23 -33.24 -38.96
CA LEU F 362 -5.51 -33.11 -39.63
C LEU F 362 -6.47 -34.21 -39.17
N GLY F 363 -7.69 -33.81 -38.83
CA GLY F 363 -8.67 -34.76 -38.35
C GLY F 363 -8.25 -35.48 -37.09
N SER F 364 -7.66 -34.76 -36.14
CA SER F 364 -7.18 -35.33 -34.88
C SER F 364 -6.07 -36.36 -35.09
N LYS F 365 -5.28 -36.20 -36.14
CA LYS F 365 -4.11 -37.04 -36.30
C LYS F 365 -3.17 -36.83 -35.11
N GLU F 366 -2.55 -37.90 -34.65
CA GLU F 366 -1.67 -37.81 -33.49
C GLU F 366 -0.52 -36.86 -33.77
N PHE F 367 -0.16 -36.08 -32.75
CA PHE F 367 0.96 -35.14 -32.82
C PHE F 367 1.72 -35.26 -31.51
N ASN F 368 2.78 -36.06 -31.51
CA ASN F 368 3.54 -36.41 -30.32
C ASN F 368 4.93 -35.79 -30.36
N PRO F 369 5.68 -35.83 -29.24
CA PRO F 369 7.01 -35.19 -29.22
C PRO F 369 7.96 -35.70 -30.29
N SER F 370 7.86 -36.97 -30.67
CA SER F 370 8.73 -37.48 -31.73
C SER F 370 8.54 -36.70 -33.03
N MET F 371 7.29 -36.31 -33.32
CA MET F 371 7.02 -35.49 -34.49
C MET F 371 7.54 -34.08 -34.31
N VAL F 372 7.44 -33.53 -33.09
CA VAL F 372 7.94 -32.19 -32.83
C VAL F 372 9.45 -32.13 -33.06
N LYS F 373 10.18 -33.17 -32.64
CA LYS F 373 11.62 -33.19 -32.88
C LYS F 373 11.93 -33.23 -34.37
N ALA F 374 11.13 -33.95 -35.15
CA ALA F 374 11.35 -33.99 -36.61
C ALA F 374 11.21 -32.60 -37.20
N VAL F 375 10.28 -31.79 -36.69
CA VAL F 375 10.16 -30.41 -37.14
C VAL F 375 11.41 -29.61 -36.79
N PHE F 376 11.91 -29.78 -35.57
CA PHE F 376 13.15 -29.12 -35.19
C PHE F 376 14.34 -29.70 -35.95
N ASP F 377 14.35 -31.01 -36.19
CA ASP F 377 15.43 -31.61 -36.97
C ASP F 377 15.41 -31.11 -38.41
N ASN F 378 14.21 -30.89 -38.95
CA ASN F 378 14.13 -30.34 -40.30
C ASN F 378 14.68 -28.93 -40.36
N LEU F 379 14.50 -28.14 -39.31
CA LEU F 379 15.13 -26.82 -39.27
C LEU F 379 16.65 -26.91 -39.18
N ALA F 380 17.18 -28.02 -38.68
CA ALA F 380 18.61 -28.21 -38.56
C ALA F 380 19.25 -28.78 -39.82
N ALA F 381 18.46 -29.21 -40.78
CA ALA F 381 19.01 -29.76 -42.00
C ALA F 381 19.67 -28.66 -42.84
N THR F 382 20.52 -29.08 -43.78
CA THR F 382 21.21 -28.13 -44.65
C THR F 382 20.22 -27.36 -45.51
N THR F 383 19.26 -28.06 -46.10
CA THR F 383 18.17 -27.42 -46.86
C THR F 383 16.84 -27.91 -46.29
N PRO F 384 16.21 -27.13 -45.42
CA PRO F 384 14.94 -27.57 -44.82
C PRO F 384 13.86 -27.72 -45.87
N LYS F 385 13.14 -28.83 -45.81
CA LYS F 385 12.02 -29.04 -46.72
C LYS F 385 10.88 -28.12 -46.31
N ASN F 386 10.31 -27.41 -47.29
CA ASN F 386 9.21 -26.50 -47.05
C ASN F 386 7.91 -27.13 -47.55
N LYS F 387 6.79 -26.59 -47.07
CA LYS F 387 5.46 -27.09 -47.41
C LYS F 387 5.32 -28.57 -47.06
N PHE F 388 5.67 -28.91 -45.83
CA PHE F 388 5.79 -30.30 -45.39
C PHE F 388 4.56 -30.72 -44.58
N THR F 389 4.52 -32.01 -44.26
CA THR F 389 3.50 -32.59 -43.40
C THR F 389 4.15 -33.47 -42.34
N VAL F 390 3.50 -33.61 -41.20
CA VAL F 390 4.00 -34.41 -40.09
C VAL F 390 2.90 -35.33 -39.58
N GLY F 391 3.24 -36.62 -39.43
CA GLY F 391 2.30 -37.62 -38.95
C GLY F 391 1.82 -38.61 -39.98
N ILE F 392 2.20 -38.45 -41.24
CA ILE F 392 1.79 -39.36 -42.30
C ILE F 392 3.01 -39.74 -43.12
N THR F 393 2.82 -40.70 -44.02
CA THR F 393 3.86 -41.13 -44.95
C THR F 393 3.40 -40.78 -46.36
N ASP F 394 3.94 -39.69 -46.90
CA ASP F 394 3.57 -39.20 -48.23
C ASP F 394 4.57 -39.76 -49.25
N ASP F 395 4.24 -40.93 -49.81
CA ASP F 395 5.08 -41.53 -50.84
C ASP F 395 4.67 -41.12 -52.26
N VAL F 396 3.73 -40.19 -52.39
CA VAL F 396 3.28 -39.74 -53.70
C VAL F 396 3.91 -38.41 -54.04
N THR F 397 3.71 -37.41 -53.18
CA THR F 397 4.27 -36.09 -53.36
C THR F 397 5.45 -35.80 -52.45
N HIS F 398 5.81 -36.72 -51.55
CA HIS F 398 7.03 -36.63 -50.77
C HIS F 398 7.11 -35.35 -49.94
N THR F 399 5.99 -35.01 -49.29
CA THR F 399 5.95 -33.86 -48.40
C THR F 399 6.14 -34.22 -46.94
N SER F 400 6.01 -35.49 -46.58
CA SER F 400 6.06 -35.91 -45.19
C SER F 400 7.50 -35.95 -44.69
N LEU F 401 7.67 -35.61 -43.42
CA LEU F 401 8.97 -35.71 -42.77
C LEU F 401 9.18 -37.12 -42.26
N GLU F 402 10.44 -37.55 -42.24
CA GLU F 402 10.77 -38.88 -41.74
C GLU F 402 10.91 -38.83 -40.23
N ILE F 403 10.18 -39.69 -39.53
CA ILE F 403 10.28 -39.79 -38.07
C ILE F 403 11.49 -40.65 -37.74
N LYS F 404 12.62 -40.01 -37.42
CA LYS F 404 13.87 -40.73 -37.26
C LYS F 404 13.85 -41.60 -36.00
N GLU F 405 13.67 -40.98 -34.84
CA GLU F 405 13.72 -41.70 -33.57
C GLU F 405 12.50 -41.39 -32.72
N HIS F 406 12.26 -42.28 -31.75
CA HIS F 406 11.17 -42.13 -30.79
C HIS F 406 11.75 -41.66 -29.47
N ILE F 407 11.24 -40.54 -28.94
CA ILE F 407 11.73 -39.96 -27.70
C ILE F 407 10.61 -39.93 -26.67
N ASP F 408 11.01 -39.92 -25.39
CA ASP F 408 10.08 -39.86 -24.27
C ASP F 408 10.36 -38.57 -23.51
N THR F 409 9.49 -37.58 -23.66
CA THR F 409 9.64 -36.28 -23.01
C THR F 409 8.76 -36.09 -21.79
N SER F 410 8.09 -37.15 -21.34
CA SER F 410 7.21 -37.03 -20.19
C SER F 410 8.03 -36.71 -18.93
N PRO F 411 7.61 -35.74 -18.13
CA PRO F 411 8.35 -35.43 -16.89
C PRO F 411 8.35 -36.62 -15.94
N LYS F 412 9.46 -36.80 -15.24
CA LYS F 412 9.56 -37.90 -14.28
C LYS F 412 8.52 -37.73 -13.19
N GLY F 413 7.95 -38.85 -12.75
CA GLY F 413 6.92 -38.84 -11.73
C GLY F 413 5.50 -38.80 -12.25
N THR F 414 5.30 -38.77 -13.57
CA THR F 414 3.96 -38.80 -14.15
C THR F 414 3.59 -40.24 -14.48
N PHE F 415 2.44 -40.69 -13.94
CA PHE F 415 1.93 -42.03 -14.18
C PHE F 415 1.09 -42.04 -15.46
N ARG F 416 1.18 -43.14 -16.20
CA ARG F 416 0.49 -43.26 -17.48
C ARG F 416 -0.17 -44.63 -17.59
N CYS F 417 -1.47 -44.66 -17.90
CA CYS F 417 -2.26 -45.89 -17.94
C CYS F 417 -3.06 -45.97 -19.22
N LYS F 418 -3.15 -47.16 -19.78
CA LYS F 418 -4.04 -47.45 -20.89
C LYS F 418 -5.01 -48.56 -20.50
N PHE F 419 -6.29 -48.38 -20.86
CA PHE F 419 -7.35 -49.33 -20.56
C PHE F 419 -8.04 -49.69 -21.86
N PHE F 420 -7.88 -50.94 -22.31
CA PHE F 420 -8.59 -51.45 -23.48
C PHE F 420 -9.93 -52.01 -23.01
N GLY F 421 -11.02 -51.36 -23.41
CA GLY F 421 -12.34 -51.75 -22.99
C GLY F 421 -13.25 -52.10 -24.17
N LEU F 422 -14.42 -52.62 -23.83
CA LEU F 422 -15.45 -52.93 -24.80
C LEU F 422 -16.52 -51.85 -24.73
N GLY F 423 -17.23 -51.67 -25.84
CA GLY F 423 -18.27 -50.66 -25.91
C GLY F 423 -19.30 -50.76 -24.81
N SER F 424 -19.42 -49.70 -24.01
CA SER F 424 -20.45 -49.57 -22.98
C SER F 424 -20.36 -50.67 -21.92
N ASP F 425 -19.14 -51.11 -21.61
CA ASP F 425 -18.92 -52.08 -20.54
C ASP F 425 -18.63 -51.42 -19.20
N GLY F 426 -18.63 -50.08 -19.14
CA GLY F 426 -18.36 -49.36 -17.92
C GLY F 426 -16.92 -48.92 -17.74
N THR F 427 -16.03 -49.32 -18.65
CA THR F 427 -14.61 -48.99 -18.48
C THR F 427 -14.39 -47.49 -18.49
N VAL F 428 -14.89 -46.81 -19.52
CA VAL F 428 -14.70 -45.36 -19.64
C VAL F 428 -15.35 -44.63 -18.46
N GLY F 429 -16.57 -45.03 -18.11
CA GLY F 429 -17.23 -44.40 -16.98
C GLY F 429 -16.48 -44.60 -15.68
N ALA F 430 -15.90 -45.79 -15.50
CA ALA F 430 -15.10 -46.04 -14.31
C ALA F 430 -13.81 -45.23 -14.30
N ASN F 431 -13.14 -45.14 -15.45
CA ASN F 431 -11.90 -44.37 -15.53
C ASN F 431 -12.16 -42.88 -15.30
N LYS F 432 -13.28 -42.36 -15.81
CA LYS F 432 -13.64 -40.98 -15.52
C LYS F 432 -13.84 -40.77 -14.02
N ASN F 433 -14.49 -41.74 -13.36
CA ASN F 433 -14.66 -41.65 -11.91
C ASN F 433 -13.32 -41.77 -11.18
N SER F 434 -12.40 -42.59 -11.71
CA SER F 434 -11.09 -42.74 -11.10
C SER F 434 -10.32 -41.43 -11.12
N ILE F 435 -10.47 -40.66 -12.20
CA ILE F 435 -9.78 -39.39 -12.29
C ILE F 435 -10.30 -38.40 -11.26
N LYS F 436 -11.62 -38.32 -11.11
CA LYS F 436 -12.19 -37.40 -10.12
C LYS F 436 -11.80 -37.82 -8.71
N ILE F 437 -11.73 -39.12 -8.46
CA ILE F 437 -11.30 -39.62 -7.15
C ILE F 437 -9.87 -39.18 -6.84
N ILE F 438 -8.96 -39.42 -7.78
CA ILE F 438 -7.55 -39.07 -7.58
C ILE F 438 -7.37 -37.56 -7.53
N GLY F 439 -8.10 -36.83 -8.39
CA GLY F 439 -7.93 -35.40 -8.44
C GLY F 439 -8.45 -34.68 -7.22
N ASP F 440 -9.55 -35.16 -6.64
CA ASP F 440 -10.17 -34.47 -5.52
C ASP F 440 -9.46 -34.71 -4.19
N HIS F 441 -8.69 -35.80 -4.07
CA HIS F 441 -8.14 -36.18 -2.77
C HIS F 441 -6.61 -36.17 -2.74
N THR F 442 -5.94 -35.80 -3.82
CA THR F 442 -4.49 -35.67 -3.85
C THR F 442 -4.12 -34.32 -4.44
N ASP F 443 -2.84 -33.98 -4.32
CA ASP F 443 -2.32 -32.77 -4.93
C ASP F 443 -1.92 -32.96 -6.39
N MET F 444 -2.13 -34.16 -6.94
CA MET F 444 -1.64 -34.47 -8.28
C MET F 444 -2.57 -33.93 -9.36
N TYR F 445 -1.96 -33.48 -10.44
CA TYR F 445 -2.73 -33.17 -11.65
C TYR F 445 -3.14 -34.46 -12.35
N ALA F 446 -4.28 -34.42 -13.01
CA ALA F 446 -4.85 -35.59 -13.65
C ALA F 446 -5.33 -35.23 -15.06
N GLN F 447 -5.16 -36.17 -15.98
CA GLN F 447 -5.56 -35.98 -17.37
C GLN F 447 -6.20 -37.26 -17.88
N GLY F 448 -7.28 -37.12 -18.65
CA GLY F 448 -7.94 -38.25 -19.27
C GLY F 448 -8.41 -38.02 -20.69
N TYR F 449 -8.09 -38.94 -21.59
CA TYR F 449 -8.53 -38.89 -22.97
C TYR F 449 -9.00 -40.28 -23.39
N PHE F 450 -10.09 -40.33 -24.14
CA PHE F 450 -10.80 -41.59 -24.42
C PHE F 450 -11.01 -41.73 -25.91
N VAL F 451 -10.52 -42.83 -26.48
CA VAL F 451 -10.64 -43.13 -27.89
C VAL F 451 -11.83 -44.06 -28.09
N TYR F 452 -12.77 -43.65 -28.91
CA TYR F 452 -13.98 -44.41 -29.17
C TYR F 452 -13.91 -45.01 -30.57
N ASP F 453 -14.87 -45.87 -30.87
CA ASP F 453 -14.95 -46.56 -32.14
C ASP F 453 -16.13 -46.07 -32.95
N SER F 454 -16.05 -46.27 -34.27
CA SER F 454 -17.16 -45.93 -35.15
C SER F 454 -18.32 -46.91 -35.01
N LYS F 455 -18.04 -48.14 -34.58
CA LYS F 455 -19.11 -49.11 -34.34
C LYS F 455 -19.93 -48.66 -33.14
N LYS F 456 -21.25 -48.68 -33.28
CA LYS F 456 -22.11 -48.14 -32.24
C LYS F 456 -22.23 -49.09 -31.04
N SER F 457 -22.09 -50.40 -31.25
CA SER F 457 -22.18 -51.39 -30.20
C SER F 457 -21.06 -52.41 -30.37
N GLY F 458 -20.36 -52.71 -29.29
CA GLY F 458 -19.29 -53.69 -29.35
C GLY F 458 -17.97 -53.18 -29.85
N GLY F 459 -17.77 -51.86 -29.87
CA GLY F 459 -16.52 -51.31 -30.35
C GLY F 459 -15.43 -51.38 -29.30
N VAL F 460 -14.21 -51.09 -29.75
CA VAL F 460 -13.06 -51.08 -28.86
C VAL F 460 -12.91 -49.65 -28.34
N THR F 461 -12.73 -49.52 -27.02
CA THR F 461 -12.49 -48.22 -26.40
C THR F 461 -11.17 -48.26 -25.65
N ILE F 462 -10.36 -47.21 -25.81
CA ILE F 462 -9.06 -47.12 -25.18
C ILE F 462 -9.01 -45.84 -24.37
N SER F 463 -8.89 -45.96 -23.04
CA SER F 463 -8.80 -44.82 -22.15
C SER F 463 -7.33 -44.54 -21.85
N HIS F 464 -6.96 -43.26 -21.90
CA HIS F 464 -5.60 -42.80 -21.62
C HIS F 464 -5.63 -41.85 -20.45
N LEU F 465 -5.05 -42.27 -19.32
CA LEU F 465 -5.05 -41.47 -18.10
C LEU F 465 -3.62 -41.13 -17.72
N ARG F 466 -3.43 -39.94 -17.16
CA ARG F 466 -2.13 -39.52 -16.66
C ARG F 466 -2.33 -38.81 -15.34
N PHE F 467 -1.48 -39.14 -14.37
CA PHE F 467 -1.44 -38.47 -13.07
C PHE F 467 0.01 -38.20 -12.71
N GLY F 468 0.28 -37.02 -12.17
CA GLY F 468 1.62 -36.69 -11.75
C GLY F 468 1.62 -35.49 -10.83
N LYS F 469 2.74 -35.32 -10.14
CA LYS F 469 2.92 -34.17 -9.26
C LYS F 469 3.19 -32.88 -10.04
N GLN F 470 3.50 -32.97 -11.33
CA GLN F 470 3.78 -31.84 -12.19
C GLN F 470 2.63 -31.63 -13.18
N PRO F 471 2.44 -30.40 -13.66
CA PRO F 471 1.35 -30.14 -14.62
C PRO F 471 1.47 -31.03 -15.85
N ILE F 472 0.33 -31.52 -16.32
CA ILE F 472 0.29 -32.49 -17.40
C ILE F 472 0.11 -31.72 -18.72
N GLN F 473 1.18 -31.63 -19.49
CA GLN F 473 1.14 -31.00 -20.81
C GLN F 473 1.10 -32.01 -21.95
N SER F 474 0.90 -33.29 -21.63
CA SER F 474 0.96 -34.35 -22.65
C SER F 474 -0.40 -34.48 -23.33
N ALA F 475 -0.65 -33.56 -24.26
CA ALA F 475 -1.87 -33.59 -25.05
C ALA F 475 -1.72 -34.50 -26.26
N TYR F 476 -1.34 -35.75 -25.99
CA TYR F 476 -1.16 -36.74 -27.04
C TYR F 476 -1.34 -38.12 -26.41
N LEU F 477 -1.52 -39.12 -27.26
CA LEU F 477 -1.78 -40.46 -26.77
C LEU F 477 -0.56 -41.01 -26.03
N ILE F 478 -0.82 -41.98 -25.17
CA ILE F 478 0.22 -42.47 -24.27
C ILE F 478 1.23 -43.33 -25.03
N ASP F 479 2.51 -42.97 -24.89
CA ASP F 479 3.61 -43.67 -25.55
C ASP F 479 4.21 -44.76 -24.66
N GLN F 480 4.59 -44.42 -23.43
CA GLN F 480 5.20 -45.34 -22.49
C GLN F 480 4.24 -45.48 -21.31
N ALA F 481 3.59 -46.63 -21.21
CA ALA F 481 2.57 -46.85 -20.20
C ALA F 481 3.17 -47.56 -19.00
N ASP F 482 2.87 -47.04 -17.80
CA ASP F 482 3.27 -47.72 -16.58
C ASP F 482 2.33 -48.88 -16.24
N LEU F 483 1.07 -48.81 -16.69
CA LEU F 483 0.09 -49.85 -16.48
C LEU F 483 -0.80 -49.97 -17.71
N ILE F 484 -1.07 -51.19 -18.13
CA ILE F 484 -1.97 -51.48 -19.25
C ILE F 484 -2.96 -52.53 -18.79
N ALA F 485 -4.25 -52.25 -18.97
CA ALA F 485 -5.33 -53.14 -18.57
C ALA F 485 -6.12 -53.56 -19.79
N CYS F 486 -6.42 -54.85 -19.88
CA CYS F 486 -7.20 -55.41 -20.98
C CYS F 486 -8.44 -56.06 -20.39
N HIS F 487 -9.61 -55.43 -20.62
CA HIS F 487 -10.86 -55.91 -20.04
C HIS F 487 -11.60 -56.88 -20.94
N ASN F 488 -11.01 -57.29 -22.06
CA ASN F 488 -11.68 -58.21 -22.97
C ASN F 488 -10.71 -59.28 -23.45
N PRO F 489 -10.92 -60.55 -23.07
CA PRO F 489 -10.00 -61.61 -23.51
C PRO F 489 -9.99 -61.83 -25.01
N SER F 490 -11.05 -61.42 -25.71
CA SER F 490 -11.08 -61.55 -27.17
C SER F 490 -10.00 -60.72 -27.84
N TYR F 491 -9.55 -59.65 -27.19
CA TYR F 491 -8.49 -58.81 -27.75
C TYR F 491 -7.15 -59.52 -27.78
N VAL F 492 -6.97 -60.57 -26.96
CA VAL F 492 -5.72 -61.32 -26.94
C VAL F 492 -5.53 -62.04 -28.27
N GLY F 493 -4.44 -61.73 -28.96
CA GLY F 493 -4.17 -62.27 -30.27
C GLY F 493 -4.77 -61.48 -31.42
N ARG F 494 -5.58 -60.47 -31.13
CA ARG F 494 -6.23 -59.66 -32.15
C ARG F 494 -5.62 -58.28 -32.31
N TYR F 495 -5.28 -57.61 -31.23
CA TYR F 495 -4.65 -56.29 -31.27
C TYR F 495 -3.31 -56.35 -30.54
N ASN F 496 -2.41 -55.45 -30.93
CA ASN F 496 -1.09 -55.34 -30.30
C ASN F 496 -1.27 -54.53 -29.01
N LEU F 497 -1.76 -55.23 -27.98
CA LEU F 497 -2.10 -54.57 -26.72
C LEU F 497 -0.86 -54.07 -25.99
N LEU F 498 0.17 -54.91 -25.87
CA LEU F 498 1.35 -54.58 -25.07
C LEU F 498 2.33 -53.65 -25.79
N GLU F 499 1.88 -52.90 -26.79
CA GLU F 499 2.77 -52.03 -27.53
C GLU F 499 3.19 -50.84 -26.67
N GLY F 500 4.50 -50.63 -26.57
CA GLY F 500 5.04 -49.46 -25.88
C GLY F 500 4.97 -49.48 -24.37
N ILE F 501 4.63 -50.60 -23.75
CA ILE F 501 4.60 -50.64 -22.29
C ILE F 501 6.01 -50.49 -21.75
N LYS F 502 6.14 -49.79 -20.62
CA LYS F 502 7.45 -49.56 -20.04
C LYS F 502 8.01 -50.87 -19.50
N PRO F 503 9.33 -51.03 -19.53
CA PRO F 503 9.93 -52.22 -18.90
C PRO F 503 9.63 -52.25 -17.42
N GLY F 504 9.19 -53.42 -16.94
CA GLY F 504 8.79 -53.56 -15.55
C GLY F 504 7.41 -53.03 -15.23
N GLY F 505 6.64 -52.62 -16.24
CA GLY F 505 5.32 -52.09 -16.02
C GLY F 505 4.34 -53.16 -15.57
N ILE F 506 3.09 -52.71 -15.38
CA ILE F 506 2.02 -53.57 -14.87
C ILE F 506 1.07 -53.88 -16.01
N PHE F 507 0.68 -55.14 -16.11
CA PHE F 507 -0.32 -55.59 -17.08
C PHE F 507 -1.42 -56.32 -16.34
N LEU F 508 -2.62 -55.74 -16.33
CA LEU F 508 -3.78 -56.30 -15.65
C LEU F 508 -4.73 -56.85 -16.71
N LEU F 509 -5.13 -58.11 -16.53
CA LEU F 509 -5.96 -58.77 -17.53
C LEU F 509 -7.21 -59.32 -16.87
N ASN F 510 -8.34 -59.18 -17.56
CA ASN F 510 -9.61 -59.77 -17.16
C ASN F 510 -9.85 -60.97 -18.06
N SER F 511 -9.83 -62.16 -17.49
CA SER F 511 -10.07 -63.37 -18.26
C SER F 511 -10.40 -64.51 -17.30
N THR F 512 -10.98 -65.57 -17.88
CA THR F 512 -11.30 -66.78 -17.14
C THR F 512 -10.19 -67.82 -17.23
N TRP F 513 -9.07 -67.47 -17.86
CA TRP F 513 -7.99 -68.43 -18.06
C TRP F 513 -7.12 -68.48 -16.80
N SER F 514 -6.79 -69.69 -16.38
CA SER F 514 -5.93 -69.88 -15.22
C SER F 514 -4.47 -69.73 -15.60
N ALA F 515 -3.59 -69.79 -14.59
CA ALA F 515 -2.17 -69.63 -14.83
C ALA F 515 -1.61 -70.72 -15.73
N GLU F 516 -2.17 -71.92 -15.66
CA GLU F 516 -1.70 -73.02 -16.51
C GLU F 516 -2.18 -72.85 -17.94
N GLU F 517 -3.42 -72.39 -18.12
CA GLU F 517 -3.98 -72.15 -19.44
C GLU F 517 -3.31 -71.00 -20.18
N MET F 518 -2.49 -70.20 -19.48
CA MET F 518 -1.81 -69.08 -20.12
C MET F 518 -0.87 -69.55 -21.23
N ASP F 519 -0.28 -70.73 -21.07
CA ASP F 519 0.66 -71.23 -22.07
C ASP F 519 -0.02 -71.54 -23.40
N SER F 520 -1.26 -72.04 -23.36
CA SER F 520 -1.96 -72.45 -24.57
C SER F 520 -2.82 -71.34 -25.16
N ARG F 521 -3.22 -70.36 -24.35
CA ARG F 521 -4.14 -69.33 -24.82
C ARG F 521 -3.43 -68.10 -25.38
N LEU F 522 -2.33 -67.66 -24.74
CA LEU F 522 -1.67 -66.44 -25.18
C LEU F 522 -0.74 -66.74 -26.36
N PRO F 523 -0.67 -65.83 -27.34
CA PRO F 523 0.28 -65.99 -28.44
C PRO F 523 1.71 -65.86 -27.94
N ALA F 524 2.64 -66.36 -28.76
CA ALA F 524 4.03 -66.42 -28.32
C ALA F 524 4.66 -65.04 -28.18
N ASP F 525 4.38 -64.14 -29.14
CA ASP F 525 4.95 -62.80 -29.06
C ASP F 525 4.50 -62.07 -27.80
N MET F 526 3.26 -62.32 -27.37
CA MET F 526 2.77 -61.71 -26.13
C MET F 526 3.54 -62.24 -24.94
N LYS F 527 3.83 -63.54 -24.92
CA LYS F 527 4.60 -64.12 -23.83
C LYS F 527 6.01 -63.53 -23.78
N ARG F 528 6.59 -63.28 -24.96
CA ARG F 528 7.95 -62.72 -25.00
C ARG F 528 8.00 -61.33 -24.40
N THR F 529 7.02 -60.49 -24.74
CA THR F 529 7.01 -59.13 -24.20
C THR F 529 6.83 -59.13 -22.69
N ILE F 530 5.94 -59.98 -22.18
CA ILE F 530 5.72 -60.05 -20.74
C ILE F 530 6.98 -60.50 -20.02
N ALA F 531 7.70 -61.46 -20.61
CA ALA F 531 8.88 -62.01 -19.94
C ALA F 531 10.10 -61.11 -20.10
N THR F 532 10.37 -60.64 -21.32
CA THR F 532 11.57 -59.85 -21.57
C THR F 532 11.54 -58.53 -20.81
N LYS F 533 10.40 -57.85 -20.78
CA LYS F 533 10.26 -56.59 -20.06
C LYS F 533 10.00 -56.78 -18.56
N LYS F 534 9.88 -58.03 -18.09
CA LYS F 534 9.68 -58.32 -16.67
C LYS F 534 8.46 -57.60 -16.11
N LEU F 535 7.34 -57.73 -16.82
CA LEU F 535 6.12 -57.06 -16.41
C LEU F 535 5.51 -57.76 -15.21
N LYS F 536 4.84 -56.98 -14.37
CA LYS F 536 4.05 -57.54 -13.27
C LYS F 536 2.67 -57.88 -13.85
N PHE F 537 2.46 -59.17 -14.10
CA PHE F 537 1.28 -59.64 -14.81
C PHE F 537 0.23 -60.05 -13.79
N TYR F 538 -0.90 -59.35 -13.79
CA TYR F 538 -2.02 -59.67 -12.92
C TYR F 538 -3.21 -60.08 -13.77
N ASN F 539 -4.01 -61.00 -13.24
CA ASN F 539 -5.21 -61.48 -13.91
C ASN F 539 -6.34 -61.53 -12.90
N ILE F 540 -7.56 -61.38 -13.39
CA ILE F 540 -8.74 -61.46 -12.54
C ILE F 540 -9.92 -61.88 -13.38
N ASP F 541 -10.73 -62.80 -12.86
CA ASP F 541 -11.95 -63.23 -13.54
C ASP F 541 -13.10 -62.39 -13.02
N ALA F 542 -13.19 -61.16 -13.54
CA ALA F 542 -14.27 -60.27 -13.12
C ALA F 542 -15.62 -60.83 -13.52
N VAL F 543 -15.68 -61.59 -14.62
CA VAL F 543 -16.93 -62.19 -15.06
C VAL F 543 -17.44 -63.19 -14.04
N LYS F 544 -16.54 -63.98 -13.46
CA LYS F 544 -16.94 -64.96 -12.45
C LYS F 544 -17.53 -64.26 -11.22
N ILE F 545 -16.93 -63.14 -10.81
CA ILE F 545 -17.40 -62.42 -9.63
C ILE F 545 -18.79 -61.83 -9.89
N ALA F 546 -18.96 -61.15 -11.03
CA ALA F 546 -20.25 -60.52 -11.31
C ALA F 546 -21.36 -61.56 -11.46
N GLN F 547 -21.03 -62.75 -11.97
CA GLN F 547 -22.03 -63.79 -12.09
C GLN F 547 -22.45 -64.32 -10.72
N GLU F 548 -21.47 -64.57 -9.85
CA GLU F 548 -21.78 -65.13 -8.53
C GLU F 548 -22.50 -64.12 -7.65
N ILE F 549 -22.15 -62.83 -7.76
CA ILE F 549 -22.82 -61.83 -6.96
C ILE F 549 -24.22 -61.52 -7.50
N GLY F 550 -24.41 -61.61 -8.81
CA GLY F 550 -25.67 -61.27 -9.41
C GLY F 550 -25.71 -59.94 -10.14
N LEU F 551 -24.55 -59.36 -10.43
CA LEU F 551 -24.47 -58.11 -11.18
C LEU F 551 -24.53 -58.33 -12.68
N GLY F 552 -24.81 -59.54 -13.12
CA GLY F 552 -24.83 -59.85 -14.54
C GLY F 552 -23.44 -59.89 -15.11
N SER F 553 -23.14 -59.00 -16.04
CA SER F 553 -21.81 -58.90 -16.62
C SER F 553 -21.15 -57.55 -16.37
N ARG F 554 -21.75 -56.69 -15.54
CA ARG F 554 -21.14 -55.41 -15.22
C ARG F 554 -19.89 -55.64 -14.40
N ILE F 555 -18.73 -55.27 -14.95
CA ILE F 555 -17.45 -55.46 -14.29
C ILE F 555 -16.73 -54.13 -14.05
N ASN F 556 -17.43 -53.01 -14.24
CA ASN F 556 -16.80 -51.71 -14.08
C ASN F 556 -16.32 -51.51 -12.64
N VAL F 557 -17.18 -51.84 -11.68
CA VAL F 557 -16.81 -51.69 -10.27
C VAL F 557 -15.68 -52.66 -9.93
N ILE F 558 -15.73 -53.88 -10.49
CA ILE F 558 -14.72 -54.89 -10.18
C ILE F 558 -13.36 -54.48 -10.72
N MET F 559 -13.31 -54.08 -11.99
CA MET F 559 -12.03 -53.79 -12.62
C MET F 559 -11.43 -52.49 -12.11
N GLN F 560 -12.26 -51.52 -11.75
CA GLN F 560 -11.73 -50.29 -11.17
C GLN F 560 -11.03 -50.56 -9.84
N THR F 561 -11.61 -51.44 -9.03
CA THR F 561 -10.97 -51.81 -7.77
C THR F 561 -9.65 -52.52 -8.01
N ALA F 562 -9.62 -53.45 -8.97
CA ALA F 562 -8.39 -54.16 -9.26
C ALA F 562 -7.29 -53.20 -9.71
N PHE F 563 -7.67 -52.11 -10.36
CA PHE F 563 -6.69 -51.11 -10.79
C PHE F 563 -6.01 -50.45 -9.60
N PHE F 564 -6.80 -49.90 -8.67
CA PHE F 564 -6.23 -49.20 -7.52
C PHE F 564 -5.37 -50.12 -6.65
N LYS F 565 -5.68 -51.42 -6.61
CA LYS F 565 -4.92 -52.32 -5.76
C LYS F 565 -3.46 -52.43 -6.18
N ILE F 566 -3.19 -52.32 -7.48
CA ILE F 566 -1.85 -52.52 -8.01
C ILE F 566 -1.18 -51.23 -8.49
N ALA F 567 -1.95 -50.17 -8.74
CA ALA F 567 -1.37 -48.95 -9.28
C ALA F 567 -0.46 -48.25 -8.28
N ASN F 568 -0.75 -48.37 -6.98
CA ASN F 568 0.03 -47.70 -5.93
C ASN F 568 0.04 -46.19 -6.13
N VAL F 569 -1.11 -45.64 -6.55
CA VAL F 569 -1.22 -44.20 -6.69
C VAL F 569 -1.56 -43.55 -5.35
N ILE F 570 -2.47 -44.15 -4.60
CA ILE F 570 -2.81 -43.69 -3.25
C ILE F 570 -2.84 -44.91 -2.34
N PRO F 571 -2.84 -44.74 -1.01
CA PRO F 571 -3.03 -45.89 -0.12
C PRO F 571 -4.28 -46.66 -0.51
N VAL F 572 -4.15 -48.00 -0.59
CA VAL F 572 -5.25 -48.83 -1.06
C VAL F 572 -6.49 -48.65 -0.19
N ASP F 573 -6.30 -48.47 1.12
CA ASP F 573 -7.42 -48.26 2.02
C ASP F 573 -8.15 -46.96 1.71
N GLU F 574 -7.40 -45.90 1.37
CA GLU F 574 -8.05 -44.66 0.99
C GLU F 574 -8.80 -44.81 -0.32
N ALA F 575 -8.25 -45.59 -1.26
CA ALA F 575 -8.92 -45.80 -2.53
C ALA F 575 -10.24 -46.54 -2.35
N ILE F 576 -10.24 -47.58 -1.50
CA ILE F 576 -11.46 -48.35 -1.28
C ILE F 576 -12.57 -47.48 -0.70
N LYS F 577 -12.21 -46.53 0.17
CA LYS F 577 -13.20 -45.63 0.73
C LYS F 577 -13.82 -44.74 -0.34
N TYR F 578 -12.98 -44.17 -1.22
CA TYR F 578 -13.49 -43.30 -2.26
C TYR F 578 -14.34 -44.05 -3.28
N ILE F 579 -14.02 -45.33 -3.53
CA ILE F 579 -14.83 -46.14 -4.43
C ILE F 579 -16.22 -46.34 -3.85
N LYS F 580 -16.29 -46.79 -2.59
CA LYS F 580 -17.57 -47.03 -1.94
C LYS F 580 -18.36 -45.74 -1.77
N ASP F 581 -17.67 -44.62 -1.50
CA ASP F 581 -18.36 -43.34 -1.44
C ASP F 581 -19.00 -42.98 -2.78
N SER F 582 -18.30 -43.30 -3.88
CA SER F 582 -18.86 -43.06 -5.20
C SER F 582 -20.00 -44.03 -5.49
N ILE F 583 -19.97 -45.22 -4.88
CA ILE F 583 -21.09 -46.15 -5.01
C ILE F 583 -22.34 -45.56 -4.35
N VAL F 584 -22.17 -44.93 -3.18
CA VAL F 584 -23.28 -44.27 -2.51
C VAL F 584 -23.82 -43.14 -3.38
N LYS F 585 -22.92 -42.41 -4.05
CA LYS F 585 -23.39 -41.33 -4.93
C LYS F 585 -24.12 -41.88 -6.15
N THR F 586 -23.71 -43.06 -6.63
CA THR F 586 -24.34 -43.66 -7.80
C THR F 586 -25.49 -44.60 -7.45
N TYR F 587 -25.30 -45.46 -6.43
CA TYR F 587 -26.30 -46.42 -6.02
C TYR F 587 -26.94 -46.07 -4.68
N GLY F 588 -27.01 -44.79 -4.34
CA GLY F 588 -27.65 -44.38 -3.11
C GLY F 588 -29.15 -44.40 -3.23
N LYS F 589 -29.65 -44.02 -4.41
CA LYS F 589 -31.07 -44.10 -4.71
C LYS F 589 -31.52 -45.51 -5.03
N LYS F 590 -30.58 -46.44 -5.26
CA LYS F 590 -30.94 -47.82 -5.51
C LYS F 590 -31.38 -48.51 -4.22
N GLY F 591 -31.86 -49.74 -4.38
CA GLY F 591 -32.33 -50.52 -3.26
C GLY F 591 -31.23 -50.91 -2.30
N ASP F 592 -31.65 -51.40 -1.14
CA ASP F 592 -30.68 -51.82 -0.12
C ASP F 592 -29.93 -53.07 -0.57
N LYS F 593 -30.57 -53.94 -1.35
CA LYS F 593 -29.88 -55.13 -1.85
C LYS F 593 -28.87 -54.77 -2.94
N ILE F 594 -29.23 -53.85 -3.84
CA ILE F 594 -28.31 -53.44 -4.90
C ILE F 594 -27.13 -52.64 -4.35
N LEU F 595 -27.32 -51.94 -3.23
CA LEU F 595 -26.22 -51.19 -2.66
C LEU F 595 -25.13 -52.13 -2.15
N ASN F 596 -25.52 -53.18 -1.42
CA ASN F 596 -24.56 -54.13 -0.89
C ASN F 596 -23.91 -55.00 -1.95
N MET F 597 -24.54 -55.16 -3.12
CA MET F 597 -23.90 -55.93 -4.19
C MET F 597 -22.64 -55.25 -4.70
N ASN F 598 -22.70 -53.94 -4.92
CA ASN F 598 -21.52 -53.23 -5.38
C ASN F 598 -20.43 -53.17 -4.31
N PHE F 599 -20.82 -53.18 -3.04
CA PHE F 599 -19.85 -53.30 -1.97
C PHE F 599 -19.13 -54.65 -2.01
N ALA F 600 -19.88 -55.72 -2.29
CA ALA F 600 -19.28 -57.04 -2.37
C ALA F 600 -18.34 -57.18 -3.56
N ALA F 601 -18.63 -56.48 -4.67
CA ALA F 601 -17.75 -56.51 -5.82
C ALA F 601 -16.37 -55.95 -5.47
N VAL F 602 -16.33 -54.83 -4.75
CA VAL F 602 -15.06 -54.26 -4.32
C VAL F 602 -14.32 -55.23 -3.42
N ASP F 603 -15.02 -55.80 -2.44
CA ASP F 603 -14.37 -56.67 -1.47
C ASP F 603 -13.89 -57.96 -2.12
N ARG F 604 -14.74 -58.60 -2.92
CA ARG F 604 -14.34 -59.87 -3.53
C ARG F 604 -13.25 -59.68 -4.56
N ALA F 605 -13.21 -58.52 -5.23
CA ALA F 605 -12.19 -58.29 -6.24
C ALA F 605 -10.81 -58.22 -5.63
N LEU F 606 -10.69 -57.62 -4.44
CA LEU F 606 -9.39 -57.50 -3.79
C LEU F 606 -8.78 -58.87 -3.51
N GLU F 607 -9.62 -59.83 -3.11
CA GLU F 607 -9.13 -61.17 -2.83
C GLU F 607 -9.02 -62.02 -4.10
N ALA F 608 -9.74 -61.66 -5.17
CA ALA F 608 -9.72 -62.46 -6.38
C ALA F 608 -8.63 -62.02 -7.36
N LEU F 609 -8.07 -60.82 -7.20
CA LEU F 609 -6.98 -60.38 -8.06
C LEU F 609 -5.76 -61.23 -7.75
N GLU F 610 -5.32 -62.02 -8.73
CA GLU F 610 -4.23 -62.97 -8.54
C GLU F 610 -3.09 -62.60 -9.48
N GLU F 611 -1.90 -62.42 -8.93
CA GLU F 611 -0.73 -62.15 -9.74
C GLU F 611 -0.21 -63.45 -10.34
N ILE F 612 0.11 -63.42 -11.63
CA ILE F 612 0.53 -64.60 -12.37
C ILE F 612 2.05 -64.65 -12.38
N LYS F 613 2.61 -65.64 -11.70
CA LYS F 613 4.05 -65.88 -11.72
C LYS F 613 4.34 -66.77 -12.93
N TYR F 614 4.81 -66.16 -14.00
CA TYR F 614 5.01 -66.81 -15.29
C TYR F 614 6.43 -67.37 -15.41
N PRO F 615 6.58 -68.48 -16.13
CA PRO F 615 7.91 -69.06 -16.29
C PRO F 615 8.81 -68.17 -17.14
N ALA F 616 10.11 -68.22 -16.82
CA ALA F 616 11.09 -67.48 -17.60
C ALA F 616 11.22 -68.00 -19.02
N SER F 617 10.80 -69.24 -19.27
CA SER F 617 10.86 -69.80 -20.62
C SER F 617 9.89 -69.13 -21.59
N TRP F 618 9.02 -68.25 -21.10
CA TRP F 618 8.11 -67.54 -21.99
C TRP F 618 8.85 -66.64 -22.96
N ALA F 619 10.04 -66.15 -22.58
CA ALA F 619 10.83 -65.32 -23.48
C ALA F 619 11.34 -66.10 -24.69
N ASP F 620 11.46 -67.43 -24.56
CA ASP F 620 11.94 -68.29 -25.65
C ASP F 620 10.81 -68.89 -26.48
N ALA F 621 9.57 -68.56 -26.19
CA ALA F 621 8.45 -69.07 -26.98
C ALA F 621 8.57 -68.60 -28.43
N VAL F 622 8.10 -69.44 -29.34
CA VAL F 622 8.22 -69.21 -30.78
C VAL F 622 6.82 -69.07 -31.35
N ASP F 623 6.64 -68.12 -32.27
CA ASP F 623 5.32 -67.85 -32.83
C ASP F 623 4.80 -69.09 -33.55
N GLU F 624 3.53 -69.42 -33.30
CA GLU F 624 2.93 -70.59 -33.92
C GLU F 624 2.88 -70.41 -35.42
N ALA F 625 2.83 -71.53 -36.14
CA ALA F 625 2.80 -71.50 -37.60
C ALA F 625 1.53 -70.81 -38.07
N ALA F 626 1.68 -69.75 -38.86
CA ALA F 626 0.52 -69.00 -39.35
C ALA F 626 -0.23 -69.83 -40.38
N ALA F 627 -1.56 -69.91 -40.21
CA ALA F 627 -2.38 -70.68 -41.13
C ALA F 627 -2.39 -70.04 -42.52
N THR F 628 -2.77 -70.84 -43.52
CA THR F 628 -2.84 -70.36 -44.89
C THR F 628 -3.93 -69.31 -45.01
N VAL F 629 -3.56 -68.10 -45.42
CA VAL F 629 -4.51 -67.00 -45.55
C VAL F 629 -5.26 -67.13 -46.87
N THR F 630 -6.58 -66.98 -46.81
CA THR F 630 -7.38 -67.03 -48.02
C THR F 630 -7.10 -65.81 -48.90
N GLU F 631 -7.14 -66.02 -50.21
CA GLU F 631 -6.90 -64.95 -51.17
C GLU F 631 -8.08 -64.00 -51.11
N GLU F 632 -7.89 -62.86 -50.47
CA GLU F 632 -8.91 -61.85 -50.31
C GLU F 632 -8.71 -60.71 -51.29
N PRO F 633 -9.75 -59.93 -51.57
CA PRO F 633 -9.59 -58.81 -52.50
C PRO F 633 -8.50 -57.86 -52.05
N GLU F 634 -7.96 -57.13 -53.04
CA GLU F 634 -6.82 -56.25 -52.77
C GLU F 634 -7.18 -55.17 -51.77
N PHE F 635 -8.39 -54.60 -51.89
CA PHE F 635 -8.79 -53.56 -50.95
C PHE F 635 -8.90 -54.11 -49.55
N ILE F 636 -9.53 -55.29 -49.40
CA ILE F 636 -9.65 -55.91 -48.09
C ILE F 636 -8.27 -56.21 -47.51
N GLN F 637 -7.36 -56.69 -48.35
CA GLN F 637 -6.05 -57.08 -47.85
C GLN F 637 -5.21 -55.88 -47.43
N LYS F 638 -5.25 -54.80 -48.21
CA LYS F 638 -4.36 -53.66 -47.98
C LYS F 638 -4.98 -52.54 -47.16
N VAL F 639 -6.30 -52.49 -47.03
CA VAL F 639 -6.95 -51.35 -46.37
C VAL F 639 -7.77 -51.79 -45.17
N LEU F 640 -8.76 -52.67 -45.41
CA LEU F 640 -9.73 -52.99 -44.36
C LEU F 640 -9.08 -53.72 -43.19
N ARG F 641 -8.26 -54.73 -43.47
CA ARG F 641 -7.63 -55.48 -42.38
C ARG F 641 -6.74 -54.59 -41.50
N PRO F 642 -5.82 -53.79 -42.03
CA PRO F 642 -5.01 -52.95 -41.15
C PRO F 642 -5.82 -51.92 -40.38
N ILE F 643 -6.90 -51.40 -40.96
CA ILE F 643 -7.71 -50.42 -40.25
C ILE F 643 -8.43 -51.10 -39.08
N ASN F 644 -9.05 -52.25 -39.34
CA ASN F 644 -9.73 -52.97 -38.26
C ASN F 644 -8.76 -53.50 -37.22
N ALA F 645 -7.51 -53.75 -37.62
CA ALA F 645 -6.48 -54.16 -36.67
C ALA F 645 -5.83 -52.98 -35.95
N LEU F 646 -6.41 -51.78 -36.06
CA LEU F 646 -5.88 -50.57 -35.41
C LEU F 646 -4.48 -50.20 -35.92
N LYS F 647 -4.25 -50.39 -37.22
CA LYS F 647 -2.97 -50.09 -37.84
C LYS F 647 -3.10 -49.14 -39.02
N GLY F 648 -4.19 -48.37 -39.09
CA GLY F 648 -4.42 -47.52 -40.25
C GLY F 648 -3.41 -46.40 -40.41
N ASP F 649 -2.82 -45.95 -39.30
CA ASP F 649 -1.83 -44.88 -39.38
C ASP F 649 -0.57 -45.30 -40.13
N GLU F 650 -0.33 -46.61 -40.28
CA GLU F 650 0.84 -47.10 -41.02
C GLU F 650 0.63 -47.09 -42.53
N LEU F 651 -0.60 -46.88 -43.00
CA LEU F 651 -0.88 -46.87 -44.43
C LEU F 651 -0.40 -45.58 -45.07
N PRO F 652 0.42 -45.64 -46.11
CA PRO F 652 0.93 -44.43 -46.76
C PRO F 652 -0.16 -43.79 -47.62
N VAL F 653 0.18 -42.64 -48.20
CA VAL F 653 -0.79 -41.87 -48.97
C VAL F 653 -1.23 -42.64 -50.22
N SER F 654 -0.31 -43.37 -50.85
CA SER F 654 -0.62 -44.07 -52.09
C SER F 654 -1.66 -45.16 -51.92
N THR F 655 -2.10 -45.45 -50.70
CA THR F 655 -3.08 -46.50 -50.51
C THR F 655 -4.49 -46.06 -50.92
N PHE F 656 -4.77 -44.76 -50.84
CA PHE F 656 -6.13 -44.24 -50.90
C PHE F 656 -6.38 -43.54 -52.23
N THR F 657 -7.65 -43.56 -52.65
CA THR F 657 -8.04 -42.83 -53.84
C THR F 657 -7.99 -41.32 -53.56
N PRO F 658 -7.73 -40.51 -54.59
CA PRO F 658 -7.65 -39.06 -54.38
C PRO F 658 -8.99 -38.38 -54.19
N ASP F 659 -10.10 -39.08 -54.39
CA ASP F 659 -11.43 -38.48 -54.32
C ASP F 659 -12.34 -39.14 -53.28
N GLY F 660 -11.81 -39.99 -52.42
CA GLY F 660 -12.61 -40.60 -51.37
C GLY F 660 -13.66 -41.57 -51.85
N VAL F 661 -13.39 -42.30 -52.93
CA VAL F 661 -14.29 -43.31 -53.46
C VAL F 661 -13.88 -44.67 -52.93
N PHE F 662 -14.84 -45.43 -52.42
CA PHE F 662 -14.58 -46.72 -51.80
C PHE F 662 -15.42 -47.81 -52.44
N PRO F 663 -14.95 -49.06 -52.42
CA PRO F 663 -15.73 -50.16 -52.98
C PRO F 663 -16.94 -50.47 -52.11
N VAL F 664 -17.88 -51.22 -52.67
CA VAL F 664 -19.08 -51.61 -51.96
C VAL F 664 -18.98 -53.07 -51.52
N GLY F 665 -19.85 -53.45 -50.59
CA GLY F 665 -19.92 -54.82 -50.12
C GLY F 665 -18.65 -55.30 -49.43
N THR F 666 -18.16 -54.52 -48.47
CA THR F 666 -16.95 -54.85 -47.76
C THR F 666 -17.18 -55.27 -46.32
N THR F 667 -18.39 -55.08 -45.78
CA THR F 667 -18.65 -55.45 -44.40
C THR F 667 -18.67 -56.96 -44.20
N LYS F 668 -18.84 -57.74 -45.27
CA LYS F 668 -18.86 -59.18 -45.11
C LYS F 668 -17.52 -59.75 -44.71
N TYR F 669 -16.45 -58.97 -44.79
CA TYR F 669 -15.13 -59.43 -44.37
C TYR F 669 -14.85 -59.15 -42.92
N GLU F 670 -15.78 -58.52 -42.20
CA GLU F 670 -15.55 -58.21 -40.80
C GLU F 670 -15.75 -59.43 -39.91
N LYS F 671 -16.96 -60.02 -39.95
CA LYS F 671 -17.31 -61.17 -39.13
C LYS F 671 -16.96 -60.91 -37.66
N ARG F 672 -17.59 -59.87 -37.12
CA ARG F 672 -17.21 -59.38 -35.79
C ARG F 672 -17.50 -60.41 -34.70
N GLY F 673 -18.63 -61.11 -34.80
CA GLY F 673 -18.97 -62.12 -33.82
C GLY F 673 -19.10 -61.57 -32.42
N ILE F 674 -19.97 -60.57 -32.26
CA ILE F 674 -20.12 -59.86 -31.00
C ILE F 674 -21.34 -60.29 -30.22
N ALA F 675 -22.10 -61.26 -30.72
CA ALA F 675 -23.37 -61.65 -30.10
C ALA F 675 -23.15 -62.53 -28.88
N VAL F 676 -23.96 -62.33 -27.85
CA VAL F 676 -23.94 -63.21 -26.69
C VAL F 676 -24.81 -64.44 -26.94
N ASN F 677 -25.97 -64.26 -27.57
CA ASN F 677 -26.86 -65.36 -27.91
C ASN F 677 -27.21 -65.29 -29.39
N ILE F 678 -27.47 -66.46 -29.97
CA ILE F 678 -27.79 -66.57 -31.39
C ILE F 678 -29.10 -67.34 -31.54
N PRO F 679 -29.94 -66.98 -32.51
CA PRO F 679 -31.17 -67.74 -32.74
C PRO F 679 -30.84 -69.09 -33.35
N GLN F 680 -31.44 -70.14 -32.80
CA GLN F 680 -31.36 -71.49 -33.34
C GLN F 680 -32.70 -71.83 -33.98
N TRP F 681 -32.66 -72.34 -35.21
CA TRP F 681 -33.85 -72.56 -36.00
C TRP F 681 -34.46 -73.92 -35.72
N GLN F 682 -35.78 -73.93 -35.46
CA GLN F 682 -36.53 -75.16 -35.24
C GLN F 682 -37.35 -75.47 -36.50
N PRO F 683 -36.91 -76.39 -37.35
CA PRO F 683 -37.63 -76.62 -38.61
C PRO F 683 -39.06 -77.09 -38.47
N GLU F 684 -39.38 -77.78 -37.37
CA GLU F 684 -40.72 -78.35 -37.21
C GLU F 684 -41.75 -77.31 -36.79
N ASN F 685 -41.31 -76.21 -36.19
CA ASN F 685 -42.22 -75.16 -35.77
C ASN F 685 -42.37 -74.04 -36.78
N CYS F 686 -41.59 -74.08 -37.86
CA CYS F 686 -41.49 -72.97 -38.80
C CYS F 686 -42.57 -73.05 -39.88
N ILE F 687 -43.29 -71.94 -40.08
CA ILE F 687 -44.31 -71.83 -41.12
C ILE F 687 -43.80 -71.19 -42.40
N GLN F 688 -42.51 -70.85 -42.48
CA GLN F 688 -41.88 -70.23 -43.65
C GLN F 688 -42.56 -68.91 -44.02
N CYS F 689 -42.52 -67.97 -43.09
CA CYS F 689 -43.13 -66.66 -43.29
C CYS F 689 -42.13 -65.54 -43.52
N ASN F 690 -40.85 -65.80 -43.26
CA ASN F 690 -39.76 -64.87 -43.54
C ASN F 690 -39.81 -63.58 -42.73
N GLN F 691 -40.64 -63.52 -41.69
CA GLN F 691 -40.68 -62.33 -40.86
C GLN F 691 -39.38 -62.14 -40.08
N CYS F 692 -38.68 -63.24 -39.77
CA CYS F 692 -37.38 -63.13 -39.10
C CYS F 692 -36.34 -62.48 -40.00
N SER F 693 -36.34 -62.85 -41.28
CA SER F 693 -35.43 -62.24 -42.24
C SER F 693 -35.81 -60.79 -42.52
N LEU F 694 -37.09 -60.45 -42.38
CA LEU F 694 -37.54 -59.10 -42.70
C LEU F 694 -37.08 -58.10 -41.64
N VAL F 695 -37.11 -58.50 -40.36
CA VAL F 695 -36.86 -57.57 -39.26
C VAL F 695 -35.41 -57.54 -38.81
N CYS F 696 -34.55 -58.40 -39.34
CA CYS F 696 -33.17 -58.47 -38.87
C CYS F 696 -32.44 -57.19 -39.25
N PRO F 697 -31.98 -56.40 -38.28
CA PRO F 697 -31.32 -55.13 -38.62
C PRO F 697 -29.93 -55.29 -39.23
N HIS F 698 -29.44 -56.52 -39.41
CA HIS F 698 -28.11 -56.72 -39.95
C HIS F 698 -28.06 -57.74 -41.09
N ALA F 699 -29.21 -58.22 -41.55
CA ALA F 699 -29.29 -59.20 -42.64
C ALA F 699 -28.47 -60.46 -42.33
N ALA F 700 -28.45 -60.84 -41.04
CA ALA F 700 -27.67 -61.98 -40.60
C ALA F 700 -28.42 -63.30 -40.66
N ILE F 701 -29.73 -63.27 -40.88
CA ILE F 701 -30.56 -64.46 -40.94
C ILE F 701 -31.47 -64.35 -42.16
N ARG F 702 -31.41 -65.35 -43.04
CA ARG F 702 -32.06 -65.31 -44.34
C ARG F 702 -32.62 -66.68 -44.67
N PRO F 703 -33.66 -66.74 -45.51
CA PRO F 703 -34.14 -68.03 -46.00
C PRO F 703 -33.37 -68.44 -47.24
N TYR F 704 -33.13 -69.74 -47.37
CA TYR F 704 -32.37 -70.29 -48.49
C TYR F 704 -33.17 -71.42 -49.13
N LEU F 705 -33.35 -71.34 -50.44
CA LEU F 705 -33.98 -72.40 -51.20
C LEU F 705 -32.93 -73.09 -52.05
N ALA F 706 -33.13 -74.38 -52.31
CA ALA F 706 -32.16 -75.13 -53.09
C ALA F 706 -32.82 -76.39 -53.62
N LYS F 707 -32.49 -76.74 -54.86
CA LYS F 707 -32.91 -78.01 -55.41
C LYS F 707 -32.27 -79.14 -54.61
N PRO F 708 -32.93 -80.30 -54.51
CA PRO F 708 -32.36 -81.39 -53.70
C PRO F 708 -30.98 -81.85 -54.16
N ALA F 709 -30.63 -81.65 -55.43
CA ALA F 709 -29.30 -82.04 -55.90
C ALA F 709 -28.20 -81.16 -55.33
N ASP F 710 -28.52 -79.89 -55.05
CA ASP F 710 -27.52 -78.96 -54.53
C ASP F 710 -27.18 -79.19 -53.06
N LEU F 711 -27.88 -80.09 -52.38
CA LEU F 711 -27.62 -80.40 -50.98
C LEU F 711 -26.62 -81.53 -50.80
N ALA F 712 -25.68 -81.68 -51.73
CA ALA F 712 -24.76 -82.82 -51.71
C ALA F 712 -23.83 -82.77 -50.51
N GLY F 713 -22.96 -81.76 -50.46
CA GLY F 713 -21.98 -81.65 -49.40
C GLY F 713 -22.46 -80.95 -48.14
N ALA F 714 -23.76 -80.94 -47.91
CA ALA F 714 -24.31 -80.25 -46.76
C ALA F 714 -23.88 -80.95 -45.47
N PRO F 715 -23.59 -80.20 -44.41
CA PRO F 715 -23.27 -80.82 -43.12
C PRO F 715 -24.48 -81.55 -42.55
N GLU F 716 -24.21 -82.43 -41.59
CA GLU F 716 -25.29 -83.19 -40.98
C GLU F 716 -26.26 -82.28 -40.23
N THR F 717 -25.78 -81.12 -39.79
CA THR F 717 -26.60 -80.15 -39.07
C THR F 717 -27.40 -79.25 -40.01
N PHE F 718 -27.19 -79.37 -41.32
CA PHE F 718 -27.89 -78.56 -42.32
C PHE F 718 -29.26 -79.17 -42.63
N VAL F 719 -30.10 -79.23 -41.59
CA VAL F 719 -31.42 -79.82 -41.72
C VAL F 719 -32.33 -78.88 -42.53
N THR F 720 -33.05 -79.45 -43.49
CA THR F 720 -33.92 -78.68 -44.37
C THR F 720 -35.35 -79.19 -44.24
N LYS F 721 -36.28 -78.45 -44.85
CA LYS F 721 -37.70 -78.82 -44.89
C LYS F 721 -38.25 -78.57 -46.28
N ASP F 722 -39.36 -79.26 -46.58
CA ASP F 722 -40.02 -79.06 -47.86
C ASP F 722 -40.51 -77.62 -47.95
N ALA F 723 -40.44 -77.06 -49.15
CA ALA F 723 -40.78 -75.65 -49.36
C ALA F 723 -42.28 -75.48 -49.46
N ILE F 724 -42.82 -74.53 -48.70
CA ILE F 724 -44.25 -74.24 -48.73
C ILE F 724 -44.53 -73.27 -49.87
N GLY F 725 -45.61 -73.53 -50.59
CA GLY F 725 -46.04 -72.67 -51.67
C GLY F 725 -46.03 -73.37 -53.00
N LYS F 726 -47.02 -73.06 -53.85
CA LYS F 726 -47.08 -73.68 -55.17
C LYS F 726 -45.95 -73.22 -56.08
N GLU F 727 -45.39 -72.04 -55.83
CA GLU F 727 -44.31 -71.54 -56.66
C GLU F 727 -43.00 -72.28 -56.39
N ALA F 728 -42.75 -72.67 -55.14
CA ALA F 728 -41.51 -73.33 -54.74
C ALA F 728 -41.69 -74.83 -54.52
N ALA F 729 -42.57 -75.48 -55.28
CA ALA F 729 -42.80 -76.91 -55.12
C ALA F 729 -41.56 -77.69 -55.55
N GLY F 730 -41.23 -78.72 -54.77
CA GLY F 730 -40.08 -79.55 -55.07
C GLY F 730 -38.73 -78.99 -54.67
N LEU F 731 -38.70 -77.93 -53.87
CA LEU F 731 -37.45 -77.31 -53.42
C LEU F 731 -37.31 -77.50 -51.92
N LYS F 732 -36.08 -77.31 -51.44
CA LYS F 732 -35.79 -77.36 -50.02
C LYS F 732 -35.68 -75.95 -49.46
N PHE F 733 -36.02 -75.81 -48.17
CA PHE F 733 -36.05 -74.53 -47.46
C PHE F 733 -35.27 -74.66 -46.16
N ARG F 734 -34.58 -73.60 -45.77
CA ARG F 734 -33.87 -73.55 -44.50
C ARG F 734 -33.67 -72.10 -44.09
N ILE F 735 -33.87 -71.81 -42.82
CA ILE F 735 -33.56 -70.52 -42.24
C ILE F 735 -32.18 -70.63 -41.60
N GLN F 736 -31.19 -69.93 -42.17
CA GLN F 736 -29.82 -69.98 -41.69
C GLN F 736 -29.37 -68.62 -41.21
N VAL F 737 -28.68 -68.59 -40.07
CA VAL F 737 -28.18 -67.36 -39.50
C VAL F 737 -26.67 -67.31 -39.70
N SER F 738 -26.14 -66.10 -39.84
CA SER F 738 -24.69 -65.90 -39.91
C SER F 738 -24.20 -65.67 -38.50
N PRO F 739 -23.52 -66.64 -37.88
CA PRO F 739 -23.16 -66.47 -36.46
C PRO F 739 -22.19 -65.33 -36.21
N LEU F 740 -21.22 -65.12 -37.09
CA LEU F 740 -20.23 -64.08 -36.87
C LEU F 740 -20.77 -62.69 -37.19
N ASP F 741 -21.89 -62.58 -37.92
CA ASP F 741 -22.45 -61.29 -38.24
C ASP F 741 -23.66 -60.91 -37.40
N CYS F 742 -24.26 -61.87 -36.71
CA CYS F 742 -25.39 -61.56 -35.84
C CYS F 742 -24.93 -60.72 -34.65
N THR F 743 -25.84 -59.88 -34.15
CA THR F 743 -25.56 -59.03 -33.00
C THR F 743 -26.22 -59.52 -31.72
N GLY F 744 -27.06 -60.54 -31.79
CA GLY F 744 -27.72 -61.04 -30.60
C GLY F 744 -28.83 -60.14 -30.08
N CYS F 745 -29.41 -59.31 -30.95
CA CYS F 745 -30.44 -58.38 -30.48
C CYS F 745 -31.70 -59.12 -30.06
N GLY F 746 -32.04 -60.20 -30.76
CA GLY F 746 -33.19 -61.01 -30.42
C GLY F 746 -34.49 -60.55 -31.03
N ASN F 747 -34.47 -59.63 -31.99
CA ASN F 747 -35.72 -59.18 -32.59
C ASN F 747 -36.39 -60.28 -33.40
N CYS F 748 -35.61 -61.11 -34.08
CA CYS F 748 -36.22 -62.15 -34.92
C CYS F 748 -36.95 -63.17 -34.07
N ALA F 749 -36.43 -63.47 -32.88
CA ALA F 749 -37.12 -64.39 -31.99
C ALA F 749 -38.43 -63.80 -31.49
N ASP F 750 -38.49 -62.48 -31.31
CA ASP F 750 -39.71 -61.87 -30.81
C ASP F 750 -40.79 -61.78 -31.87
N VAL F 751 -40.41 -61.59 -33.14
CA VAL F 751 -41.39 -61.43 -34.21
C VAL F 751 -41.94 -62.78 -34.70
N CYS F 752 -41.23 -63.88 -34.47
CA CYS F 752 -41.62 -65.21 -34.94
C CYS F 752 -43.04 -65.50 -34.44
N PRO F 753 -44.00 -65.58 -35.34
CA PRO F 753 -45.42 -65.73 -34.94
C PRO F 753 -45.92 -67.16 -34.85
N ALA F 754 -45.05 -68.17 -34.98
CA ALA F 754 -45.49 -69.55 -34.98
C ALA F 754 -46.10 -69.93 -33.63
N LYS F 755 -46.91 -70.99 -33.65
CA LYS F 755 -47.52 -71.49 -32.42
C LYS F 755 -46.45 -71.81 -31.39
N VAL F 756 -45.52 -72.70 -31.74
CA VAL F 756 -44.32 -72.93 -30.94
C VAL F 756 -43.19 -72.14 -31.59
N LYS F 757 -42.42 -71.42 -30.77
CA LYS F 757 -41.35 -70.57 -31.28
C LYS F 757 -40.31 -71.39 -32.02
N ALA F 758 -40.07 -71.04 -33.29
CA ALA F 758 -39.07 -71.68 -34.12
C ALA F 758 -37.67 -71.08 -33.95
N LEU F 759 -37.51 -70.04 -33.15
CA LEU F 759 -36.21 -69.44 -32.90
C LEU F 759 -36.01 -69.28 -31.40
N THR F 760 -34.90 -69.80 -30.90
CA THR F 760 -34.56 -69.70 -29.48
C THR F 760 -33.14 -69.20 -29.33
N MET F 761 -32.95 -68.24 -28.42
CA MET F 761 -31.65 -67.62 -28.24
C MET F 761 -30.75 -68.56 -27.45
N VAL F 762 -29.68 -69.02 -28.08
CA VAL F 762 -28.74 -69.96 -27.44
C VAL F 762 -27.38 -69.31 -27.37
N PRO F 763 -26.53 -69.66 -26.39
CA PRO F 763 -25.21 -69.03 -26.30
C PRO F 763 -24.39 -69.26 -27.56
N LEU F 764 -23.58 -68.26 -27.91
CA LEU F 764 -22.81 -68.30 -29.14
C LEU F 764 -21.80 -69.46 -29.12
N GLU F 765 -21.09 -69.62 -28.00
CA GLU F 765 -19.99 -70.58 -27.96
C GLU F 765 -20.47 -72.01 -28.22
N GLU F 766 -21.73 -72.32 -27.90
CA GLU F 766 -22.20 -73.70 -28.04
C GLU F 766 -22.42 -74.06 -29.50
N VAL F 767 -22.85 -73.11 -30.33
CA VAL F 767 -23.22 -73.37 -31.71
C VAL F 767 -22.37 -72.59 -32.70
N THR F 768 -21.32 -71.91 -32.25
CA THR F 768 -20.55 -71.08 -33.17
C THR F 768 -19.83 -71.91 -34.22
N ALA F 769 -19.17 -72.99 -33.81
CA ALA F 769 -18.50 -73.86 -34.79
C ALA F 769 -19.53 -74.52 -35.70
N VAL F 770 -20.70 -74.87 -35.16
CA VAL F 770 -21.71 -75.56 -35.96
C VAL F 770 -22.34 -74.61 -36.97
N GLU F 771 -22.84 -73.46 -36.50
CA GLU F 771 -23.56 -72.56 -37.38
C GLU F 771 -22.66 -71.93 -38.44
N GLU F 772 -21.34 -71.85 -38.18
CA GLU F 772 -20.43 -71.34 -39.19
C GLU F 772 -20.38 -72.26 -40.40
N ALA F 773 -20.26 -73.56 -40.17
CA ALA F 773 -20.27 -74.51 -41.29
C ALA F 773 -21.62 -74.51 -42.00
N ASN F 774 -22.71 -74.30 -41.26
CA ASN F 774 -24.02 -74.23 -41.89
C ASN F 774 -24.14 -72.99 -42.78
N TYR F 775 -23.73 -71.83 -42.26
CA TYR F 775 -23.86 -70.60 -43.02
C TYR F 775 -22.96 -70.59 -44.25
N ASN F 776 -21.73 -71.10 -44.11
CA ASN F 776 -20.81 -71.12 -45.25
C ASN F 776 -21.35 -71.96 -46.40
N PHE F 777 -22.13 -73.00 -46.09
CA PHE F 777 -22.73 -73.80 -47.15
C PHE F 777 -23.98 -73.12 -47.70
N ALA F 778 -24.79 -72.52 -46.83
CA ALA F 778 -26.02 -71.88 -47.29
C ALA F 778 -25.74 -70.65 -48.14
N GLU F 779 -24.72 -69.88 -47.79
CA GLU F 779 -24.40 -68.70 -48.57
C GLU F 779 -23.81 -69.08 -49.92
N GLN F 780 -23.13 -70.22 -50.00
CA GLN F 780 -22.56 -70.72 -51.24
C GLN F 780 -23.54 -71.54 -52.06
N LEU F 781 -24.81 -71.57 -51.67
CA LEU F 781 -25.82 -72.29 -52.42
C LEU F 781 -26.08 -71.59 -53.76
N PRO F 782 -26.35 -72.34 -54.83
CA PRO F 782 -26.58 -71.71 -56.13
C PRO F 782 -27.84 -70.88 -56.14
N GLU F 783 -27.91 -69.98 -57.13
CA GLU F 783 -29.07 -69.11 -57.29
C GLU F 783 -30.29 -69.94 -57.67
N VAL F 784 -31.45 -69.54 -57.16
CA VAL F 784 -32.70 -70.21 -57.44
C VAL F 784 -33.69 -69.20 -57.97
N LYS F 785 -34.09 -69.36 -59.24
CA LYS F 785 -35.10 -68.51 -59.84
C LYS F 785 -36.47 -68.93 -59.30
N VAL F 786 -37.15 -67.99 -58.64
CA VAL F 786 -38.46 -68.24 -58.05
C VAL F 786 -39.40 -67.12 -58.45
N ASN F 787 -40.66 -67.47 -58.70
CA ASN F 787 -41.66 -66.51 -59.15
C ASN F 787 -42.61 -66.09 -58.03
N PHE F 788 -42.15 -66.14 -56.79
CA PHE F 788 -42.97 -65.64 -55.68
C PHE F 788 -43.15 -64.14 -55.80
N ASN F 789 -44.33 -63.66 -55.47
CA ASN F 789 -44.66 -62.25 -55.62
C ASN F 789 -43.81 -61.40 -54.68
N PRO F 790 -42.97 -60.50 -55.20
CA PRO F 790 -42.20 -59.62 -54.30
C PRO F 790 -43.06 -58.60 -53.57
N ALA F 791 -44.34 -58.45 -53.95
CA ALA F 791 -45.22 -57.52 -53.26
C ALA F 791 -45.66 -58.03 -51.90
N THR F 792 -45.37 -59.29 -51.57
CA THR F 792 -45.69 -59.87 -50.28
C THR F 792 -44.47 -59.85 -49.36
N VAL F 793 -44.73 -60.04 -48.07
CA VAL F 793 -43.65 -60.04 -47.09
C VAL F 793 -42.74 -61.25 -47.30
N LYS F 794 -43.33 -62.43 -47.47
CA LYS F 794 -42.53 -63.64 -47.64
C LYS F 794 -41.71 -63.59 -48.92
N GLY F 795 -42.32 -63.10 -50.02
CA GLY F 795 -41.60 -63.08 -51.28
C GLY F 795 -40.46 -62.10 -51.31
N SER F 796 -40.58 -60.99 -50.59
CA SER F 796 -39.52 -59.99 -50.61
C SER F 796 -38.26 -60.50 -49.94
N GLN F 797 -38.40 -61.37 -48.94
CA GLN F 797 -37.24 -61.84 -48.21
C GLN F 797 -36.47 -62.92 -48.95
N PHE F 798 -37.02 -63.49 -50.02
CA PHE F 798 -36.24 -64.36 -50.88
C PHE F 798 -35.32 -63.59 -51.81
N ARG F 799 -35.51 -62.29 -51.94
CA ARG F 799 -34.59 -61.44 -52.67
C ARG F 799 -33.37 -61.17 -51.80
N GLN F 800 -32.21 -61.10 -52.43
CA GLN F 800 -30.97 -60.91 -51.68
C GLN F 800 -30.94 -59.52 -51.08
N PRO F 801 -30.65 -59.38 -49.78
CA PRO F 801 -30.52 -58.04 -49.21
C PRO F 801 -29.25 -57.39 -49.71
N LEU F 802 -29.37 -56.12 -50.09
CA LEU F 802 -28.22 -55.35 -50.54
C LEU F 802 -27.72 -54.37 -49.48
N LEU F 803 -28.17 -54.53 -48.24
CA LEU F 803 -27.66 -53.79 -47.09
C LEU F 803 -27.46 -54.80 -45.96
N GLU F 804 -26.21 -55.11 -45.63
CA GLU F 804 -25.94 -56.20 -44.71
C GLU F 804 -24.79 -55.86 -43.78
N PHE F 805 -24.90 -56.29 -42.53
CA PHE F 805 -23.78 -56.30 -41.60
C PHE F 805 -23.28 -54.89 -41.29
N SER F 806 -24.20 -53.95 -41.13
CA SER F 806 -23.82 -52.56 -40.88
C SER F 806 -23.32 -52.39 -39.45
N GLY F 807 -22.86 -51.19 -39.15
CA GLY F 807 -22.40 -50.83 -37.83
C GLY F 807 -23.47 -50.26 -36.92
N ALA F 808 -24.75 -50.39 -37.30
CA ALA F 808 -25.84 -49.88 -36.48
C ALA F 808 -25.92 -50.65 -35.17
N CYS F 809 -26.66 -50.08 -34.22
CA CYS F 809 -26.79 -50.71 -32.91
C CYS F 809 -27.49 -52.05 -33.04
N ALA F 810 -27.37 -52.85 -31.99
CA ALA F 810 -28.10 -54.12 -31.93
C ALA F 810 -29.58 -53.80 -31.83
N GLY F 811 -30.35 -54.30 -32.79
CA GLY F 811 -31.77 -54.04 -32.80
C GLY F 811 -32.19 -52.69 -33.33
N CYS F 812 -31.34 -52.02 -34.12
CA CYS F 812 -31.65 -50.69 -34.61
C CYS F 812 -32.92 -50.72 -35.46
N GLY F 813 -33.74 -49.68 -35.30
CA GLY F 813 -34.98 -49.55 -36.02
C GLY F 813 -34.89 -48.93 -37.39
N GLU F 814 -33.70 -48.55 -37.85
CA GLU F 814 -33.54 -47.92 -39.16
C GLU F 814 -33.16 -48.91 -40.25
N THR F 815 -32.16 -49.75 -40.00
CA THR F 815 -31.66 -50.64 -41.05
C THR F 815 -32.69 -51.60 -41.65
N PRO F 816 -33.69 -52.11 -40.92
CA PRO F 816 -34.68 -52.97 -41.57
C PRO F 816 -35.46 -52.29 -42.69
N TYR F 817 -35.74 -50.99 -42.57
CA TYR F 817 -36.44 -50.29 -43.66
C TYR F 817 -35.58 -50.25 -44.92
N VAL F 818 -34.33 -49.81 -44.78
CA VAL F 818 -33.46 -49.68 -45.95
C VAL F 818 -33.16 -51.03 -46.56
N LYS F 819 -32.99 -52.06 -45.72
CA LYS F 819 -32.75 -53.41 -46.23
C LYS F 819 -33.92 -53.89 -47.08
N LEU F 820 -35.15 -53.58 -46.67
CA LEU F 820 -36.30 -53.99 -47.45
C LEU F 820 -36.35 -53.24 -48.78
N VAL F 821 -35.94 -51.97 -48.78
CA VAL F 821 -35.91 -51.22 -50.02
C VAL F 821 -34.87 -51.80 -50.97
N THR F 822 -33.70 -52.20 -50.45
CA THR F 822 -32.71 -52.82 -51.31
C THR F 822 -33.19 -54.17 -51.83
N GLN F 823 -34.06 -54.85 -51.08
CA GLN F 823 -34.61 -56.11 -51.56
C GLN F 823 -35.68 -55.88 -52.64
N LEU F 824 -36.27 -54.70 -52.68
CA LEU F 824 -37.28 -54.40 -53.70
C LEU F 824 -36.66 -53.77 -54.94
N PHE F 825 -35.82 -52.74 -54.76
CA PHE F 825 -35.31 -51.94 -55.87
C PHE F 825 -33.79 -51.79 -55.90
N GLY F 826 -33.05 -52.53 -55.07
CA GLY F 826 -31.61 -52.35 -55.00
C GLY F 826 -30.86 -52.59 -56.30
N ASP F 827 -31.47 -53.35 -57.21
CA ASP F 827 -30.84 -53.63 -58.50
C ASP F 827 -30.61 -52.36 -59.32
N ARG F 828 -31.38 -51.31 -59.06
CA ARG F 828 -31.40 -50.15 -59.94
C ARG F 828 -31.55 -48.84 -59.19
N MET F 829 -31.03 -48.75 -57.97
CA MET F 829 -31.22 -47.54 -57.18
C MET F 829 -29.91 -46.84 -56.87
N ILE F 830 -30.00 -45.51 -56.71
CA ILE F 830 -28.90 -44.65 -56.29
C ILE F 830 -29.33 -43.93 -55.03
N ILE F 831 -28.44 -43.89 -54.02
CA ILE F 831 -28.78 -43.39 -52.70
C ILE F 831 -28.03 -42.08 -52.42
N ALA F 832 -28.78 -41.04 -52.07
CA ALA F 832 -28.23 -39.78 -51.56
C ALA F 832 -28.62 -39.72 -50.09
N ASN F 833 -27.64 -39.92 -49.22
CA ASN F 833 -27.88 -40.13 -47.79
C ASN F 833 -27.45 -38.90 -47.00
N ALA F 834 -28.36 -38.38 -46.19
CA ALA F 834 -28.02 -37.24 -45.35
C ALA F 834 -27.05 -37.69 -44.26
N THR F 835 -26.30 -36.74 -43.73
CA THR F 835 -25.41 -37.04 -42.61
C THR F 835 -26.25 -37.38 -41.39
N GLY F 836 -25.82 -38.40 -40.66
CA GLY F 836 -26.53 -38.89 -39.51
C GLY F 836 -26.20 -40.35 -39.29
N CYS F 837 -26.99 -40.98 -38.43
CA CYS F 837 -26.77 -42.39 -38.14
C CYS F 837 -26.79 -43.21 -39.43
N SER F 838 -27.79 -42.97 -40.27
CA SER F 838 -27.92 -43.70 -41.52
C SER F 838 -26.70 -43.52 -42.40
N SER F 839 -25.96 -42.43 -42.22
CA SER F 839 -24.69 -42.24 -42.91
C SER F 839 -23.52 -42.82 -42.13
N ILE F 840 -23.68 -43.02 -40.82
CA ILE F 840 -22.60 -43.57 -40.01
C ILE F 840 -22.53 -45.09 -40.18
N TRP F 841 -23.65 -45.78 -40.03
CA TRP F 841 -23.63 -47.22 -40.29
C TRP F 841 -23.66 -47.52 -41.78
N GLY F 842 -24.06 -46.56 -42.61
CA GLY F 842 -24.15 -46.77 -44.04
C GLY F 842 -22.88 -46.42 -44.79
N GLY F 843 -22.06 -45.53 -44.25
CA GLY F 843 -20.88 -45.10 -44.97
C GLY F 843 -19.73 -44.62 -44.10
N SER F 844 -19.27 -45.46 -43.18
CA SER F 844 -18.05 -45.19 -42.42
C SER F 844 -16.92 -46.04 -42.99
N ALA F 845 -15.87 -45.36 -43.46
CA ALA F 845 -14.71 -46.04 -44.03
C ALA F 845 -14.08 -46.96 -42.99
N PRO F 846 -13.48 -48.08 -43.41
CA PRO F 846 -13.39 -48.50 -44.81
C PRO F 846 -14.45 -49.52 -45.20
N ALA F 847 -15.40 -49.80 -44.33
CA ALA F 847 -16.38 -50.86 -44.54
C ALA F 847 -17.68 -50.29 -45.08
N CYS F 848 -18.21 -50.92 -46.13
CA CYS F 848 -19.46 -50.48 -46.76
C CYS F 848 -20.51 -51.57 -46.63
N PRO F 849 -21.63 -51.32 -45.95
CA PRO F 849 -22.65 -52.37 -45.76
C PRO F 849 -23.47 -52.65 -47.01
N TYR F 850 -23.51 -51.74 -47.97
CA TYR F 850 -24.25 -51.98 -49.21
C TYR F 850 -23.42 -52.87 -50.13
N THR F 851 -24.08 -53.88 -50.71
CA THR F 851 -23.43 -54.90 -51.52
C THR F 851 -24.18 -55.05 -52.84
N VAL F 852 -23.73 -56.00 -53.65
CA VAL F 852 -24.26 -56.24 -54.98
C VAL F 852 -24.86 -57.64 -55.03
N ASN F 853 -25.62 -57.89 -56.09
CA ASN F 853 -26.20 -59.20 -56.35
C ASN F 853 -25.23 -60.05 -57.18
N ARG F 854 -25.72 -61.17 -57.72
CA ARG F 854 -24.84 -62.04 -58.50
C ARG F 854 -24.42 -61.41 -59.82
N GLN F 855 -25.25 -60.52 -60.38
CA GLN F 855 -24.91 -59.84 -61.62
C GLN F 855 -23.95 -58.69 -61.41
N GLY F 856 -23.60 -58.36 -60.17
CA GLY F 856 -22.69 -57.27 -59.88
C GLY F 856 -23.36 -55.92 -59.70
N HIS F 857 -24.68 -55.86 -59.65
CA HIS F 857 -25.41 -54.61 -59.52
C HIS F 857 -25.86 -54.41 -58.09
N GLY F 858 -25.83 -53.15 -57.65
CA GLY F 858 -26.23 -52.78 -56.30
C GLY F 858 -26.29 -51.28 -56.13
N PRO F 859 -26.83 -50.82 -55.01
CA PRO F 859 -27.01 -49.38 -54.82
C PRO F 859 -25.68 -48.62 -54.77
N ALA F 860 -25.61 -47.53 -55.50
CA ALA F 860 -24.50 -46.59 -55.38
C ALA F 860 -24.87 -45.57 -54.31
N TRP F 861 -23.92 -45.32 -53.40
CA TRP F 861 -24.21 -44.60 -52.17
C TRP F 861 -23.35 -43.34 -52.09
N ALA F 862 -23.99 -42.23 -51.75
CA ALA F 862 -23.30 -40.95 -51.64
C ALA F 862 -23.95 -40.11 -50.56
N SER F 863 -23.13 -39.42 -49.78
CA SER F 863 -23.59 -38.47 -48.79
C SER F 863 -22.87 -37.15 -49.04
N SER F 864 -23.64 -36.08 -49.18
CA SER F 864 -23.05 -34.77 -49.42
C SER F 864 -22.85 -34.05 -48.10
N LEU F 865 -23.85 -33.31 -47.66
CA LEU F 865 -23.81 -32.59 -46.40
C LEU F 865 -25.09 -32.87 -45.63
N PHE F 866 -25.20 -32.28 -44.44
CA PHE F 866 -26.37 -32.48 -43.61
C PHE F 866 -27.57 -31.69 -44.14
N GLU F 867 -27.33 -30.48 -44.63
CA GLU F 867 -28.42 -29.57 -44.98
C GLU F 867 -28.88 -29.69 -46.42
N ASP F 868 -28.10 -30.35 -47.29
CA ASP F 868 -28.34 -30.28 -48.72
C ASP F 868 -28.78 -31.63 -49.32
N ASN F 869 -29.21 -32.57 -48.48
CA ASN F 869 -29.39 -33.93 -48.99
C ASN F 869 -30.50 -34.00 -50.03
N ALA F 870 -31.59 -33.28 -49.82
CA ALA F 870 -32.70 -33.31 -50.77
C ALA F 870 -32.26 -32.78 -52.13
N GLU F 871 -31.64 -31.60 -52.12
CA GLU F 871 -31.14 -31.03 -53.36
C GLU F 871 -30.05 -31.89 -53.96
N PHE F 872 -29.30 -32.60 -53.11
CA PHE F 872 -28.26 -33.52 -53.58
C PHE F 872 -28.86 -34.62 -54.46
N GLY F 873 -29.90 -35.29 -53.96
CA GLY F 873 -30.53 -36.32 -54.78
C GLY F 873 -31.31 -35.74 -55.95
N TYR F 874 -31.89 -34.54 -55.78
CA TYR F 874 -32.59 -33.90 -56.88
C TYR F 874 -31.67 -33.71 -58.07
N GLY F 875 -30.44 -33.27 -57.81
CA GLY F 875 -29.48 -33.13 -58.89
C GLY F 875 -29.15 -34.44 -59.57
N MET F 876 -29.09 -35.52 -58.78
CA MET F 876 -28.83 -36.84 -59.36
C MET F 876 -29.93 -37.20 -60.36
N ALA F 877 -31.18 -36.86 -60.02
CA ALA F 877 -32.28 -37.16 -60.93
C ALA F 877 -32.10 -36.41 -62.26
N LEU F 878 -31.69 -35.15 -62.19
CA LEU F 878 -31.47 -34.37 -63.42
C LEU F 878 -30.40 -35.00 -64.29
N ALA F 879 -29.32 -35.46 -63.67
CA ALA F 879 -28.22 -36.01 -64.45
C ALA F 879 -28.59 -37.34 -65.09
N VAL F 880 -29.22 -38.24 -64.32
CA VAL F 880 -29.59 -39.54 -64.86
C VAL F 880 -30.59 -39.38 -66.01
N ALA F 881 -31.55 -38.47 -65.85
CA ALA F 881 -32.46 -38.18 -66.94
C ALA F 881 -31.68 -37.68 -68.15
N LYS F 882 -30.66 -36.86 -67.91
CA LYS F 882 -29.80 -36.39 -69.00
C LYS F 882 -29.02 -37.55 -69.62
N ARG F 883 -28.55 -38.49 -68.79
CA ARG F 883 -27.80 -39.62 -69.34
C ARG F 883 -28.68 -40.56 -70.14
N GLN F 884 -29.95 -40.72 -69.75
CA GLN F 884 -30.84 -41.56 -70.53
C GLN F 884 -31.21 -40.91 -71.87
N ASP F 885 -31.30 -39.58 -71.91
CA ASP F 885 -31.60 -38.91 -73.16
C ASP F 885 -30.47 -39.13 -74.16
N GLU F 886 -29.23 -39.11 -73.68
CA GLU F 886 -28.08 -39.35 -74.55
C GLU F 886 -28.09 -40.77 -75.11
N LEU F 887 -28.49 -41.74 -74.29
CA LEU F 887 -28.60 -43.11 -74.78
C LEU F 887 -29.77 -43.27 -75.73
N ALA F 888 -30.93 -42.71 -75.37
CA ALA F 888 -32.10 -42.84 -76.24
C ALA F 888 -31.86 -42.18 -77.59
N THR F 889 -31.07 -41.13 -77.61
CA THR F 889 -30.71 -40.48 -78.88
C THR F 889 -29.81 -41.39 -79.70
N ALA F 890 -28.84 -42.05 -79.06
CA ALA F 890 -27.96 -42.96 -79.77
C ALA F 890 -28.69 -44.20 -80.25
N ILE F 891 -29.72 -44.65 -79.53
CA ILE F 891 -30.49 -45.81 -79.94
C ILE F 891 -31.42 -45.47 -81.12
N SER F 892 -32.00 -44.27 -81.10
CA SER F 892 -32.84 -43.86 -82.23
C SER F 892 -32.05 -43.81 -83.52
N LYS F 893 -30.76 -43.47 -83.44
CA LYS F 893 -29.89 -43.52 -84.62
C LYS F 893 -29.67 -44.95 -85.10
N ALA F 894 -29.69 -45.92 -84.19
CA ALA F 894 -29.49 -47.31 -84.59
C ALA F 894 -30.68 -47.85 -85.37
N LEU F 895 -31.88 -47.30 -85.16
CA LEU F 895 -33.04 -47.74 -85.93
C LEU F 895 -32.85 -47.49 -87.42
N GLU F 896 -32.19 -46.40 -87.77
CA GLU F 896 -31.95 -46.04 -89.15
C GLU F 896 -30.67 -46.63 -89.71
N ALA F 897 -29.95 -47.42 -88.92
CA ALA F 897 -28.69 -47.97 -89.37
C ALA F 897 -28.87 -49.39 -89.89
N PRO F 898 -28.01 -49.82 -90.81
CA PRO F 898 -28.11 -51.20 -91.32
C PRO F 898 -27.66 -52.23 -90.30
N VAL F 899 -28.58 -52.61 -89.41
CA VAL F 899 -28.35 -53.62 -88.39
C VAL F 899 -29.45 -54.67 -88.51
N SER F 900 -29.27 -55.76 -87.76
CA SER F 900 -30.21 -56.88 -87.84
C SER F 900 -31.60 -56.46 -87.37
N ALA F 901 -32.61 -57.11 -87.93
CA ALA F 901 -33.99 -56.79 -87.56
C ALA F 901 -34.28 -57.13 -86.11
N ALA F 902 -33.64 -58.18 -85.57
CA ALA F 902 -33.81 -58.51 -84.16
C ALA F 902 -33.24 -57.42 -83.26
N PHE F 903 -32.17 -56.76 -83.69
CA PHE F 903 -31.63 -55.65 -82.91
C PHE F 903 -32.57 -54.45 -82.96
N LYS F 904 -33.12 -54.13 -84.14
CA LYS F 904 -34.04 -53.01 -84.25
C LYS F 904 -35.32 -53.28 -83.47
N ALA F 905 -35.77 -54.54 -83.46
CA ALA F 905 -37.00 -54.88 -82.75
C ALA F 905 -36.85 -54.63 -81.26
N ALA F 906 -35.71 -55.00 -80.68
CA ALA F 906 -35.50 -54.73 -79.26
C ALA F 906 -35.33 -53.25 -78.98
N CYS F 907 -34.73 -52.51 -79.93
CA CYS F 907 -34.55 -51.07 -79.72
C CYS F 907 -35.89 -50.34 -79.77
N GLU F 908 -36.77 -50.71 -80.69
CA GLU F 908 -38.09 -50.09 -80.73
C GLU F 908 -38.85 -50.35 -79.44
N GLY F 909 -38.71 -51.56 -78.87
CA GLY F 909 -39.37 -51.85 -77.61
C GLY F 909 -38.81 -51.05 -76.45
N TRP F 910 -37.50 -50.81 -76.45
CA TRP F 910 -36.90 -50.03 -75.36
C TRP F 910 -37.31 -48.57 -75.46
N LEU F 911 -37.29 -48.00 -76.67
CA LEU F 911 -37.66 -46.60 -76.82
C LEU F 911 -39.11 -46.34 -76.42
N ALA F 912 -39.98 -47.32 -76.62
CA ALA F 912 -41.37 -47.13 -76.21
C ALA F 912 -41.53 -47.26 -74.70
N GLY F 913 -40.65 -48.02 -74.05
CA GLY F 913 -40.80 -48.27 -72.63
C GLY F 913 -39.60 -47.92 -71.77
N LYS F 914 -38.82 -46.92 -72.18
CA LYS F 914 -37.66 -46.52 -71.39
C LYS F 914 -38.04 -45.92 -70.04
N ASP F 915 -39.26 -45.42 -69.88
CA ASP F 915 -39.70 -44.78 -68.64
C ASP F 915 -40.46 -45.71 -67.71
N ASP F 916 -40.56 -46.99 -68.04
CA ASP F 916 -41.16 -47.98 -67.15
C ASP F 916 -40.08 -48.92 -66.66
N ALA F 917 -40.11 -49.22 -65.36
CA ALA F 917 -39.06 -50.04 -64.77
C ALA F 917 -39.01 -51.42 -65.41
N ASP F 918 -40.16 -52.05 -65.62
CA ASP F 918 -40.20 -53.42 -66.12
C ASP F 918 -39.89 -53.50 -67.61
N ARG F 919 -40.49 -52.63 -68.42
CA ARG F 919 -40.27 -52.72 -69.86
C ARG F 919 -38.84 -52.35 -70.24
N SER F 920 -38.26 -51.37 -69.53
CA SER F 920 -36.91 -50.94 -69.87
C SER F 920 -35.89 -52.05 -69.60
N ARG F 921 -36.08 -52.82 -68.52
CA ARG F 921 -35.17 -53.92 -68.25
C ARG F 921 -35.38 -55.07 -69.24
N GLU F 922 -36.64 -55.32 -69.61
CA GLU F 922 -36.92 -56.43 -70.53
C GLU F 922 -36.23 -56.20 -71.87
N TYR F 923 -36.57 -55.10 -72.53
CA TYR F 923 -35.95 -54.82 -73.83
C TYR F 923 -34.50 -54.39 -73.67
N GLY F 924 -34.16 -53.80 -72.53
CA GLY F 924 -32.77 -53.41 -72.29
C GLY F 924 -31.82 -54.58 -72.25
N ASP F 925 -32.20 -55.65 -71.54
CA ASP F 925 -31.34 -56.83 -71.52
C ASP F 925 -31.30 -57.51 -72.88
N ARG F 926 -32.37 -57.39 -73.67
CA ARG F 926 -32.33 -57.89 -75.03
C ARG F 926 -31.29 -57.15 -75.85
N ILE F 927 -31.19 -55.83 -75.67
CA ILE F 927 -30.19 -55.04 -76.36
C ILE F 927 -28.79 -55.45 -75.93
N LYS F 928 -28.59 -55.70 -74.62
CA LYS F 928 -27.27 -56.10 -74.13
C LYS F 928 -26.86 -57.44 -74.70
N ALA F 929 -27.80 -58.35 -74.92
CA ALA F 929 -27.45 -59.68 -75.41
C ALA F 929 -27.07 -59.64 -76.88
N LEU F 930 -27.66 -58.74 -77.66
CA LEU F 930 -27.39 -58.64 -79.08
C LEU F 930 -26.21 -57.74 -79.41
N LEU F 931 -25.72 -56.95 -78.45
CA LEU F 931 -24.63 -56.01 -78.75
C LEU F 931 -23.32 -56.67 -79.16
N PRO F 932 -22.77 -57.65 -78.42
CA PRO F 932 -21.48 -58.20 -78.84
C PRO F 932 -21.51 -58.83 -80.22
N GLY F 933 -22.60 -59.52 -80.56
CA GLY F 933 -22.72 -60.07 -81.90
C GLY F 933 -23.00 -59.01 -82.95
N GLU F 934 -23.76 -57.98 -82.60
CA GLU F 934 -24.06 -56.92 -83.56
C GLU F 934 -22.83 -56.08 -83.89
N ILE F 935 -21.95 -55.88 -82.91
CA ILE F 935 -20.68 -55.19 -83.17
C ILE F 935 -19.82 -55.98 -84.13
N SER F 936 -19.86 -57.31 -84.02
CA SER F 936 -19.11 -58.18 -84.93
C SER F 936 -19.59 -58.04 -86.36
N GLN F 937 -20.88 -57.74 -86.56
CA GLN F 937 -21.47 -57.65 -87.88
C GLN F 937 -21.38 -56.24 -88.48
N ALA F 938 -20.76 -55.28 -87.80
CA ALA F 938 -20.73 -53.91 -88.27
C ALA F 938 -19.31 -53.46 -88.56
N SER F 939 -19.20 -52.35 -89.28
CA SER F 939 -17.92 -51.74 -89.61
C SER F 939 -18.15 -50.28 -89.95
N GLY F 940 -17.09 -49.48 -89.82
CA GLY F 940 -17.19 -48.07 -90.16
C GLY F 940 -18.00 -47.29 -89.13
N GLU F 941 -18.84 -46.39 -89.63
CA GLU F 941 -19.64 -45.56 -88.74
C GLU F 941 -20.69 -46.36 -88.00
N VAL F 942 -21.19 -47.44 -88.62
CA VAL F 942 -22.18 -48.26 -87.95
C VAL F 942 -21.58 -48.94 -86.72
N LYS F 943 -20.33 -49.41 -86.82
CA LYS F 943 -19.68 -50.03 -85.67
C LYS F 943 -19.46 -49.02 -84.55
N ASP F 944 -19.07 -47.79 -84.89
CA ASP F 944 -18.91 -46.76 -83.86
C ASP F 944 -20.25 -46.38 -83.26
N LEU F 945 -21.30 -46.36 -84.07
CA LEU F 945 -22.63 -46.03 -83.56
C LEU F 945 -23.10 -47.09 -82.57
N LEU F 946 -22.75 -48.36 -82.83
CA LEU F 946 -23.10 -49.43 -81.90
C LEU F 946 -22.24 -49.36 -80.64
N LEU F 947 -20.97 -48.98 -80.78
CA LEU F 947 -20.10 -48.87 -79.62
C LEU F 947 -20.56 -47.74 -78.70
N ASP F 948 -21.21 -46.71 -79.25
CA ASP F 948 -21.72 -45.63 -78.42
C ASP F 948 -22.92 -46.07 -77.59
N ILE F 949 -23.71 -47.01 -78.13
CA ILE F 949 -24.79 -47.61 -77.35
C ILE F 949 -24.22 -48.47 -76.23
N ASP F 950 -23.16 -49.24 -76.53
CA ASP F 950 -22.53 -50.09 -75.53
C ASP F 950 -21.87 -49.29 -74.41
N ARG F 951 -21.34 -48.11 -74.72
CA ARG F 951 -20.72 -47.29 -73.69
C ARG F 951 -21.76 -46.79 -72.67
N GLN F 952 -23.02 -46.65 -73.09
CA GLN F 952 -24.06 -46.11 -72.23
C GLN F 952 -25.10 -47.16 -71.85
N LYS F 953 -24.78 -48.44 -72.05
CA LYS F 953 -25.75 -49.51 -71.78
C LYS F 953 -26.15 -49.61 -70.31
N ASP F 954 -25.34 -49.04 -69.42
CA ASP F 954 -25.67 -49.00 -67.99
C ASP F 954 -26.75 -47.98 -67.66
N TYR F 955 -27.36 -47.36 -68.66
CA TYR F 955 -28.49 -46.46 -68.46
C TYR F 955 -29.76 -46.93 -69.14
N LEU F 956 -29.74 -48.15 -69.71
CA LEU F 956 -30.94 -48.71 -70.31
C LEU F 956 -32.03 -48.93 -69.27
N THR F 957 -31.70 -49.64 -68.17
CA THR F 957 -32.65 -49.90 -67.10
C THR F 957 -32.93 -48.62 -66.32
N LYS F 958 -34.21 -48.30 -66.13
CA LYS F 958 -34.56 -47.08 -65.41
C LYS F 958 -34.05 -47.14 -63.98
N LYS F 959 -33.49 -46.02 -63.51
CA LYS F 959 -32.95 -45.96 -62.16
C LYS F 959 -34.03 -45.47 -61.19
N SER F 960 -33.79 -45.73 -59.91
CA SER F 960 -34.70 -45.35 -58.84
C SER F 960 -33.92 -44.56 -57.79
N ILE F 961 -34.08 -43.25 -57.80
CA ILE F 961 -33.33 -42.37 -56.90
C ILE F 961 -34.00 -42.35 -55.54
N TRP F 962 -33.23 -42.64 -54.49
CA TRP F 962 -33.74 -42.66 -53.12
C TRP F 962 -32.99 -41.64 -52.29
N ILE F 963 -33.73 -40.75 -51.64
CA ILE F 963 -33.17 -39.72 -50.78
C ILE F 963 -33.48 -40.13 -49.34
N ILE F 964 -32.47 -40.68 -48.65
CA ILE F 964 -32.64 -41.27 -47.33
C ILE F 964 -31.97 -40.38 -46.30
N GLY F 965 -32.65 -40.15 -45.20
CA GLY F 965 -32.11 -39.30 -44.15
C GLY F 965 -32.95 -39.42 -42.90
N GLY F 966 -32.44 -38.84 -41.82
CA GLY F 966 -33.09 -38.90 -40.53
C GLY F 966 -34.10 -37.79 -40.33
N ASP F 967 -34.74 -37.82 -39.16
CA ASP F 967 -35.75 -36.82 -38.85
C ASP F 967 -35.15 -35.43 -38.65
N GLY F 968 -33.95 -35.34 -38.09
CA GLY F 968 -33.33 -34.04 -37.93
C GLY F 968 -33.05 -33.38 -39.26
N TRP F 969 -32.65 -34.17 -40.26
CA TRP F 969 -32.46 -33.61 -41.59
C TRP F 969 -33.79 -33.18 -42.19
N ALA F 970 -34.79 -34.06 -42.14
CA ALA F 970 -36.04 -33.79 -42.85
C ALA F 970 -36.89 -32.74 -42.14
N TYR F 971 -36.87 -32.72 -40.80
CA TYR F 971 -37.72 -31.80 -40.05
C TYR F 971 -37.03 -30.48 -39.72
N ASP F 972 -35.71 -30.42 -39.74
CA ASP F 972 -35.05 -29.20 -39.30
C ASP F 972 -34.19 -28.59 -40.39
N ILE F 973 -32.91 -28.96 -40.42
CA ILE F 973 -31.94 -28.20 -41.20
C ILE F 973 -32.20 -28.36 -42.70
N GLY F 974 -32.62 -29.54 -43.12
CA GLY F 974 -32.88 -29.80 -44.52
C GLY F 974 -34.34 -29.72 -44.93
N TYR F 975 -35.21 -29.17 -44.08
CA TYR F 975 -36.62 -29.09 -44.42
C TYR F 975 -36.87 -28.15 -45.58
N GLY F 976 -36.20 -27.00 -45.59
CA GLY F 976 -36.35 -26.06 -46.70
C GLY F 976 -35.98 -26.69 -48.03
N GLY F 977 -34.92 -27.50 -48.04
CA GLY F 977 -34.55 -28.18 -49.27
C GLY F 977 -35.51 -29.30 -49.62
N LEU F 978 -36.01 -30.03 -48.61
CA LEU F 978 -36.97 -31.09 -48.86
C LEU F 978 -38.28 -30.53 -49.41
N ASP F 979 -38.75 -29.40 -48.86
CA ASP F 979 -39.95 -28.77 -49.40
C ASP F 979 -39.79 -28.44 -50.87
N HIS F 980 -38.63 -27.91 -51.25
CA HIS F 980 -38.42 -27.51 -52.63
C HIS F 980 -38.33 -28.71 -53.56
N VAL F 981 -37.62 -29.76 -53.13
CA VAL F 981 -37.49 -30.94 -53.99
C VAL F 981 -38.84 -31.64 -54.17
N LEU F 982 -39.64 -31.68 -53.10
CA LEU F 982 -40.98 -32.26 -53.22
C LEU F 982 -41.87 -31.41 -54.11
N ALA F 983 -41.81 -30.08 -53.95
CA ALA F 983 -42.64 -29.20 -54.78
C ALA F 983 -42.25 -29.24 -56.25
N SER F 984 -41.04 -29.69 -56.55
CA SER F 984 -40.61 -29.70 -57.95
C SER F 984 -41.39 -30.73 -58.76
N GLY F 985 -41.78 -31.84 -58.14
CA GLY F 985 -42.47 -32.87 -58.85
C GLY F 985 -41.58 -33.93 -59.46
N ALA F 986 -40.28 -33.90 -59.17
CA ALA F 986 -39.35 -34.87 -59.73
C ALA F 986 -39.64 -36.28 -59.23
N ASN F 987 -39.24 -37.27 -60.03
CA ASN F 987 -39.46 -38.68 -59.68
C ASN F 987 -38.36 -39.12 -58.72
N VAL F 988 -38.49 -38.71 -57.46
CA VAL F 988 -37.58 -39.12 -56.41
C VAL F 988 -38.39 -39.72 -55.26
N ASN F 989 -37.73 -40.57 -54.47
CA ASN F 989 -38.36 -41.24 -53.34
C ASN F 989 -37.59 -40.86 -52.08
N VAL F 990 -38.24 -40.12 -51.20
CA VAL F 990 -37.64 -39.66 -49.94
C VAL F 990 -38.09 -40.57 -48.81
N LEU F 991 -37.12 -41.13 -48.09
CA LEU F 991 -37.37 -42.02 -46.96
C LEU F 991 -36.82 -41.36 -45.70
N VAL F 992 -37.71 -40.94 -44.82
CA VAL F 992 -37.34 -40.27 -43.57
C VAL F 992 -37.37 -41.31 -42.46
N LEU F 993 -36.20 -41.61 -41.89
CA LEU F 993 -36.10 -42.50 -40.74
C LEU F 993 -36.27 -41.67 -39.48
N ASP F 994 -37.52 -41.60 -39.01
CA ASP F 994 -37.89 -40.73 -37.89
C ASP F 994 -37.59 -41.44 -36.57
N THR F 995 -36.55 -40.99 -35.87
CA THR F 995 -36.26 -41.47 -34.52
C THR F 995 -36.72 -40.49 -33.45
N GLU F 996 -37.32 -39.37 -33.85
CA GLU F 996 -37.81 -38.33 -32.94
C GLU F 996 -36.69 -37.65 -32.14
N VAL F 997 -35.43 -37.86 -32.53
CA VAL F 997 -34.27 -37.25 -31.88
C VAL F 997 -33.12 -37.19 -32.89
N TYR F 998 -32.05 -36.51 -32.51
CA TYR F 998 -30.79 -36.60 -33.24
C TYR F 998 -30.02 -37.76 -32.64
N SER F 999 -30.21 -38.96 -33.21
CA SER F 999 -29.71 -40.17 -32.56
C SER F 999 -28.19 -40.25 -32.57
N ASN F 1000 -27.56 -39.92 -33.71
CA ASN F 1000 -26.12 -40.16 -33.84
C ASN F 1000 -25.32 -39.33 -32.85
N THR F 1001 -25.66 -38.06 -32.70
CA THR F 1001 -24.87 -37.16 -31.87
C THR F 1001 -25.18 -37.27 -30.38
N GLY F 1002 -25.88 -38.32 -29.96
CA GLY F 1002 -26.10 -38.58 -28.56
C GLY F 1002 -27.53 -38.46 -28.08
N GLY F 1003 -28.45 -38.00 -28.91
CA GLY F 1003 -29.85 -37.96 -28.54
C GLY F 1003 -30.35 -36.58 -28.18
N GLN F 1004 -30.29 -35.64 -29.12
CA GLN F 1004 -30.68 -34.27 -28.88
C GLN F 1004 -32.11 -33.99 -29.37
N SER F 1005 -32.65 -32.87 -28.93
CA SER F 1005 -34.03 -32.53 -29.22
C SER F 1005 -34.22 -32.16 -30.69
N SER F 1006 -35.44 -32.36 -31.19
CA SER F 1006 -35.78 -32.10 -32.57
C SER F 1006 -37.20 -31.55 -32.66
N LYS F 1007 -37.55 -31.04 -33.84
CA LYS F 1007 -38.94 -30.70 -34.11
C LYS F 1007 -39.81 -31.93 -34.28
N ALA F 1008 -39.20 -33.08 -34.58
CA ALA F 1008 -39.92 -34.34 -34.63
C ALA F 1008 -40.13 -34.95 -33.25
N THR F 1009 -39.47 -34.41 -32.23
CA THR F 1009 -39.69 -34.89 -30.87
C THR F 1009 -41.10 -34.54 -30.42
N GLN F 1010 -41.75 -35.50 -29.75
CA GLN F 1010 -43.12 -35.33 -29.31
C GLN F 1010 -43.19 -34.51 -28.03
N THR F 1011 -44.42 -34.15 -27.65
CA THR F 1011 -44.62 -33.41 -26.41
C THR F 1011 -44.21 -34.26 -25.21
N GLY F 1012 -43.54 -33.63 -24.25
CA GLY F 1012 -43.18 -34.29 -23.02
C GLY F 1012 -41.95 -35.15 -23.04
N ALA F 1013 -41.42 -35.48 -24.21
CA ALA F 1013 -40.21 -36.29 -24.26
C ALA F 1013 -39.01 -35.51 -23.75
N VAL F 1014 -38.17 -36.19 -22.96
CA VAL F 1014 -36.95 -35.61 -22.42
C VAL F 1014 -35.79 -36.10 -23.23
N ALA F 1015 -35.00 -35.18 -23.79
CA ALA F 1015 -33.78 -35.52 -24.48
C ALA F 1015 -32.77 -34.40 -24.23
N ARG F 1016 -31.55 -34.59 -24.73
CA ARG F 1016 -30.52 -33.57 -24.59
C ARG F 1016 -30.95 -32.30 -25.32
N PHE F 1017 -30.69 -31.16 -24.69
CA PHE F 1017 -31.23 -29.85 -25.06
C PHE F 1017 -32.70 -29.70 -24.70
N ALA F 1018 -33.28 -30.68 -24.00
CA ALA F 1018 -34.66 -30.62 -23.55
C ALA F 1018 -34.76 -31.31 -22.19
N ALA F 1019 -34.03 -30.79 -21.20
CA ALA F 1019 -34.00 -31.42 -19.88
C ALA F 1019 -35.37 -31.39 -19.23
N GLY F 1020 -36.12 -30.30 -19.44
CA GLY F 1020 -37.46 -30.15 -18.92
C GLY F 1020 -38.59 -30.65 -19.80
N GLY F 1021 -38.28 -31.38 -20.87
CA GLY F 1021 -39.36 -31.85 -21.72
C GLY F 1021 -39.74 -30.84 -22.78
N LYS F 1022 -40.13 -31.36 -23.94
CA LYS F 1022 -40.53 -30.51 -25.06
C LYS F 1022 -41.97 -30.04 -24.86
N PHE F 1023 -42.17 -28.73 -24.89
CA PHE F 1023 -43.49 -28.17 -24.66
C PHE F 1023 -44.36 -28.21 -25.93
N THR F 1024 -43.86 -27.66 -27.03
CA THR F 1024 -44.60 -27.65 -28.27
C THR F 1024 -44.75 -29.06 -28.83
N LYS F 1025 -45.83 -29.27 -29.58
CA LYS F 1025 -46.13 -30.59 -30.10
C LYS F 1025 -45.27 -30.89 -31.34
N LYS F 1026 -45.38 -32.13 -31.80
CA LYS F 1026 -44.61 -32.59 -32.96
C LYS F 1026 -45.10 -31.93 -34.25
N LYS F 1027 -44.15 -31.44 -35.06
CA LYS F 1027 -44.47 -30.91 -36.37
C LYS F 1027 -44.91 -32.04 -37.30
N ASP F 1028 -46.02 -31.84 -38.01
CA ASP F 1028 -46.59 -32.86 -38.90
C ASP F 1028 -46.02 -32.68 -40.30
N LEU F 1029 -44.92 -33.38 -40.58
CA LEU F 1029 -44.26 -33.27 -41.87
C LEU F 1029 -45.13 -33.79 -43.01
N GLY F 1030 -45.81 -34.91 -42.79
CA GLY F 1030 -46.65 -35.47 -43.85
C GLY F 1030 -47.82 -34.58 -44.21
N LEU F 1031 -48.40 -33.88 -43.22
CA LEU F 1031 -49.56 -33.06 -43.50
C LEU F 1031 -49.20 -31.89 -44.39
N MET F 1032 -48.02 -31.31 -44.19
CA MET F 1032 -47.58 -30.19 -45.04
C MET F 1032 -47.26 -30.66 -46.44
N ALA F 1033 -46.69 -31.86 -46.57
CA ALA F 1033 -46.39 -32.41 -47.90
C ALA F 1033 -47.66 -32.78 -48.65
N MET F 1034 -48.75 -33.08 -47.94
CA MET F 1034 -50.01 -33.35 -48.61
C MET F 1034 -50.63 -32.09 -49.20
N SER F 1035 -50.23 -30.91 -48.72
CA SER F 1035 -50.82 -29.67 -49.21
C SER F 1035 -50.53 -29.40 -50.67
N TYR F 1036 -49.45 -30.00 -51.21
CA TYR F 1036 -49.16 -29.87 -52.63
C TYR F 1036 -50.14 -30.66 -53.48
N GLY F 1037 -50.61 -31.80 -52.97
CA GLY F 1037 -51.56 -32.63 -53.66
C GLY F 1037 -50.96 -33.66 -54.60
N TYR F 1038 -49.81 -33.37 -55.19
CA TYR F 1038 -49.14 -34.27 -56.13
C TYR F 1038 -47.95 -35.01 -55.53
N VAL F 1039 -47.79 -34.95 -54.20
CA VAL F 1039 -46.71 -35.65 -53.53
C VAL F 1039 -47.31 -36.84 -52.80
N TYR F 1040 -46.80 -38.04 -53.11
CA TYR F 1040 -47.20 -39.25 -52.42
C TYR F 1040 -46.62 -39.25 -51.01
N VAL F 1041 -47.48 -39.35 -50.01
CA VAL F 1041 -47.07 -39.33 -48.61
C VAL F 1041 -47.58 -40.59 -47.93
N ALA F 1042 -46.73 -41.22 -47.12
CA ALA F 1042 -47.11 -42.42 -46.40
C ALA F 1042 -46.39 -42.43 -45.05
N SER F 1043 -47.08 -42.90 -44.01
CA SER F 1043 -46.53 -43.08 -42.68
C SER F 1043 -46.56 -44.57 -42.34
N VAL F 1044 -45.39 -45.14 -42.08
CA VAL F 1044 -45.25 -46.58 -41.91
C VAL F 1044 -44.55 -46.91 -40.59
N ALA F 1045 -44.67 -48.17 -40.19
CA ALA F 1045 -44.00 -48.70 -39.00
C ALA F 1045 -43.93 -50.21 -39.18
N MET F 1046 -42.73 -50.75 -39.36
CA MET F 1046 -42.60 -52.16 -39.71
C MET F 1046 -43.15 -53.07 -38.62
N GLY F 1047 -42.87 -52.72 -37.35
CA GLY F 1047 -43.36 -53.52 -36.24
C GLY F 1047 -44.87 -53.55 -36.13
N ALA F 1048 -45.55 -52.56 -36.70
CA ALA F 1048 -47.00 -52.47 -36.59
C ALA F 1048 -47.70 -53.28 -37.67
N SER F 1049 -47.28 -53.13 -38.93
CA SER F 1049 -47.98 -53.79 -40.03
C SER F 1049 -46.98 -54.09 -41.13
N HIS F 1050 -46.71 -55.37 -41.38
CA HIS F 1050 -45.85 -55.75 -42.49
C HIS F 1050 -46.53 -55.48 -43.83
N SER F 1051 -47.83 -55.74 -43.92
CA SER F 1051 -48.54 -55.55 -45.18
C SER F 1051 -48.68 -54.08 -45.55
N GLN F 1052 -48.83 -53.21 -44.55
CA GLN F 1052 -48.96 -51.78 -44.81
C GLN F 1052 -47.64 -51.19 -45.31
N LEU F 1053 -46.52 -51.69 -44.80
CA LEU F 1053 -45.22 -51.21 -45.25
C LEU F 1053 -44.94 -51.63 -46.68
N MET F 1054 -45.31 -52.87 -47.04
CA MET F 1054 -45.12 -53.35 -48.40
C MET F 1054 -45.94 -52.53 -49.39
N LYS F 1055 -47.18 -52.20 -49.03
CA LYS F 1055 -48.03 -51.44 -49.94
C LYS F 1055 -47.54 -50.02 -50.14
N ALA F 1056 -47.08 -49.38 -49.07
CA ALA F 1056 -46.66 -47.99 -49.18
C ALA F 1056 -45.35 -47.85 -49.96
N LEU F 1057 -44.40 -48.78 -49.75
CA LEU F 1057 -43.12 -48.68 -50.44
C LEU F 1057 -43.27 -48.89 -51.93
N ILE F 1058 -44.07 -49.87 -52.34
CA ILE F 1058 -44.22 -50.16 -53.76
C ILE F 1058 -45.02 -49.06 -54.46
N GLU F 1059 -46.08 -48.57 -53.82
CA GLU F 1059 -46.84 -47.47 -54.41
C GLU F 1059 -46.01 -46.19 -54.49
N ALA F 1060 -45.15 -45.94 -53.51
CA ALA F 1060 -44.35 -44.73 -53.52
C ALA F 1060 -43.30 -44.76 -54.63
N GLU F 1061 -42.70 -45.92 -54.87
CA GLU F 1061 -41.67 -46.02 -55.89
C GLU F 1061 -42.27 -45.94 -57.28
N LYS F 1062 -43.42 -46.58 -57.49
CA LYS F 1062 -44.06 -46.56 -58.81
C LYS F 1062 -44.68 -45.22 -59.15
N TYR F 1063 -44.99 -44.40 -58.15
CA TYR F 1063 -45.58 -43.09 -58.42
C TYR F 1063 -44.61 -42.22 -59.20
N ASP F 1064 -45.04 -41.77 -60.37
CA ASP F 1064 -44.23 -40.92 -61.24
C ASP F 1064 -44.30 -39.48 -60.71
N GLY F 1065 -43.60 -39.27 -59.61
CA GLY F 1065 -43.56 -37.99 -58.95
C GLY F 1065 -42.88 -38.09 -57.59
N PRO F 1066 -42.97 -37.03 -56.80
CA PRO F 1066 -42.30 -37.03 -55.50
C PRO F 1066 -43.05 -37.91 -54.49
N SER F 1067 -42.28 -38.68 -53.74
CA SER F 1067 -42.81 -39.58 -52.73
C SER F 1067 -42.08 -39.33 -51.41
N LEU F 1068 -42.84 -39.31 -50.32
CA LEU F 1068 -42.31 -39.08 -48.98
C LEU F 1068 -42.79 -40.18 -48.06
N ILE F 1069 -41.86 -40.98 -47.54
CA ILE F 1069 -42.17 -42.09 -46.63
C ILE F 1069 -41.54 -41.77 -45.28
N ILE F 1070 -42.38 -41.57 -44.28
CA ILE F 1070 -41.92 -41.31 -42.92
C ILE F 1070 -42.10 -42.61 -42.13
N ALA F 1071 -40.98 -43.24 -41.78
CA ALA F 1071 -40.99 -44.52 -41.07
C ALA F 1071 -40.56 -44.32 -39.63
N TYR F 1072 -41.35 -44.86 -38.70
CA TYR F 1072 -41.00 -44.78 -37.28
C TYR F 1072 -39.89 -45.78 -36.98
N ALA F 1073 -38.79 -45.27 -36.44
CA ALA F 1073 -37.61 -46.08 -36.14
C ALA F 1073 -37.29 -46.04 -34.66
N PRO F 1074 -37.56 -47.09 -33.90
CA PRO F 1074 -37.15 -47.12 -32.49
C PRO F 1074 -35.65 -46.97 -32.37
N CYS F 1075 -35.22 -46.32 -31.30
CA CYS F 1075 -33.81 -45.97 -31.11
C CYS F 1075 -33.46 -46.13 -29.63
N ILE F 1076 -32.18 -46.35 -29.35
CA ILE F 1076 -31.76 -46.53 -27.96
C ILE F 1076 -31.95 -45.23 -27.19
N ASN F 1077 -31.92 -44.09 -27.86
CA ASN F 1077 -32.10 -42.81 -27.19
C ASN F 1077 -33.51 -42.66 -26.64
N HIS F 1078 -34.43 -43.55 -27.01
CA HIS F 1078 -35.74 -43.55 -26.40
C HIS F 1078 -35.70 -44.13 -24.98
N GLY F 1079 -34.72 -44.98 -24.69
CA GLY F 1079 -34.64 -45.62 -23.39
C GLY F 1079 -35.55 -46.81 -23.23
N ILE F 1080 -35.35 -47.84 -24.06
CA ILE F 1080 -36.16 -49.05 -24.05
C ILE F 1080 -35.25 -50.27 -24.20
N ASN F 1081 -35.82 -51.44 -23.93
CA ASN F 1081 -35.16 -52.71 -24.18
C ASN F 1081 -35.20 -52.98 -25.69
N MET F 1082 -34.03 -52.93 -26.32
CA MET F 1082 -33.95 -53.11 -27.77
C MET F 1082 -34.24 -54.52 -28.24
N THR F 1083 -34.29 -55.50 -27.33
CA THR F 1083 -34.68 -56.85 -27.73
C THR F 1083 -36.07 -56.86 -28.34
N TYR F 1084 -36.97 -56.04 -27.79
CA TYR F 1084 -38.34 -55.95 -28.27
C TYR F 1084 -38.57 -54.64 -29.03
N SER F 1085 -37.66 -54.31 -29.94
CA SER F 1085 -37.79 -53.07 -30.71
C SER F 1085 -38.97 -53.12 -31.66
N GLN F 1086 -39.18 -54.27 -32.32
CA GLN F 1086 -40.34 -54.41 -33.20
C GLN F 1086 -41.64 -54.28 -32.41
N ARG F 1087 -41.68 -54.87 -31.20
CA ARG F 1087 -42.87 -54.75 -30.37
C ARG F 1087 -43.12 -53.31 -29.96
N GLU F 1088 -42.07 -52.52 -29.78
CA GLU F 1088 -42.25 -51.12 -29.39
C GLU F 1088 -42.88 -50.31 -30.50
N ALA F 1089 -42.58 -50.66 -31.76
CA ALA F 1089 -43.23 -49.97 -32.88
C ALA F 1089 -44.68 -50.38 -33.02
N LYS F 1090 -45.00 -51.63 -32.68
CA LYS F 1090 -46.40 -52.05 -32.65
C LYS F 1090 -47.15 -51.37 -31.53
N LYS F 1091 -46.54 -51.27 -30.34
CA LYS F 1091 -47.20 -50.59 -29.24
C LYS F 1091 -47.39 -49.11 -29.52
N ALA F 1092 -46.51 -48.53 -30.35
CA ALA F 1092 -46.65 -47.11 -30.68
C ALA F 1092 -47.89 -46.87 -31.53
N VAL F 1093 -48.14 -47.75 -32.50
CA VAL F 1093 -49.31 -47.61 -33.36
C VAL F 1093 -50.58 -48.01 -32.63
N GLU F 1094 -50.51 -49.07 -31.81
CA GLU F 1094 -51.69 -49.56 -31.10
C GLU F 1094 -52.19 -48.58 -30.05
N ALA F 1095 -51.35 -47.66 -29.57
CA ALA F 1095 -51.77 -46.67 -28.59
C ALA F 1095 -52.12 -45.33 -29.24
N GLY F 1096 -52.16 -45.27 -30.57
CA GLY F 1096 -52.47 -44.03 -31.26
C GLY F 1096 -51.34 -43.03 -31.27
N TYR F 1097 -50.12 -43.47 -30.96
CA TYR F 1097 -48.97 -42.57 -30.89
C TYR F 1097 -48.40 -42.26 -32.27
N TRP F 1098 -48.44 -43.23 -33.20
CA TRP F 1098 -47.90 -43.08 -34.54
C TRP F 1098 -48.94 -43.53 -35.56
N PRO F 1099 -49.31 -42.70 -36.53
CA PRO F 1099 -50.34 -43.08 -37.49
C PRO F 1099 -49.78 -43.83 -38.70
N LEU F 1100 -50.66 -44.59 -39.34
CA LEU F 1100 -50.36 -45.30 -40.58
C LEU F 1100 -51.38 -44.83 -41.63
N TYR F 1101 -50.89 -44.12 -42.64
CA TYR F 1101 -51.74 -43.60 -43.71
C TYR F 1101 -50.98 -43.64 -45.03
N ARG F 1102 -51.73 -43.45 -46.11
CA ARG F 1102 -51.16 -43.37 -47.45
C ARG F 1102 -51.94 -42.36 -48.26
N TYR F 1103 -51.25 -41.33 -48.76
CA TYR F 1103 -51.85 -40.31 -49.62
C TYR F 1103 -51.36 -40.57 -51.04
N ASN F 1104 -52.25 -41.08 -51.88
CA ASN F 1104 -51.91 -41.42 -53.26
C ASN F 1104 -52.54 -40.38 -54.18
N PRO F 1105 -51.76 -39.48 -54.77
CA PRO F 1105 -52.36 -38.49 -55.67
C PRO F 1105 -53.01 -39.09 -56.88
N GLN F 1106 -52.58 -40.28 -57.31
CA GLN F 1106 -53.16 -40.90 -58.50
C GLN F 1106 -54.61 -41.29 -58.29
N LEU F 1107 -55.01 -41.58 -57.05
CA LEU F 1107 -56.41 -41.87 -56.76
C LEU F 1107 -57.28 -40.64 -56.97
N ALA F 1108 -56.72 -39.44 -56.80
CA ALA F 1108 -57.49 -38.22 -57.04
C ALA F 1108 -57.79 -38.03 -58.53
N GLN F 1109 -56.86 -38.44 -59.40
CA GLN F 1109 -57.09 -38.38 -60.83
C GLN F 1109 -58.17 -39.36 -61.26
N GLU F 1110 -58.39 -40.42 -60.49
CA GLU F 1110 -59.44 -41.40 -60.74
C GLU F 1110 -60.75 -41.03 -60.05
N GLY F 1111 -60.87 -39.81 -59.54
CA GLY F 1111 -62.08 -39.33 -58.91
C GLY F 1111 -62.33 -39.80 -57.50
N LYS F 1112 -61.40 -40.52 -56.90
CA LYS F 1112 -61.56 -41.04 -55.54
C LYS F 1112 -60.78 -40.18 -54.55
N ASN F 1113 -61.00 -40.46 -53.27
CA ASN F 1113 -60.29 -39.72 -52.24
C ASN F 1113 -58.86 -40.28 -52.12
N PRO F 1114 -57.84 -39.43 -52.22
CA PRO F 1114 -56.46 -39.94 -52.16
C PRO F 1114 -56.04 -40.44 -50.79
N PHE F 1115 -56.65 -39.97 -49.70
CA PHE F 1115 -56.18 -40.28 -48.35
C PHE F 1115 -56.81 -41.57 -47.84
N ILE F 1116 -55.97 -42.54 -47.47
CA ILE F 1116 -56.40 -43.81 -46.90
C ILE F 1116 -55.76 -43.97 -45.54
N LEU F 1117 -56.58 -44.10 -44.50
CA LEU F 1117 -56.09 -44.32 -43.14
C LEU F 1117 -56.03 -45.83 -42.90
N ASP F 1118 -54.81 -46.36 -42.77
CA ASP F 1118 -54.61 -47.80 -42.65
C ASP F 1118 -54.77 -48.33 -41.24
N TYR F 1119 -54.83 -47.46 -40.24
CA TYR F 1119 -55.10 -47.87 -38.85
C TYR F 1119 -56.03 -46.84 -38.24
N LYS F 1120 -57.29 -47.22 -38.08
CA LYS F 1120 -58.32 -46.27 -37.67
C LYS F 1120 -58.57 -46.26 -36.17
N THR F 1121 -58.65 -47.43 -35.53
CA THR F 1121 -59.03 -47.50 -34.12
C THR F 1121 -57.88 -48.00 -33.25
N PRO F 1122 -57.30 -47.17 -32.40
CA PRO F 1122 -56.28 -47.66 -31.47
C PRO F 1122 -56.94 -48.38 -30.29
N THR F 1123 -56.25 -49.39 -29.79
CA THR F 1123 -56.76 -50.24 -28.73
C THR F 1123 -56.00 -50.15 -27.41
N ALA F 1124 -54.82 -49.56 -27.40
CA ALA F 1124 -53.96 -49.51 -26.23
C ALA F 1124 -54.05 -48.16 -25.51
N SER F 1125 -53.57 -48.16 -24.27
CA SER F 1125 -53.57 -46.95 -23.45
C SER F 1125 -52.44 -46.03 -23.89
N PHE F 1126 -52.76 -44.73 -23.98
CA PHE F 1126 -51.77 -43.78 -24.43
C PHE F 1126 -50.73 -43.48 -23.34
N ARG F 1127 -51.18 -43.23 -22.12
CA ARG F 1127 -50.24 -42.90 -21.06
C ARG F 1127 -49.39 -44.10 -20.66
N ASP F 1128 -49.93 -45.32 -20.79
CA ASP F 1128 -49.15 -46.50 -20.44
C ASP F 1128 -47.98 -46.72 -21.40
N PHE F 1129 -48.12 -46.28 -22.66
CA PHE F 1129 -47.02 -46.42 -23.62
C PHE F 1129 -45.86 -45.48 -23.27
N LEU F 1130 -46.17 -44.28 -22.79
CA LEU F 1130 -45.13 -43.32 -22.43
C LEU F 1130 -44.34 -43.81 -21.22
N MET F 1131 -45.02 -44.43 -20.26
CA MET F 1131 -44.33 -44.89 -19.05
C MET F 1131 -43.44 -46.10 -19.31
N GLY F 1132 -43.52 -46.71 -20.49
CA GLY F 1132 -42.65 -47.81 -20.85
C GLY F 1132 -41.34 -47.43 -21.49
N GLU F 1133 -41.05 -46.13 -21.62
CA GLU F 1133 -39.82 -45.64 -22.24
C GLU F 1133 -39.18 -44.60 -21.33
N ILE F 1134 -37.86 -44.67 -21.21
CA ILE F 1134 -37.15 -43.82 -20.26
C ILE F 1134 -37.29 -42.35 -20.62
N ARG F 1135 -37.41 -42.04 -21.92
CA ARG F 1135 -37.49 -40.65 -22.36
C ARG F 1135 -38.73 -39.94 -21.86
N TYR F 1136 -39.71 -40.66 -21.32
CA TYR F 1136 -40.86 -40.02 -20.70
C TYR F 1136 -40.92 -40.22 -19.19
N THR F 1137 -40.38 -41.33 -18.69
CA THR F 1137 -40.41 -41.57 -17.25
C THR F 1137 -39.41 -40.67 -16.52
N SER F 1138 -38.34 -40.27 -17.20
CA SER F 1138 -37.39 -39.35 -16.58
C SER F 1138 -38.01 -37.98 -16.35
N LEU F 1139 -39.09 -37.66 -17.07
CA LEU F 1139 -39.81 -36.43 -16.85
C LEU F 1139 -40.55 -36.44 -15.50
N LYS F 1140 -41.01 -37.61 -15.06
CA LYS F 1140 -41.76 -37.70 -13.82
C LYS F 1140 -40.87 -37.41 -12.61
N LYS F 1141 -39.56 -37.61 -12.73
CA LYS F 1141 -38.65 -37.27 -11.65
C LYS F 1141 -38.18 -35.82 -11.72
N GLN F 1142 -38.21 -35.21 -12.89
CA GLN F 1142 -37.62 -33.89 -13.11
C GLN F 1142 -38.60 -32.75 -12.83
N PHE F 1143 -39.72 -32.71 -13.57
CA PHE F 1143 -40.68 -31.60 -13.49
C PHE F 1143 -41.98 -32.12 -12.90
N PRO F 1144 -42.13 -32.15 -11.57
CA PRO F 1144 -43.30 -32.80 -10.96
C PRO F 1144 -44.63 -32.18 -11.38
N GLU F 1145 -44.77 -30.87 -11.16
CA GLU F 1145 -45.98 -30.13 -11.52
C GLU F 1145 -46.36 -30.34 -12.99
N LYS F 1146 -45.52 -29.83 -13.91
CA LYS F 1146 -45.82 -29.80 -15.33
C LYS F 1146 -45.71 -31.15 -16.04
N ALA F 1147 -45.15 -32.19 -15.43
CA ALA F 1147 -45.05 -33.47 -16.13
C ALA F 1147 -46.42 -34.06 -16.38
N GLU F 1148 -47.28 -34.06 -15.35
CA GLU F 1148 -48.65 -34.53 -15.55
C GLU F 1148 -49.42 -33.59 -16.48
N GLN F 1149 -49.09 -32.29 -16.44
CA GLN F 1149 -49.69 -31.35 -17.37
C GLN F 1149 -49.23 -31.60 -18.80
N LEU F 1150 -47.96 -31.99 -18.97
CA LEU F 1150 -47.44 -32.29 -20.30
C LEU F 1150 -47.99 -33.61 -20.83
N PHE F 1151 -48.18 -34.59 -19.95
CA PHE F 1151 -48.79 -35.84 -20.37
C PHE F 1151 -50.24 -35.63 -20.81
N ALA F 1152 -50.94 -34.71 -20.13
CA ALA F 1152 -52.32 -34.41 -20.49
C ALA F 1152 -52.40 -33.71 -21.84
N LYS F 1153 -51.45 -32.81 -22.11
CA LYS F 1153 -51.42 -32.15 -23.41
C LYS F 1153 -51.06 -33.12 -24.51
N ALA F 1154 -50.14 -34.05 -24.22
CA ALA F 1154 -49.72 -35.02 -25.23
C ALA F 1154 -50.85 -35.97 -25.61
N GLU F 1155 -51.64 -36.39 -24.62
CA GLU F 1155 -52.76 -37.29 -24.93
C GLU F 1155 -53.88 -36.55 -25.65
N ALA F 1156 -54.10 -35.28 -25.30
CA ALA F 1156 -55.13 -34.49 -25.97
C ALA F 1156 -54.73 -34.16 -27.40
N ASP F 1157 -53.44 -33.92 -27.65
CA ASP F 1157 -52.99 -33.62 -29.01
C ASP F 1157 -53.06 -34.85 -29.90
N ALA F 1158 -52.79 -36.03 -29.36
CA ALA F 1158 -52.85 -37.24 -30.16
C ALA F 1158 -54.29 -37.62 -30.50
N LYS F 1159 -55.23 -37.34 -29.61
CA LYS F 1159 -56.63 -37.64 -29.89
C LYS F 1159 -57.19 -36.69 -30.93
N ALA F 1160 -56.79 -35.42 -30.90
CA ALA F 1160 -57.24 -34.47 -31.91
C ALA F 1160 -56.69 -34.82 -33.28
N ARG F 1161 -55.49 -35.39 -33.35
CA ARG F 1161 -54.92 -35.77 -34.64
C ARG F 1161 -55.65 -36.97 -35.25
N LEU F 1162 -56.07 -37.92 -34.41
CA LEU F 1162 -56.79 -39.09 -34.94
C LEU F 1162 -58.13 -38.69 -35.53
N GLU F 1163 -58.86 -37.79 -34.86
CA GLU F 1163 -60.13 -37.32 -35.39
C GLU F 1163 -59.93 -36.53 -36.69
N GLN F 1164 -58.76 -35.91 -36.85
CA GLN F 1164 -58.48 -35.18 -38.07
C GLN F 1164 -58.24 -36.12 -39.24
N TYR F 1165 -57.59 -37.26 -39.00
CA TYR F 1165 -57.36 -38.23 -40.08
C TYR F 1165 -58.64 -38.95 -40.46
N LYS F 1166 -59.57 -39.12 -39.51
CA LYS F 1166 -60.86 -39.70 -39.85
C LYS F 1166 -61.68 -38.74 -40.72
N LYS F 1167 -61.54 -37.44 -40.50
CA LYS F 1167 -62.24 -36.48 -41.34
C LYS F 1167 -61.64 -36.45 -42.75
N LEU F 1168 -60.31 -36.59 -42.86
CA LEU F 1168 -59.70 -36.62 -44.18
C LEU F 1168 -60.06 -37.89 -44.94
N ALA F 1169 -60.30 -38.99 -44.23
CA ALA F 1169 -60.64 -40.24 -44.89
C ALA F 1169 -62.12 -40.33 -45.23
N GLU F 1170 -63.00 -39.77 -44.39
CA GLU F 1170 -64.44 -39.79 -44.63
C GLU F 1170 -64.82 -38.80 -45.71
#